data_8X8F
#
_entry.id   8X8F
#
_cell.length_a   164.726
_cell.length_b   248.590
_cell.length_c   164.089
_cell.angle_alpha   90.000
_cell.angle_beta   119.860
_cell.angle_gamma   90.000
#
_symmetry.space_group_name_H-M   'P 1 21 1'
#
loop_
_entity.id
_entity.type
_entity.pdbx_description
1 polymer 'Arachidonate 15-lipoxygenase'
2 non-polymer 'CADMIUM ION'
3 water water
#
_entity_poly.entity_id   1
_entity_poly.type   'polypeptide(L)'
_entity_poly.pdbx_seq_one_letter_code
;MSNIPTLPQNDPRPEQRAQQLDKARETYKYADLLPPLAFCEGVPKPDTPSAAWLVTVGKVAAAVALNAVANRRAWKRGDH
DEEDASFDVGGTSEEDQNEAGHNSFLARLENFDEEAVSFAPGDEPSVLDEVNERVAAILGAKPNRHVPPAQADDDDNGDD
GDGDESFGVLDGNVSKDGPNGRPQSMDDYANLFRRITLPPIASTWKNDSAFAAYRVAGPNASMIQRITELPDNFAVTDAH
YKQAMGEGDSLDAAKAEGRLFLADWKLIGETLVNNTYKGAQKTVYAPLALFAVPPGGGSLAPVAIQPGQTPSPTNKIYAT
QDGNDWLAAKSAVQVAEGNYHELVSHLGLTHLLLEPIVMATYRQLAQHHPIYMLLIPHFEGTLSINNSAATNLIAPGGAV
DLIFAGTIESEHQLALAALKRHDFMRSGLPDTIEQRGVGDTSVLTDYPYRDDGLKIWANIERWVTAYVNNYYISEANVTQ
DTELQAWAAVLSKPFAEGGVSGFGPIDTRAALIFACTKVIFTASAEHSAVNFPQKDLMSYAPAITGAGWTAAPPSQGPLK
DFQPPLELAELQAEFLYLLGGVHHTKLGFYNSNSFPYRAWFKDPKITAELLPAFQRDLAASEELIVAANATRTFKYTYMI
PSTIPMSINI
;
_entity_poly.pdbx_strand_id   A,B,C,D,E,F,G,H,I,J,K,L
#
loop_
_chem_comp.id
_chem_comp.type
_chem_comp.name
_chem_comp.formula
CD non-polymer 'CADMIUM ION' 'Cd 2'
#
# COMPACT_ATOMS: atom_id res chain seq x y z
N ASN A 3 10.29 53.94 10.80
CA ASN A 3 9.05 53.31 10.32
C ASN A 3 7.83 54.04 10.88
N ILE A 4 6.91 54.40 9.98
CA ILE A 4 5.68 55.07 10.35
C ILE A 4 4.52 54.19 9.89
N PRO A 5 3.67 53.71 10.80
CA PRO A 5 2.51 52.91 10.37
C PRO A 5 1.59 53.70 9.45
N THR A 6 0.80 52.96 8.68
CA THR A 6 -0.04 53.59 7.67
C THR A 6 -1.21 52.69 7.35
N LEU A 7 -2.34 53.31 7.02
CA LEU A 7 -3.50 52.55 6.59
C LEU A 7 -3.19 51.80 5.29
N PRO A 8 -3.87 50.67 5.03
CA PRO A 8 -3.54 49.90 3.83
C PRO A 8 -3.69 50.67 2.53
N GLN A 9 -4.80 51.41 2.35
CA GLN A 9 -5.03 52.16 1.11
C GLN A 9 -3.99 53.23 0.87
N ASN A 10 -3.12 53.52 1.84
CA ASN A 10 -2.03 54.48 1.66
C ASN A 10 -0.66 53.82 1.70
N ASP A 11 -0.61 52.52 1.93
CA ASP A 11 0.66 51.81 2.02
C ASP A 11 1.35 51.83 0.68
N PRO A 12 2.54 52.44 0.56
CA PRO A 12 3.21 52.51 -0.76
C PRO A 12 3.48 51.16 -1.38
N ARG A 13 3.51 50.08 -0.59
CA ARG A 13 3.75 48.73 -1.09
C ARG A 13 2.64 47.83 -0.56
N PRO A 14 1.47 47.83 -1.20
CA PRO A 14 0.39 46.95 -0.72
C PRO A 14 0.66 45.48 -0.97
N GLU A 15 1.41 45.15 -2.03
CA GLU A 15 1.67 43.74 -2.34
C GLU A 15 2.56 43.12 -1.27
N GLN A 16 3.62 43.81 -0.88
CA GLN A 16 4.47 43.34 0.20
C GLN A 16 3.67 43.18 1.49
N ARG A 17 2.89 44.20 1.82
CA ARG A 17 2.01 44.21 2.99
C ARG A 17 1.06 43.01 2.98
N ALA A 18 0.16 42.97 1.99
CA ALA A 18 -0.86 41.93 1.95
C ALA A 18 -0.28 40.52 1.87
N GLN A 19 0.97 40.38 1.47
CA GLN A 19 1.62 39.08 1.51
C GLN A 19 2.02 38.69 2.92
N GLN A 20 2.33 39.67 3.77
CA GLN A 20 2.61 39.36 5.18
C GLN A 20 1.36 38.85 5.88
N LEU A 21 0.19 39.43 5.57
CA LEU A 21 -1.06 38.94 6.14
C LEU A 21 -1.31 37.48 5.75
N ASP A 22 -1.05 37.15 4.48
CA ASP A 22 -1.22 35.76 4.04
C ASP A 22 -0.35 34.82 4.85
N LYS A 23 0.94 35.17 5.01
CA LYS A 23 1.81 34.38 5.86
C LYS A 23 1.34 34.40 7.31
N ALA A 24 0.72 35.50 7.75
CA ALA A 24 0.30 35.61 9.13
C ALA A 24 -0.91 34.73 9.41
N ARG A 25 -1.89 34.71 8.50
CA ARG A 25 -3.06 33.87 8.69
C ARG A 25 -2.71 32.38 8.76
N GLU A 26 -1.52 32.01 8.27
CA GLU A 26 -1.04 30.65 8.48
C GLU A 26 -0.62 30.43 9.93
N THR A 27 0.15 31.37 10.49
CA THR A 27 0.67 31.22 11.84
C THR A 27 -0.47 31.18 12.86
N TYR A 28 -1.50 31.97 12.65
CA TYR A 28 -2.62 32.10 13.59
C TYR A 28 -3.86 31.48 12.94
N LYS A 29 -4.04 30.18 13.15
CA LYS A 29 -5.20 29.46 12.68
C LYS A 29 -6.21 29.29 13.82
N TYR A 30 -7.31 28.60 13.53
CA TYR A 30 -8.39 28.43 14.48
C TYR A 30 -8.50 26.98 14.93
N ALA A 31 -8.83 26.80 16.21
CA ALA A 31 -9.10 25.49 16.78
C ALA A 31 -10.51 25.49 17.36
N ASP A 32 -10.82 24.41 18.09
CA ASP A 32 -12.09 24.28 18.79
C ASP A 32 -11.86 23.96 20.26
N LEU A 33 -10.79 24.51 20.84
CA LEU A 33 -10.45 24.25 22.24
C LEU A 33 -11.60 24.52 23.19
N LEU A 34 -12.56 25.35 22.78
CA LEU A 34 -13.80 25.60 23.49
C LEU A 34 -14.86 25.94 22.46
N PRO A 35 -15.92 25.14 22.36
CA PRO A 35 -16.93 25.35 21.31
C PRO A 35 -17.64 26.70 21.47
N PRO A 36 -18.67 27.01 20.63
CA PRO A 36 -18.95 28.41 20.25
C PRO A 36 -17.82 29.45 20.20
N LEU A 37 -16.72 29.31 20.93
CA LEU A 37 -15.74 30.39 21.00
C LEU A 37 -14.62 30.22 19.97
N ALA A 38 -14.21 31.34 19.39
CA ALA A 38 -13.12 31.37 18.42
C ALA A 38 -11.79 31.31 19.17
N PHE A 39 -11.03 30.24 18.95
CA PHE A 39 -9.83 29.96 19.72
C PHE A 39 -8.65 29.78 18.79
N CYS A 40 -7.45 29.90 19.36
CA CYS A 40 -6.21 29.66 18.63
C CYS A 40 -5.78 28.21 18.78
N GLU A 41 -5.20 27.67 17.72
CA GLU A 41 -4.65 26.32 17.74
C GLU A 41 -3.25 26.38 18.36
N GLY A 42 -3.14 25.93 19.60
CA GLY A 42 -1.87 25.98 20.29
C GLY A 42 -1.38 27.41 20.51
N VAL A 43 -0.15 27.49 20.99
CA VAL A 43 0.53 28.77 21.22
C VAL A 43 1.50 28.98 20.07
N PRO A 44 1.22 29.91 19.14
CA PRO A 44 2.16 30.16 18.05
C PRO A 44 3.52 30.59 18.60
N LYS A 45 4.57 30.30 17.82
CA LYS A 45 5.94 30.47 18.32
C LYS A 45 6.24 31.89 18.78
N PRO A 46 6.03 32.95 18.00
CA PRO A 46 6.40 34.29 18.49
C PRO A 46 5.58 34.75 19.68
N ASP A 47 4.45 34.11 19.98
CA ASP A 47 3.67 34.43 21.17
C ASP A 47 4.06 33.55 22.35
N THR A 48 5.22 32.92 22.31
CA THR A 48 5.75 32.23 23.48
C THR A 48 5.95 33.23 24.61
N PRO A 49 5.62 32.86 25.85
CA PRO A 49 5.91 33.77 26.98
C PRO A 49 7.39 34.09 27.05
N SER A 50 7.68 35.36 27.33
CA SER A 50 9.06 35.78 27.52
C SER A 50 9.62 35.19 28.81
N ALA A 51 10.93 35.01 28.85
CA ALA A 51 11.57 34.47 30.04
C ALA A 51 11.34 35.37 31.25
N ALA A 52 11.24 36.69 31.03
CA ALA A 52 10.92 37.60 32.12
C ALA A 52 9.55 37.28 32.72
N TRP A 53 8.58 36.91 31.89
CA TRP A 53 7.31 36.43 32.41
C TRP A 53 7.48 35.09 33.12
N LEU A 54 8.31 34.21 32.56
CA LEU A 54 8.55 32.90 33.19
C LEU A 54 9.27 33.06 34.53
N VAL A 55 10.33 33.86 34.56
CA VAL A 55 11.10 34.05 35.79
C VAL A 55 10.25 34.67 36.87
N THR A 56 9.45 35.69 36.53
CA THR A 56 8.57 36.30 37.51
C THR A 56 7.51 35.29 37.98
N VAL A 57 6.98 34.48 37.07
CA VAL A 57 6.06 33.42 37.46
C VAL A 57 6.80 32.39 38.31
N GLY A 58 7.87 31.81 37.76
CA GLY A 58 8.63 30.75 38.39
C GLY A 58 8.88 30.90 39.88
N LYS A 59 9.19 32.12 40.31
CA LYS A 59 9.37 32.37 41.74
C LYS A 59 8.07 32.17 42.50
N VAL A 60 6.94 32.52 41.89
CA VAL A 60 5.66 32.27 42.54
C VAL A 60 5.34 30.78 42.52
N ALA A 61 5.56 30.12 41.39
CA ALA A 61 5.27 28.71 41.24
C ALA A 61 6.24 27.87 42.06
N ALA A 62 7.18 28.54 42.72
CA ALA A 62 8.11 27.91 43.64
C ALA A 62 7.69 28.07 45.09
N ALA A 63 7.30 29.27 45.49
CA ALA A 63 6.82 29.49 46.85
C ALA A 63 5.56 28.69 47.14
N VAL A 64 4.72 28.47 46.12
CA VAL A 64 3.47 27.76 46.35
C VAL A 64 3.71 26.27 46.49
N ALA A 65 4.77 25.74 45.86
CA ALA A 65 5.13 24.35 46.08
C ALA A 65 5.92 24.17 47.37
N LEU A 66 6.68 25.18 47.78
CA LEU A 66 7.34 25.13 49.08
C LEU A 66 6.31 25.09 50.21
N ASN A 67 5.32 25.99 50.16
CA ASN A 67 4.23 25.96 51.12
C ASN A 67 3.55 24.60 51.14
N ALA A 68 3.40 23.98 49.97
CA ALA A 68 2.83 22.64 49.92
C ALA A 68 3.72 21.63 50.64
N VAL A 69 5.03 21.78 50.52
CA VAL A 69 5.95 20.88 51.22
C VAL A 69 5.86 21.08 52.71
N ALA A 70 5.76 22.33 53.16
CA ALA A 70 5.63 22.61 54.59
C ALA A 70 4.37 21.95 55.16
N ASN A 71 3.29 21.96 54.40
CA ASN A 71 2.07 21.27 54.81
C ASN A 71 2.21 19.76 54.80
N ARG A 72 3.25 19.23 54.16
CA ARG A 72 3.53 17.80 54.19
C ARG A 72 4.48 17.41 55.30
N ARG A 73 5.21 18.38 55.87
CA ARG A 73 5.92 18.14 57.12
C ARG A 73 4.96 18.16 58.31
N ALA A 74 3.99 19.07 58.28
CA ALA A 74 3.03 19.18 59.37
C ALA A 74 2.19 17.91 59.48
N TRP A 75 1.52 17.53 58.40
CA TRP A 75 0.94 16.20 58.30
C TRP A 75 2.04 15.17 58.52
N LYS A 76 1.80 14.23 59.44
CA LYS A 76 2.83 13.38 60.00
C LYS A 76 3.84 14.25 60.75
N ARG A 77 3.44 14.81 61.88
CA ARG A 77 4.27 15.75 62.65
C ARG A 77 5.57 15.15 63.16
N PHE A 87 12.95 13.11 55.02
CA PHE A 87 14.08 13.14 54.09
C PHE A 87 13.58 12.91 52.66
N ASP A 88 12.35 12.41 52.55
CA ASP A 88 11.67 12.37 51.26
C ASP A 88 10.94 13.68 50.97
N VAL A 89 10.33 14.26 52.01
CA VAL A 89 9.72 15.59 51.93
C VAL A 89 10.76 16.60 52.39
N GLY A 90 12.02 16.18 52.46
CA GLY A 90 13.12 17.06 52.78
C GLY A 90 13.99 17.29 51.56
N GLY A 91 14.30 16.23 50.83
CA GLY A 91 14.94 16.38 49.53
C GLY A 91 14.06 17.08 48.53
N THR A 92 12.75 16.98 48.70
CA THR A 92 11.81 17.78 47.90
C THR A 92 12.02 19.27 48.16
N SER A 93 12.12 19.66 49.43
CA SER A 93 12.26 21.08 49.77
C SER A 93 13.54 21.67 49.21
N GLU A 94 14.61 20.87 49.11
CA GLU A 94 15.89 21.41 48.66
C GLU A 94 15.99 21.44 47.14
N GLU A 95 15.27 20.55 46.46
CA GLU A 95 15.21 20.63 45.00
C GLU A 95 14.48 21.89 44.55
N ASP A 96 13.34 22.19 45.18
CA ASP A 96 12.58 23.38 44.82
C ASP A 96 13.41 24.65 45.01
N GLN A 97 14.17 24.74 46.10
CA GLN A 97 14.97 25.92 46.35
C GLN A 97 16.18 26.00 45.41
N ASN A 98 16.60 24.89 44.82
CA ASN A 98 17.64 24.94 43.81
C ASN A 98 17.10 25.48 42.49
N GLU A 99 15.82 25.26 42.20
CA GLU A 99 15.21 25.91 41.05
C GLU A 99 15.10 27.42 41.28
N ALA A 100 14.78 27.84 42.50
CA ALA A 100 14.90 29.24 42.85
C ALA A 100 16.33 29.71 42.68
N GLY A 101 17.31 28.85 42.93
CA GLY A 101 18.68 29.19 42.61
C GLY A 101 18.91 29.31 41.12
N HIS A 102 18.33 28.40 40.33
CA HIS A 102 18.42 28.52 38.88
C HIS A 102 17.77 29.81 38.40
N ASN A 103 16.55 30.09 38.88
CA ASN A 103 15.81 31.27 38.42
C ASN A 103 16.59 32.55 38.64
N SER A 104 17.29 32.65 39.77
CA SER A 104 18.02 33.88 40.08
C SER A 104 19.24 34.07 39.20
N PHE A 105 19.70 33.01 38.51
CA PHE A 105 20.94 33.14 37.75
C PHE A 105 20.84 32.64 36.32
N LEU A 106 20.26 31.46 36.11
CA LEU A 106 20.32 30.78 34.81
C LEU A 106 19.77 31.65 33.68
N ALA A 107 18.44 31.75 33.59
CA ALA A 107 17.84 32.61 32.58
C ALA A 107 18.13 34.09 32.82
N ARG A 108 18.68 34.44 33.99
CA ARG A 108 19.02 35.83 34.26
C ARG A 108 20.25 36.29 33.50
N LEU A 109 21.12 35.36 33.08
CA LEU A 109 22.22 35.72 32.19
C LEU A 109 21.69 36.35 30.91
N GLU A 110 20.51 35.92 30.46
CA GLU A 110 19.80 36.53 29.34
C GLU A 110 20.63 36.48 28.06
N ASN A 111 21.75 37.20 28.03
CA ASN A 111 22.64 37.16 26.87
C ASN A 111 23.97 36.51 27.24
N PRO A 125 15.92 26.79 28.95
CA PRO A 125 16.35 25.56 29.62
C PRO A 125 15.53 25.30 30.89
N SER A 126 15.95 25.88 32.01
CA SER A 126 15.13 25.84 33.22
C SER A 126 13.85 26.64 33.04
N VAL A 127 13.91 27.72 32.27
CA VAL A 127 12.71 28.47 31.92
C VAL A 127 11.79 27.63 31.04
N LEU A 128 12.36 26.76 30.22
CA LEU A 128 11.60 25.97 29.25
C LEU A 128 10.55 25.09 29.91
N ASP A 129 10.99 23.97 30.51
CA ASP A 129 10.05 22.96 30.96
C ASP A 129 9.46 23.29 32.34
N GLU A 130 10.33 23.53 33.32
CA GLU A 130 9.90 23.62 34.72
C GLU A 130 8.79 24.64 34.91
N VAL A 131 9.07 25.90 34.56
CA VAL A 131 8.17 27.00 34.90
C VAL A 131 6.77 26.77 34.34
N ASN A 132 6.69 26.25 33.10
CA ASN A 132 5.38 25.96 32.51
C ASN A 132 4.78 24.67 33.05
N GLU A 133 5.61 23.68 33.35
CA GLU A 133 5.10 22.43 33.92
C GLU A 133 4.54 22.66 35.32
N ARG A 134 5.18 23.54 36.09
CA ARG A 134 4.71 23.83 37.45
C ARG A 134 3.38 24.58 37.42
N VAL A 135 3.27 25.60 36.57
CA VAL A 135 2.03 26.34 36.41
C VAL A 135 0.88 25.39 36.05
N ALA A 136 1.17 24.39 35.22
CA ALA A 136 0.15 23.45 34.79
C ALA A 136 -0.20 22.44 35.87
N ALA A 137 0.80 21.96 36.62
CA ALA A 137 0.53 21.02 37.71
C ALA A 137 -0.36 21.64 38.76
N ILE A 138 -0.31 22.96 38.93
CA ILE A 138 -1.14 23.66 39.90
C ILE A 138 -2.50 24.02 39.31
N LEU A 139 -2.51 24.56 38.09
CA LEU A 139 -3.78 24.85 37.43
C LEU A 139 -4.55 23.57 37.15
N GLY A 140 -3.86 22.53 36.69
CA GLY A 140 -4.49 21.24 36.49
C GLY A 140 -4.76 20.46 37.75
N ALA A 141 -4.35 20.97 38.91
CA ALA A 141 -4.60 20.37 40.21
C ALA A 141 -3.98 18.98 40.34
N LYS A 142 -2.96 18.68 39.54
CA LYS A 142 -2.35 17.37 39.59
C LYS A 142 -1.66 17.16 40.94
N PRO A 143 -1.81 15.98 41.56
CA PRO A 143 -1.02 15.69 42.76
C PRO A 143 0.45 15.48 42.41
N ASN A 144 1.17 14.70 43.22
CA ASN A 144 2.62 14.51 43.09
C ASN A 144 3.30 15.81 42.68
N ARG A 145 2.80 16.92 43.23
CA ARG A 145 3.08 18.27 42.78
C ARG A 145 4.31 18.86 43.46
N HIS A 146 5.26 18.02 43.84
CA HIS A 146 6.26 18.41 44.82
C HIS A 146 7.60 18.81 44.20
N VAL A 147 8.16 18.01 43.30
CA VAL A 147 9.38 18.38 42.59
C VAL A 147 9.29 17.89 41.14
N PRO A 148 9.68 18.71 40.18
CA PRO A 148 9.68 18.29 38.78
C PRO A 148 11.02 17.70 38.38
N PRO A 149 11.14 17.07 37.17
CA PRO A 149 12.19 16.06 36.95
C PRO A 149 12.75 15.37 38.19
N ALA A 150 11.85 14.87 39.04
CA ALA A 150 12.16 13.88 40.06
C ALA A 150 11.24 12.67 39.88
N GLN A 151 11.03 12.28 38.63
CA GLN A 151 10.17 11.14 38.31
C GLN A 151 10.63 9.85 38.99
N ALA A 152 11.91 9.76 39.35
CA ALA A 152 12.45 8.59 40.04
C ALA A 152 11.69 8.31 41.34
N GLY A 172 -8.03 4.67 44.93
CA GLY A 172 -7.35 5.83 44.39
C GLY A 172 -7.80 7.14 45.00
N ASN A 173 -7.46 7.33 46.28
CA ASN A 173 -7.81 8.53 47.01
C ASN A 173 -6.62 9.49 47.05
N VAL A 174 -6.81 10.62 47.72
CA VAL A 174 -5.76 11.62 47.85
C VAL A 174 -4.72 11.16 48.85
N SER A 175 -3.44 11.44 48.55
CA SER A 175 -2.35 11.06 49.43
C SER A 175 -2.58 11.57 50.85
N LYS A 176 -2.48 10.66 51.81
CA LYS A 176 -2.70 10.99 53.22
C LYS A 176 -1.41 11.39 53.93
N ASP A 177 -0.36 11.72 53.18
CA ASP A 177 0.83 12.36 53.71
C ASP A 177 0.77 13.87 53.56
N GLY A 178 -0.39 14.42 53.20
CA GLY A 178 -0.62 15.84 53.17
C GLY A 178 -2.00 16.16 53.69
N PRO A 179 -2.28 17.44 53.93
CA PRO A 179 -3.59 17.82 54.47
C PRO A 179 -4.73 17.38 53.56
N ASN A 180 -5.70 16.70 54.15
CA ASN A 180 -6.79 16.12 53.36
C ASN A 180 -7.96 15.79 54.28
N GLY A 181 -9.14 15.72 53.68
CA GLY A 181 -10.33 15.29 54.40
C GLY A 181 -10.96 16.39 55.22
N ARG A 182 -11.85 15.98 56.13
CA ARG A 182 -12.49 16.93 57.01
C ARG A 182 -11.48 17.54 57.97
N PRO A 183 -11.76 18.74 58.50
CA PRO A 183 -10.83 19.37 59.43
C PRO A 183 -11.13 19.03 60.89
N GLN A 184 -10.25 19.47 61.78
CA GLN A 184 -10.48 19.37 63.23
C GLN A 184 -11.07 20.66 63.80
N SER A 185 -10.51 21.81 63.43
CA SER A 185 -11.10 23.10 63.76
C SER A 185 -10.73 24.08 62.67
N MET A 186 -11.36 25.26 62.70
CA MET A 186 -11.12 26.28 61.69
C MET A 186 -9.65 26.71 61.60
N ASP A 187 -8.82 26.33 62.57
CA ASP A 187 -7.40 26.63 62.51
C ASP A 187 -6.76 26.05 61.25
N ASP A 188 -7.21 24.87 60.82
CA ASP A 188 -6.51 24.12 59.78
C ASP A 188 -6.47 24.88 58.46
N TYR A 189 -7.48 25.69 58.17
CA TYR A 189 -7.49 26.45 56.93
C TYR A 189 -6.45 27.56 56.97
N ALA A 190 -6.45 28.36 58.04
CA ALA A 190 -5.48 29.44 58.16
C ALA A 190 -4.05 28.92 58.27
N ASN A 191 -3.88 27.68 58.74
CA ASN A 191 -2.55 27.10 58.87
C ASN A 191 -2.04 26.45 57.60
N LEU A 192 -2.90 26.28 56.58
CA LEU A 192 -2.40 25.87 55.27
C LEU A 192 -1.42 26.90 54.71
N PHE A 193 -1.66 28.17 55.00
CA PHE A 193 -0.74 29.25 54.65
C PHE A 193 0.50 29.12 55.53
N ARG A 194 1.55 28.51 55.01
CA ARG A 194 2.80 28.33 55.74
C ARG A 194 3.91 29.19 55.14
N ARG A 195 4.39 28.83 53.95
CA ARG A 195 5.41 29.62 53.26
C ARG A 195 4.82 30.76 52.44
N ILE A 196 3.49 30.89 52.40
CA ILE A 196 2.82 32.04 51.81
C ILE A 196 2.00 32.72 52.89
N THR A 197 1.93 34.05 52.84
CA THR A 197 1.40 34.83 53.95
C THR A 197 -0.13 34.86 53.90
N LEU A 198 -0.74 34.56 55.05
CA LEU A 198 -2.19 34.61 55.20
C LEU A 198 -2.72 36.00 54.88
N PRO A 199 -3.63 36.15 53.91
CA PRO A 199 -4.10 37.49 53.55
C PRO A 199 -4.92 38.09 54.67
N PRO A 200 -4.98 39.43 54.75
CA PRO A 200 -5.65 40.07 55.90
C PRO A 200 -7.13 39.76 56.01
N ILE A 201 -7.79 39.46 54.87
CA ILE A 201 -9.23 39.22 54.88
C ILE A 201 -9.60 38.02 55.74
N ALA A 202 -8.64 37.12 55.98
CA ALA A 202 -8.91 35.96 56.82
C ALA A 202 -9.25 36.35 58.26
N SER A 203 -8.82 37.53 58.70
CA SER A 203 -9.05 37.98 60.06
C SER A 203 -10.24 38.93 60.17
N THR A 204 -10.91 39.25 59.06
CA THR A 204 -11.98 40.25 59.08
C THR A 204 -13.19 39.89 58.24
N TRP A 205 -13.24 38.70 57.65
CA TRP A 205 -14.29 38.41 56.67
C TRP A 205 -15.68 38.31 57.29
N LYS A 206 -15.77 38.10 58.61
CA LYS A 206 -17.09 37.94 59.23
C LYS A 206 -17.81 39.27 59.38
N ASN A 207 -17.07 40.37 59.50
CA ASN A 207 -17.69 41.68 59.69
C ASN A 207 -18.64 42.00 58.55
N ASP A 208 -19.79 42.59 58.88
CA ASP A 208 -20.72 43.02 57.85
C ASP A 208 -20.10 44.08 56.94
N SER A 209 -19.22 44.93 57.50
CA SER A 209 -18.58 45.97 56.71
C SER A 209 -17.71 45.40 55.61
N ALA A 210 -17.06 44.25 55.86
CA ALA A 210 -16.20 43.64 54.85
C ALA A 210 -17.00 42.82 53.84
N PHE A 211 -18.11 42.23 54.26
CA PHE A 211 -19.00 41.59 53.30
C PHE A 211 -19.54 42.59 52.28
N ALA A 212 -19.73 43.84 52.70
CA ALA A 212 -20.14 44.90 51.77
C ALA A 212 -18.96 45.43 50.97
N ALA A 213 -17.76 45.40 51.53
CA ALA A 213 -16.57 45.80 50.78
C ALA A 213 -16.37 44.95 49.54
N TYR A 214 -16.80 43.68 49.59
CA TYR A 214 -16.61 42.77 48.48
C TYR A 214 -17.38 43.18 47.23
N ARG A 215 -18.41 44.01 47.36
CA ARG A 215 -19.26 44.34 46.22
C ARG A 215 -18.83 45.62 45.52
N VAL A 216 -18.12 46.50 46.22
CA VAL A 216 -17.59 47.72 45.61
C VAL A 216 -16.08 47.72 45.49
N ALA A 217 -15.38 46.85 46.22
CA ALA A 217 -13.93 46.77 46.15
C ALA A 217 -13.42 45.33 46.06
N GLY A 218 -14.30 44.36 45.82
CA GLY A 218 -13.91 42.98 45.79
C GLY A 218 -13.50 42.51 44.42
N PRO A 219 -13.54 41.19 44.20
CA PRO A 219 -13.12 40.63 42.91
C PRO A 219 -14.09 41.03 41.81
N ASN A 220 -15.33 40.56 41.93
CA ASN A 220 -16.43 41.05 41.11
C ASN A 220 -16.95 42.32 41.79
N ALA A 221 -16.53 43.48 41.28
CA ALA A 221 -16.87 44.77 41.88
C ALA A 221 -17.82 45.59 41.02
N SER A 222 -18.48 44.97 40.04
CA SER A 222 -19.39 45.65 39.13
C SER A 222 -20.76 44.98 39.13
N MET A 223 -21.16 44.42 40.26
CA MET A 223 -22.35 43.58 40.33
C MET A 223 -23.59 44.30 40.82
N ILE A 224 -23.45 45.27 41.73
CA ILE A 224 -24.64 45.88 42.32
C ILE A 224 -25.33 46.78 41.30
N GLN A 225 -26.58 47.10 41.57
CA GLN A 225 -27.39 47.95 40.71
C GLN A 225 -28.47 48.62 41.55
N ARG A 226 -28.60 49.94 41.42
CA ARG A 226 -29.58 50.67 42.21
C ARG A 226 -30.99 50.33 41.75
N ILE A 227 -31.91 50.22 42.71
CA ILE A 227 -33.32 49.98 42.44
C ILE A 227 -34.14 51.02 43.19
N THR A 228 -35.39 51.17 42.76
CA THR A 228 -36.36 52.02 43.43
C THR A 228 -37.62 51.29 43.84
N GLU A 229 -37.79 50.03 43.42
CA GLU A 229 -38.77 49.13 43.99
C GLU A 229 -38.12 47.76 44.10
N LEU A 230 -38.51 47.01 45.13
CA LEU A 230 -37.94 45.69 45.32
C LEU A 230 -38.56 44.69 44.35
N PRO A 231 -37.77 43.72 43.87
CA PRO A 231 -38.35 42.66 43.05
C PRO A 231 -39.38 41.87 43.83
N ASP A 232 -40.41 41.41 43.12
CA ASP A 232 -41.53 40.74 43.78
C ASP A 232 -41.10 39.48 44.51
N ASN A 233 -40.02 38.84 44.06
CA ASN A 233 -39.53 37.61 44.68
C ASN A 233 -38.54 37.88 45.80
N PHE A 234 -38.43 39.12 46.27
CA PHE A 234 -37.48 39.48 47.32
C PHE A 234 -38.02 40.69 48.08
N ALA A 235 -39.18 40.52 48.70
CA ALA A 235 -39.84 41.61 49.41
C ALA A 235 -39.32 41.65 50.84
N VAL A 236 -38.29 42.46 51.06
CA VAL A 236 -37.76 42.65 52.41
C VAL A 236 -38.70 43.57 53.19
N THR A 237 -38.67 43.43 54.50
CA THR A 237 -39.56 44.17 55.38
C THR A 237 -38.83 45.35 56.02
N ASP A 238 -39.61 46.29 56.54
CA ASP A 238 -39.04 47.43 57.26
C ASP A 238 -38.27 46.97 58.49
N ALA A 239 -38.62 45.80 59.03
CA ALA A 239 -37.94 45.27 60.19
C ALA A 239 -36.51 44.87 59.86
N HIS A 240 -36.32 44.12 58.77
CA HIS A 240 -34.98 43.77 58.31
C HIS A 240 -34.13 45.01 58.13
N TYR A 241 -34.71 46.07 57.58
CA TYR A 241 -33.97 47.29 57.27
C TYR A 241 -33.50 47.99 58.54
N LYS A 242 -34.42 48.28 59.45
CA LYS A 242 -34.05 49.01 60.66
C LYS A 242 -33.05 48.23 61.51
N GLN A 243 -33.06 46.90 61.42
CA GLN A 243 -32.06 46.09 62.10
C GLN A 243 -30.68 46.28 61.50
N ALA A 244 -30.56 47.05 60.43
CA ALA A 244 -29.30 47.31 59.76
C ALA A 244 -28.99 48.79 59.63
N MET A 245 -29.99 49.62 59.33
CA MET A 245 -29.79 51.05 59.12
C MET A 245 -30.27 51.88 60.29
N GLY A 246 -30.54 51.25 61.43
CA GLY A 246 -31.08 51.95 62.58
C GLY A 246 -32.57 52.20 62.48
N GLU A 247 -33.18 52.42 63.64
CA GLU A 247 -34.62 52.69 63.68
C GLU A 247 -34.99 53.99 62.99
N GLY A 248 -34.07 54.95 62.88
CA GLY A 248 -34.42 56.23 62.32
C GLY A 248 -34.70 56.19 60.84
N ASP A 249 -33.96 55.36 60.09
CA ASP A 249 -34.16 55.30 58.65
C ASP A 249 -35.29 54.34 58.31
N SER A 250 -35.81 54.50 57.10
CA SER A 250 -36.93 53.72 56.61
C SER A 250 -36.62 53.12 55.26
N LEU A 251 -37.25 51.99 54.95
CA LEU A 251 -37.05 51.35 53.67
C LEU A 251 -37.61 52.20 52.53
N ASP A 252 -38.76 52.84 52.76
CA ASP A 252 -39.29 53.75 51.75
C ASP A 252 -38.43 54.99 51.61
N ALA A 253 -37.77 55.41 52.69
CA ALA A 253 -36.92 56.59 52.65
C ALA A 253 -35.65 56.37 51.84
N ALA A 254 -35.23 55.11 51.67
CA ALA A 254 -34.01 54.82 50.92
C ALA A 254 -34.28 54.65 49.43
N LYS A 255 -35.35 53.95 49.06
CA LYS A 255 -35.66 53.78 47.64
C LYS A 255 -36.04 55.10 47.00
N ALA A 256 -36.57 56.05 47.79
CA ALA A 256 -36.91 57.36 47.25
C ALA A 256 -35.67 58.22 47.03
N GLU A 257 -34.74 58.20 47.99
CA GLU A 257 -33.51 58.95 47.88
C GLU A 257 -32.42 58.22 47.08
N GLY A 258 -32.79 57.17 46.35
CA GLY A 258 -31.83 56.42 45.57
C GLY A 258 -30.75 55.73 46.38
N ARG A 259 -31.07 55.30 47.59
CA ARG A 259 -30.08 54.75 48.52
C ARG A 259 -30.20 53.22 48.67
N LEU A 260 -30.88 52.56 47.75
CA LEU A 260 -30.99 51.10 47.75
C LEU A 260 -30.21 50.54 46.56
N PHE A 261 -29.39 49.52 46.84
CA PHE A 261 -28.59 48.87 45.82
C PHE A 261 -28.74 47.36 45.98
N LEU A 262 -29.06 46.68 44.87
CA LEU A 262 -29.33 45.25 44.88
C LEU A 262 -28.32 44.51 44.03
N ALA A 263 -27.93 43.32 44.51
CA ALA A 263 -27.12 42.39 43.74
C ALA A 263 -27.92 41.10 43.55
N ASP A 264 -27.78 40.48 42.38
CA ASP A 264 -28.64 39.37 42.01
C ASP A 264 -27.83 38.37 41.18
N TRP A 265 -27.48 37.24 41.78
CA TRP A 265 -26.81 36.15 41.09
C TRP A 265 -27.79 35.21 40.39
N LYS A 266 -28.81 35.80 39.74
CA LYS A 266 -29.84 34.99 39.09
C LYS A 266 -29.26 34.11 37.99
N LEU A 267 -28.16 34.53 37.37
CA LEU A 267 -27.56 33.76 36.29
C LEU A 267 -27.04 32.40 36.76
N ILE A 268 -26.57 32.33 38.00
CA ILE A 268 -26.03 31.07 38.53
C ILE A 268 -27.09 29.98 38.48
N GLY A 269 -28.35 30.33 38.73
CA GLY A 269 -29.41 29.33 38.74
C GLY A 269 -29.73 28.80 37.36
N GLU A 270 -29.80 29.68 36.37
CA GLU A 270 -30.14 29.32 34.99
C GLU A 270 -29.03 28.58 34.26
N THR A 271 -27.99 28.09 34.94
CA THR A 271 -26.83 27.55 34.23
C THR A 271 -26.20 26.36 34.95
N LEU A 272 -25.96 26.50 36.26
CA LEU A 272 -25.11 25.57 36.97
C LEU A 272 -25.84 24.27 37.31
N VAL A 273 -25.06 23.21 37.47
CA VAL A 273 -25.54 21.89 37.86
C VAL A 273 -24.63 21.39 38.98
N ASN A 274 -25.22 21.17 40.16
CA ASN A 274 -24.45 20.89 41.37
C ASN A 274 -23.76 19.54 41.25
N ASN A 275 -22.45 19.57 41.02
CA ASN A 275 -21.63 18.37 40.98
C ASN A 275 -21.36 17.89 42.41
N THR A 276 -20.64 16.77 42.52
CA THR A 276 -20.17 16.26 43.80
C THR A 276 -18.66 16.11 43.74
N TYR A 277 -18.08 15.71 44.87
CA TYR A 277 -16.65 15.46 44.96
C TYR A 277 -16.43 14.29 45.91
N LYS A 278 -16.13 13.12 45.35
CA LYS A 278 -15.90 11.89 46.12
C LYS A 278 -17.10 11.58 47.02
N GLY A 279 -18.28 11.93 46.55
CA GLY A 279 -19.52 11.68 47.24
C GLY A 279 -20.07 12.88 47.99
N ALA A 280 -19.21 13.83 48.35
CA ALA A 280 -19.63 15.00 49.11
C ALA A 280 -20.36 15.99 48.21
N GLN A 281 -21.57 16.37 48.60
CA GLN A 281 -22.42 17.25 47.80
C GLN A 281 -21.96 18.69 47.98
N LYS A 282 -21.45 19.28 46.91
CA LYS A 282 -21.18 20.71 46.86
C LYS A 282 -22.38 21.43 46.27
N THR A 283 -22.59 22.67 46.71
CA THR A 283 -23.82 23.38 46.39
C THR A 283 -23.54 24.86 46.15
N VAL A 284 -24.41 25.48 45.36
CA VAL A 284 -24.38 26.91 45.09
C VAL A 284 -25.80 27.38 44.81
N TYR A 285 -26.15 28.53 45.37
CA TYR A 285 -27.48 29.11 45.21
C TYR A 285 -27.42 30.28 44.22
N ALA A 286 -28.56 30.94 44.05
CA ALA A 286 -28.68 32.12 43.19
C ALA A 286 -29.26 33.26 44.02
N PRO A 287 -28.48 33.80 44.94
CA PRO A 287 -29.05 34.68 45.98
C PRO A 287 -29.36 36.08 45.48
N LEU A 288 -30.32 36.70 46.15
CA LEU A 288 -30.60 38.12 46.00
C LEU A 288 -30.23 38.80 47.31
N ALA A 289 -29.29 39.74 47.26
CA ALA A 289 -28.76 40.40 48.45
C ALA A 289 -28.92 41.90 48.29
N LEU A 290 -29.58 42.53 49.27
CA LEU A 290 -29.86 43.96 49.23
C LEU A 290 -28.88 44.73 50.11
N PHE A 291 -28.49 45.91 49.65
CA PHE A 291 -27.61 46.80 50.39
C PHE A 291 -28.22 48.19 50.41
N ALA A 292 -27.67 49.06 51.25
CA ALA A 292 -28.16 50.43 51.38
C ALA A 292 -27.06 51.29 51.99
N VAL A 293 -27.17 52.60 51.74
CA VAL A 293 -26.21 53.57 52.26
C VAL A 293 -26.93 54.44 53.29
N PRO A 294 -26.22 55.12 54.18
CA PRO A 294 -26.88 56.00 55.15
C PRO A 294 -27.53 57.19 54.46
N PRO A 295 -28.48 57.84 55.12
CA PRO A 295 -29.05 59.08 54.56
C PRO A 295 -27.99 60.17 54.49
N GLY A 296 -27.89 60.79 53.32
CA GLY A 296 -26.87 61.78 53.07
C GLY A 296 -25.58 61.25 52.49
N GLY A 297 -25.56 60.01 52.02
CA GLY A 297 -24.37 59.41 51.47
C GLY A 297 -23.59 58.58 52.48
N GLY A 298 -22.66 57.80 51.97
CA GLY A 298 -21.79 57.01 52.81
C GLY A 298 -21.39 55.73 52.12
N SER A 299 -20.99 54.75 52.93
CA SER A 299 -20.51 53.47 52.45
C SER A 299 -21.67 52.49 52.27
N LEU A 300 -21.40 51.40 51.55
CA LEU A 300 -22.38 50.35 51.37
C LEU A 300 -22.46 49.47 52.63
N ALA A 301 -23.64 48.90 52.87
CA ALA A 301 -23.85 48.06 54.04
C ALA A 301 -24.98 47.09 53.75
N PRO A 302 -24.91 45.86 54.26
CA PRO A 302 -25.91 44.85 53.89
C PRO A 302 -27.22 45.00 54.65
N VAL A 303 -28.30 44.63 53.97
CA VAL A 303 -29.64 44.68 54.55
C VAL A 303 -30.20 43.28 54.74
N ALA A 304 -30.48 42.59 53.64
CA ALA A 304 -31.13 41.29 53.67
C ALA A 304 -30.53 40.39 52.59
N ILE A 305 -30.77 39.08 52.74
CA ILE A 305 -30.23 38.06 51.84
C ILE A 305 -31.26 36.95 51.73
N GLN A 306 -31.68 36.65 50.51
CA GLN A 306 -32.51 35.49 50.21
C GLN A 306 -31.72 34.52 49.35
N PRO A 307 -31.41 33.32 49.84
CA PRO A 307 -30.48 32.45 49.10
C PRO A 307 -31.02 31.95 47.76
N GLY A 308 -32.32 31.65 47.68
CA GLY A 308 -32.91 31.18 46.45
C GLY A 308 -33.60 32.30 45.68
N GLN A 309 -33.82 32.04 44.39
CA GLN A 309 -34.49 33.03 43.55
C GLN A 309 -35.98 33.14 43.83
N THR A 310 -36.62 32.03 44.20
CA THR A 310 -38.06 32.03 44.47
C THR A 310 -38.34 31.71 45.94
N PRO A 311 -39.24 32.47 46.58
CA PRO A 311 -39.49 32.26 48.01
C PRO A 311 -40.36 31.04 48.27
N SER A 312 -40.07 30.35 49.36
CA SER A 312 -40.77 29.13 49.72
C SER A 312 -40.59 28.89 51.22
N PRO A 313 -41.27 27.90 51.79
CA PRO A 313 -40.94 27.49 53.17
C PRO A 313 -39.48 27.10 53.36
N THR A 314 -38.75 26.79 52.29
CA THR A 314 -37.32 26.52 52.38
C THR A 314 -36.48 27.76 52.11
N ASN A 315 -37.00 28.71 51.35
CA ASN A 315 -36.25 29.90 50.93
C ASN A 315 -36.85 31.12 51.62
N LYS A 316 -36.25 31.52 52.73
CA LYS A 316 -36.69 32.71 53.46
C LYS A 316 -35.59 33.77 53.43
N ILE A 317 -36.02 35.02 53.61
CA ILE A 317 -35.09 36.13 53.74
C ILE A 317 -34.38 36.05 55.08
N TYR A 318 -33.07 36.21 55.08
CA TYR A 318 -32.26 36.32 56.29
C TYR A 318 -31.79 37.75 56.46
N ALA A 319 -31.81 38.24 57.71
CA ALA A 319 -31.57 39.64 58.00
C ALA A 319 -30.37 39.82 58.92
N THR A 320 -30.06 41.10 59.16
CA THR A 320 -28.79 41.47 59.77
C THR A 320 -28.67 41.02 61.22
N GLN A 321 -29.78 40.62 61.85
CA GLN A 321 -29.77 40.27 63.25
C GLN A 321 -30.05 38.79 63.50
N ASP A 322 -29.97 37.95 62.47
CA ASP A 322 -30.30 36.54 62.59
C ASP A 322 -29.10 35.69 63.03
N GLY A 323 -28.04 36.31 63.51
CA GLY A 323 -26.94 35.59 64.14
C GLY A 323 -26.18 34.63 63.25
N ASN A 324 -26.40 33.33 63.45
CA ASN A 324 -25.67 32.32 62.69
C ASN A 324 -26.27 32.11 61.30
N ASP A 325 -27.60 32.10 61.20
CA ASP A 325 -28.24 32.01 59.89
C ASP A 325 -27.98 33.23 59.04
N TRP A 326 -27.41 34.29 59.61
CA TRP A 326 -27.01 35.46 58.83
C TRP A 326 -25.55 35.39 58.40
N LEU A 327 -24.67 34.81 59.22
CA LEU A 327 -23.31 34.58 58.76
C LEU A 327 -23.28 33.60 57.60
N ALA A 328 -24.21 32.64 57.59
CA ALA A 328 -24.25 31.67 56.50
C ALA A 328 -24.87 32.29 55.25
N ALA A 329 -25.92 33.08 55.42
CA ALA A 329 -26.55 33.75 54.29
C ALA A 329 -25.54 34.59 53.52
N LYS A 330 -24.54 35.14 54.21
CA LYS A 330 -23.45 35.83 53.54
C LYS A 330 -22.46 34.85 52.94
N SER A 331 -22.13 33.79 53.69
CA SER A 331 -21.23 32.77 53.16
C SER A 331 -21.81 32.08 51.94
N ALA A 332 -23.14 31.95 51.87
CA ALA A 332 -23.76 31.42 50.66
C ALA A 332 -23.68 32.41 49.51
N VAL A 333 -23.78 33.71 49.82
CA VAL A 333 -23.61 34.74 48.80
C VAL A 333 -22.20 34.69 48.22
N GLN A 334 -21.20 34.49 49.09
CA GLN A 334 -19.83 34.50 48.63
C GLN A 334 -19.50 33.28 47.77
N VAL A 335 -20.20 32.16 47.98
CA VAL A 335 -19.99 30.99 47.14
C VAL A 335 -20.45 31.28 45.72
N ALA A 336 -21.55 32.02 45.58
CA ALA A 336 -22.05 32.37 44.25
C ALA A 336 -21.11 33.32 43.53
N GLU A 337 -20.64 34.36 44.23
CA GLU A 337 -19.71 35.30 43.61
C GLU A 337 -18.42 34.61 43.21
N GLY A 338 -17.95 33.65 44.02
CA GLY A 338 -16.77 32.90 43.65
C GLY A 338 -16.90 32.21 42.31
N ASN A 339 -18.09 31.67 42.03
CA ASN A 339 -18.36 31.12 40.71
C ASN A 339 -18.57 32.23 39.69
N TYR A 340 -19.36 33.23 40.04
CA TYR A 340 -19.66 34.32 39.12
C TYR A 340 -18.41 35.10 38.76
N HIS A 341 -17.59 35.45 39.77
CA HIS A 341 -16.36 36.18 39.49
C HIS A 341 -15.46 35.38 38.55
N GLU A 342 -15.12 34.14 38.93
CA GLU A 342 -14.11 33.38 38.21
C GLU A 342 -14.54 33.02 36.79
N LEU A 343 -15.84 32.96 36.50
CA LEU A 343 -16.29 32.52 35.19
C LEU A 343 -17.04 33.58 34.39
N VAL A 344 -17.65 34.57 35.04
CA VAL A 344 -18.31 35.66 34.31
C VAL A 344 -17.41 36.89 34.35
N SER A 345 -17.19 37.41 35.56
CA SER A 345 -16.35 38.60 35.70
C SER A 345 -14.94 38.34 35.20
N HIS A 346 -14.38 37.18 35.52
CA HIS A 346 -12.97 36.92 35.21
C HIS A 346 -12.80 36.30 33.84
N LEU A 347 -12.74 34.97 33.79
CA LEU A 347 -12.39 34.27 32.55
C LEU A 347 -13.31 34.64 31.41
N GLY A 348 -14.61 34.73 31.68
CA GLY A 348 -15.57 35.03 30.63
C GLY A 348 -15.33 36.34 29.93
N LEU A 349 -15.37 37.45 30.67
CA LEU A 349 -15.43 38.78 30.07
C LEU A 349 -14.09 39.50 30.10
N THR A 350 -12.98 38.79 30.28
CA THR A 350 -11.66 39.34 30.03
C THR A 350 -10.83 38.34 29.23
N HIS A 351 -10.67 37.14 29.80
CA HIS A 351 -9.87 36.12 29.14
C HIS A 351 -10.51 35.66 27.83
N LEU A 352 -11.76 35.22 27.88
CA LEU A 352 -12.41 34.63 26.73
C LEU A 352 -13.07 35.66 25.82
N LEU A 353 -13.30 36.88 26.30
CA LEU A 353 -13.85 37.92 25.45
C LEU A 353 -12.78 38.53 24.55
N LEU A 354 -11.54 38.62 25.02
CA LEU A 354 -10.46 39.17 24.20
C LEU A 354 -9.87 38.15 23.24
N GLU A 355 -10.04 36.86 23.51
CA GLU A 355 -9.48 35.84 22.63
C GLU A 355 -9.90 35.98 21.16
N PRO A 356 -11.17 36.27 20.83
CA PRO A 356 -11.48 36.55 19.42
C PRO A 356 -10.79 37.80 18.89
N ILE A 357 -10.63 38.82 19.73
CA ILE A 357 -10.09 40.09 19.27
C ILE A 357 -8.60 39.96 18.95
N VAL A 358 -7.87 39.18 19.75
CA VAL A 358 -6.46 38.92 19.46
C VAL A 358 -6.33 38.19 18.12
N MET A 359 -7.13 37.14 17.93
CA MET A 359 -7.02 36.32 16.74
C MET A 359 -7.33 37.12 15.48
N ALA A 360 -8.39 37.93 15.53
CA ALA A 360 -8.76 38.74 14.37
C ALA A 360 -7.65 39.72 14.02
N THR A 361 -7.00 40.31 15.03
CA THR A 361 -5.99 41.33 14.76
C THR A 361 -4.79 40.77 14.01
N TYR A 362 -4.36 39.56 14.37
CA TYR A 362 -3.21 38.95 13.69
C TYR A 362 -3.54 38.58 12.25
N ARG A 363 -4.80 38.26 11.96
CA ARG A 363 -5.19 37.74 10.65
C ARG A 363 -5.72 38.81 9.71
N GLN A 364 -6.07 39.99 10.21
CA GLN A 364 -6.68 41.02 9.38
C GLN A 364 -5.90 42.33 9.32
N LEU A 365 -5.21 42.72 10.39
CA LEU A 365 -4.40 43.92 10.40
C LEU A 365 -2.95 43.55 10.09
N ALA A 366 -2.35 44.26 9.16
CA ALA A 366 -0.95 44.02 8.82
C ALA A 366 -0.04 44.49 9.95
N GLN A 367 1.21 44.02 9.90
CA GLN A 367 2.21 44.53 10.82
C GLN A 367 2.51 46.00 10.60
N HIS A 368 2.16 46.53 9.42
CA HIS A 368 2.32 47.94 9.11
C HIS A 368 1.03 48.73 9.30
N HIS A 369 0.09 48.21 10.07
CA HIS A 369 -1.15 48.91 10.37
C HIS A 369 -1.05 49.58 11.73
N PRO A 370 -1.51 50.84 11.85
CA PRO A 370 -1.33 51.56 13.12
C PRO A 370 -2.22 51.04 14.24
N ILE A 371 -3.39 50.47 13.93
CA ILE A 371 -4.21 49.87 14.98
C ILE A 371 -3.58 48.57 15.47
N TYR A 372 -2.95 47.83 14.56
CA TYR A 372 -2.11 46.71 14.97
C TYR A 372 -1.05 47.18 15.97
N MET A 373 -0.56 48.41 15.80
CA MET A 373 0.42 48.95 16.73
C MET A 373 -0.21 49.39 18.06
N LEU A 374 -1.46 49.84 18.03
CA LEU A 374 -2.08 50.26 19.29
C LEU A 374 -2.38 49.05 20.18
N LEU A 375 -2.80 47.93 19.57
CA LEU A 375 -3.39 46.83 20.34
C LEU A 375 -2.44 45.66 20.60
N ILE A 376 -1.66 45.24 19.63
CA ILE A 376 -0.85 44.03 19.72
C ILE A 376 -0.01 43.96 21.00
N PRO A 377 0.65 45.03 21.46
CA PRO A 377 1.37 44.94 22.74
C PRO A 377 0.45 44.76 23.94
N HIS A 378 -0.83 45.14 23.84
CA HIS A 378 -1.80 44.85 24.88
C HIS A 378 -2.28 43.40 24.87
N PHE A 379 -1.73 42.57 23.98
CA PHE A 379 -2.11 41.17 23.87
C PHE A 379 -0.95 40.24 24.23
N GLU A 380 -0.01 40.72 25.04
CA GLU A 380 1.16 39.91 25.36
C GLU A 380 0.77 38.83 26.36
N GLY A 381 1.14 37.58 26.06
CA GLY A 381 0.80 36.47 26.91
C GLY A 381 -0.65 36.09 26.93
N THR A 382 -1.51 36.80 26.20
CA THR A 382 -2.94 36.48 26.20
C THR A 382 -3.21 35.18 25.45
N LEU A 383 -2.50 34.94 24.34
CA LEU A 383 -2.68 33.69 23.62
C LEU A 383 -2.11 32.50 24.38
N SER A 384 -1.04 32.72 25.16
CA SER A 384 -0.39 31.61 25.86
C SER A 384 -0.98 31.37 27.25
N ILE A 385 -1.77 32.30 27.77
CA ILE A 385 -2.42 32.05 29.05
C ILE A 385 -3.83 31.49 28.86
N ASN A 386 -4.47 31.78 27.72
CA ASN A 386 -5.77 31.19 27.43
C ASN A 386 -5.63 29.70 27.12
N ASN A 387 -4.55 29.32 26.42
CA ASN A 387 -4.27 27.90 26.23
C ASN A 387 -4.03 27.20 27.55
N SER A 388 -3.52 27.93 28.56
CA SER A 388 -3.35 27.35 29.88
C SER A 388 -4.69 27.09 30.55
N ALA A 389 -5.62 28.05 30.45
CA ALA A 389 -6.91 27.88 31.12
C ALA A 389 -7.78 26.85 30.43
N ALA A 390 -7.82 26.88 29.09
CA ALA A 390 -8.74 26.00 28.36
C ALA A 390 -8.35 24.54 28.47
N THR A 391 -7.05 24.24 28.54
CA THR A 391 -6.57 22.86 28.55
C THR A 391 -6.15 22.39 29.94
N ASN A 392 -6.34 23.20 30.97
CA ASN A 392 -6.01 22.79 32.33
C ASN A 392 -6.98 23.35 33.35
N LEU A 393 -6.89 24.66 33.59
CA LEU A 393 -7.62 25.27 34.71
C LEU A 393 -9.12 25.00 34.62
N ILE A 394 -9.70 25.10 33.42
CA ILE A 394 -11.12 24.81 33.21
C ILE A 394 -11.33 23.48 32.52
N ALA A 395 -10.27 22.74 32.21
CA ALA A 395 -10.42 21.43 31.62
C ALA A 395 -10.91 20.43 32.67
N PRO A 396 -11.55 19.34 32.23
CA PRO A 396 -11.98 18.31 33.18
C PRO A 396 -10.84 17.82 34.04
N GLY A 397 -11.13 17.59 35.32
CA GLY A 397 -10.11 17.26 36.29
C GLY A 397 -9.29 18.43 36.77
N GLY A 398 -9.68 19.66 36.41
CA GLY A 398 -8.91 20.84 36.76
C GLY A 398 -9.33 21.45 38.08
N ALA A 399 -8.65 22.54 38.42
CA ALA A 399 -8.88 23.18 39.72
C ALA A 399 -10.30 23.72 39.83
N VAL A 400 -10.90 24.14 38.73
CA VAL A 400 -12.25 24.68 38.80
C VAL A 400 -13.29 23.56 38.96
N ASP A 401 -13.10 22.44 38.26
CA ASP A 401 -14.02 21.32 38.40
C ASP A 401 -14.05 20.81 39.83
N LEU A 402 -12.88 20.74 40.48
CA LEU A 402 -12.82 20.19 41.84
C LEU A 402 -13.37 21.18 42.86
N ILE A 403 -12.76 22.36 42.95
CA ILE A 403 -13.05 23.26 44.06
C ILE A 403 -14.38 23.99 43.92
N PHE A 404 -14.95 24.05 42.72
CA PHE A 404 -16.17 24.81 42.51
C PHE A 404 -17.39 23.90 42.42
N ALA A 405 -18.56 24.48 42.71
CA ALA A 405 -19.76 23.69 42.94
C ALA A 405 -20.28 23.03 41.67
N GLY A 406 -20.44 23.82 40.59
CA GLY A 406 -21.03 23.29 39.39
C GLY A 406 -20.18 22.24 38.71
N THR A 407 -20.82 21.47 37.83
CA THR A 407 -20.07 20.57 36.96
C THR A 407 -19.19 21.40 36.04
N ILE A 408 -18.07 20.79 35.61
CA ILE A 408 -17.12 21.52 34.77
C ILE A 408 -17.79 22.00 33.49
N GLU A 409 -18.84 21.31 33.03
CA GLU A 409 -19.52 21.70 31.81
C GLU A 409 -20.55 22.79 32.07
N SER A 410 -21.24 22.73 33.22
CA SER A 410 -22.18 23.80 33.57
C SER A 410 -21.46 25.08 33.91
N GLU A 411 -20.21 24.99 34.38
CA GLU A 411 -19.41 26.19 34.58
C GLU A 411 -19.04 26.83 33.24
N HIS A 412 -18.69 26.01 32.25
CA HIS A 412 -18.46 26.53 30.91
C HIS A 412 -19.70 27.24 30.38
N GLN A 413 -20.86 26.59 30.50
CA GLN A 413 -22.11 27.20 30.06
C GLN A 413 -22.44 28.47 30.84
N LEU A 414 -21.89 28.62 32.04
CA LEU A 414 -22.05 29.87 32.78
C LEU A 414 -21.30 31.00 32.09
N ALA A 415 -20.04 30.76 31.71
CA ALA A 415 -19.27 31.77 31.01
C ALA A 415 -19.86 32.07 29.63
N LEU A 416 -20.26 31.03 28.90
CA LEU A 416 -20.87 31.23 27.59
C LEU A 416 -22.16 32.03 27.71
N ALA A 417 -22.93 31.81 28.77
CA ALA A 417 -24.18 32.55 28.95
C ALA A 417 -23.91 34.04 29.09
N ALA A 418 -22.81 34.41 29.73
CA ALA A 418 -22.50 35.81 29.91
C ALA A 418 -21.77 36.40 28.70
N LEU A 419 -20.94 35.59 28.04
CA LEU A 419 -20.29 36.03 26.81
C LEU A 419 -21.29 36.32 25.70
N LYS A 420 -22.48 35.72 25.76
CA LYS A 420 -23.50 35.88 24.73
C LYS A 420 -24.40 37.09 24.96
N ARG A 421 -24.71 37.41 26.21
CA ARG A 421 -25.62 38.50 26.53
C ARG A 421 -24.91 39.85 26.66
N HIS A 422 -23.62 39.92 26.32
CA HIS A 422 -22.87 41.15 26.45
C HIS A 422 -23.08 42.04 25.23
N ASP A 423 -23.18 43.34 25.47
CA ASP A 423 -23.27 44.33 24.41
C ASP A 423 -21.93 45.08 24.39
N PHE A 424 -21.02 44.60 23.54
CA PHE A 424 -19.67 45.15 23.51
C PHE A 424 -19.68 46.64 23.25
N MET A 425 -20.57 47.12 22.38
CA MET A 425 -20.60 48.54 22.06
C MET A 425 -21.24 49.36 23.17
N ARG A 426 -22.02 48.73 24.05
CA ARG A 426 -22.65 49.40 25.18
C ARG A 426 -22.08 48.90 26.51
N SER A 427 -20.78 48.61 26.53
CA SER A 427 -20.15 48.06 27.72
C SER A 427 -18.94 48.88 28.18
N GLY A 428 -18.81 50.12 27.72
CA GLY A 428 -17.80 51.00 28.28
C GLY A 428 -17.99 51.19 29.77
N LEU A 429 -16.91 51.57 30.45
CA LEU A 429 -16.98 51.69 31.90
C LEU A 429 -17.94 52.79 32.34
N PRO A 430 -17.86 54.03 31.85
CA PRO A 430 -18.91 55.00 32.19
C PRO A 430 -20.28 54.62 31.66
N ASP A 431 -20.32 53.78 30.62
CA ASP A 431 -21.60 53.34 30.08
C ASP A 431 -22.33 52.43 31.07
N THR A 432 -21.61 51.48 31.66
CA THR A 432 -22.20 50.53 32.60
C THR A 432 -22.30 51.07 34.03
N ILE A 433 -21.83 52.29 34.28
CA ILE A 433 -22.08 52.90 35.58
C ILE A 433 -23.49 53.47 35.65
N GLU A 434 -23.93 54.13 34.58
CA GLU A 434 -25.27 54.71 34.56
C GLU A 434 -26.34 53.69 34.21
N GLN A 435 -25.97 52.53 33.68
CA GLN A 435 -26.93 51.44 33.52
C GLN A 435 -27.38 50.91 34.88
N ARG A 436 -26.44 50.71 35.79
CA ARG A 436 -26.72 50.17 37.10
C ARG A 436 -27.14 51.22 38.12
N GLY A 437 -26.95 52.50 37.82
CA GLY A 437 -27.34 53.54 38.74
C GLY A 437 -26.39 53.78 39.89
N VAL A 438 -25.11 53.49 39.71
CA VAL A 438 -24.10 53.71 40.73
C VAL A 438 -23.30 54.99 40.47
N GLY A 439 -23.88 55.94 39.74
CA GLY A 439 -23.12 57.08 39.26
C GLY A 439 -22.97 58.23 40.25
N ASP A 440 -23.87 58.35 41.21
CA ASP A 440 -23.86 59.48 42.14
C ASP A 440 -22.76 59.27 43.19
N THR A 441 -21.68 60.04 43.09
CA THR A 441 -20.58 59.96 44.05
C THR A 441 -20.86 60.75 45.32
N SER A 442 -22.10 61.20 45.53
CA SER A 442 -22.51 61.88 46.75
C SER A 442 -23.56 61.09 47.53
N VAL A 443 -23.90 59.89 47.06
CA VAL A 443 -24.85 59.02 47.75
C VAL A 443 -24.18 57.69 48.07
N LEU A 444 -23.70 57.00 47.04
CA LEU A 444 -22.81 55.85 47.22
C LEU A 444 -21.39 56.40 47.02
N THR A 445 -20.77 56.81 48.13
CA THR A 445 -19.54 57.57 48.08
C THR A 445 -18.28 56.72 48.27
N ASP A 446 -18.42 55.45 48.61
CA ASP A 446 -17.28 54.53 48.76
C ASP A 446 -17.45 53.41 47.74
N TYR A 447 -17.05 53.69 46.50
CA TYR A 447 -17.09 52.73 45.40
C TYR A 447 -15.75 52.85 44.68
N PRO A 448 -14.69 52.26 45.24
CA PRO A 448 -13.35 52.47 44.66
C PRO A 448 -13.22 52.01 43.22
N TYR A 449 -13.69 50.81 42.88
CA TYR A 449 -13.61 50.33 41.50
C TYR A 449 -14.21 51.34 40.54
N ARG A 450 -15.32 51.97 40.93
CA ARG A 450 -15.94 52.99 40.09
C ARG A 450 -15.03 54.21 39.95
N ASP A 451 -14.69 54.84 41.08
CA ASP A 451 -13.95 56.09 41.03
C ASP A 451 -12.51 55.88 40.56
N ASP A 452 -11.89 54.77 40.97
CA ASP A 452 -10.52 54.52 40.53
C ASP A 452 -10.48 54.08 39.08
N GLY A 453 -11.41 53.20 38.68
CA GLY A 453 -11.44 52.73 37.30
C GLY A 453 -11.76 53.83 36.31
N LEU A 454 -12.74 54.67 36.65
CA LEU A 454 -13.18 55.71 35.74
C LEU A 454 -12.08 56.71 35.43
N LYS A 455 -11.11 56.87 36.35
CA LYS A 455 -9.97 57.73 36.06
C LYS A 455 -9.04 57.08 35.04
N ILE A 456 -8.77 55.78 35.19
CA ILE A 456 -7.92 55.09 34.23
C ILE A 456 -8.61 54.98 32.88
N TRP A 457 -9.94 54.87 32.88
CA TRP A 457 -10.67 54.84 31.62
C TRP A 457 -10.45 56.12 30.83
N ALA A 458 -10.62 57.27 31.49
CA ALA A 458 -10.44 58.55 30.82
C ALA A 458 -9.00 58.72 30.34
N ASN A 459 -8.03 58.22 31.11
CA ASN A 459 -6.64 58.28 30.68
C ASN A 459 -6.42 57.45 29.43
N ILE A 460 -7.10 56.32 29.31
CA ILE A 460 -6.94 55.45 28.14
C ILE A 460 -7.64 56.04 26.92
N GLU A 461 -8.92 56.40 27.07
CA GLU A 461 -9.68 56.91 25.93
C GLU A 461 -9.01 58.12 25.30
N ARG A 462 -8.46 59.00 26.13
CA ARG A 462 -7.74 60.16 25.61
C ARG A 462 -6.52 59.75 24.81
N TRP A 463 -5.75 58.78 25.33
CA TRP A 463 -4.57 58.30 24.62
C TRP A 463 -4.97 57.56 23.35
N VAL A 464 -6.09 56.84 23.37
CA VAL A 464 -6.60 56.21 22.15
C VAL A 464 -7.09 57.27 21.18
N THR A 465 -7.85 58.25 21.67
CA THR A 465 -8.34 59.31 20.81
C THR A 465 -7.20 60.12 20.22
N ALA A 466 -6.18 60.42 21.03
CA ALA A 466 -5.00 61.09 20.50
C ALA A 466 -4.29 60.22 19.48
N TYR A 467 -4.45 58.91 19.57
CA TYR A 467 -3.73 57.99 18.68
C TYR A 467 -4.49 57.79 17.37
N VAL A 468 -5.80 57.57 17.45
CA VAL A 468 -6.60 57.31 16.26
C VAL A 468 -6.60 58.52 15.34
N ASN A 469 -6.80 59.71 15.91
CA ASN A 469 -6.94 60.91 15.10
C ASN A 469 -5.64 61.32 14.43
N ASN A 470 -4.49 60.87 14.94
CA ASN A 470 -3.23 61.11 14.25
C ASN A 470 -3.14 60.30 12.97
N TYR A 471 -3.63 59.07 12.99
CA TYR A 471 -3.51 58.17 11.85
C TYR A 471 -4.74 58.17 10.96
N TYR A 472 -5.92 58.31 11.55
CA TYR A 472 -7.16 58.51 10.79
C TYR A 472 -7.50 60.00 10.87
N ILE A 473 -7.43 60.69 9.74
CA ILE A 473 -7.63 62.13 9.68
C ILE A 473 -8.97 62.49 9.06
N SER A 474 -9.41 61.75 8.04
CA SER A 474 -10.74 61.90 7.48
C SER A 474 -11.59 60.70 7.87
N GLU A 475 -12.91 60.87 7.78
CA GLU A 475 -13.81 59.75 8.02
C GLU A 475 -13.71 58.71 6.91
N ALA A 476 -13.26 59.11 5.72
CA ALA A 476 -13.03 58.15 4.65
C ALA A 476 -11.85 57.23 4.96
N ASN A 477 -10.93 57.66 5.82
CA ASN A 477 -9.83 56.79 6.22
C ASN A 477 -10.33 55.52 6.91
N VAL A 478 -11.43 55.62 7.64
CA VAL A 478 -11.97 54.45 8.33
C VAL A 478 -12.67 53.52 7.35
N THR A 479 -13.66 54.04 6.62
CA THR A 479 -14.47 53.18 5.76
C THR A 479 -13.64 52.58 4.63
N GLN A 480 -12.69 53.35 4.09
CA GLN A 480 -11.81 52.83 3.04
C GLN A 480 -10.70 51.94 3.57
N ASP A 481 -10.61 51.75 4.89
CA ASP A 481 -9.64 50.84 5.48
C ASP A 481 -10.15 49.41 5.29
N THR A 482 -9.61 48.72 4.28
CA THR A 482 -10.08 47.38 3.95
C THR A 482 -9.66 46.35 5.00
N GLU A 483 -8.62 46.63 5.78
CA GLU A 483 -8.24 45.74 6.87
C GLU A 483 -9.12 45.95 8.09
N LEU A 484 -9.30 47.21 8.50
CA LEU A 484 -10.13 47.51 9.65
C LEU A 484 -11.56 47.05 9.45
N GLN A 485 -12.05 47.11 8.21
CA GLN A 485 -13.40 46.63 7.93
C GLN A 485 -13.45 45.11 7.78
N ALA A 486 -12.36 44.49 7.35
CA ALA A 486 -12.29 43.03 7.37
C ALA A 486 -12.22 42.52 8.80
N TRP A 487 -11.28 43.03 9.58
CA TRP A 487 -11.20 42.83 11.03
C TRP A 487 -12.58 42.90 11.68
N ALA A 488 -13.30 44.01 11.46
CA ALA A 488 -14.63 44.15 12.04
C ALA A 488 -15.60 43.11 11.50
N ALA A 489 -15.44 42.69 10.24
CA ALA A 489 -16.36 41.72 9.67
C ALA A 489 -16.29 40.40 10.42
N VAL A 490 -15.08 39.98 10.82
CA VAL A 490 -14.98 38.73 11.57
C VAL A 490 -15.37 38.94 13.02
N LEU A 491 -15.13 40.13 13.58
CA LEU A 491 -15.56 40.42 14.94
C LEU A 491 -17.05 40.72 15.04
N SER A 492 -17.73 40.94 13.92
CA SER A 492 -19.16 41.20 13.91
C SER A 492 -19.97 39.99 13.48
N LYS A 493 -19.33 38.82 13.34
CA LYS A 493 -20.06 37.59 13.09
C LYS A 493 -20.96 37.29 14.29
N PRO A 494 -22.04 36.52 14.08
CA PRO A 494 -22.91 36.18 15.20
C PRO A 494 -22.17 35.37 16.24
N PHE A 495 -22.68 35.43 17.47
CA PHE A 495 -21.99 34.76 18.58
C PHE A 495 -21.83 33.27 18.32
N ALA A 496 -22.77 32.67 17.59
CA ALA A 496 -22.68 31.25 17.28
C ALA A 496 -21.65 30.95 16.19
N GLU A 497 -20.88 31.93 15.73
CA GLU A 497 -19.89 31.72 14.68
C GLU A 497 -18.56 32.32 15.08
N GLY A 498 -18.28 32.35 16.39
CA GLY A 498 -17.00 32.80 16.90
C GLY A 498 -16.87 34.30 17.10
N GLY A 499 -17.95 35.06 16.90
CA GLY A 499 -17.87 36.50 16.99
C GLY A 499 -18.07 37.04 18.39
N VAL A 500 -17.95 38.36 18.50
CA VAL A 500 -18.15 39.08 19.75
C VAL A 500 -19.54 39.69 19.72
N SER A 501 -20.35 39.36 20.73
CA SER A 501 -21.73 39.82 20.78
C SER A 501 -21.79 41.33 20.96
N GLY A 502 -22.71 41.96 20.23
CA GLY A 502 -22.87 43.41 20.31
C GLY A 502 -21.73 44.21 19.71
N PHE A 503 -20.78 43.57 19.03
CA PHE A 503 -19.66 44.28 18.43
C PHE A 503 -20.09 44.95 17.13
N GLY A 504 -19.43 46.07 16.82
CA GLY A 504 -19.62 46.73 15.54
C GLY A 504 -20.53 47.93 15.62
N PRO A 505 -20.73 48.61 14.48
CA PRO A 505 -20.20 48.20 13.17
C PRO A 505 -18.81 48.72 12.84
N ILE A 506 -18.29 49.65 13.65
CA ILE A 506 -17.02 50.31 13.39
C ILE A 506 -17.08 51.04 12.06
N ASP A 507 -17.87 52.12 12.01
CA ASP A 507 -17.94 52.98 10.83
C ASP A 507 -17.54 54.42 11.12
N THR A 508 -17.13 54.73 12.35
CA THR A 508 -16.80 56.08 12.76
C THR A 508 -15.45 56.06 13.48
N ARG A 509 -14.77 57.21 13.45
CA ARG A 509 -13.58 57.37 14.29
C ARG A 509 -13.96 57.27 15.75
N ALA A 510 -15.21 57.58 16.09
CA ALA A 510 -15.70 57.36 17.45
C ALA A 510 -15.81 55.87 17.76
N ALA A 511 -16.39 55.10 16.83
CA ALA A 511 -16.52 53.65 17.03
C ALA A 511 -15.17 52.96 17.12
N LEU A 512 -14.17 53.44 16.39
CA LEU A 512 -12.84 52.85 16.47
C LEU A 512 -12.15 53.21 17.78
N ILE A 513 -12.29 54.47 18.22
CA ILE A 513 -11.73 54.87 19.52
C ILE A 513 -12.29 53.99 20.63
N PHE A 514 -13.61 53.85 20.68
CA PHE A 514 -14.23 53.08 21.75
C PHE A 514 -13.79 51.63 21.73
N ALA A 515 -13.79 51.01 20.54
CA ALA A 515 -13.41 49.60 20.44
C ALA A 515 -12.01 49.37 20.99
N CYS A 516 -11.05 50.20 20.58
CA CYS A 516 -9.70 50.09 21.13
C CYS A 516 -9.64 50.52 22.58
N THR A 517 -10.51 51.46 22.99
CA THR A 517 -10.55 51.86 24.39
C THR A 517 -11.04 50.71 25.27
N LYS A 518 -12.10 50.02 24.84
CA LYS A 518 -12.63 48.91 25.61
C LYS A 518 -11.66 47.74 25.61
N VAL A 519 -11.02 47.47 24.49
CA VAL A 519 -10.05 46.38 24.41
C VAL A 519 -8.87 46.65 25.34
N ILE A 520 -8.32 47.87 25.26
CA ILE A 520 -7.18 48.22 26.10
C ILE A 520 -7.57 48.26 27.56
N PHE A 521 -8.78 48.74 27.87
CA PHE A 521 -9.21 48.80 29.26
C PHE A 521 -9.40 47.41 29.85
N THR A 522 -10.02 46.50 29.10
CA THR A 522 -10.25 45.15 29.59
C THR A 522 -8.99 44.28 29.53
N ALA A 523 -7.99 44.68 28.76
CA ALA A 523 -6.71 43.99 28.78
C ALA A 523 -5.85 44.44 29.95
N SER A 524 -6.13 45.61 30.52
CA SER A 524 -5.26 46.22 31.52
C SER A 524 -5.97 46.45 32.83
N ALA A 525 -6.79 47.51 32.90
CA ALA A 525 -7.41 47.90 34.16
C ALA A 525 -8.48 46.91 34.59
N GLU A 526 -9.42 46.59 33.69
CA GLU A 526 -10.51 45.70 34.05
C GLU A 526 -9.99 44.32 34.44
N HIS A 527 -9.07 43.78 33.65
CA HIS A 527 -8.49 42.48 33.99
C HIS A 527 -7.77 42.54 35.33
N SER A 528 -7.13 43.66 35.63
CA SER A 528 -6.47 43.80 36.93
C SER A 528 -7.49 43.74 38.07
N ALA A 529 -8.63 44.41 37.89
CA ALA A 529 -9.64 44.46 38.95
C ALA A 529 -10.24 43.10 39.25
N VAL A 530 -10.14 42.14 38.33
CA VAL A 530 -10.71 40.83 38.53
C VAL A 530 -9.63 39.76 38.76
N ASN A 531 -8.40 39.97 38.29
CA ASN A 531 -7.38 38.93 38.39
C ASN A 531 -6.62 38.97 39.71
N PHE A 532 -6.34 40.16 40.22
CA PHE A 532 -5.43 40.30 41.35
C PHE A 532 -6.10 40.19 42.72
N PRO A 533 -7.40 40.49 42.87
CA PRO A 533 -8.07 40.14 44.14
C PRO A 533 -8.02 38.66 44.47
N GLN A 534 -7.65 37.80 43.52
CA GLN A 534 -7.57 36.36 43.80
C GLN A 534 -6.57 36.08 44.92
N LYS A 535 -5.40 36.69 44.85
CA LYS A 535 -4.37 36.44 45.85
C LYS A 535 -4.72 37.05 47.19
N ASP A 536 -5.35 38.23 47.18
CA ASP A 536 -5.54 39.01 48.40
C ASP A 536 -6.87 38.71 49.09
N LEU A 537 -7.94 38.47 48.32
CA LEU A 537 -9.27 38.36 48.90
C LEU A 537 -9.90 36.98 48.76
N MET A 538 -9.30 36.06 48.00
CA MET A 538 -9.96 34.80 47.69
C MET A 538 -9.13 33.54 47.96
N SER A 539 -7.85 33.67 48.30
CA SER A 539 -7.05 32.48 48.58
C SER A 539 -7.49 31.77 49.85
N TYR A 540 -8.16 32.46 50.76
CA TYR A 540 -8.60 31.89 52.02
C TYR A 540 -10.01 31.32 51.85
N ALA A 541 -10.17 30.03 52.14
CA ALA A 541 -11.41 29.33 51.78
C ALA A 541 -12.62 29.85 52.54
N PRO A 542 -12.61 30.01 53.87
CA PRO A 542 -13.81 30.51 54.55
C PRO A 542 -14.20 31.92 54.17
N ALA A 543 -13.25 32.71 53.65
CA ALA A 543 -13.60 34.05 53.20
C ALA A 543 -14.44 34.01 51.93
N ILE A 544 -14.09 33.12 51.00
CA ILE A 544 -14.84 32.92 49.76
C ILE A 544 -14.26 31.70 49.04
N THR A 545 -15.13 30.80 48.59
CA THR A 545 -14.71 29.63 47.85
C THR A 545 -15.83 29.23 46.90
N GLY A 546 -15.51 28.28 46.02
CA GLY A 546 -16.43 27.87 44.97
C GLY A 546 -17.59 27.00 45.41
N ALA A 547 -17.58 26.49 46.63
CA ALA A 547 -18.61 25.56 47.06
C ALA A 547 -18.88 25.69 48.55
N GLY A 548 -20.17 25.59 48.91
CA GLY A 548 -20.56 25.37 50.28
C GLY A 548 -20.81 23.89 50.48
N TRP A 549 -20.14 23.31 51.47
CA TRP A 549 -20.08 21.86 51.62
C TRP A 549 -21.11 21.31 52.59
N THR A 550 -21.84 22.16 53.29
CA THR A 550 -23.11 21.78 53.89
C THR A 550 -24.23 22.19 52.94
N ALA A 551 -25.47 22.04 53.41
CA ALA A 551 -26.62 22.34 52.57
C ALA A 551 -26.77 23.82 52.29
N ALA A 552 -27.09 24.60 53.32
CA ALA A 552 -27.75 25.88 53.05
C ALA A 552 -27.46 26.94 54.11
N PRO A 553 -27.97 28.17 53.93
CA PRO A 553 -27.85 29.19 54.98
C PRO A 553 -28.46 28.76 56.31
N PRO A 554 -29.60 28.01 56.33
CA PRO A 554 -30.06 27.50 57.64
C PRO A 554 -28.95 26.72 58.34
N SER A 555 -28.39 27.33 59.39
CA SER A 555 -27.18 26.84 60.02
C SER A 555 -27.32 25.38 60.45
N GLN A 556 -26.32 24.57 60.12
CA GLN A 556 -26.35 23.14 60.32
C GLN A 556 -25.60 22.67 61.56
N GLY A 557 -24.44 23.26 61.83
CA GLY A 557 -23.65 22.86 62.98
C GLY A 557 -22.45 23.77 63.16
N PRO A 558 -21.31 23.18 63.55
CA PRO A 558 -20.09 23.98 63.67
C PRO A 558 -19.68 24.53 62.31
N LEU A 559 -19.20 25.78 62.29
CA LEU A 559 -18.89 26.44 61.04
C LEU A 559 -17.92 25.66 60.17
N LYS A 560 -17.13 24.76 60.78
CA LYS A 560 -16.10 24.02 60.03
C LYS A 560 -16.70 23.09 58.98
N ASP A 561 -18.00 22.82 59.04
CA ASP A 561 -18.61 21.89 58.10
C ASP A 561 -18.90 22.52 56.74
N PHE A 562 -19.17 23.83 56.71
CA PHE A 562 -19.51 24.52 55.47
C PHE A 562 -18.33 24.67 54.53
N GLN A 563 -17.13 24.36 54.99
CA GLN A 563 -15.87 24.67 54.34
C GLN A 563 -15.34 23.47 53.55
N PRO A 564 -14.53 23.71 52.52
CA PRO A 564 -14.05 22.61 51.67
C PRO A 564 -13.08 21.72 52.41
N PRO A 565 -12.85 20.50 51.90
CA PRO A 565 -11.82 19.64 52.49
C PRO A 565 -10.44 20.28 52.36
N LEU A 566 -9.49 19.75 53.13
CA LEU A 566 -8.17 20.39 53.21
C LEU A 566 -7.39 20.26 51.92
N GLU A 567 -7.58 19.18 51.15
CA GLU A 567 -6.90 19.06 49.87
C GLU A 567 -7.41 20.10 48.87
N LEU A 568 -8.71 20.39 48.91
CA LEU A 568 -9.25 21.42 48.04
C LEU A 568 -9.07 22.82 48.62
N ALA A 569 -9.02 22.94 49.95
CA ALA A 569 -8.77 24.24 50.56
C ALA A 569 -7.35 24.72 50.32
N GLU A 570 -6.39 23.80 50.33
CA GLU A 570 -5.00 24.18 50.04
C GLU A 570 -4.83 24.50 48.56
N LEU A 571 -5.36 23.63 47.69
CA LEU A 571 -5.28 23.86 46.25
C LEU A 571 -5.85 25.22 45.88
N GLN A 572 -7.00 25.57 46.48
CA GLN A 572 -7.60 26.88 46.25
C GLN A 572 -6.64 27.99 46.62
N ALA A 573 -6.05 27.91 47.82
CA ALA A 573 -5.07 28.91 48.24
C ALA A 573 -3.80 28.87 47.40
N GLU A 574 -3.57 27.81 46.64
CA GLU A 574 -2.31 27.63 45.93
C GLU A 574 -2.38 27.94 44.45
N PHE A 575 -3.54 27.83 43.81
CA PHE A 575 -3.66 28.26 42.43
C PHE A 575 -4.18 29.69 42.30
N LEU A 576 -4.91 30.19 43.29
CA LEU A 576 -5.31 31.59 43.29
C LEU A 576 -4.14 32.50 43.68
N TYR A 577 -3.26 32.02 44.56
CA TYR A 577 -2.03 32.73 44.85
C TYR A 577 -1.17 32.88 43.60
N LEU A 578 -1.18 31.87 42.73
CA LEU A 578 -0.33 31.91 41.54
C LEU A 578 -0.86 32.91 40.52
N LEU A 579 -2.15 32.82 40.18
CA LEU A 579 -2.70 33.69 39.14
C LEU A 579 -2.79 35.13 39.61
N GLY A 580 -2.91 35.36 40.92
CA GLY A 580 -3.06 36.70 41.47
C GLY A 580 -1.80 37.35 41.98
N GLY A 581 -0.62 36.76 41.76
CA GLY A 581 0.60 37.30 42.32
C GLY A 581 1.67 37.69 41.32
N VAL A 582 1.34 37.66 40.04
CA VAL A 582 2.29 37.96 38.97
C VAL A 582 1.91 39.29 38.33
N HIS A 583 2.79 40.27 38.47
CA HIS A 583 2.61 41.60 37.87
C HIS A 583 3.66 41.76 36.77
N HIS A 584 3.33 41.30 35.57
CA HIS A 584 4.18 41.42 34.40
C HIS A 584 3.64 42.53 33.50
N THR A 585 4.58 43.22 32.83
CA THR A 585 4.39 44.44 32.03
C THR A 585 3.54 45.51 32.71
N LYS A 586 3.64 46.76 32.21
CA LYS A 586 2.98 47.90 32.82
C LYS A 586 2.27 48.72 31.76
N LEU A 587 1.03 49.10 32.04
CA LEU A 587 0.29 49.99 31.16
C LEU A 587 1.06 51.28 30.92
N GLY A 588 0.99 51.79 29.69
CA GLY A 588 1.70 52.98 29.32
C GLY A 588 3.12 52.76 28.83
N PHE A 589 3.70 51.59 29.10
CA PHE A 589 5.07 51.29 28.74
C PHE A 589 5.07 50.13 27.76
N TYR A 590 5.44 50.41 26.51
CA TYR A 590 5.28 49.50 25.38
C TYR A 590 6.66 48.95 24.98
N ASN A 591 6.90 47.68 25.28
CA ASN A 591 8.12 47.00 24.86
C ASN A 591 7.75 45.79 24.01
N SER A 592 8.74 44.94 23.74
CA SER A 592 8.56 43.72 22.97
C SER A 592 8.74 42.51 23.87
N ASN A 593 8.29 41.35 23.40
CA ASN A 593 8.40 40.11 24.13
C ASN A 593 9.79 39.48 24.02
N SER A 594 10.74 40.14 23.36
CA SER A 594 12.08 39.62 23.21
C SER A 594 12.98 40.12 24.34
N PHE A 595 14.11 39.41 24.52
CA PHE A 595 15.10 39.75 25.55
C PHE A 595 15.58 41.20 25.40
N PRO A 596 15.68 41.73 24.18
CA PRO A 596 15.84 43.20 24.06
C PRO A 596 14.87 44.00 24.93
N TYR A 597 13.59 43.63 24.96
CA TYR A 597 12.55 44.43 25.63
C TYR A 597 12.68 45.90 25.26
N ARG A 598 12.94 46.16 23.97
CA ARG A 598 13.21 47.50 23.49
C ARG A 598 11.91 48.26 23.21
N ALA A 599 12.05 49.57 22.98
CA ALA A 599 10.92 50.41 22.64
C ALA A 599 10.12 49.80 21.50
N TRP A 600 8.80 49.74 21.66
CA TRP A 600 7.98 49.00 20.71
C TRP A 600 7.46 49.88 19.58
N PHE A 601 7.05 51.11 19.87
CA PHE A 601 6.70 52.03 18.80
C PHE A 601 7.97 52.50 18.08
N LYS A 602 7.77 53.03 16.88
CA LYS A 602 8.89 53.52 16.08
C LYS A 602 8.60 54.89 15.49
N ASP A 603 7.32 55.21 15.30
CA ASP A 603 6.95 56.54 14.83
C ASP A 603 7.39 57.58 15.86
N PRO A 604 8.31 58.50 15.51
CA PRO A 604 8.73 59.51 16.50
C PRO A 604 7.61 60.41 16.97
N LYS A 605 6.48 60.45 16.25
CA LYS A 605 5.31 61.20 16.72
C LYS A 605 4.76 60.62 18.01
N ILE A 606 4.50 59.31 18.02
CA ILE A 606 3.96 58.67 19.21
C ILE A 606 5.00 58.65 20.34
N THR A 607 6.22 58.20 20.02
CA THR A 607 7.21 57.92 21.05
C THR A 607 7.67 59.20 21.75
N ALA A 608 8.02 60.22 20.98
CA ALA A 608 8.56 61.45 21.52
C ALA A 608 7.51 62.51 21.78
N GLU A 609 6.22 62.17 21.71
CA GLU A 609 5.18 63.17 21.96
C GLU A 609 3.89 62.56 22.50
N LEU A 610 3.29 61.62 21.77
CA LEU A 610 1.94 61.16 22.11
C LEU A 610 1.94 60.19 23.28
N LEU A 611 2.91 59.27 23.33
CA LEU A 611 2.97 58.31 24.42
C LEU A 611 3.35 58.95 25.76
N PRO A 612 4.31 59.89 25.82
CA PRO A 612 4.58 60.56 27.09
C PRO A 612 3.36 61.28 27.67
N ALA A 613 2.50 61.84 26.83
CA ALA A 613 1.27 62.45 27.33
C ALA A 613 0.40 61.42 28.05
N PHE A 614 0.34 60.20 27.53
CA PHE A 614 -0.37 59.12 28.21
C PHE A 614 0.32 58.75 29.51
N GLN A 615 1.64 58.56 29.46
CA GLN A 615 2.39 58.20 30.66
C GLN A 615 2.32 59.32 31.71
N ARG A 616 2.36 60.57 31.26
CA ARG A 616 2.13 61.69 32.18
C ARG A 616 0.74 61.59 32.81
N ASP A 617 -0.29 61.40 31.99
CA ASP A 617 -1.65 61.35 32.50
C ASP A 617 -1.84 60.19 33.48
N LEU A 618 -1.26 59.03 33.17
CA LEU A 618 -1.34 57.91 34.10
C LEU A 618 -0.65 58.23 35.42
N ALA A 619 0.52 58.87 35.34
CA ALA A 619 1.22 59.25 36.57
C ALA A 619 0.46 60.32 37.33
N ALA A 620 -0.32 61.15 36.63
CA ALA A 620 -1.18 62.11 37.30
C ALA A 620 -2.28 61.37 38.09
N SER A 621 -2.96 60.43 37.44
CA SER A 621 -3.98 59.65 38.14
C SER A 621 -3.38 58.82 39.26
N GLU A 622 -2.15 58.33 39.06
CA GLU A 622 -1.46 57.57 40.10
C GLU A 622 -1.42 58.34 41.42
N GLU A 623 -1.18 59.65 41.35
CA GLU A 623 -1.10 60.45 42.57
C GLU A 623 -2.46 60.72 43.19
N LEU A 624 -3.54 60.60 42.42
CA LEU A 624 -4.88 60.77 42.99
C LEU A 624 -5.34 59.51 43.70
N ILE A 625 -5.04 58.34 43.13
CA ILE A 625 -5.54 57.09 43.70
C ILE A 625 -4.75 56.71 44.94
N VAL A 626 -3.43 56.94 44.92
CA VAL A 626 -2.63 56.73 46.12
C VAL A 626 -3.07 57.69 47.22
N ALA A 627 -3.38 58.94 46.86
CA ALA A 627 -3.89 59.89 47.85
C ALA A 627 -5.22 59.41 48.43
N ALA A 628 -6.11 58.90 47.59
CA ALA A 628 -7.41 58.42 48.08
C ALA A 628 -7.25 57.19 48.95
N ASN A 629 -6.31 56.30 48.60
CA ASN A 629 -6.26 54.99 49.24
C ASN A 629 -5.71 55.05 50.66
N ALA A 630 -4.84 56.03 50.96
CA ALA A 630 -4.34 56.16 52.31
C ALA A 630 -5.44 56.51 53.30
N THR A 631 -6.45 57.26 52.84
CA THR A 631 -7.61 57.58 53.67
C THR A 631 -8.63 56.45 53.71
N ARG A 632 -8.35 55.31 53.06
CA ARG A 632 -9.23 54.16 53.07
C ARG A 632 -8.81 53.17 54.14
N THR A 633 -9.79 52.39 54.63
CA THR A 633 -9.52 51.26 55.50
C THR A 633 -9.48 49.95 54.73
N PHE A 634 -10.38 49.78 53.77
CA PHE A 634 -10.32 48.66 52.82
C PHE A 634 -9.59 49.17 51.59
N LYS A 635 -8.30 48.86 51.50
CA LYS A 635 -7.46 49.40 50.43
C LYS A 635 -7.89 48.85 49.07
N TYR A 636 -7.72 49.68 48.04
CA TYR A 636 -8.05 49.31 46.67
C TYR A 636 -6.88 49.73 45.77
N THR A 637 -6.06 48.76 45.38
CA THR A 637 -4.81 49.03 44.68
C THR A 637 -4.77 48.43 43.28
N TYR A 638 -5.92 48.06 42.72
CA TYR A 638 -5.96 47.39 41.43
C TYR A 638 -6.14 48.36 40.26
N MET A 639 -6.29 49.64 40.54
CA MET A 639 -6.29 50.67 39.50
C MET A 639 -5.08 51.59 39.62
N ILE A 640 -4.12 51.26 40.48
CA ILE A 640 -2.88 52.03 40.63
C ILE A 640 -2.00 51.73 39.43
N PRO A 641 -1.79 52.70 38.52
CA PRO A 641 -1.19 52.38 37.21
C PRO A 641 0.27 51.93 37.26
N SER A 642 0.93 52.03 38.41
CA SER A 642 2.27 51.45 38.53
C SER A 642 2.22 49.94 38.68
N THR A 643 1.03 49.36 38.73
CA THR A 643 0.86 47.92 38.89
C THR A 643 -0.02 47.27 37.83
N ILE A 644 -0.68 48.05 36.98
CA ILE A 644 -1.58 47.49 35.98
C ILE A 644 -0.74 46.86 34.86
N PRO A 645 -1.06 45.65 34.41
CA PRO A 645 -0.37 45.10 33.24
C PRO A 645 -0.94 45.64 31.93
N MET A 646 -0.11 45.58 30.89
CA MET A 646 -0.57 45.92 29.56
C MET A 646 -1.58 44.90 29.03
N SER A 647 -1.58 43.70 29.56
CA SER A 647 -2.23 42.59 28.87
C SER A 647 -2.79 41.60 29.90
N ILE A 648 -3.31 40.49 29.40
CA ILE A 648 -3.83 39.40 30.21
C ILE A 648 -2.83 38.26 30.09
N ASN A 649 -2.12 37.94 31.18
CA ASN A 649 -1.06 36.95 31.06
C ASN A 649 -0.88 36.06 32.29
N ILE A 650 -1.81 36.07 33.24
CA ILE A 650 -1.94 35.02 34.25
C ILE A 650 -3.42 35.00 34.54
N ASN B 3 35.08 101.94 -3.00
CA ASN B 3 34.28 102.10 -4.21
C ASN B 3 32.80 102.26 -3.87
N ILE B 4 32.22 103.36 -4.33
CA ILE B 4 30.80 103.66 -4.11
C ILE B 4 30.15 103.84 -5.49
N PRO B 5 29.07 103.11 -5.78
CA PRO B 5 28.48 103.20 -7.12
C PRO B 5 27.95 104.59 -7.43
N THR B 6 27.75 104.84 -8.71
CA THR B 6 27.20 106.12 -9.17
C THR B 6 26.57 105.93 -10.53
N LEU B 7 25.66 106.84 -10.86
CA LEU B 7 24.91 106.78 -12.10
C LEU B 7 25.78 107.22 -13.28
N PRO B 8 25.44 106.81 -14.51
CA PRO B 8 26.27 107.18 -15.66
C PRO B 8 26.34 108.68 -15.91
N GLN B 9 25.25 109.41 -15.68
CA GLN B 9 25.29 110.86 -15.82
C GLN B 9 26.06 111.53 -14.69
N ASN B 10 26.37 110.81 -13.61
CA ASN B 10 27.10 111.35 -12.47
C ASN B 10 28.45 110.69 -12.25
N ASP B 11 28.93 109.90 -13.20
CA ASP B 11 30.18 109.20 -13.00
C ASP B 11 31.35 110.14 -13.27
N PRO B 12 32.33 110.22 -12.37
CA PRO B 12 33.48 111.10 -12.62
C PRO B 12 34.33 110.65 -13.80
N ARG B 13 34.17 109.41 -14.26
CA ARG B 13 34.92 108.86 -15.39
C ARG B 13 33.96 108.17 -16.34
N PRO B 14 33.15 108.96 -17.07
CA PRO B 14 32.09 108.34 -17.90
C PRO B 14 32.63 107.55 -19.08
N GLU B 15 33.73 108.02 -19.70
CA GLU B 15 34.25 107.37 -20.90
C GLU B 15 34.71 105.95 -20.59
N GLN B 16 35.59 105.79 -19.60
CA GLN B 16 36.06 104.46 -19.23
C GLN B 16 34.90 103.56 -18.82
N ARG B 17 33.93 104.12 -18.11
CA ARG B 17 32.72 103.37 -17.79
C ARG B 17 32.02 102.88 -19.04
N ALA B 18 31.95 103.75 -20.07
CA ALA B 18 31.29 103.36 -21.31
C ALA B 18 32.08 102.28 -22.06
N GLN B 19 33.40 102.27 -21.91
CA GLN B 19 34.20 101.25 -22.58
C GLN B 19 33.99 99.88 -21.95
N GLN B 20 33.65 99.82 -20.67
CA GLN B 20 33.34 98.54 -20.04
C GLN B 20 32.06 97.95 -20.62
N LEU B 21 31.07 98.80 -20.90
CA LEU B 21 29.82 98.30 -21.47
C LEU B 21 29.99 97.84 -22.91
N ASP B 22 30.93 98.44 -23.65
CA ASP B 22 31.25 97.94 -24.98
C ASP B 22 31.85 96.54 -24.90
N LYS B 23 32.73 96.30 -23.93
CA LYS B 23 33.30 94.97 -23.73
C LYS B 23 32.25 93.99 -23.23
N ALA B 24 31.29 94.47 -22.44
CA ALA B 24 30.22 93.59 -21.95
C ALA B 24 29.28 93.19 -23.09
N ARG B 25 28.94 94.16 -23.95
CA ARG B 25 28.06 93.86 -25.09
C ARG B 25 28.67 92.87 -26.07
N GLU B 26 29.96 92.54 -25.92
CA GLU B 26 30.59 91.50 -26.70
C GLU B 26 30.60 90.16 -25.96
N THR B 27 31.15 90.13 -24.76
CA THR B 27 31.16 88.88 -24.00
C THR B 27 29.75 88.42 -23.54
N TYR B 28 28.68 89.05 -24.03
CA TYR B 28 27.30 88.64 -23.77
C TYR B 28 26.50 88.99 -25.02
N LYS B 29 26.45 88.06 -25.97
CA LYS B 29 25.69 88.23 -27.20
C LYS B 29 24.43 87.39 -27.17
N TYR B 30 23.44 87.80 -27.95
CA TYR B 30 22.17 87.12 -27.98
C TYR B 30 22.19 85.92 -28.91
N ALA B 31 21.31 84.95 -28.64
CA ALA B 31 21.22 83.73 -29.42
C ALA B 31 19.77 83.28 -29.46
N ASP B 32 19.47 82.40 -30.42
CA ASP B 32 18.13 81.88 -30.63
C ASP B 32 17.98 80.45 -30.11
N LEU B 33 18.58 80.15 -28.95
CA LEU B 33 18.44 78.83 -28.36
C LEU B 33 16.97 78.48 -28.15
N LEU B 34 16.13 79.48 -27.92
CA LEU B 34 14.68 79.34 -28.00
C LEU B 34 14.12 80.57 -28.70
N PRO B 35 13.55 80.42 -29.88
CA PRO B 35 12.96 81.55 -30.61
C PRO B 35 11.85 82.22 -29.81
N PRO B 36 11.26 83.35 -30.31
CA PRO B 36 10.69 84.36 -29.41
C PRO B 36 11.20 84.39 -27.98
N LEU B 37 12.52 84.38 -27.79
CA LEU B 37 13.09 84.54 -26.47
C LEU B 37 14.52 85.07 -26.61
N ALA B 38 14.89 85.98 -25.71
CA ALA B 38 16.25 86.49 -25.65
C ALA B 38 17.08 85.54 -24.81
N PHE B 39 18.03 84.85 -25.44
CA PHE B 39 18.88 83.88 -24.77
C PHE B 39 20.34 84.29 -24.88
N CYS B 40 21.17 83.66 -24.05
CA CYS B 40 22.60 83.91 -24.04
C CYS B 40 23.32 82.89 -24.91
N GLU B 41 24.25 83.37 -25.72
CA GLU B 41 25.07 82.50 -26.57
C GLU B 41 26.09 81.81 -25.68
N GLY B 42 25.82 80.57 -25.31
CA GLY B 42 26.71 79.83 -24.44
C GLY B 42 26.67 80.32 -23.00
N VAL B 43 27.63 79.84 -22.23
CA VAL B 43 27.81 80.26 -20.84
C VAL B 43 29.12 81.03 -20.74
N PRO B 44 29.09 82.36 -20.72
CA PRO B 44 30.33 83.13 -20.62
C PRO B 44 31.09 82.81 -19.34
N LYS B 45 32.40 83.03 -19.40
CA LYS B 45 33.29 82.72 -18.28
C LYS B 45 32.85 83.32 -16.95
N PRO B 46 32.44 84.60 -16.86
CA PRO B 46 32.07 85.13 -15.54
C PRO B 46 30.86 84.43 -14.92
N ASP B 47 29.99 83.84 -15.74
CA ASP B 47 28.80 83.18 -15.24
C ASP B 47 28.97 81.67 -15.09
N THR B 48 30.19 81.16 -15.28
CA THR B 48 30.43 79.74 -15.12
C THR B 48 30.10 79.32 -13.69
N PRO B 49 29.63 78.09 -13.49
CA PRO B 49 29.24 77.67 -12.14
C PRO B 49 30.42 77.70 -11.18
N SER B 50 30.20 78.31 -10.02
CA SER B 50 31.22 78.34 -8.97
C SER B 50 31.57 76.92 -8.53
N ALA B 51 32.77 76.77 -7.97
CA ALA B 51 33.22 75.45 -7.53
C ALA B 51 32.33 74.92 -6.40
N ALA B 52 31.95 75.79 -5.46
CA ALA B 52 31.07 75.37 -4.38
C ALA B 52 29.76 74.83 -4.92
N TRP B 53 29.25 75.43 -6.01
CA TRP B 53 28.07 74.90 -6.66
C TRP B 53 28.33 73.50 -7.18
N LEU B 54 29.48 73.30 -7.84
CA LEU B 54 29.79 71.99 -8.40
C LEU B 54 29.97 70.95 -7.31
N VAL B 55 30.57 71.33 -6.19
CA VAL B 55 30.80 70.38 -5.10
C VAL B 55 29.48 69.95 -4.47
N THR B 56 28.59 70.93 -4.22
CA THR B 56 27.29 70.60 -3.65
C THR B 56 26.47 69.74 -4.61
N VAL B 57 26.42 70.14 -5.89
CA VAL B 57 25.67 69.36 -6.88
C VAL B 57 26.33 68.01 -7.11
N GLY B 58 27.66 67.94 -7.01
CA GLY B 58 28.34 66.68 -7.20
C GLY B 58 27.93 65.63 -6.17
N LYS B 59 27.82 66.03 -4.90
CA LYS B 59 27.41 65.08 -3.87
C LYS B 59 25.99 64.58 -4.12
N VAL B 60 25.11 65.46 -4.58
CA VAL B 60 23.73 65.04 -4.86
C VAL B 60 23.69 64.15 -6.10
N ALA B 61 24.46 64.50 -7.13
CA ALA B 61 24.50 63.69 -8.34
C ALA B 61 25.14 62.32 -8.10
N ALA B 62 25.98 62.18 -7.08
CA ALA B 62 26.50 60.86 -6.71
C ALA B 62 25.45 60.00 -6.02
N ALA B 63 24.55 60.63 -5.26
CA ALA B 63 23.46 59.88 -4.63
C ALA B 63 22.52 59.31 -5.68
N VAL B 64 22.18 60.11 -6.68
CA VAL B 64 21.35 59.62 -7.79
C VAL B 64 22.10 58.54 -8.56
N ALA B 65 23.41 58.72 -8.74
CA ALA B 65 24.22 57.72 -9.43
C ALA B 65 24.18 56.38 -8.72
N LEU B 66 24.32 56.40 -7.38
CA LEU B 66 24.34 55.16 -6.63
C LEU B 66 22.96 54.52 -6.54
N ASN B 67 21.90 55.33 -6.48
CA ASN B 67 20.55 54.76 -6.48
C ASN B 67 20.27 54.02 -7.78
N ALA B 68 20.75 54.56 -8.91
CA ALA B 68 20.59 53.87 -10.18
C ALA B 68 21.39 52.58 -10.22
N VAL B 69 22.52 52.54 -9.51
CA VAL B 69 23.31 51.31 -9.43
C VAL B 69 22.66 50.30 -8.51
N ALA B 70 22.28 50.73 -7.30
CA ALA B 70 21.61 49.83 -6.36
C ALA B 70 20.30 49.30 -6.93
N ASN B 71 19.64 50.08 -7.78
CA ASN B 71 18.47 49.59 -8.49
C ASN B 71 18.83 48.52 -9.52
N ARG B 72 20.06 48.51 -10.02
CA ARG B 72 20.43 47.54 -11.06
C ARG B 72 20.66 46.15 -10.48
N ARG B 73 21.41 46.06 -9.39
CA ARG B 73 21.60 44.75 -8.78
C ARG B 73 20.31 44.20 -8.18
N ALA B 74 19.32 45.05 -7.94
CA ALA B 74 18.02 44.58 -7.49
C ALA B 74 17.20 44.00 -8.62
N TRP B 75 17.37 44.53 -9.84
CA TRP B 75 16.61 44.03 -10.98
C TRP B 75 17.03 42.62 -11.36
N LYS B 76 18.28 42.26 -11.09
CA LYS B 76 18.79 40.92 -11.39
C LYS B 76 18.35 39.93 -10.32
N PHE B 87 29.50 42.43 -10.22
CA PHE B 87 30.87 42.91 -10.33
C PHE B 87 30.96 44.06 -11.32
N ASP B 88 30.11 43.99 -12.36
CA ASP B 88 29.92 45.17 -13.20
C ASP B 88 29.19 46.25 -12.42
N VAL B 89 28.35 45.86 -11.46
CA VAL B 89 27.70 46.82 -10.58
C VAL B 89 28.60 47.20 -9.39
N GLY B 90 29.44 46.27 -8.92
CA GLY B 90 30.42 46.63 -7.92
C GLY B 90 31.48 47.56 -8.46
N GLY B 91 31.95 47.29 -9.68
CA GLY B 91 32.92 48.18 -10.32
C GLY B 91 32.33 49.53 -10.68
N THR B 92 31.05 49.57 -11.05
CA THR B 92 30.40 50.84 -11.36
C THR B 92 30.00 51.61 -10.10
N SER B 93 29.89 50.95 -8.95
CA SER B 93 29.45 51.61 -7.72
C SER B 93 30.57 52.29 -6.97
N GLU B 94 31.76 51.67 -6.88
CA GLU B 94 32.83 52.25 -6.08
C GLU B 94 33.53 53.40 -6.79
N GLU B 95 33.36 53.54 -8.11
CA GLU B 95 33.89 54.73 -8.77
C GLU B 95 33.15 55.99 -8.32
N ASP B 96 31.86 55.86 -8.01
CA ASP B 96 31.11 57.01 -7.51
C ASP B 96 31.49 57.34 -6.08
N GLN B 97 31.67 56.32 -5.23
CA GLN B 97 32.20 56.56 -3.89
C GLN B 97 33.59 57.19 -3.96
N ASN B 98 34.37 56.84 -4.99
CA ASN B 98 35.64 57.50 -5.21
C ASN B 98 35.44 58.95 -5.61
N GLU B 99 34.49 59.21 -6.53
CA GLU B 99 34.18 60.58 -6.91
C GLU B 99 33.62 61.36 -5.73
N ALA B 100 32.82 60.71 -4.88
CA ALA B 100 32.41 61.34 -3.63
C ALA B 100 33.61 61.62 -2.74
N GLY B 101 34.64 60.78 -2.82
CA GLY B 101 35.88 61.07 -2.11
C GLY B 101 36.65 62.22 -2.75
N HIS B 102 36.61 62.30 -4.08
CA HIS B 102 37.22 63.43 -4.78
C HIS B 102 36.60 64.74 -4.29
N ASN B 103 35.27 64.81 -4.25
CA ASN B 103 34.59 66.05 -3.89
C ASN B 103 34.90 66.47 -2.46
N SER B 104 34.99 65.51 -1.54
CA SER B 104 35.08 65.84 -0.12
C SER B 104 36.43 66.47 0.22
N PHE B 105 37.52 65.88 -0.26
CA PHE B 105 38.86 66.30 0.13
C PHE B 105 39.63 67.01 -0.98
N LEU B 106 39.57 66.50 -2.21
CA LEU B 106 40.44 67.02 -3.26
C LEU B 106 40.13 68.48 -3.60
N ALA B 107 38.88 68.90 -3.41
CA ALA B 107 38.46 70.26 -3.74
C ALA B 107 38.52 71.21 -2.55
N ARG B 108 39.39 70.94 -1.59
CA ARG B 108 39.59 71.85 -0.46
C ARG B 108 40.66 72.91 -0.75
N LEU B 109 41.05 73.06 -2.01
CA LEU B 109 42.00 74.10 -2.40
C LEU B 109 41.36 75.48 -2.32
N PRO B 125 39.09 70.33 -12.79
CA PRO B 125 39.51 68.94 -12.99
C PRO B 125 38.35 67.97 -12.77
N SER B 126 38.44 67.19 -11.69
CA SER B 126 37.34 66.30 -11.33
C SER B 126 36.06 67.09 -11.08
N VAL B 127 36.18 68.33 -10.62
CA VAL B 127 35.01 69.13 -10.29
C VAL B 127 34.27 69.52 -11.57
N LEU B 128 34.97 70.13 -12.52
CA LEU B 128 34.30 70.63 -13.72
C LEU B 128 33.84 69.48 -14.61
N ASP B 129 34.70 68.49 -14.82
CA ASP B 129 34.42 67.41 -15.77
C ASP B 129 33.24 66.56 -15.31
N GLU B 130 33.43 65.82 -14.20
CA GLU B 130 32.43 64.83 -13.80
C GLU B 130 31.09 65.48 -13.49
N VAL B 131 31.11 66.55 -12.69
CA VAL B 131 29.87 67.13 -12.18
C VAL B 131 28.98 67.59 -13.33
N ASN B 132 29.48 68.54 -14.15
CA ASN B 132 28.66 69.08 -15.22
C ASN B 132 28.23 68.01 -16.21
N GLU B 133 29.06 67.00 -16.44
CA GLU B 133 28.67 65.92 -17.35
C GLU B 133 27.57 65.07 -16.74
N ARG B 134 27.67 64.75 -15.45
CA ARG B 134 26.64 63.94 -14.80
C ARG B 134 25.29 64.65 -14.82
N VAL B 135 25.28 65.95 -14.56
CA VAL B 135 24.03 66.70 -14.55
C VAL B 135 23.41 66.74 -15.94
N ALA B 136 24.23 67.00 -16.96
CA ALA B 136 23.75 66.94 -18.33
C ALA B 136 23.37 65.54 -18.75
N ALA B 137 23.93 64.51 -18.10
CA ALA B 137 23.52 63.14 -18.40
C ALA B 137 22.13 62.86 -17.86
N ILE B 138 21.86 63.27 -16.61
CA ILE B 138 20.56 63.02 -16.00
C ILE B 138 19.48 63.88 -16.66
N LEU B 139 19.78 65.15 -16.93
CA LEU B 139 18.79 66.05 -17.49
C LEU B 139 18.44 65.69 -18.93
N GLY B 140 19.30 64.96 -19.63
CA GLY B 140 19.04 64.52 -20.99
C GLY B 140 18.57 63.10 -21.13
N ALA B 141 18.29 62.41 -20.01
CA ALA B 141 17.88 61.00 -20.03
C ALA B 141 18.88 60.13 -20.76
N LYS B 142 20.15 60.30 -20.44
CA LYS B 142 21.08 59.60 -21.31
C LYS B 142 21.50 58.26 -20.73
N PRO B 143 21.66 57.25 -21.59
CA PRO B 143 22.12 55.94 -21.12
C PRO B 143 23.56 55.98 -20.62
N ASN B 144 24.12 54.80 -20.32
CA ASN B 144 25.40 54.63 -19.64
C ASN B 144 25.53 55.60 -18.48
N ARG B 145 24.39 55.96 -17.88
CA ARG B 145 24.35 56.95 -16.81
C ARG B 145 25.08 56.48 -15.56
N HIS B 146 25.30 55.18 -15.42
CA HIS B 146 25.77 54.63 -14.15
C HIS B 146 27.12 55.22 -13.76
N VAL B 147 28.15 54.98 -14.57
CA VAL B 147 29.52 55.33 -14.24
C VAL B 147 30.02 56.33 -15.29
N PRO B 148 30.63 57.44 -14.88
CA PRO B 148 31.45 58.24 -15.80
C PRO B 148 32.88 57.73 -15.80
N PRO B 149 33.76 58.26 -16.69
CA PRO B 149 35.17 57.89 -16.81
C PRO B 149 35.85 57.43 -15.53
N ASN B 173 13.73 48.90 -26.57
CA ASN B 173 13.55 49.41 -25.21
C ASN B 173 14.89 49.74 -24.58
N VAL B 174 14.86 50.11 -23.29
CA VAL B 174 16.08 50.48 -22.57
C VAL B 174 16.71 49.21 -22.02
N SER B 175 17.83 49.36 -21.29
CA SER B 175 18.58 48.22 -20.80
C SER B 175 17.71 47.33 -19.92
N LYS B 176 17.77 46.03 -20.16
CA LYS B 176 17.05 45.03 -19.37
C LYS B 176 17.75 44.67 -18.07
N ASP B 177 18.87 45.32 -17.77
CA ASP B 177 19.57 45.11 -16.51
C ASP B 177 19.16 46.11 -15.43
N GLY B 178 18.35 47.11 -15.78
CA GLY B 178 17.78 48.01 -14.81
C GLY B 178 16.28 48.03 -14.94
N PRO B 179 15.60 48.67 -13.99
CA PRO B 179 14.13 48.71 -14.01
C PRO B 179 13.60 49.30 -15.32
N ASN B 180 12.60 48.64 -15.88
CA ASN B 180 12.00 49.05 -17.15
C ASN B 180 10.65 48.37 -17.30
N GLY B 181 9.93 48.76 -18.34
CA GLY B 181 8.65 48.14 -18.66
C GLY B 181 7.58 48.41 -17.62
N ARG B 182 6.44 47.76 -17.83
CA ARG B 182 5.32 47.89 -16.92
C ARG B 182 5.64 47.25 -15.57
N PRO B 183 5.03 47.73 -14.49
CA PRO B 183 5.33 47.22 -13.16
C PRO B 183 4.50 46.00 -12.80
N GLN B 184 5.03 45.21 -11.86
CA GLN B 184 4.28 44.09 -11.31
C GLN B 184 3.23 44.56 -10.32
N SER B 185 3.64 45.36 -9.34
CA SER B 185 2.73 45.91 -8.34
C SER B 185 3.10 47.36 -8.06
N MET B 186 2.20 48.07 -7.39
CA MET B 186 2.50 49.42 -6.94
C MET B 186 3.75 49.50 -6.07
N ASP B 187 4.18 48.37 -5.51
CA ASP B 187 5.41 48.31 -4.72
C ASP B 187 6.59 48.87 -5.48
N ASP B 188 6.67 48.60 -6.80
CA ASP B 188 7.87 48.88 -7.57
C ASP B 188 8.22 50.36 -7.65
N TYR B 189 7.26 51.26 -7.49
CA TYR B 189 7.57 52.68 -7.54
C TYR B 189 8.21 53.16 -6.25
N ALA B 190 7.75 52.66 -5.10
CA ALA B 190 8.39 52.99 -3.83
C ALA B 190 9.78 52.36 -3.76
N ASN B 191 9.92 51.12 -4.24
CA ASN B 191 11.20 50.42 -4.17
C ASN B 191 12.29 51.13 -4.96
N LEU B 192 11.94 52.04 -5.87
CA LEU B 192 12.95 52.74 -6.66
C LEU B 192 13.87 53.58 -5.81
N PHE B 193 13.36 54.13 -4.71
CA PHE B 193 14.18 54.92 -3.77
C PHE B 193 14.96 53.94 -2.91
N ARG B 194 16.21 53.66 -3.29
CA ARG B 194 17.05 52.70 -2.58
C ARG B 194 18.22 53.37 -1.88
N ARG B 195 18.98 54.20 -2.57
CA ARG B 195 20.02 55.03 -1.96
C ARG B 195 19.55 56.47 -1.75
N ILE B 196 18.38 56.83 -2.27
CA ILE B 196 17.73 58.09 -1.95
C ILE B 196 16.54 57.78 -1.04
N THR B 197 15.83 58.80 -0.60
CA THR B 197 14.79 58.66 0.40
C THR B 197 13.41 58.88 -0.21
N LEU B 198 12.49 57.96 0.09
CA LEU B 198 11.11 58.10 -0.35
C LEU B 198 10.50 59.36 0.26
N PRO B 199 9.83 60.20 -0.54
CA PRO B 199 9.22 61.40 0.02
C PRO B 199 8.02 61.05 0.89
N PRO B 200 7.76 61.85 1.93
CA PRO B 200 6.62 61.54 2.82
C PRO B 200 5.26 61.67 2.16
N ILE B 201 5.17 62.20 0.95
CA ILE B 201 3.89 62.28 0.25
C ILE B 201 3.50 60.92 -0.33
N ALA B 202 4.45 59.99 -0.48
CA ALA B 202 4.18 58.68 -1.04
C ALA B 202 3.33 57.80 -0.14
N SER B 203 2.94 58.29 1.04
CA SER B 203 2.05 57.57 1.93
C SER B 203 0.81 58.37 2.31
N THR B 204 0.63 59.57 1.74
CA THR B 204 -0.50 60.42 2.07
C THR B 204 -1.22 60.99 0.85
N TRP B 205 -0.76 60.67 -0.37
CA TRP B 205 -1.24 61.42 -1.53
C TRP B 205 -2.68 61.07 -1.91
N LYS B 206 -3.14 59.86 -1.59
CA LYS B 206 -4.49 59.48 -1.99
C LYS B 206 -5.57 60.18 -1.16
N ASN B 207 -5.21 60.88 -0.10
CA ASN B 207 -6.18 61.56 0.74
C ASN B 207 -6.65 62.86 0.09
N ASP B 208 -7.94 63.14 0.20
CA ASP B 208 -8.47 64.41 -0.28
C ASP B 208 -7.85 65.58 0.47
N SER B 209 -7.40 65.35 1.71
CA SER B 209 -6.71 66.40 2.45
C SER B 209 -5.41 66.80 1.76
N ALA B 210 -4.68 65.82 1.22
CA ALA B 210 -3.41 66.11 0.57
C ALA B 210 -3.62 66.70 -0.81
N PHE B 211 -4.60 66.20 -1.57
CA PHE B 211 -4.84 66.70 -2.92
C PHE B 211 -5.12 68.20 -2.90
N ALA B 212 -5.80 68.69 -1.87
CA ALA B 212 -6.09 70.10 -1.76
C ALA B 212 -4.89 70.91 -1.26
N ALA B 213 -4.01 70.29 -0.47
CA ALA B 213 -2.81 70.97 0.00
C ALA B 213 -1.86 71.35 -1.13
N TYR B 214 -1.92 70.65 -2.26
CA TYR B 214 -1.06 70.98 -3.39
C TYR B 214 -1.38 72.36 -3.94
N ARG B 215 -2.66 72.76 -3.92
CA ARG B 215 -3.08 74.03 -4.49
C ARG B 215 -2.76 75.20 -3.58
N VAL B 216 -2.52 74.96 -2.30
CA VAL B 216 -2.20 76.01 -1.34
C VAL B 216 -0.79 75.89 -0.77
N ALA B 217 -0.12 74.75 -0.94
CA ALA B 217 1.23 74.60 -0.41
C ALA B 217 2.07 73.61 -1.20
N GLY B 218 1.76 73.36 -2.46
CA GLY B 218 2.49 72.39 -3.25
C GLY B 218 3.37 73.05 -4.28
N PRO B 219 3.65 72.34 -5.37
CA PRO B 219 4.48 72.91 -6.44
C PRO B 219 3.90 74.19 -7.01
N ASN B 220 2.74 74.06 -7.65
CA ASN B 220 2.03 75.19 -8.23
C ASN B 220 0.94 75.60 -7.24
N ALA B 221 1.29 76.53 -6.35
CA ALA B 221 0.41 76.96 -5.26
C ALA B 221 -0.12 78.37 -5.46
N SER B 222 -0.27 78.80 -6.72
CA SER B 222 -0.71 80.16 -7.02
C SER B 222 -1.76 80.15 -8.12
N MET B 223 -2.49 79.05 -8.27
CA MET B 223 -3.42 78.88 -9.39
C MET B 223 -4.88 79.01 -9.00
N ILE B 224 -5.22 78.94 -7.71
CA ILE B 224 -6.62 79.04 -7.33
C ILE B 224 -7.10 80.48 -7.46
N GLN B 225 -8.40 80.65 -7.72
CA GLN B 225 -8.97 81.98 -7.88
C GLN B 225 -10.42 81.94 -7.41
N ARG B 226 -10.75 82.78 -6.43
CA ARG B 226 -12.09 82.78 -5.86
C ARG B 226 -13.13 83.11 -6.91
N ILE B 227 -14.27 82.41 -6.85
CA ILE B 227 -15.35 82.60 -7.79
C ILE B 227 -16.63 82.93 -7.02
N THR B 228 -17.46 83.79 -7.61
CA THR B 228 -18.78 84.07 -7.08
C THR B 228 -19.87 83.28 -7.79
N GLU B 229 -19.61 82.81 -9.00
CA GLU B 229 -20.52 81.94 -9.73
C GLU B 229 -19.71 80.89 -10.47
N LEU B 230 -20.21 79.67 -10.49
CA LEU B 230 -19.52 78.60 -11.18
C LEU B 230 -19.48 78.88 -12.69
N PRO B 231 -18.39 78.53 -13.36
CA PRO B 231 -18.31 78.78 -14.80
C PRO B 231 -19.39 78.01 -15.56
N ASP B 232 -19.66 78.49 -16.78
CA ASP B 232 -20.77 77.95 -17.56
C ASP B 232 -20.56 76.47 -17.91
N ASN B 233 -19.30 76.05 -18.05
CA ASN B 233 -18.99 74.68 -18.45
C ASN B 233 -18.72 73.76 -17.27
N PHE B 234 -18.82 74.25 -16.03
CA PHE B 234 -18.53 73.48 -14.83
C PHE B 234 -19.74 73.57 -13.91
N ALA B 235 -20.68 72.64 -14.07
CA ALA B 235 -21.95 72.69 -13.38
C ALA B 235 -21.97 71.70 -12.22
N VAL B 236 -21.17 71.99 -11.21
CA VAL B 236 -21.24 71.23 -9.97
C VAL B 236 -22.52 71.61 -9.24
N THR B 237 -23.16 70.64 -8.62
CA THR B 237 -24.45 70.83 -8.00
C THR B 237 -24.33 70.74 -6.48
N ASP B 238 -25.40 71.19 -5.80
CA ASP B 238 -25.43 71.12 -4.34
C ASP B 238 -25.37 69.68 -3.83
N ALA B 239 -25.66 68.70 -4.69
CA ALA B 239 -25.47 67.31 -4.31
C ALA B 239 -23.99 66.95 -4.24
N HIS B 240 -23.25 67.24 -5.31
CA HIS B 240 -21.80 67.07 -5.28
C HIS B 240 -21.18 67.87 -4.15
N TYR B 241 -21.76 69.03 -3.82
CA TYR B 241 -21.21 69.87 -2.76
C TYR B 241 -21.46 69.25 -1.39
N LYS B 242 -22.70 68.84 -1.12
CA LYS B 242 -23.01 68.21 0.15
C LYS B 242 -22.24 66.90 0.34
N GLN B 243 -21.89 66.23 -0.76
CA GLN B 243 -21.08 65.03 -0.67
C GLN B 243 -19.69 65.30 -0.10
N ALA B 244 -19.26 66.57 -0.10
CA ALA B 244 -17.92 66.93 0.34
C ALA B 244 -17.89 67.82 1.57
N MET B 245 -18.87 68.72 1.73
CA MET B 245 -18.84 69.70 2.82
C MET B 245 -20.02 69.53 3.77
N GLY B 246 -20.52 68.31 3.91
CA GLY B 246 -21.56 68.02 4.87
C GLY B 246 -22.95 68.41 4.39
N GLU B 247 -23.95 67.84 5.06
CA GLU B 247 -25.34 68.07 4.67
C GLU B 247 -25.89 69.39 5.20
N GLY B 248 -25.20 70.02 6.15
CA GLY B 248 -25.66 71.26 6.73
C GLY B 248 -25.04 72.49 6.12
N ASP B 249 -24.56 72.36 4.89
CA ASP B 249 -23.99 73.48 4.15
C ASP B 249 -24.61 73.52 2.75
N SER B 250 -24.45 74.66 2.08
CA SER B 250 -25.08 74.87 0.78
C SER B 250 -24.05 75.42 -0.21
N LEU B 251 -24.19 75.00 -1.48
CA LEU B 251 -23.36 75.58 -2.53
C LEU B 251 -23.68 77.06 -2.71
N ASP B 252 -24.96 77.42 -2.61
CA ASP B 252 -25.35 78.83 -2.69
C ASP B 252 -24.74 79.63 -1.54
N ALA B 253 -24.75 79.06 -0.33
CA ALA B 253 -24.18 79.75 0.81
C ALA B 253 -22.67 79.94 0.65
N ALA B 254 -22.02 79.08 -0.13
CA ALA B 254 -20.58 79.17 -0.29
C ALA B 254 -20.19 80.30 -1.24
N LYS B 255 -20.90 80.46 -2.35
CA LYS B 255 -20.55 81.46 -3.35
C LYS B 255 -20.89 82.88 -2.92
N ALA B 256 -21.53 83.07 -1.76
CA ALA B 256 -21.80 84.42 -1.25
C ALA B 256 -20.83 84.85 -0.16
N GLU B 257 -20.29 83.91 0.60
CA GLU B 257 -19.35 84.20 1.68
C GLU B 257 -17.90 84.10 1.23
N GLY B 258 -17.65 83.99 -0.07
CA GLY B 258 -16.28 83.93 -0.56
C GLY B 258 -15.55 82.65 -0.23
N ARG B 259 -16.27 81.53 -0.13
CA ARG B 259 -15.68 80.26 0.26
C ARG B 259 -15.52 79.29 -0.91
N LEU B 260 -15.74 79.75 -2.14
CA LEU B 260 -15.51 78.95 -3.34
C LEU B 260 -14.21 79.37 -4.00
N PHE B 261 -13.48 78.39 -4.52
CA PHE B 261 -12.20 78.65 -5.18
C PHE B 261 -12.04 77.62 -6.30
N LEU B 262 -11.81 78.11 -7.53
CA LEU B 262 -11.67 77.24 -8.68
C LEU B 262 -10.22 77.21 -9.16
N ALA B 263 -9.85 76.08 -9.76
CA ALA B 263 -8.56 75.92 -10.41
C ALA B 263 -8.81 75.41 -11.83
N ASP B 264 -8.27 76.11 -12.83
CA ASP B 264 -8.54 75.80 -14.22
C ASP B 264 -7.23 75.67 -14.98
N TRP B 265 -6.97 74.48 -15.51
CA TRP B 265 -5.82 74.24 -16.38
C TRP B 265 -6.21 74.37 -17.85
N LYS B 266 -6.88 75.49 -18.18
CA LYS B 266 -7.36 75.68 -19.54
C LYS B 266 -6.20 75.77 -20.53
N LEU B 267 -5.07 76.33 -20.09
CA LEU B 267 -3.94 76.52 -20.99
C LEU B 267 -3.38 75.20 -21.49
N ILE B 268 -3.45 74.15 -20.67
CA ILE B 268 -2.83 72.88 -21.03
C ILE B 268 -3.47 72.30 -22.29
N GLY B 269 -4.79 72.13 -22.27
CA GLY B 269 -5.49 71.57 -23.42
C GLY B 269 -5.38 72.40 -24.68
N GLU B 270 -5.08 73.70 -24.53
CA GLU B 270 -4.98 74.57 -25.71
C GLU B 270 -3.62 74.53 -26.36
N THR B 271 -2.57 74.19 -25.63
CA THR B 271 -1.22 74.17 -26.16
C THR B 271 -0.60 72.78 -26.23
N LEU B 272 -0.79 71.95 -25.19
CA LEU B 272 -0.18 70.64 -25.17
C LEU B 272 -0.87 69.70 -26.15
N VAL B 273 -0.08 68.85 -26.79
CA VAL B 273 -0.58 67.87 -27.75
C VAL B 273 0.07 66.53 -27.41
N ASN B 274 -0.76 65.51 -27.18
CA ASN B 274 -0.27 64.26 -26.61
C ASN B 274 0.63 63.53 -27.59
N ASN B 275 1.84 63.20 -27.13
CA ASN B 275 2.76 62.34 -27.85
C ASN B 275 2.68 60.92 -27.25
N THR B 276 3.59 60.05 -27.65
CA THR B 276 3.64 58.69 -27.16
C THR B 276 5.08 58.33 -26.77
N TYR B 277 5.21 57.29 -25.95
CA TYR B 277 6.51 56.78 -25.53
C TYR B 277 6.59 55.32 -25.97
N LYS B 278 7.42 55.05 -26.98
CA LYS B 278 7.61 53.70 -27.51
C LYS B 278 6.27 53.08 -27.93
N GLY B 279 5.41 53.91 -28.52
CA GLY B 279 4.08 53.52 -28.90
C GLY B 279 3.02 53.69 -27.82
N ALA B 280 3.42 53.69 -26.55
CA ALA B 280 2.46 53.83 -25.46
C ALA B 280 1.92 55.25 -25.40
N GLN B 281 0.60 55.37 -25.39
CA GLN B 281 -0.04 56.67 -25.38
C GLN B 281 0.10 57.34 -24.03
N LYS B 282 0.51 58.61 -24.03
CA LYS B 282 0.54 59.45 -22.84
C LYS B 282 -0.57 60.50 -22.93
N THR B 283 -1.10 60.88 -21.78
CA THR B 283 -2.34 61.64 -21.74
C THR B 283 -2.29 62.74 -20.69
N VAL B 284 -2.84 63.91 -21.05
CA VAL B 284 -3.02 65.02 -20.13
C VAL B 284 -4.30 65.74 -20.51
N TYR B 285 -5.01 66.26 -19.51
CA TYR B 285 -6.30 66.91 -19.70
C TYR B 285 -6.21 68.39 -19.38
N ALA B 286 -7.37 69.06 -19.41
CA ALA B 286 -7.50 70.47 -19.05
C ALA B 286 -8.54 70.59 -17.95
N PRO B 287 -8.22 70.15 -16.74
CA PRO B 287 -9.24 69.99 -15.71
C PRO B 287 -9.72 71.29 -15.09
N LEU B 288 -10.95 71.24 -14.60
CA LEU B 288 -11.50 72.27 -13.72
C LEU B 288 -11.76 71.62 -12.37
N ALA B 289 -11.10 72.11 -11.33
CA ALA B 289 -11.26 71.60 -9.98
C ALA B 289 -11.88 72.69 -9.11
N LEU B 290 -12.93 72.32 -8.38
CA LEU B 290 -13.60 73.24 -7.45
C LEU B 290 -13.27 72.85 -6.02
N PHE B 291 -12.77 73.80 -5.25
CA PHE B 291 -12.46 73.59 -3.84
C PHE B 291 -13.30 74.54 -2.99
N ALA B 292 -13.49 74.17 -1.74
CA ALA B 292 -14.25 74.98 -0.80
C ALA B 292 -13.51 75.01 0.54
N VAL B 293 -13.93 75.93 1.39
CA VAL B 293 -13.45 76.00 2.77
C VAL B 293 -14.66 75.93 3.69
N PRO B 294 -14.53 75.39 4.89
CA PRO B 294 -15.68 75.26 5.79
C PRO B 294 -16.27 76.60 6.14
N PRO B 295 -17.53 76.65 6.57
CA PRO B 295 -18.10 77.91 7.07
C PRO B 295 -17.36 78.38 8.31
N GLY B 296 -16.94 79.64 8.29
CA GLY B 296 -16.16 80.22 9.35
C GLY B 296 -14.66 80.22 9.14
N GLY B 297 -14.19 79.69 8.03
CA GLY B 297 -12.78 79.65 7.73
C GLY B 297 -12.17 78.28 7.98
N GLY B 298 -11.16 77.95 7.19
CA GLY B 298 -10.49 76.67 7.34
C GLY B 298 -9.62 76.37 6.13
N SER B 299 -9.08 75.15 6.14
CA SER B 299 -8.22 74.72 5.06
C SER B 299 -9.03 74.43 3.80
N LEU B 300 -8.32 74.27 2.68
CA LEU B 300 -8.98 74.00 1.42
C LEU B 300 -9.46 72.55 1.37
N ALA B 301 -10.63 72.34 0.75
CA ALA B 301 -11.24 71.02 0.67
C ALA B 301 -11.80 70.81 -0.74
N PRO B 302 -11.47 69.70 -1.38
CA PRO B 302 -11.95 69.47 -2.75
C PRO B 302 -13.45 69.17 -2.78
N VAL B 303 -14.09 69.58 -3.88
CA VAL B 303 -15.52 69.39 -4.06
C VAL B 303 -15.78 68.54 -5.29
N ALA B 304 -15.30 69.00 -6.45
CA ALA B 304 -15.57 68.33 -7.71
C ALA B 304 -14.38 68.49 -8.64
N ILE B 305 -14.38 67.68 -9.70
CA ILE B 305 -13.36 67.74 -10.75
C ILE B 305 -14.03 67.44 -12.09
N GLN B 306 -13.66 68.19 -13.12
CA GLN B 306 -14.08 67.90 -14.48
C GLN B 306 -12.85 67.71 -15.36
N PRO B 307 -12.61 66.51 -15.90
CA PRO B 307 -11.37 66.26 -16.64
C PRO B 307 -11.17 67.15 -17.86
N GLY B 308 -12.04 67.03 -18.85
CA GLY B 308 -11.93 67.84 -20.04
C GLY B 308 -12.60 69.19 -19.89
N GLN B 309 -12.27 70.09 -20.83
CA GLN B 309 -12.82 71.45 -20.75
C GLN B 309 -14.31 71.47 -21.07
N THR B 310 -14.75 70.67 -22.03
CA THR B 310 -16.14 70.74 -22.43
C THR B 310 -16.92 69.53 -21.91
N PRO B 311 -18.14 69.75 -21.38
CA PRO B 311 -18.93 68.66 -20.78
C PRO B 311 -19.58 67.75 -21.83
N SER B 312 -18.74 67.01 -22.54
CA SER B 312 -19.20 66.04 -23.52
C SER B 312 -19.81 64.85 -22.81
N PRO B 313 -20.44 63.92 -23.55
CA PRO B 313 -20.85 62.65 -22.92
C PRO B 313 -19.68 61.90 -22.29
N THR B 314 -18.50 61.98 -22.90
CA THR B 314 -17.31 61.28 -22.41
C THR B 314 -16.57 62.05 -21.32
N ASN B 315 -17.02 63.25 -20.96
CA ASN B 315 -16.37 64.08 -19.96
C ASN B 315 -17.43 64.53 -18.95
N LYS B 316 -17.44 63.91 -17.77
CA LYS B 316 -18.44 64.18 -16.76
C LYS B 316 -17.78 64.77 -15.51
N ILE B 317 -18.60 65.33 -14.64
CA ILE B 317 -18.14 65.85 -13.36
C ILE B 317 -18.05 64.70 -12.37
N TYR B 318 -16.93 64.63 -11.66
CA TYR B 318 -16.69 63.59 -10.67
C TYR B 318 -16.72 64.19 -9.27
N ALA B 319 -17.25 63.44 -8.31
CA ALA B 319 -17.49 63.92 -6.96
C ALA B 319 -16.71 63.10 -5.95
N THR B 320 -16.78 63.54 -4.68
CA THR B 320 -15.91 63.00 -3.64
C THR B 320 -16.23 61.54 -3.32
N GLN B 321 -17.47 61.12 -3.47
CA GLN B 321 -17.87 59.75 -3.16
C GLN B 321 -17.89 58.84 -4.39
N ASP B 322 -17.14 59.20 -5.42
CA ASP B 322 -17.15 58.45 -6.68
C ASP B 322 -16.13 57.32 -6.73
N GLY B 323 -15.53 56.96 -5.59
CA GLY B 323 -14.68 55.79 -5.54
C GLY B 323 -13.46 55.92 -6.43
N ASN B 324 -13.09 54.79 -7.06
CA ASN B 324 -11.89 54.75 -7.90
C ASN B 324 -11.95 55.74 -9.05
N ASP B 325 -13.14 56.17 -9.44
CA ASP B 325 -13.25 57.24 -10.43
C ASP B 325 -12.82 58.57 -9.84
N TRP B 326 -13.17 58.83 -8.58
CA TRP B 326 -12.76 60.07 -7.92
C TRP B 326 -11.24 60.11 -7.73
N LEU B 327 -10.64 58.97 -7.37
CA LEU B 327 -9.18 58.95 -7.21
C LEU B 327 -8.49 59.19 -8.54
N ALA B 328 -9.04 58.63 -9.62
CA ALA B 328 -8.45 58.85 -10.94
C ALA B 328 -8.74 60.26 -11.43
N ALA B 329 -9.85 60.86 -11.02
CA ALA B 329 -10.12 62.25 -11.37
C ALA B 329 -9.10 63.18 -10.73
N LYS B 330 -8.53 62.79 -9.60
CA LYS B 330 -7.47 63.58 -8.98
C LYS B 330 -6.13 63.29 -9.62
N SER B 331 -5.83 62.00 -9.87
CA SER B 331 -4.59 61.65 -10.55
C SER B 331 -4.48 62.31 -11.92
N ALA B 332 -5.62 62.61 -12.55
CA ALA B 332 -5.60 63.31 -13.83
C ALA B 332 -5.33 64.80 -13.64
N VAL B 333 -5.94 65.41 -12.63
CA VAL B 333 -5.65 66.81 -12.31
C VAL B 333 -4.15 67.00 -12.09
N GLN B 334 -3.55 66.11 -11.32
CA GLN B 334 -2.14 66.27 -10.95
C GLN B 334 -1.22 66.10 -12.14
N VAL B 335 -1.63 65.36 -13.16
CA VAL B 335 -0.85 65.29 -14.39
C VAL B 335 -0.76 66.67 -15.03
N ALA B 336 -1.90 67.33 -15.20
CA ALA B 336 -1.90 68.69 -15.73
C ALA B 336 -1.10 69.62 -14.84
N GLU B 337 -1.17 69.41 -13.52
CA GLU B 337 -0.37 70.21 -12.60
C GLU B 337 1.12 69.97 -12.82
N GLY B 338 1.52 68.70 -12.93
CA GLY B 338 2.91 68.39 -13.19
C GLY B 338 3.42 68.97 -14.49
N ASN B 339 2.53 69.12 -15.48
CA ASN B 339 2.90 69.79 -16.72
C ASN B 339 2.85 71.31 -16.55
N TYR B 340 1.74 71.82 -16.00
CA TYR B 340 1.59 73.27 -15.84
C TYR B 340 2.67 73.84 -14.93
N HIS B 341 2.96 73.16 -13.82
CA HIS B 341 4.00 73.66 -12.92
C HIS B 341 5.35 73.71 -13.62
N GLU B 342 5.73 72.63 -14.30
CA GLU B 342 7.10 72.49 -14.77
C GLU B 342 7.42 73.47 -15.88
N LEU B 343 6.45 73.82 -16.72
CA LEU B 343 6.72 74.69 -17.85
C LEU B 343 6.10 76.07 -17.73
N VAL B 344 5.12 76.28 -16.86
CA VAL B 344 4.56 77.60 -16.66
C VAL B 344 5.10 78.18 -15.37
N SER B 345 4.70 77.59 -14.23
CA SER B 345 5.10 78.13 -12.93
C SER B 345 6.61 78.13 -12.77
N HIS B 346 7.28 77.12 -13.32
CA HIS B 346 8.68 76.86 -13.01
C HIS B 346 9.61 77.43 -14.08
N LEU B 347 9.70 76.75 -15.23
CA LEU B 347 10.59 77.23 -16.28
C LEU B 347 10.04 78.47 -16.95
N GLY B 348 8.73 78.54 -17.14
CA GLY B 348 8.13 79.69 -17.80
C GLY B 348 8.31 81.01 -17.08
N LEU B 349 7.88 81.10 -15.83
CA LEU B 349 7.75 82.38 -15.14
C LEU B 349 8.82 82.60 -14.08
N THR B 350 9.84 81.76 -14.02
CA THR B 350 10.99 82.03 -13.15
C THR B 350 12.28 81.85 -13.92
N HIS B 351 12.47 80.66 -14.48
CA HIS B 351 13.70 80.39 -15.23
C HIS B 351 13.81 81.27 -16.46
N LEU B 352 12.76 81.32 -17.27
CA LEU B 352 12.80 82.01 -18.56
C LEU B 352 12.37 83.47 -18.48
N LEU B 353 11.77 83.91 -17.38
CA LEU B 353 11.43 85.32 -17.25
C LEU B 353 12.66 86.16 -16.91
N LEU B 354 13.66 85.55 -16.29
CA LEU B 354 14.85 86.28 -15.87
C LEU B 354 15.93 86.34 -16.95
N GLU B 355 15.94 85.37 -17.87
CA GLU B 355 16.96 85.36 -18.92
C GLU B 355 17.03 86.66 -19.72
N PRO B 356 15.92 87.28 -20.15
CA PRO B 356 16.04 88.60 -20.78
C PRO B 356 16.47 89.68 -19.81
N ILE B 357 16.03 89.61 -18.55
CA ILE B 357 16.41 90.61 -17.56
C ILE B 357 17.88 90.47 -17.18
N VAL B 358 18.41 89.25 -17.19
CA VAL B 358 19.84 89.06 -16.95
C VAL B 358 20.66 89.72 -18.06
N MET B 359 20.27 89.49 -19.31
CA MET B 359 21.08 89.94 -20.45
C MET B 359 21.13 91.46 -20.54
N ALA B 360 20.02 92.14 -20.27
CA ALA B 360 20.00 93.59 -20.38
C ALA B 360 20.86 94.24 -19.30
N THR B 361 20.85 93.69 -18.09
CA THR B 361 21.65 94.26 -17.01
C THR B 361 23.14 94.14 -17.32
N TYR B 362 23.55 93.03 -17.95
CA TYR B 362 24.94 92.90 -18.36
C TYR B 362 25.27 93.84 -19.51
N ARG B 363 24.32 94.05 -20.44
CA ARG B 363 24.61 94.79 -21.66
C ARG B 363 24.36 96.29 -21.54
N GLN B 364 23.53 96.73 -20.60
CA GLN B 364 23.19 98.13 -20.49
C GLN B 364 23.63 98.79 -19.19
N LEU B 365 23.69 98.04 -18.09
CA LEU B 365 24.12 98.60 -16.81
C LEU B 365 25.60 98.36 -16.62
N ALA B 366 26.35 99.44 -16.47
CA ALA B 366 27.79 99.33 -16.25
C ALA B 366 28.07 98.63 -14.92
N GLN B 367 29.29 98.10 -14.81
CA GLN B 367 29.71 97.49 -13.55
C GLN B 367 29.67 98.47 -12.39
N HIS B 368 29.71 99.77 -12.68
CA HIS B 368 29.65 100.80 -11.66
C HIS B 368 28.22 101.27 -11.37
N HIS B 369 27.23 100.69 -12.03
CA HIS B 369 25.85 101.10 -11.78
C HIS B 369 25.36 100.50 -10.46
N PRO B 370 24.56 101.25 -9.69
CA PRO B 370 24.03 100.66 -8.45
C PRO B 370 23.01 99.57 -8.70
N ILE B 371 22.15 99.73 -9.70
CA ILE B 371 21.17 98.69 -10.00
C ILE B 371 21.87 97.44 -10.53
N TYR B 372 22.97 97.59 -11.26
CA TYR B 372 23.82 96.44 -11.59
C TYR B 372 24.32 95.78 -10.30
N MET B 373 24.73 96.58 -9.32
CA MET B 373 25.21 96.06 -8.05
C MET B 373 24.09 95.48 -7.19
N LEU B 374 22.83 95.54 -7.64
CA LEU B 374 21.76 94.91 -6.88
C LEU B 374 21.40 93.54 -7.45
N LEU B 375 21.27 93.44 -8.77
CA LEU B 375 20.69 92.27 -9.41
C LEU B 375 21.71 91.22 -9.81
N ILE B 376 22.97 91.61 -10.05
CA ILE B 376 23.95 90.67 -10.59
C ILE B 376 24.23 89.50 -9.64
N PRO B 377 24.43 89.69 -8.33
CA PRO B 377 24.58 88.51 -7.46
C PRO B 377 23.34 87.65 -7.40
N HIS B 378 22.16 88.24 -7.65
CA HIS B 378 20.92 87.48 -7.75
C HIS B 378 20.81 86.71 -9.05
N PHE B 379 21.79 86.82 -9.94
CA PHE B 379 21.78 86.14 -11.24
C PHE B 379 22.80 85.02 -11.32
N GLU B 380 23.46 84.67 -10.22
CA GLU B 380 24.58 83.75 -10.26
C GLU B 380 24.19 82.40 -10.86
N GLY B 381 24.83 82.06 -11.98
CA GLY B 381 24.58 80.78 -12.62
C GLY B 381 23.22 80.65 -13.28
N THR B 382 22.39 81.69 -13.23
CA THR B 382 21.12 81.64 -13.93
C THR B 382 21.31 81.57 -15.44
N LEU B 383 22.44 82.05 -15.95
CA LEU B 383 22.78 81.81 -17.35
C LEU B 383 23.19 80.36 -17.56
N SER B 384 24.08 79.85 -16.70
CA SER B 384 24.62 78.51 -16.90
C SER B 384 23.54 77.45 -16.75
N ILE B 385 22.61 77.64 -15.81
CA ILE B 385 21.57 76.64 -15.64
C ILE B 385 20.45 76.82 -16.66
N ASN B 386 20.26 78.04 -17.18
CA ASN B 386 19.33 78.21 -18.28
C ASN B 386 19.85 77.53 -19.55
N ASN B 387 21.17 77.41 -19.68
CA ASN B 387 21.74 76.79 -20.87
C ASN B 387 21.68 75.27 -20.78
N SER B 388 22.00 74.70 -19.62
CA SER B 388 21.79 73.26 -19.42
C SER B 388 20.34 72.88 -19.48
N ALA B 389 19.42 73.81 -19.19
CA ALA B 389 18.00 73.52 -19.37
C ALA B 389 17.63 73.43 -20.84
N ALA B 390 17.97 74.45 -21.63
CA ALA B 390 17.53 74.54 -23.02
C ALA B 390 18.26 73.58 -23.95
N THR B 391 19.32 72.91 -23.50
CA THR B 391 20.08 72.00 -24.34
C THR B 391 20.14 70.59 -23.77
N ASN B 392 19.30 70.27 -22.79
CA ASN B 392 19.24 68.94 -22.22
C ASN B 392 17.86 68.63 -21.64
N LEU B 393 17.45 69.42 -20.65
CA LEU B 393 16.22 69.12 -19.93
C LEU B 393 15.00 69.21 -20.83
N ILE B 394 14.86 70.31 -21.56
CA ILE B 394 13.73 70.52 -22.46
C ILE B 394 14.11 70.33 -23.92
N ALA B 395 15.29 69.78 -24.19
CA ALA B 395 15.71 69.49 -25.55
C ALA B 395 15.15 68.13 -25.98
N PRO B 396 15.00 67.91 -27.28
CA PRO B 396 14.49 66.60 -27.75
C PRO B 396 15.36 65.46 -27.26
N GLY B 397 14.70 64.39 -26.81
CA GLY B 397 15.38 63.31 -26.16
C GLY B 397 15.62 63.49 -24.67
N GLY B 398 15.26 64.66 -24.12
CA GLY B 398 15.45 64.93 -22.72
C GLY B 398 14.33 64.38 -21.86
N ALA B 399 14.46 64.62 -20.55
CA ALA B 399 13.53 64.04 -19.59
C ALA B 399 12.13 64.62 -19.74
N VAL B 400 12.04 65.91 -20.05
CA VAL B 400 10.72 66.51 -20.28
C VAL B 400 10.09 65.97 -21.55
N ASP B 401 10.92 65.51 -22.49
CA ASP B 401 10.39 64.91 -23.72
C ASP B 401 9.80 63.53 -23.44
N LEU B 402 10.43 62.77 -22.54
CA LEU B 402 10.06 61.37 -22.34
C LEU B 402 9.01 61.17 -21.24
N ILE B 403 9.16 61.86 -20.10
CA ILE B 403 8.28 61.62 -18.96
C ILE B 403 6.98 62.42 -19.02
N PHE B 404 6.89 63.43 -19.90
CA PHE B 404 5.76 64.34 -19.91
C PHE B 404 4.86 64.09 -21.12
N ALA B 405 3.57 64.36 -20.93
CA ALA B 405 2.55 63.93 -21.88
C ALA B 405 2.60 64.70 -23.20
N GLY B 406 3.24 65.86 -23.23
CA GLY B 406 3.22 66.67 -24.43
C GLY B 406 4.37 66.39 -25.38
N THR B 407 4.20 66.83 -26.62
CA THR B 407 5.32 66.89 -27.55
C THR B 407 6.27 68.00 -27.09
N ILE B 408 7.57 67.76 -27.29
CA ILE B 408 8.56 68.72 -26.80
C ILE B 408 8.38 70.08 -27.48
N GLU B 409 7.88 70.09 -28.72
CA GLU B 409 7.57 71.35 -29.36
C GLU B 409 6.29 71.97 -28.80
N SER B 410 5.35 71.13 -28.34
CA SER B 410 4.14 71.64 -27.73
C SER B 410 4.36 72.09 -26.30
N GLU B 411 5.26 71.42 -25.57
CA GLU B 411 5.60 71.85 -24.22
C GLU B 411 6.27 73.22 -24.22
N HIS B 412 7.01 73.54 -25.29
CA HIS B 412 7.60 74.87 -25.41
C HIS B 412 6.53 75.93 -25.67
N GLN B 413 5.61 75.64 -26.58
CA GLN B 413 4.53 76.59 -26.86
C GLN B 413 3.61 76.77 -25.65
N LEU B 414 3.65 75.84 -24.68
CA LEU B 414 2.97 76.06 -23.42
C LEU B 414 3.69 77.13 -22.59
N ALA B 415 5.00 76.95 -22.38
CA ALA B 415 5.77 77.93 -21.64
C ALA B 415 5.74 79.29 -22.31
N LEU B 416 5.83 79.32 -23.64
CA LEU B 416 5.81 80.57 -24.39
C LEU B 416 4.48 81.30 -24.19
N ALA B 417 3.37 80.56 -24.29
CA ALA B 417 2.05 81.18 -24.14
C ALA B 417 1.87 81.80 -22.77
N ALA B 418 2.50 81.23 -21.74
CA ALA B 418 2.40 81.80 -20.40
C ALA B 418 3.18 83.10 -20.30
N LEU B 419 4.43 83.10 -20.76
CA LEU B 419 5.22 84.33 -20.81
C LEU B 419 4.55 85.40 -21.65
N LYS B 420 3.75 85.00 -22.65
CA LYS B 420 3.15 85.94 -23.59
C LYS B 420 2.02 86.76 -22.99
N ARG B 421 1.28 86.18 -22.03
CA ARG B 421 0.14 86.83 -21.41
C ARG B 421 0.47 87.43 -20.04
N HIS B 422 1.75 87.47 -19.68
CA HIS B 422 2.19 87.91 -18.37
C HIS B 422 2.33 89.43 -18.35
N ASP B 423 1.73 90.05 -17.33
CA ASP B 423 1.88 91.50 -17.12
C ASP B 423 2.93 91.68 -16.04
N PHE B 424 4.17 91.94 -16.47
CA PHE B 424 5.29 92.00 -15.52
C PHE B 424 5.03 93.05 -14.44
N MET B 425 4.52 94.21 -14.82
CA MET B 425 4.27 95.27 -13.85
C MET B 425 3.20 94.89 -12.84
N ARG B 426 2.38 93.89 -13.14
CA ARG B 426 1.30 93.47 -12.26
C ARG B 426 1.43 92.00 -11.88
N SER B 427 2.67 91.54 -11.70
CA SER B 427 2.93 90.24 -11.09
C SER B 427 3.46 90.38 -9.68
N GLY B 428 3.20 91.51 -9.02
CA GLY B 428 3.58 91.64 -7.62
C GLY B 428 2.75 90.70 -6.76
N LEU B 429 3.39 90.16 -5.73
CA LEU B 429 2.70 89.18 -4.89
C LEU B 429 1.48 89.77 -4.18
N PRO B 430 1.54 90.95 -3.58
CA PRO B 430 0.28 91.56 -3.10
C PRO B 430 -0.71 91.80 -4.22
N ASP B 431 -0.23 92.03 -5.46
CA ASP B 431 -1.13 92.32 -6.57
C ASP B 431 -1.85 91.05 -7.04
N THR B 432 -1.10 89.97 -7.29
CA THR B 432 -1.72 88.74 -7.75
C THR B 432 -2.65 88.15 -6.69
N ILE B 433 -2.36 88.39 -5.41
CA ILE B 433 -3.21 87.84 -4.36
C ILE B 433 -4.57 88.51 -4.35
N GLU B 434 -4.61 89.83 -4.50
CA GLU B 434 -5.90 90.53 -4.50
C GLU B 434 -6.64 90.34 -5.82
N GLN B 435 -5.94 90.00 -6.90
CA GLN B 435 -6.61 89.69 -8.15
C GLN B 435 -7.41 88.38 -8.03
N ARG B 436 -6.78 87.34 -7.50
CA ARG B 436 -7.38 86.03 -7.41
C ARG B 436 -8.37 85.88 -6.27
N GLY B 437 -8.53 86.92 -5.44
CA GLY B 437 -9.48 86.87 -4.34
C GLY B 437 -9.08 86.03 -3.15
N VAL B 438 -7.87 85.48 -3.14
CA VAL B 438 -7.42 84.60 -2.06
C VAL B 438 -6.76 85.44 -0.96
N GLY B 439 -7.21 86.68 -0.81
CA GLY B 439 -6.52 87.61 0.08
C GLY B 439 -6.95 87.60 1.53
N ASP B 440 -8.09 86.99 1.85
CA ASP B 440 -8.64 87.08 3.20
C ASP B 440 -7.94 86.09 4.12
N THR B 441 -7.36 86.60 5.21
CA THR B 441 -6.71 85.75 6.19
C THR B 441 -7.70 84.91 6.98
N SER B 442 -8.99 85.24 6.94
CA SER B 442 -9.98 84.63 7.83
C SER B 442 -10.94 83.69 7.14
N VAL B 443 -11.06 83.75 5.81
CA VAL B 443 -11.93 82.83 5.09
C VAL B 443 -11.08 81.65 4.62
N LEU B 444 -10.05 81.91 3.82
CA LEU B 444 -9.06 80.90 3.49
C LEU B 444 -7.94 81.06 4.51
N THR B 445 -8.02 80.29 5.59
CA THR B 445 -7.12 80.47 6.71
C THR B 445 -5.73 79.89 6.42
N ASP B 446 -5.67 78.66 5.92
CA ASP B 446 -4.39 78.02 5.64
C ASP B 446 -4.04 78.23 4.17
N TYR B 447 -3.04 79.06 3.93
CA TYR B 447 -2.46 79.23 2.59
C TYR B 447 -0.97 79.48 2.77
N PRO B 448 -0.20 78.41 3.03
CA PRO B 448 1.21 78.60 3.41
C PRO B 448 2.04 79.37 2.40
N TYR B 449 1.76 79.22 1.10
CA TYR B 449 2.51 79.99 0.11
C TYR B 449 2.23 81.48 0.25
N ARG B 450 0.99 81.85 0.58
CA ARG B 450 0.61 83.25 0.67
C ARG B 450 1.17 83.91 1.93
N ASP B 451 0.81 83.37 3.10
CA ASP B 451 1.16 84.02 4.36
C ASP B 451 2.67 84.07 4.56
N ASP B 452 3.37 82.99 4.23
CA ASP B 452 4.83 83.05 4.27
C ASP B 452 5.39 83.86 3.11
N GLY B 453 4.68 83.88 1.97
CA GLY B 453 5.22 84.57 0.80
C GLY B 453 5.11 86.07 0.91
N LEU B 454 4.00 86.55 1.47
CA LEU B 454 3.83 87.99 1.61
C LEU B 454 4.85 88.60 2.57
N LYS B 455 5.29 87.83 3.57
CA LYS B 455 6.26 88.34 4.52
C LYS B 455 7.61 88.59 3.87
N ILE B 456 8.09 87.63 3.07
CA ILE B 456 9.40 87.76 2.46
C ILE B 456 9.38 88.81 1.34
N TRP B 457 8.22 88.99 0.68
CA TRP B 457 8.12 90.04 -0.32
C TRP B 457 8.34 91.42 0.29
N ALA B 458 7.65 91.69 1.40
CA ALA B 458 7.81 92.99 2.06
C ALA B 458 9.23 93.19 2.57
N ASN B 459 9.88 92.11 3.00
CA ASN B 459 11.28 92.20 3.41
C ASN B 459 12.15 92.67 2.25
N ILE B 460 11.96 92.08 1.07
CA ILE B 460 12.74 92.47 -0.10
C ILE B 460 12.32 93.86 -0.58
N GLU B 461 11.02 94.15 -0.56
CA GLU B 461 10.56 95.48 -0.96
C GLU B 461 11.08 96.54 -0.01
N ARG B 462 11.17 96.22 1.29
CA ARG B 462 11.81 97.13 2.23
C ARG B 462 13.28 97.32 1.89
N TRP B 463 13.93 96.26 1.42
CA TRP B 463 15.35 96.31 1.08
C TRP B 463 15.60 97.02 -0.23
N VAL B 464 14.72 96.84 -1.22
CA VAL B 464 14.86 97.55 -2.48
C VAL B 464 14.75 99.05 -2.26
N THR B 465 13.78 99.47 -1.46
CA THR B 465 13.56 100.89 -1.23
C THR B 465 14.74 101.52 -0.49
N ALA B 466 15.25 100.84 0.54
CA ALA B 466 16.43 101.34 1.22
C ALA B 466 17.62 101.45 0.28
N TYR B 467 17.70 100.55 -0.71
CA TYR B 467 18.76 100.64 -1.71
C TYR B 467 18.47 101.73 -2.73
N VAL B 468 17.28 101.70 -3.34
CA VAL B 468 16.97 102.60 -4.44
C VAL B 468 16.95 104.04 -3.96
N ASN B 469 16.22 104.32 -2.88
CA ASN B 469 16.11 105.69 -2.40
C ASN B 469 17.43 106.23 -1.88
N ASN B 470 18.38 105.34 -1.52
CA ASN B 470 19.70 105.81 -1.14
C ASN B 470 20.48 106.28 -2.35
N TYR B 471 20.30 105.63 -3.49
CA TYR B 471 21.05 105.93 -4.70
C TYR B 471 20.35 106.86 -5.67
N TYR B 472 19.02 106.89 -5.63
CA TYR B 472 18.22 107.78 -6.48
C TYR B 472 17.57 108.79 -5.55
N ILE B 473 18.17 109.98 -5.44
CA ILE B 473 17.73 110.97 -4.45
C ILE B 473 16.69 111.93 -5.02
N SER B 474 16.47 111.94 -6.32
CA SER B 474 15.39 112.71 -6.92
C SER B 474 14.81 111.91 -8.08
N GLU B 475 13.56 112.20 -8.42
CA GLU B 475 12.92 111.54 -9.54
C GLU B 475 13.54 111.93 -10.87
N ALA B 476 14.54 112.83 -10.86
CA ALA B 476 15.27 113.13 -12.08
C ALA B 476 16.43 112.16 -12.29
N ASN B 477 16.96 111.58 -11.21
CA ASN B 477 18.02 110.59 -11.35
C ASN B 477 17.57 109.42 -12.21
N VAL B 478 16.31 109.02 -12.09
CA VAL B 478 15.77 107.96 -12.94
C VAL B 478 15.77 108.40 -14.40
N THR B 479 15.10 109.52 -14.68
CA THR B 479 14.92 109.95 -16.06
C THR B 479 16.25 110.34 -16.71
N GLN B 480 17.17 110.93 -15.94
CA GLN B 480 18.47 111.29 -16.47
C GLN B 480 19.43 110.11 -16.55
N ASP B 481 19.00 108.91 -16.18
CA ASP B 481 19.84 107.72 -16.20
C ASP B 481 19.85 107.18 -17.62
N THR B 482 20.95 107.43 -18.34
CA THR B 482 21.05 106.95 -19.72
C THR B 482 21.04 105.43 -19.79
N GLU B 483 21.71 104.77 -18.84
CA GLU B 483 21.80 103.32 -18.88
C GLU B 483 20.47 102.67 -18.49
N LEU B 484 19.82 103.20 -17.46
CA LEU B 484 18.59 102.58 -16.96
C LEU B 484 17.49 102.59 -18.01
N GLN B 485 17.40 103.67 -18.80
CA GLN B 485 16.35 103.77 -19.79
C GLN B 485 16.62 102.90 -21.01
N ALA B 486 17.88 102.74 -21.39
CA ALA B 486 18.22 101.74 -22.40
C ALA B 486 17.95 100.34 -21.87
N TRP B 487 18.44 100.05 -20.67
CA TRP B 487 18.10 98.81 -19.96
C TRP B 487 16.61 98.54 -20.00
N ALA B 488 15.80 99.55 -19.70
CA ALA B 488 14.36 99.40 -19.81
C ALA B 488 13.92 99.26 -21.26
N ALA B 489 14.63 99.91 -22.19
CA ALA B 489 14.20 99.93 -23.58
C ALA B 489 14.23 98.53 -24.19
N VAL B 490 15.34 97.81 -24.02
CA VAL B 490 15.40 96.45 -24.56
C VAL B 490 14.40 95.54 -23.85
N LEU B 491 14.21 95.75 -22.54
CA LEU B 491 13.23 94.97 -21.81
C LEU B 491 11.81 95.36 -22.13
N SER B 492 11.59 96.51 -22.78
CA SER B 492 10.26 96.98 -23.16
C SER B 492 9.90 96.65 -24.60
N LYS B 493 10.81 96.04 -25.36
CA LYS B 493 10.46 95.58 -26.69
C LYS B 493 9.31 94.58 -26.60
N PRO B 494 8.45 94.52 -27.62
CA PRO B 494 7.34 93.56 -27.60
C PRO B 494 7.84 92.13 -27.52
N PHE B 495 6.92 91.22 -27.22
CA PHE B 495 7.29 89.85 -26.86
C PHE B 495 7.91 89.11 -28.04
N ALA B 496 7.53 89.44 -29.27
CA ALA B 496 8.10 88.76 -30.43
C ALA B 496 9.56 89.09 -30.65
N GLU B 497 10.05 90.18 -30.06
CA GLU B 497 11.43 90.62 -30.27
C GLU B 497 12.34 90.34 -29.08
N GLY B 498 11.86 89.57 -28.10
CA GLY B 498 12.67 89.18 -26.97
C GLY B 498 12.46 89.97 -25.70
N GLY B 499 11.57 90.98 -25.71
CA GLY B 499 11.34 91.78 -24.54
C GLY B 499 10.34 91.16 -23.58
N VAL B 500 10.42 91.60 -22.32
CA VAL B 500 9.54 91.11 -21.27
C VAL B 500 8.17 91.77 -21.40
N SER B 501 7.12 90.97 -21.29
CA SER B 501 5.78 91.47 -21.56
C SER B 501 5.33 92.45 -20.47
N GLY B 502 4.68 93.53 -20.89
CA GLY B 502 4.10 94.50 -19.97
C GLY B 502 5.07 95.09 -18.97
N PHE B 503 6.23 95.55 -19.45
CA PHE B 503 7.29 96.03 -18.58
C PHE B 503 7.28 97.54 -18.39
N GLY B 504 6.47 98.27 -19.14
CA GLY B 504 6.48 99.71 -19.09
C GLY B 504 6.16 100.29 -17.73
N PRO B 505 6.79 101.42 -17.38
CA PRO B 505 7.85 102.03 -18.19
C PRO B 505 9.16 102.33 -17.45
N ILE B 506 9.21 102.10 -16.13
CA ILE B 506 10.38 102.40 -15.30
C ILE B 506 10.73 103.89 -15.39
N ASP B 507 9.71 104.75 -15.29
CA ASP B 507 9.92 106.19 -15.27
C ASP B 507 10.04 106.74 -13.86
N THR B 508 9.30 106.16 -12.92
CA THR B 508 9.31 106.59 -11.53
C THR B 508 10.37 105.84 -10.75
N ARG B 509 10.86 106.46 -9.67
CA ARG B 509 11.62 105.72 -8.67
C ARG B 509 10.82 104.55 -8.14
N ALA B 510 9.49 104.67 -8.12
CA ALA B 510 8.64 103.57 -7.69
C ALA B 510 8.66 102.42 -8.69
N ALA B 511 8.56 102.74 -9.98
CA ALA B 511 8.61 101.69 -11.00
C ALA B 511 9.95 100.97 -11.00
N LEU B 512 11.02 101.65 -10.57
CA LEU B 512 12.30 100.97 -10.40
C LEU B 512 12.26 100.01 -9.23
N ILE B 513 11.45 100.31 -8.20
CA ILE B 513 11.38 99.45 -7.03
C ILE B 513 10.67 98.15 -7.35
N PHE B 514 9.47 98.24 -7.94
CA PHE B 514 8.72 97.02 -8.26
C PHE B 514 9.53 96.11 -9.17
N ALA B 515 10.05 96.67 -10.26
CA ALA B 515 10.86 95.89 -11.20
C ALA B 515 12.01 95.20 -10.49
N CYS B 516 12.66 95.88 -9.55
CA CYS B 516 13.72 95.28 -8.76
C CYS B 516 13.19 94.25 -7.78
N THR B 517 12.12 94.59 -7.04
CA THR B 517 11.56 93.63 -6.08
C THR B 517 11.06 92.38 -6.78
N LYS B 518 10.35 92.55 -7.91
CA LYS B 518 9.84 91.40 -8.64
C LYS B 518 10.97 90.52 -9.16
N VAL B 519 12.03 91.14 -9.69
CA VAL B 519 13.17 90.38 -10.17
C VAL B 519 13.81 89.61 -9.02
N ILE B 520 14.07 90.31 -7.90
CA ILE B 520 14.71 89.67 -6.75
C ILE B 520 13.81 88.58 -6.20
N PHE B 521 12.50 88.84 -6.11
CA PHE B 521 11.57 87.84 -5.59
C PHE B 521 11.58 86.58 -6.44
N THR B 522 11.52 86.74 -7.76
CA THR B 522 11.45 85.58 -8.64
C THR B 522 12.78 84.83 -8.73
N ALA B 523 13.90 85.55 -8.55
CA ALA B 523 15.18 84.88 -8.51
C ALA B 523 15.39 84.10 -7.22
N SER B 524 14.65 84.45 -6.16
CA SER B 524 14.88 83.90 -4.82
C SER B 524 13.67 83.16 -4.30
N ALA B 525 12.59 83.87 -3.93
CA ALA B 525 11.46 83.24 -3.27
C ALA B 525 10.61 82.43 -4.25
N GLU B 526 10.06 83.08 -5.28
CA GLU B 526 9.17 82.41 -6.22
C GLU B 526 9.86 81.23 -6.91
N HIS B 527 11.19 81.29 -7.07
CA HIS B 527 11.90 80.15 -7.64
C HIS B 527 12.02 79.02 -6.63
N SER B 528 12.29 79.35 -5.37
CA SER B 528 12.38 78.32 -4.34
C SER B 528 11.03 77.67 -4.09
N ALA B 529 9.95 78.46 -4.09
CA ALA B 529 8.61 77.93 -3.89
C ALA B 529 8.17 77.01 -5.02
N VAL B 530 8.88 77.00 -6.15
CA VAL B 530 8.52 76.14 -7.26
C VAL B 530 9.59 75.11 -7.59
N ASN B 531 10.85 75.32 -7.21
CA ASN B 531 11.90 74.37 -7.55
C ASN B 531 12.02 73.25 -6.53
N PHE B 532 12.08 73.60 -5.25
CA PHE B 532 12.35 72.61 -4.22
C PHE B 532 11.16 71.71 -3.90
N PRO B 533 9.91 72.10 -4.18
CA PRO B 533 8.81 71.13 -4.17
C PRO B 533 9.01 69.96 -5.13
N GLN B 534 9.95 70.08 -6.08
CA GLN B 534 10.16 69.00 -7.05
C GLN B 534 10.73 67.76 -6.37
N LYS B 535 11.47 67.93 -5.28
CA LYS B 535 12.09 66.79 -4.60
C LYS B 535 11.18 66.21 -3.52
N ASP B 536 10.49 67.07 -2.76
CA ASP B 536 9.70 66.61 -1.64
C ASP B 536 8.30 66.16 -2.03
N LEU B 537 7.79 66.58 -3.18
CA LEU B 537 6.42 66.31 -3.55
C LEU B 537 6.23 65.70 -4.94
N MET B 538 7.28 65.59 -5.76
CA MET B 538 7.10 65.20 -7.15
C MET B 538 8.01 64.07 -7.63
N SER B 539 8.95 63.60 -6.81
CA SER B 539 9.82 62.51 -7.26
C SER B 539 9.10 61.17 -7.27
N TYR B 540 7.97 61.05 -6.58
CA TYR B 540 7.18 59.82 -6.57
C TYR B 540 6.17 59.91 -7.71
N ALA B 541 6.40 59.12 -8.77
CA ALA B 541 5.53 59.16 -9.94
C ALA B 541 4.05 58.90 -9.63
N PRO B 542 3.68 57.93 -8.79
CA PRO B 542 2.25 57.76 -8.48
C PRO B 542 1.63 58.97 -7.79
N ALA B 543 2.41 59.73 -7.02
CA ALA B 543 1.88 60.92 -6.38
C ALA B 543 1.56 62.01 -7.40
N ILE B 544 2.52 62.31 -8.27
CA ILE B 544 2.30 63.25 -9.37
C ILE B 544 3.37 63.01 -10.41
N THR B 545 2.97 63.07 -11.67
CA THR B 545 3.89 62.88 -12.78
C THR B 545 3.37 63.67 -13.98
N GLY B 546 4.12 63.60 -15.08
CA GLY B 546 3.83 64.38 -16.27
C GLY B 546 2.93 63.73 -17.29
N ALA B 547 2.59 62.45 -17.11
CA ALA B 547 1.79 61.75 -18.11
C ALA B 547 0.94 60.69 -17.44
N GLY B 548 -0.37 60.70 -17.74
CA GLY B 548 -1.23 59.60 -17.37
C GLY B 548 -1.18 58.53 -18.45
N TRP B 549 -0.95 57.29 -18.04
CA TRP B 549 -0.69 56.22 -18.99
C TRP B 549 -1.91 55.33 -19.25
N THR B 550 -3.07 55.69 -18.73
CA THR B 550 -4.33 55.15 -19.20
C THR B 550 -5.20 56.31 -19.69
N ALA B 551 -6.28 55.94 -20.39
CA ALA B 551 -6.96 56.90 -21.25
C ALA B 551 -7.51 58.08 -20.46
N ALA B 552 -8.01 57.84 -19.25
CA ALA B 552 -8.85 58.87 -18.65
C ALA B 552 -9.06 58.67 -17.16
N PRO B 553 -9.74 59.59 -16.49
CA PRO B 553 -10.21 59.33 -15.12
C PRO B 553 -11.20 58.18 -15.06
N PRO B 554 -12.04 57.96 -16.10
CA PRO B 554 -12.75 56.67 -16.18
C PRO B 554 -11.80 55.50 -15.99
N SER B 555 -11.86 54.88 -14.81
CA SER B 555 -10.89 53.87 -14.41
C SER B 555 -10.97 52.65 -15.32
N GLN B 556 -9.86 52.33 -15.98
CA GLN B 556 -9.79 51.13 -16.82
C GLN B 556 -9.61 49.88 -15.98
N GLY B 557 -8.73 49.93 -14.98
CA GLY B 557 -8.47 48.78 -14.15
C GLY B 557 -7.59 49.12 -12.97
N PRO B 558 -6.50 48.35 -12.80
CA PRO B 558 -5.62 48.56 -11.65
C PRO B 558 -4.93 49.92 -11.71
N LEU B 559 -4.67 50.49 -10.53
CA LEU B 559 -4.02 51.79 -10.47
C LEU B 559 -2.63 51.75 -11.09
N LYS B 560 -1.97 50.60 -11.06
CA LYS B 560 -0.62 50.48 -11.60
C LYS B 560 -0.59 50.62 -13.11
N ASP B 561 -1.72 50.48 -13.79
CA ASP B 561 -1.76 50.68 -15.24
C ASP B 561 -1.78 52.15 -15.63
N PHE B 562 -2.05 53.06 -14.70
CA PHE B 562 -1.99 54.49 -14.95
C PHE B 562 -0.57 55.03 -14.88
N GLN B 563 0.32 54.34 -14.18
CA GLN B 563 1.61 54.90 -13.80
C GLN B 563 2.64 54.73 -14.91
N PRO B 564 3.71 55.54 -14.89
CA PRO B 564 4.73 55.45 -15.94
C PRO B 564 5.50 54.15 -15.86
N PRO B 565 6.11 53.72 -16.97
CA PRO B 565 7.00 52.56 -16.91
C PRO B 565 8.13 52.78 -15.92
N LEU B 566 8.65 51.67 -15.38
CA LEU B 566 9.69 51.76 -14.35
C LEU B 566 10.92 52.49 -14.83
N GLU B 567 11.25 52.36 -16.11
CA GLU B 567 12.39 53.08 -16.68
C GLU B 567 12.23 54.58 -16.52
N LEU B 568 11.02 55.10 -16.75
CA LEU B 568 10.76 56.52 -16.66
C LEU B 568 10.43 57.00 -15.25
N ALA B 569 9.93 56.10 -14.38
CA ALA B 569 9.68 56.48 -13.00
C ALA B 569 11.00 56.68 -12.26
N GLU B 570 11.97 55.81 -12.51
CA GLU B 570 13.30 56.00 -11.93
C GLU B 570 13.92 57.32 -12.39
N LEU B 571 13.86 57.59 -13.70
CA LEU B 571 14.38 58.84 -14.22
C LEU B 571 13.64 60.04 -13.63
N GLN B 572 12.31 59.95 -13.52
CA GLN B 572 11.53 61.04 -12.96
C GLN B 572 11.98 61.37 -11.54
N ALA B 573 12.20 60.35 -10.72
CA ALA B 573 12.65 60.58 -9.35
C ALA B 573 14.08 61.11 -9.33
N GLU B 574 14.91 60.70 -10.28
CA GLU B 574 16.35 61.01 -10.19
C GLU B 574 16.66 62.46 -10.59
N PHE B 575 15.94 63.02 -11.55
CA PHE B 575 16.24 64.38 -11.97
C PHE B 575 15.44 65.41 -11.18
N LEU B 576 14.26 65.03 -10.66
CA LEU B 576 13.55 65.91 -9.74
C LEU B 576 14.14 65.85 -8.34
N TYR B 577 14.90 64.80 -8.02
CA TYR B 577 15.69 64.79 -6.80
C TYR B 577 16.85 65.77 -6.90
N LEU B 578 17.54 65.76 -8.04
CA LEU B 578 18.69 66.65 -8.23
C LEU B 578 18.26 68.11 -8.31
N LEU B 579 17.33 68.43 -9.23
CA LEU B 579 16.96 69.81 -9.47
C LEU B 579 16.44 70.49 -8.21
N GLY B 580 15.63 69.77 -7.43
CA GLY B 580 15.09 70.33 -6.22
C GLY B 580 15.84 69.93 -4.96
N GLY B 581 17.08 69.44 -5.12
CA GLY B 581 17.82 68.94 -3.99
C GLY B 581 19.14 69.65 -3.72
N VAL B 582 19.29 70.87 -4.21
CA VAL B 582 20.49 71.67 -3.97
C VAL B 582 20.06 73.08 -3.56
N HIS B 583 20.40 73.46 -2.32
CA HIS B 583 20.10 74.80 -1.81
C HIS B 583 21.36 75.66 -1.78
N HIS B 584 21.77 76.08 -2.97
CA HIS B 584 22.96 76.92 -3.09
C HIS B 584 22.59 78.39 -2.91
N THR B 585 23.57 79.16 -2.43
CA THR B 585 23.50 80.56 -1.98
C THR B 585 22.31 80.89 -1.07
N LYS B 586 22.42 81.98 -0.32
CA LYS B 586 21.46 82.32 0.73
C LYS B 586 20.98 83.74 0.53
N LEU B 587 19.66 83.92 0.48
CA LEU B 587 19.08 85.25 0.31
C LEU B 587 19.55 86.18 1.41
N GLY B 588 19.82 87.43 1.03
CA GLY B 588 20.23 88.45 1.96
C GLY B 588 21.72 88.52 2.22
N PHE B 589 22.49 87.54 1.73
CA PHE B 589 23.94 87.53 1.90
C PHE B 589 24.57 87.63 0.52
N TYR B 590 25.20 88.76 0.23
CA TYR B 590 25.70 89.09 -1.10
C TYR B 590 27.19 88.81 -1.14
N ASN B 591 27.59 87.76 -1.85
CA ASN B 591 28.97 87.34 -1.98
C ASN B 591 29.35 87.24 -3.45
N SER B 592 30.58 86.80 -3.70
CA SER B 592 31.14 86.68 -5.04
C SER B 592 31.19 85.21 -5.46
N ASN B 593 31.21 85.00 -6.77
CA ASN B 593 31.28 83.67 -7.35
C ASN B 593 32.71 83.18 -7.53
N SER B 594 33.70 83.96 -7.11
CA SER B 594 35.09 83.54 -7.16
C SER B 594 35.47 82.83 -5.87
N PHE B 595 36.59 82.11 -5.90
CA PHE B 595 36.97 81.30 -4.74
C PHE B 595 37.13 82.07 -3.44
N PRO B 596 37.58 83.33 -3.41
CA PRO B 596 37.61 84.05 -2.12
C PRO B 596 36.28 84.08 -1.39
N TYR B 597 35.17 84.20 -2.12
CA TYR B 597 33.84 84.33 -1.54
C TYR B 597 33.78 85.46 -0.51
N ARG B 598 34.41 86.59 -0.84
CA ARG B 598 34.41 87.74 0.04
C ARG B 598 33.10 88.51 -0.10
N ALA B 599 32.81 89.34 0.90
CA ALA B 599 31.61 90.19 0.86
C ALA B 599 31.61 91.02 -0.41
N TRP B 600 30.47 91.05 -1.09
CA TRP B 600 30.45 91.58 -2.45
C TRP B 600 30.21 93.09 -2.51
N PHE B 601 29.37 93.65 -1.64
CA PHE B 601 29.12 95.08 -1.65
C PHE B 601 30.34 95.85 -1.15
N LYS B 602 30.38 97.14 -1.47
CA LYS B 602 31.57 97.93 -1.17
C LYS B 602 31.22 99.28 -0.57
N ASP B 603 30.04 99.81 -0.91
CA ASP B 603 29.59 101.06 -0.33
C ASP B 603 29.53 100.92 1.19
N PRO B 604 30.12 101.85 1.95
CA PRO B 604 29.98 101.79 3.41
C PRO B 604 28.53 101.82 3.87
N LYS B 605 27.65 102.49 3.12
CA LYS B 605 26.26 102.60 3.52
C LYS B 605 25.54 101.27 3.51
N ILE B 606 25.99 100.33 2.67
CA ILE B 606 25.34 99.03 2.53
C ILE B 606 26.02 97.96 3.35
N THR B 607 27.36 97.94 3.32
CA THR B 607 28.13 96.85 3.91
C THR B 607 27.77 96.63 5.38
N ALA B 608 27.85 97.70 6.18
CA ALA B 608 27.62 97.58 7.61
C ALA B 608 26.28 98.11 8.07
N GLU B 609 25.58 98.90 7.26
CA GLU B 609 24.33 99.53 7.67
C GLU B 609 23.12 99.00 6.91
N LEU B 610 23.08 99.14 5.59
CA LEU B 610 21.84 98.89 4.86
C LEU B 610 21.56 97.41 4.67
N LEU B 611 22.57 96.62 4.30
CA LEU B 611 22.36 95.19 4.11
C LEU B 611 22.07 94.48 5.44
N PRO B 612 22.78 94.80 6.53
CA PRO B 612 22.41 94.18 7.82
C PRO B 612 20.97 94.44 8.22
N ALA B 613 20.38 95.58 7.82
CA ALA B 613 18.98 95.84 8.13
C ALA B 613 18.08 94.86 7.39
N PHE B 614 18.31 94.68 6.08
CA PHE B 614 17.56 93.68 5.33
C PHE B 614 17.80 92.28 5.89
N GLN B 615 19.01 92.02 6.37
CA GLN B 615 19.29 90.73 6.99
C GLN B 615 18.53 90.57 8.31
N ARG B 616 18.28 91.66 9.02
CA ARG B 616 17.56 91.59 10.29
C ARG B 616 16.05 91.43 10.09
N ASP B 617 15.51 91.80 8.93
CA ASP B 617 14.10 91.58 8.67
C ASP B 617 13.82 90.12 8.30
N LEU B 618 14.75 89.47 7.60
CA LEU B 618 14.55 88.07 7.23
C LEU B 618 14.67 87.16 8.43
N ALA B 619 15.64 87.43 9.32
CA ALA B 619 15.71 86.67 10.56
C ALA B 619 14.45 86.86 11.39
N ALA B 620 13.88 88.07 11.38
CA ALA B 620 12.63 88.30 12.08
C ALA B 620 11.49 87.53 11.43
N SER B 621 11.47 87.47 10.11
CA SER B 621 10.41 86.74 9.41
C SER B 621 10.60 85.23 9.57
N GLU B 622 11.84 84.76 9.55
CA GLU B 622 12.09 83.34 9.78
C GLU B 622 11.58 82.90 11.15
N GLU B 623 11.80 83.74 12.17
CA GLU B 623 11.20 83.49 13.48
C GLU B 623 9.69 83.43 13.41
N LEU B 624 9.09 84.24 12.52
CA LEU B 624 7.64 84.25 12.38
C LEU B 624 7.15 83.02 11.60
N ILE B 625 7.93 82.58 10.62
CA ILE B 625 7.47 81.53 9.71
C ILE B 625 7.59 80.15 10.36
N VAL B 626 8.66 79.91 11.12
CA VAL B 626 8.81 78.60 11.77
C VAL B 626 7.74 78.42 12.85
N ALA B 627 7.34 79.51 13.52
CA ALA B 627 6.26 79.42 14.49
C ALA B 627 4.94 79.04 13.84
N ALA B 628 4.77 79.32 12.54
CA ALA B 628 3.61 78.84 11.81
C ALA B 628 3.79 77.40 11.36
N ASN B 629 5.02 76.98 11.11
CA ASN B 629 5.30 75.59 10.73
C ASN B 629 5.33 74.65 11.93
N ALA B 630 5.15 75.17 13.15
CA ALA B 630 4.95 74.30 14.29
C ALA B 630 3.53 73.73 14.32
N THR B 631 2.55 74.56 13.97
CA THR B 631 1.14 74.18 13.99
C THR B 631 0.63 73.80 12.60
N ARG B 632 1.46 73.17 11.79
CA ARG B 632 1.07 72.73 10.46
C ARG B 632 1.51 71.29 10.26
N THR B 633 0.62 70.47 9.69
CA THR B 633 0.94 69.11 9.31
C THR B 633 1.35 68.98 7.85
N PHE B 634 1.07 69.99 7.03
CA PHE B 634 1.67 70.12 5.70
C PHE B 634 2.69 71.25 5.79
N LYS B 635 3.96 70.88 5.83
CA LYS B 635 5.03 71.82 6.15
C LYS B 635 5.41 72.63 4.92
N TYR B 636 5.62 73.93 5.12
CA TYR B 636 6.05 74.82 4.05
C TYR B 636 7.39 75.43 4.44
N THR B 637 8.47 74.87 3.88
CA THR B 637 9.83 75.27 4.20
C THR B 637 10.50 76.03 3.06
N TYR B 638 9.73 76.47 2.07
CA TYR B 638 10.29 77.12 0.88
C TYR B 638 10.29 78.64 1.00
N MET B 639 9.74 79.20 2.07
CA MET B 639 9.82 80.62 2.36
C MET B 639 10.67 80.91 3.58
N ILE B 640 11.35 79.90 4.11
CA ILE B 640 12.31 80.10 5.21
C ILE B 640 13.49 80.85 4.64
N PRO B 641 13.79 82.06 5.14
CA PRO B 641 14.89 82.85 4.55
C PRO B 641 16.24 82.14 4.57
N SER B 642 16.50 81.31 5.58
CA SER B 642 17.80 80.65 5.68
C SER B 642 18.04 79.65 4.56
N THR B 643 16.99 79.11 3.95
CA THR B 643 17.12 78.13 2.88
C THR B 643 16.87 78.71 1.49
N ILE B 644 16.33 79.92 1.41
CA ILE B 644 16.05 80.51 0.09
C ILE B 644 17.36 80.83 -0.61
N PRO B 645 17.51 80.50 -1.89
CA PRO B 645 18.68 80.95 -2.65
C PRO B 645 18.56 82.41 -3.05
N MET B 646 19.71 83.00 -3.39
CA MET B 646 19.73 84.33 -3.97
C MET B 646 19.42 84.33 -5.46
N SER B 647 19.50 83.18 -6.12
CA SER B 647 19.50 83.15 -7.57
C SER B 647 18.81 81.87 -8.04
N ILE B 648 18.68 81.76 -9.37
CA ILE B 648 18.14 80.57 -10.00
C ILE B 648 19.35 79.77 -10.49
N ASN B 649 19.81 78.84 -9.66
CA ASN B 649 21.04 78.10 -9.94
C ASN B 649 20.80 76.66 -10.39
N ILE B 650 19.70 76.03 -9.99
CA ILE B 650 19.21 74.84 -10.66
C ILE B 650 17.70 74.89 -10.67
N ASN C 3 -20.66 -8.02 70.28
CA ASN C 3 -20.92 -6.60 70.08
C ASN C 3 -22.40 -6.36 69.83
N ILE C 4 -22.89 -5.17 70.14
CA ILE C 4 -24.29 -4.83 69.99
C ILE C 4 -24.43 -3.59 69.13
N PRO C 5 -25.22 -3.62 68.06
CA PRO C 5 -25.30 -2.47 67.16
C PRO C 5 -25.98 -1.27 67.82
N THR C 6 -25.62 -0.08 67.34
CA THR C 6 -26.10 1.16 67.93
C THR C 6 -26.36 2.19 66.84
N LEU C 7 -27.39 3.02 67.06
CA LEU C 7 -27.58 4.20 66.23
C LEU C 7 -26.47 5.21 66.54
N PRO C 8 -26.13 6.07 65.57
CA PRO C 8 -24.96 6.95 65.78
C PRO C 8 -25.13 7.95 66.91
N GLN C 9 -26.33 8.52 67.10
CA GLN C 9 -26.49 9.55 68.12
C GLN C 9 -26.28 9.00 69.52
N ASN C 10 -26.50 7.70 69.72
CA ASN C 10 -26.31 7.07 71.01
C ASN C 10 -24.95 6.40 71.15
N ASP C 11 -24.14 6.41 70.11
CA ASP C 11 -22.91 5.64 70.11
C ASP C 11 -21.93 6.19 71.13
N PRO C 12 -21.31 5.34 71.97
CA PRO C 12 -20.38 5.84 72.98
C PRO C 12 -18.98 6.13 72.45
N ARG C 13 -18.63 5.61 71.27
CA ARG C 13 -17.33 5.85 70.66
C ARG C 13 -17.56 6.43 69.26
N PRO C 14 -18.03 7.68 69.17
CA PRO C 14 -18.56 8.19 67.89
C PRO C 14 -17.51 8.64 66.89
N GLU C 15 -16.34 9.08 67.34
CA GLU C 15 -15.33 9.54 66.39
C GLU C 15 -14.66 8.37 65.68
N GLN C 16 -14.41 7.27 66.40
CA GLN C 16 -13.98 6.04 65.76
C GLN C 16 -15.00 5.54 64.74
N ARG C 17 -16.28 5.75 65.02
CA ARG C 17 -17.34 5.39 64.07
C ARG C 17 -17.24 6.22 62.80
N ALA C 18 -16.82 7.49 62.90
CA ALA C 18 -16.74 8.34 61.71
C ALA C 18 -15.56 7.97 60.84
N GLN C 19 -14.42 7.61 61.45
CA GLN C 19 -13.25 7.25 60.67
C GLN C 19 -13.47 5.97 59.88
N GLN C 20 -14.26 5.04 60.41
CA GLN C 20 -14.60 3.84 59.65
C GLN C 20 -15.42 4.19 58.42
N LEU C 21 -16.37 5.12 58.56
CA LEU C 21 -17.15 5.55 57.40
C LEU C 21 -16.31 6.34 56.41
N ASP C 22 -15.28 7.05 56.89
CA ASP C 22 -14.36 7.71 55.98
C ASP C 22 -13.51 6.70 55.23
N LYS C 23 -13.11 5.62 55.88
CA LYS C 23 -12.38 4.55 55.20
C LYS C 23 -13.29 3.70 54.33
N ALA C 24 -14.55 3.49 54.77
CA ALA C 24 -15.48 2.73 53.95
C ALA C 24 -15.78 3.46 52.65
N ARG C 25 -15.83 4.79 52.68
CA ARG C 25 -16.07 5.56 51.46
C ARG C 25 -14.86 5.57 50.53
N GLU C 26 -13.66 5.18 51.00
CA GLU C 26 -12.56 4.95 50.09
C GLU C 26 -12.74 3.65 49.31
N THR C 27 -13.16 2.59 50.00
CA THR C 27 -13.28 1.28 49.36
C THR C 27 -14.45 1.24 48.38
N TYR C 28 -15.55 1.92 48.71
CA TYR C 28 -16.77 1.87 47.91
C TYR C 28 -16.98 3.23 47.25
N LYS C 29 -16.27 3.46 46.15
CA LYS C 29 -16.39 4.65 45.35
C LYS C 29 -17.45 4.46 44.26
N TYR C 30 -17.84 5.57 43.64
CA TYR C 30 -18.86 5.56 42.60
C TYR C 30 -18.23 5.60 41.21
N ALA C 31 -18.95 5.05 40.24
CA ALA C 31 -18.49 4.99 38.86
C ALA C 31 -19.68 5.12 37.93
N ASP C 32 -19.39 5.41 36.66
CA ASP C 32 -20.42 5.57 35.65
C ASP C 32 -20.43 4.41 34.67
N LEU C 33 -20.43 3.18 35.21
CA LEU C 33 -20.45 2.01 34.35
C LEU C 33 -21.73 1.94 33.52
N LEU C 34 -22.82 2.53 34.03
CA LEU C 34 -24.05 2.66 33.27
C LEU C 34 -24.62 4.04 33.56
N PRO C 35 -24.99 4.80 32.52
CA PRO C 35 -25.44 6.19 32.70
C PRO C 35 -26.74 6.27 33.50
N PRO C 36 -27.21 7.52 33.85
CA PRO C 36 -28.08 7.70 35.02
C PRO C 36 -28.14 6.63 36.10
N LEU C 37 -27.03 5.93 36.36
CA LEU C 37 -26.97 4.96 37.44
C LEU C 37 -25.69 5.15 38.24
N ALA C 38 -25.72 4.66 39.47
CA ALA C 38 -24.60 4.74 40.40
C ALA C 38 -23.99 3.36 40.55
N PHE C 39 -22.79 3.17 40.03
CA PHE C 39 -22.10 1.90 40.05
C PHE C 39 -20.91 1.96 41.01
N CYS C 40 -20.25 0.83 41.17
CA CYS C 40 -19.04 0.75 41.97
C CYS C 40 -17.82 0.63 41.07
N GLU C 41 -16.72 1.23 41.49
CA GLU C 41 -15.47 1.19 40.75
C GLU C 41 -14.89 -0.21 40.82
N GLY C 42 -15.09 -1.00 39.77
CA GLY C 42 -14.65 -2.38 39.80
C GLY C 42 -15.47 -3.18 40.80
N VAL C 43 -14.80 -4.13 41.46
CA VAL C 43 -15.40 -4.91 42.53
C VAL C 43 -14.51 -4.81 43.77
N PRO C 44 -14.94 -4.11 44.82
CA PRO C 44 -14.09 -3.96 46.00
C PRO C 44 -13.74 -5.31 46.61
N LYS C 45 -12.53 -5.40 47.13
CA LYS C 45 -12.01 -6.66 47.63
C LYS C 45 -12.92 -7.35 48.65
N PRO C 46 -13.52 -6.66 49.63
CA PRO C 46 -14.43 -7.36 50.55
C PRO C 46 -15.62 -8.01 49.86
N ASP C 47 -16.09 -7.44 48.74
CA ASP C 47 -17.26 -7.95 48.04
C ASP C 47 -16.91 -8.87 46.89
N THR C 48 -15.68 -9.39 46.84
CA THR C 48 -15.34 -10.39 45.84
C THR C 48 -16.08 -11.69 46.17
N PRO C 49 -16.38 -12.52 45.17
CA PRO C 49 -17.12 -13.75 45.43
C PRO C 49 -16.42 -14.65 46.42
N SER C 50 -17.21 -15.32 47.25
CA SER C 50 -16.67 -16.27 48.21
C SER C 50 -16.30 -17.57 47.51
N ALA C 51 -15.43 -18.34 48.17
CA ALA C 51 -14.99 -19.62 47.60
C ALA C 51 -16.15 -20.58 47.45
N ALA C 52 -17.18 -20.47 48.29
CA ALA C 52 -18.35 -21.32 48.13
C ALA C 52 -19.17 -20.90 46.92
N TRP C 53 -19.29 -19.60 46.67
CA TRP C 53 -19.99 -19.14 45.47
C TRP C 53 -19.23 -19.53 44.21
N LEU C 54 -17.90 -19.45 44.24
CA LEU C 54 -17.11 -19.83 43.08
C LEU C 54 -17.24 -21.32 42.80
N VAL C 55 -17.22 -22.15 43.84
CA VAL C 55 -17.30 -23.60 43.65
C VAL C 55 -18.66 -24.00 43.11
N THR C 56 -19.73 -23.49 43.72
CA THR C 56 -21.07 -23.86 43.30
C THR C 56 -21.32 -23.48 41.84
N VAL C 57 -20.76 -22.35 41.41
CA VAL C 57 -20.92 -21.93 40.03
C VAL C 57 -20.07 -22.80 39.11
N GLY C 58 -18.80 -23.01 39.47
CA GLY C 58 -17.90 -23.75 38.61
C GLY C 58 -18.40 -25.14 38.26
N LYS C 59 -19.11 -25.76 39.21
CA LYS C 59 -19.78 -27.03 38.91
C LYS C 59 -20.72 -26.89 37.73
N VAL C 60 -21.48 -25.80 37.69
CA VAL C 60 -22.41 -25.56 36.58
C VAL C 60 -21.65 -25.09 35.35
N ALA C 61 -20.66 -24.23 35.54
CA ALA C 61 -19.87 -23.74 34.40
C ALA C 61 -19.21 -24.89 33.64
N ALA C 62 -18.83 -25.96 34.34
CA ALA C 62 -18.28 -27.12 33.67
C ALA C 62 -19.34 -27.85 32.87
N ALA C 63 -20.55 -27.96 33.41
CA ALA C 63 -21.63 -28.66 32.71
C ALA C 63 -21.97 -27.96 31.40
N VAL C 64 -22.05 -26.63 31.43
CA VAL C 64 -22.29 -25.88 30.21
C VAL C 64 -21.13 -26.06 29.23
N ALA C 65 -19.91 -26.11 29.76
CA ALA C 65 -18.74 -26.32 28.92
C ALA C 65 -18.78 -27.70 28.26
N LEU C 66 -18.98 -28.75 29.06
CA LEU C 66 -19.03 -30.11 28.50
C LEU C 66 -20.16 -30.25 27.49
N ASN C 67 -21.31 -29.62 27.76
CA ASN C 67 -22.42 -29.67 26.81
C ASN C 67 -22.03 -29.02 25.49
N ALA C 68 -21.26 -27.94 25.54
CA ALA C 68 -20.81 -27.29 24.31
C ALA C 68 -19.91 -28.21 23.50
N VAL C 69 -18.98 -28.89 24.17
CA VAL C 69 -18.06 -29.79 23.48
C VAL C 69 -18.82 -30.95 22.85
N ALA C 70 -19.72 -31.56 23.61
CA ALA C 70 -20.46 -32.71 23.11
C ALA C 70 -21.33 -32.35 21.92
N ASN C 71 -21.92 -31.14 21.94
CA ASN C 71 -22.67 -30.68 20.78
C ASN C 71 -21.77 -30.54 19.57
N ARG C 72 -20.54 -30.06 19.77
CA ARG C 72 -19.58 -29.98 18.68
C ARG C 72 -19.13 -31.38 18.24
N ARG C 73 -19.10 -32.33 19.18
CA ARG C 73 -18.73 -33.70 18.83
C ARG C 73 -19.74 -34.30 17.87
N ALA C 74 -21.03 -34.22 18.21
CA ALA C 74 -22.07 -34.72 17.32
C ALA C 74 -22.07 -33.98 15.99
N TRP C 75 -21.97 -32.65 16.05
CA TRP C 75 -21.90 -31.83 14.84
C TRP C 75 -20.58 -32.08 14.11
N LYS C 76 -20.59 -33.02 13.17
CA LYS C 76 -19.39 -33.44 12.43
C LYS C 76 -18.32 -34.00 13.37
N PHE C 87 -9.85 -36.44 19.39
CA PHE C 87 -8.64 -35.81 19.90
C PHE C 87 -8.81 -34.31 20.02
N ASP C 88 -9.29 -33.68 18.94
CA ASP C 88 -9.57 -32.25 18.97
C ASP C 88 -10.60 -31.91 20.05
N VAL C 89 -11.75 -32.57 20.02
CA VAL C 89 -12.74 -32.42 21.07
C VAL C 89 -12.57 -33.46 22.17
N GLY C 90 -11.59 -34.35 22.05
CA GLY C 90 -11.26 -35.26 23.12
C GLY C 90 -10.40 -34.57 24.17
N GLY C 91 -9.39 -33.84 23.71
CA GLY C 91 -8.56 -33.07 24.62
C GLY C 91 -9.31 -31.92 25.27
N THR C 92 -10.29 -31.36 24.55
CA THR C 92 -11.10 -30.29 25.13
C THR C 92 -12.04 -30.83 26.21
N SER C 93 -12.52 -32.06 26.06
CA SER C 93 -13.46 -32.62 27.04
C SER C 93 -12.78 -33.00 28.34
N GLU C 94 -11.50 -33.34 28.30
CA GLU C 94 -10.83 -33.88 29.47
C GLU C 94 -10.12 -32.84 30.31
N GLU C 95 -9.83 -31.66 29.77
CA GLU C 95 -9.36 -30.57 30.62
C GLU C 95 -10.48 -30.01 31.47
N ASP C 96 -11.70 -30.00 30.93
CA ASP C 96 -12.86 -29.56 31.71
C ASP C 96 -13.25 -30.61 32.74
N GLN C 97 -13.22 -31.89 32.36
CA GLN C 97 -13.41 -32.95 33.34
C GLN C 97 -12.34 -32.90 34.43
N ASN C 98 -11.16 -32.37 34.10
CA ASN C 98 -10.13 -32.17 35.12
C ASN C 98 -10.51 -31.04 36.06
N GLU C 99 -11.05 -29.95 35.53
CA GLU C 99 -11.35 -28.79 36.37
C GLU C 99 -12.47 -29.09 37.36
N ALA C 100 -13.41 -29.97 36.99
CA ALA C 100 -14.38 -30.43 37.97
C ALA C 100 -13.74 -31.27 39.06
N GLY C 101 -12.63 -31.95 38.74
CA GLY C 101 -11.85 -32.63 39.76
C GLY C 101 -11.01 -31.66 40.55
N HIS C 102 -10.55 -30.59 39.90
CA HIS C 102 -9.88 -29.50 40.60
C HIS C 102 -10.77 -28.98 41.72
N ASN C 103 -12.00 -28.58 41.39
CA ASN C 103 -12.89 -28.00 42.38
C ASN C 103 -13.21 -28.99 43.48
N SER C 104 -13.63 -30.21 43.12
CA SER C 104 -14.12 -31.16 44.11
C SER C 104 -13.05 -31.56 45.12
N PHE C 105 -11.78 -31.44 44.78
CA PHE C 105 -10.70 -31.78 45.69
C PHE C 105 -9.89 -30.57 46.13
N LEU C 106 -9.33 -29.80 45.18
CA LEU C 106 -8.45 -28.70 45.55
C LEU C 106 -9.19 -27.63 46.35
N ALA C 107 -10.48 -27.44 46.09
CA ALA C 107 -11.22 -26.36 46.75
C ALA C 107 -11.68 -26.73 48.15
N ARG C 108 -11.68 -28.02 48.50
CA ARG C 108 -11.96 -28.40 49.87
C ARG C 108 -10.80 -28.07 50.81
N LEU C 109 -9.65 -27.64 50.27
CA LEU C 109 -8.52 -27.21 51.07
C LEU C 109 -8.80 -25.93 51.85
N GLU C 110 -9.90 -25.25 51.59
CA GLU C 110 -10.21 -24.00 52.25
C GLU C 110 -10.36 -24.20 53.75
N PRO C 125 -6.46 -18.74 42.49
CA PRO C 125 -5.92 -20.07 42.19
C PRO C 125 -6.76 -20.81 41.15
N SER C 126 -6.95 -22.12 41.35
CA SER C 126 -7.85 -22.88 40.49
C SER C 126 -9.27 -22.35 40.57
N VAL C 127 -9.64 -21.73 41.69
CA VAL C 127 -10.98 -21.19 41.86
C VAL C 127 -11.13 -19.87 41.11
N LEU C 128 -10.30 -18.89 41.46
CA LEU C 128 -10.53 -17.50 41.07
C LEU C 128 -10.62 -17.33 39.56
N ASP C 129 -9.52 -17.65 38.86
CA ASP C 129 -9.45 -17.38 37.42
C ASP C 129 -10.54 -18.16 36.67
N GLU C 130 -10.49 -19.49 36.75
CA GLU C 130 -11.29 -20.34 35.86
C GLU C 130 -12.77 -20.01 35.98
N VAL C 131 -13.31 -19.98 37.19
CA VAL C 131 -14.74 -19.76 37.38
C VAL C 131 -15.14 -18.39 36.86
N ASN C 132 -14.47 -17.34 37.36
CA ASN C 132 -14.76 -15.99 36.88
C ASN C 132 -14.60 -15.89 35.38
N GLU C 133 -13.56 -16.52 34.83
CA GLU C 133 -13.32 -16.46 33.38
C GLU C 133 -14.39 -17.23 32.62
N ARG C 134 -14.63 -18.49 33.03
CA ARG C 134 -15.66 -19.29 32.36
C ARG C 134 -17.01 -18.62 32.44
N VAL C 135 -17.30 -17.94 33.56
CA VAL C 135 -18.54 -17.19 33.68
C VAL C 135 -18.58 -16.04 32.66
N ALA C 136 -17.49 -15.29 32.57
CA ALA C 136 -17.45 -14.15 31.66
C ALA C 136 -17.60 -14.59 30.21
N ALA C 137 -16.92 -15.67 29.82
CA ALA C 137 -16.99 -16.13 28.44
C ALA C 137 -18.41 -16.51 28.05
N ILE C 138 -19.14 -17.14 28.97
CA ILE C 138 -20.52 -17.53 28.68
C ILE C 138 -21.43 -16.31 28.66
N LEU C 139 -21.26 -15.40 29.61
CA LEU C 139 -22.08 -14.19 29.64
C LEU C 139 -21.75 -13.26 28.48
N GLY C 140 -20.46 -13.06 28.21
CA GLY C 140 -20.04 -12.25 27.10
C GLY C 140 -20.21 -12.88 25.74
N ALA C 141 -20.78 -14.09 25.67
CA ALA C 141 -20.97 -14.80 24.41
C ALA C 141 -19.65 -14.98 23.67
N LYS C 142 -18.58 -15.19 24.43
CA LYS C 142 -17.25 -15.29 23.85
C LYS C 142 -17.15 -16.52 22.95
N PRO C 143 -16.27 -16.48 21.95
CA PRO C 143 -15.83 -17.72 21.30
C PRO C 143 -14.87 -18.46 22.22
N ASN C 144 -14.23 -19.52 21.71
CA ASN C 144 -13.27 -20.34 22.45
C ASN C 144 -13.72 -20.62 23.89
N ARG C 145 -15.02 -20.81 24.09
CA ARG C 145 -15.54 -21.27 25.38
C ARG C 145 -15.26 -22.74 25.61
N HIS C 146 -14.60 -23.41 24.66
CA HIS C 146 -14.44 -24.87 24.73
C HIS C 146 -13.50 -25.26 25.86
N VAL C 147 -12.33 -24.66 25.93
CA VAL C 147 -11.39 -24.97 27.00
C VAL C 147 -10.72 -23.72 27.55
N PRO C 148 -10.48 -23.64 28.86
CA PRO C 148 -9.63 -22.60 29.42
C PRO C 148 -8.25 -23.17 29.70
N PRO C 149 -7.23 -22.30 30.01
CA PRO C 149 -5.82 -22.72 29.88
C PRO C 149 -5.53 -23.91 28.96
N ALA C 150 -5.80 -23.74 27.68
CA ALA C 150 -5.49 -24.75 26.68
C ALA C 150 -4.87 -24.09 25.44
N ASN C 173 -16.89 -14.62 11.60
CA ASN C 173 -17.66 -15.79 11.21
C ASN C 173 -18.13 -16.60 12.41
N VAL C 174 -18.46 -17.86 12.18
CA VAL C 174 -18.93 -18.77 13.22
C VAL C 174 -18.34 -20.15 12.95
N SER C 175 -18.04 -20.88 14.03
CA SER C 175 -17.36 -22.16 13.90
C SER C 175 -18.28 -23.21 13.27
N LYS C 176 -17.78 -23.88 12.23
CA LYS C 176 -18.51 -24.95 11.58
C LYS C 176 -18.23 -26.31 12.20
N ASP C 177 -17.51 -26.35 13.32
CA ASP C 177 -17.33 -27.59 14.06
C ASP C 177 -18.42 -27.80 15.10
N GLY C 178 -19.10 -26.74 15.52
CA GLY C 178 -20.21 -26.84 16.43
C GLY C 178 -21.50 -26.36 15.80
N PRO C 179 -22.60 -26.48 16.52
CA PRO C 179 -23.90 -26.05 15.97
C PRO C 179 -23.88 -24.60 15.51
N ASN C 180 -24.31 -24.39 14.28
CA ASN C 180 -24.35 -23.06 13.69
C ASN C 180 -25.31 -23.06 12.52
N GLY C 181 -25.92 -21.90 12.27
CA GLY C 181 -26.79 -21.75 11.11
C GLY C 181 -28.24 -22.06 11.43
N ARG C 182 -29.03 -22.29 10.32
CA ARG C 182 -30.46 -22.53 10.40
C ARG C 182 -30.74 -24.01 10.67
N PRO C 183 -31.88 -24.32 11.30
CA PRO C 183 -32.18 -25.70 11.64
C PRO C 183 -32.79 -26.49 10.49
N GLN C 184 -32.54 -27.80 10.51
CA GLN C 184 -33.19 -28.68 9.55
C GLN C 184 -34.54 -29.16 10.07
N SER C 185 -34.69 -29.21 11.39
CA SER C 185 -35.91 -29.67 12.03
C SER C 185 -35.95 -29.09 13.43
N MET C 186 -37.16 -29.04 14.00
CA MET C 186 -37.31 -28.57 15.37
C MET C 186 -36.53 -29.42 16.35
N ASP C 187 -36.14 -30.64 15.96
CA ASP C 187 -35.36 -31.51 16.82
C ASP C 187 -34.05 -30.87 17.24
N ASP C 188 -33.46 -30.05 16.36
CA ASP C 188 -32.11 -29.55 16.60
C ASP C 188 -32.04 -28.71 17.87
N TYR C 189 -33.14 -28.06 18.25
CA TYR C 189 -33.14 -27.26 19.47
C TYR C 189 -33.23 -28.14 20.72
N ALA C 190 -33.98 -29.23 20.65
CA ALA C 190 -34.02 -30.17 21.77
C ALA C 190 -32.71 -30.93 21.90
N ASN C 191 -31.99 -31.13 20.80
CA ASN C 191 -30.74 -31.90 20.83
C ASN C 191 -29.56 -31.10 21.34
N LEU C 192 -29.68 -29.76 21.44
CA LEU C 192 -28.60 -28.96 22.01
C LEU C 192 -28.43 -29.21 23.50
N PHE C 193 -29.42 -29.81 24.16
CA PHE C 193 -29.32 -30.21 25.55
C PHE C 193 -28.76 -31.63 25.58
N ARG C 194 -27.45 -31.75 25.80
CA ARG C 194 -26.78 -33.04 25.74
C ARG C 194 -26.20 -33.44 27.09
N ARG C 195 -25.28 -32.66 27.65
CA ARG C 195 -24.80 -32.88 29.01
C ARG C 195 -25.62 -32.13 30.05
N ILE C 196 -26.51 -31.25 29.61
CA ILE C 196 -27.48 -30.60 30.47
C ILE C 196 -28.87 -31.10 30.09
N THR C 197 -29.77 -31.13 31.07
CA THR C 197 -31.06 -31.77 30.87
C THR C 197 -32.05 -30.83 30.20
N LEU C 198 -32.80 -31.37 29.25
CA LEU C 198 -33.87 -30.62 28.59
C LEU C 198 -34.96 -30.26 29.60
N PRO C 199 -35.51 -29.06 29.53
CA PRO C 199 -36.57 -28.67 30.47
C PRO C 199 -37.91 -29.28 30.07
N PRO C 200 -38.82 -29.45 31.02
CA PRO C 200 -40.14 -30.02 30.67
C PRO C 200 -40.99 -29.09 29.83
N ILE C 201 -40.75 -27.77 29.92
CA ILE C 201 -41.50 -26.81 29.12
C ILE C 201 -41.27 -27.03 27.63
N ALA C 202 -40.18 -27.71 27.26
CA ALA C 202 -39.95 -28.05 25.86
C ALA C 202 -41.05 -28.95 25.30
N SER C 203 -41.58 -29.84 26.13
CA SER C 203 -42.65 -30.75 25.73
C SER C 203 -44.04 -30.22 26.08
N THR C 204 -44.12 -29.04 26.71
CA THR C 204 -45.37 -28.47 27.17
C THR C 204 -45.76 -27.19 26.45
N TRP C 205 -44.81 -26.50 25.81
CA TRP C 205 -44.95 -25.07 25.56
C TRP C 205 -46.06 -24.73 24.59
N LYS C 206 -46.42 -25.64 23.68
CA LYS C 206 -47.47 -25.32 22.71
C LYS C 206 -48.85 -25.23 23.36
N ASN C 207 -49.03 -25.83 24.53
CA ASN C 207 -50.35 -25.85 25.16
C ASN C 207 -50.78 -24.47 25.62
N ASP C 208 -52.06 -24.16 25.43
CA ASP C 208 -52.61 -22.90 25.93
C ASP C 208 -52.53 -22.84 27.45
N SER C 209 -52.71 -23.98 28.12
CA SER C 209 -52.58 -24.00 29.57
C SER C 209 -51.18 -23.62 30.02
N ALA C 210 -50.17 -23.90 29.17
CA ALA C 210 -48.80 -23.50 29.49
C ALA C 210 -48.53 -22.04 29.14
N PHE C 211 -49.17 -21.52 28.09
CA PHE C 211 -49.05 -20.11 27.77
C PHE C 211 -49.54 -19.24 28.92
N ALA C 212 -50.79 -19.49 29.38
CA ALA C 212 -51.33 -18.70 30.48
C ALA C 212 -50.61 -18.99 31.79
N ALA C 213 -50.10 -20.22 31.96
CA ALA C 213 -49.39 -20.54 33.19
C ALA C 213 -48.15 -19.67 33.37
N TYR C 214 -47.61 -19.16 32.25
CA TYR C 214 -46.47 -18.26 32.33
C TYR C 214 -46.81 -16.94 33.02
N ARG C 215 -48.05 -16.49 32.91
CA ARG C 215 -48.43 -15.21 33.46
C ARG C 215 -48.73 -15.28 34.95
N VAL C 216 -49.14 -16.46 35.44
CA VAL C 216 -49.38 -16.64 36.86
C VAL C 216 -48.21 -17.32 37.57
N ALA C 217 -47.32 -18.00 36.82
CA ALA C 217 -46.27 -18.76 37.47
C ALA C 217 -44.96 -18.79 36.67
N GLY C 218 -44.75 -17.86 35.75
CA GLY C 218 -43.56 -17.85 34.94
C GLY C 218 -42.51 -16.87 35.40
N PRO C 219 -41.61 -16.48 34.48
CA PRO C 219 -40.54 -15.55 34.88
C PRO C 219 -41.04 -14.16 35.17
N ASN C 220 -42.02 -13.67 34.41
CA ASN C 220 -42.70 -12.42 34.68
C ASN C 220 -44.14 -12.78 35.08
N ALA C 221 -44.32 -13.10 36.35
CA ALA C 221 -45.62 -13.48 36.88
C ALA C 221 -46.31 -12.33 37.60
N SER C 222 -45.97 -11.10 37.27
CA SER C 222 -46.43 -9.93 38.00
C SER C 222 -46.91 -8.83 37.06
N MET C 223 -47.49 -9.20 35.92
CA MET C 223 -47.85 -8.23 34.90
C MET C 223 -49.31 -8.25 34.47
N ILE C 224 -50.11 -9.21 34.92
CA ILE C 224 -51.50 -9.28 34.52
C ILE C 224 -52.31 -8.24 35.28
N GLN C 225 -53.14 -7.48 34.58
CA GLN C 225 -53.94 -6.42 35.15
C GLN C 225 -55.41 -6.68 34.85
N ARG C 226 -56.24 -6.70 35.90
CA ARG C 226 -57.67 -6.89 35.71
C ARG C 226 -58.28 -5.67 35.02
N ILE C 227 -59.17 -5.94 34.06
CA ILE C 227 -59.85 -4.90 33.30
C ILE C 227 -61.36 -5.07 33.46
N THR C 228 -62.06 -3.97 33.68
CA THR C 228 -63.51 -3.96 33.76
C THR C 228 -64.17 -3.58 32.45
N GLU C 229 -63.43 -2.95 31.53
CA GLU C 229 -63.87 -2.74 30.17
C GLU C 229 -62.66 -2.81 29.27
N LEU C 230 -62.86 -3.29 28.05
CA LEU C 230 -61.74 -3.47 27.13
C LEU C 230 -61.14 -2.13 26.75
N PRO C 231 -59.81 -2.03 26.67
CA PRO C 231 -59.19 -0.82 26.14
C PRO C 231 -59.61 -0.59 24.69
N ASP C 232 -59.53 0.67 24.27
CA ASP C 232 -60.06 1.04 22.96
C ASP C 232 -59.23 0.48 21.81
N ASN C 233 -57.96 0.15 22.04
CA ASN C 233 -57.09 -0.38 21.00
C ASN C 233 -57.02 -1.91 21.00
N PHE C 234 -57.82 -2.58 21.83
CA PHE C 234 -57.83 -4.04 21.93
C PHE C 234 -59.29 -4.48 22.09
N ALA C 235 -60.04 -4.42 20.99
CA ALA C 235 -61.46 -4.69 21.00
C ALA C 235 -61.70 -6.14 20.60
N VAL C 236 -61.47 -7.04 21.56
CA VAL C 236 -61.78 -8.45 21.33
C VAL C 236 -63.30 -8.62 21.34
N THR C 237 -63.80 -9.51 20.49
CA THR C 237 -65.22 -9.65 20.28
C THR C 237 -65.82 -10.67 21.25
N ASP C 238 -67.15 -10.68 21.32
CA ASP C 238 -67.83 -11.73 22.08
C ASP C 238 -67.65 -13.09 21.43
N ALA C 239 -67.51 -13.13 20.11
CA ALA C 239 -67.29 -14.39 19.42
C ALA C 239 -65.92 -14.97 19.75
N HIS C 240 -64.89 -14.12 19.72
CA HIS C 240 -63.56 -14.53 20.17
C HIS C 240 -63.63 -15.17 21.55
N TYR C 241 -64.41 -14.56 22.44
CA TYR C 241 -64.48 -15.02 23.83
C TYR C 241 -65.08 -16.43 23.89
N LYS C 242 -66.19 -16.66 23.18
CA LYS C 242 -66.86 -17.94 23.28
C LYS C 242 -66.02 -19.07 22.70
N GLN C 243 -65.10 -18.76 21.79
CA GLN C 243 -64.20 -19.79 21.27
C GLN C 243 -63.29 -20.31 22.37
N ALA C 244 -62.63 -19.40 23.09
CA ALA C 244 -61.71 -19.81 24.14
C ALA C 244 -62.43 -20.26 25.41
N MET C 245 -63.50 -19.57 25.80
CA MET C 245 -64.14 -19.80 27.08
C MET C 245 -65.42 -20.62 26.99
N GLY C 246 -65.82 -21.05 25.79
CA GLY C 246 -67.04 -21.81 25.63
C GLY C 246 -68.26 -20.93 25.44
N GLU C 247 -69.35 -21.57 25.03
CA GLU C 247 -70.60 -20.85 24.77
C GLU C 247 -71.41 -20.59 26.04
N GLY C 248 -71.07 -21.23 27.15
CA GLY C 248 -71.72 -20.94 28.41
C GLY C 248 -71.01 -19.84 29.17
N ASP C 249 -70.79 -18.71 28.50
CA ASP C 249 -70.06 -17.59 29.07
C ASP C 249 -70.19 -16.43 28.09
N SER C 250 -69.93 -15.22 28.58
CA SER C 250 -70.02 -14.02 27.75
C SER C 250 -68.87 -13.08 28.10
N LEU C 251 -68.43 -12.32 27.09
CA LEU C 251 -67.43 -11.29 27.33
C LEU C 251 -67.99 -10.21 28.27
N ASP C 252 -69.26 -9.85 28.08
CA ASP C 252 -69.91 -8.91 28.98
C ASP C 252 -70.16 -9.53 30.35
N ALA C 253 -70.19 -10.86 30.44
CA ALA C 253 -70.34 -11.52 31.74
C ALA C 253 -69.02 -11.66 32.48
N ALA C 254 -67.89 -11.63 31.77
CA ALA C 254 -66.59 -11.68 32.41
C ALA C 254 -66.08 -10.32 32.82
N LYS C 255 -66.53 -9.25 32.15
CA LYS C 255 -66.15 -7.90 32.54
C LYS C 255 -66.92 -7.40 33.75
N ALA C 256 -68.03 -8.05 34.10
CA ALA C 256 -68.83 -7.65 35.25
C ALA C 256 -68.40 -8.37 36.53
N GLU C 257 -68.13 -9.67 36.44
CA GLU C 257 -67.73 -10.47 37.58
C GLU C 257 -66.23 -10.41 37.84
N GLY C 258 -65.50 -9.55 37.14
CA GLY C 258 -64.07 -9.39 37.35
C GLY C 258 -63.26 -10.63 37.01
N ARG C 259 -63.51 -11.22 35.85
CA ARG C 259 -62.82 -12.43 35.43
C ARG C 259 -61.93 -12.22 34.21
N LEU C 260 -61.70 -10.97 33.81
CA LEU C 260 -60.83 -10.66 32.68
C LEU C 260 -59.52 -10.04 33.18
N PHE C 261 -58.41 -10.45 32.58
CA PHE C 261 -57.09 -9.98 32.98
C PHE C 261 -56.26 -9.69 31.74
N LEU C 262 -55.66 -8.50 31.70
CA LEU C 262 -54.96 -8.00 30.52
C LEU C 262 -53.46 -7.94 30.81
N ALA C 263 -52.67 -8.47 29.87
CA ALA C 263 -51.22 -8.33 29.88
C ALA C 263 -50.82 -7.52 28.66
N ASP C 264 -50.24 -6.35 28.90
CA ASP C 264 -49.92 -5.39 27.84
C ASP C 264 -48.44 -5.06 27.91
N TRP C 265 -47.71 -5.32 26.82
CA TRP C 265 -46.28 -5.05 26.71
C TRP C 265 -46.00 -3.73 26.00
N LYS C 266 -46.77 -2.68 26.28
CA LYS C 266 -46.59 -1.42 25.58
C LYS C 266 -45.17 -0.87 25.74
N LEU C 267 -44.53 -1.11 26.89
CA LEU C 267 -43.21 -0.56 27.13
C LEU C 267 -42.19 -1.07 26.13
N ILE C 268 -42.40 -2.29 25.59
CA ILE C 268 -41.46 -2.84 24.62
C ILE C 268 -41.40 -1.96 23.38
N GLY C 269 -42.55 -1.45 22.94
CA GLY C 269 -42.57 -0.69 21.69
C GLY C 269 -41.95 0.68 21.81
N GLU C 270 -42.11 1.32 22.97
CA GLU C 270 -41.65 2.70 23.15
C GLU C 270 -40.15 2.80 23.41
N THR C 271 -39.43 1.70 23.42
CA THR C 271 -38.00 1.73 23.76
C THR C 271 -37.12 0.96 22.79
N LEU C 272 -37.55 -0.22 22.35
CA LEU C 272 -36.66 -1.13 21.64
C LEU C 272 -36.54 -0.78 20.16
N VAL C 273 -35.40 -1.13 19.58
CA VAL C 273 -35.12 -0.92 18.17
C VAL C 273 -34.65 -2.25 17.59
N ASN C 274 -35.40 -2.76 16.61
CA ASN C 274 -35.08 -4.05 16.00
C ASN C 274 -33.73 -4.00 15.31
N ASN C 275 -32.85 -4.95 15.67
CA ASN C 275 -31.51 -5.04 15.11
C ASN C 275 -31.44 -6.22 14.15
N THR C 276 -30.22 -6.62 13.79
CA THR C 276 -29.99 -7.72 12.86
C THR C 276 -28.75 -8.49 13.31
N TYR C 277 -28.86 -9.82 13.37
CA TYR C 277 -27.73 -10.68 13.69
C TYR C 277 -27.23 -11.29 12.38
N LYS C 278 -26.05 -10.85 11.95
CA LYS C 278 -25.43 -11.32 10.71
C LYS C 278 -26.37 -11.16 9.53
N GLY C 279 -27.06 -10.02 9.47
CA GLY C 279 -27.91 -9.68 8.36
C GLY C 279 -29.37 -10.05 8.52
N ALA C 280 -29.67 -11.05 9.36
CA ALA C 280 -31.04 -11.53 9.51
C ALA C 280 -31.83 -10.65 10.48
N GLN C 281 -33.07 -10.34 10.10
CA GLN C 281 -33.90 -9.42 10.85
C GLN C 281 -34.47 -10.13 12.07
N LYS C 282 -33.97 -9.76 13.25
CA LYS C 282 -34.61 -10.14 14.51
C LYS C 282 -35.71 -9.14 14.83
N THR C 283 -36.86 -9.64 15.27
CA THR C 283 -38.02 -8.80 15.46
C THR C 283 -38.63 -9.06 16.84
N VAL C 284 -39.35 -8.05 17.34
CA VAL C 284 -40.09 -8.15 18.59
C VAL C 284 -41.23 -7.14 18.53
N TYR C 285 -42.37 -7.53 19.08
CA TYR C 285 -43.59 -6.72 19.06
C TYR C 285 -43.88 -6.16 20.46
N ALA C 286 -44.94 -5.37 20.54
CA ALA C 286 -45.50 -4.88 21.81
C ALA C 286 -46.92 -5.43 21.90
N PRO C 287 -47.08 -6.70 22.27
CA PRO C 287 -48.39 -7.36 22.16
C PRO C 287 -49.34 -6.92 23.28
N LEU C 288 -50.58 -7.37 23.14
CA LEU C 288 -51.59 -7.33 24.19
C LEU C 288 -52.27 -8.69 24.22
N ALA C 289 -52.26 -9.33 25.38
CA ALA C 289 -52.85 -10.65 25.55
C ALA C 289 -54.01 -10.56 26.54
N LEU C 290 -55.16 -11.10 26.14
CA LEU C 290 -56.33 -11.14 27.01
C LEU C 290 -56.46 -12.54 27.60
N PHE C 291 -56.71 -12.60 28.91
CA PHE C 291 -56.93 -13.85 29.60
C PHE C 291 -58.23 -13.78 30.37
N ALA C 292 -58.82 -14.95 30.61
CA ALA C 292 -60.03 -15.05 31.40
C ALA C 292 -59.95 -16.29 32.27
N VAL C 293 -60.77 -16.32 33.32
CA VAL C 293 -60.92 -17.51 34.16
C VAL C 293 -62.36 -17.98 34.02
N PRO C 294 -62.61 -19.29 34.09
CA PRO C 294 -63.98 -19.80 33.91
C PRO C 294 -64.89 -19.30 35.01
N PRO C 295 -66.21 -19.44 34.85
CA PRO C 295 -67.13 -19.03 35.91
C PRO C 295 -66.86 -19.80 37.20
N GLY C 296 -67.03 -19.10 38.33
CA GLY C 296 -66.74 -19.68 39.62
C GLY C 296 -65.27 -19.73 39.99
N GLY C 297 -64.39 -19.29 39.10
CA GLY C 297 -62.97 -19.24 39.40
C GLY C 297 -62.23 -20.44 38.85
N GLY C 298 -60.92 -20.27 38.68
CA GLY C 298 -60.09 -21.34 38.17
C GLY C 298 -58.74 -20.80 37.72
N SER C 299 -58.08 -21.59 36.88
CA SER C 299 -56.79 -21.19 36.32
C SER C 299 -56.98 -20.18 35.20
N LEU C 300 -55.92 -19.43 34.92
CA LEU C 300 -55.93 -18.48 33.82
C LEU C 300 -55.96 -19.22 32.49
N ALA C 301 -56.49 -18.55 31.45
CA ALA C 301 -56.59 -19.18 30.15
C ALA C 301 -56.61 -18.11 29.07
N PRO C 302 -55.92 -18.30 27.95
CA PRO C 302 -55.86 -17.25 26.93
C PRO C 302 -57.14 -17.16 26.12
N VAL C 303 -57.44 -15.92 25.68
CA VAL C 303 -58.62 -15.63 24.87
C VAL C 303 -58.24 -15.09 23.50
N ALA C 304 -57.42 -14.04 23.47
CA ALA C 304 -57.03 -13.42 22.22
C ALA C 304 -55.70 -12.70 22.41
N ILE C 305 -55.04 -12.41 21.29
CA ILE C 305 -53.77 -11.70 21.28
C ILE C 305 -53.77 -10.70 20.13
N GLN C 306 -53.39 -9.46 20.42
CA GLN C 306 -53.13 -8.47 19.39
C GLN C 306 -51.66 -8.10 19.43
N PRO C 307 -50.85 -8.52 18.45
CA PRO C 307 -49.40 -8.35 18.57
C PRO C 307 -48.93 -6.90 18.58
N GLY C 308 -49.74 -5.95 18.15
CA GLY C 308 -49.32 -4.56 18.09
C GLY C 308 -50.25 -3.64 18.87
N GLN C 309 -49.69 -2.53 19.33
CA GLN C 309 -50.47 -1.57 20.09
C GLN C 309 -51.59 -0.96 19.25
N THR C 310 -51.24 -0.43 18.08
CA THR C 310 -52.21 0.25 17.23
C THR C 310 -52.79 -0.74 16.23
N PRO C 311 -54.11 -0.97 16.23
CA PRO C 311 -54.69 -1.89 15.23
C PRO C 311 -54.56 -1.32 13.83
N SER C 312 -54.42 -2.21 12.85
CA SER C 312 -54.14 -1.82 11.49
C SER C 312 -54.45 -2.98 10.54
N PRO C 313 -54.37 -2.77 9.22
CA PRO C 313 -54.42 -3.93 8.31
C PRO C 313 -53.34 -4.96 8.59
N THR C 314 -52.15 -4.53 9.04
CA THR C 314 -51.08 -5.46 9.31
C THR C 314 -51.16 -6.09 10.70
N ASN C 315 -51.90 -5.47 11.62
CA ASN C 315 -51.95 -5.89 13.03
C ASN C 315 -53.39 -6.25 13.37
N LYS C 316 -53.67 -7.54 13.46
CA LYS C 316 -55.02 -8.03 13.72
C LYS C 316 -55.09 -8.76 15.06
N ILE C 317 -56.32 -9.09 15.45
CA ILE C 317 -56.58 -9.84 16.67
C ILE C 317 -56.69 -11.32 16.31
N TYR C 318 -55.94 -12.15 17.01
CA TYR C 318 -55.89 -13.58 16.75
C TYR C 318 -56.54 -14.34 17.89
N ALA C 319 -57.27 -15.41 17.55
CA ALA C 319 -58.06 -16.18 18.51
C ALA C 319 -57.57 -17.62 18.60
N THR C 320 -58.16 -18.36 19.54
CA THR C 320 -57.69 -19.71 19.85
C THR C 320 -57.97 -20.70 18.73
N GLN C 321 -59.03 -20.48 17.96
CA GLN C 321 -59.42 -21.37 16.87
C GLN C 321 -58.76 -21.01 15.55
N ASP C 322 -57.74 -20.16 15.58
CA ASP C 322 -57.08 -19.70 14.36
C ASP C 322 -55.92 -20.60 13.91
N GLY C 323 -55.80 -21.80 14.49
CA GLY C 323 -54.77 -22.74 14.11
C GLY C 323 -53.32 -22.34 14.30
N ASN C 324 -52.57 -22.27 13.20
CA ASN C 324 -51.14 -22.02 13.33
C ASN C 324 -50.82 -20.55 13.57
N ASP C 325 -51.66 -19.63 13.09
CA ASP C 325 -51.43 -18.22 13.38
C ASP C 325 -51.54 -17.94 14.88
N TRP C 326 -52.45 -18.63 15.56
CA TRP C 326 -52.61 -18.46 17.00
C TRP C 326 -51.34 -18.86 17.75
N LEU C 327 -50.73 -19.97 17.34
CA LEU C 327 -49.51 -20.42 18.00
C LEU C 327 -48.38 -19.40 17.83
N ALA C 328 -48.26 -18.83 16.63
CA ALA C 328 -47.23 -17.81 16.41
C ALA C 328 -47.55 -16.53 17.18
N ALA C 329 -48.84 -16.14 17.19
CA ALA C 329 -49.23 -14.97 17.98
C ALA C 329 -48.88 -15.16 19.45
N LYS C 330 -49.00 -16.40 19.95
CA LYS C 330 -48.48 -16.70 21.29
C LYS C 330 -46.96 -16.61 21.31
N SER C 331 -46.30 -17.21 20.30
CA SER C 331 -44.85 -17.22 20.27
C SER C 331 -44.26 -15.82 20.20
N ALA C 332 -45.01 -14.85 19.66
CA ALA C 332 -44.56 -13.47 19.69
C ALA C 332 -44.63 -12.90 21.10
N VAL C 333 -45.71 -13.20 21.84
CA VAL C 333 -45.84 -12.76 23.22
C VAL C 333 -44.67 -13.26 24.05
N GLN C 334 -44.23 -14.50 23.80
CA GLN C 334 -43.10 -15.05 24.54
C GLN C 334 -41.80 -14.31 24.25
N VAL C 335 -41.67 -13.75 23.05
CA VAL C 335 -40.46 -13.00 22.73
C VAL C 335 -40.46 -11.65 23.43
N ALA C 336 -41.60 -10.96 23.41
CA ALA C 336 -41.71 -9.71 24.14
C ALA C 336 -41.59 -9.95 25.65
N GLU C 337 -42.23 -10.99 26.14
CA GLU C 337 -42.01 -11.42 27.53
C GLU C 337 -40.55 -11.80 27.75
N GLY C 338 -39.87 -12.28 26.71
CA GLY C 338 -38.46 -12.60 26.85
C GLY C 338 -37.60 -11.36 27.06
N ASN C 339 -37.83 -10.32 26.25
CA ASN C 339 -37.12 -9.07 26.44
C ASN C 339 -37.52 -8.39 27.74
N TYR C 340 -38.84 -8.31 28.00
CA TYR C 340 -39.33 -7.56 29.15
C TYR C 340 -38.86 -8.16 30.46
N HIS C 341 -38.91 -9.49 30.58
CA HIS C 341 -38.47 -10.13 31.82
C HIS C 341 -37.00 -9.84 32.10
N GLU C 342 -36.14 -10.11 31.11
CA GLU C 342 -34.70 -10.11 31.37
C GLU C 342 -34.17 -8.71 31.69
N LEU C 343 -34.80 -7.65 31.17
CA LEU C 343 -34.28 -6.30 31.35
C LEU C 343 -35.11 -5.43 32.29
N VAL C 344 -36.42 -5.68 32.39
CA VAL C 344 -37.25 -4.95 33.35
C VAL C 344 -37.38 -5.76 34.61
N SER C 345 -38.11 -6.88 34.55
CA SER C 345 -38.38 -7.68 35.73
C SER C 345 -37.10 -8.22 36.34
N HIS C 346 -36.18 -8.70 35.52
CA HIS C 346 -34.99 -9.37 36.02
C HIS C 346 -33.86 -8.38 36.33
N LEU C 347 -33.16 -7.92 35.28
CA LEU C 347 -31.97 -7.09 35.49
C LEU C 347 -32.31 -5.68 35.97
N GLY C 348 -33.46 -5.15 35.58
CA GLY C 348 -33.78 -3.79 35.93
C GLY C 348 -34.28 -3.60 37.35
N LEU C 349 -35.17 -4.48 37.81
CA LEU C 349 -35.88 -4.25 39.06
C LEU C 349 -35.46 -5.21 40.18
N THR C 350 -34.29 -5.84 40.04
CA THR C 350 -33.67 -6.52 41.17
C THR C 350 -32.20 -6.16 41.22
N HIS C 351 -31.49 -6.40 40.11
CA HIS C 351 -30.07 -6.09 40.04
C HIS C 351 -29.83 -4.59 40.12
N LEU C 352 -30.37 -3.84 39.17
CA LEU C 352 -30.05 -2.42 39.06
C LEU C 352 -30.83 -1.55 40.05
N LEU C 353 -31.97 -2.02 40.54
CA LEU C 353 -32.67 -1.25 41.57
C LEU C 353 -31.93 -1.28 42.89
N LEU C 354 -31.18 -2.34 43.15
CA LEU C 354 -30.49 -2.48 44.44
C LEU C 354 -29.06 -1.96 44.41
N GLU C 355 -28.46 -1.81 43.24
CA GLU C 355 -27.09 -1.29 43.17
C GLU C 355 -26.93 0.07 43.84
N PRO C 356 -27.85 1.04 43.71
CA PRO C 356 -27.71 2.26 44.53
C PRO C 356 -27.95 2.01 46.00
N ILE C 357 -28.81 1.04 46.36
CA ILE C 357 -29.09 0.79 47.76
C ILE C 357 -27.93 0.03 48.40
N VAL C 358 -27.17 -0.73 47.62
CA VAL C 358 -25.99 -1.39 48.15
C VAL C 358 -24.92 -0.35 48.51
N MET C 359 -24.65 0.58 47.58
CA MET C 359 -23.59 1.56 47.79
C MET C 359 -23.91 2.48 48.96
N ALA C 360 -25.15 2.99 49.01
CA ALA C 360 -25.52 3.92 50.06
C ALA C 360 -25.35 3.31 51.44
N THR C 361 -25.63 2.02 51.58
CA THR C 361 -25.46 1.36 52.87
C THR C 361 -24.00 1.32 53.29
N TYR C 362 -23.11 1.00 52.34
CA TYR C 362 -21.69 0.91 52.67
C TYR C 362 -21.11 2.27 53.03
N ARG C 363 -21.57 3.34 52.38
CA ARG C 363 -20.97 4.66 52.54
C ARG C 363 -21.59 5.47 53.66
N GLN C 364 -22.84 5.20 54.04
CA GLN C 364 -23.55 6.04 55.00
C GLN C 364 -23.81 5.35 56.34
N LEU C 365 -24.04 4.05 56.35
CA LEU C 365 -24.30 3.31 57.58
C LEU C 365 -23.01 2.67 58.07
N ALA C 366 -22.58 3.05 59.27
CA ALA C 366 -21.34 2.52 59.82
C ALA C 366 -21.48 1.03 60.12
N GLN C 367 -20.33 0.37 60.27
CA GLN C 367 -20.33 -1.06 60.57
C GLN C 367 -21.02 -1.37 61.89
N HIS C 368 -21.19 -0.38 62.77
CA HIS C 368 -21.89 -0.56 64.03
C HIS C 368 -23.37 -0.21 63.95
N HIS C 369 -23.86 0.19 62.78
CA HIS C 369 -25.28 0.51 62.64
C HIS C 369 -26.10 -0.77 62.59
N PRO C 370 -27.25 -0.81 63.28
CA PRO C 370 -28.10 -2.01 63.19
C PRO C 370 -28.67 -2.24 61.80
N ILE C 371 -28.92 -1.17 61.04
CA ILE C 371 -29.43 -1.34 59.68
C ILE C 371 -28.31 -1.78 58.73
N TYR C 372 -27.08 -1.36 58.99
CA TYR C 372 -25.94 -1.98 58.31
C TYR C 372 -25.87 -3.47 58.65
N MET C 373 -26.17 -3.81 59.90
CA MET C 373 -26.18 -5.22 60.29
C MET C 373 -27.34 -5.96 59.65
N LEU C 374 -28.43 -5.27 59.31
CA LEU C 374 -29.57 -5.97 58.73
C LEU C 374 -29.37 -6.20 57.23
N LEU C 375 -29.03 -5.15 56.49
CA LEU C 375 -29.10 -5.20 55.04
C LEU C 375 -27.87 -5.85 54.41
N ILE C 376 -26.67 -5.55 54.92
CA ILE C 376 -25.44 -5.95 54.23
C ILE C 376 -25.40 -7.42 53.85
N PRO C 377 -25.74 -8.37 54.71
CA PRO C 377 -25.71 -9.79 54.29
C PRO C 377 -26.66 -10.10 53.15
N HIS C 378 -27.70 -9.30 52.94
CA HIS C 378 -28.56 -9.43 51.76
C HIS C 378 -27.94 -8.83 50.52
N PHE C 379 -26.76 -8.22 50.63
CA PHE C 379 -26.06 -7.63 49.50
C PHE C 379 -24.79 -8.40 49.15
N GLU C 380 -24.75 -9.68 49.50
CA GLU C 380 -23.57 -10.48 49.22
C GLU C 380 -23.49 -10.84 47.75
N GLY C 381 -22.35 -10.57 47.13
CA GLY C 381 -22.13 -10.88 45.74
C GLY C 381 -22.90 -10.03 44.75
N THR C 382 -23.69 -9.07 45.22
CA THR C 382 -24.45 -8.22 44.31
C THR C 382 -23.51 -7.40 43.44
N LEU C 383 -22.56 -6.71 44.07
CA LEU C 383 -21.61 -5.87 43.32
C LEU C 383 -20.85 -6.68 42.29
N SER C 384 -20.39 -7.88 42.66
CA SER C 384 -19.63 -8.70 41.73
C SER C 384 -20.50 -9.16 40.56
N ILE C 385 -21.69 -9.68 40.84
CA ILE C 385 -22.57 -10.13 39.77
C ILE C 385 -23.18 -8.95 39.01
N ASN C 386 -23.27 -7.78 39.63
CA ASN C 386 -23.69 -6.59 38.90
C ASN C 386 -22.58 -6.03 38.04
N ASN C 387 -21.32 -6.33 38.37
CA ASN C 387 -20.21 -5.90 37.52
C ASN C 387 -20.10 -6.77 36.27
N SER C 388 -20.12 -8.10 36.45
CA SER C 388 -20.04 -9.00 35.31
C SER C 388 -21.20 -8.80 34.34
N ALA C 389 -22.38 -8.43 34.87
CA ALA C 389 -23.52 -8.16 33.99
C ALA C 389 -23.28 -6.91 33.15
N ALA C 390 -22.61 -5.90 33.72
CA ALA C 390 -22.36 -4.66 33.01
C ALA C 390 -21.16 -4.74 32.05
N THR C 391 -20.22 -5.65 32.29
CA THR C 391 -19.02 -5.74 31.47
C THR C 391 -19.10 -6.83 30.40
N ASN C 392 -19.92 -7.87 30.61
CA ASN C 392 -20.01 -8.96 29.64
C ASN C 392 -21.42 -9.23 29.17
N LEU C 393 -22.41 -9.22 30.07
CA LEU C 393 -23.75 -9.65 29.71
C LEU C 393 -24.47 -8.63 28.83
N ILE C 394 -24.64 -7.40 29.33
CA ILE C 394 -25.37 -6.39 28.58
C ILE C 394 -24.37 -5.46 27.89
N ALA C 395 -23.14 -5.95 27.75
CA ALA C 395 -22.14 -5.22 27.00
C ALA C 395 -22.30 -5.49 25.51
N PRO C 396 -21.73 -4.65 24.64
CA PRO C 396 -21.79 -4.93 23.19
C PRO C 396 -21.18 -6.28 22.87
N GLY C 397 -21.84 -7.01 21.97
CA GLY C 397 -21.41 -8.36 21.70
C GLY C 397 -21.82 -9.37 22.75
N GLY C 398 -22.55 -8.93 23.78
CA GLY C 398 -22.95 -9.82 24.84
C GLY C 398 -24.09 -10.73 24.45
N ALA C 399 -24.38 -11.68 25.35
CA ALA C 399 -25.45 -12.64 25.10
C ALA C 399 -26.79 -11.95 24.90
N VAL C 400 -26.99 -10.80 25.54
CA VAL C 400 -28.22 -10.06 25.33
C VAL C 400 -28.21 -9.38 23.96
N ASP C 401 -27.04 -8.92 23.53
CA ASP C 401 -26.96 -8.27 22.21
C ASP C 401 -27.18 -9.28 21.10
N LEU C 402 -26.64 -10.49 21.24
CA LEU C 402 -26.76 -11.50 20.18
C LEU C 402 -28.17 -12.07 20.13
N ILE C 403 -28.70 -12.51 21.27
CA ILE C 403 -29.92 -13.32 21.28
C ILE C 403 -31.18 -12.47 21.26
N PHE C 404 -31.13 -11.21 21.68
CA PHE C 404 -32.32 -10.40 21.84
C PHE C 404 -32.51 -9.44 20.67
N ALA C 405 -33.78 -9.15 20.38
CA ALA C 405 -34.18 -8.50 19.13
C ALA C 405 -33.84 -7.01 19.09
N GLY C 406 -33.40 -6.42 20.20
CA GLY C 406 -33.13 -5.00 20.24
C GLY C 406 -31.64 -4.68 20.12
N THR C 407 -31.36 -3.49 19.60
CA THR C 407 -30.00 -2.95 19.70
C THR C 407 -29.63 -2.85 21.17
N ILE C 408 -28.36 -3.11 21.48
CA ILE C 408 -27.96 -3.20 22.89
C ILE C 408 -28.28 -1.90 23.63
N GLU C 409 -28.27 -0.77 22.92
CA GLU C 409 -28.62 0.49 23.55
C GLU C 409 -30.11 0.52 23.90
N SER C 410 -30.97 0.14 22.95
CA SER C 410 -32.41 0.20 23.19
C SER C 410 -32.82 -0.75 24.31
N GLU C 411 -32.02 -1.79 24.56
CA GLU C 411 -32.27 -2.66 25.70
C GLU C 411 -31.93 -1.96 27.01
N HIS C 412 -30.80 -1.23 27.04
CA HIS C 412 -30.49 -0.38 28.18
C HIS C 412 -31.60 0.63 28.40
N GLN C 413 -32.18 1.16 27.31
CA GLN C 413 -33.31 2.07 27.43
C GLN C 413 -34.52 1.37 28.05
N LEU C 414 -34.70 0.08 27.74
CA LEU C 414 -35.82 -0.65 28.32
C LEU C 414 -35.69 -0.76 29.83
N ALA C 415 -34.52 -1.19 30.31
CA ALA C 415 -34.30 -1.33 31.74
C ALA C 415 -34.46 0.01 32.46
N LEU C 416 -33.82 1.04 31.92
CA LEU C 416 -33.81 2.34 32.60
C LEU C 416 -35.18 3.01 32.58
N ALA C 417 -35.96 2.82 31.50
CA ALA C 417 -37.27 3.42 31.43
C ALA C 417 -38.23 2.84 32.45
N ALA C 418 -37.94 1.66 32.99
CA ALA C 418 -38.74 1.08 34.06
C ALA C 418 -38.19 1.42 35.44
N LEU C 419 -36.88 1.67 35.54
CA LEU C 419 -36.33 2.19 36.79
C LEU C 419 -36.77 3.62 37.04
N LYS C 420 -36.95 4.41 35.99
CA LYS C 420 -37.35 5.79 36.14
C LYS C 420 -38.80 5.92 36.59
N ARG C 421 -39.66 4.96 36.22
CA ARG C 421 -41.07 5.03 36.54
C ARG C 421 -41.44 4.24 37.80
N HIS C 422 -40.51 3.48 38.36
CA HIS C 422 -40.81 2.71 39.56
C HIS C 422 -41.12 3.64 40.73
N ASP C 423 -42.08 3.23 41.56
CA ASP C 423 -42.46 3.98 42.75
C ASP C 423 -42.07 3.12 43.95
N PHE C 424 -40.87 3.39 44.48
CA PHE C 424 -40.30 2.50 45.49
C PHE C 424 -41.19 2.39 46.73
N MET C 425 -41.72 3.51 47.20
CA MET C 425 -42.55 3.47 48.40
C MET C 425 -43.88 2.79 48.17
N ARG C 426 -44.36 2.74 46.93
CA ARG C 426 -45.62 2.09 46.60
C ARG C 426 -45.43 0.84 45.75
N SER C 427 -44.35 0.11 45.99
CA SER C 427 -44.05 -1.11 45.25
C SER C 427 -44.03 -2.35 46.13
N GLY C 428 -44.55 -2.25 47.36
CA GLY C 428 -44.66 -3.43 48.19
C GLY C 428 -45.61 -4.44 47.58
N LEU C 429 -45.29 -5.72 47.76
CA LEU C 429 -46.05 -6.77 47.08
C LEU C 429 -47.54 -6.76 47.45
N PRO C 430 -47.95 -6.67 48.72
CA PRO C 430 -49.38 -6.56 49.01
C PRO C 430 -50.02 -5.28 48.51
N ASP C 431 -49.22 -4.31 48.05
CA ASP C 431 -49.78 -3.11 47.46
C ASP C 431 -50.03 -3.32 45.97
N THR C 432 -49.09 -3.95 45.27
CA THR C 432 -49.22 -4.15 43.84
C THR C 432 -50.37 -5.11 43.51
N ILE C 433 -50.58 -6.11 44.37
CA ILE C 433 -51.59 -7.12 44.09
C ILE C 433 -52.98 -6.49 44.02
N GLU C 434 -53.25 -5.51 44.87
CA GLU C 434 -54.51 -4.78 44.80
C GLU C 434 -54.45 -3.61 43.83
N GLN C 435 -53.25 -3.21 43.39
CA GLN C 435 -53.15 -2.23 42.31
C GLN C 435 -53.57 -2.84 40.98
N ARG C 436 -53.36 -4.15 40.80
CA ARG C 436 -53.60 -4.82 39.53
C ARG C 436 -54.88 -5.65 39.53
N GLY C 437 -55.52 -5.85 40.67
CA GLY C 437 -56.78 -6.55 40.72
C GLY C 437 -56.70 -8.05 40.80
N VAL C 438 -55.58 -8.61 41.23
CA VAL C 438 -55.41 -10.06 41.30
C VAL C 438 -55.47 -10.51 42.76
N GLY C 439 -56.26 -9.81 43.58
CA GLY C 439 -56.30 -10.09 45.00
C GLY C 439 -57.32 -11.14 45.42
N ASP C 440 -58.41 -11.25 44.66
CA ASP C 440 -59.48 -12.19 45.01
C ASP C 440 -59.03 -13.61 44.73
N THR C 441 -58.85 -14.40 45.78
CA THR C 441 -58.51 -15.81 45.63
C THR C 441 -59.73 -16.69 45.39
N SER C 442 -60.91 -16.09 45.20
CA SER C 442 -62.12 -16.82 44.84
C SER C 442 -62.49 -16.63 43.38
N VAL C 443 -61.73 -15.82 42.64
CA VAL C 443 -61.90 -15.68 41.20
C VAL C 443 -60.65 -16.14 40.45
N LEU C 444 -59.47 -15.84 40.98
CA LEU C 444 -58.20 -16.30 40.44
C LEU C 444 -57.59 -17.25 41.46
N THR C 445 -57.99 -18.52 41.40
CA THR C 445 -57.57 -19.50 42.39
C THR C 445 -56.13 -19.94 42.19
N ASP C 446 -55.68 -20.04 40.94
CA ASP C 446 -54.31 -20.45 40.63
C ASP C 446 -53.50 -19.18 40.31
N TYR C 447 -52.72 -18.74 41.28
CA TYR C 447 -51.74 -17.66 41.08
C TYR C 447 -50.59 -17.91 42.04
N PRO C 448 -49.74 -18.91 41.74
CA PRO C 448 -48.68 -19.28 42.69
C PRO C 448 -47.79 -18.13 43.13
N TYR C 449 -47.41 -17.25 42.20
CA TYR C 449 -46.54 -16.13 42.57
C TYR C 449 -47.18 -15.27 43.66
N ARG C 450 -48.50 -15.10 43.61
CA ARG C 450 -49.19 -14.29 44.60
C ARG C 450 -49.29 -15.03 45.93
N ASP C 451 -49.90 -16.21 45.93
CA ASP C 451 -50.17 -16.92 47.18
C ASP C 451 -48.88 -17.27 47.90
N ASP C 452 -47.93 -17.88 47.19
CA ASP C 452 -46.65 -18.22 47.82
C ASP C 452 -45.84 -16.98 48.14
N GLY C 453 -45.99 -15.92 47.34
CA GLY C 453 -45.21 -14.71 47.55
C GLY C 453 -45.63 -13.94 48.78
N LEU C 454 -46.94 -13.70 48.93
CA LEU C 454 -47.43 -12.94 50.07
C LEU C 454 -47.05 -13.58 51.41
N LYS C 455 -46.90 -14.91 51.43
CA LYS C 455 -46.43 -15.59 52.63
C LYS C 455 -45.03 -15.12 52.99
N ILE C 456 -44.12 -15.09 52.01
CA ILE C 456 -42.74 -14.74 52.29
C ILE C 456 -42.61 -13.24 52.52
N TRP C 457 -43.52 -12.45 51.95
CA TRP C 457 -43.53 -11.02 52.27
C TRP C 457 -43.82 -10.80 53.75
N ALA C 458 -44.90 -11.39 54.25
CA ALA C 458 -45.27 -11.20 55.65
C ALA C 458 -44.26 -11.83 56.59
N ASN C 459 -43.62 -12.93 56.19
CA ASN C 459 -42.54 -13.50 56.99
C ASN C 459 -41.39 -12.51 57.13
N ILE C 460 -41.06 -11.82 56.04
CA ILE C 460 -40.00 -10.82 56.08
C ILE C 460 -40.45 -9.55 56.80
N GLU C 461 -41.72 -9.17 56.66
CA GLU C 461 -42.18 -7.95 57.33
C GLU C 461 -42.21 -8.13 58.84
N ARG C 462 -42.69 -9.29 59.31
CA ARG C 462 -42.67 -9.56 60.75
C ARG C 462 -41.24 -9.57 61.30
N TRP C 463 -40.28 -10.00 60.48
CA TRP C 463 -38.88 -10.05 60.91
C TRP C 463 -38.28 -8.64 60.94
N VAL C 464 -38.51 -7.86 59.90
CA VAL C 464 -38.00 -6.49 59.87
C VAL C 464 -38.63 -5.66 60.98
N THR C 465 -39.95 -5.81 61.19
CA THR C 465 -40.64 -5.06 62.22
C THR C 465 -40.13 -5.43 63.62
N ALA C 466 -39.78 -6.70 63.82
CA ALA C 466 -39.17 -7.09 65.10
C ALA C 466 -37.77 -6.51 65.24
N TYR C 467 -37.05 -6.36 64.14
CA TYR C 467 -35.70 -5.80 64.19
C TYR C 467 -35.73 -4.29 64.43
N VAL C 468 -36.63 -3.59 63.74
CA VAL C 468 -36.61 -2.12 63.76
C VAL C 468 -37.08 -1.60 65.12
N ASN C 469 -38.24 -2.04 65.59
CA ASN C 469 -38.72 -1.61 66.89
C ASN C 469 -37.78 -2.02 68.01
N ASN C 470 -36.94 -3.03 67.79
CA ASN C 470 -35.95 -3.42 68.79
C ASN C 470 -34.89 -2.34 68.96
N TYR C 471 -34.41 -1.77 67.87
CA TYR C 471 -33.33 -0.79 67.90
C TYR C 471 -33.80 0.65 67.86
N TYR C 472 -34.94 0.91 67.24
CA TYR C 472 -35.56 2.23 67.24
C TYR C 472 -36.69 2.19 68.27
N ILE C 473 -36.40 2.66 69.48
CA ILE C 473 -37.34 2.57 70.59
C ILE C 473 -38.24 3.79 70.61
N SER C 474 -38.12 4.62 69.58
CA SER C 474 -38.87 5.87 69.52
C SER C 474 -38.84 6.38 68.09
N GLU C 475 -39.86 7.16 67.73
CA GLU C 475 -39.83 7.82 66.43
C GLU C 475 -38.86 8.98 66.40
N ALA C 476 -38.34 9.40 67.55
CA ALA C 476 -37.22 10.33 67.59
C ALA C 476 -35.90 9.63 67.29
N ASN C 477 -35.81 8.33 67.60
CA ASN C 477 -34.64 7.56 67.21
C ASN C 477 -34.45 7.54 65.70
N VAL C 478 -35.50 7.81 64.93
CA VAL C 478 -35.38 7.85 63.47
C VAL C 478 -34.86 9.22 63.01
N THR C 479 -35.57 10.29 63.40
CA THR C 479 -35.26 11.62 62.90
C THR C 479 -33.86 12.07 63.29
N GLN C 480 -33.32 11.53 64.39
CA GLN C 480 -32.01 11.91 64.88
C GLN C 480 -30.91 10.97 64.44
N ASP C 481 -31.18 10.08 63.46
CA ASP C 481 -30.18 9.17 62.92
C ASP C 481 -29.54 9.84 61.72
N THR C 482 -28.40 10.51 61.94
CA THR C 482 -27.73 11.22 60.86
C THR C 482 -27.27 10.26 59.77
N GLU C 483 -26.79 9.08 60.16
CA GLU C 483 -26.32 8.10 59.18
C GLU C 483 -27.45 7.65 58.27
N LEU C 484 -28.53 7.14 58.88
CA LEU C 484 -29.66 6.63 58.10
C LEU C 484 -30.29 7.73 57.24
N GLN C 485 -30.33 8.95 57.75
CA GLN C 485 -30.97 10.05 57.02
C GLN C 485 -30.08 10.64 55.94
N ALA C 486 -28.76 10.45 56.02
CA ALA C 486 -27.91 10.71 54.87
C ALA C 486 -27.95 9.54 53.89
N TRP C 487 -28.06 8.32 54.42
CA TRP C 487 -28.37 7.16 53.59
C TRP C 487 -29.69 7.36 52.85
N ALA C 488 -30.70 7.89 53.53
CA ALA C 488 -31.97 8.20 52.88
C ALA C 488 -31.82 9.37 51.93
N ALA C 489 -30.93 10.32 52.24
CA ALA C 489 -30.78 11.51 51.40
C ALA C 489 -30.11 11.18 50.07
N VAL C 490 -29.03 10.39 50.11
CA VAL C 490 -28.36 10.02 48.87
C VAL C 490 -29.21 9.06 48.04
N LEU C 491 -30.20 8.42 48.64
CA LEU C 491 -31.12 7.57 47.90
C LEU C 491 -32.41 8.27 47.50
N SER C 492 -32.67 9.47 48.01
CA SER C 492 -33.81 10.27 47.61
C SER C 492 -33.49 11.24 46.49
N LYS C 493 -32.27 11.18 45.95
CA LYS C 493 -31.89 12.09 44.86
C LYS C 493 -32.77 11.84 43.64
N PRO C 494 -32.96 12.85 42.80
CA PRO C 494 -33.67 12.62 41.53
C PRO C 494 -32.98 11.55 40.71
N PHE C 495 -33.77 10.90 39.85
CA PHE C 495 -33.28 9.76 39.08
C PHE C 495 -32.09 10.11 38.18
N ALA C 496 -31.95 11.37 37.77
CA ALA C 496 -30.79 11.76 36.95
C ALA C 496 -29.51 11.81 37.76
N GLU C 497 -29.60 12.11 39.06
CA GLU C 497 -28.42 12.19 39.92
C GLU C 497 -28.01 10.83 40.48
N GLY C 498 -28.75 9.77 40.18
CA GLY C 498 -28.45 8.46 40.66
C GLY C 498 -29.34 7.94 41.80
N GLY C 499 -30.56 8.49 41.95
CA GLY C 499 -31.42 8.08 43.03
C GLY C 499 -32.37 6.96 42.65
N VAL C 500 -33.04 6.43 43.68
CA VAL C 500 -34.08 5.42 43.51
C VAL C 500 -35.42 6.14 43.48
N SER C 501 -36.16 5.94 42.39
CA SER C 501 -37.37 6.73 42.16
C SER C 501 -38.42 6.46 43.24
N GLY C 502 -38.94 7.55 43.80
CA GLY C 502 -40.01 7.45 44.80
C GLY C 502 -39.58 6.88 46.13
N PHE C 503 -38.38 7.23 46.60
CA PHE C 503 -37.81 6.65 47.80
C PHE C 503 -38.13 7.42 49.07
N GLY C 504 -38.70 8.62 48.97
CA GLY C 504 -38.99 9.43 50.13
C GLY C 504 -40.03 8.82 51.04
N PRO C 505 -40.01 9.19 52.33
CA PRO C 505 -39.01 10.06 52.96
C PRO C 505 -38.16 9.42 54.07
N ILE C 506 -38.54 8.22 54.54
CA ILE C 506 -37.85 7.52 55.61
C ILE C 506 -37.76 8.39 56.87
N ASP C 507 -38.89 8.97 57.28
CA ASP C 507 -38.94 9.75 58.50
C ASP C 507 -39.66 9.03 59.63
N THR C 508 -40.18 7.84 59.38
CA THR C 508 -40.93 7.07 60.36
C THR C 508 -40.34 5.67 60.49
N ARG C 509 -40.58 5.05 61.65
CA ARG C 509 -40.27 3.62 61.76
C ARG C 509 -41.13 2.80 60.80
N ALA C 510 -42.30 3.32 60.42
CA ALA C 510 -43.08 2.69 59.37
C ALA C 510 -42.33 2.72 58.04
N ALA C 511 -41.77 3.89 57.71
CA ALA C 511 -41.08 4.03 56.42
C ALA C 511 -39.81 3.19 56.38
N LEU C 512 -39.11 3.07 57.50
CA LEU C 512 -37.90 2.25 57.51
C LEU C 512 -38.23 0.77 57.42
N ILE C 513 -39.30 0.33 58.10
CA ILE C 513 -39.70 -1.07 58.05
C ILE C 513 -40.06 -1.46 56.63
N PHE C 514 -40.81 -0.61 55.92
CA PHE C 514 -41.09 -0.88 54.52
C PHE C 514 -39.81 -0.89 53.70
N ALA C 515 -38.98 0.14 53.85
CA ALA C 515 -37.73 0.23 53.10
C ALA C 515 -36.89 -1.02 53.28
N CYS C 516 -36.84 -1.56 54.50
CA CYS C 516 -36.04 -2.75 54.76
C CYS C 516 -36.73 -4.03 54.29
N THR C 517 -38.05 -4.04 54.18
CA THR C 517 -38.74 -5.22 53.65
C THR C 517 -38.64 -5.28 52.14
N LYS C 518 -39.01 -4.19 51.46
CA LYS C 518 -38.93 -4.13 50.00
C LYS C 518 -37.51 -4.43 49.52
N VAL C 519 -36.50 -3.96 50.25
CA VAL C 519 -35.12 -4.23 49.87
C VAL C 519 -34.79 -5.70 50.07
N ILE C 520 -35.09 -6.25 51.26
CA ILE C 520 -34.80 -7.65 51.53
C ILE C 520 -35.59 -8.55 50.60
N PHE C 521 -36.87 -8.24 50.37
CA PHE C 521 -37.70 -9.09 49.55
C PHE C 521 -37.19 -9.16 48.12
N THR C 522 -36.63 -8.05 47.60
CA THR C 522 -36.11 -8.05 46.24
C THR C 522 -34.81 -8.83 46.15
N ALA C 523 -33.95 -8.74 47.16
CA ALA C 523 -32.69 -9.47 47.15
C ALA C 523 -32.88 -10.97 47.37
N SER C 524 -34.06 -11.41 47.80
CA SER C 524 -34.28 -12.81 48.13
C SER C 524 -35.38 -13.43 47.27
N ALA C 525 -36.63 -13.22 47.67
CA ALA C 525 -37.75 -13.87 47.00
C ALA C 525 -37.93 -13.36 45.58
N GLU C 526 -38.03 -12.03 45.41
CA GLU C 526 -38.26 -11.46 44.08
C GLU C 526 -37.17 -11.86 43.10
N HIS C 527 -35.91 -11.77 43.51
CA HIS C 527 -34.82 -12.22 42.65
C HIS C 527 -34.85 -13.72 42.39
N SER C 528 -35.42 -14.52 43.30
CA SER C 528 -35.57 -15.95 43.05
C SER C 528 -36.70 -16.24 42.08
N ALA C 529 -37.73 -15.39 42.04
CA ALA C 529 -38.88 -15.60 41.18
C ALA C 529 -38.65 -15.15 39.75
N VAL C 530 -37.51 -14.54 39.46
CA VAL C 530 -37.20 -14.11 38.09
C VAL C 530 -35.90 -14.70 37.57
N ASN C 531 -34.97 -15.10 38.45
CA ASN C 531 -33.67 -15.59 37.98
C ASN C 531 -33.65 -17.10 37.76
N PHE C 532 -34.23 -17.87 38.66
CA PHE C 532 -34.24 -19.33 38.53
C PHE C 532 -35.26 -19.85 37.52
N PRO C 533 -36.37 -19.13 37.25
CA PRO C 533 -37.20 -19.53 36.09
C PRO C 533 -36.46 -19.50 34.76
N GLN C 534 -35.30 -18.84 34.67
CA GLN C 534 -34.55 -18.81 33.43
C GLN C 534 -34.10 -20.21 33.03
N LYS C 535 -33.55 -20.96 33.98
CA LYS C 535 -33.08 -22.32 33.69
C LYS C 535 -34.25 -23.25 33.39
N ASP C 536 -35.35 -23.11 34.13
CA ASP C 536 -36.42 -24.09 34.09
C ASP C 536 -37.44 -23.83 33.00
N LEU C 537 -37.63 -22.57 32.59
CA LEU C 537 -38.66 -22.23 31.62
C LEU C 537 -38.16 -21.46 30.41
N MET C 538 -36.89 -21.06 30.36
CA MET C 538 -36.42 -20.14 29.33
C MET C 538 -35.22 -20.63 28.54
N SER C 539 -34.59 -21.75 28.91
CA SER C 539 -33.44 -22.24 28.15
C SER C 539 -33.82 -22.88 26.82
N TYR C 540 -35.04 -23.38 26.67
CA TYR C 540 -35.52 -23.92 25.41
C TYR C 540 -36.12 -22.77 24.60
N ALA C 541 -35.48 -22.44 23.48
CA ALA C 541 -35.78 -21.26 22.69
C ALA C 541 -37.19 -21.25 22.07
N PRO C 542 -37.68 -22.36 21.50
CA PRO C 542 -39.05 -22.31 20.93
C PRO C 542 -40.12 -21.94 21.92
N ALA C 543 -39.94 -22.29 23.20
CA ALA C 543 -40.89 -21.87 24.23
C ALA C 543 -40.84 -20.36 24.42
N ILE C 544 -39.65 -19.84 24.70
CA ILE C 544 -39.44 -18.40 24.89
C ILE C 544 -38.01 -18.07 24.51
N THR C 545 -37.83 -16.96 23.81
CA THR C 545 -36.49 -16.51 23.43
C THR C 545 -36.56 -15.00 23.21
N GLY C 546 -35.38 -14.41 23.03
CA GLY C 546 -35.21 -12.98 22.92
C GLY C 546 -35.50 -12.35 21.57
N ALA C 547 -35.76 -13.14 20.54
CA ALA C 547 -35.98 -12.58 19.21
C ALA C 547 -36.74 -13.57 18.35
N GLY C 548 -37.68 -13.07 17.57
CA GLY C 548 -38.34 -13.84 16.54
C GLY C 548 -37.66 -13.63 15.21
N TRP C 549 -37.44 -14.71 14.47
CA TRP C 549 -36.60 -14.68 13.27
C TRP C 549 -37.41 -14.80 11.98
N THR C 550 -38.71 -14.98 12.07
CA THR C 550 -39.61 -14.53 11.03
C THR C 550 -40.23 -13.20 11.47
N ALA C 551 -40.76 -12.47 10.51
CA ALA C 551 -41.18 -11.10 10.78
C ALA C 551 -42.34 -11.03 11.76
N ALA C 552 -43.39 -11.79 11.50
CA ALA C 552 -44.69 -11.51 12.09
C ALA C 552 -45.36 -12.76 12.66
N PRO C 553 -46.32 -12.58 13.56
CA PRO C 553 -47.17 -13.70 13.98
C PRO C 553 -48.05 -14.22 12.86
N PRO C 554 -48.45 -13.37 11.88
CA PRO C 554 -49.00 -13.95 10.64
C PRO C 554 -48.04 -14.98 10.06
N SER C 555 -48.39 -16.25 10.19
CA SER C 555 -47.47 -17.34 9.86
C SER C 555 -47.26 -17.42 8.35
N GLN C 556 -45.98 -17.42 7.95
CA GLN C 556 -45.63 -17.47 6.54
C GLN C 556 -44.86 -18.73 6.15
N GLY C 557 -44.41 -19.53 7.11
CA GLY C 557 -43.65 -20.73 6.81
C GLY C 557 -43.68 -21.75 7.92
N PRO C 558 -42.84 -22.77 7.80
CA PRO C 558 -42.76 -23.79 8.86
C PRO C 558 -42.26 -23.21 10.17
N LEU C 559 -42.56 -23.93 11.25
CA LEU C 559 -42.27 -23.42 12.59
C LEU C 559 -40.78 -23.19 12.82
N LYS C 560 -39.93 -23.90 12.11
CA LYS C 560 -38.48 -23.82 12.32
C LYS C 560 -37.86 -22.55 11.75
N ASP C 561 -38.61 -21.72 11.05
CA ASP C 561 -38.07 -20.47 10.51
C ASP C 561 -38.15 -19.32 11.51
N PHE C 562 -39.14 -19.35 12.40
CA PHE C 562 -39.23 -18.35 13.47
C PHE C 562 -38.14 -18.52 14.51
N GLN C 563 -37.52 -19.69 14.57
CA GLN C 563 -36.60 -20.03 15.63
C GLN C 563 -35.20 -19.46 15.36
N PRO C 564 -34.46 -19.13 16.41
CA PRO C 564 -33.13 -18.52 16.25
C PRO C 564 -32.15 -19.49 15.60
N PRO C 565 -31.01 -18.99 15.10
CA PRO C 565 -29.97 -19.89 14.63
C PRO C 565 -29.47 -20.79 15.75
N LEU C 566 -28.95 -21.96 15.37
CA LEU C 566 -28.46 -22.94 16.33
C LEU C 566 -27.23 -22.47 17.09
N GLU C 567 -26.54 -21.43 16.61
CA GLU C 567 -25.39 -20.91 17.34
C GLU C 567 -25.83 -20.15 18.59
N LEU C 568 -26.91 -19.37 18.50
CA LEU C 568 -27.42 -18.61 19.64
C LEU C 568 -28.44 -19.40 20.45
N ALA C 569 -29.14 -20.36 19.85
CA ALA C 569 -30.04 -21.21 20.60
C ALA C 569 -29.28 -22.14 21.54
N GLU C 570 -28.03 -22.47 21.21
CA GLU C 570 -27.17 -23.10 22.19
C GLU C 570 -26.72 -22.11 23.24
N LEU C 571 -26.37 -20.89 22.83
CA LEU C 571 -25.91 -19.88 23.77
C LEU C 571 -26.99 -19.53 24.79
N GLN C 572 -28.20 -19.24 24.30
CA GLN C 572 -29.32 -18.92 25.19
C GLN C 572 -29.51 -20.01 26.23
N ALA C 573 -29.53 -21.26 25.79
CA ALA C 573 -29.64 -22.37 26.73
C ALA C 573 -28.43 -22.44 27.65
N GLU C 574 -27.27 -21.99 27.19
CA GLU C 574 -26.06 -22.14 27.99
C GLU C 574 -25.95 -21.07 29.06
N PHE C 575 -26.27 -19.81 28.73
CA PHE C 575 -26.09 -18.76 29.73
C PHE C 575 -27.31 -18.63 30.63
N LEU C 576 -28.48 -19.06 30.16
CA LEU C 576 -29.64 -19.11 31.04
C LEU C 576 -29.58 -20.33 31.96
N TYR C 577 -28.92 -21.40 31.53
CA TYR C 577 -28.67 -22.53 32.43
C TYR C 577 -27.71 -22.13 33.55
N LEU C 578 -26.70 -21.32 33.24
CA LEU C 578 -25.77 -20.87 34.26
C LEU C 578 -26.43 -19.87 35.20
N LEU C 579 -27.17 -18.90 34.63
CA LEU C 579 -27.83 -17.90 35.46
C LEU C 579 -28.90 -18.53 36.33
N GLY C 580 -29.63 -19.51 35.81
CA GLY C 580 -30.74 -20.07 36.53
C GLY C 580 -30.44 -21.25 37.43
N GLY C 581 -29.17 -21.63 37.58
CA GLY C 581 -28.86 -22.82 38.33
C GLY C 581 -27.75 -22.69 39.35
N VAL C 582 -27.77 -21.63 40.15
CA VAL C 582 -26.82 -21.45 41.24
C VAL C 582 -27.62 -21.03 42.47
N HIS C 583 -27.87 -21.97 43.37
CA HIS C 583 -28.57 -21.70 44.63
C HIS C 583 -27.52 -21.63 45.74
N HIS C 584 -27.03 -20.42 46.00
CA HIS C 584 -26.04 -20.18 47.05
C HIS C 584 -26.67 -19.27 48.11
N THR C 585 -26.47 -19.63 49.38
CA THR C 585 -26.99 -18.98 50.58
C THR C 585 -28.52 -19.03 50.65
N LYS C 586 -29.07 -18.91 51.86
CA LYS C 586 -30.49 -19.19 52.12
C LYS C 586 -31.13 -18.09 52.94
N LEU C 587 -32.35 -17.73 52.58
CA LEU C 587 -33.10 -16.70 53.30
C LEU C 587 -33.31 -17.12 54.75
N GLY C 588 -32.99 -16.23 55.68
CA GLY C 588 -33.16 -16.50 57.08
C GLY C 588 -31.96 -17.13 57.76
N PHE C 589 -30.81 -17.17 57.10
CA PHE C 589 -29.59 -17.71 57.70
C PHE C 589 -28.44 -16.79 57.31
N TYR C 590 -28.07 -15.92 58.24
CA TYR C 590 -27.15 -14.81 57.98
C TYR C 590 -25.75 -15.24 58.45
N ASN C 591 -24.83 -15.37 57.50
CA ASN C 591 -23.45 -15.71 57.84
C ASN C 591 -22.48 -14.75 57.16
N SER C 592 -21.19 -15.08 57.17
CA SER C 592 -20.17 -14.21 56.63
C SER C 592 -19.80 -14.63 55.21
N ASN C 593 -19.12 -13.71 54.51
CA ASN C 593 -18.57 -13.97 53.19
C ASN C 593 -17.13 -14.48 53.25
N SER C 594 -16.69 -14.95 54.42
CA SER C 594 -15.33 -15.41 54.65
C SER C 594 -15.33 -16.93 54.86
N PHE C 595 -14.13 -17.47 55.10
CA PHE C 595 -13.98 -18.93 55.10
C PHE C 595 -14.80 -19.62 56.19
N PRO C 596 -14.71 -19.26 57.47
CA PRO C 596 -15.48 -20.01 58.48
C PRO C 596 -16.98 -19.97 58.24
N TYR C 597 -17.46 -18.98 57.48
CA TYR C 597 -18.90 -18.75 57.30
C TYR C 597 -19.61 -18.72 58.66
N ARG C 598 -18.97 -18.05 59.61
CA ARG C 598 -19.53 -17.88 60.95
C ARG C 598 -20.77 -17.00 60.88
N ALA C 599 -21.71 -17.26 61.79
CA ALA C 599 -22.94 -16.49 61.84
C ALA C 599 -22.63 -15.00 61.96
N TRP C 600 -23.45 -14.18 61.31
CA TRP C 600 -23.10 -12.78 61.10
C TRP C 600 -23.54 -11.87 62.23
N PHE C 601 -24.64 -12.17 62.90
CA PHE C 601 -25.09 -11.34 64.01
C PHE C 601 -24.33 -11.68 65.29
N LYS C 602 -24.16 -10.68 66.14
CA LYS C 602 -23.48 -10.84 67.43
C LYS C 602 -24.38 -10.56 68.62
N ASP C 603 -25.28 -9.58 68.50
CA ASP C 603 -26.24 -9.29 69.54
C ASP C 603 -27.05 -10.55 69.85
N PRO C 604 -26.95 -11.11 71.06
CA PRO C 604 -27.68 -12.34 71.36
C PRO C 604 -29.19 -12.18 71.30
N LYS C 605 -29.70 -10.97 71.53
CA LYS C 605 -31.13 -10.68 71.38
C LYS C 605 -31.63 -11.12 70.01
N ILE C 606 -30.77 -11.12 69.01
CA ILE C 606 -31.12 -11.55 67.67
C ILE C 606 -30.74 -13.00 67.42
N THR C 607 -29.55 -13.42 67.86
CA THR C 607 -29.09 -14.77 67.56
C THR C 607 -29.96 -15.83 68.21
N ALA C 608 -30.53 -15.53 69.38
CA ALA C 608 -31.31 -16.52 70.12
C ALA C 608 -32.80 -16.23 70.14
N GLU C 609 -33.23 -14.98 69.96
CA GLU C 609 -34.63 -14.62 70.06
C GLU C 609 -35.23 -14.18 68.73
N LEU C 610 -34.71 -13.09 68.15
CA LEU C 610 -35.37 -12.49 67.00
C LEU C 610 -35.21 -13.33 65.74
N LEU C 611 -33.96 -13.67 65.38
CA LEU C 611 -33.75 -14.47 64.17
C LEU C 611 -34.36 -15.86 64.24
N PRO C 612 -34.29 -16.61 65.35
CA PRO C 612 -35.02 -17.89 65.38
C PRO C 612 -36.51 -17.76 65.12
N ALA C 613 -37.12 -16.66 65.53
CA ALA C 613 -38.53 -16.43 65.20
C ALA C 613 -38.74 -16.40 63.70
N PHE C 614 -37.88 -15.65 62.99
CA PHE C 614 -37.98 -15.56 61.55
C PHE C 614 -37.79 -16.93 60.90
N GLN C 615 -36.81 -17.70 61.37
CA GLN C 615 -36.49 -18.98 60.74
C GLN C 615 -37.65 -19.96 60.87
N ARG C 616 -38.35 -19.94 62.00
CA ARG C 616 -39.51 -20.82 62.16
C ARG C 616 -40.66 -20.39 61.27
N ASP C 617 -40.80 -19.09 61.01
CA ASP C 617 -41.80 -18.62 60.05
C ASP C 617 -41.51 -19.16 58.66
N LEU C 618 -40.25 -19.12 58.23
CA LEU C 618 -39.89 -19.67 56.93
C LEU C 618 -40.11 -21.18 56.89
N ALA C 619 -39.80 -21.87 57.98
CA ALA C 619 -40.11 -23.29 58.05
C ALA C 619 -41.61 -23.53 58.05
N ALA C 620 -42.36 -22.70 58.78
CA ALA C 620 -43.81 -22.84 58.79
C ALA C 620 -44.39 -22.55 57.42
N SER C 621 -43.95 -21.45 56.81
CA SER C 621 -44.50 -21.07 55.52
C SER C 621 -44.09 -22.04 54.42
N GLU C 622 -42.94 -22.71 54.58
CA GLU C 622 -42.48 -23.63 53.54
C GLU C 622 -43.39 -24.84 53.45
N GLU C 623 -43.68 -25.47 54.60
CA GLU C 623 -44.62 -26.60 54.62
C GLU C 623 -45.95 -26.23 53.97
N LEU C 624 -46.43 -25.01 54.24
CA LEU C 624 -47.70 -24.57 53.67
C LEU C 624 -47.62 -24.46 52.15
N ILE C 625 -46.44 -24.20 51.61
CA ILE C 625 -46.26 -24.03 50.16
C ILE C 625 -46.01 -25.35 49.47
N VAL C 626 -45.22 -26.25 50.09
CA VAL C 626 -44.99 -27.56 49.50
C VAL C 626 -46.30 -28.34 49.42
N ALA C 627 -47.18 -28.15 50.41
CA ALA C 627 -48.49 -28.77 50.37
C ALA C 627 -49.28 -28.32 49.15
N ALA C 628 -49.33 -27.00 48.92
CA ALA C 628 -50.01 -26.48 47.73
C ALA C 628 -49.33 -26.92 46.45
N ASN C 629 -48.00 -27.05 46.45
CA ASN C 629 -47.28 -27.42 45.23
C ASN C 629 -47.51 -28.87 44.85
N ALA C 630 -47.73 -29.74 45.84
CA ALA C 630 -48.11 -31.12 45.53
C ALA C 630 -49.47 -31.16 44.84
N THR C 631 -50.35 -30.23 45.17
CA THR C 631 -51.68 -30.12 44.55
C THR C 631 -51.67 -29.23 43.33
N ARG C 632 -50.53 -29.11 42.64
CA ARG C 632 -50.42 -28.30 41.43
C ARG C 632 -49.86 -29.17 40.32
N THR C 633 -50.51 -29.14 39.16
CA THR C 633 -49.94 -29.79 37.98
C THR C 633 -48.78 -28.98 37.41
N PHE C 634 -48.83 -27.66 37.55
CA PHE C 634 -47.76 -26.77 37.12
C PHE C 634 -47.07 -26.26 38.38
N LYS C 635 -45.81 -26.62 38.56
CA LYS C 635 -45.11 -26.40 39.81
C LYS C 635 -44.52 -25.00 39.87
N TYR C 636 -44.14 -24.58 41.09
CA TYR C 636 -43.60 -23.25 41.33
C TYR C 636 -42.70 -23.34 42.57
N THR C 637 -41.40 -23.58 42.33
CA THR C 637 -40.43 -23.81 43.40
C THR C 637 -39.53 -22.59 43.62
N TYR C 638 -40.09 -21.39 43.53
CA TYR C 638 -39.31 -20.16 43.65
C TYR C 638 -39.68 -19.33 44.86
N MET C 639 -40.62 -19.79 45.69
CA MET C 639 -40.93 -19.16 46.95
C MET C 639 -40.69 -20.08 48.14
N ILE C 640 -40.21 -21.30 47.90
CA ILE C 640 -39.89 -22.23 48.98
C ILE C 640 -38.67 -21.67 49.72
N PRO C 641 -38.81 -21.31 51.00
CA PRO C 641 -37.68 -20.69 51.71
C PRO C 641 -36.43 -21.54 51.75
N SER C 642 -36.55 -22.86 51.58
CA SER C 642 -35.36 -23.70 51.51
C SER C 642 -34.53 -23.38 50.27
N THR C 643 -35.17 -22.90 49.19
CA THR C 643 -34.47 -22.63 47.95
C THR C 643 -34.05 -21.17 47.82
N ILE C 644 -34.77 -20.25 48.46
CA ILE C 644 -34.54 -18.81 48.28
C ILE C 644 -33.14 -18.45 48.75
N PRO C 645 -32.44 -17.53 48.07
CA PRO C 645 -31.17 -17.05 48.60
C PRO C 645 -31.32 -15.76 49.40
N MET C 646 -30.26 -15.39 50.14
CA MET C 646 -30.27 -14.12 50.87
C MET C 646 -30.14 -12.94 49.92
N SER C 647 -29.36 -13.09 48.86
CA SER C 647 -28.87 -11.95 48.10
C SER C 647 -28.97 -12.23 46.62
N ILE C 648 -28.52 -11.25 45.83
CA ILE C 648 -28.43 -11.38 44.38
C ILE C 648 -26.98 -11.73 44.09
N ASN C 649 -26.69 -13.03 44.12
CA ASN C 649 -25.33 -13.53 43.92
C ASN C 649 -25.09 -14.06 42.52
N ILE C 650 -26.14 -14.26 41.73
CA ILE C 650 -26.02 -14.82 40.40
C ILE C 650 -27.20 -14.31 39.58
N ASN D 3 -25.62 -23.93 -18.91
CA ASN D 3 -26.59 -23.79 -17.83
C ASN D 3 -27.63 -22.71 -18.16
N ILE D 4 -28.84 -22.89 -17.62
CA ILE D 4 -29.93 -21.93 -17.78
C ILE D 4 -30.30 -21.41 -16.40
N PRO D 5 -30.25 -20.10 -16.17
CA PRO D 5 -30.69 -19.57 -14.87
C PRO D 5 -32.18 -19.79 -14.69
N THR D 6 -32.60 -19.90 -13.42
CA THR D 6 -33.98 -20.20 -13.13
C THR D 6 -34.41 -19.47 -11.87
N LEU D 7 -35.71 -19.24 -11.76
CA LEU D 7 -36.26 -18.69 -10.53
C LEU D 7 -36.15 -19.72 -9.41
N PRO D 8 -36.09 -19.28 -8.16
CA PRO D 8 -35.85 -20.24 -7.06
C PRO D 8 -36.97 -21.26 -6.88
N GLN D 9 -38.23 -20.88 -7.11
CA GLN D 9 -39.31 -21.83 -6.93
C GLN D 9 -39.26 -22.94 -7.98
N ASN D 10 -38.92 -22.60 -9.21
CA ASN D 10 -38.83 -23.58 -10.29
C ASN D 10 -37.52 -24.34 -10.31
N ASP D 11 -36.59 -24.01 -9.41
CA ASP D 11 -35.26 -24.57 -9.45
C ASP D 11 -35.32 -26.07 -9.16
N PRO D 12 -34.77 -26.91 -10.05
CA PRO D 12 -34.77 -28.36 -9.77
C PRO D 12 -34.01 -28.75 -8.51
N ARG D 13 -32.98 -28.01 -8.14
CA ARG D 13 -32.15 -28.35 -6.99
C ARG D 13 -32.11 -27.16 -6.03
N PRO D 14 -33.16 -27.00 -5.21
CA PRO D 14 -33.19 -25.81 -4.33
C PRO D 14 -32.20 -25.87 -3.19
N GLU D 15 -32.02 -27.04 -2.55
CA GLU D 15 -31.14 -27.14 -1.40
C GLU D 15 -29.73 -26.68 -1.73
N GLN D 16 -29.19 -27.13 -2.87
CA GLN D 16 -27.87 -26.70 -3.29
C GLN D 16 -27.85 -25.23 -3.69
N ARG D 17 -29.00 -24.67 -4.05
CA ARG D 17 -29.08 -23.24 -4.37
C ARG D 17 -29.02 -22.40 -3.10
N ALA D 18 -29.89 -22.68 -2.14
CA ALA D 18 -29.87 -21.95 -0.88
C ALA D 18 -28.58 -22.18 -0.09
N GLN D 19 -27.87 -23.27 -0.36
CA GLN D 19 -26.57 -23.47 0.24
C GLN D 19 -25.56 -22.45 -0.29
N GLN D 20 -25.69 -22.10 -1.57
CA GLN D 20 -24.75 -21.14 -2.16
C GLN D 20 -25.00 -19.73 -1.64
N LEU D 21 -26.26 -19.35 -1.46
CA LEU D 21 -26.58 -18.06 -0.89
C LEU D 21 -26.05 -17.92 0.54
N ASP D 22 -25.84 -19.04 1.23
CA ASP D 22 -25.22 -18.98 2.55
C ASP D 22 -23.75 -18.55 2.45
N LYS D 23 -23.00 -19.16 1.54
CA LYS D 23 -21.60 -18.77 1.37
C LYS D 23 -21.47 -17.40 0.72
N ALA D 24 -22.55 -16.89 0.12
CA ALA D 24 -22.53 -15.51 -0.37
C ALA D 24 -22.61 -14.54 0.79
N ARG D 25 -23.65 -14.67 1.62
CA ARG D 25 -23.81 -13.77 2.77
C ARG D 25 -22.70 -13.94 3.80
N GLU D 26 -21.95 -15.04 3.75
CA GLU D 26 -20.77 -15.18 4.59
C GLU D 26 -19.60 -14.36 4.06
N THR D 27 -19.51 -14.18 2.75
CA THR D 27 -18.43 -13.42 2.14
C THR D 27 -18.82 -12.00 1.76
N TYR D 28 -20.09 -11.64 1.93
CA TYR D 28 -20.58 -10.28 1.66
C TYR D 28 -21.27 -9.77 2.91
N LYS D 29 -20.49 -9.55 3.97
CA LYS D 29 -21.00 -8.96 5.19
C LYS D 29 -21.23 -7.45 5.01
N TYR D 30 -21.85 -6.84 5.99
CA TYR D 30 -22.11 -5.40 5.97
C TYR D 30 -21.13 -4.67 6.88
N ALA D 31 -20.84 -3.41 6.51
CA ALA D 31 -19.91 -2.58 7.26
C ALA D 31 -20.43 -1.15 7.30
N ASP D 32 -19.86 -0.36 8.20
CA ASP D 32 -20.26 1.02 8.44
C ASP D 32 -19.20 2.01 7.96
N LEU D 33 -18.55 1.70 6.83
CA LEU D 33 -17.50 2.57 6.30
C LEU D 33 -17.99 4.01 6.19
N LEU D 34 -19.18 4.19 5.64
CA LEU D 34 -19.86 5.48 5.64
C LEU D 34 -21.22 5.29 6.31
N PRO D 35 -21.47 5.94 7.44
CA PRO D 35 -22.70 5.69 8.21
C PRO D 35 -23.93 6.19 7.47
N PRO D 36 -25.14 6.22 8.12
CA PRO D 36 -26.39 5.97 7.39
C PRO D 36 -26.33 5.31 6.02
N LEU D 37 -25.52 4.27 5.82
CA LEU D 37 -25.46 3.60 4.53
C LEU D 37 -25.16 2.12 4.72
N ALA D 38 -25.19 1.40 3.60
CA ALA D 38 -24.98 -0.05 3.56
C ALA D 38 -23.71 -0.33 2.75
N PHE D 39 -22.63 -0.66 3.45
CA PHE D 39 -21.33 -0.87 2.84
C PHE D 39 -20.96 -2.35 2.86
N CYS D 40 -19.85 -2.65 2.20
CA CYS D 40 -19.24 -3.96 2.27
C CYS D 40 -17.97 -3.87 3.12
N GLU D 41 -17.69 -4.94 3.84
CA GLU D 41 -16.53 -4.96 4.74
C GLU D 41 -15.27 -5.15 3.90
N GLY D 42 -14.62 -4.04 3.56
CA GLY D 42 -13.48 -4.12 2.67
C GLY D 42 -13.91 -4.56 1.28
N VAL D 43 -12.96 -5.16 0.57
CA VAL D 43 -13.19 -5.69 -0.77
C VAL D 43 -13.23 -7.20 -0.67
N PRO D 44 -14.38 -7.84 -0.90
CA PRO D 44 -14.41 -9.31 -0.93
C PRO D 44 -13.54 -9.83 -2.07
N LYS D 45 -12.86 -10.95 -1.80
CA LYS D 45 -11.89 -11.47 -2.75
C LYS D 45 -12.41 -11.62 -4.18
N PRO D 46 -13.66 -12.02 -4.43
CA PRO D 46 -14.14 -12.02 -5.82
C PRO D 46 -14.17 -10.64 -6.46
N ASP D 47 -14.53 -9.60 -5.70
CA ASP D 47 -14.70 -8.26 -6.26
C ASP D 47 -13.40 -7.48 -6.37
N THR D 48 -12.26 -8.14 -6.23
CA THR D 48 -10.98 -7.46 -6.41
C THR D 48 -10.83 -7.00 -7.86
N PRO D 49 -10.15 -5.87 -8.09
CA PRO D 49 -9.96 -5.39 -9.46
C PRO D 49 -9.31 -6.44 -10.35
N SER D 50 -9.78 -6.52 -11.59
CA SER D 50 -9.19 -7.42 -12.55
C SER D 50 -7.82 -6.91 -12.98
N ALA D 51 -6.97 -7.84 -13.44
CA ALA D 51 -5.64 -7.47 -13.89
C ALA D 51 -5.68 -6.58 -15.12
N ALA D 52 -6.76 -6.64 -15.92
CA ALA D 52 -6.89 -5.70 -17.03
C ALA D 52 -7.20 -4.30 -16.52
N TRP D 53 -8.00 -4.20 -15.46
CA TRP D 53 -8.28 -2.90 -14.85
C TRP D 53 -7.01 -2.27 -14.32
N LEU D 54 -6.21 -3.05 -13.57
CA LEU D 54 -5.03 -2.51 -12.93
C LEU D 54 -4.01 -1.98 -13.95
N VAL D 55 -3.90 -2.67 -15.10
CA VAL D 55 -3.01 -2.18 -16.15
C VAL D 55 -3.48 -0.83 -16.66
N THR D 56 -4.77 -0.73 -17.00
CA THR D 56 -5.33 0.51 -17.48
C THR D 56 -5.13 1.63 -16.48
N VAL D 57 -5.55 1.40 -15.23
CA VAL D 57 -5.42 2.41 -14.18
C VAL D 57 -3.95 2.71 -13.91
N GLY D 58 -3.09 1.70 -14.03
CA GLY D 58 -1.68 1.89 -13.71
C GLY D 58 -1.02 2.95 -14.56
N LYS D 59 -1.24 2.90 -15.87
CA LYS D 59 -0.59 3.86 -16.77
C LYS D 59 -1.01 5.29 -16.47
N VAL D 60 -2.30 5.50 -16.18
CA VAL D 60 -2.77 6.84 -15.85
C VAL D 60 -2.10 7.35 -14.58
N ALA D 61 -2.07 6.51 -13.54
CA ALA D 61 -1.39 6.87 -12.30
C ALA D 61 0.10 7.07 -12.51
N ALA D 62 0.67 6.47 -13.55
CA ALA D 62 2.08 6.67 -13.86
C ALA D 62 2.30 8.03 -14.51
N ALA D 63 1.47 8.37 -15.50
CA ALA D 63 1.57 9.69 -16.12
C ALA D 63 1.31 10.79 -15.10
N VAL D 64 0.34 10.57 -14.20
CA VAL D 64 0.10 11.52 -13.12
C VAL D 64 1.33 11.65 -12.23
N ALA D 65 1.96 10.53 -11.90
CA ALA D 65 3.20 10.58 -11.14
C ALA D 65 4.30 11.30 -11.92
N LEU D 66 4.39 11.03 -13.23
CA LEU D 66 5.41 11.69 -14.05
C LEU D 66 5.14 13.19 -14.18
N ASN D 67 3.86 13.60 -14.22
CA ASN D 67 3.55 15.02 -14.29
C ASN D 67 3.96 15.74 -13.01
N ALA D 68 3.91 15.05 -11.87
CA ALA D 68 4.40 15.66 -10.63
C ALA D 68 5.91 15.81 -10.65
N VAL D 69 6.62 14.91 -11.33
CA VAL D 69 8.07 15.03 -11.43
C VAL D 69 8.45 16.19 -12.34
N ALA D 70 7.71 16.37 -13.44
CA ALA D 70 7.98 17.50 -14.33
C ALA D 70 7.73 18.83 -13.63
N ASN D 71 6.66 18.92 -12.83
CA ASN D 71 6.39 20.15 -12.09
C ASN D 71 7.44 20.39 -11.01
N ARG D 72 8.03 19.33 -10.47
CA ARG D 72 9.08 19.49 -9.46
C ARG D 72 10.43 19.81 -10.07
N ARG D 73 10.66 19.45 -11.33
CA ARG D 73 11.84 19.94 -12.03
C ARG D 73 11.72 21.44 -12.31
N ALA D 74 10.52 21.89 -12.68
CA ALA D 74 10.31 23.29 -13.01
C ALA D 74 10.46 24.17 -11.77
N TRP D 75 9.83 23.77 -10.66
CA TRP D 75 10.10 24.42 -9.39
C TRP D 75 11.55 24.14 -8.98
N LYS D 76 12.15 25.10 -8.28
CA LYS D 76 13.56 25.02 -7.90
C LYS D 76 14.43 24.85 -9.15
N ARG D 77 14.20 25.72 -10.14
CA ARG D 77 14.88 25.64 -11.43
C ARG D 77 16.30 26.22 -11.35
N PHE D 87 18.86 14.90 -10.33
CA PHE D 87 19.20 13.54 -9.91
C PHE D 87 18.16 13.02 -8.93
N ASP D 88 17.85 13.83 -7.91
CA ASP D 88 16.75 13.49 -7.01
C ASP D 88 15.43 13.49 -7.78
N VAL D 89 15.25 14.46 -8.67
CA VAL D 89 14.10 14.51 -9.56
C VAL D 89 14.31 13.75 -10.85
N GLY D 90 15.42 13.02 -10.97
CA GLY D 90 15.63 12.16 -12.13
C GLY D 90 15.51 10.69 -11.83
N GLY D 91 16.02 10.30 -10.67
CA GLY D 91 15.85 8.93 -10.22
C GLY D 91 14.40 8.57 -10.00
N THR D 92 13.64 9.43 -9.33
CA THR D 92 12.20 9.21 -9.19
C THR D 92 11.49 9.31 -10.53
N SER D 93 12.06 10.03 -11.50
CA SER D 93 11.46 10.12 -12.82
C SER D 93 11.53 8.79 -13.55
N GLU D 94 12.57 8.00 -13.29
CA GLU D 94 12.79 6.77 -14.06
C GLU D 94 12.18 5.54 -13.42
N GLU D 95 12.03 5.52 -12.09
CA GLU D 95 11.36 4.38 -11.46
C GLU D 95 9.87 4.38 -11.81
N ASP D 96 9.27 5.56 -11.94
CA ASP D 96 7.92 5.65 -12.48
C ASP D 96 7.87 5.10 -13.90
N GLN D 97 8.88 5.44 -14.71
CA GLN D 97 8.96 4.88 -16.06
C GLN D 97 9.10 3.36 -16.02
N ASN D 98 9.82 2.85 -15.02
CA ASN D 98 10.05 1.41 -14.94
C ASN D 98 8.75 0.65 -14.70
N GLU D 99 7.84 1.22 -13.91
CA GLU D 99 6.54 0.58 -13.73
C GLU D 99 5.72 0.60 -15.01
N ALA D 100 5.84 1.69 -15.80
CA ALA D 100 5.21 1.70 -17.12
C ALA D 100 5.74 0.57 -17.98
N GLY D 101 7.04 0.26 -17.86
CA GLY D 101 7.58 -0.89 -18.55
C GLY D 101 7.05 -2.19 -17.98
N HIS D 102 6.97 -2.29 -16.65
CA HIS D 102 6.38 -3.45 -15.99
C HIS D 102 4.98 -3.73 -16.53
N ASN D 103 4.14 -2.70 -16.54
CA ASN D 103 2.74 -2.88 -16.93
C ASN D 103 2.61 -3.45 -18.34
N SER D 104 3.41 -2.94 -19.27
CA SER D 104 3.26 -3.34 -20.67
C SER D 104 3.64 -4.81 -20.89
N PHE D 105 4.63 -5.31 -20.15
CA PHE D 105 5.13 -6.67 -20.40
C PHE D 105 4.93 -7.63 -19.25
N LEU D 106 5.35 -7.26 -18.03
CA LEU D 106 5.19 -8.17 -16.89
C LEU D 106 3.73 -8.55 -16.69
N ALA D 107 2.83 -7.56 -16.77
CA ALA D 107 1.41 -7.85 -16.61
C ALA D 107 0.84 -8.62 -17.78
N ARG D 108 1.51 -8.59 -18.94
CA ARG D 108 1.00 -9.30 -20.11
C ARG D 108 1.10 -10.81 -19.97
N LEU D 109 1.72 -11.31 -18.89
CA LEU D 109 1.62 -12.73 -18.57
C LEU D 109 0.16 -13.14 -18.45
N GLU D 110 -0.64 -12.35 -17.72
CA GLU D 110 -2.09 -12.48 -17.62
C GLU D 110 -2.51 -13.82 -17.01
N ASN D 111 -1.93 -14.92 -17.45
CA ASN D 111 -2.27 -16.22 -16.86
C ASN D 111 -1.79 -16.28 -15.41
N PHE D 112 -0.50 -16.00 -15.19
CA PHE D 112 0.06 -15.85 -13.85
C PHE D 112 -0.16 -17.07 -12.96
N ASP D 113 -1.42 -17.34 -12.63
CA ASP D 113 -1.80 -18.49 -11.80
C ASP D 113 -1.12 -18.45 -10.44
N GLU D 124 -1.61 -10.51 -7.43
CA GLU D 124 -0.59 -10.11 -8.40
C GLU D 124 0.56 -9.37 -7.71
N PRO D 125 1.74 -9.34 -8.34
CA PRO D 125 2.88 -8.66 -7.72
C PRO D 125 3.05 -7.24 -8.20
N SER D 126 3.67 -7.06 -9.37
CA SER D 126 3.89 -5.73 -9.91
C SER D 126 2.58 -5.02 -10.20
N VAL D 127 1.59 -5.76 -10.70
CA VAL D 127 0.32 -5.15 -11.09
C VAL D 127 -0.49 -4.75 -9.85
N LEU D 128 -0.73 -5.71 -8.95
CA LEU D 128 -1.66 -5.48 -7.85
C LEU D 128 -1.11 -4.45 -6.86
N ASP D 129 0.12 -4.65 -6.40
CA ASP D 129 0.64 -3.84 -5.30
C ASP D 129 0.77 -2.38 -5.69
N GLU D 130 1.51 -2.09 -6.77
CA GLU D 130 1.83 -0.70 -7.10
C GLU D 130 0.59 0.07 -7.50
N VAL D 131 -0.31 -0.54 -8.28
CA VAL D 131 -1.46 0.20 -8.79
C VAL D 131 -2.33 0.69 -7.65
N ASN D 132 -2.80 -0.23 -6.79
CA ASN D 132 -3.68 0.15 -5.69
C ASN D 132 -2.99 1.14 -4.75
N GLU D 133 -1.69 0.95 -4.50
CA GLU D 133 -0.95 1.89 -3.65
C GLU D 133 -0.90 3.27 -4.28
N ARG D 134 -0.60 3.34 -5.58
CA ARG D 134 -0.56 4.63 -6.27
C ARG D 134 -1.92 5.30 -6.30
N VAL D 135 -2.98 4.52 -6.54
CA VAL D 135 -4.31 5.08 -6.60
C VAL D 135 -4.69 5.71 -5.26
N ALA D 136 -4.37 5.02 -4.17
CA ALA D 136 -4.69 5.55 -2.83
C ALA D 136 -3.89 6.80 -2.54
N ALA D 137 -2.62 6.84 -2.94
CA ALA D 137 -1.79 8.01 -2.72
C ALA D 137 -2.23 9.22 -3.51
N ILE D 138 -2.92 9.02 -4.65
CA ILE D 138 -3.40 10.15 -5.44
C ILE D 138 -4.71 10.67 -4.89
N LEU D 139 -5.63 9.76 -4.51
CA LEU D 139 -6.90 10.18 -3.94
C LEU D 139 -6.79 10.54 -2.46
N GLY D 140 -5.80 10.00 -1.76
CA GLY D 140 -5.58 10.33 -0.37
C GLY D 140 -4.85 11.63 -0.12
N ALA D 141 -4.47 12.34 -1.19
CA ALA D 141 -3.74 13.61 -1.09
C ALA D 141 -2.49 13.45 -0.24
N LYS D 142 -1.72 12.40 -0.54
CA LYS D 142 -0.57 12.12 0.32
C LYS D 142 0.65 12.94 -0.13
N PRO D 143 1.55 13.25 0.80
CA PRO D 143 2.51 14.34 0.57
C PRO D 143 3.63 14.02 -0.42
N ASN D 144 3.90 12.74 -0.71
CA ASN D 144 5.08 12.39 -1.48
C ASN D 144 4.78 11.29 -2.51
N ARG D 145 3.83 11.56 -3.40
CA ARG D 145 3.50 10.62 -4.47
C ARG D 145 4.49 10.78 -5.63
N HIS D 146 5.77 10.62 -5.29
CA HIS D 146 6.86 10.80 -6.25
C HIS D 146 7.35 9.48 -6.83
N VAL D 147 7.60 8.48 -5.99
CA VAL D 147 7.96 7.15 -6.48
C VAL D 147 7.67 6.10 -5.41
N PRO D 148 7.23 4.91 -5.79
CA PRO D 148 6.90 3.87 -4.82
C PRO D 148 8.06 2.90 -4.68
N PRO D 149 7.96 1.86 -3.76
CA PRO D 149 9.17 1.19 -3.27
C PRO D 149 10.49 1.93 -3.39
N ALA D 150 10.58 3.03 -2.65
CA ALA D 150 11.82 3.79 -2.46
C ALA D 150 11.59 4.83 -1.38
N GLN D 151 11.46 4.39 -0.13
CA GLN D 151 11.14 5.29 0.98
C GLN D 151 12.18 6.39 1.16
N VAL D 174 3.28 21.38 3.09
CA VAL D 174 3.41 20.88 1.74
C VAL D 174 4.84 21.11 1.23
N SER D 175 5.32 20.19 0.40
CA SER D 175 6.72 20.21 -0.03
C SER D 175 7.05 21.50 -0.77
N LYS D 176 8.03 22.24 -0.24
CA LYS D 176 8.45 23.50 -0.85
C LYS D 176 9.19 23.31 -2.17
N ASP D 177 9.57 22.08 -2.52
CA ASP D 177 10.32 21.83 -3.74
C ASP D 177 9.43 21.60 -4.96
N GLY D 178 8.12 21.61 -4.78
CA GLY D 178 7.19 21.55 -5.87
C GLY D 178 6.31 22.78 -5.91
N PRO D 179 5.43 22.88 -6.90
CA PRO D 179 4.53 24.04 -6.99
C PRO D 179 3.71 24.20 -5.73
N ASN D 180 3.85 25.36 -5.09
CA ASN D 180 3.16 25.62 -3.83
C ASN D 180 2.87 27.10 -3.70
N GLY D 181 1.83 27.41 -2.92
CA GLY D 181 1.55 28.77 -2.52
C GLY D 181 0.69 29.53 -3.51
N ARG D 182 0.79 30.86 -3.42
CA ARG D 182 0.03 31.76 -4.25
C ARG D 182 0.65 31.90 -5.63
N PRO D 183 -0.13 32.28 -6.64
CA PRO D 183 0.39 32.32 -8.01
C PRO D 183 1.02 33.64 -8.39
N GLN D 184 2.09 33.56 -9.18
CA GLN D 184 2.69 34.76 -9.76
C GLN D 184 1.80 35.32 -10.86
N SER D 185 1.36 34.45 -11.79
CA SER D 185 0.44 34.83 -12.86
C SER D 185 -0.52 33.68 -13.09
N MET D 186 -1.45 33.87 -14.02
CA MET D 186 -2.40 32.82 -14.38
C MET D 186 -1.78 31.77 -15.31
N ASP D 187 -0.52 31.96 -15.71
CA ASP D 187 0.17 30.91 -16.45
C ASP D 187 0.52 29.72 -15.57
N ASP D 188 0.71 29.96 -14.28
CA ASP D 188 1.06 28.88 -13.35
C ASP D 188 -0.01 27.80 -13.29
N TYR D 189 -1.25 28.11 -13.65
CA TYR D 189 -2.33 27.13 -13.55
C TYR D 189 -2.37 26.23 -14.78
N ALA D 190 -2.18 26.79 -15.98
CA ALA D 190 -2.10 25.95 -17.17
C ALA D 190 -0.80 25.17 -17.21
N ASN D 191 0.30 25.79 -16.75
CA ASN D 191 1.62 25.17 -16.79
C ASN D 191 1.72 23.90 -15.96
N LEU D 192 0.71 23.60 -15.12
CA LEU D 192 0.76 22.37 -14.33
C LEU D 192 0.64 21.13 -15.21
N PHE D 193 -0.01 21.26 -16.37
CA PHE D 193 -0.24 20.13 -17.26
C PHE D 193 0.99 19.97 -18.16
N ARG D 194 2.02 19.34 -17.59
CA ARG D 194 3.30 19.15 -18.28
C ARG D 194 3.43 17.77 -18.92
N ARG D 195 2.92 16.73 -18.29
CA ARG D 195 2.90 15.39 -18.87
C ARG D 195 1.49 14.87 -19.08
N ILE D 196 0.47 15.65 -18.72
CA ILE D 196 -0.91 15.41 -19.09
C ILE D 196 -1.39 16.63 -19.85
N THR D 197 -2.30 16.43 -20.78
CA THR D 197 -2.65 17.47 -21.75
C THR D 197 -3.69 18.43 -21.17
N LEU D 198 -3.44 19.73 -21.36
CA LEU D 198 -4.36 20.76 -20.91
C LEU D 198 -5.72 20.59 -21.58
N PRO D 199 -6.83 20.58 -20.83
CA PRO D 199 -8.13 20.34 -21.44
C PRO D 199 -8.56 21.51 -22.30
N PRO D 200 -9.42 21.29 -23.30
CA PRO D 200 -9.81 22.39 -24.18
C PRO D 200 -10.62 23.47 -23.49
N ILE D 201 -11.22 23.18 -22.34
CA ILE D 201 -12.01 24.19 -21.63
C ILE D 201 -11.11 25.28 -21.05
N ALA D 202 -9.81 25.00 -20.92
CA ALA D 202 -8.90 25.99 -20.35
C ALA D 202 -8.79 27.25 -21.19
N SER D 203 -9.19 27.19 -22.46
CA SER D 203 -9.09 28.32 -23.36
C SER D 203 -10.44 28.89 -23.76
N THR D 204 -11.54 28.35 -23.24
CA THR D 204 -12.87 28.86 -23.56
C THR D 204 -13.77 29.04 -22.35
N TRP D 205 -13.29 28.75 -21.13
CA TRP D 205 -14.17 28.72 -19.97
C TRP D 205 -14.73 30.09 -19.63
N LYS D 206 -14.11 31.16 -20.09
CA LYS D 206 -14.62 32.49 -19.79
C LYS D 206 -15.83 32.85 -20.66
N ASN D 207 -15.97 32.20 -21.82
CA ASN D 207 -17.08 32.50 -22.72
C ASN D 207 -18.42 32.18 -22.05
N ASP D 208 -19.41 33.03 -22.31
CA ASP D 208 -20.75 32.77 -21.80
C ASP D 208 -21.31 31.48 -22.38
N SER D 209 -21.05 31.23 -23.67
CA SER D 209 -21.59 30.04 -24.32
C SER D 209 -21.07 28.76 -23.66
N ALA D 210 -19.84 28.80 -23.13
CA ALA D 210 -19.33 27.64 -22.40
C ALA D 210 -20.00 27.52 -21.04
N PHE D 211 -20.31 28.66 -20.41
CA PHE D 211 -20.95 28.63 -19.10
C PHE D 211 -22.30 27.94 -19.15
N ALA D 212 -23.09 28.19 -20.20
CA ALA D 212 -24.37 27.53 -20.35
C ALA D 212 -24.21 26.08 -20.81
N ALA D 213 -23.22 25.82 -21.67
CA ALA D 213 -23.00 24.45 -22.17
C ALA D 213 -22.73 23.48 -21.03
N TYR D 214 -22.16 23.98 -19.92
CA TYR D 214 -21.97 23.13 -18.75
C TYR D 214 -23.30 22.59 -18.23
N ARG D 215 -24.38 23.35 -18.37
CA ARG D 215 -25.66 22.93 -17.84
C ARG D 215 -26.34 21.89 -18.71
N VAL D 216 -25.97 21.79 -19.99
CA VAL D 216 -26.59 20.83 -20.89
C VAL D 216 -25.61 19.78 -21.38
N ALA D 217 -24.31 20.03 -21.28
CA ALA D 217 -23.31 19.07 -21.77
C ALA D 217 -22.11 18.99 -20.83
N GLY D 218 -22.31 19.29 -19.55
CA GLY D 218 -21.23 19.28 -18.59
C GLY D 218 -21.37 18.19 -17.54
N PRO D 219 -20.66 18.36 -16.41
CA PRO D 219 -20.64 17.27 -15.42
C PRO D 219 -21.95 17.10 -14.70
N ASN D 220 -22.65 18.18 -14.39
CA ASN D 220 -23.98 18.14 -13.81
C ASN D 220 -24.92 18.75 -14.84
N ALA D 221 -25.43 17.91 -15.75
CA ALA D 221 -26.27 18.35 -16.85
C ALA D 221 -27.75 18.06 -16.60
N SER D 222 -28.14 17.88 -15.34
CA SER D 222 -29.48 17.43 -15.01
C SER D 222 -30.14 18.31 -13.96
N MET D 223 -29.77 19.59 -13.89
CA MET D 223 -30.22 20.44 -12.81
C MET D 223 -31.09 21.61 -13.23
N ILE D 224 -31.06 22.02 -14.50
CA ILE D 224 -31.95 23.10 -14.94
C ILE D 224 -33.40 22.63 -14.84
N GLN D 225 -34.28 23.56 -14.50
CA GLN D 225 -35.70 23.28 -14.40
C GLN D 225 -36.47 24.44 -15.03
N ARG D 226 -37.57 24.12 -15.69
CA ARG D 226 -38.37 25.17 -16.31
C ARG D 226 -39.15 25.93 -15.26
N ILE D 227 -39.17 27.26 -15.40
CA ILE D 227 -39.93 28.13 -14.52
C ILE D 227 -40.93 28.92 -15.36
N THR D 228 -42.16 29.00 -14.86
CA THR D 228 -43.16 29.89 -15.45
C THR D 228 -43.28 31.21 -14.70
N GLU D 229 -42.79 31.26 -13.45
CA GLU D 229 -42.68 32.50 -12.69
C GLU D 229 -41.40 32.43 -11.87
N LEU D 230 -40.65 33.52 -11.87
CA LEU D 230 -39.40 33.57 -11.13
C LEU D 230 -39.66 33.38 -9.64
N PRO D 231 -38.72 32.77 -8.91
CA PRO D 231 -38.87 32.65 -7.46
C PRO D 231 -38.86 34.01 -6.79
N ASP D 232 -39.29 34.03 -5.53
CA ASP D 232 -39.36 35.28 -4.78
C ASP D 232 -37.99 35.76 -4.33
N ASN D 233 -37.05 34.84 -4.10
CA ASN D 233 -35.71 35.19 -3.68
C ASN D 233 -34.77 35.44 -4.84
N PHE D 234 -35.31 35.60 -6.06
CA PHE D 234 -34.50 35.82 -7.26
C PHE D 234 -35.34 36.68 -8.22
N ALA D 235 -35.39 37.98 -7.94
CA ALA D 235 -36.23 38.91 -8.69
C ALA D 235 -35.39 39.55 -9.80
N VAL D 236 -35.17 38.79 -10.86
CA VAL D 236 -34.45 39.32 -12.01
C VAL D 236 -35.36 40.28 -12.77
N THR D 237 -34.76 41.27 -13.40
CA THR D 237 -35.48 42.33 -14.09
C THR D 237 -35.38 42.15 -15.59
N ASP D 238 -36.34 42.77 -16.30
CA ASP D 238 -36.30 42.75 -17.76
C ASP D 238 -35.08 43.48 -18.30
N ALA D 239 -34.56 44.45 -17.54
CA ALA D 239 -33.31 45.11 -17.94
C ALA D 239 -32.15 44.14 -17.89
N HIS D 240 -32.09 43.29 -16.85
CA HIS D 240 -31.10 42.21 -16.84
C HIS D 240 -31.29 41.28 -18.03
N TYR D 241 -32.54 40.96 -18.34
CA TYR D 241 -32.83 40.03 -19.45
C TYR D 241 -32.39 40.61 -20.78
N LYS D 242 -32.82 41.84 -21.09
CA LYS D 242 -32.54 42.44 -22.39
C LYS D 242 -31.06 42.76 -22.58
N GLN D 243 -30.24 42.70 -21.52
CA GLN D 243 -28.80 42.80 -21.70
C GLN D 243 -28.23 41.55 -22.34
N ALA D 244 -28.86 40.40 -22.14
CA ALA D 244 -28.36 39.11 -22.61
C ALA D 244 -29.05 38.65 -23.89
N MET D 245 -30.37 38.58 -23.88
CA MET D 245 -31.13 38.06 -25.01
C MET D 245 -31.47 39.12 -26.05
N GLY D 246 -30.97 40.35 -25.88
CA GLY D 246 -31.21 41.39 -26.86
C GLY D 246 -32.52 42.12 -26.65
N GLU D 247 -32.75 43.11 -27.51
CA GLU D 247 -33.95 43.94 -27.43
C GLU D 247 -35.16 43.30 -28.11
N GLY D 248 -34.98 42.18 -28.79
CA GLY D 248 -36.09 41.54 -29.48
C GLY D 248 -36.74 40.42 -28.69
N ASP D 249 -36.60 40.48 -27.37
CA ASP D 249 -37.19 39.46 -26.50
C ASP D 249 -37.49 40.10 -25.15
N SER D 250 -38.36 39.44 -24.37
CA SER D 250 -38.76 39.94 -23.07
C SER D 250 -38.83 38.80 -22.08
N LEU D 251 -38.61 39.13 -20.80
CA LEU D 251 -38.73 38.12 -19.74
C LEU D 251 -40.13 37.58 -19.64
N ASP D 252 -41.14 38.42 -19.91
CA ASP D 252 -42.52 37.97 -19.86
C ASP D 252 -42.83 37.00 -20.99
N ALA D 253 -42.19 37.17 -22.14
CA ALA D 253 -42.38 36.22 -23.24
C ALA D 253 -41.78 34.85 -22.91
N ALA D 254 -40.59 34.84 -22.31
CA ALA D 254 -39.91 33.58 -22.05
C ALA D 254 -40.64 32.75 -20.99
N LYS D 255 -41.25 33.39 -20.01
CA LYS D 255 -41.96 32.63 -18.99
C LYS D 255 -43.26 32.06 -19.52
N ALA D 256 -43.87 32.71 -20.50
CA ALA D 256 -45.09 32.17 -21.11
C ALA D 256 -44.77 31.06 -22.09
N GLU D 257 -43.70 31.21 -22.85
CA GLU D 257 -43.36 30.30 -23.95
C GLU D 257 -42.36 29.23 -23.54
N GLY D 258 -42.26 28.93 -22.24
CA GLY D 258 -41.43 27.83 -21.77
C GLY D 258 -39.96 27.97 -22.08
N ARG D 259 -39.45 29.19 -22.17
CA ARG D 259 -38.06 29.45 -22.55
C ARG D 259 -37.19 29.83 -21.37
N LEU D 260 -37.71 29.80 -20.14
CA LEU D 260 -36.93 30.14 -18.96
C LEU D 260 -36.53 28.88 -18.21
N PHE D 261 -35.27 28.82 -17.79
CA PHE D 261 -34.72 27.66 -17.11
C PHE D 261 -33.92 28.11 -15.90
N LEU D 262 -34.22 27.54 -14.74
CA LEU D 262 -33.59 27.92 -13.48
C LEU D 262 -32.68 26.79 -13.00
N ALA D 263 -31.54 27.16 -12.43
CA ALA D 263 -30.64 26.24 -11.75
C ALA D 263 -30.46 26.74 -10.33
N ASP D 264 -30.88 25.93 -9.35
CA ASP D 264 -30.98 26.36 -7.96
C ASP D 264 -30.15 25.44 -7.07
N TRP D 265 -28.99 25.94 -6.64
CA TRP D 265 -28.13 25.22 -5.70
C TRP D 265 -28.50 25.47 -4.25
N LYS D 266 -29.79 25.41 -3.93
CA LYS D 266 -30.24 25.66 -2.56
C LYS D 266 -29.63 24.68 -1.57
N LEU D 267 -29.52 23.41 -1.99
CA LEU D 267 -29.05 22.36 -1.09
C LEU D 267 -27.65 22.67 -0.56
N ILE D 268 -26.83 23.36 -1.35
CA ILE D 268 -25.48 23.71 -0.91
C ILE D 268 -25.55 24.56 0.36
N GLY D 269 -26.49 25.51 0.40
CA GLY D 269 -26.60 26.36 1.57
C GLY D 269 -27.18 25.63 2.78
N GLU D 270 -27.91 24.56 2.54
CA GLU D 270 -28.54 23.81 3.63
C GLU D 270 -27.57 22.92 4.39
N THR D 271 -26.47 22.51 3.78
CA THR D 271 -25.65 21.43 4.32
C THR D 271 -24.19 21.78 4.52
N LEU D 272 -23.63 22.72 3.78
CA LEU D 272 -22.18 22.90 3.78
C LEU D 272 -21.73 23.92 4.83
N VAL D 273 -20.48 23.76 5.26
CA VAL D 273 -19.86 24.61 6.27
C VAL D 273 -18.47 24.98 5.75
N ASN D 274 -18.27 26.27 5.49
CA ASN D 274 -17.04 26.72 4.86
C ASN D 274 -15.84 26.46 5.77
N ASN D 275 -14.83 25.79 5.23
CA ASN D 275 -13.63 25.38 5.95
C ASN D 275 -12.46 26.27 5.55
N THR D 276 -11.31 26.04 6.20
CA THR D 276 -10.07 26.70 5.87
C THR D 276 -9.04 25.67 5.44
N TYR D 277 -8.04 26.13 4.69
CA TYR D 277 -6.90 25.31 4.31
C TYR D 277 -5.64 26.11 4.56
N LYS D 278 -4.79 25.61 5.46
CA LYS D 278 -3.58 26.33 5.86
C LYS D 278 -3.92 27.74 6.34
N GLY D 279 -5.04 27.86 7.05
CA GLY D 279 -5.49 29.13 7.57
C GLY D 279 -6.10 30.06 6.55
N ALA D 280 -6.25 29.63 5.30
CA ALA D 280 -6.85 30.45 4.26
C ALA D 280 -8.31 30.06 4.06
N GLN D 281 -9.18 31.06 3.90
CA GLN D 281 -10.61 30.83 3.92
C GLN D 281 -11.09 30.29 2.58
N LYS D 282 -11.66 29.08 2.60
CA LYS D 282 -12.33 28.50 1.45
C LYS D 282 -13.80 28.89 1.48
N THR D 283 -14.32 29.30 0.32
CA THR D 283 -15.66 29.88 0.24
C THR D 283 -16.45 29.21 -0.88
N VAL D 284 -17.70 28.86 -0.58
CA VAL D 284 -18.64 28.33 -1.56
C VAL D 284 -19.98 29.01 -1.32
N TYR D 285 -20.72 29.27 -2.40
CA TYR D 285 -22.02 29.92 -2.31
C TYR D 285 -23.12 28.96 -2.73
N ALA D 286 -24.37 29.42 -2.55
CA ALA D 286 -25.56 28.67 -2.90
C ALA D 286 -26.38 29.49 -3.89
N PRO D 287 -25.91 29.62 -5.13
CA PRO D 287 -26.47 30.61 -6.04
C PRO D 287 -27.75 30.15 -6.72
N LEU D 288 -28.37 31.09 -7.44
CA LEU D 288 -29.49 30.81 -8.33
C LEU D 288 -29.14 31.40 -9.68
N ALA D 289 -29.10 30.56 -10.71
CA ALA D 289 -28.73 30.97 -12.06
C ALA D 289 -29.94 30.90 -12.97
N LEU D 290 -30.16 31.94 -13.75
CA LEU D 290 -31.26 31.99 -14.70
C LEU D 290 -30.73 31.81 -16.12
N PHE D 291 -31.48 31.07 -16.93
CA PHE D 291 -31.10 30.81 -18.31
C PHE D 291 -32.32 30.93 -19.20
N ALA D 292 -32.08 31.25 -20.47
CA ALA D 292 -33.14 31.41 -21.44
C ALA D 292 -32.62 31.04 -22.82
N VAL D 293 -33.50 30.50 -23.64
CA VAL D 293 -33.16 30.16 -25.03
C VAL D 293 -33.70 31.28 -25.93
N PRO D 294 -32.98 31.63 -27.00
CA PRO D 294 -33.48 32.68 -27.89
C PRO D 294 -34.83 32.30 -28.47
N PRO D 295 -35.65 33.29 -28.80
CA PRO D 295 -37.00 32.98 -29.32
C PRO D 295 -36.91 32.19 -30.61
N GLY D 296 -37.82 31.22 -30.75
CA GLY D 296 -37.77 30.28 -31.85
C GLY D 296 -36.96 29.04 -31.57
N GLY D 297 -36.51 28.86 -30.33
CA GLY D 297 -35.71 27.71 -29.96
C GLY D 297 -34.23 27.91 -30.21
N GLY D 298 -33.42 27.10 -29.52
CA GLY D 298 -31.99 27.13 -29.70
C GLY D 298 -31.27 26.77 -28.42
N SER D 299 -30.03 27.23 -28.32
CA SER D 299 -29.16 26.89 -27.20
C SER D 299 -29.49 27.72 -25.97
N LEU D 300 -28.99 27.26 -24.83
CA LEU D 300 -29.16 27.97 -23.57
C LEU D 300 -28.25 29.19 -23.52
N ALA D 301 -28.72 30.24 -22.85
CA ALA D 301 -27.96 31.47 -22.72
C ALA D 301 -28.08 32.01 -21.30
N PRO D 302 -26.96 32.30 -20.64
CA PRO D 302 -27.02 32.85 -19.28
C PRO D 302 -27.64 34.23 -19.28
N VAL D 303 -28.31 34.54 -18.16
CA VAL D 303 -29.02 35.81 -18.03
C VAL D 303 -28.57 36.53 -16.77
N ALA D 304 -28.87 35.94 -15.61
CA ALA D 304 -28.59 36.57 -14.33
C ALA D 304 -28.09 35.53 -13.34
N ILE D 305 -27.38 36.02 -12.31
CA ILE D 305 -26.82 35.18 -11.27
C ILE D 305 -26.95 35.90 -9.94
N GLN D 306 -27.45 35.19 -8.93
CA GLN D 306 -27.49 35.70 -7.57
C GLN D 306 -26.69 34.74 -6.68
N PRO D 307 -25.56 35.17 -6.11
CA PRO D 307 -24.70 34.22 -5.40
C PRO D 307 -25.32 33.63 -4.14
N GLY D 308 -26.24 34.34 -3.49
CA GLY D 308 -26.84 33.83 -2.27
C GLY D 308 -28.28 33.39 -2.45
N GLN D 309 -28.78 32.58 -1.52
CA GLN D 309 -30.17 32.15 -1.59
C GLN D 309 -31.12 33.28 -1.27
N THR D 310 -30.80 34.09 -0.26
CA THR D 310 -31.64 35.18 0.17
C THR D 310 -31.04 36.52 -0.22
N PRO D 311 -31.82 37.43 -0.81
CA PRO D 311 -31.28 38.73 -1.19
C PRO D 311 -30.84 39.54 0.02
N SER D 312 -29.97 40.51 -0.23
CA SER D 312 -29.38 41.31 0.84
C SER D 312 -28.67 42.53 0.27
N PRO D 313 -28.25 43.49 1.10
CA PRO D 313 -27.40 44.58 0.60
C PRO D 313 -26.08 44.09 0.03
N THR D 314 -25.51 43.02 0.59
CA THR D 314 -24.26 42.43 0.10
C THR D 314 -24.49 41.24 -0.83
N ASN D 315 -25.70 41.12 -1.38
CA ASN D 315 -26.06 39.98 -2.22
C ASN D 315 -26.96 40.51 -3.34
N LYS D 316 -26.39 40.71 -4.52
CA LYS D 316 -27.10 41.33 -5.63
C LYS D 316 -27.15 40.39 -6.84
N ILE D 317 -27.76 40.88 -7.91
CA ILE D 317 -28.01 40.10 -9.12
C ILE D 317 -27.08 40.63 -10.20
N TYR D 318 -26.04 39.86 -10.51
CA TYR D 318 -25.07 40.22 -11.53
C TYR D 318 -25.52 39.69 -12.88
N ALA D 319 -25.28 40.49 -13.93
CA ALA D 319 -25.87 40.25 -15.24
C ALA D 319 -24.78 40.16 -16.30
N THR D 320 -25.20 39.86 -17.54
CA THR D 320 -24.30 39.53 -18.63
C THR D 320 -23.38 40.68 -19.02
N GLN D 321 -23.69 41.91 -18.62
CA GLN D 321 -22.89 43.06 -18.99
C GLN D 321 -22.03 43.60 -17.85
N ASP D 322 -22.19 43.07 -16.64
CA ASP D 322 -21.47 43.62 -15.49
C ASP D 322 -19.97 43.35 -15.52
N GLY D 323 -19.49 42.56 -16.47
CA GLY D 323 -18.06 42.45 -16.72
C GLY D 323 -17.24 41.68 -15.70
N ASN D 324 -16.42 42.40 -14.94
CA ASN D 324 -15.48 41.74 -14.04
C ASN D 324 -16.19 41.06 -12.88
N ASP D 325 -17.26 41.67 -12.35
CA ASP D 325 -18.06 41.01 -11.33
C ASP D 325 -18.86 39.85 -11.93
N TRP D 326 -19.32 40.01 -13.16
CA TRP D 326 -20.10 38.95 -13.81
C TRP D 326 -19.27 37.70 -14.01
N LEU D 327 -18.00 37.86 -14.41
CA LEU D 327 -17.13 36.70 -14.56
C LEU D 327 -16.88 36.00 -13.23
N ALA D 328 -16.85 36.75 -12.12
CA ALA D 328 -16.71 36.13 -10.81
C ALA D 328 -18.01 35.52 -10.32
N ALA D 329 -19.15 36.10 -10.71
CA ALA D 329 -20.43 35.47 -10.40
C ALA D 329 -20.56 34.13 -11.12
N LYS D 330 -20.11 34.06 -12.38
CA LYS D 330 -20.11 32.79 -13.08
C LYS D 330 -19.14 31.80 -12.44
N SER D 331 -17.96 32.28 -12.04
CA SER D 331 -16.97 31.40 -11.41
C SER D 331 -17.47 30.89 -10.07
N ALA D 332 -18.14 31.74 -9.28
CA ALA D 332 -18.68 31.29 -8.00
C ALA D 332 -19.77 30.24 -8.19
N VAL D 333 -20.53 30.34 -9.27
CA VAL D 333 -21.51 29.30 -9.59
C VAL D 333 -20.80 28.00 -9.90
N GLN D 334 -19.68 28.06 -10.65
CA GLN D 334 -18.91 26.86 -10.94
C GLN D 334 -18.38 26.22 -9.66
N VAL D 335 -17.99 27.04 -8.68
CA VAL D 335 -17.52 26.52 -7.41
C VAL D 335 -18.60 25.66 -6.75
N ALA D 336 -19.84 26.15 -6.74
CA ALA D 336 -20.94 25.36 -6.19
C ALA D 336 -21.14 24.07 -6.98
N GLU D 337 -21.02 24.16 -8.31
CA GLU D 337 -21.22 22.97 -9.14
C GLU D 337 -20.20 21.88 -8.81
N GLY D 338 -18.96 22.28 -8.51
CA GLY D 338 -17.94 21.30 -8.17
C GLY D 338 -18.29 20.53 -6.91
N ASN D 339 -18.64 21.25 -5.84
CA ASN D 339 -19.12 20.58 -4.63
C ASN D 339 -20.42 19.83 -4.91
N TYR D 340 -21.27 20.37 -5.77
CA TYR D 340 -22.56 19.73 -6.03
C TYR D 340 -22.39 18.48 -6.88
N HIS D 341 -21.71 18.61 -8.03
CA HIS D 341 -21.51 17.45 -8.89
C HIS D 341 -20.79 16.34 -8.15
N GLU D 342 -19.63 16.65 -7.58
CA GLU D 342 -18.76 15.61 -7.03
C GLU D 342 -19.38 14.90 -5.85
N LEU D 343 -20.34 15.52 -5.17
CA LEU D 343 -20.93 14.90 -3.98
C LEU D 343 -22.40 14.54 -4.15
N VAL D 344 -23.14 15.23 -5.01
CA VAL D 344 -24.54 14.88 -5.24
C VAL D 344 -24.64 14.08 -6.53
N SER D 345 -24.37 14.73 -7.66
CA SER D 345 -24.47 14.07 -8.96
C SER D 345 -23.58 12.83 -9.03
N HIS D 346 -22.31 13.00 -8.65
CA HIS D 346 -21.33 11.95 -8.85
C HIS D 346 -21.37 10.89 -7.75
N LEU D 347 -20.69 11.16 -6.63
CA LEU D 347 -20.49 10.11 -5.63
C LEU D 347 -21.77 9.72 -4.94
N GLY D 348 -22.66 10.68 -4.68
CA GLY D 348 -23.88 10.36 -3.96
C GLY D 348 -24.84 9.53 -4.79
N LEU D 349 -25.12 9.96 -6.02
CA LEU D 349 -26.19 9.39 -6.83
C LEU D 349 -25.71 8.42 -7.89
N THR D 350 -24.50 7.88 -7.74
CA THR D 350 -24.07 6.78 -8.60
C THR D 350 -23.41 5.70 -7.74
N HIS D 351 -22.26 6.02 -7.14
CA HIS D 351 -21.55 5.08 -6.29
C HIS D 351 -22.38 4.67 -5.09
N LEU D 352 -22.58 5.60 -4.15
CA LEU D 352 -23.27 5.30 -2.91
C LEU D 352 -24.72 4.89 -3.13
N LEU D 353 -25.31 5.26 -4.28
CA LEU D 353 -26.69 4.85 -4.57
C LEU D 353 -26.77 3.36 -4.86
N LEU D 354 -25.86 2.85 -5.70
CA LEU D 354 -25.88 1.44 -6.09
C LEU D 354 -25.24 0.52 -5.06
N GLU D 355 -24.47 1.07 -4.11
CA GLU D 355 -23.78 0.23 -3.14
C GLU D 355 -24.71 -0.69 -2.34
N PRO D 356 -25.87 -0.24 -1.83
CA PRO D 356 -26.77 -1.20 -1.19
C PRO D 356 -27.39 -2.21 -2.15
N ILE D 357 -27.59 -1.81 -3.41
CA ILE D 357 -28.12 -2.74 -4.39
C ILE D 357 -27.09 -3.80 -4.75
N VAL D 358 -25.82 -3.39 -4.89
CA VAL D 358 -24.74 -4.36 -5.08
C VAL D 358 -24.68 -5.31 -3.88
N MET D 359 -24.92 -4.78 -2.68
CA MET D 359 -24.90 -5.62 -1.48
C MET D 359 -26.12 -6.52 -1.40
N ALA D 360 -27.27 -6.06 -1.88
CA ALA D 360 -28.47 -6.87 -1.83
C ALA D 360 -28.46 -7.98 -2.87
N THR D 361 -28.03 -7.67 -4.09
CA THR D 361 -28.02 -8.66 -5.16
C THR D 361 -27.17 -9.88 -4.78
N TYR D 362 -25.94 -9.63 -4.33
CA TYR D 362 -25.07 -10.74 -3.92
C TYR D 362 -25.70 -11.58 -2.83
N ARG D 363 -26.37 -10.94 -1.86
CA ARG D 363 -26.79 -11.65 -0.67
C ARG D 363 -28.13 -12.36 -0.84
N GLN D 364 -29.02 -11.84 -1.67
CA GLN D 364 -30.36 -12.39 -1.79
C GLN D 364 -30.61 -13.19 -3.06
N LEU D 365 -29.97 -12.83 -4.16
CA LEU D 365 -30.18 -13.51 -5.44
C LEU D 365 -29.08 -14.54 -5.66
N ALA D 366 -29.48 -15.81 -5.78
CA ALA D 366 -28.51 -16.89 -5.98
C ALA D 366 -27.83 -16.73 -7.33
N GLN D 367 -26.67 -17.39 -7.47
CA GLN D 367 -25.93 -17.34 -8.72
C GLN D 367 -26.68 -18.01 -9.86
N HIS D 368 -27.68 -18.84 -9.55
CA HIS D 368 -28.54 -19.44 -10.55
C HIS D 368 -29.78 -18.60 -10.84
N HIS D 369 -29.85 -17.37 -10.35
CA HIS D 369 -30.99 -16.49 -10.60
C HIS D 369 -30.72 -15.65 -11.85
N PRO D 370 -31.68 -15.55 -12.76
CA PRO D 370 -31.44 -14.74 -13.98
C PRO D 370 -31.15 -13.28 -13.70
N ILE D 371 -31.77 -12.68 -12.67
CA ILE D 371 -31.51 -11.28 -12.36
C ILE D 371 -30.08 -11.10 -11.86
N TYR D 372 -29.56 -12.06 -11.09
CA TYR D 372 -28.14 -12.10 -10.78
C TYR D 372 -27.32 -12.06 -12.07
N MET D 373 -27.70 -12.89 -13.05
CA MET D 373 -26.98 -12.92 -14.32
C MET D 373 -27.08 -11.60 -15.05
N LEU D 374 -28.16 -10.84 -14.84
CA LEU D 374 -28.30 -9.55 -15.50
C LEU D 374 -27.46 -8.47 -14.83
N LEU D 375 -27.48 -8.41 -13.49
CA LEU D 375 -27.00 -7.24 -12.76
C LEU D 375 -25.56 -7.32 -12.29
N ILE D 376 -25.06 -8.51 -11.94
CA ILE D 376 -23.72 -8.61 -11.35
C ILE D 376 -22.63 -8.02 -12.22
N PRO D 377 -22.54 -8.34 -13.52
CA PRO D 377 -21.45 -7.73 -14.33
C PRO D 377 -21.60 -6.23 -14.52
N HIS D 378 -22.74 -5.65 -14.19
CA HIS D 378 -22.86 -4.19 -14.08
C HIS D 378 -22.38 -3.67 -12.74
N PHE D 379 -21.83 -4.54 -11.88
CA PHE D 379 -21.33 -4.16 -10.57
C PHE D 379 -19.85 -4.47 -10.41
N GLU D 380 -19.16 -4.83 -11.49
CA GLU D 380 -17.74 -5.20 -11.39
C GLU D 380 -16.92 -3.99 -10.95
N GLY D 381 -16.20 -4.15 -9.85
CA GLY D 381 -15.37 -3.08 -9.32
C GLY D 381 -16.12 -2.02 -8.55
N THR D 382 -17.45 -2.05 -8.53
CA THR D 382 -18.21 -1.06 -7.78
C THR D 382 -17.92 -1.14 -6.30
N LEU D 383 -17.86 -2.37 -5.76
CA LEU D 383 -17.48 -2.55 -4.37
C LEU D 383 -16.05 -2.06 -4.14
N SER D 384 -15.15 -2.34 -5.07
CA SER D 384 -13.76 -1.96 -4.90
C SER D 384 -13.57 -0.45 -4.92
N ILE D 385 -14.08 0.22 -5.95
CA ILE D 385 -13.84 1.65 -6.08
C ILE D 385 -14.56 2.44 -4.99
N ASN D 386 -15.73 1.96 -4.53
CA ASN D 386 -16.42 2.64 -3.45
C ASN D 386 -15.66 2.51 -2.14
N ASN D 387 -15.00 1.38 -1.92
CA ASN D 387 -14.18 1.23 -0.72
C ASN D 387 -12.94 2.12 -0.78
N SER D 388 -12.39 2.34 -1.97
CA SER D 388 -11.29 3.28 -2.11
C SER D 388 -11.77 4.72 -1.92
N ALA D 389 -12.96 5.03 -2.43
CA ALA D 389 -13.51 6.37 -2.25
C ALA D 389 -13.86 6.65 -0.80
N ALA D 390 -14.18 5.61 -0.01
CA ALA D 390 -14.61 5.83 1.36
C ALA D 390 -13.43 6.09 2.30
N THR D 391 -12.35 5.34 2.14
CA THR D 391 -11.21 5.44 3.06
C THR D 391 -10.12 6.39 2.58
N ASN D 392 -10.20 6.88 1.35
CA ASN D 392 -9.13 7.74 0.84
C ASN D 392 -9.66 9.04 0.25
N LEU D 393 -10.71 8.97 -0.56
CA LEU D 393 -11.18 10.16 -1.28
C LEU D 393 -11.91 11.11 -0.34
N ILE D 394 -13.01 10.65 0.27
CA ILE D 394 -13.81 11.50 1.14
C ILE D 394 -13.50 11.24 2.61
N ALA D 395 -12.35 10.64 2.91
CA ALA D 395 -11.88 10.52 4.27
C ALA D 395 -11.07 11.76 4.65
N PRO D 396 -11.00 12.10 5.94
CA PRO D 396 -10.24 13.30 6.35
C PRO D 396 -8.80 13.24 5.88
N GLY D 397 -8.30 14.38 5.41
CA GLY D 397 -7.01 14.40 4.76
C GLY D 397 -7.02 14.01 3.30
N GLY D 398 -8.22 13.82 2.72
CA GLY D 398 -8.33 13.40 1.34
C GLY D 398 -8.43 14.56 0.37
N ALA D 399 -8.49 14.19 -0.93
CA ALA D 399 -8.46 15.20 -1.98
C ALA D 399 -9.68 16.10 -1.91
N VAL D 400 -10.83 15.55 -1.52
CA VAL D 400 -12.02 16.38 -1.39
C VAL D 400 -11.91 17.29 -0.17
N ASP D 401 -11.29 16.79 0.90
CA ASP D 401 -11.23 17.54 2.15
C ASP D 401 -10.45 18.84 1.98
N LEU D 402 -9.29 18.77 1.33
CA LEU D 402 -8.47 19.96 1.17
C LEU D 402 -9.01 20.88 0.08
N ILE D 403 -9.40 20.32 -1.06
CA ILE D 403 -9.74 21.13 -2.22
C ILE D 403 -11.11 21.77 -2.07
N PHE D 404 -12.12 20.98 -1.71
CA PHE D 404 -13.49 21.46 -1.72
C PHE D 404 -13.80 22.27 -0.47
N ALA D 405 -14.66 23.29 -0.65
CA ALA D 405 -14.75 24.37 0.32
C ALA D 405 -15.26 23.90 1.68
N GLY D 406 -16.31 23.10 1.69
CA GLY D 406 -16.91 22.69 2.95
C GLY D 406 -16.00 21.80 3.78
N THR D 407 -16.29 21.75 5.08
CA THR D 407 -15.66 20.75 5.94
C THR D 407 -16.05 19.37 5.45
N ILE D 408 -15.13 18.42 5.60
CA ILE D 408 -15.30 17.13 4.94
C ILE D 408 -16.59 16.45 5.41
N GLU D 409 -16.95 16.62 6.69
CA GLU D 409 -18.17 16.00 7.18
C GLU D 409 -19.41 16.70 6.63
N SER D 410 -19.37 18.03 6.51
CA SER D 410 -20.49 18.75 5.91
C SER D 410 -20.72 18.30 4.47
N GLU D 411 -19.67 17.84 3.80
CA GLU D 411 -19.84 17.27 2.46
C GLU D 411 -20.54 15.93 2.53
N HIS D 412 -20.29 15.15 3.58
CA HIS D 412 -21.00 13.89 3.76
C HIS D 412 -22.50 14.12 3.95
N GLN D 413 -22.86 15.18 4.68
CA GLN D 413 -24.27 15.50 4.84
C GLN D 413 -24.89 15.95 3.53
N LEU D 414 -24.12 16.67 2.70
CA LEU D 414 -24.60 17.05 1.38
C LEU D 414 -24.95 15.83 0.54
N ALA D 415 -24.10 14.81 0.56
CA ALA D 415 -24.36 13.60 -0.21
C ALA D 415 -25.52 12.81 0.37
N LEU D 416 -25.49 12.53 1.68
CA LEU D 416 -26.56 11.77 2.32
C LEU D 416 -27.91 12.45 2.17
N ALA D 417 -27.95 13.78 2.20
CA ALA D 417 -29.21 14.49 2.01
C ALA D 417 -29.75 14.29 0.60
N ALA D 418 -28.88 14.12 -0.39
CA ALA D 418 -29.33 13.88 -1.75
C ALA D 418 -29.93 12.48 -1.89
N LEU D 419 -29.26 11.48 -1.31
CA LEU D 419 -29.80 10.12 -1.32
C LEU D 419 -31.09 10.04 -0.52
N LYS D 420 -31.17 10.77 0.60
CA LYS D 420 -32.32 10.70 1.47
C LYS D 420 -33.57 11.27 0.80
N ARG D 421 -33.39 12.32 0.00
CA ARG D 421 -34.51 12.94 -0.72
C ARG D 421 -34.76 12.30 -2.08
N HIS D 422 -33.89 11.41 -2.53
CA HIS D 422 -34.03 10.79 -3.84
C HIS D 422 -35.25 9.89 -3.86
N ASP D 423 -35.88 9.80 -5.04
CA ASP D 423 -37.04 8.93 -5.25
C ASP D 423 -36.68 7.95 -6.36
N PHE D 424 -36.36 6.71 -5.97
CA PHE D 424 -35.88 5.73 -6.95
C PHE D 424 -36.94 5.40 -7.98
N MET D 425 -38.16 5.11 -7.52
CA MET D 425 -39.21 4.62 -8.42
C MET D 425 -39.73 5.68 -9.38
N ARG D 426 -39.25 6.92 -9.28
CA ARG D 426 -39.61 7.97 -10.23
C ARG D 426 -38.38 8.65 -10.81
N SER D 427 -37.23 7.98 -10.81
CA SER D 427 -35.97 8.57 -11.25
C SER D 427 -35.52 8.04 -12.61
N GLY D 428 -36.44 7.53 -13.43
CA GLY D 428 -36.08 7.15 -14.79
C GLY D 428 -35.76 8.38 -15.61
N LEU D 429 -34.75 8.25 -16.47
CA LEU D 429 -34.33 9.38 -17.30
C LEU D 429 -35.47 10.03 -18.07
N PRO D 430 -36.36 9.31 -18.76
CA PRO D 430 -37.52 9.99 -19.35
C PRO D 430 -38.43 10.61 -18.32
N ASP D 431 -38.51 10.03 -17.12
CA ASP D 431 -39.42 10.55 -16.10
C ASP D 431 -38.89 11.86 -15.51
N THR D 432 -37.58 11.96 -15.31
CA THR D 432 -37.00 13.18 -14.75
C THR D 432 -37.13 14.33 -15.74
N ILE D 433 -37.00 14.05 -17.04
CA ILE D 433 -36.98 15.11 -18.04
C ILE D 433 -38.34 15.79 -18.14
N GLU D 434 -39.42 15.03 -18.00
CA GLU D 434 -40.74 15.63 -18.01
C GLU D 434 -41.18 16.14 -16.64
N GLN D 435 -40.42 15.84 -15.58
CA GLN D 435 -40.64 16.52 -14.31
C GLN D 435 -40.02 17.90 -14.31
N ARG D 436 -38.85 18.06 -14.94
CA ARG D 436 -38.13 19.33 -14.94
C ARG D 436 -38.61 20.27 -16.03
N GLY D 437 -39.32 19.77 -17.04
CA GLY D 437 -39.77 20.62 -18.13
C GLY D 437 -38.71 20.93 -19.16
N VAL D 438 -37.85 19.96 -19.48
CA VAL D 438 -36.79 20.14 -20.47
C VAL D 438 -37.00 19.24 -21.69
N GLY D 439 -38.16 18.62 -21.81
CA GLY D 439 -38.39 17.59 -22.81
C GLY D 439 -38.77 18.03 -24.20
N ASP D 440 -38.95 19.32 -24.44
CA ASP D 440 -39.40 19.81 -25.76
C ASP D 440 -38.18 20.02 -26.64
N THR D 441 -38.06 19.21 -27.70
CA THR D 441 -36.92 19.28 -28.60
C THR D 441 -36.94 20.51 -29.51
N SER D 442 -38.01 21.29 -29.47
CA SER D 442 -38.12 22.49 -30.30
C SER D 442 -37.66 23.75 -29.58
N VAL D 443 -37.95 23.86 -28.29
CA VAL D 443 -37.60 25.05 -27.54
C VAL D 443 -36.14 25.03 -27.13
N LEU D 444 -35.74 23.99 -26.41
CA LEU D 444 -34.34 23.81 -26.02
C LEU D 444 -33.78 22.72 -26.94
N THR D 445 -33.17 23.14 -28.04
CA THR D 445 -32.71 22.18 -29.05
C THR D 445 -31.37 21.57 -28.67
N ASP D 446 -30.43 22.39 -28.19
CA ASP D 446 -29.10 21.90 -27.81
C ASP D 446 -29.16 21.44 -26.36
N TYR D 447 -29.30 20.14 -26.16
CA TYR D 447 -29.27 19.54 -24.83
C TYR D 447 -28.76 18.11 -24.99
N PRO D 448 -27.46 17.93 -25.23
CA PRO D 448 -26.94 16.60 -25.59
C PRO D 448 -27.30 15.50 -24.61
N TYR D 449 -27.13 15.74 -23.31
CA TYR D 449 -27.41 14.71 -22.31
C TYR D 449 -28.83 14.17 -22.44
N ARG D 450 -29.80 15.05 -22.65
CA ARG D 450 -31.18 14.62 -22.85
C ARG D 450 -31.31 13.83 -24.14
N ASP D 451 -30.82 14.39 -25.25
CA ASP D 451 -31.03 13.77 -26.56
C ASP D 451 -30.24 12.47 -26.68
N ASP D 452 -28.97 12.46 -26.26
CA ASP D 452 -28.17 11.25 -26.35
C ASP D 452 -28.54 10.25 -25.26
N GLY D 453 -28.81 10.73 -24.05
CA GLY D 453 -29.12 9.83 -22.95
C GLY D 453 -30.45 9.11 -23.14
N LEU D 454 -31.46 9.81 -23.64
CA LEU D 454 -32.76 9.18 -23.86
C LEU D 454 -32.65 8.02 -24.85
N LYS D 455 -31.72 8.12 -25.81
CA LYS D 455 -31.49 7.00 -26.72
C LYS D 455 -30.95 5.79 -25.97
N ILE D 456 -29.91 5.99 -25.17
CA ILE D 456 -29.31 4.90 -24.41
C ILE D 456 -30.33 4.31 -23.43
N TRP D 457 -31.19 5.17 -22.87
CA TRP D 457 -32.24 4.67 -21.98
C TRP D 457 -33.18 3.74 -22.72
N ALA D 458 -33.55 4.09 -23.95
CA ALA D 458 -34.46 3.26 -24.72
C ALA D 458 -33.82 1.92 -25.06
N ASN D 459 -32.51 1.91 -25.35
CA ASN D 459 -31.83 0.66 -25.64
C ASN D 459 -31.80 -0.25 -24.42
N ILE D 460 -31.56 0.32 -23.24
CA ILE D 460 -31.42 -0.50 -22.04
C ILE D 460 -32.78 -1.05 -21.61
N GLU D 461 -33.84 -0.25 -21.73
CA GLU D 461 -35.17 -0.73 -21.36
C GLU D 461 -35.60 -1.89 -22.26
N ARG D 462 -35.40 -1.75 -23.57
CA ARG D 462 -35.79 -2.80 -24.51
C ARG D 462 -35.09 -4.12 -24.19
N TRP D 463 -33.80 -4.05 -23.82
CA TRP D 463 -33.04 -5.24 -23.51
C TRP D 463 -33.40 -5.81 -22.14
N VAL D 464 -33.85 -4.96 -21.21
CA VAL D 464 -34.36 -5.47 -19.95
C VAL D 464 -35.77 -6.02 -20.12
N THR D 465 -36.61 -5.32 -20.90
CA THR D 465 -37.93 -5.84 -21.20
C THR D 465 -37.86 -7.17 -21.93
N ALA D 466 -36.79 -7.39 -22.71
CA ALA D 466 -36.60 -8.69 -23.34
C ALA D 466 -36.13 -9.72 -22.32
N TYR D 467 -35.13 -9.35 -21.51
CA TYR D 467 -34.57 -10.28 -20.53
C TYR D 467 -35.63 -10.73 -19.52
N VAL D 468 -36.28 -9.76 -18.86
CA VAL D 468 -37.25 -10.08 -17.82
C VAL D 468 -38.36 -10.96 -18.38
N ASN D 469 -38.84 -10.66 -19.58
CA ASN D 469 -39.98 -11.40 -20.13
C ASN D 469 -39.62 -12.81 -20.55
N ASN D 470 -38.34 -13.11 -20.77
CA ASN D 470 -37.97 -14.48 -21.13
C ASN D 470 -38.04 -15.39 -19.91
N TYR D 471 -37.58 -14.91 -18.76
CA TYR D 471 -37.59 -15.71 -17.54
C TYR D 471 -38.85 -15.51 -16.72
N TYR D 472 -39.47 -14.34 -16.80
CA TYR D 472 -40.72 -14.07 -16.09
C TYR D 472 -41.84 -14.11 -17.12
N ILE D 473 -42.57 -15.22 -17.13
CA ILE D 473 -43.66 -15.42 -18.07
C ILE D 473 -45.03 -15.21 -17.43
N SER D 474 -45.13 -15.24 -16.11
CA SER D 474 -46.37 -14.99 -15.41
C SER D 474 -46.13 -13.94 -14.33
N GLU D 475 -47.12 -13.07 -14.12
CA GLU D 475 -47.03 -12.13 -13.01
C GLU D 475 -47.02 -12.85 -11.66
N ALA D 476 -47.34 -14.14 -11.64
CA ALA D 476 -47.15 -14.96 -10.45
C ALA D 476 -45.71 -15.45 -10.31
N ASN D 477 -44.96 -15.51 -11.41
CA ASN D 477 -43.53 -15.79 -11.31
C ASN D 477 -42.80 -14.68 -10.57
N VAL D 478 -43.34 -13.47 -10.60
CA VAL D 478 -42.72 -12.34 -9.91
C VAL D 478 -42.96 -12.42 -8.42
N THR D 479 -44.23 -12.54 -8.01
CA THR D 479 -44.56 -12.55 -6.59
C THR D 479 -43.93 -13.73 -5.88
N GLN D 480 -43.94 -14.90 -6.51
CA GLN D 480 -43.44 -16.13 -5.90
C GLN D 480 -41.93 -16.28 -6.01
N ASP D 481 -41.23 -15.26 -6.55
CA ASP D 481 -39.78 -15.24 -6.55
C ASP D 481 -39.34 -14.76 -5.17
N THR D 482 -39.19 -15.71 -4.25
CA THR D 482 -38.85 -15.37 -2.87
C THR D 482 -37.54 -14.59 -2.80
N GLU D 483 -36.57 -14.97 -3.63
CA GLU D 483 -35.29 -14.26 -3.63
C GLU D 483 -35.46 -12.81 -4.04
N LEU D 484 -36.23 -12.56 -5.11
CA LEU D 484 -36.51 -11.19 -5.52
C LEU D 484 -37.28 -10.45 -4.43
N GLN D 485 -38.17 -11.14 -3.73
CA GLN D 485 -38.93 -10.48 -2.67
C GLN D 485 -38.05 -10.18 -1.46
N ALA D 486 -37.14 -11.09 -1.12
CA ALA D 486 -36.19 -10.78 -0.06
C ALA D 486 -35.13 -9.80 -0.55
N TRP D 487 -34.88 -9.78 -1.85
CA TRP D 487 -34.02 -8.75 -2.45
C TRP D 487 -34.69 -7.37 -2.37
N ALA D 488 -35.99 -7.31 -2.61
CA ALA D 488 -36.72 -6.05 -2.53
C ALA D 488 -36.86 -5.58 -1.10
N ALA D 489 -36.87 -6.49 -0.13
CA ALA D 489 -37.08 -6.13 1.27
C ALA D 489 -35.93 -5.26 1.77
N VAL D 490 -34.71 -5.80 1.76
CA VAL D 490 -33.54 -5.10 2.26
C VAL D 490 -33.30 -3.80 1.51
N LEU D 491 -33.86 -3.68 0.30
CA LEU D 491 -33.80 -2.43 -0.44
C LEU D 491 -34.99 -1.52 -0.15
N SER D 492 -36.18 -2.08 0.14
CA SER D 492 -37.34 -1.27 0.51
C SER D 492 -37.31 -0.83 1.96
N LYS D 493 -36.26 -1.16 2.71
CA LYS D 493 -36.16 -0.75 4.10
C LYS D 493 -36.12 0.77 4.21
N PRO D 494 -36.39 1.32 5.39
CA PRO D 494 -36.22 2.76 5.58
C PRO D 494 -34.79 3.17 5.32
N PHE D 495 -34.63 4.37 4.76
CA PHE D 495 -33.29 4.87 4.44
C PHE D 495 -32.42 4.94 5.69
N ALA D 496 -33.01 5.33 6.82
CA ALA D 496 -32.25 5.33 8.07
C ALA D 496 -31.78 3.94 8.45
N GLU D 497 -32.57 2.90 8.15
CA GLU D 497 -32.17 1.53 8.41
C GLU D 497 -31.25 0.98 7.33
N GLY D 498 -31.09 1.66 6.20
CA GLY D 498 -30.09 1.29 5.23
C GLY D 498 -30.62 0.98 3.83
N GLY D 499 -31.83 1.45 3.51
CA GLY D 499 -32.45 1.16 2.25
C GLY D 499 -32.25 2.25 1.20
N VAL D 500 -32.78 1.97 0.02
CA VAL D 500 -32.84 2.95 -1.07
C VAL D 500 -34.16 3.71 -0.96
N SER D 501 -34.08 5.02 -1.02
CA SER D 501 -35.26 5.86 -0.81
C SER D 501 -36.23 5.68 -1.96
N GLY D 502 -37.38 5.06 -1.68
CA GLY D 502 -38.41 4.91 -2.69
C GLY D 502 -38.30 3.68 -3.56
N PHE D 503 -37.72 2.59 -3.05
CA PHE D 503 -37.45 1.44 -3.90
C PHE D 503 -38.66 0.54 -4.10
N GLY D 504 -39.60 0.50 -3.15
CA GLY D 504 -40.78 -0.33 -3.28
C GLY D 504 -41.55 -0.03 -4.55
N PRO D 505 -42.38 -0.98 -5.01
CA PRO D 505 -42.67 -2.29 -4.42
C PRO D 505 -42.10 -3.53 -5.15
N ILE D 506 -41.95 -3.46 -6.48
CA ILE D 506 -41.46 -4.58 -7.29
C ILE D 506 -42.39 -5.78 -7.15
N ASP D 507 -43.64 -5.62 -7.57
CA ASP D 507 -44.61 -6.72 -7.60
C ASP D 507 -45.08 -7.04 -9.01
N THR D 508 -44.53 -6.38 -10.02
CA THR D 508 -44.99 -6.54 -11.40
C THR D 508 -43.78 -6.77 -12.30
N ARG D 509 -44.02 -7.50 -13.40
CA ARG D 509 -42.99 -7.60 -14.43
C ARG D 509 -42.56 -6.24 -14.94
N ALA D 510 -43.48 -5.27 -14.94
CA ALA D 510 -43.12 -3.91 -15.31
C ALA D 510 -42.19 -3.27 -14.28
N ALA D 511 -42.54 -3.40 -12.98
CA ALA D 511 -41.74 -2.75 -11.94
C ALA D 511 -40.32 -3.30 -11.90
N LEU D 512 -40.15 -4.60 -12.11
CA LEU D 512 -38.81 -5.17 -12.16
C LEU D 512 -38.04 -4.68 -13.38
N ILE D 513 -38.73 -4.43 -14.49
CA ILE D 513 -38.05 -3.93 -15.68
C ILE D 513 -37.51 -2.52 -15.45
N PHE D 514 -38.27 -1.68 -14.73
CA PHE D 514 -37.77 -0.34 -14.42
C PHE D 514 -36.55 -0.42 -13.50
N ALA D 515 -36.67 -1.17 -12.40
CA ALA D 515 -35.56 -1.26 -11.45
C ALA D 515 -34.29 -1.73 -12.15
N CYS D 516 -34.40 -2.67 -13.08
CA CYS D 516 -33.21 -3.16 -13.76
C CYS D 516 -32.74 -2.17 -14.83
N THR D 517 -33.63 -1.34 -15.35
CA THR D 517 -33.22 -0.33 -16.32
C THR D 517 -32.49 0.82 -15.63
N LYS D 518 -33.03 1.30 -14.51
CA LYS D 518 -32.39 2.38 -13.77
C LYS D 518 -31.01 1.96 -13.28
N VAL D 519 -30.92 0.77 -12.67
CA VAL D 519 -29.65 0.30 -12.13
C VAL D 519 -28.61 0.15 -13.24
N ILE D 520 -29.01 -0.48 -14.35
CA ILE D 520 -28.09 -0.66 -15.46
C ILE D 520 -27.70 0.69 -16.05
N PHE D 521 -28.63 1.63 -16.08
CA PHE D 521 -28.33 2.96 -16.62
C PHE D 521 -27.29 3.66 -15.76
N THR D 522 -27.56 3.79 -14.46
CA THR D 522 -26.64 4.49 -13.58
C THR D 522 -25.31 3.75 -13.47
N ALA D 523 -25.35 2.43 -13.53
CA ALA D 523 -24.10 1.66 -13.53
C ALA D 523 -23.27 1.97 -14.76
N SER D 524 -23.93 2.22 -15.89
CA SER D 524 -23.28 2.38 -17.18
C SER D 524 -23.29 3.85 -17.62
N ALA D 525 -24.42 4.35 -18.15
CA ALA D 525 -24.42 5.64 -18.85
C ALA D 525 -24.32 6.82 -17.88
N GLU D 526 -25.20 6.88 -16.88
CA GLU D 526 -25.23 8.01 -15.96
C GLU D 526 -23.87 8.23 -15.31
N HIS D 527 -23.24 7.16 -14.83
CA HIS D 527 -21.92 7.29 -14.24
C HIS D 527 -20.91 7.83 -15.26
N SER D 528 -21.03 7.39 -16.51
CA SER D 528 -20.16 7.95 -17.55
C SER D 528 -20.50 9.42 -17.81
N ALA D 529 -21.77 9.78 -17.70
CA ALA D 529 -22.18 11.16 -17.89
C ALA D 529 -21.65 12.10 -16.82
N VAL D 530 -21.05 11.58 -15.74
CA VAL D 530 -20.60 12.41 -14.64
C VAL D 530 -19.13 12.12 -14.29
N ASN D 531 -18.68 10.89 -14.50
CA ASN D 531 -17.32 10.53 -14.09
C ASN D 531 -16.26 11.09 -15.02
N PHE D 532 -16.48 11.01 -16.33
CA PHE D 532 -15.47 11.38 -17.32
C PHE D 532 -15.43 12.88 -17.62
N PRO D 533 -16.51 13.65 -17.41
CA PRO D 533 -16.36 15.11 -17.46
C PRO D 533 -15.31 15.67 -16.51
N GLN D 534 -14.93 14.89 -15.49
CA GLN D 534 -13.90 15.34 -14.55
C GLN D 534 -12.57 15.55 -15.26
N LYS D 535 -12.17 14.57 -16.09
CA LYS D 535 -10.91 14.70 -16.82
C LYS D 535 -10.94 15.86 -17.81
N ASP D 536 -12.05 16.00 -18.54
CA ASP D 536 -12.12 16.96 -19.64
C ASP D 536 -12.54 18.35 -19.19
N LEU D 537 -13.41 18.46 -18.19
CA LEU D 537 -14.00 19.75 -17.85
C LEU D 537 -13.64 20.25 -16.46
N MET D 538 -13.19 19.38 -15.56
CA MET D 538 -13.00 19.76 -14.17
C MET D 538 -11.56 19.68 -13.72
N SER D 539 -10.62 19.34 -14.60
CA SER D 539 -9.23 19.22 -14.18
C SER D 539 -8.49 20.55 -14.16
N TYR D 540 -9.09 21.61 -14.71
CA TYR D 540 -8.46 22.93 -14.77
C TYR D 540 -9.19 23.83 -13.78
N ALA D 541 -8.49 24.21 -12.71
CA ALA D 541 -9.15 24.89 -11.58
C ALA D 541 -9.86 26.19 -11.99
N PRO D 542 -9.28 27.09 -12.79
CA PRO D 542 -10.01 28.32 -13.13
C PRO D 542 -11.33 28.07 -13.84
N ALA D 543 -11.45 26.96 -14.56
CA ALA D 543 -12.71 26.65 -15.22
C ALA D 543 -13.79 26.26 -14.22
N ILE D 544 -13.41 25.48 -13.20
CA ILE D 544 -14.30 25.06 -12.12
C ILE D 544 -13.48 24.31 -11.09
N THR D 545 -13.71 24.60 -9.81
CA THR D 545 -12.98 23.92 -8.74
C THR D 545 -13.88 23.80 -7.52
N GLY D 546 -13.37 23.13 -6.49
CA GLY D 546 -14.17 22.86 -5.32
C GLY D 546 -14.25 23.99 -4.32
N ALA D 547 -13.54 25.08 -4.54
CA ALA D 547 -13.56 26.19 -3.60
C ALA D 547 -13.38 27.51 -4.34
N GLY D 548 -13.86 28.57 -3.72
CA GLY D 548 -13.50 29.93 -4.09
C GLY D 548 -12.57 30.50 -3.04
N TRP D 549 -11.43 31.05 -3.49
CA TRP D 549 -10.37 31.41 -2.58
C TRP D 549 -10.28 32.92 -2.33
N THR D 550 -11.26 33.67 -2.80
CA THR D 550 -11.57 34.99 -2.27
C THR D 550 -13.05 35.01 -1.88
N ALA D 551 -13.57 36.18 -1.55
CA ALA D 551 -14.73 36.23 -0.68
C ALA D 551 -16.05 36.07 -1.45
N ALA D 552 -16.14 36.66 -2.65
CA ALA D 552 -17.46 36.87 -3.23
C ALA D 552 -17.31 37.12 -4.73
N PRO D 553 -18.42 37.13 -5.46
CA PRO D 553 -18.39 37.57 -6.85
C PRO D 553 -18.01 39.04 -6.99
N PRO D 554 -18.56 39.98 -6.15
CA PRO D 554 -18.12 41.38 -6.27
C PRO D 554 -16.60 41.49 -6.29
N SER D 555 -16.05 41.52 -7.50
CA SER D 555 -14.62 41.35 -7.70
C SER D 555 -13.82 42.42 -6.96
N GLN D 556 -12.79 41.97 -6.25
CA GLN D 556 -11.94 42.87 -5.49
C GLN D 556 -10.54 43.00 -6.08
N GLY D 557 -10.29 42.41 -7.24
CA GLY D 557 -9.01 42.57 -7.89
C GLY D 557 -8.68 41.46 -8.88
N PRO D 558 -7.41 41.07 -8.91
CA PRO D 558 -6.95 40.09 -9.89
C PRO D 558 -7.66 38.75 -9.77
N LEU D 559 -7.85 38.10 -10.92
CA LEU D 559 -8.57 36.85 -10.96
C LEU D 559 -7.81 35.72 -10.27
N LYS D 560 -6.48 35.79 -10.25
CA LYS D 560 -5.69 34.72 -9.67
C LYS D 560 -5.90 34.59 -8.16
N ASP D 561 -6.34 35.65 -7.49
CA ASP D 561 -6.58 35.58 -6.05
C ASP D 561 -7.80 34.73 -5.71
N PHE D 562 -8.72 34.55 -6.67
CA PHE D 562 -9.87 33.67 -6.48
C PHE D 562 -9.50 32.20 -6.68
N GLN D 563 -8.42 31.92 -7.40
CA GLN D 563 -8.04 30.55 -7.73
C GLN D 563 -7.34 29.89 -6.54
N PRO D 564 -7.35 28.56 -6.50
CA PRO D 564 -6.75 27.84 -5.37
C PRO D 564 -5.24 28.01 -5.33
N PRO D 565 -4.60 27.66 -4.22
CA PRO D 565 -3.14 27.60 -4.20
C PRO D 565 -2.63 26.52 -5.14
N LEU D 566 -1.35 26.63 -5.50
CA LEU D 566 -0.79 25.77 -6.53
C LEU D 566 -0.74 24.30 -6.08
N GLU D 567 -0.35 24.06 -4.83
CA GLU D 567 -0.24 22.68 -4.37
C GLU D 567 -1.58 21.97 -4.41
N LEU D 568 -2.67 22.67 -4.12
CA LEU D 568 -3.99 22.08 -4.26
C LEU D 568 -4.37 21.93 -5.72
N ALA D 569 -4.08 22.94 -6.54
CA ALA D 569 -4.52 22.92 -7.93
C ALA D 569 -3.85 21.80 -8.73
N GLU D 570 -2.60 21.46 -8.41
CA GLU D 570 -1.99 20.29 -9.03
C GLU D 570 -2.72 19.01 -8.62
N LEU D 571 -3.04 18.88 -7.33
CA LEU D 571 -3.81 17.73 -6.87
C LEU D 571 -5.18 17.67 -7.52
N GLN D 572 -5.80 18.83 -7.77
CA GLN D 572 -7.08 18.84 -8.47
C GLN D 572 -6.95 18.29 -9.88
N ALA D 573 -5.94 18.76 -10.62
CA ALA D 573 -5.75 18.32 -11.99
C ALA D 573 -5.41 16.83 -12.04
N GLU D 574 -4.63 16.35 -11.09
CA GLU D 574 -4.10 14.99 -11.18
C GLU D 574 -5.07 13.95 -10.65
N PHE D 575 -5.87 14.27 -9.63
CA PHE D 575 -6.82 13.29 -9.12
C PHE D 575 -8.10 13.25 -9.95
N LEU D 576 -8.51 14.38 -10.51
CA LEU D 576 -9.64 14.35 -11.43
C LEU D 576 -9.25 13.80 -12.79
N TYR D 577 -7.97 13.90 -13.15
CA TYR D 577 -7.48 13.23 -14.35
C TYR D 577 -7.59 11.72 -14.22
N LEU D 578 -7.09 11.17 -13.12
CA LEU D 578 -7.12 9.73 -12.91
C LEU D 578 -8.56 9.22 -12.85
N LEU D 579 -9.46 9.98 -12.22
CA LEU D 579 -10.84 9.52 -12.09
C LEU D 579 -11.57 9.53 -13.42
N GLY D 580 -11.23 10.44 -14.31
CA GLY D 580 -11.89 10.58 -15.59
C GLY D 580 -11.17 9.97 -16.77
N GLY D 581 -10.08 9.24 -16.56
CA GLY D 581 -9.33 8.73 -17.68
C GLY D 581 -9.20 7.22 -17.75
N VAL D 582 -10.25 6.48 -17.37
CA VAL D 582 -10.26 5.03 -17.35
C VAL D 582 -11.58 4.57 -17.92
N HIS D 583 -11.56 4.07 -19.16
CA HIS D 583 -12.71 3.42 -19.78
C HIS D 583 -12.39 1.93 -19.85
N HIS D 584 -12.54 1.25 -18.71
CA HIS D 584 -12.40 -0.20 -18.65
C HIS D 584 -13.79 -0.81 -18.56
N THR D 585 -14.07 -1.78 -19.46
CA THR D 585 -15.35 -2.45 -19.71
C THR D 585 -16.25 -1.58 -20.59
N LYS D 586 -17.06 -2.22 -21.44
CA LYS D 586 -17.86 -1.53 -22.45
C LYS D 586 -19.32 -1.98 -22.31
N LEU D 587 -20.24 -1.01 -22.33
CA LEU D 587 -21.65 -1.31 -22.16
C LEU D 587 -22.14 -2.24 -23.26
N GLY D 588 -22.86 -3.29 -22.86
CA GLY D 588 -23.38 -4.26 -23.80
C GLY D 588 -22.51 -5.46 -24.03
N PHE D 589 -21.33 -5.52 -23.41
CA PHE D 589 -20.39 -6.63 -23.58
C PHE D 589 -20.20 -7.29 -22.23
N TYR D 590 -21.04 -8.29 -21.96
CA TYR D 590 -21.08 -8.96 -20.66
C TYR D 590 -20.01 -10.04 -20.62
N ASN D 591 -18.92 -9.77 -19.89
CA ASN D 591 -17.87 -10.77 -19.71
C ASN D 591 -17.55 -10.96 -18.24
N SER D 592 -16.52 -11.73 -17.94
CA SER D 592 -16.11 -11.99 -16.56
C SER D 592 -14.92 -11.13 -16.19
N ASN D 593 -14.54 -11.22 -14.91
CA ASN D 593 -13.36 -10.54 -14.38
C ASN D 593 -12.18 -11.47 -14.19
N SER D 594 -12.23 -12.65 -14.79
CA SER D 594 -11.16 -13.65 -14.69
C SER D 594 -10.24 -13.54 -15.90
N PHE D 595 -9.22 -14.42 -15.93
CA PHE D 595 -8.21 -14.34 -16.97
C PHE D 595 -8.75 -14.58 -18.37
N PRO D 596 -9.57 -15.61 -18.63
CA PRO D 596 -10.06 -15.80 -20.01
C PRO D 596 -10.87 -14.62 -20.51
N TYR D 597 -11.50 -13.87 -19.61
CA TYR D 597 -12.44 -12.80 -19.98
C TYR D 597 -13.48 -13.33 -20.96
N ARG D 598 -13.90 -14.57 -20.72
CA ARG D 598 -14.88 -15.25 -21.55
C ARG D 598 -16.27 -14.64 -21.37
N ALA D 599 -17.20 -15.09 -22.18
CA ALA D 599 -18.58 -14.62 -22.09
C ALA D 599 -19.18 -15.03 -20.75
N TRP D 600 -19.93 -14.11 -20.15
CA TRP D 600 -20.51 -14.35 -18.82
C TRP D 600 -21.88 -15.02 -18.89
N PHE D 601 -22.70 -14.65 -19.86
CA PHE D 601 -23.96 -15.35 -20.08
C PHE D 601 -23.69 -16.76 -20.60
N LYS D 602 -24.61 -17.67 -20.29
CA LYS D 602 -24.49 -19.06 -20.71
C LYS D 602 -25.66 -19.54 -21.55
N ASP D 603 -26.89 -19.21 -21.15
CA ASP D 603 -28.09 -19.56 -21.88
C ASP D 603 -27.96 -19.16 -23.35
N PRO D 604 -28.02 -20.12 -24.29
CA PRO D 604 -27.88 -19.75 -25.70
C PRO D 604 -28.99 -18.83 -26.20
N LYS D 605 -30.15 -18.85 -25.56
CA LYS D 605 -31.23 -17.93 -25.93
C LYS D 605 -30.78 -16.49 -25.82
N ILE D 606 -30.06 -16.15 -24.76
CA ILE D 606 -29.54 -14.79 -24.63
C ILE D 606 -28.23 -14.63 -25.40
N THR D 607 -27.39 -15.66 -25.38
CA THR D 607 -26.07 -15.56 -25.98
C THR D 607 -26.17 -15.32 -27.49
N ALA D 608 -26.98 -16.13 -28.17
CA ALA D 608 -27.05 -16.05 -29.63
C ALA D 608 -28.14 -15.11 -30.13
N GLU D 609 -29.07 -14.70 -29.27
CA GLU D 609 -30.27 -14.02 -29.77
C GLU D 609 -30.53 -12.69 -29.08
N LEU D 610 -30.68 -12.71 -27.76
CA LEU D 610 -31.16 -11.52 -27.05
C LEU D 610 -30.06 -10.48 -26.83
N LEU D 611 -28.86 -10.91 -26.44
CA LEU D 611 -27.78 -9.96 -26.21
C LEU D 611 -27.26 -9.36 -27.51
N PRO D 612 -27.06 -10.15 -28.57
CA PRO D 612 -26.75 -9.51 -29.87
C PRO D 612 -27.85 -8.60 -30.37
N ALA D 613 -29.10 -8.85 -29.97
CA ALA D 613 -30.17 -7.90 -30.27
C ALA D 613 -29.95 -6.59 -29.51
N PHE D 614 -29.36 -6.66 -28.32
CA PHE D 614 -29.07 -5.45 -27.57
C PHE D 614 -27.90 -4.67 -28.18
N GLN D 615 -26.80 -5.38 -28.49
CA GLN D 615 -25.59 -4.72 -28.94
C GLN D 615 -25.80 -3.97 -30.26
N ARG D 616 -26.75 -4.41 -31.07
CA ARG D 616 -27.07 -3.68 -32.29
C ARG D 616 -27.73 -2.34 -31.99
N ASP D 617 -28.67 -2.33 -31.04
CA ASP D 617 -29.31 -1.07 -30.63
C ASP D 617 -28.27 -0.02 -30.26
N LEU D 618 -27.29 -0.41 -29.44
CA LEU D 618 -26.24 0.52 -29.04
C LEU D 618 -25.37 0.92 -30.24
N ALA D 619 -25.12 -0.02 -31.15
CA ALA D 619 -24.37 0.30 -32.35
C ALA D 619 -25.15 1.27 -33.25
N ALA D 620 -26.48 1.10 -33.33
CA ALA D 620 -27.29 2.03 -34.10
C ALA D 620 -27.34 3.41 -33.44
N SER D 621 -27.53 3.45 -32.12
CA SER D 621 -27.52 4.74 -31.42
C SER D 621 -26.15 5.41 -31.50
N GLU D 622 -25.08 4.63 -31.54
CA GLU D 622 -23.74 5.20 -31.60
C GLU D 622 -23.57 6.08 -32.83
N GLU D 623 -24.00 5.58 -33.99
CA GLU D 623 -23.87 6.35 -35.23
C GLU D 623 -24.73 7.60 -35.20
N LEU D 624 -25.93 7.51 -34.60
CA LEU D 624 -26.80 8.67 -34.52
C LEU D 624 -26.22 9.72 -33.57
N ILE D 625 -25.57 9.28 -32.49
CA ILE D 625 -24.94 10.22 -31.57
C ILE D 625 -23.67 10.80 -32.17
N VAL D 626 -22.81 9.93 -32.72
CA VAL D 626 -21.59 10.39 -33.36
C VAL D 626 -21.90 11.38 -34.46
N ALA D 627 -23.00 11.15 -35.19
CA ALA D 627 -23.43 12.10 -36.21
C ALA D 627 -23.71 13.47 -35.60
N ALA D 628 -24.52 13.51 -34.55
CA ALA D 628 -24.88 14.77 -33.94
C ALA D 628 -23.67 15.44 -33.29
N ASN D 629 -22.73 14.66 -32.76
CA ASN D 629 -21.62 15.26 -32.03
C ASN D 629 -20.64 15.99 -32.95
N ALA D 630 -20.58 15.58 -34.22
CA ALA D 630 -19.74 16.32 -35.18
C ALA D 630 -20.22 17.76 -35.33
N THR D 631 -21.53 17.93 -35.56
CA THR D 631 -22.17 19.24 -35.72
C THR D 631 -22.26 20.01 -34.41
N ARG D 632 -21.65 19.56 -33.33
CA ARG D 632 -21.68 20.27 -32.05
C ARG D 632 -20.33 20.91 -31.80
N THR D 633 -20.34 22.18 -31.37
CA THR D 633 -19.10 22.87 -31.04
C THR D 633 -18.58 22.44 -29.66
N PHE D 634 -19.48 22.24 -28.71
CA PHE D 634 -19.13 21.74 -27.39
C PHE D 634 -19.41 20.24 -27.41
N LYS D 635 -18.33 19.45 -27.50
CA LYS D 635 -18.45 18.02 -27.73
C LYS D 635 -19.14 17.32 -26.57
N TYR D 636 -19.89 16.27 -26.89
CA TYR D 636 -20.50 15.41 -25.87
C TYR D 636 -20.30 13.96 -26.30
N THR D 637 -19.30 13.31 -25.71
CA THR D 637 -18.93 11.94 -26.06
C THR D 637 -19.46 10.92 -25.07
N TYR D 638 -20.11 11.36 -23.99
CA TYR D 638 -20.34 10.50 -22.84
C TYR D 638 -21.48 9.51 -23.01
N MET D 639 -22.31 9.66 -24.04
CA MET D 639 -23.36 8.68 -24.32
C MET D 639 -23.03 7.82 -25.52
N ILE D 640 -21.80 7.89 -26.02
CA ILE D 640 -21.38 7.10 -27.17
C ILE D 640 -21.10 5.68 -26.69
N PRO D 641 -21.89 4.69 -27.13
CA PRO D 641 -21.78 3.35 -26.54
C PRO D 641 -20.41 2.69 -26.70
N SER D 642 -19.57 3.16 -27.61
CA SER D 642 -18.22 2.60 -27.71
C SER D 642 -17.38 2.95 -26.50
N THR D 643 -17.73 4.01 -25.76
CA THR D 643 -16.95 4.48 -24.63
C THR D 643 -17.59 4.21 -23.28
N ILE D 644 -18.91 4.01 -23.23
CA ILE D 644 -19.60 3.87 -21.95
C ILE D 644 -19.14 2.61 -21.25
N PRO D 645 -18.78 2.66 -19.97
CA PRO D 645 -18.51 1.43 -19.22
C PRO D 645 -19.80 0.76 -18.77
N MET D 646 -19.69 -0.52 -18.45
CA MET D 646 -20.84 -1.28 -17.95
C MET D 646 -21.13 -0.99 -16.49
N SER D 647 -20.11 -0.60 -15.72
CA SER D 647 -20.23 -0.57 -14.27
C SER D 647 -19.54 0.68 -13.74
N ILE D 648 -19.42 0.73 -12.42
CA ILE D 648 -18.70 1.78 -11.70
C ILE D 648 -17.40 1.16 -11.22
N ASN D 649 -16.28 1.55 -11.82
CA ASN D 649 -14.99 1.00 -11.44
C ASN D 649 -13.93 2.05 -11.14
N ILE D 650 -14.09 3.27 -11.62
CA ILE D 650 -13.26 4.38 -11.21
C ILE D 650 -14.21 5.45 -10.74
N ASN E 3 38.91 0.11 -28.20
CA ASN E 3 39.99 0.40 -27.26
C ASN E 3 41.04 -0.71 -27.28
N ILE E 4 42.28 -0.34 -26.99
CA ILE E 4 43.36 -1.31 -26.84
C ILE E 4 43.88 -1.23 -25.41
N PRO E 5 43.70 -2.28 -24.60
CA PRO E 5 44.27 -2.28 -23.25
C PRO E 5 45.79 -2.13 -23.32
N THR E 6 46.35 -1.51 -22.27
CA THR E 6 47.75 -1.15 -22.29
C THR E 6 48.35 -1.29 -20.90
N LEU E 7 49.67 -1.44 -20.87
CA LEU E 7 50.38 -1.52 -19.61
C LEU E 7 50.37 -0.15 -18.92
N PRO E 8 50.55 -0.11 -17.60
CA PRO E 8 50.48 1.18 -16.91
C PRO E 8 51.59 2.14 -17.29
N GLN E 9 52.80 1.66 -17.58
CA GLN E 9 53.88 2.56 -17.95
C GLN E 9 53.74 3.12 -19.36
N ASN E 10 53.07 2.38 -20.25
CA ASN E 10 52.85 2.83 -21.61
C ASN E 10 51.56 3.62 -21.79
N ASP E 11 50.78 3.79 -20.73
CA ASP E 11 49.45 4.36 -20.86
C ASP E 11 49.54 5.86 -21.10
N PRO E 12 48.85 6.39 -22.12
CA PRO E 12 48.91 7.84 -22.37
C PRO E 12 48.21 8.70 -21.33
N ARG E 13 47.41 8.11 -20.44
CA ARG E 13 46.69 8.87 -19.42
C ARG E 13 46.82 8.17 -18.07
N PRO E 14 48.01 8.23 -17.46
CA PRO E 14 48.22 7.49 -16.20
C PRO E 14 47.39 8.01 -15.03
N GLU E 15 47.08 9.31 -14.99
CA GLU E 15 46.39 9.86 -13.83
C GLU E 15 44.95 9.33 -13.76
N GLN E 16 44.23 9.36 -14.88
CA GLN E 16 42.88 8.79 -14.90
C GLN E 16 42.90 7.32 -14.56
N ARG E 17 43.99 6.62 -14.89
CA ARG E 17 44.11 5.19 -14.61
C ARG E 17 44.19 4.94 -13.10
N ALA E 18 45.15 5.57 -12.43
CA ALA E 18 45.32 5.37 -11.00
C ALA E 18 44.14 5.88 -10.19
N GLN E 19 43.28 6.72 -10.78
CA GLN E 19 42.08 7.16 -10.10
C GLN E 19 40.97 6.12 -10.19
N GLN E 20 40.96 5.33 -11.27
CA GLN E 20 39.99 4.23 -11.36
C GLN E 20 40.34 3.11 -10.39
N LEU E 21 41.64 2.86 -10.19
CA LEU E 21 42.05 1.89 -9.19
C LEU E 21 41.74 2.35 -7.78
N ASP E 22 41.77 3.67 -7.54
CA ASP E 22 41.39 4.19 -6.23
C ASP E 22 39.93 3.89 -5.93
N LYS E 23 39.04 4.19 -6.87
CA LYS E 23 37.63 3.84 -6.69
C LYS E 23 37.42 2.34 -6.71
N ALA E 24 38.30 1.60 -7.40
CA ALA E 24 38.20 0.15 -7.43
C ALA E 24 38.49 -0.44 -6.06
N ARG E 25 39.56 0.01 -5.41
CA ARG E 25 39.91 -0.49 -4.09
C ARG E 25 38.93 -0.06 -3.01
N GLU E 26 38.01 0.85 -3.31
CA GLU E 26 36.95 1.22 -2.38
C GLU E 26 35.72 0.35 -2.53
N THR E 27 35.47 -0.17 -3.74
CA THR E 27 34.35 -1.07 -3.97
C THR E 27 34.69 -2.53 -3.68
N TYR E 28 35.97 -2.88 -3.65
CA TYR E 28 36.42 -4.24 -3.34
C TYR E 28 37.34 -4.16 -2.12
N LYS E 29 36.75 -4.21 -0.93
CA LYS E 29 37.50 -4.18 0.31
C LYS E 29 37.58 -5.58 0.92
N TYR E 30 38.64 -5.80 1.70
CA TYR E 30 38.89 -7.12 2.27
C TYR E 30 38.06 -7.35 3.53
N ALA E 31 37.57 -8.58 3.68
CA ALA E 31 36.81 -9.01 4.84
C ALA E 31 37.43 -10.27 5.42
N ASP E 32 36.88 -10.70 6.55
CA ASP E 32 37.36 -11.88 7.27
C ASP E 32 36.26 -12.94 7.38
N LEU E 33 35.48 -13.11 6.30
CA LEU E 33 34.40 -14.09 6.31
C LEU E 33 34.89 -15.50 6.61
N LEU E 34 36.20 -15.73 6.49
CA LEU E 34 36.82 -16.96 6.91
C LEU E 34 38.25 -16.60 7.30
N PRO E 35 38.73 -17.07 8.46
CA PRO E 35 40.07 -16.70 8.94
C PRO E 35 41.16 -17.21 7.99
N PRO E 36 42.47 -17.10 8.36
CA PRO E 36 43.52 -16.86 7.34
C PRO E 36 43.15 -16.17 6.03
N LEU E 37 42.14 -16.64 5.32
CA LEU E 37 41.95 -16.27 3.93
C LEU E 37 41.56 -14.80 3.77
N ALA E 38 41.67 -14.33 2.52
CA ALA E 38 41.43 -12.95 2.13
C ALA E 38 40.08 -12.88 1.41
N PHE E 39 39.04 -12.53 2.16
CA PHE E 39 37.67 -12.52 1.63
C PHE E 39 37.23 -11.10 1.32
N CYS E 40 36.11 -11.01 0.61
CA CYS E 40 35.55 -9.73 0.20
C CYS E 40 34.38 -9.36 1.11
N GLU E 41 34.20 -8.05 1.31
CA GLU E 41 33.10 -7.55 2.14
C GLU E 41 31.81 -7.64 1.36
N GLY E 42 30.99 -8.65 1.69
CA GLY E 42 29.76 -8.86 0.96
C GLY E 42 30.03 -9.13 -0.51
N VAL E 43 29.01 -8.86 -1.32
CA VAL E 43 29.10 -8.99 -2.77
C VAL E 43 29.07 -7.58 -3.36
N PRO E 44 30.18 -7.08 -3.89
CA PRO E 44 30.14 -5.80 -4.60
C PRO E 44 29.20 -5.90 -5.81
N LYS E 45 28.35 -4.89 -5.96
CA LYS E 45 27.31 -4.92 -7.00
C LYS E 45 27.81 -5.32 -8.38
N PRO E 46 29.01 -4.93 -8.84
CA PRO E 46 29.50 -5.48 -10.12
C PRO E 46 29.47 -7.00 -10.20
N ASP E 47 29.87 -7.69 -9.12
CA ASP E 47 29.92 -9.14 -9.10
C ASP E 47 28.60 -9.78 -8.71
N THR E 48 27.50 -9.04 -8.77
CA THR E 48 26.19 -9.63 -8.50
C THR E 48 25.87 -10.66 -9.57
N PRO E 49 25.12 -11.71 -9.22
CA PRO E 49 24.80 -12.75 -10.20
C PRO E 49 24.00 -12.20 -11.36
N SER E 50 24.39 -12.55 -12.58
CA SER E 50 23.69 -12.08 -13.75
C SER E 50 22.28 -12.66 -13.80
N ALA E 51 21.41 -11.98 -14.57
CA ALA E 51 20.04 -12.47 -14.73
C ALA E 51 20.02 -13.84 -15.38
N ALA E 52 20.89 -14.07 -16.36
CA ALA E 52 20.96 -15.40 -16.99
C ALA E 52 21.30 -16.46 -15.96
N TRP E 53 22.24 -16.16 -15.07
CA TRP E 53 22.64 -17.13 -14.04
C TRP E 53 21.49 -17.44 -13.10
N LEU E 54 20.76 -16.39 -12.68
CA LEU E 54 19.69 -16.57 -11.71
C LEU E 54 18.59 -17.47 -12.24
N VAL E 55 18.23 -17.30 -13.52
CA VAL E 55 17.15 -18.11 -14.09
C VAL E 55 17.56 -19.57 -14.18
N THR E 56 18.80 -19.83 -14.60
CA THR E 56 19.29 -21.20 -14.67
C THR E 56 19.25 -21.87 -13.29
N VAL E 57 19.82 -21.20 -12.29
CA VAL E 57 19.80 -21.72 -10.94
C VAL E 57 18.36 -21.81 -10.42
N GLY E 58 17.53 -20.83 -10.77
CA GLY E 58 16.15 -20.83 -10.27
C GLY E 58 15.37 -22.07 -10.68
N LYS E 59 15.60 -22.54 -11.91
CA LYS E 59 14.89 -23.75 -12.35
C LYS E 59 15.39 -24.99 -11.64
N VAL E 60 16.68 -25.05 -11.30
CA VAL E 60 17.20 -26.18 -10.54
C VAL E 60 16.65 -26.15 -9.12
N ALA E 61 16.69 -24.99 -8.47
CA ALA E 61 16.12 -24.86 -7.14
C ALA E 61 14.62 -25.14 -7.11
N ALA E 62 13.95 -25.02 -8.26
CA ALA E 62 12.54 -25.36 -8.33
C ALA E 62 12.34 -26.88 -8.30
N ALA E 63 13.11 -27.60 -9.12
CA ALA E 63 13.00 -29.06 -9.13
C ALA E 63 13.38 -29.65 -7.77
N VAL E 64 14.44 -29.14 -7.16
CA VAL E 64 14.85 -29.60 -5.84
C VAL E 64 13.72 -29.38 -4.84
N ALA E 65 13.03 -28.25 -4.93
CA ALA E 65 11.89 -27.99 -4.05
C ALA E 65 10.75 -28.94 -4.32
N LEU E 66 10.43 -29.20 -5.59
CA LEU E 66 9.33 -30.09 -5.93
C LEU E 66 9.60 -31.52 -5.51
N ASN E 67 10.87 -31.95 -5.56
CA ASN E 67 11.23 -33.27 -5.03
C ASN E 67 11.02 -33.35 -3.53
N ALA E 68 11.26 -32.24 -2.81
CA ALA E 68 11.04 -32.23 -1.37
C ALA E 68 9.57 -32.26 -1.02
N VAL E 69 8.72 -31.66 -1.86
CA VAL E 69 7.28 -31.78 -1.66
C VAL E 69 6.81 -33.19 -1.98
N ALA E 70 7.26 -33.73 -3.11
CA ALA E 70 6.90 -35.10 -3.48
C ALA E 70 7.37 -36.09 -2.42
N ASN E 71 8.54 -35.85 -1.83
CA ASN E 71 8.99 -36.69 -0.73
C ASN E 71 8.12 -36.53 0.50
N ARG E 72 7.46 -35.37 0.65
CA ARG E 72 6.56 -35.16 1.77
C ARG E 72 5.17 -35.73 1.51
N ARG E 73 4.80 -35.95 0.25
CA ARG E 73 3.57 -36.66 -0.05
C ARG E 73 3.71 -38.14 0.29
N ALA E 74 4.89 -38.71 0.05
CA ALA E 74 5.11 -40.13 0.31
C ALA E 74 5.03 -40.44 1.80
N TRP E 75 5.78 -39.70 2.62
CA TRP E 75 5.51 -39.68 4.05
C TRP E 75 4.11 -39.14 4.28
N LYS E 76 3.49 -39.56 5.38
CA LYS E 76 2.07 -39.30 5.62
C LYS E 76 1.25 -39.82 4.43
N ARG E 77 1.54 -41.05 4.03
CA ARG E 77 0.94 -41.64 2.84
C ARG E 77 -0.58 -41.72 2.94
N PHE E 87 -3.25 -31.13 1.50
CA PHE E 87 -3.51 -29.84 0.86
C PHE E 87 -2.30 -28.94 0.99
N ASP E 88 -1.66 -28.99 2.17
CA ASP E 88 -0.45 -28.22 2.38
C ASP E 88 0.64 -28.65 1.40
N VAL E 89 0.74 -29.96 1.15
CA VAL E 89 1.65 -30.45 0.12
C VAL E 89 1.16 -30.05 -1.27
N GLY E 90 -0.16 -29.97 -1.46
CA GLY E 90 -0.68 -29.56 -2.75
C GLY E 90 -0.51 -28.07 -3.00
N GLY E 91 -0.86 -27.25 -1.99
CA GLY E 91 -0.71 -25.81 -2.15
C GLY E 91 0.74 -25.38 -2.29
N THR E 92 1.63 -26.01 -1.52
CA THR E 92 3.06 -25.73 -1.67
C THR E 92 3.57 -26.17 -3.03
N SER E 93 3.01 -27.25 -3.59
CA SER E 93 3.44 -27.73 -4.90
C SER E 93 3.22 -26.67 -5.98
N GLU E 94 2.17 -25.86 -5.84
CA GLU E 94 1.78 -24.94 -6.91
C GLU E 94 2.53 -23.61 -6.84
N GLU E 95 2.81 -23.11 -5.64
CA GLU E 95 3.59 -21.88 -5.53
C GLU E 95 4.99 -22.07 -6.10
N ASP E 96 5.54 -23.28 -5.98
CA ASP E 96 6.82 -23.58 -6.62
C ASP E 96 6.67 -23.68 -8.14
N GLN E 97 5.52 -24.21 -8.61
CA GLN E 97 5.26 -24.20 -10.04
C GLN E 97 5.11 -22.78 -10.57
N ASN E 98 4.45 -21.91 -9.80
CA ASN E 98 4.31 -20.51 -10.19
C ASN E 98 5.66 -19.84 -10.40
N GLU E 99 6.63 -20.15 -9.54
CA GLU E 99 7.97 -19.61 -9.72
C GLU E 99 8.62 -20.15 -10.98
N ALA E 100 8.38 -21.42 -11.31
CA ALA E 100 8.97 -22.01 -12.50
C ALA E 100 8.42 -21.38 -13.77
N GLY E 101 7.15 -20.96 -13.75
CA GLY E 101 6.57 -20.27 -14.89
C GLY E 101 6.97 -18.81 -14.89
N HIS E 102 6.98 -18.19 -13.70
CA HIS E 102 7.48 -16.83 -13.57
C HIS E 102 8.89 -16.71 -14.11
N ASN E 103 9.76 -17.69 -13.79
CA ASN E 103 11.14 -17.63 -14.22
C ASN E 103 11.25 -17.64 -15.74
N SER E 104 10.63 -18.62 -16.40
CA SER E 104 10.83 -18.80 -17.83
C SER E 104 10.26 -17.64 -18.63
N PHE E 105 9.22 -16.97 -18.14
CA PHE E 105 8.54 -15.93 -18.91
C PHE E 105 8.93 -14.53 -18.45
N LEU E 106 8.70 -14.21 -17.17
CA LEU E 106 8.93 -12.84 -16.70
C LEU E 106 10.39 -12.42 -16.85
N ALA E 107 11.31 -13.31 -16.50
CA ALA E 107 12.73 -12.96 -16.51
C ALA E 107 13.25 -12.73 -17.92
N ARG E 108 12.59 -13.28 -18.94
CA ARG E 108 13.07 -13.14 -20.31
C ARG E 108 12.87 -11.74 -20.87
N LEU E 109 12.21 -10.85 -20.12
CA LEU E 109 12.09 -9.45 -20.55
C LEU E 109 13.46 -8.85 -20.80
N GLU E 110 14.37 -9.00 -19.84
CA GLU E 110 15.76 -8.58 -20.00
C GLU E 110 15.88 -7.10 -20.39
N GLU E 124 14.11 -6.42 -10.35
CA GLU E 124 14.23 -7.85 -10.53
C GLU E 124 13.63 -8.63 -9.36
N PRO E 125 12.35 -8.38 -9.04
CA PRO E 125 11.79 -8.96 -7.81
C PRO E 125 11.74 -10.48 -7.84
N SER E 126 11.19 -11.07 -8.91
CA SER E 126 11.08 -12.53 -8.97
C SER E 126 12.45 -13.18 -9.13
N VAL E 127 13.34 -12.55 -9.89
CA VAL E 127 14.65 -13.15 -10.15
C VAL E 127 15.56 -12.99 -8.95
N LEU E 128 15.74 -11.75 -8.48
CA LEU E 128 16.78 -11.46 -7.49
C LEU E 128 16.48 -12.12 -6.15
N ASP E 129 15.31 -11.82 -5.58
CA ASP E 129 15.03 -12.25 -4.21
C ASP E 129 14.81 -13.76 -4.12
N GLU E 130 13.97 -14.30 -5.00
CA GLU E 130 13.56 -15.70 -4.85
C GLU E 130 14.72 -16.66 -5.10
N VAL E 131 15.54 -16.40 -6.11
CA VAL E 131 16.60 -17.35 -6.46
C VAL E 131 17.64 -17.39 -5.35
N ASN E 132 18.14 -16.22 -4.93
CA ASN E 132 19.16 -16.18 -3.89
C ASN E 132 18.66 -16.79 -2.58
N GLU E 133 17.38 -16.57 -2.26
CA GLU E 133 16.83 -17.09 -1.01
C GLU E 133 16.68 -18.60 -1.07
N ARG E 134 16.21 -19.13 -2.20
CA ARG E 134 16.05 -20.57 -2.34
C ARG E 134 17.40 -21.28 -2.28
N VAL E 135 18.43 -20.70 -2.89
CA VAL E 135 19.77 -21.27 -2.82
C VAL E 135 20.26 -21.28 -1.38
N ALA E 136 20.00 -20.21 -0.64
CA ALA E 136 20.47 -20.11 0.73
C ALA E 136 19.84 -21.19 1.61
N ALA E 137 18.54 -21.45 1.41
CA ALA E 137 17.86 -22.45 2.24
C ALA E 137 18.28 -23.87 1.88
N ILE E 138 18.72 -24.11 0.64
CA ILE E 138 19.22 -25.42 0.27
C ILE E 138 20.63 -25.62 0.80
N LEU E 139 21.50 -24.63 0.58
CA LEU E 139 22.87 -24.74 1.05
C LEU E 139 22.98 -24.57 2.56
N GLY E 140 22.07 -23.79 3.16
CA GLY E 140 22.10 -23.59 4.59
C GLY E 140 21.40 -24.64 5.42
N ALA E 141 20.80 -25.64 4.78
CA ALA E 141 20.06 -26.70 5.48
C ALA E 141 18.97 -26.13 6.37
N LYS E 142 18.36 -25.03 5.92
CA LYS E 142 17.29 -24.41 6.67
C LYS E 142 16.05 -25.28 6.64
N PRO E 143 15.23 -25.24 7.69
CA PRO E 143 13.99 -26.03 7.69
C PRO E 143 12.94 -25.42 6.79
N ASN E 144 12.03 -26.28 6.35
CA ASN E 144 10.84 -25.88 5.59
C ASN E 144 11.22 -25.13 4.31
N ARG E 145 12.07 -25.77 3.50
CA ARG E 145 12.41 -25.23 2.18
C ARG E 145 11.33 -25.63 1.20
N HIS E 146 10.12 -25.86 1.70
CA HIS E 146 9.02 -26.33 0.86
C HIS E 146 8.51 -25.22 -0.04
N VAL E 147 8.21 -24.06 0.53
CA VAL E 147 7.56 -22.99 -0.23
C VAL E 147 8.10 -21.63 0.18
N PRO E 148 8.30 -20.71 -0.75
CA PRO E 148 8.79 -19.36 -0.40
C PRO E 148 7.63 -18.37 -0.31
N PRO E 149 7.87 -17.12 0.22
CA PRO E 149 6.76 -16.24 0.62
C PRO E 149 5.39 -16.86 0.82
N ALA E 150 5.31 -17.83 1.73
CA ALA E 150 4.06 -18.36 2.24
C ALA E 150 4.18 -18.63 3.73
N GLN E 151 5.02 -17.88 4.42
CA GLN E 151 5.33 -18.09 5.82
C GLN E 151 4.33 -17.35 6.72
N VAL E 174 13.75 -32.66 13.27
CA VAL E 174 13.42 -32.58 11.86
C VAL E 174 11.93 -32.81 11.66
N SER E 175 11.37 -32.18 10.62
CA SER E 175 9.95 -32.28 10.33
C SER E 175 9.54 -33.73 10.11
N LYS E 176 8.64 -34.22 10.96
CA LYS E 176 8.19 -35.60 10.88
C LYS E 176 7.11 -35.83 9.83
N ASP E 177 6.76 -34.81 9.05
CA ASP E 177 5.92 -35.00 7.87
C ASP E 177 6.74 -35.10 6.60
N GLY E 178 8.07 -35.08 6.71
CA GLY E 178 8.95 -35.38 5.62
C GLY E 178 9.80 -36.59 5.96
N PRO E 179 10.44 -37.20 4.96
CA PRO E 179 11.25 -38.39 5.22
C PRO E 179 12.34 -38.11 6.23
N ASN E 180 12.39 -38.95 7.27
CA ASN E 180 13.31 -38.71 8.39
C ASN E 180 13.60 -40.02 9.10
N GLY E 181 14.78 -40.10 9.70
CA GLY E 181 15.12 -41.23 10.55
C GLY E 181 15.81 -42.37 9.85
N ARG E 182 15.68 -43.58 10.41
CA ARG E 182 16.39 -44.74 9.90
C ARG E 182 15.66 -45.37 8.72
N PRO E 183 16.38 -45.99 7.81
CA PRO E 183 15.74 -46.57 6.62
C PRO E 183 15.07 -47.90 6.93
N GLN E 184 13.84 -48.08 6.45
CA GLN E 184 13.23 -49.40 6.49
C GLN E 184 13.97 -50.37 5.58
N SER E 185 14.35 -49.93 4.39
CA SER E 185 15.15 -50.72 3.47
C SER E 185 16.01 -49.78 2.64
N MET E 186 16.89 -50.38 1.84
CA MET E 186 17.73 -49.59 0.94
C MET E 186 16.94 -48.92 -0.17
N ASP E 187 15.68 -49.33 -0.39
CA ASP E 187 14.82 -48.67 -1.36
C ASP E 187 14.52 -47.23 -0.97
N ASP E 188 14.59 -46.90 0.32
CA ASP E 188 14.27 -45.54 0.77
C ASP E 188 15.23 -44.52 0.19
N TYR E 189 16.46 -44.92 -0.13
CA TYR E 189 17.45 -43.99 -0.66
C TYR E 189 17.23 -43.72 -2.15
N ALA E 190 17.00 -44.77 -2.93
CA ALA E 190 16.72 -44.59 -4.35
C ALA E 190 15.37 -43.92 -4.57
N ASN E 191 14.43 -44.11 -3.65
CA ASN E 191 13.11 -43.50 -3.77
C ASN E 191 13.10 -42.02 -3.41
N LEU E 192 14.20 -41.47 -2.89
CA LEU E 192 14.23 -40.04 -2.58
C LEU E 192 14.32 -39.21 -3.85
N PHE E 193 14.86 -39.78 -4.93
CA PHE E 193 14.97 -39.09 -6.22
C PHE E 193 13.65 -39.23 -6.97
N ARG E 194 12.67 -38.41 -6.56
CA ARG E 194 11.33 -38.50 -7.12
C ARG E 194 11.14 -37.58 -8.32
N ARG E 195 11.49 -36.30 -8.18
CA ARG E 195 11.36 -35.33 -9.25
C ARG E 195 12.71 -34.83 -9.74
N ILE E 196 13.80 -35.42 -9.25
CA ILE E 196 15.12 -35.30 -9.85
C ILE E 196 15.55 -36.71 -10.25
N THR E 197 16.39 -36.79 -11.28
CA THR E 197 16.75 -38.08 -11.85
C THR E 197 17.81 -38.78 -11.01
N LEU E 198 17.59 -40.06 -10.72
CA LEU E 198 18.54 -40.83 -9.92
C LEU E 198 19.84 -41.03 -10.69
N PRO E 199 21.00 -40.82 -10.06
CA PRO E 199 22.26 -40.92 -10.80
C PRO E 199 22.54 -42.35 -11.20
N PRO E 200 23.32 -42.57 -12.27
CA PRO E 200 23.55 -43.95 -12.73
C PRO E 200 24.43 -44.75 -11.79
N ILE E 201 25.28 -44.08 -11.00
CA ILE E 201 26.15 -44.78 -10.07
C ILE E 201 25.38 -45.43 -8.92
N ALA E 202 24.09 -45.10 -8.79
CA ALA E 202 23.25 -45.76 -7.80
C ALA E 202 23.05 -47.24 -8.10
N SER E 203 23.44 -47.70 -9.29
CA SER E 203 23.29 -49.10 -9.67
C SER E 203 24.62 -49.78 -9.99
N THR E 204 25.73 -49.07 -9.97
CA THR E 204 27.03 -49.64 -10.32
C THR E 204 28.04 -49.60 -9.18
N TRP E 205 27.76 -48.87 -8.11
CA TRP E 205 28.81 -48.48 -7.17
C TRP E 205 29.39 -49.65 -6.39
N LYS E 206 28.65 -50.76 -6.26
CA LYS E 206 29.19 -51.88 -5.51
C LYS E 206 30.29 -52.61 -6.28
N ASN E 207 30.30 -52.50 -7.60
CA ASN E 207 31.33 -53.16 -8.40
C ASN E 207 32.69 -52.50 -8.17
N ASP E 208 33.72 -53.34 -8.07
CA ASP E 208 35.07 -52.82 -7.88
C ASP E 208 35.51 -51.94 -9.05
N SER E 209 34.93 -52.17 -10.24
CA SER E 209 35.28 -51.34 -11.39
C SER E 209 34.87 -49.90 -11.18
N ALA E 210 33.69 -49.67 -10.59
CA ALA E 210 33.25 -48.30 -10.31
C ALA E 210 34.08 -47.67 -9.20
N PHE E 211 34.50 -48.48 -8.22
CA PHE E 211 35.27 -47.94 -7.10
C PHE E 211 36.60 -47.36 -7.58
N ALA E 212 37.26 -48.02 -8.53
CA ALA E 212 38.53 -47.54 -9.03
C ALA E 212 38.36 -46.41 -10.05
N ALA E 213 37.24 -46.39 -10.77
CA ALA E 213 36.99 -45.32 -11.72
C ALA E 213 36.95 -43.96 -11.05
N TYR E 214 36.54 -43.91 -9.79
CA TYR E 214 36.57 -42.67 -9.03
C TYR E 214 37.97 -42.10 -8.96
N ARG E 215 38.98 -42.97 -8.85
CA ARG E 215 40.37 -42.55 -8.72
C ARG E 215 40.96 -42.08 -10.04
N VAL E 216 40.23 -42.20 -11.14
CA VAL E 216 40.69 -41.70 -12.43
C VAL E 216 39.63 -40.87 -13.16
N ALA E 217 38.34 -40.99 -12.80
CA ALA E 217 37.30 -40.22 -13.46
C ALA E 217 36.21 -39.78 -12.50
N GLY E 218 36.53 -39.62 -11.22
CA GLY E 218 35.55 -39.22 -10.24
C GLY E 218 35.76 -37.81 -9.77
N PRO E 219 35.19 -37.47 -8.60
CA PRO E 219 35.28 -36.09 -8.12
C PRO E 219 36.69 -35.70 -7.69
N ASN E 220 37.51 -36.68 -7.28
CA ASN E 220 38.91 -36.48 -6.90
C ASN E 220 39.73 -37.39 -7.79
N ALA E 221 39.94 -36.97 -9.03
CA ALA E 221 40.71 -37.75 -9.99
C ALA E 221 42.22 -37.49 -9.88
N SER E 222 42.66 -36.72 -8.88
CA SER E 222 44.05 -36.33 -8.75
C SER E 222 44.72 -36.99 -7.55
N MET E 223 44.14 -38.08 -7.03
CA MET E 223 44.54 -38.60 -5.73
C MET E 223 45.67 -39.62 -5.81
N ILE E 224 45.63 -40.53 -6.79
CA ILE E 224 46.56 -41.66 -6.82
C ILE E 224 47.99 -41.17 -7.02
N GLN E 225 48.95 -42.07 -6.80
CA GLN E 225 50.36 -41.76 -6.94
C GLN E 225 51.13 -43.05 -7.15
N ARG E 226 52.02 -43.05 -8.15
CA ARG E 226 52.81 -44.24 -8.42
C ARG E 226 53.84 -44.45 -7.33
N ILE E 227 53.88 -45.65 -6.77
CA ILE E 227 54.82 -46.00 -5.72
C ILE E 227 55.74 -47.10 -6.23
N THR E 228 57.00 -47.05 -5.78
CA THR E 228 57.98 -48.09 -6.10
C THR E 228 58.10 -49.14 -5.01
N GLU E 229 57.96 -48.75 -3.74
CA GLU E 229 57.90 -49.67 -2.63
C GLU E 229 56.72 -49.31 -1.74
N LEU E 230 56.10 -50.32 -1.15
CA LEU E 230 54.96 -50.07 -0.28
C LEU E 230 55.40 -49.33 0.98
N PRO E 231 54.60 -48.40 1.47
CA PRO E 231 54.91 -47.74 2.75
C PRO E 231 54.92 -48.75 3.89
N ASP E 232 55.50 -48.32 5.02
CA ASP E 232 55.67 -49.22 6.14
C ASP E 232 54.38 -49.46 6.92
N ASN E 233 53.47 -48.50 6.90
CA ASN E 233 52.21 -48.63 7.61
C ASN E 233 51.09 -49.24 6.76
N PHE E 234 51.44 -49.86 5.62
CA PHE E 234 50.47 -50.42 4.69
C PHE E 234 51.12 -51.61 3.99
N ALA E 235 51.41 -52.65 4.76
CA ALA E 235 52.14 -53.82 4.27
C ALA E 235 51.15 -54.82 3.68
N VAL E 236 50.86 -54.67 2.39
CA VAL E 236 49.99 -55.58 1.68
C VAL E 236 50.82 -56.75 1.16
N THR E 237 50.23 -57.93 1.19
CA THR E 237 50.93 -59.17 0.86
C THR E 237 50.72 -59.54 -0.61
N ASP E 238 51.58 -60.42 -1.11
CA ASP E 238 51.40 -60.97 -2.45
C ASP E 238 50.10 -61.77 -2.54
N ALA E 239 49.66 -62.34 -1.43
CA ALA E 239 48.39 -63.06 -1.42
C ALA E 239 47.22 -62.11 -1.69
N HIS E 240 47.25 -60.92 -1.09
CA HIS E 240 46.22 -59.92 -1.37
C HIS E 240 46.25 -59.50 -2.83
N TYR E 241 47.45 -59.44 -3.42
CA TYR E 241 47.57 -59.01 -4.82
C TYR E 241 47.05 -60.09 -5.77
N LYS E 242 47.46 -61.34 -5.55
CA LYS E 242 47.01 -62.43 -6.40
C LYS E 242 45.52 -62.73 -6.23
N GLN E 243 44.89 -62.22 -5.17
CA GLN E 243 43.43 -62.28 -5.09
C GLN E 243 42.80 -61.33 -6.10
N ALA E 244 43.37 -60.13 -6.26
CA ALA E 244 42.78 -59.12 -7.13
C ALA E 244 43.16 -59.33 -8.59
N MET E 245 44.45 -59.57 -8.85
CA MET E 245 44.95 -59.63 -10.22
C MET E 245 45.11 -61.05 -10.75
N GLY E 246 45.04 -62.06 -9.89
CA GLY E 246 45.25 -63.42 -10.29
C GLY E 246 46.67 -63.89 -10.01
N GLU E 247 46.89 -65.18 -10.26
CA GLU E 247 48.20 -65.78 -9.99
C GLU E 247 49.24 -65.41 -11.04
N GLY E 248 48.81 -64.92 -12.20
CA GLY E 248 49.74 -64.61 -13.28
C GLY E 248 50.64 -63.43 -12.99
N ASP E 249 50.24 -62.54 -12.08
CA ASP E 249 51.04 -61.38 -11.72
C ASP E 249 51.45 -61.48 -10.26
N SER E 250 52.52 -60.77 -9.92
CA SER E 250 53.02 -60.70 -8.55
C SER E 250 53.15 -59.24 -8.14
N LEU E 251 53.07 -59.00 -6.82
CA LEU E 251 53.21 -57.64 -6.32
C LEU E 251 54.59 -57.07 -6.63
N ASP E 252 55.62 -57.91 -6.63
CA ASP E 252 56.96 -57.45 -6.95
C ASP E 252 57.08 -57.02 -8.41
N ALA E 253 56.40 -57.75 -9.31
CA ALA E 253 56.43 -57.39 -10.72
C ALA E 253 55.70 -56.09 -10.97
N ALA E 254 54.61 -55.82 -10.23
CA ALA E 254 53.88 -54.58 -10.42
C ALA E 254 54.67 -53.38 -9.91
N LYS E 255 55.37 -53.55 -8.78
CA LYS E 255 56.15 -52.43 -8.23
C LYS E 255 57.35 -52.10 -9.12
N ALA E 256 57.88 -53.09 -9.83
CA ALA E 256 59.02 -52.83 -10.71
C ALA E 256 58.60 -52.08 -11.97
N GLU E 257 57.45 -52.44 -12.52
CA GLU E 257 56.98 -51.89 -13.78
C GLU E 257 56.05 -50.70 -13.59
N GLY E 258 56.09 -50.04 -12.44
CA GLY E 258 55.30 -48.83 -12.22
C GLY E 258 53.80 -49.03 -12.36
N ARG E 259 53.32 -50.25 -12.11
CA ARG E 259 51.90 -50.55 -12.22
C ARG E 259 51.14 -50.42 -10.91
N LEU E 260 51.80 -49.98 -9.84
CA LEU E 260 51.15 -49.82 -8.54
C LEU E 260 50.92 -48.35 -8.25
N PHE E 261 49.69 -48.01 -7.87
CA PHE E 261 49.31 -46.64 -7.52
C PHE E 261 48.60 -46.65 -6.18
N LEU E 262 48.88 -45.64 -5.37
CA LEU E 262 48.36 -45.56 -4.01
C LEU E 262 47.60 -44.26 -3.81
N ALA E 263 46.50 -44.34 -3.08
CA ALA E 263 45.74 -43.16 -2.65
C ALA E 263 45.74 -43.13 -1.13
N ASP E 264 46.30 -42.06 -0.57
CA ASP E 264 46.57 -41.98 0.87
C ASP E 264 45.84 -40.77 1.45
N TRP E 265 44.75 -41.02 2.17
CA TRP E 265 44.01 -39.98 2.88
C TRP E 265 44.57 -39.71 4.27
N LYS E 266 45.90 -39.60 4.38
CA LYS E 266 46.51 -39.29 5.66
C LYS E 266 46.05 -37.95 6.20
N LEU E 267 45.79 -36.98 5.32
CA LEU E 267 45.44 -35.64 5.76
C LEU E 267 44.12 -35.62 6.53
N ILE E 268 43.18 -36.50 6.17
CA ILE E 268 41.91 -36.55 6.89
C ILE E 268 42.16 -36.88 8.36
N GLY E 269 43.11 -37.77 8.63
CA GLY E 269 43.44 -38.07 10.01
C GLY E 269 44.08 -36.90 10.73
N GLU E 270 44.89 -36.12 10.01
CA GLU E 270 45.62 -35.03 10.64
C GLU E 270 44.72 -33.89 11.10
N THR E 271 43.52 -33.75 10.52
CA THR E 271 42.77 -32.51 10.66
C THR E 271 41.34 -32.64 11.17
N LEU E 272 40.78 -33.85 11.25
CA LEU E 272 39.34 -33.96 11.49
C LEU E 272 39.04 -34.45 12.90
N VAL E 273 37.85 -34.10 13.36
CA VAL E 273 37.34 -34.45 14.68
C VAL E 273 35.92 -34.97 14.48
N ASN E 274 35.72 -36.26 14.74
CA ASN E 274 34.42 -36.87 14.58
C ASN E 274 33.36 -36.14 15.39
N ASN E 275 32.19 -35.97 14.80
CA ASN E 275 31.07 -35.28 15.45
C ASN E 275 29.89 -36.23 15.57
N THR E 276 28.78 -35.69 16.07
CA THR E 276 27.55 -36.45 16.24
C THR E 276 26.39 -35.67 15.64
N TYR E 277 25.37 -36.39 15.20
CA TYR E 277 24.16 -35.79 14.66
C TYR E 277 22.98 -36.28 15.49
N LYS E 278 22.34 -35.35 16.20
CA LYS E 278 21.21 -35.67 17.08
C LYS E 278 21.58 -36.77 18.07
N GLY E 279 22.85 -36.83 18.45
CA GLY E 279 23.33 -37.83 19.37
C GLY E 279 23.76 -39.15 18.76
N ALA E 280 23.82 -39.22 17.43
CA ALA E 280 24.22 -40.44 16.73
C ALA E 280 25.64 -40.28 16.19
N GLN E 281 26.46 -41.29 16.40
CA GLN E 281 27.89 -41.19 16.14
C GLN E 281 28.19 -41.21 14.64
N LYS E 282 28.82 -40.14 14.15
CA LYS E 282 29.31 -40.06 12.79
C LYS E 282 30.81 -40.35 12.77
N THR E 283 31.22 -41.17 11.82
CA THR E 283 32.59 -41.68 11.78
C THR E 283 33.21 -41.44 10.41
N VAL E 284 34.50 -41.10 10.41
CA VAL E 284 35.29 -40.93 9.20
C VAL E 284 36.66 -41.56 9.43
N TYR E 285 37.31 -41.96 8.34
CA TYR E 285 38.58 -42.67 8.44
C TYR E 285 39.63 -41.97 7.59
N ALA E 286 40.88 -42.42 7.75
CA ALA E 286 42.03 -41.94 6.99
C ALA E 286 42.67 -43.11 6.27
N PRO E 287 42.00 -43.65 5.26
CA PRO E 287 42.42 -44.93 4.68
C PRO E 287 43.58 -44.81 3.71
N LEU E 288 44.21 -45.96 3.47
CA LEU E 288 45.13 -46.14 2.37
C LEU E 288 44.59 -47.27 1.50
N ALA E 289 44.50 -47.01 0.19
CA ALA E 289 44.00 -47.99 -0.76
C ALA E 289 45.03 -48.22 -1.84
N LEU E 290 45.23 -49.48 -2.22
CA LEU E 290 46.18 -49.85 -3.26
C LEU E 290 45.44 -50.12 -4.56
N PHE E 291 46.08 -49.75 -5.67
CA PHE E 291 45.51 -49.92 -6.99
C PHE E 291 46.58 -50.35 -7.96
N ALA E 292 46.23 -51.27 -8.86
CA ALA E 292 47.18 -51.79 -9.84
C ALA E 292 46.49 -51.89 -11.19
N VAL E 293 47.30 -51.85 -12.25
CA VAL E 293 46.82 -52.07 -13.61
C VAL E 293 47.35 -53.42 -14.09
N PRO E 294 46.57 -54.15 -14.89
CA PRO E 294 47.04 -55.45 -15.36
C PRO E 294 48.31 -55.30 -16.19
N PRO E 295 49.18 -56.31 -16.18
CA PRO E 295 50.43 -56.22 -16.92
C PRO E 295 50.19 -55.99 -18.40
N GLY E 296 51.04 -55.17 -19.01
CA GLY E 296 50.82 -54.72 -20.37
C GLY E 296 49.97 -53.49 -20.50
N GLY E 297 49.49 -52.93 -19.39
CA GLY E 297 48.67 -51.75 -19.39
C GLY E 297 47.18 -52.09 -19.32
N GLY E 298 46.40 -51.10 -18.90
CA GLY E 298 44.96 -51.27 -18.86
C GLY E 298 44.35 -50.41 -17.77
N SER E 299 43.08 -50.66 -17.50
CA SER E 299 42.33 -49.90 -16.51
C SER E 299 42.80 -50.23 -15.09
N LEU E 300 42.54 -49.29 -14.19
CA LEU E 300 42.89 -49.46 -12.79
C LEU E 300 42.01 -50.52 -12.14
N ALA E 301 42.49 -51.10 -11.05
CA ALA E 301 41.74 -52.11 -10.33
C ALA E 301 42.18 -52.12 -8.87
N PRO E 302 41.23 -52.21 -7.94
CA PRO E 302 41.58 -52.12 -6.52
C PRO E 302 42.20 -53.42 -6.01
N VAL E 303 43.19 -53.26 -5.13
CA VAL E 303 43.97 -54.38 -4.60
C VAL E 303 43.72 -54.57 -3.11
N ALA E 304 43.96 -53.53 -2.30
CA ALA E 304 43.84 -53.65 -0.87
C ALA E 304 43.43 -52.30 -0.27
N ILE E 305 42.86 -52.37 0.93
CA ILE E 305 42.42 -51.19 1.67
C ILE E 305 42.71 -51.38 3.15
N GLN E 306 43.25 -50.35 3.78
CA GLN E 306 43.43 -50.31 5.23
C GLN E 306 42.80 -49.03 5.75
N PRO E 307 41.74 -49.12 6.56
CA PRO E 307 40.99 -47.90 6.93
C PRO E 307 41.79 -46.90 7.74
N GLY E 308 42.79 -47.34 8.49
CA GLY E 308 43.51 -46.43 9.37
C GLY E 308 44.97 -46.22 8.99
N GLN E 309 45.54 -45.10 9.42
CA GLN E 309 46.94 -44.82 9.14
C GLN E 309 47.86 -45.79 9.88
N THR E 310 47.42 -46.29 11.03
CA THR E 310 48.27 -47.11 11.89
C THR E 310 47.75 -48.54 11.91
N PRO E 311 48.58 -49.52 11.57
CA PRO E 311 48.14 -50.92 11.68
C PRO E 311 47.97 -51.32 13.14
N SER E 312 46.89 -52.03 13.43
CA SER E 312 46.52 -52.32 14.81
C SER E 312 45.68 -53.59 14.82
N PRO E 313 45.39 -54.13 16.00
CA PRO E 313 44.42 -55.24 16.05
C PRO E 313 43.04 -54.86 15.54
N THR E 314 42.58 -53.65 15.83
CA THR E 314 41.28 -53.19 15.37
C THR E 314 41.31 -52.62 13.96
N ASN E 315 42.50 -52.45 13.38
CA ASN E 315 42.65 -51.84 12.06
C ASN E 315 43.51 -52.76 11.20
N LYS E 316 42.88 -53.48 10.28
CA LYS E 316 43.58 -54.45 9.44
C LYS E 316 43.40 -54.12 7.96
N ILE E 317 43.92 -55.02 7.12
CA ILE E 317 43.94 -54.85 5.68
C ILE E 317 42.89 -55.77 5.07
N TYR E 318 41.97 -55.18 4.33
CA TYR E 318 40.87 -55.92 3.69
C TYR E 318 41.13 -56.03 2.20
N ALA E 319 40.77 -57.18 1.62
CA ALA E 319 41.15 -57.53 0.25
C ALA E 319 39.93 -57.88 -0.58
N THR E 320 40.19 -58.11 -1.88
CA THR E 320 39.15 -58.15 -2.88
C THR E 320 38.12 -59.27 -2.68
N GLN E 321 38.45 -60.29 -1.89
CA GLN E 321 37.59 -61.45 -1.75
C GLN E 321 36.81 -61.47 -0.45
N ASP E 322 37.00 -60.48 0.41
CA ASP E 322 36.48 -60.54 1.78
C ASP E 322 34.99 -60.22 1.86
N GLY E 323 34.32 -59.96 0.74
CA GLY E 323 32.86 -59.90 0.71
C GLY E 323 32.21 -58.69 1.33
N ASN E 324 31.42 -58.90 2.40
CA ASN E 324 30.72 -57.79 3.04
C ASN E 324 31.70 -56.86 3.74
N ASP E 325 32.78 -57.41 4.32
CA ASP E 325 33.78 -56.57 4.95
C ASP E 325 34.50 -55.71 3.91
N TRP E 326 34.81 -56.27 2.75
CA TRP E 326 35.49 -55.51 1.70
C TRP E 326 34.61 -54.36 1.22
N LEU E 327 33.32 -54.63 1.01
CA LEU E 327 32.40 -53.59 0.56
C LEU E 327 32.32 -52.43 1.55
N ALA E 328 32.49 -52.72 2.85
CA ALA E 328 32.52 -51.65 3.84
C ALA E 328 33.85 -50.90 3.85
N ALA E 329 34.95 -51.59 3.55
CA ALA E 329 36.23 -50.91 3.47
C ALA E 329 36.30 -50.00 2.26
N LYS E 330 35.63 -50.35 1.17
CA LYS E 330 35.48 -49.41 0.05
C LYS E 330 34.55 -48.27 0.45
N SER E 331 33.45 -48.58 1.14
CA SER E 331 32.50 -47.54 1.54
C SER E 331 33.13 -46.57 2.53
N ALA E 332 34.10 -47.04 3.33
CA ALA E 332 34.81 -46.14 4.23
C ALA E 332 35.69 -45.17 3.44
N VAL E 333 36.41 -45.67 2.44
CA VAL E 333 37.21 -44.82 1.57
C VAL E 333 36.34 -43.78 0.88
N GLN E 334 35.16 -44.20 0.42
CA GLN E 334 34.24 -43.28 -0.23
C GLN E 334 33.83 -42.14 0.70
N VAL E 335 33.64 -42.45 2.00
CA VAL E 335 33.34 -41.41 2.96
C VAL E 335 34.53 -40.47 3.14
N ALA E 336 35.75 -41.03 3.20
CA ALA E 336 36.93 -40.20 3.30
C ALA E 336 37.06 -39.28 2.08
N GLU E 337 36.74 -39.80 0.90
CA GLU E 337 36.85 -38.99 -0.31
C GLU E 337 35.83 -37.85 -0.30
N GLY E 338 34.65 -38.10 0.24
CA GLY E 338 33.64 -37.05 0.31
C GLY E 338 34.09 -35.85 1.12
N ASN E 339 34.59 -36.10 2.33
CA ASN E 339 35.21 -35.03 3.11
C ASN E 339 36.38 -34.43 2.36
N TYR E 340 37.26 -35.27 1.81
CA TYR E 340 38.45 -34.77 1.15
C TYR E 340 38.11 -33.99 -0.11
N HIS E 341 37.20 -34.50 -0.93
CA HIS E 341 36.84 -33.80 -2.16
C HIS E 341 36.22 -32.44 -1.86
N GLU E 342 35.11 -32.43 -1.12
CA GLU E 342 34.32 -31.21 -0.97
C GLU E 342 35.13 -30.10 -0.33
N LEU E 343 36.11 -30.43 0.50
CA LEU E 343 36.90 -29.41 1.18
C LEU E 343 38.25 -29.17 0.53
N VAL E 344 39.02 -30.24 0.29
CA VAL E 344 40.32 -30.07 -0.36
C VAL E 344 40.11 -29.86 -1.86
N SER E 345 39.86 -30.95 -2.59
CA SER E 345 39.77 -30.93 -4.04
C SER E 345 38.89 -29.81 -4.56
N HIS E 346 37.67 -29.69 -4.02
CA HIS E 346 36.67 -28.75 -4.53
C HIS E 346 36.83 -27.34 -3.94
N LEU E 347 36.41 -27.15 -2.68
CA LEU E 347 36.29 -25.80 -2.15
C LEU E 347 37.65 -25.17 -1.88
N GLY E 348 38.56 -25.90 -1.25
CA GLY E 348 39.84 -25.31 -0.86
C GLY E 348 40.68 -24.91 -2.07
N LEU E 349 40.81 -25.81 -3.04
CA LEU E 349 41.78 -25.63 -4.12
C LEU E 349 41.15 -25.13 -5.42
N THR E 350 39.92 -24.63 -5.38
CA THR E 350 39.35 -23.94 -6.54
C THR E 350 38.75 -22.62 -6.08
N HIS E 351 37.66 -22.69 -5.30
CA HIS E 351 37.03 -21.50 -4.74
C HIS E 351 38.01 -20.69 -3.91
N LEU E 352 38.40 -21.24 -2.76
CA LEU E 352 39.26 -20.53 -1.82
C LEU E 352 40.64 -20.25 -2.38
N LEU E 353 41.10 -21.04 -3.36
CA LEU E 353 42.40 -20.77 -3.96
C LEU E 353 42.39 -19.50 -4.80
N LEU E 354 41.32 -19.32 -5.60
CA LEU E 354 41.25 -18.18 -6.50
C LEU E 354 40.73 -16.91 -5.83
N GLU E 355 40.13 -17.01 -4.64
CA GLU E 355 39.52 -15.83 -4.01
C GLU E 355 40.51 -14.70 -3.77
N PRO E 356 41.70 -14.93 -3.19
CA PRO E 356 42.64 -13.80 -3.06
C PRO E 356 43.13 -13.28 -4.40
N ILE E 357 43.16 -14.13 -5.43
CA ILE E 357 43.56 -13.67 -6.75
C ILE E 357 42.47 -12.81 -7.37
N VAL E 358 41.21 -13.22 -7.23
CA VAL E 358 40.10 -12.38 -7.66
C VAL E 358 40.16 -11.04 -6.97
N MET E 359 40.58 -11.02 -5.71
CA MET E 359 40.65 -9.77 -4.95
C MET E 359 41.77 -8.88 -5.46
N ALA E 360 42.97 -9.45 -5.62
CA ALA E 360 44.11 -8.65 -6.07
C ALA E 360 43.94 -8.16 -7.51
N THR E 361 43.24 -8.94 -8.34
CA THR E 361 43.07 -8.55 -9.75
C THR E 361 42.27 -7.27 -9.87
N TYR E 362 41.14 -7.20 -9.18
CA TYR E 362 40.33 -5.98 -9.19
C TYR E 362 41.11 -4.80 -8.62
N ARG E 363 41.90 -5.04 -7.58
CA ARG E 363 42.44 -3.94 -6.79
C ARG E 363 43.67 -3.31 -7.45
N GLN E 364 44.60 -4.13 -7.93
CA GLN E 364 45.85 -3.57 -8.44
C GLN E 364 45.86 -3.37 -9.95
N LEU E 365 45.05 -4.12 -10.69
CA LEU E 365 45.05 -4.08 -12.15
C LEU E 365 43.90 -3.20 -12.63
N ALA E 366 44.23 -2.17 -13.39
CA ALA E 366 43.22 -1.24 -13.88
C ALA E 366 42.37 -1.88 -14.98
N GLN E 367 41.22 -1.26 -15.24
CA GLN E 367 40.36 -1.75 -16.29
C GLN E 367 41.03 -1.65 -17.66
N HIS E 368 41.93 -0.69 -17.83
CA HIS E 368 42.69 -0.54 -19.05
C HIS E 368 43.94 -1.41 -19.08
N HIS E 369 43.99 -2.46 -18.27
CA HIS E 369 45.12 -3.38 -18.27
C HIS E 369 44.77 -4.66 -19.03
N PRO E 370 45.68 -5.14 -19.89
CA PRO E 370 45.36 -6.34 -20.67
C PRO E 370 45.13 -7.59 -19.84
N ILE E 371 45.96 -7.84 -18.82
CA ILE E 371 45.77 -9.01 -17.97
C ILE E 371 44.45 -8.90 -17.22
N TYR E 372 44.07 -7.67 -16.83
CA TYR E 372 42.74 -7.46 -16.26
C TYR E 372 41.66 -7.86 -17.25
N MET E 373 41.86 -7.56 -18.54
CA MET E 373 40.89 -7.96 -19.55
C MET E 373 40.87 -9.47 -19.75
N LEU E 374 41.96 -10.15 -19.43
CA LEU E 374 42.01 -11.60 -19.59
C LEU E 374 41.30 -12.32 -18.45
N LEU E 375 41.46 -11.84 -17.22
CA LEU E 375 41.15 -12.64 -16.03
C LEU E 375 39.79 -12.36 -15.40
N ILE E 376 39.23 -11.16 -15.58
CA ILE E 376 37.97 -10.82 -14.93
C ILE E 376 36.82 -11.70 -15.42
N PRO E 377 36.63 -11.92 -16.73
CA PRO E 377 35.56 -12.83 -17.15
C PRO E 377 35.73 -14.26 -16.65
N HIS E 378 36.95 -14.68 -16.34
CA HIS E 378 37.18 -15.96 -15.69
C HIS E 378 36.91 -15.90 -14.19
N PHE E 379 36.34 -14.80 -13.69
CA PHE E 379 36.02 -14.64 -12.29
C PHE E 379 34.55 -14.31 -12.07
N GLU E 380 33.71 -14.39 -13.10
CA GLU E 380 32.33 -13.94 -12.99
C GLU E 380 31.59 -14.74 -11.93
N GLY E 381 31.12 -14.06 -10.89
CA GLY E 381 30.35 -14.71 -9.86
C GLY E 381 31.15 -15.52 -8.87
N THR E 382 32.47 -15.54 -8.98
CA THR E 382 33.28 -16.26 -8.00
C THR E 382 33.13 -15.63 -6.61
N LEU E 383 33.11 -14.31 -6.56
CA LEU E 383 32.85 -13.63 -5.29
C LEU E 383 31.46 -13.96 -4.76
N SER E 384 30.47 -14.00 -5.65
CA SER E 384 29.10 -14.18 -5.21
C SER E 384 28.85 -15.58 -4.67
N ILE E 385 29.44 -16.60 -5.31
CA ILE E 385 29.19 -17.96 -4.84
C ILE E 385 30.05 -18.28 -3.62
N ASN E 386 31.24 -17.69 -3.51
CA ASN E 386 32.07 -17.93 -2.34
C ASN E 386 31.46 -17.32 -1.09
N ASN E 387 30.70 -16.22 -1.24
CA ASN E 387 30.00 -15.65 -0.10
C ASN E 387 28.81 -16.51 0.28
N SER E 388 28.03 -16.97 -0.70
CA SER E 388 26.96 -17.90 -0.42
C SER E 388 27.51 -19.22 0.13
N ALA E 389 28.77 -19.54 -0.19
CA ALA E 389 29.41 -20.69 0.43
C ALA E 389 29.76 -20.39 1.89
N ALA E 390 30.36 -19.23 2.15
CA ALA E 390 30.86 -18.92 3.48
C ALA E 390 29.73 -18.83 4.49
N THR E 391 28.76 -17.94 4.26
CA THR E 391 27.73 -17.66 5.25
C THR E 391 26.63 -18.72 5.29
N ASN E 392 26.65 -19.71 4.41
CA ASN E 392 25.56 -20.68 4.37
C ASN E 392 26.03 -22.12 4.29
N LEU E 393 26.88 -22.43 3.31
CA LEU E 393 27.28 -23.82 3.10
C LEU E 393 28.13 -24.34 4.25
N ILE E 394 29.32 -23.76 4.45
CA ILE E 394 30.25 -24.29 5.45
C ILE E 394 30.10 -23.54 6.75
N ALA E 395 28.99 -22.83 6.89
CA ALA E 395 28.70 -22.14 8.13
C ALA E 395 28.11 -23.13 9.15
N PRO E 396 28.25 -22.84 10.44
CA PRO E 396 27.63 -23.71 11.45
C PRO E 396 26.12 -23.82 11.22
N GLY E 397 25.65 -25.05 11.16
CA GLY E 397 24.25 -25.31 10.86
C GLY E 397 23.95 -25.52 9.40
N GLY E 398 24.96 -25.60 8.55
CA GLY E 398 24.76 -25.73 7.12
C GLY E 398 24.79 -27.17 6.64
N ALA E 399 24.86 -27.33 5.32
CA ALA E 399 24.77 -28.64 4.72
C ALA E 399 25.98 -29.50 5.04
N VAL E 400 27.17 -28.88 5.08
CA VAL E 400 28.37 -29.64 5.38
C VAL E 400 28.47 -29.95 6.87
N ASP E 401 27.90 -29.09 7.71
CA ASP E 401 28.02 -29.29 9.16
C ASP E 401 27.27 -30.55 9.60
N LEU E 402 26.15 -30.85 8.95
CA LEU E 402 25.32 -31.98 9.36
C LEU E 402 25.68 -33.27 8.63
N ILE E 403 25.93 -33.18 7.32
CA ILE E 403 26.10 -34.37 6.51
C ILE E 403 27.50 -34.97 6.69
N PHE E 404 28.53 -34.13 6.69
CA PHE E 404 29.89 -34.63 6.74
C PHE E 404 30.32 -34.91 8.17
N ALA E 405 31.22 -35.88 8.32
CA ALA E 405 31.44 -36.50 9.63
C ALA E 405 32.09 -35.56 10.63
N GLY E 406 33.02 -34.71 10.18
CA GLY E 406 33.77 -33.91 11.10
C GLY E 406 32.97 -32.75 11.68
N THR E 407 33.44 -32.25 12.83
CA THR E 407 32.96 -30.97 13.30
C THR E 407 33.28 -29.91 12.26
N ILE E 408 32.37 -28.94 12.11
CA ILE E 408 32.46 -28.03 10.97
C ILE E 408 33.77 -27.24 11.00
N GLU E 409 34.26 -26.91 12.20
CA GLU E 409 35.51 -26.15 12.28
C GLU E 409 36.71 -27.05 12.00
N SER E 410 36.59 -28.35 12.26
CA SER E 410 37.66 -29.26 11.87
C SER E 410 37.75 -29.38 10.36
N GLU E 411 36.60 -29.31 9.68
CA GLU E 411 36.60 -29.31 8.22
C GLU E 411 37.35 -28.11 7.67
N HIS E 412 37.15 -26.94 8.27
CA HIS E 412 37.86 -25.74 7.84
C HIS E 412 39.37 -25.93 7.93
N GLN E 413 39.85 -26.50 9.04
CA GLN E 413 41.27 -26.75 9.19
C GLN E 413 41.79 -27.67 8.09
N LEU E 414 41.00 -28.69 7.72
CA LEU E 414 41.37 -29.54 6.60
C LEU E 414 41.51 -28.74 5.31
N ALA E 415 40.53 -27.89 5.01
CA ALA E 415 40.61 -27.05 3.82
C ALA E 415 41.83 -26.14 3.87
N LEU E 416 42.03 -25.45 5.00
CA LEU E 416 43.18 -24.56 5.13
C LEU E 416 44.49 -25.33 5.10
N ALA E 417 44.48 -26.59 5.53
CA ALA E 417 45.70 -27.39 5.51
C ALA E 417 46.22 -27.58 4.09
N ALA E 418 45.32 -27.71 3.13
CA ALA E 418 45.74 -27.90 1.74
C ALA E 418 46.21 -26.59 1.11
N LEU E 419 45.49 -25.50 1.34
CA LEU E 419 45.92 -24.18 0.85
C LEU E 419 47.29 -23.82 1.40
N LYS E 420 47.59 -24.23 2.63
CA LYS E 420 48.86 -23.90 3.25
C LYS E 420 50.00 -24.71 2.63
N ARG E 421 49.73 -25.96 2.27
CA ARG E 421 50.75 -26.83 1.71
C ARG E 421 50.83 -26.75 0.19
N HIS E 422 49.87 -26.08 -0.46
CA HIS E 422 49.86 -26.01 -1.91
C HIS E 422 51.07 -25.23 -2.41
N ASP E 423 51.53 -25.57 -3.61
CA ASP E 423 52.66 -24.89 -4.25
C ASP E 423 52.18 -24.41 -5.62
N PHE E 424 51.84 -23.12 -5.71
CA PHE E 424 51.20 -22.61 -6.92
C PHE E 424 52.10 -22.75 -8.13
N MET E 425 53.38 -22.39 -7.99
CA MET E 425 54.28 -22.39 -9.13
C MET E 425 54.59 -23.80 -9.63
N ARG E 426 54.41 -24.82 -8.81
CA ARG E 426 54.62 -26.20 -9.23
C ARG E 426 53.32 -27.01 -9.15
N SER E 427 52.19 -26.34 -9.33
CA SER E 427 50.89 -27.01 -9.34
C SER E 427 50.22 -26.94 -10.71
N GLY E 428 51.02 -26.87 -11.77
CA GLY E 428 50.47 -26.98 -13.12
C GLY E 428 50.11 -28.43 -13.43
N LEU E 429 48.99 -28.61 -14.13
CA LEU E 429 48.49 -29.96 -14.41
C LEU E 429 49.53 -30.89 -15.03
N PRO E 430 50.25 -30.52 -16.09
CA PRO E 430 51.30 -31.42 -16.58
C PRO E 430 52.42 -31.64 -15.58
N ASP E 431 52.66 -30.67 -14.69
CA ASP E 431 53.67 -30.85 -13.66
C ASP E 431 53.20 -31.82 -12.59
N THR E 432 51.94 -31.72 -12.17
CA THR E 432 51.42 -32.62 -11.14
C THR E 432 51.27 -34.04 -11.66
N ILE E 433 51.03 -34.21 -12.96
CA ILE E 433 50.94 -35.55 -13.54
C ILE E 433 52.28 -36.27 -13.42
N GLU E 434 53.38 -35.58 -13.72
CA GLU E 434 54.69 -36.18 -13.61
C GLU E 434 55.22 -36.20 -12.18
N GLN E 435 54.61 -35.41 -11.28
CA GLN E 435 54.99 -35.48 -9.87
C GLN E 435 54.47 -36.75 -9.21
N ARG E 436 53.36 -37.30 -9.73
CA ARG E 436 52.71 -38.46 -9.13
C ARG E 436 53.14 -39.77 -9.77
N GLY E 437 53.79 -39.73 -10.93
CA GLY E 437 54.10 -40.94 -11.67
C GLY E 437 52.95 -41.53 -12.44
N VAL E 438 51.92 -40.74 -12.74
CA VAL E 438 50.74 -41.21 -13.47
C VAL E 438 50.86 -40.87 -14.95
N GLY E 439 52.08 -40.60 -15.43
CA GLY E 439 52.23 -40.00 -16.74
C GLY E 439 52.18 -40.95 -17.92
N ASP E 440 52.57 -42.21 -17.71
CA ASP E 440 52.75 -43.14 -18.83
C ASP E 440 51.39 -43.49 -19.44
N THR E 441 51.18 -43.08 -20.69
CA THR E 441 49.92 -43.33 -21.36
C THR E 441 49.71 -44.81 -21.67
N SER E 442 50.76 -45.62 -21.62
CA SER E 442 50.66 -47.04 -21.93
C SER E 442 50.55 -47.92 -20.68
N VAL E 443 51.04 -47.46 -19.53
CA VAL E 443 50.91 -48.24 -18.31
C VAL E 443 49.50 -48.10 -17.73
N LEU E 444 49.14 -46.88 -17.35
CA LEU E 444 47.77 -46.58 -16.91
C LEU E 444 47.07 -45.90 -18.09
N THR E 445 46.20 -46.64 -18.76
CA THR E 445 45.63 -46.20 -20.03
C THR E 445 44.26 -45.55 -19.90
N ASP E 446 43.53 -45.82 -18.83
CA ASP E 446 42.20 -45.25 -18.60
C ASP E 446 42.32 -44.21 -17.51
N TYR E 447 42.65 -42.98 -17.90
CA TYR E 447 42.76 -41.85 -16.99
C TYR E 447 42.13 -40.66 -17.68
N PRO E 448 40.78 -40.61 -17.71
CA PRO E 448 40.10 -39.55 -18.49
C PRO E 448 40.52 -38.14 -18.10
N TYR E 449 40.58 -37.84 -16.80
CA TYR E 449 40.97 -36.51 -16.35
C TYR E 449 42.36 -36.15 -16.86
N ARG E 450 43.31 -37.08 -16.74
CA ARG E 450 44.67 -36.82 -17.19
C ARG E 450 44.70 -36.55 -18.69
N ASP E 451 44.00 -37.36 -19.48
CA ASP E 451 44.10 -37.25 -20.93
C ASP E 451 43.26 -36.11 -21.46
N ASP E 452 42.00 -36.00 -21.03
CA ASP E 452 41.18 -34.87 -21.45
C ASP E 452 41.73 -33.56 -20.90
N GLY E 453 42.19 -33.57 -19.64
CA GLY E 453 42.65 -32.35 -19.02
C GLY E 453 43.93 -31.82 -19.63
N LEU E 454 44.88 -32.72 -19.93
CA LEU E 454 46.13 -32.29 -20.54
C LEU E 454 45.91 -31.67 -21.91
N LYS E 455 44.76 -31.93 -22.54
CA LYS E 455 44.42 -31.24 -23.77
C LYS E 455 43.95 -29.81 -23.48
N ILE E 456 42.96 -29.68 -22.59
CA ILE E 456 42.44 -28.36 -22.25
C ILE E 456 43.53 -27.47 -21.68
N TRP E 457 44.49 -28.05 -20.96
CA TRP E 457 45.62 -27.26 -20.47
C TRP E 457 46.45 -26.73 -21.63
N ALA E 458 46.75 -27.59 -22.61
CA ALA E 458 47.55 -27.16 -23.75
C ALA E 458 46.83 -26.09 -24.54
N ASN E 459 45.49 -26.18 -24.63
CA ASN E 459 44.72 -25.14 -25.30
C ASN E 459 44.85 -23.81 -24.57
N ILE E 460 44.60 -23.81 -23.26
CA ILE E 460 44.62 -22.56 -22.50
C ILE E 460 46.00 -21.95 -22.49
N GLU E 461 47.05 -22.78 -22.42
CA GLU E 461 48.40 -22.24 -22.42
C GLU E 461 48.73 -21.57 -23.76
N ARG E 462 48.27 -22.16 -24.86
CA ARG E 462 48.47 -21.55 -26.17
C ARG E 462 47.79 -20.19 -26.25
N TRP E 463 46.53 -20.12 -25.80
CA TRP E 463 45.79 -18.87 -25.83
C TRP E 463 46.37 -17.84 -24.88
N VAL E 464 46.87 -18.27 -23.72
CA VAL E 464 47.54 -17.35 -22.81
C VAL E 464 48.87 -16.89 -23.39
N THR E 465 49.70 -17.84 -23.84
CA THR E 465 50.98 -17.48 -24.43
C THR E 465 50.82 -16.51 -25.59
N ALA E 466 49.73 -16.63 -26.34
CA ALA E 466 49.47 -15.67 -27.41
C ALA E 466 49.04 -14.32 -26.84
N TYR E 467 48.09 -14.33 -25.90
CA TYR E 467 47.62 -13.07 -25.32
C TYR E 467 48.74 -12.30 -24.65
N VAL E 468 49.59 -13.00 -23.90
CA VAL E 468 50.68 -12.33 -23.19
C VAL E 468 51.72 -11.80 -24.17
N ASN E 469 52.11 -12.62 -25.16
CA ASN E 469 53.17 -12.21 -26.07
C ASN E 469 52.75 -11.03 -26.94
N ASN E 470 51.45 -10.85 -27.16
CA ASN E 470 51.00 -9.65 -27.87
C ASN E 470 51.24 -8.41 -27.04
N TYR E 471 50.80 -8.42 -25.78
CA TYR E 471 50.83 -7.21 -24.98
C TYR E 471 52.17 -7.01 -24.30
N TYR E 472 52.89 -8.09 -24.02
CA TYR E 472 54.20 -8.00 -23.38
C TYR E 472 55.24 -8.31 -24.45
N ILE E 473 55.76 -7.24 -25.07
CA ILE E 473 56.67 -7.37 -26.21
C ILE E 473 58.12 -7.40 -25.79
N SER E 474 58.44 -7.03 -24.55
CA SER E 474 59.80 -7.09 -24.03
C SER E 474 59.75 -7.55 -22.59
N GLU E 475 60.73 -8.36 -22.18
CA GLU E 475 60.81 -8.78 -20.79
C GLU E 475 60.97 -7.60 -19.84
N ALA E 476 61.31 -6.42 -20.36
CA ALA E 476 61.29 -5.21 -19.55
C ALA E 476 59.88 -4.68 -19.34
N ASN E 477 58.92 -5.09 -20.17
CA ASN E 477 57.53 -4.70 -19.96
C ASN E 477 56.96 -5.33 -18.69
N VAL E 478 57.45 -6.52 -18.32
CA VAL E 478 56.92 -7.20 -17.14
C VAL E 478 57.37 -6.49 -15.87
N THR E 479 58.67 -6.25 -15.73
CA THR E 479 59.19 -5.66 -14.50
C THR E 479 58.65 -4.25 -14.29
N GLN E 480 58.58 -3.46 -15.36
CA GLN E 480 58.08 -2.09 -15.27
C GLN E 480 56.56 -2.01 -15.20
N ASP E 481 55.87 -3.15 -15.22
CA ASP E 481 54.42 -3.17 -15.01
C ASP E 481 54.19 -2.98 -13.52
N THR E 482 54.12 -1.71 -13.11
CA THR E 482 53.92 -1.39 -11.69
C THR E 482 52.65 -2.03 -11.15
N GLU E 483 51.61 -2.11 -11.98
CA GLU E 483 50.36 -2.71 -11.52
C GLU E 483 50.50 -4.22 -11.35
N LEU E 484 51.16 -4.88 -12.29
CA LEU E 484 51.37 -6.32 -12.18
C LEU E 484 52.32 -6.66 -11.03
N GLN E 485 53.30 -5.80 -10.75
CA GLN E 485 54.21 -6.07 -9.65
C GLN E 485 53.53 -5.85 -8.30
N ALA E 486 52.65 -4.84 -8.21
CA ALA E 486 51.83 -4.70 -7.02
C ALA E 486 50.90 -5.90 -6.87
N TRP E 487 50.28 -6.31 -7.99
CA TRP E 487 49.45 -7.51 -8.04
C TRP E 487 50.19 -8.71 -7.47
N ALA E 488 51.42 -8.95 -7.93
CA ALA E 488 52.18 -10.09 -7.45
C ALA E 488 52.53 -9.98 -5.97
N ALA E 489 52.71 -8.76 -5.48
CA ALA E 489 53.13 -8.57 -4.09
C ALA E 489 52.09 -9.12 -3.12
N VAL E 490 50.86 -8.61 -3.19
CA VAL E 490 49.83 -9.03 -2.24
C VAL E 490 49.54 -10.52 -2.38
N LEU E 491 49.84 -11.11 -3.54
CA LEU E 491 49.69 -12.54 -3.71
C LEU E 491 50.93 -13.31 -3.27
N SER E 492 52.12 -12.72 -3.42
CA SER E 492 53.35 -13.36 -2.97
C SER E 492 53.49 -13.36 -1.45
N LYS E 493 52.60 -12.67 -0.74
CA LYS E 493 52.68 -12.49 0.71
C LYS E 493 52.59 -13.84 1.42
N PRO E 494 52.95 -13.90 2.71
CA PRO E 494 52.77 -15.15 3.45
C PRO E 494 51.33 -15.62 3.45
N PHE E 495 51.15 -16.94 3.50
CA PHE E 495 49.82 -17.52 3.58
C PHE E 495 49.07 -17.00 4.80
N ALA E 496 49.79 -16.78 5.91
CA ALA E 496 49.15 -16.26 7.13
C ALA E 496 48.63 -14.84 6.91
N GLU E 497 49.36 -14.02 6.15
CA GLU E 497 48.96 -12.64 5.91
C GLU E 497 47.90 -12.52 4.83
N GLY E 498 47.64 -13.58 4.06
CA GLY E 498 46.58 -13.54 3.07
C GLY E 498 47.05 -13.82 1.65
N GLY E 499 48.22 -14.43 1.51
CA GLY E 499 48.78 -14.72 0.21
C GLY E 499 48.42 -16.12 -0.27
N VAL E 500 48.91 -16.44 -1.47
CA VAL E 500 48.77 -17.76 -2.06
C VAL E 500 50.11 -18.48 -1.92
N SER E 501 50.08 -19.70 -1.40
CA SER E 501 51.32 -20.41 -1.08
C SER E 501 52.10 -20.72 -2.35
N GLY E 502 53.37 -20.33 -2.35
CA GLY E 502 54.26 -20.61 -3.47
C GLY E 502 53.97 -19.79 -4.71
N PHE E 503 53.60 -18.52 -4.54
CA PHE E 503 53.14 -17.73 -5.68
C PHE E 503 54.29 -17.09 -6.45
N GLY E 504 55.27 -16.51 -5.76
CA GLY E 504 56.33 -15.76 -6.40
C GLY E 504 57.00 -16.51 -7.54
N PRO E 505 57.64 -15.77 -8.47
CA PRO E 505 57.91 -14.33 -8.45
C PRO E 505 57.19 -13.46 -9.51
N ILE E 506 56.84 -14.00 -10.66
CA ILE E 506 56.27 -13.25 -11.78
C ILE E 506 57.21 -12.12 -12.19
N ASP E 507 58.39 -12.49 -12.69
CA ASP E 507 59.34 -11.52 -13.23
C ASP E 507 59.70 -11.86 -14.68
N THR E 508 58.91 -12.72 -15.31
CA THR E 508 59.16 -13.19 -16.66
C THR E 508 57.84 -13.30 -17.40
N ARG E 509 57.88 -13.15 -18.73
CA ARG E 509 56.69 -13.40 -19.52
C ARG E 509 56.24 -14.85 -19.39
N ALA E 510 57.20 -15.77 -19.25
CA ALA E 510 56.84 -17.18 -19.04
C ALA E 510 56.17 -17.37 -17.69
N ALA E 511 56.61 -16.62 -16.67
CA ALA E 511 56.01 -16.75 -15.34
C ALA E 511 54.58 -16.22 -15.33
N LEU E 512 54.36 -15.04 -15.94
CA LEU E 512 53.00 -14.52 -16.06
C LEU E 512 52.12 -15.46 -16.88
N ILE E 513 52.70 -16.14 -17.87
CA ILE E 513 51.93 -17.07 -18.70
C ILE E 513 51.42 -18.23 -17.88
N PHE E 514 52.27 -18.80 -17.01
CA PHE E 514 51.84 -19.90 -16.17
C PHE E 514 50.74 -19.47 -15.21
N ALA E 515 50.99 -18.39 -14.44
CA ALA E 515 50.01 -17.93 -13.48
C ALA E 515 48.65 -17.65 -14.12
N CYS E 516 48.65 -17.16 -15.37
CA CYS E 516 47.40 -16.93 -16.06
C CYS E 516 46.80 -18.22 -16.61
N THR E 517 47.63 -19.21 -16.91
CA THR E 517 47.11 -20.51 -17.33
C THR E 517 46.49 -21.24 -16.15
N LYS E 518 47.21 -21.32 -15.03
CA LYS E 518 46.73 -22.02 -13.85
C LYS E 518 45.43 -21.41 -13.34
N VAL E 519 45.35 -20.07 -13.32
CA VAL E 519 44.13 -19.41 -12.88
C VAL E 519 42.97 -19.76 -13.81
N ILE E 520 43.17 -19.59 -15.12
CA ILE E 520 42.12 -19.88 -16.08
C ILE E 520 41.72 -21.35 -16.01
N PHE E 521 42.71 -22.23 -15.82
CA PHE E 521 42.40 -23.66 -15.70
C PHE E 521 41.55 -23.92 -14.47
N THR E 522 41.91 -23.33 -13.33
CA THR E 522 41.15 -23.53 -12.10
C THR E 522 39.76 -22.91 -12.20
N ALA E 523 39.64 -21.78 -12.90
CA ALA E 523 38.32 -21.19 -13.09
C ALA E 523 37.44 -22.05 -13.98
N SER E 524 38.04 -22.82 -14.89
CA SER E 524 37.28 -23.53 -15.91
C SER E 524 37.36 -25.04 -15.76
N ALA E 525 38.45 -25.64 -16.27
CA ALA E 525 38.53 -27.09 -16.40
C ALA E 525 38.48 -27.80 -15.04
N GLU E 526 39.41 -27.45 -14.14
CA GLU E 526 39.50 -28.13 -12.86
C GLU E 526 38.17 -28.06 -12.11
N HIS E 527 37.54 -26.88 -12.09
CA HIS E 527 36.27 -26.75 -11.39
C HIS E 527 35.19 -27.60 -12.03
N SER E 528 35.22 -27.74 -13.35
CA SER E 528 34.30 -28.66 -14.00
C SER E 528 34.55 -30.09 -13.56
N ALA E 529 35.83 -30.47 -13.44
CA ALA E 529 36.19 -31.83 -13.06
C ALA E 529 35.82 -32.18 -11.63
N VAL E 530 35.42 -31.21 -10.81
CA VAL E 530 35.13 -31.45 -9.40
C VAL E 530 33.72 -31.02 -9.03
N ASN E 531 33.20 -29.95 -9.65
CA ASN E 531 31.92 -29.40 -9.20
C ASN E 531 30.74 -30.21 -9.71
N PHE E 532 30.78 -30.63 -10.98
CA PHE E 532 29.66 -31.33 -11.60
C PHE E 532 29.59 -32.82 -11.27
N PRO E 533 30.71 -33.51 -10.92
CA PRO E 533 30.57 -34.86 -10.37
C PRO E 533 29.68 -34.94 -9.14
N GLN E 534 29.37 -33.80 -8.54
CA GLN E 534 28.49 -33.80 -7.37
C GLN E 534 27.08 -34.22 -7.75
N LYS E 535 26.57 -33.76 -8.90
CA LYS E 535 25.24 -34.18 -9.33
C LYS E 535 25.24 -35.60 -9.87
N ASP E 536 26.25 -35.96 -10.67
CA ASP E 536 26.23 -37.25 -11.33
C ASP E 536 26.76 -38.37 -10.43
N LEU E 537 27.77 -38.08 -9.60
CA LEU E 537 28.47 -39.13 -8.89
C LEU E 537 28.37 -39.06 -7.37
N MET E 538 27.69 -38.05 -6.82
CA MET E 538 27.69 -37.84 -5.38
C MET E 538 26.31 -37.62 -4.77
N SER E 539 25.25 -37.69 -5.56
CA SER E 539 23.92 -37.43 -5.01
C SER E 539 23.43 -38.63 -4.20
N TYR E 540 23.77 -39.84 -4.63
CA TYR E 540 23.31 -41.05 -3.97
C TYR E 540 24.17 -41.32 -2.74
N ALA E 541 23.54 -41.32 -1.56
CA ALA E 541 24.30 -41.51 -0.32
C ALA E 541 24.99 -42.86 -0.22
N PRO E 542 24.36 -44.00 -0.57
CA PRO E 542 25.10 -45.27 -0.44
C PRO E 542 26.35 -45.35 -1.29
N ALA E 543 26.40 -44.63 -2.41
CA ALA E 543 27.59 -44.68 -3.24
C ALA E 543 28.75 -43.92 -2.60
N ILE E 544 28.45 -42.81 -1.94
CA ILE E 544 29.46 -41.95 -1.32
C ILE E 544 28.74 -40.86 -0.54
N THR E 545 29.21 -40.56 0.67
CA THR E 545 28.58 -39.54 1.50
C THR E 545 29.61 -39.04 2.51
N GLY E 546 29.18 -38.04 3.29
CA GLY E 546 30.12 -37.34 4.16
C GLY E 546 30.47 -38.06 5.45
N ALA E 547 29.58 -38.92 5.93
CA ALA E 547 29.80 -39.61 7.19
C ALA E 547 29.52 -41.09 7.06
N GLY E 548 30.31 -41.89 7.78
CA GLY E 548 29.87 -43.24 8.10
C GLY E 548 28.97 -43.23 9.31
N TRP E 549 27.98 -44.12 9.31
CA TRP E 549 26.99 -44.12 10.36
C TRP E 549 26.94 -45.43 11.15
N THR E 550 27.79 -46.40 10.82
CA THR E 550 28.25 -47.41 11.76
C THR E 550 29.73 -47.17 12.02
N ALA E 551 30.38 -48.14 12.64
CA ALA E 551 31.68 -47.87 13.23
C ALA E 551 32.78 -47.88 12.19
N ALA E 552 32.85 -48.94 11.40
CA ALA E 552 34.11 -49.30 10.78
C ALA E 552 33.85 -50.16 9.56
N PRO E 553 34.89 -50.41 8.76
CA PRO E 553 34.80 -51.45 7.73
C PRO E 553 34.54 -52.84 8.32
N PRO E 554 35.19 -53.21 9.46
CA PRO E 554 34.79 -54.49 10.09
C PRO E 554 33.29 -54.51 10.33
N SER E 555 32.56 -55.05 9.36
CA SER E 555 31.11 -54.92 9.33
C SER E 555 30.45 -55.76 10.42
N GLN E 556 29.37 -55.22 10.99
CA GLN E 556 28.66 -55.90 12.07
C GLN E 556 27.16 -56.01 11.81
N GLY E 557 26.73 -55.90 10.56
CA GLY E 557 25.33 -56.07 10.24
C GLY E 557 24.91 -55.56 8.88
N PRO E 558 23.64 -55.17 8.77
CA PRO E 558 23.08 -54.77 7.48
C PRO E 558 23.76 -53.53 6.92
N LEU E 559 23.74 -53.42 5.59
CA LEU E 559 24.35 -52.28 4.92
C LEU E 559 23.60 -50.99 5.20
N LYS E 560 22.28 -51.06 5.38
CA LYS E 560 21.48 -49.86 5.53
C LYS E 560 21.83 -49.08 6.79
N ASP E 561 22.52 -49.69 7.75
CA ASP E 561 22.85 -49.01 8.99
C ASP E 561 24.09 -48.12 8.85
N PHE E 562 24.96 -48.40 7.89
CA PHE E 562 26.12 -47.55 7.60
C PHE E 562 25.72 -46.29 6.84
N GLN E 563 24.51 -46.23 6.29
CA GLN E 563 24.04 -45.11 5.51
C GLN E 563 23.51 -43.99 6.42
N PRO E 564 23.44 -42.76 5.92
CA PRO E 564 22.99 -41.64 6.75
C PRO E 564 21.50 -41.69 7.00
N PRO E 565 21.01 -40.96 8.01
CA PRO E 565 19.56 -40.85 8.20
C PRO E 565 18.90 -40.13 7.03
N LEU E 566 17.63 -40.47 6.80
CA LEU E 566 16.95 -40.04 5.58
C LEU E 566 16.87 -38.52 5.47
N GLU E 567 16.60 -37.83 6.58
CA GLU E 567 16.46 -36.38 6.53
C GLU E 567 17.73 -35.72 6.01
N LEU E 568 18.90 -36.29 6.35
CA LEU E 568 20.15 -35.77 5.79
C LEU E 568 20.40 -36.31 4.39
N ALA E 569 20.06 -37.59 4.16
CA ALA E 569 20.26 -38.19 2.85
C ALA E 569 19.46 -37.47 1.77
N GLU E 570 18.31 -36.91 2.13
CA GLU E 570 17.57 -36.09 1.17
C GLU E 570 18.28 -34.77 0.91
N LEU E 571 18.84 -34.16 1.95
CA LEU E 571 19.56 -32.91 1.79
C LEU E 571 20.81 -33.09 0.94
N GLN E 572 21.55 -34.18 1.14
CA GLN E 572 22.75 -34.43 0.36
C GLN E 572 22.44 -34.50 -1.12
N ALA E 573 21.41 -35.27 -1.48
CA ALA E 573 21.04 -35.39 -2.89
C ALA E 573 20.63 -34.03 -3.46
N GLU E 574 19.86 -33.26 -2.70
CA GLU E 574 19.32 -32.01 -3.23
C GLU E 574 20.41 -30.94 -3.37
N PHE E 575 21.21 -30.73 -2.32
CA PHE E 575 22.19 -29.66 -2.39
C PHE E 575 23.33 -30.00 -3.33
N LEU E 576 23.68 -31.28 -3.48
CA LEU E 576 24.67 -31.67 -4.48
C LEU E 576 24.07 -31.67 -5.88
N TYR E 577 22.76 -31.93 -6.01
CA TYR E 577 22.09 -31.76 -7.29
C TYR E 577 22.18 -30.31 -7.76
N LEU E 578 21.99 -29.37 -6.83
CA LEU E 578 22.02 -27.95 -7.17
C LEU E 578 23.42 -27.49 -7.54
N LEU E 579 24.44 -27.96 -6.79
CA LEU E 579 25.80 -27.51 -7.06
C LEU E 579 26.36 -28.15 -8.33
N GLY E 580 25.84 -29.28 -8.74
CA GLY E 580 26.33 -29.93 -9.94
C GLY E 580 25.47 -29.76 -11.16
N GLY E 581 24.37 -29.02 -11.07
CA GLY E 581 23.43 -28.95 -12.17
C GLY E 581 23.29 -27.59 -12.82
N VAL E 582 24.31 -26.75 -12.75
CA VAL E 582 24.29 -25.42 -13.35
C VAL E 582 25.51 -25.27 -14.24
N HIS E 583 25.31 -25.37 -15.55
CA HIS E 583 26.33 -25.02 -16.54
C HIS E 583 25.94 -23.66 -17.12
N HIS E 584 26.55 -22.60 -16.58
CA HIS E 584 26.32 -21.25 -17.06
C HIS E 584 27.67 -20.61 -17.35
N THR E 585 27.74 -19.86 -18.46
CA THR E 585 28.96 -19.36 -19.08
C THR E 585 29.82 -20.52 -19.59
N LYS E 586 30.55 -20.30 -20.68
CA LYS E 586 31.23 -21.37 -21.41
C LYS E 586 32.66 -20.97 -21.73
N LEU E 587 33.59 -21.90 -21.49
CA LEU E 587 35.01 -21.61 -21.68
C LEU E 587 35.30 -21.25 -23.13
N GLY E 588 36.03 -20.16 -23.32
CA GLY E 588 36.37 -19.65 -24.62
C GLY E 588 35.47 -18.55 -25.12
N PHE E 589 34.29 -18.40 -24.53
CA PHE E 589 33.29 -17.43 -24.99
C PHE E 589 33.23 -16.31 -23.96
N TYR E 590 33.98 -15.25 -24.22
CA TYR E 590 34.11 -14.12 -23.31
C TYR E 590 33.05 -13.08 -23.61
N ASN E 591 32.14 -12.86 -22.66
CA ASN E 591 31.10 -11.85 -22.79
C ASN E 591 30.96 -11.12 -21.46
N SER E 592 29.96 -10.26 -21.36
CA SER E 592 29.73 -9.44 -20.18
C SER E 592 28.72 -10.08 -19.25
N ASN E 593 28.74 -9.63 -17.98
CA ASN E 593 27.75 -10.04 -17.00
C ASN E 593 26.55 -9.10 -16.94
N SER E 594 26.30 -8.36 -18.01
CA SER E 594 25.21 -7.39 -18.07
C SER E 594 24.17 -7.85 -19.09
N PHE E 595 23.08 -7.09 -19.16
CA PHE E 595 21.92 -7.52 -19.93
C PHE E 595 22.21 -7.73 -21.42
N PRO E 596 22.95 -6.85 -22.12
CA PRO E 596 23.21 -7.14 -23.55
C PRO E 596 23.98 -8.44 -23.77
N TYR E 597 24.81 -8.84 -22.81
CA TYR E 597 25.68 -10.01 -22.95
C TYR E 597 26.48 -9.93 -24.25
N ARG E 598 26.97 -8.74 -24.56
CA ARG E 598 27.80 -8.52 -25.73
C ARG E 598 29.20 -9.06 -25.49
N ALA E 599 29.98 -9.12 -26.57
CA ALA E 599 31.37 -9.56 -26.46
C ALA E 599 32.13 -8.66 -25.50
N TRP E 600 33.13 -9.24 -24.82
CA TRP E 600 33.84 -8.53 -23.77
C TRP E 600 35.11 -7.83 -24.25
N PHE E 601 35.92 -8.49 -25.07
CA PHE E 601 37.12 -7.86 -25.59
C PHE E 601 36.76 -6.76 -26.58
N LYS E 602 37.68 -5.80 -26.72
CA LYS E 602 37.51 -4.67 -27.64
C LYS E 602 38.63 -4.56 -28.65
N ASP E 603 39.87 -4.86 -28.25
CA ASP E 603 41.00 -4.91 -29.16
C ASP E 603 40.68 -5.86 -30.32
N PRO E 604 40.60 -5.35 -31.55
CA PRO E 604 40.28 -6.24 -32.68
C PRO E 604 41.33 -7.30 -32.95
N LYS E 605 42.55 -7.15 -32.40
CA LYS E 605 43.54 -8.21 -32.48
C LYS E 605 43.04 -9.47 -31.81
N ILE E 606 42.46 -9.34 -30.63
CA ILE E 606 41.91 -10.49 -29.92
C ILE E 606 40.54 -10.86 -30.46
N THR E 607 39.74 -9.86 -30.82
CA THR E 607 38.37 -10.12 -31.26
C THR E 607 38.35 -10.96 -32.54
N ALA E 608 39.22 -10.65 -33.50
CA ALA E 608 39.15 -11.26 -34.81
C ALA E 608 40.41 -12.05 -35.15
N GLU E 609 41.08 -12.64 -34.14
CA GLU E 609 42.26 -13.45 -34.39
C GLU E 609 42.62 -14.33 -33.22
N LEU E 610 43.00 -13.72 -32.09
CA LEU E 610 43.56 -14.48 -30.98
C LEU E 610 42.51 -15.37 -30.30
N LEU E 611 41.38 -14.78 -29.90
CA LEU E 611 40.31 -15.60 -29.32
C LEU E 611 39.73 -16.59 -30.32
N PRO E 612 39.50 -16.25 -31.60
CA PRO E 612 39.08 -17.29 -32.55
C PRO E 612 40.08 -18.43 -32.67
N ALA E 613 41.38 -18.14 -32.58
CA ALA E 613 42.38 -19.20 -32.55
C ALA E 613 42.17 -20.11 -31.34
N PHE E 614 41.90 -19.51 -30.18
CA PHE E 614 41.60 -20.28 -28.98
C PHE E 614 40.36 -21.15 -29.17
N GLN E 615 39.28 -20.56 -29.68
CA GLN E 615 38.01 -21.27 -29.75
C GLN E 615 38.06 -22.44 -30.72
N ARG E 616 38.82 -22.34 -31.81
CA ARG E 616 38.95 -23.45 -32.72
C ARG E 616 39.67 -24.62 -32.06
N ASP E 617 40.79 -24.35 -31.39
CA ASP E 617 41.52 -25.38 -30.66
C ASP E 617 40.61 -26.10 -29.68
N LEU E 618 39.73 -25.37 -29.00
CA LEU E 618 38.80 -26.00 -28.08
C LEU E 618 37.75 -26.80 -28.83
N ALA E 619 37.29 -26.30 -29.98
CA ALA E 619 36.39 -27.09 -30.81
C ALA E 619 37.08 -28.34 -31.35
N ALA E 620 38.39 -28.26 -31.58
CA ALA E 620 39.14 -29.44 -32.04
C ALA E 620 39.31 -30.46 -30.92
N SER E 621 39.84 -30.01 -29.77
CA SER E 621 40.00 -30.91 -28.64
C SER E 621 38.69 -31.51 -28.19
N GLU E 622 37.57 -30.81 -28.42
CA GLU E 622 36.26 -31.35 -28.07
C GLU E 622 35.97 -32.63 -28.84
N GLU E 623 36.29 -32.65 -30.14
CA GLU E 623 36.02 -33.83 -30.94
C GLU E 623 36.92 -34.99 -30.55
N LEU E 624 38.17 -34.71 -30.18
CA LEU E 624 39.06 -35.76 -29.71
C LEU E 624 38.56 -36.35 -28.39
N ILE E 625 38.04 -35.50 -27.50
CA ILE E 625 37.52 -35.99 -26.22
C ILE E 625 36.19 -36.69 -26.41
N VAL E 626 35.28 -36.11 -27.20
CA VAL E 626 34.00 -36.75 -27.46
C VAL E 626 34.21 -38.10 -28.14
N ALA E 627 35.22 -38.20 -28.99
CA ALA E 627 35.56 -39.49 -29.61
C ALA E 627 35.95 -40.51 -28.54
N ALA E 628 36.90 -40.15 -27.68
CA ALA E 628 37.37 -41.09 -26.67
C ALA E 628 36.29 -41.44 -25.67
N ASN E 629 35.32 -40.54 -25.47
CA ASN E 629 34.30 -40.77 -24.44
C ASN E 629 33.28 -41.82 -24.84
N ALA E 630 32.99 -41.94 -26.15
CA ALA E 630 32.10 -42.99 -26.59
C ALA E 630 32.67 -44.37 -26.31
N THR E 631 33.97 -44.55 -26.57
CA THR E 631 34.64 -45.83 -26.32
C THR E 631 34.76 -46.14 -24.83
N ARG E 632 34.38 -45.22 -23.95
CA ARG E 632 34.52 -45.40 -22.52
C ARG E 632 33.19 -45.81 -21.91
N THR E 633 33.25 -46.72 -20.93
CA THR E 633 32.05 -47.11 -20.19
C THR E 633 31.76 -46.13 -19.06
N PHE E 634 32.80 -45.69 -18.36
CA PHE E 634 32.68 -44.68 -17.31
C PHE E 634 32.89 -43.32 -17.96
N LYS E 635 31.81 -42.57 -18.14
CA LYS E 635 31.85 -41.36 -18.94
C LYS E 635 32.64 -40.26 -18.21
N TYR E 636 33.13 -39.29 -19.00
CA TYR E 636 33.82 -38.12 -18.44
C TYR E 636 33.53 -36.92 -19.33
N THR E 637 32.37 -36.30 -19.11
CA THR E 637 31.96 -35.11 -19.83
C THR E 637 32.58 -33.84 -19.28
N TYR E 638 33.19 -33.90 -18.10
CA TYR E 638 33.60 -32.70 -17.36
C TYR E 638 34.75 -31.95 -18.01
N MET E 639 35.42 -32.54 -19.01
CA MET E 639 36.48 -31.86 -19.74
C MET E 639 36.10 -31.59 -21.19
N ILE E 640 34.81 -31.67 -21.51
CA ILE E 640 34.35 -31.36 -22.86
C ILE E 640 34.25 -29.85 -23.02
N PRO E 641 35.00 -29.24 -23.95
CA PRO E 641 35.04 -27.79 -24.06
C PRO E 641 33.69 -27.08 -24.09
N SER E 642 32.66 -27.70 -24.65
CA SER E 642 31.36 -27.04 -24.68
C SER E 642 30.75 -26.96 -23.28
N THR E 643 30.94 -27.99 -22.47
CA THR E 643 30.32 -28.04 -21.15
C THR E 643 31.05 -27.20 -20.11
N ILE E 644 32.34 -26.94 -20.29
CA ILE E 644 33.13 -26.25 -19.27
C ILE E 644 32.67 -24.81 -19.14
N PRO E 645 32.60 -24.25 -17.93
CA PRO E 645 32.35 -22.81 -17.78
C PRO E 645 33.64 -22.01 -17.81
N MET E 646 33.47 -20.69 -17.96
CA MET E 646 34.60 -19.77 -17.88
C MET E 646 35.14 -19.71 -16.45
N SER E 647 34.24 -19.56 -15.47
CA SER E 647 34.61 -19.16 -14.13
C SER E 647 33.97 -20.10 -13.11
N ILE E 648 34.32 -19.86 -11.85
CA ILE E 648 33.64 -20.47 -10.72
C ILE E 648 32.43 -19.59 -10.38
N ASN E 649 31.23 -20.15 -10.52
CA ASN E 649 30.02 -19.36 -10.25
C ASN E 649 28.95 -20.12 -9.49
N ILE E 650 28.88 -21.44 -9.58
CA ILE E 650 28.05 -22.23 -8.70
C ILE E 650 29.00 -23.10 -7.90
N ASN F 3 -43.18 -58.66 -58.49
CA ASN F 3 -44.51 -59.24 -58.58
C ASN F 3 -45.55 -58.20 -58.18
N ILE F 4 -46.83 -58.53 -58.39
CA ILE F 4 -47.93 -57.60 -58.12
C ILE F 4 -48.99 -58.30 -57.28
N PRO F 5 -49.38 -57.73 -56.15
CA PRO F 5 -50.43 -58.35 -55.32
C PRO F 5 -51.77 -58.33 -56.02
N THR F 6 -52.62 -59.29 -55.63
CA THR F 6 -53.96 -59.40 -56.19
C THR F 6 -54.91 -59.89 -55.11
N LEU F 7 -56.19 -59.57 -55.28
CA LEU F 7 -57.22 -60.04 -54.38
C LEU F 7 -57.34 -61.56 -54.48
N PRO F 8 -57.95 -62.22 -53.49
CA PRO F 8 -58.08 -63.67 -53.56
C PRO F 8 -58.91 -64.16 -54.75
N GLN F 9 -60.01 -63.48 -55.06
CA GLN F 9 -60.87 -63.93 -56.15
C GLN F 9 -60.22 -63.71 -57.51
N ASN F 10 -59.33 -62.74 -57.62
CA ASN F 10 -58.64 -62.45 -58.88
C ASN F 10 -57.31 -63.19 -59.03
N ASP F 11 -56.88 -63.92 -58.01
CA ASP F 11 -55.52 -64.42 -57.99
C ASP F 11 -55.35 -65.57 -58.99
N PRO F 12 -54.24 -65.61 -59.71
CA PRO F 12 -54.05 -66.70 -60.68
C PRO F 12 -53.92 -68.08 -60.04
N ARG F 13 -53.35 -68.16 -58.84
CA ARG F 13 -53.07 -69.44 -58.18
C ARG F 13 -53.77 -69.47 -56.83
N PRO F 14 -55.08 -69.77 -56.81
CA PRO F 14 -55.82 -69.70 -55.54
C PRO F 14 -55.42 -70.76 -54.53
N GLU F 15 -55.15 -71.99 -54.98
CA GLU F 15 -54.91 -73.09 -54.03
C GLU F 15 -53.58 -72.90 -53.29
N GLN F 16 -52.54 -72.46 -53.98
CA GLN F 16 -51.27 -72.18 -53.32
C GLN F 16 -51.40 -71.00 -52.36
N ARG F 17 -52.19 -70.00 -52.73
CA ARG F 17 -52.48 -68.91 -51.81
C ARG F 17 -53.16 -69.42 -50.54
N ALA F 18 -54.05 -70.39 -50.68
CA ALA F 18 -54.76 -70.92 -49.52
C ALA F 18 -53.85 -71.73 -48.62
N GLN F 19 -52.79 -72.34 -49.19
CA GLN F 19 -51.93 -73.21 -48.39
C GLN F 19 -50.94 -72.43 -47.53
N GLN F 20 -50.50 -71.25 -47.98
CA GLN F 20 -49.70 -70.40 -47.11
C GLN F 20 -50.54 -69.82 -45.98
N LEU F 21 -51.82 -69.53 -46.24
CA LEU F 21 -52.72 -69.06 -45.20
C LEU F 21 -52.86 -70.08 -44.09
N ASP F 22 -53.00 -71.36 -44.44
CA ASP F 22 -53.14 -72.40 -43.43
C ASP F 22 -51.86 -72.58 -42.63
N LYS F 23 -50.70 -72.53 -43.29
CA LYS F 23 -49.45 -72.56 -42.56
C LYS F 23 -49.28 -71.29 -41.72
N ALA F 24 -49.88 -70.19 -42.15
CA ALA F 24 -49.80 -68.95 -41.37
C ALA F 24 -50.61 -69.07 -40.08
N ARG F 25 -51.82 -69.60 -40.17
CA ARG F 25 -52.65 -69.74 -38.98
C ARG F 25 -52.07 -70.74 -37.99
N GLU F 26 -51.12 -71.59 -38.42
CA GLU F 26 -50.37 -72.40 -37.48
C GLU F 26 -49.23 -71.61 -36.85
N THR F 27 -48.59 -70.73 -37.63
CA THR F 27 -47.55 -69.87 -37.07
C THR F 27 -48.14 -68.86 -36.09
N TYR F 28 -49.35 -68.36 -36.38
CA TYR F 28 -50.01 -67.34 -35.58
C TYR F 28 -51.33 -67.92 -35.07
N LYS F 29 -51.29 -68.48 -33.86
CA LYS F 29 -52.48 -68.95 -33.18
C LYS F 29 -52.65 -68.15 -31.89
N TYR F 30 -53.90 -68.06 -31.43
CA TYR F 30 -54.24 -67.16 -30.34
C TYR F 30 -53.89 -67.76 -28.98
N ALA F 31 -53.62 -66.88 -28.03
CA ALA F 31 -53.43 -67.25 -26.63
C ALA F 31 -54.11 -66.21 -25.75
N ASP F 32 -54.40 -66.61 -24.53
CA ASP F 32 -55.09 -65.75 -23.56
C ASP F 32 -54.09 -65.25 -22.52
N LEU F 33 -53.13 -64.45 -22.98
CA LEU F 33 -52.18 -63.83 -22.06
C LEU F 33 -52.81 -62.68 -21.28
N LEU F 34 -53.73 -61.96 -21.91
CA LEU F 34 -54.51 -60.93 -21.23
C LEU F 34 -55.98 -61.27 -21.46
N PRO F 35 -56.75 -61.54 -20.42
CA PRO F 35 -58.16 -61.94 -20.58
C PRO F 35 -58.95 -60.90 -21.36
N PRO F 36 -60.18 -61.24 -21.84
CA PRO F 36 -60.81 -60.52 -22.96
C PRO F 36 -59.90 -59.70 -23.88
N LEU F 37 -58.97 -60.38 -24.56
CA LEU F 37 -58.19 -59.76 -25.63
C LEU F 37 -57.56 -60.84 -26.49
N ALA F 38 -57.54 -60.61 -27.79
CA ALA F 38 -56.87 -61.48 -28.73
C ALA F 38 -55.38 -61.21 -28.69
N PHE F 39 -54.58 -62.22 -28.35
CA PHE F 39 -53.16 -62.02 -28.08
C PHE F 39 -52.35 -63.09 -28.77
N CYS F 40 -51.05 -62.80 -28.93
CA CYS F 40 -50.14 -63.69 -29.64
C CYS F 40 -49.51 -64.69 -28.68
N GLU F 41 -49.56 -65.97 -29.05
CA GLU F 41 -48.99 -67.07 -28.27
C GLU F 41 -47.47 -66.99 -28.38
N GLY F 42 -46.89 -66.11 -27.59
CA GLY F 42 -45.48 -65.78 -27.67
C GLY F 42 -45.17 -64.91 -28.87
N VAL F 43 -43.90 -64.94 -29.26
CA VAL F 43 -43.41 -64.16 -30.39
C VAL F 43 -43.01 -65.13 -31.49
N PRO F 44 -43.78 -65.25 -32.58
CA PRO F 44 -43.40 -66.17 -33.65
C PRO F 44 -42.08 -65.76 -34.28
N LYS F 45 -41.27 -66.75 -34.64
CA LYS F 45 -39.92 -66.51 -35.13
C LYS F 45 -39.82 -65.44 -36.22
N PRO F 46 -40.73 -65.34 -37.20
CA PRO F 46 -40.64 -64.23 -38.16
C PRO F 46 -40.73 -62.85 -37.53
N ASP F 47 -41.44 -62.70 -36.42
CA ASP F 47 -41.65 -61.40 -35.79
C ASP F 47 -40.69 -61.14 -34.63
N THR F 48 -39.53 -61.80 -34.62
CA THR F 48 -38.48 -61.45 -33.68
C THR F 48 -38.01 -60.03 -33.95
N PRO F 49 -37.63 -59.28 -32.92
CA PRO F 49 -37.04 -57.95 -33.16
C PRO F 49 -35.82 -58.05 -34.08
N SER F 50 -35.79 -57.18 -35.09
CA SER F 50 -34.67 -57.15 -36.01
C SER F 50 -33.40 -56.73 -35.27
N ALA F 51 -32.26 -56.92 -35.94
CA ALA F 51 -30.97 -56.68 -35.29
C ALA F 51 -30.73 -55.19 -35.08
N ALA F 52 -31.15 -54.35 -36.03
CA ALA F 52 -30.94 -52.91 -35.89
C ALA F 52 -31.75 -52.34 -34.74
N TRP F 53 -32.96 -52.88 -34.53
CA TRP F 53 -33.78 -52.47 -33.38
C TRP F 53 -33.08 -52.81 -32.07
N LEU F 54 -32.39 -53.95 -32.01
CA LEU F 54 -31.70 -54.36 -30.80
C LEU F 54 -30.52 -53.44 -30.51
N VAL F 55 -29.70 -53.14 -31.53
CA VAL F 55 -28.57 -52.23 -31.34
C VAL F 55 -29.06 -50.86 -30.94
N THR F 56 -30.12 -50.36 -31.58
CA THR F 56 -30.74 -49.11 -31.17
C THR F 56 -31.16 -49.16 -29.71
N VAL F 57 -31.93 -50.18 -29.34
CA VAL F 57 -32.36 -50.34 -27.96
C VAL F 57 -31.15 -50.52 -27.05
N GLY F 58 -30.16 -51.30 -27.50
CA GLY F 58 -29.03 -51.62 -26.65
C GLY F 58 -28.25 -50.39 -26.20
N LYS F 59 -28.13 -49.39 -27.09
CA LYS F 59 -27.41 -48.17 -26.71
C LYS F 59 -28.12 -47.45 -25.57
N VAL F 60 -29.45 -47.39 -25.61
CA VAL F 60 -30.19 -46.72 -24.55
C VAL F 60 -30.21 -47.59 -23.30
N ALA F 61 -30.33 -48.91 -23.46
CA ALA F 61 -30.34 -49.80 -22.31
C ALA F 61 -29.02 -49.79 -21.56
N ALA F 62 -27.93 -49.35 -22.20
CA ALA F 62 -26.65 -49.23 -21.50
C ALA F 62 -26.57 -47.93 -20.72
N ALA F 63 -27.12 -46.85 -21.26
CA ALA F 63 -27.12 -45.57 -20.54
C ALA F 63 -27.95 -45.67 -19.27
N VAL F 64 -29.06 -46.40 -19.33
CA VAL F 64 -29.91 -46.59 -18.15
C VAL F 64 -29.14 -47.30 -17.05
N ALA F 65 -28.40 -48.36 -17.41
CA ALA F 65 -27.61 -49.08 -16.42
C ALA F 65 -26.43 -48.24 -15.94
N LEU F 66 -25.77 -47.53 -16.86
CA LEU F 66 -24.65 -46.66 -16.46
C LEU F 66 -25.13 -45.55 -15.53
N ASN F 67 -26.34 -45.03 -15.77
CA ASN F 67 -26.93 -44.08 -14.84
C ASN F 67 -27.14 -44.72 -13.47
N ALA F 68 -27.54 -45.99 -13.45
CA ALA F 68 -27.76 -46.68 -12.19
C ALA F 68 -26.44 -46.88 -11.44
N VAL F 69 -25.37 -47.18 -12.15
CA VAL F 69 -24.08 -47.42 -11.50
C VAL F 69 -23.50 -46.12 -10.94
N ALA F 70 -23.50 -45.05 -11.76
CA ALA F 70 -23.04 -43.76 -11.26
C ALA F 70 -23.88 -43.27 -10.09
N ASN F 71 -25.18 -43.59 -10.09
CA ASN F 71 -26.01 -43.29 -8.92
C ASN F 71 -25.56 -44.07 -7.70
N ARG F 72 -25.03 -45.28 -7.91
CA ARG F 72 -24.62 -46.12 -6.79
C ARG F 72 -23.21 -45.79 -6.30
N ARG F 73 -22.39 -45.12 -7.12
CA ARG F 73 -21.16 -44.55 -6.59
C ARG F 73 -21.46 -43.38 -5.66
N ALA F 74 -22.41 -42.52 -6.05
CA ALA F 74 -22.73 -41.33 -5.26
C ALA F 74 -23.38 -41.71 -3.94
N TRP F 75 -24.41 -42.56 -4.00
CA TRP F 75 -24.89 -43.20 -2.79
C TRP F 75 -23.75 -44.01 -2.18
N LYS F 76 -23.60 -43.88 -0.85
CA LYS F 76 -22.39 -44.36 -0.17
C LYS F 76 -21.16 -43.65 -0.74
N ARG F 77 -21.09 -42.35 -0.43
CA ARG F 77 -20.10 -41.46 -1.03
C ARG F 77 -18.72 -41.61 -0.39
N PHE F 87 -14.32 -50.99 -6.67
CA PHE F 87 -14.05 -51.79 -7.86
C PHE F 87 -15.30 -52.58 -8.26
N ASP F 88 -16.07 -53.00 -7.26
CA ASP F 88 -17.36 -53.64 -7.54
C ASP F 88 -18.28 -52.68 -8.27
N VAL F 89 -18.34 -51.42 -7.83
CA VAL F 89 -19.09 -50.40 -8.55
C VAL F 89 -18.34 -49.86 -9.75
N GLY F 90 -17.13 -50.36 -10.01
CA GLY F 90 -16.41 -50.01 -11.20
C GLY F 90 -16.41 -51.15 -12.20
N GLY F 91 -16.42 -52.38 -11.69
CA GLY F 91 -16.49 -53.53 -12.56
C GLY F 91 -17.81 -53.61 -13.31
N THR F 92 -18.90 -53.33 -12.61
CA THR F 92 -20.20 -53.28 -13.27
C THR F 92 -20.24 -52.22 -14.35
N SER F 93 -19.48 -51.13 -14.17
CA SER F 93 -19.45 -50.07 -15.18
C SER F 93 -18.73 -50.52 -16.44
N GLU F 94 -17.60 -51.20 -16.28
CA GLU F 94 -16.79 -51.55 -17.44
C GLU F 94 -17.46 -52.61 -18.30
N GLU F 95 -18.22 -53.53 -17.68
CA GLU F 95 -18.98 -54.50 -18.46
C GLU F 95 -20.05 -53.81 -19.29
N ASP F 96 -20.73 -52.82 -18.71
CA ASP F 96 -21.67 -52.02 -19.47
C ASP F 96 -20.95 -51.23 -20.57
N GLN F 97 -19.80 -50.63 -20.23
CA GLN F 97 -19.00 -49.94 -21.24
C GLN F 97 -18.54 -50.91 -22.34
N ASN F 98 -18.22 -52.14 -21.96
CA ASN F 98 -17.84 -53.14 -22.95
C ASN F 98 -19.04 -53.57 -23.78
N GLU F 99 -20.23 -53.63 -23.18
CA GLU F 99 -21.43 -53.93 -23.93
C GLU F 99 -21.73 -52.87 -24.97
N ALA F 100 -21.43 -51.60 -24.66
CA ALA F 100 -21.50 -50.56 -25.67
C ALA F 100 -20.48 -50.80 -26.77
N GLY F 101 -19.31 -51.33 -26.41
CA GLY F 101 -18.35 -51.73 -27.42
C GLY F 101 -18.85 -52.89 -28.25
N HIS F 102 -19.53 -53.85 -27.60
CA HIS F 102 -20.14 -54.96 -28.32
C HIS F 102 -21.10 -54.45 -29.40
N ASN F 103 -22.03 -53.58 -29.01
CA ASN F 103 -23.04 -53.11 -29.96
C ASN F 103 -22.42 -52.33 -31.12
N SER F 104 -21.30 -51.65 -30.87
CA SER F 104 -20.71 -50.81 -31.91
C SER F 104 -19.96 -51.66 -32.95
N PHE F 105 -19.10 -52.56 -32.49
CA PHE F 105 -18.19 -53.27 -33.38
C PHE F 105 -18.64 -54.67 -33.74
N LEU F 106 -19.10 -55.46 -32.77
CA LEU F 106 -19.51 -56.83 -33.08
C LEU F 106 -20.69 -56.84 -34.05
N ALA F 107 -21.60 -55.88 -33.92
CA ALA F 107 -22.74 -55.77 -34.80
C ALA F 107 -22.45 -54.92 -36.03
N ARG F 108 -21.18 -54.56 -36.27
CA ARG F 108 -20.86 -53.64 -37.36
C ARG F 108 -21.07 -54.30 -38.72
N LEU F 109 -20.66 -55.56 -38.87
CA LEU F 109 -20.88 -56.25 -40.14
C LEU F 109 -22.35 -56.46 -40.42
N GLU F 110 -23.15 -56.66 -39.37
CA GLU F 110 -24.58 -56.98 -39.48
C GLU F 110 -24.83 -58.27 -40.25
N ASN F 111 -23.78 -59.01 -40.60
CA ASN F 111 -23.91 -60.22 -41.38
C ASN F 111 -22.93 -61.28 -40.88
N ASP F 123 -24.68 -68.12 -33.99
CA ASP F 123 -25.97 -67.49 -33.77
C ASP F 123 -25.82 -66.18 -32.99
N GLU F 124 -26.93 -65.45 -32.84
CA GLU F 124 -26.89 -64.10 -32.31
C GLU F 124 -26.23 -64.09 -30.92
N PRO F 125 -25.26 -63.21 -30.69
CA PRO F 125 -24.53 -63.23 -29.42
C PRO F 125 -25.01 -62.18 -28.43
N SER F 126 -24.45 -60.98 -28.53
CA SER F 126 -24.79 -59.91 -27.60
C SER F 126 -26.25 -59.50 -27.73
N VAL F 127 -26.73 -59.35 -28.96
CA VAL F 127 -28.05 -58.79 -29.19
C VAL F 127 -29.14 -59.71 -28.65
N LEU F 128 -28.98 -61.02 -28.84
CA LEU F 128 -30.05 -61.97 -28.51
C LEU F 128 -30.37 -61.94 -27.01
N ASP F 129 -29.35 -62.19 -26.19
CA ASP F 129 -29.58 -62.27 -24.74
C ASP F 129 -29.63 -60.89 -24.11
N GLU F 130 -28.53 -60.15 -24.17
CA GLU F 130 -28.37 -58.97 -23.33
C GLU F 130 -29.42 -57.91 -23.63
N VAL F 131 -29.59 -57.56 -24.91
CA VAL F 131 -30.51 -56.48 -25.26
C VAL F 131 -31.93 -56.83 -24.82
N ASN F 132 -32.36 -58.06 -25.07
CA ASN F 132 -33.69 -58.49 -24.64
C ASN F 132 -33.78 -58.71 -23.14
N GLU F 133 -32.69 -59.12 -22.49
CA GLU F 133 -32.71 -59.34 -21.05
C GLU F 133 -32.64 -58.03 -20.29
N ARG F 134 -31.73 -57.14 -20.70
CA ARG F 134 -31.61 -55.84 -20.04
C ARG F 134 -32.92 -55.07 -20.11
N VAL F 135 -33.63 -55.19 -21.24
CA VAL F 135 -34.97 -54.61 -21.33
C VAL F 135 -35.91 -55.31 -20.36
N ALA F 136 -35.77 -56.63 -20.23
CA ALA F 136 -36.65 -57.39 -19.36
C ALA F 136 -36.42 -57.06 -17.89
N ALA F 137 -35.15 -56.81 -17.51
CA ALA F 137 -34.87 -56.44 -16.13
C ALA F 137 -35.38 -55.04 -15.80
N ILE F 138 -35.38 -54.13 -16.78
CA ILE F 138 -35.82 -52.77 -16.56
C ILE F 138 -37.33 -52.70 -16.47
N LEU F 139 -38.03 -53.24 -17.47
CA LEU F 139 -39.49 -53.21 -17.47
C LEU F 139 -40.08 -54.18 -16.46
N GLY F 140 -39.31 -55.17 -16.03
CA GLY F 140 -39.73 -56.11 -15.00
C GLY F 140 -39.42 -55.67 -13.59
N ALA F 141 -38.84 -54.49 -13.41
CA ALA F 141 -38.55 -53.94 -12.08
C ALA F 141 -37.65 -54.87 -11.29
N LYS F 142 -36.87 -55.69 -11.97
CA LYS F 142 -36.03 -56.64 -11.25
C LYS F 142 -34.81 -55.93 -10.69
N PRO F 143 -34.35 -56.32 -9.49
CA PRO F 143 -33.07 -55.80 -9.01
C PRO F 143 -31.91 -56.32 -9.84
N ASN F 144 -30.68 -56.03 -9.41
CA ASN F 144 -29.46 -56.46 -10.09
C ASN F 144 -29.37 -55.95 -11.52
N ARG F 145 -30.15 -54.92 -11.87
CA ARG F 145 -30.07 -54.36 -13.23
C ARG F 145 -28.77 -53.60 -13.44
N HIS F 146 -27.83 -53.72 -12.51
CA HIS F 146 -26.59 -52.95 -12.58
C HIS F 146 -25.55 -53.63 -13.47
N VAL F 147 -25.45 -54.96 -13.40
CA VAL F 147 -24.38 -55.64 -14.12
C VAL F 147 -24.89 -56.94 -14.74
N PRO F 148 -24.58 -57.20 -16.02
CA PRO F 148 -25.01 -58.44 -16.66
C PRO F 148 -23.82 -59.33 -16.99
N PRO F 149 -24.05 -60.64 -17.37
CA PRO F 149 -22.96 -61.62 -17.44
C PRO F 149 -21.63 -61.27 -16.78
N ALA F 150 -21.61 -61.26 -15.45
CA ALA F 150 -20.39 -61.04 -14.69
C ALA F 150 -19.93 -62.33 -14.04
N VAL F 174 -34.90 -54.11 -2.75
CA VAL F 174 -34.29 -52.80 -2.61
C VAL F 174 -32.94 -52.90 -1.90
N SER F 175 -31.91 -52.33 -2.50
CA SER F 175 -30.56 -52.36 -1.96
C SER F 175 -30.25 -51.03 -1.30
N LYS F 176 -29.90 -51.08 -0.01
CA LYS F 176 -29.43 -49.88 0.68
C LYS F 176 -28.09 -49.39 0.18
N ASP F 177 -27.51 -50.05 -0.82
CA ASP F 177 -26.31 -49.57 -1.50
C ASP F 177 -26.64 -48.67 -2.70
N GLY F 178 -27.92 -48.47 -3.00
CA GLY F 178 -28.33 -47.56 -4.04
C GLY F 178 -29.40 -46.61 -3.54
N PRO F 179 -29.71 -45.58 -4.34
CA PRO F 179 -30.74 -44.61 -3.93
C PRO F 179 -32.04 -45.26 -3.51
N ASN F 180 -32.48 -45.01 -2.28
CA ASN F 180 -33.63 -45.69 -1.72
C ASN F 180 -34.27 -44.83 -0.63
N GLY F 181 -35.42 -45.31 -0.16
CA GLY F 181 -36.10 -44.70 0.97
C GLY F 181 -36.84 -43.40 0.72
N ARG F 182 -36.63 -42.43 1.59
CA ARG F 182 -37.32 -41.15 1.52
C ARG F 182 -36.35 -40.04 1.15
N PRO F 183 -36.84 -38.96 0.53
CA PRO F 183 -35.93 -37.92 0.03
C PRO F 183 -35.45 -36.98 1.13
N GLN F 184 -34.14 -36.68 1.10
CA GLN F 184 -33.61 -35.66 2.00
C GLN F 184 -34.07 -34.27 1.56
N SER F 185 -33.90 -33.95 0.29
CA SER F 185 -34.44 -32.72 -0.28
C SER F 185 -34.80 -33.00 -1.73
N MET F 186 -35.53 -32.05 -2.33
CA MET F 186 -35.98 -32.22 -3.71
C MET F 186 -34.83 -32.36 -4.69
N ASP F 187 -33.61 -31.99 -4.28
CA ASP F 187 -32.44 -32.13 -5.16
C ASP F 187 -32.24 -33.57 -5.57
N ASP F 188 -32.47 -34.52 -4.65
CA ASP F 188 -32.15 -35.92 -4.90
C ASP F 188 -32.91 -36.50 -6.08
N TYR F 189 -34.04 -35.91 -6.46
CA TYR F 189 -34.77 -36.40 -7.63
C TYR F 189 -34.05 -36.00 -8.92
N ALA F 190 -33.62 -34.74 -9.01
CA ALA F 190 -32.86 -34.31 -10.17
C ALA F 190 -31.43 -34.82 -10.14
N ASN F 191 -30.91 -35.15 -8.96
CA ASN F 191 -29.58 -35.75 -8.87
C ASN F 191 -29.57 -37.21 -9.30
N LEU F 192 -30.74 -37.81 -9.55
CA LEU F 192 -30.76 -39.15 -10.13
C LEU F 192 -30.22 -39.16 -11.55
N PHE F 193 -30.54 -38.12 -12.32
CA PHE F 193 -30.13 -38.02 -13.73
C PHE F 193 -28.65 -37.64 -13.77
N ARG F 194 -27.81 -38.66 -13.65
CA ARG F 194 -26.36 -38.47 -13.59
C ARG F 194 -25.67 -38.78 -14.92
N ARG F 195 -25.94 -39.95 -15.50
CA ARG F 195 -25.41 -40.30 -16.81
C ARG F 195 -26.42 -40.10 -17.93
N ILE F 196 -27.69 -39.94 -17.60
CA ILE F 196 -28.70 -39.54 -18.56
C ILE F 196 -29.01 -38.06 -18.35
N THR F 197 -29.72 -37.46 -19.30
CA THR F 197 -29.99 -36.03 -19.25
C THR F 197 -31.27 -35.75 -18.50
N LEU F 198 -31.20 -34.83 -17.54
CA LEU F 198 -32.40 -34.35 -16.87
C LEU F 198 -33.29 -33.64 -17.89
N PRO F 199 -34.61 -33.89 -17.86
CA PRO F 199 -35.50 -33.27 -18.85
C PRO F 199 -35.67 -31.78 -18.58
N PRO F 200 -36.10 -31.01 -19.58
CA PRO F 200 -36.28 -29.57 -19.36
C PRO F 200 -37.51 -29.24 -18.51
N ILE F 201 -38.55 -30.06 -18.60
CA ILE F 201 -39.77 -29.84 -17.83
C ILE F 201 -39.51 -29.82 -16.32
N ALA F 202 -38.39 -30.42 -15.88
CA ALA F 202 -38.08 -30.45 -14.45
C ALA F 202 -37.93 -29.06 -13.86
N SER F 203 -37.51 -28.09 -14.66
CA SER F 203 -37.37 -26.71 -14.23
C SER F 203 -38.57 -25.85 -14.61
N THR F 204 -39.62 -26.45 -15.15
CA THR F 204 -40.77 -25.71 -15.63
C THR F 204 -42.11 -26.21 -15.12
N TRP F 205 -42.16 -27.36 -14.44
CA TRP F 205 -43.43 -28.04 -14.21
C TRP F 205 -44.35 -27.25 -13.28
N LYS F 206 -43.80 -26.39 -12.42
CA LYS F 206 -44.64 -25.67 -11.47
C LYS F 206 -45.42 -24.54 -12.11
N ASN F 207 -44.90 -23.95 -13.20
CA ASN F 207 -45.62 -22.89 -13.90
C ASN F 207 -46.98 -23.40 -14.38
N ASP F 208 -48.01 -22.57 -14.18
CA ASP F 208 -49.36 -22.96 -14.56
C ASP F 208 -49.48 -23.15 -16.07
N SER F 209 -48.77 -22.34 -16.86
CA SER F 209 -48.82 -22.49 -18.31
C SER F 209 -48.20 -23.80 -18.75
N ALA F 210 -47.22 -24.32 -18.01
CA ALA F 210 -46.67 -25.62 -18.33
C ALA F 210 -47.65 -26.73 -17.97
N PHE F 211 -48.41 -26.55 -16.90
CA PHE F 211 -49.45 -27.51 -16.55
C PHE F 211 -50.51 -27.61 -17.64
N ALA F 212 -50.85 -26.47 -18.25
CA ALA F 212 -51.88 -26.47 -19.29
C ALA F 212 -51.32 -26.93 -20.62
N ALA F 213 -50.01 -26.79 -20.85
CA ALA F 213 -49.41 -27.28 -22.07
C ALA F 213 -49.50 -28.81 -22.16
N TYR F 214 -49.56 -29.48 -21.00
CA TYR F 214 -49.72 -30.93 -20.97
C TYR F 214 -51.01 -31.35 -21.66
N ARG F 215 -52.09 -30.61 -21.45
CA ARG F 215 -53.41 -30.97 -21.94
C ARG F 215 -53.56 -30.79 -23.45
N VAL F 216 -52.63 -30.07 -24.08
CA VAL F 216 -52.64 -29.89 -25.52
C VAL F 216 -51.34 -30.29 -26.22
N ALA F 217 -50.23 -30.48 -25.50
CA ALA F 217 -48.95 -30.88 -26.10
C ALA F 217 -48.20 -31.86 -25.21
N GLY F 218 -48.91 -32.64 -24.38
CA GLY F 218 -48.30 -33.54 -23.46
C GLY F 218 -48.58 -34.98 -23.81
N PRO F 219 -48.31 -35.90 -22.86
CA PRO F 219 -48.50 -37.33 -23.14
C PRO F 219 -49.92 -37.67 -23.57
N ASN F 220 -50.92 -37.19 -22.85
CA ASN F 220 -52.32 -37.34 -23.23
C ASN F 220 -52.82 -35.97 -23.67
N ALA F 221 -52.85 -35.75 -24.98
CA ALA F 221 -53.30 -34.50 -25.56
C ALA F 221 -54.68 -34.62 -26.20
N SER F 222 -55.37 -35.74 -25.99
CA SER F 222 -56.70 -35.96 -26.52
C SER F 222 -57.78 -35.81 -25.45
N MET F 223 -57.43 -35.22 -24.30
CA MET F 223 -58.26 -35.28 -23.10
C MET F 223 -59.35 -34.22 -23.05
N ILE F 224 -59.01 -32.96 -23.35
CA ILE F 224 -59.95 -31.86 -23.12
C ILE F 224 -61.16 -31.99 -24.02
N GLN F 225 -62.27 -31.39 -23.57
CA GLN F 225 -63.46 -31.27 -24.39
C GLN F 225 -64.15 -29.95 -24.06
N ARG F 226 -64.54 -29.22 -25.10
CA ARG F 226 -65.25 -27.97 -24.92
C ARG F 226 -66.62 -28.21 -24.29
N ILE F 227 -67.02 -27.30 -23.41
CA ILE F 227 -68.31 -27.36 -22.73
C ILE F 227 -69.01 -26.02 -22.88
N THR F 228 -70.33 -26.05 -23.04
CA THR F 228 -71.14 -24.84 -23.04
C THR F 228 -71.80 -24.59 -21.68
N GLU F 229 -71.83 -25.59 -20.81
CA GLU F 229 -72.31 -25.43 -19.45
C GLU F 229 -71.47 -26.31 -18.53
N LEU F 230 -71.53 -26.00 -17.24
CA LEU F 230 -70.69 -26.68 -16.27
C LEU F 230 -71.37 -27.93 -15.72
N PRO F 231 -70.58 -28.94 -15.35
CA PRO F 231 -71.15 -30.12 -14.68
C PRO F 231 -71.80 -29.75 -13.36
N ASP F 232 -72.75 -30.57 -12.93
CA ASP F 232 -73.37 -30.35 -11.63
C ASP F 232 -72.36 -30.58 -10.51
N ASN F 233 -71.42 -31.50 -10.70
CA ASN F 233 -70.45 -31.89 -9.69
C ASN F 233 -69.19 -31.02 -9.70
N PHE F 234 -69.13 -29.98 -10.55
CA PHE F 234 -67.94 -29.14 -10.69
C PHE F 234 -68.43 -27.72 -10.97
N ALA F 235 -68.91 -27.05 -9.92
CA ALA F 235 -69.52 -25.74 -10.04
C ALA F 235 -68.49 -24.67 -9.66
N VAL F 236 -67.59 -24.40 -10.61
CA VAL F 236 -66.63 -23.32 -10.40
C VAL F 236 -67.36 -21.99 -10.45
N THR F 237 -66.92 -21.06 -9.61
CA THR F 237 -67.58 -19.76 -9.52
C THR F 237 -66.98 -18.78 -10.52
N ASP F 238 -67.62 -17.62 -10.63
CA ASP F 238 -67.04 -16.53 -11.40
C ASP F 238 -65.75 -16.03 -10.75
N ALA F 239 -65.64 -16.16 -9.44
CA ALA F 239 -64.44 -15.72 -8.73
C ALA F 239 -63.22 -16.54 -9.14
N HIS F 240 -63.39 -17.86 -9.26
CA HIS F 240 -62.27 -18.70 -9.67
C HIS F 240 -61.83 -18.38 -11.09
N TYR F 241 -62.79 -18.13 -11.99
CA TYR F 241 -62.45 -17.85 -13.38
C TYR F 241 -61.76 -16.50 -13.51
N LYS F 242 -62.18 -15.52 -12.71
CA LYS F 242 -61.55 -14.20 -12.76
C LYS F 242 -60.18 -14.19 -12.08
N GLN F 243 -59.92 -15.14 -11.18
CA GLN F 243 -58.58 -15.28 -10.63
C GLN F 243 -57.57 -15.64 -11.73
N ALA F 244 -57.95 -16.56 -12.62
CA ALA F 244 -57.03 -17.02 -13.65
C ALA F 244 -56.97 -16.04 -14.82
N MET F 245 -58.10 -15.49 -15.24
CA MET F 245 -58.16 -14.67 -16.45
C MET F 245 -58.11 -13.17 -16.18
N GLY F 246 -58.49 -12.73 -14.99
CA GLY F 246 -58.55 -11.31 -14.70
C GLY F 246 -59.97 -10.77 -14.75
N GLU F 247 -60.05 -9.44 -14.84
CA GLU F 247 -61.33 -8.74 -14.85
C GLU F 247 -61.78 -8.36 -16.25
N GLY F 248 -61.17 -8.93 -17.29
CA GLY F 248 -61.54 -8.70 -18.66
C GLY F 248 -62.46 -9.73 -19.28
N ASP F 249 -62.85 -10.74 -18.51
CA ASP F 249 -63.69 -11.83 -19.01
C ASP F 249 -64.64 -12.27 -17.91
N SER F 250 -65.65 -13.04 -18.31
CA SER F 250 -66.62 -13.61 -17.39
C SER F 250 -66.84 -15.07 -17.73
N LEU F 251 -67.07 -15.89 -16.69
CA LEU F 251 -67.29 -17.32 -16.92
C LEU F 251 -68.50 -17.55 -17.81
N ASP F 252 -69.57 -16.79 -17.59
CA ASP F 252 -70.76 -16.92 -18.43
C ASP F 252 -70.53 -16.45 -19.86
N ALA F 253 -69.44 -15.70 -20.10
CA ALA F 253 -69.10 -15.28 -21.45
C ALA F 253 -68.14 -16.26 -22.13
N ALA F 254 -67.35 -16.99 -21.34
CA ALA F 254 -66.46 -18.01 -21.92
C ALA F 254 -67.25 -19.23 -22.37
N LYS F 255 -68.27 -19.62 -21.61
CA LYS F 255 -69.18 -20.66 -22.06
C LYS F 255 -70.04 -20.20 -23.23
N ALA F 256 -70.18 -18.88 -23.40
CA ALA F 256 -70.91 -18.34 -24.55
C ALA F 256 -70.07 -18.40 -25.82
N GLU F 257 -68.83 -17.92 -25.74
CA GLU F 257 -67.93 -17.87 -26.89
C GLU F 257 -67.11 -19.16 -27.06
N GLY F 258 -67.52 -20.23 -26.39
CA GLY F 258 -66.87 -21.51 -26.54
C GLY F 258 -65.42 -21.56 -26.12
N ARG F 259 -65.05 -20.82 -25.08
CA ARG F 259 -63.67 -20.74 -24.62
C ARG F 259 -63.44 -21.52 -23.33
N LEU F 260 -64.39 -22.37 -22.93
CA LEU F 260 -64.22 -23.26 -21.79
C LEU F 260 -63.87 -24.65 -22.27
N PHE F 261 -62.99 -25.32 -21.53
CA PHE F 261 -62.52 -26.65 -21.93
C PHE F 261 -62.31 -27.47 -20.66
N LEU F 262 -63.12 -28.52 -20.49
CA LEU F 262 -63.05 -29.38 -19.32
C LEU F 262 -62.34 -30.68 -19.65
N ALA F 263 -61.59 -31.20 -18.67
CA ALA F 263 -60.89 -32.46 -18.79
C ALA F 263 -61.23 -33.33 -17.58
N ASP F 264 -61.82 -34.48 -17.83
CA ASP F 264 -62.26 -35.39 -16.77
C ASP F 264 -61.33 -36.58 -16.65
N TRP F 265 -61.25 -37.13 -15.44
CA TRP F 265 -60.55 -38.37 -15.17
C TRP F 265 -61.47 -39.36 -14.45
N LYS F 266 -62.78 -39.23 -14.72
CA LYS F 266 -63.79 -40.03 -14.05
C LYS F 266 -63.50 -41.52 -14.14
N LEU F 267 -62.97 -41.97 -15.29
CA LEU F 267 -62.75 -43.40 -15.50
C LEU F 267 -61.74 -43.96 -14.52
N ILE F 268 -60.79 -43.14 -14.06
CA ILE F 268 -59.84 -43.59 -13.05
C ILE F 268 -60.58 -43.99 -11.78
N GLY F 269 -61.62 -43.24 -11.40
CA GLY F 269 -62.38 -43.57 -10.21
C GLY F 269 -63.30 -44.76 -10.40
N GLU F 270 -63.81 -44.95 -11.63
CA GLU F 270 -64.66 -46.09 -11.92
C GLU F 270 -63.93 -47.42 -11.85
N THR F 271 -62.62 -47.42 -11.75
CA THR F 271 -61.86 -48.62 -12.08
C THR F 271 -60.79 -48.99 -11.07
N LEU F 272 -60.00 -48.02 -10.59
CA LEU F 272 -58.80 -48.37 -9.88
C LEU F 272 -59.06 -48.66 -8.39
N VAL F 273 -58.09 -49.32 -7.78
CA VAL F 273 -58.06 -49.60 -6.35
C VAL F 273 -56.65 -49.30 -5.85
N ASN F 274 -56.55 -48.50 -4.79
CA ASN F 274 -55.24 -48.06 -4.30
C ASN F 274 -54.47 -49.22 -3.68
N ASN F 275 -53.21 -49.36 -4.07
CA ASN F 275 -52.32 -50.38 -3.54
C ASN F 275 -51.30 -49.72 -2.60
N THR F 276 -50.63 -50.56 -1.82
CA THR F 276 -49.62 -50.11 -0.87
C THR F 276 -48.27 -50.71 -1.26
N TYR F 277 -47.22 -49.88 -1.25
CA TYR F 277 -45.87 -50.31 -1.56
C TYR F 277 -45.02 -50.22 -0.30
N LYS F 278 -44.47 -51.36 0.12
CA LYS F 278 -43.67 -51.47 1.34
C LYS F 278 -44.36 -50.76 2.51
N GLY F 279 -45.66 -51.02 2.64
CA GLY F 279 -46.50 -50.38 3.63
C GLY F 279 -47.00 -48.99 3.27
N ALA F 280 -46.16 -48.20 2.61
CA ALA F 280 -46.53 -46.82 2.27
C ALA F 280 -47.76 -46.79 1.38
N GLN F 281 -48.58 -45.76 1.56
CA GLN F 281 -49.85 -45.64 0.85
C GLN F 281 -49.66 -44.86 -0.44
N LYS F 282 -49.94 -45.50 -1.57
CA LYS F 282 -50.03 -44.81 -2.84
C LYS F 282 -51.48 -44.39 -3.09
N THR F 283 -51.65 -43.17 -3.58
CA THR F 283 -52.98 -42.59 -3.75
C THR F 283 -53.11 -41.99 -5.15
N VAL F 284 -54.29 -42.15 -5.74
CA VAL F 284 -54.63 -41.52 -7.01
C VAL F 284 -56.08 -41.08 -6.95
N TYR F 285 -56.36 -39.89 -7.48
CA TYR F 285 -57.70 -39.33 -7.47
C TYR F 285 -58.32 -39.45 -8.86
N ALA F 286 -59.52 -38.88 -9.00
CA ALA F 286 -60.21 -38.79 -10.29
C ALA F 286 -60.66 -37.35 -10.49
N PRO F 287 -59.72 -36.45 -10.81
CA PRO F 287 -60.01 -35.02 -10.75
C PRO F 287 -60.96 -34.56 -11.85
N LEU F 288 -61.36 -33.29 -11.72
CA LEU F 288 -62.08 -32.56 -12.75
C LEU F 288 -61.38 -31.21 -12.90
N ALA F 289 -60.92 -30.92 -14.12
CA ALA F 289 -60.07 -29.75 -14.35
C ALA F 289 -60.66 -28.91 -15.48
N LEU F 290 -61.04 -27.68 -15.16
CA LEU F 290 -61.51 -26.74 -16.17
C LEU F 290 -60.35 -25.88 -16.65
N PHE F 291 -60.32 -25.61 -17.96
CA PHE F 291 -59.35 -24.72 -18.57
C PHE F 291 -60.10 -23.71 -19.42
N ALA F 292 -59.43 -22.59 -19.72
CA ALA F 292 -60.05 -21.54 -20.51
C ALA F 292 -58.97 -20.79 -21.28
N VAL F 293 -59.35 -20.28 -22.44
CA VAL F 293 -58.43 -19.52 -23.29
C VAL F 293 -58.80 -18.04 -23.23
N PRO F 294 -57.84 -17.13 -23.39
CA PRO F 294 -58.16 -15.69 -23.40
C PRO F 294 -59.10 -15.34 -24.53
N PRO F 295 -59.82 -14.22 -24.42
CA PRO F 295 -60.80 -13.87 -25.45
C PRO F 295 -60.16 -13.41 -26.75
N GLY F 296 -60.84 -13.70 -27.85
CA GLY F 296 -60.33 -13.37 -29.16
C GLY F 296 -59.22 -14.27 -29.67
N GLY F 297 -58.99 -15.40 -29.00
CA GLY F 297 -57.89 -16.28 -29.36
C GLY F 297 -56.89 -16.42 -28.22
N GLY F 298 -56.07 -17.44 -28.26
CA GLY F 298 -55.07 -17.64 -27.23
C GLY F 298 -54.85 -19.12 -26.96
N SER F 299 -54.00 -19.38 -25.97
CA SER F 299 -53.64 -20.72 -25.58
C SER F 299 -54.36 -21.12 -24.31
N LEU F 300 -54.31 -22.42 -24.00
CA LEU F 300 -54.96 -22.94 -22.82
C LEU F 300 -54.32 -22.38 -21.55
N ALA F 301 -55.15 -22.18 -20.53
CA ALA F 301 -54.70 -21.70 -19.23
C ALA F 301 -55.60 -22.30 -18.17
N PRO F 302 -55.05 -22.78 -17.06
CA PRO F 302 -55.87 -23.50 -16.07
C PRO F 302 -56.79 -22.56 -15.31
N VAL F 303 -57.83 -23.15 -14.72
CA VAL F 303 -58.82 -22.39 -13.96
C VAL F 303 -59.06 -23.04 -12.61
N ALA F 304 -59.57 -24.27 -12.61
CA ALA F 304 -60.00 -24.89 -11.37
C ALA F 304 -59.77 -26.39 -11.43
N ILE F 305 -59.66 -26.99 -10.24
CA ILE F 305 -59.42 -28.43 -10.09
C ILE F 305 -60.19 -28.92 -8.87
N GLN F 306 -61.03 -29.92 -9.05
CA GLN F 306 -61.68 -30.60 -7.92
C GLN F 306 -61.17 -32.04 -7.89
N PRO F 307 -60.37 -32.42 -6.90
CA PRO F 307 -59.67 -33.71 -6.95
C PRO F 307 -60.58 -34.93 -7.06
N GLY F 308 -61.86 -34.83 -6.67
CA GLY F 308 -62.75 -35.97 -6.69
C GLY F 308 -64.01 -35.68 -7.48
N GLN F 309 -64.63 -36.77 -7.94
CA GLN F 309 -65.84 -36.63 -8.76
C GLN F 309 -67.01 -36.09 -7.95
N THR F 310 -67.09 -36.45 -6.67
CA THR F 310 -68.23 -36.07 -5.84
C THR F 310 -67.86 -34.88 -4.97
N PRO F 311 -68.58 -33.76 -5.05
CA PRO F 311 -68.31 -32.65 -4.14
C PRO F 311 -68.64 -33.04 -2.70
N SER F 312 -67.78 -32.63 -1.77
CA SER F 312 -67.90 -33.04 -0.38
C SER F 312 -67.20 -32.01 0.48
N PRO F 313 -67.33 -32.11 1.80
CA PRO F 313 -66.42 -31.33 2.66
C PRO F 313 -64.96 -31.67 2.43
N THR F 314 -64.65 -32.95 2.24
CA THR F 314 -63.27 -33.37 2.02
C THR F 314 -62.77 -33.03 0.62
N ASN F 315 -63.65 -32.71 -0.32
CA ASN F 315 -63.29 -32.51 -1.72
C ASN F 315 -63.90 -31.20 -2.20
N LYS F 316 -63.06 -30.19 -2.43
CA LYS F 316 -63.54 -28.89 -2.85
C LYS F 316 -62.63 -28.30 -3.91
N ILE F 317 -63.14 -27.28 -4.60
CA ILE F 317 -62.46 -26.68 -5.73
C ILE F 317 -61.26 -25.88 -5.26
N TYR F 318 -60.14 -26.03 -5.95
CA TYR F 318 -58.97 -25.19 -5.76
C TYR F 318 -58.74 -24.34 -7.01
N ALA F 319 -58.23 -23.13 -6.80
CA ALA F 319 -58.11 -22.18 -7.90
C ALA F 319 -56.71 -21.60 -8.00
N THR F 320 -56.53 -20.64 -8.91
CA THR F 320 -55.19 -20.21 -9.31
C THR F 320 -54.43 -19.55 -8.16
N GLN F 321 -55.09 -18.75 -7.34
CA GLN F 321 -54.43 -17.95 -6.32
C GLN F 321 -54.35 -18.66 -4.96
N ASP F 322 -54.52 -19.97 -4.92
CA ASP F 322 -54.57 -20.70 -3.66
C ASP F 322 -53.21 -21.20 -3.20
N GLY F 323 -52.12 -20.73 -3.81
CA GLY F 323 -50.78 -21.09 -3.38
C GLY F 323 -50.39 -22.55 -3.40
N ASN F 324 -50.04 -23.09 -2.22
CA ASN F 324 -49.52 -24.44 -2.16
C ASN F 324 -50.58 -25.48 -2.51
N ASP F 325 -51.81 -25.30 -2.01
CA ASP F 325 -52.88 -26.25 -2.32
C ASP F 325 -53.15 -26.31 -3.82
N TRP F 326 -52.98 -25.20 -4.53
CA TRP F 326 -53.12 -25.22 -5.98
C TRP F 326 -52.06 -26.10 -6.63
N LEU F 327 -50.81 -26.00 -6.18
CA LEU F 327 -49.75 -26.81 -6.76
C LEU F 327 -50.00 -28.29 -6.52
N ALA F 328 -50.42 -28.64 -5.31
CA ALA F 328 -50.77 -30.04 -5.04
C ALA F 328 -52.07 -30.44 -5.72
N ALA F 329 -52.90 -29.46 -6.10
CA ALA F 329 -54.11 -29.78 -6.85
C ALA F 329 -53.76 -30.15 -8.29
N LYS F 330 -52.75 -29.48 -8.86
CA LYS F 330 -52.26 -29.86 -10.18
C LYS F 330 -51.50 -31.18 -10.12
N SER F 331 -50.70 -31.37 -9.07
CA SER F 331 -49.94 -32.62 -8.94
C SER F 331 -50.85 -33.82 -8.81
N ALA F 332 -51.96 -33.68 -8.09
CA ALA F 332 -52.93 -34.77 -8.01
C ALA F 332 -53.52 -35.07 -9.38
N VAL F 333 -53.66 -34.06 -10.23
CA VAL F 333 -54.10 -34.29 -11.60
C VAL F 333 -53.03 -35.05 -12.37
N GLN F 334 -51.75 -34.68 -12.16
CA GLN F 334 -50.66 -35.33 -12.89
C GLN F 334 -50.55 -36.81 -12.54
N VAL F 335 -50.91 -37.20 -11.32
CA VAL F 335 -50.97 -38.62 -10.99
C VAL F 335 -52.08 -39.30 -11.77
N ALA F 336 -53.20 -38.61 -11.97
CA ALA F 336 -54.31 -39.19 -12.72
C ALA F 336 -53.94 -39.36 -14.20
N GLU F 337 -53.41 -38.31 -14.81
CA GLU F 337 -52.94 -38.41 -16.19
C GLU F 337 -51.83 -39.45 -16.33
N GLY F 338 -51.00 -39.60 -15.30
CA GLY F 338 -49.95 -40.59 -15.36
C GLY F 338 -50.49 -42.01 -15.43
N ASN F 339 -51.53 -42.31 -14.63
CA ASN F 339 -52.19 -43.60 -14.76
C ASN F 339 -53.03 -43.69 -16.03
N TYR F 340 -53.76 -42.62 -16.35
CA TYR F 340 -54.60 -42.60 -17.54
C TYR F 340 -53.76 -42.81 -18.80
N HIS F 341 -52.74 -41.98 -19.00
CA HIS F 341 -51.91 -42.09 -20.20
C HIS F 341 -51.32 -43.48 -20.35
N GLU F 342 -50.72 -44.00 -19.27
CA GLU F 342 -49.93 -45.22 -19.39
C GLU F 342 -50.80 -46.44 -19.70
N LEU F 343 -52.06 -46.43 -19.28
CA LEU F 343 -52.94 -47.58 -19.47
C LEU F 343 -54.13 -47.35 -20.39
N VAL F 344 -54.46 -46.10 -20.70
CA VAL F 344 -55.55 -45.81 -21.63
C VAL F 344 -54.95 -45.31 -22.95
N SER F 345 -54.38 -44.11 -22.93
CA SER F 345 -53.90 -43.48 -24.15
C SER F 345 -52.78 -44.30 -24.79
N HIS F 346 -51.92 -44.88 -23.98
CA HIS F 346 -50.71 -45.52 -24.49
C HIS F 346 -50.90 -47.02 -24.68
N LEU F 347 -50.78 -47.79 -23.60
CA LEU F 347 -50.81 -49.25 -23.73
C LEU F 347 -52.20 -49.74 -24.11
N GLY F 348 -53.24 -49.06 -23.68
CA GLY F 348 -54.60 -49.47 -24.02
C GLY F 348 -54.95 -49.21 -25.47
N LEU F 349 -55.03 -47.93 -25.85
CA LEU F 349 -55.61 -47.54 -27.14
C LEU F 349 -54.57 -47.39 -28.25
N THR F 350 -53.38 -47.97 -28.08
CA THR F 350 -52.45 -48.10 -29.21
C THR F 350 -51.95 -49.54 -29.31
N HIS F 351 -51.18 -49.98 -28.30
CA HIS F 351 -50.67 -51.34 -28.25
C HIS F 351 -51.78 -52.37 -28.35
N LEU F 352 -52.63 -52.43 -27.33
CA LEU F 352 -53.62 -53.50 -27.22
C LEU F 352 -54.75 -53.35 -28.23
N LEU F 353 -54.98 -52.15 -28.76
CA LEU F 353 -55.95 -52.02 -29.85
C LEU F 353 -55.38 -52.60 -31.14
N LEU F 354 -54.06 -52.55 -31.33
CA LEU F 354 -53.43 -53.08 -32.53
C LEU F 354 -53.15 -54.58 -32.46
N GLU F 355 -53.01 -55.15 -31.27
CA GLU F 355 -52.72 -56.58 -31.15
C GLU F 355 -53.73 -57.46 -31.87
N PRO F 356 -55.04 -57.24 -31.76
CA PRO F 356 -55.97 -58.08 -32.56
C PRO F 356 -55.83 -57.86 -34.05
N ILE F 357 -55.65 -56.61 -34.48
CA ILE F 357 -55.57 -56.32 -35.90
C ILE F 357 -54.30 -56.91 -36.51
N VAL F 358 -53.23 -56.99 -35.73
CA VAL F 358 -52.04 -57.70 -36.20
C VAL F 358 -52.35 -59.18 -36.41
N MET F 359 -53.11 -59.77 -35.48
CA MET F 359 -53.38 -61.21 -35.56
C MET F 359 -54.31 -61.52 -36.72
N ALA F 360 -55.45 -60.82 -36.80
CA ALA F 360 -56.41 -61.10 -37.86
C ALA F 360 -55.81 -60.87 -39.24
N THR F 361 -54.80 -60.00 -39.35
CA THR F 361 -54.16 -59.76 -40.64
C THR F 361 -53.29 -60.94 -41.04
N TYR F 362 -52.53 -61.51 -40.09
CA TYR F 362 -51.71 -62.67 -40.38
C TYR F 362 -52.56 -63.89 -40.71
N ARG F 363 -53.76 -64.00 -40.13
CA ARG F 363 -54.54 -65.23 -40.22
C ARG F 363 -55.58 -65.23 -41.33
N GLN F 364 -56.03 -64.07 -41.79
CA GLN F 364 -57.07 -64.02 -42.82
C GLN F 364 -56.61 -63.38 -44.12
N LEU F 365 -55.55 -62.59 -44.13
CA LEU F 365 -54.99 -62.03 -45.35
C LEU F 365 -53.73 -62.80 -45.74
N ALA F 366 -53.59 -63.05 -47.03
CA ALA F 366 -52.47 -63.82 -47.55
C ALA F 366 -51.26 -62.92 -47.82
N GLN F 367 -50.09 -63.56 -47.87
CA GLN F 367 -48.87 -62.83 -48.19
C GLN F 367 -48.92 -62.21 -49.59
N HIS F 368 -49.82 -62.68 -50.44
CA HIS F 368 -50.10 -62.04 -51.72
C HIS F 368 -51.27 -61.06 -51.63
N HIS F 369 -51.74 -60.76 -50.42
CA HIS F 369 -52.85 -59.80 -50.45
C HIS F 369 -52.30 -58.39 -50.40
N PRO F 370 -52.90 -57.47 -51.18
CA PRO F 370 -52.38 -56.09 -51.22
C PRO F 370 -52.51 -55.36 -49.89
N ILE F 371 -53.59 -55.58 -49.14
CA ILE F 371 -53.73 -54.91 -47.85
C ILE F 371 -52.76 -55.51 -46.83
N TYR F 372 -52.48 -56.80 -46.94
CA TYR F 372 -51.35 -57.38 -46.20
C TYR F 372 -50.07 -56.61 -46.52
N MET F 373 -49.88 -56.23 -47.79
CA MET F 373 -48.69 -55.49 -48.17
C MET F 373 -48.68 -54.08 -47.59
N LEU F 374 -49.87 -53.50 -47.36
CA LEU F 374 -49.93 -52.16 -46.80
C LEU F 374 -49.67 -52.15 -45.30
N LEU F 375 -50.32 -53.06 -44.56
CA LEU F 375 -50.37 -52.96 -43.11
C LEU F 375 -49.25 -53.70 -42.40
N ILE F 376 -48.74 -54.81 -42.96
CA ILE F 376 -47.80 -55.65 -42.23
C ILE F 376 -46.54 -54.90 -41.79
N PRO F 377 -45.84 -54.16 -42.65
CA PRO F 377 -44.63 -53.47 -42.18
C PRO F 377 -44.89 -52.43 -41.10
N HIS F 378 -46.14 -51.96 -40.98
CA HIS F 378 -46.54 -51.13 -39.85
C HIS F 378 -46.70 -51.93 -38.57
N PHE F 379 -46.46 -53.24 -38.59
CA PHE F 379 -46.57 -54.09 -37.42
C PHE F 379 -45.23 -54.64 -36.97
N GLU F 380 -44.14 -54.06 -37.45
CA GLU F 380 -42.81 -54.55 -37.09
C GLU F 380 -42.56 -54.34 -35.60
N GLY F 381 -42.24 -55.44 -34.92
CA GLY F 381 -41.99 -55.37 -33.49
C GLY F 381 -43.22 -55.12 -32.65
N THR F 382 -44.41 -55.12 -33.27
CA THR F 382 -45.62 -54.88 -32.51
C THR F 382 -45.98 -56.10 -31.65
N LEU F 383 -45.81 -57.30 -32.20
CA LEU F 383 -46.09 -58.51 -31.41
C LEU F 383 -45.03 -58.73 -30.35
N SER F 384 -43.77 -58.36 -30.64
CA SER F 384 -42.69 -58.66 -29.70
C SER F 384 -42.73 -57.75 -28.47
N ILE F 385 -43.00 -56.45 -28.66
CA ILE F 385 -43.03 -55.56 -27.51
C ILE F 385 -44.26 -55.82 -26.66
N ASN F 386 -45.37 -56.22 -27.28
CA ASN F 386 -46.57 -56.53 -26.50
C ASN F 386 -46.35 -57.74 -25.61
N ASN F 387 -45.66 -58.76 -26.11
CA ASN F 387 -45.33 -59.91 -25.28
C ASN F 387 -44.42 -59.51 -24.12
N SER F 388 -43.43 -58.65 -24.40
CA SER F 388 -42.59 -58.11 -23.33
C SER F 388 -43.37 -57.18 -22.41
N ALA F 389 -44.49 -56.62 -22.89
CA ALA F 389 -45.32 -55.78 -22.03
C ALA F 389 -46.18 -56.61 -21.09
N ALA F 390 -46.88 -57.62 -21.63
CA ALA F 390 -47.82 -58.41 -20.83
C ALA F 390 -47.14 -59.36 -19.86
N THR F 391 -45.86 -59.69 -20.06
CA THR F 391 -45.15 -60.58 -19.17
C THR F 391 -44.16 -59.84 -18.27
N ASN F 392 -44.02 -58.53 -18.40
CA ASN F 392 -43.04 -57.80 -17.60
C ASN F 392 -43.55 -56.44 -17.13
N LEU F 393 -43.93 -55.57 -18.07
CA LEU F 393 -44.27 -54.20 -17.70
C LEU F 393 -45.53 -54.15 -16.86
N ILE F 394 -46.65 -54.61 -17.41
CA ILE F 394 -47.92 -54.57 -16.70
C ILE F 394 -48.16 -55.90 -16.00
N ALA F 395 -47.07 -56.58 -15.65
CA ALA F 395 -47.16 -57.84 -14.92
C ALA F 395 -47.00 -57.60 -13.43
N PRO F 396 -47.60 -58.45 -12.60
CA PRO F 396 -47.31 -58.40 -11.15
C PRO F 396 -45.82 -58.53 -10.90
N GLY F 397 -45.31 -57.68 -10.01
CA GLY F 397 -43.89 -57.56 -9.78
C GLY F 397 -43.17 -56.62 -10.71
N GLY F 398 -43.86 -56.06 -11.71
CA GLY F 398 -43.25 -55.20 -12.69
C GLY F 398 -43.24 -53.74 -12.27
N ALA F 399 -42.86 -52.88 -13.22
CA ALA F 399 -42.67 -51.47 -12.91
C ALA F 399 -44.00 -50.77 -12.61
N VAL F 400 -45.07 -51.13 -13.33
CA VAL F 400 -46.33 -50.43 -13.18
C VAL F 400 -46.93 -50.73 -11.81
N ASP F 401 -46.82 -51.97 -11.33
CA ASP F 401 -47.41 -52.31 -10.04
C ASP F 401 -46.74 -51.57 -8.90
N LEU F 402 -45.44 -51.29 -9.01
CA LEU F 402 -44.73 -50.59 -7.96
C LEU F 402 -44.94 -49.09 -8.04
N ILE F 403 -44.50 -48.47 -9.13
CA ILE F 403 -44.48 -47.01 -9.22
C ILE F 403 -45.88 -46.43 -9.21
N PHE F 404 -46.80 -47.05 -9.96
CA PHE F 404 -48.13 -46.50 -10.08
C PHE F 404 -48.97 -46.83 -8.85
N ALA F 405 -50.10 -46.12 -8.73
CA ALA F 405 -50.85 -46.13 -7.49
C ALA F 405 -51.70 -47.39 -7.33
N GLY F 406 -52.34 -47.84 -8.40
CA GLY F 406 -53.30 -48.92 -8.29
C GLY F 406 -52.67 -50.29 -8.17
N THR F 407 -53.50 -51.25 -7.74
CA THR F 407 -53.15 -52.65 -7.90
C THR F 407 -53.10 -52.98 -9.38
N ILE F 408 -52.17 -53.88 -9.74
CA ILE F 408 -51.96 -54.17 -11.15
C ILE F 408 -53.22 -54.76 -11.79
N GLU F 409 -54.06 -55.43 -10.99
CA GLU F 409 -55.32 -55.93 -11.53
C GLU F 409 -56.30 -54.79 -11.75
N SER F 410 -56.29 -53.79 -10.86
CA SER F 410 -57.12 -52.60 -11.10
C SER F 410 -56.62 -51.81 -12.30
N GLU F 411 -55.32 -51.87 -12.58
CA GLU F 411 -54.77 -51.16 -13.73
C GLU F 411 -55.19 -51.82 -15.04
N HIS F 412 -55.23 -53.16 -15.07
CA HIS F 412 -55.67 -53.85 -16.27
C HIS F 412 -57.13 -53.55 -16.58
N GLN F 413 -57.97 -53.45 -15.55
CA GLN F 413 -59.37 -53.11 -15.76
C GLN F 413 -59.54 -51.68 -16.23
N LEU F 414 -58.56 -50.81 -15.98
CA LEU F 414 -58.58 -49.47 -16.57
C LEU F 414 -58.39 -49.55 -18.07
N ALA F 415 -57.47 -50.38 -18.54
CA ALA F 415 -57.21 -50.50 -19.97
C ALA F 415 -58.43 -51.10 -20.68
N LEU F 416 -59.01 -52.16 -20.11
CA LEU F 416 -60.10 -52.86 -20.78
C LEU F 416 -61.34 -51.97 -20.90
N ALA F 417 -61.61 -51.14 -19.90
CA ALA F 417 -62.78 -50.28 -19.94
C ALA F 417 -62.69 -49.29 -21.09
N ALA F 418 -61.50 -48.73 -21.33
CA ALA F 418 -61.32 -47.83 -22.47
C ALA F 418 -61.33 -48.59 -23.79
N LEU F 419 -60.82 -49.83 -23.79
CA LEU F 419 -60.92 -50.67 -24.98
C LEU F 419 -62.36 -51.05 -25.28
N LYS F 420 -63.18 -51.23 -24.23
CA LYS F 420 -64.55 -51.68 -24.42
C LYS F 420 -65.46 -50.56 -24.92
N ARG F 421 -65.16 -49.31 -24.58
CA ARG F 421 -65.95 -48.16 -25.01
C ARG F 421 -65.46 -47.56 -26.32
N HIS F 422 -64.43 -48.14 -26.93
CA HIS F 422 -63.90 -47.60 -28.17
C HIS F 422 -64.86 -47.85 -29.32
N ASP F 423 -64.93 -46.91 -30.25
CA ASP F 423 -65.67 -47.08 -31.49
C ASP F 423 -64.65 -46.88 -32.62
N PHE F 424 -64.14 -47.99 -33.16
CA PHE F 424 -63.08 -47.93 -34.15
C PHE F 424 -63.48 -47.06 -35.34
N MET F 425 -64.73 -47.18 -35.80
CA MET F 425 -65.19 -46.41 -36.94
C MET F 425 -65.40 -44.94 -36.62
N ARG F 426 -65.38 -44.54 -35.35
CA ARG F 426 -65.57 -43.15 -34.95
C ARG F 426 -64.40 -42.66 -34.11
N SER F 427 -63.19 -43.11 -34.44
CA SER F 427 -61.98 -42.70 -33.73
C SER F 427 -61.00 -41.97 -34.64
N GLY F 428 -61.43 -41.53 -35.81
CA GLY F 428 -60.53 -40.76 -36.66
C GLY F 428 -60.14 -39.45 -35.99
N LEU F 429 -58.88 -39.07 -36.17
CA LEU F 429 -58.42 -37.82 -35.55
C LEU F 429 -59.24 -36.61 -35.98
N PRO F 430 -59.58 -36.41 -37.26
CA PRO F 430 -60.53 -35.33 -37.58
C PRO F 430 -61.90 -35.54 -36.95
N ASP F 431 -62.27 -36.78 -36.66
CA ASP F 431 -63.57 -37.05 -36.06
C ASP F 431 -63.55 -36.79 -34.57
N THR F 432 -62.51 -37.24 -33.87
CA THR F 432 -62.43 -37.02 -32.43
C THR F 432 -62.21 -35.55 -32.10
N ILE F 433 -61.57 -34.79 -32.98
CA ILE F 433 -61.36 -33.37 -32.74
C ILE F 433 -62.69 -32.64 -32.72
N GLU F 434 -63.53 -32.87 -33.74
CA GLU F 434 -64.85 -32.23 -33.78
C GLU F 434 -65.71 -32.66 -32.60
N GLN F 435 -65.62 -33.93 -32.21
CA GLN F 435 -66.42 -34.44 -31.10
C GLN F 435 -66.13 -33.70 -29.81
N ARG F 436 -64.91 -33.21 -29.62
CA ARG F 436 -64.53 -32.47 -28.44
C ARG F 436 -64.61 -30.96 -28.64
N GLY F 437 -65.01 -30.50 -29.82
CA GLY F 437 -65.13 -29.07 -30.07
C GLY F 437 -63.84 -28.31 -30.06
N VAL F 438 -62.71 -28.99 -30.24
CA VAL F 438 -61.40 -28.35 -30.19
C VAL F 438 -60.91 -28.08 -31.61
N GLY F 439 -61.82 -27.66 -32.48
CA GLY F 439 -61.51 -27.59 -33.91
C GLY F 439 -61.18 -26.21 -34.47
N ASP F 440 -61.71 -25.15 -33.87
CA ASP F 440 -61.53 -23.81 -34.42
C ASP F 440 -60.13 -23.30 -34.11
N THR F 441 -59.33 -23.06 -35.16
CA THR F 441 -57.97 -22.58 -34.97
C THR F 441 -57.94 -21.15 -34.43
N SER F 442 -59.00 -20.37 -34.62
CA SER F 442 -59.01 -19.00 -34.14
C SER F 442 -59.21 -18.93 -32.63
N VAL F 443 -60.21 -19.66 -32.12
CA VAL F 443 -60.50 -19.67 -30.68
C VAL F 443 -59.32 -20.24 -29.93
N LEU F 444 -59.10 -21.55 -30.07
CA LEU F 444 -57.96 -22.22 -29.44
C LEU F 444 -56.83 -22.26 -30.47
N THR F 445 -55.83 -21.41 -30.27
CA THR F 445 -54.77 -21.26 -31.27
C THR F 445 -53.67 -22.31 -31.11
N ASP F 446 -53.33 -22.66 -29.87
CA ASP F 446 -52.18 -23.53 -29.59
C ASP F 446 -52.67 -24.94 -29.30
N TYR F 447 -52.61 -25.81 -30.30
CA TYR F 447 -52.90 -27.23 -30.13
C TYR F 447 -51.99 -28.01 -31.05
N PRO F 448 -50.76 -28.31 -30.60
CA PRO F 448 -49.79 -28.93 -31.51
C PRO F 448 -50.18 -30.34 -31.92
N TYR F 449 -50.79 -31.12 -31.01
CA TYR F 449 -51.24 -32.46 -31.37
C TYR F 449 -52.30 -32.42 -32.46
N ARG F 450 -53.17 -31.42 -32.42
CA ARG F 450 -54.20 -31.28 -33.45
C ARG F 450 -53.61 -30.77 -34.75
N ASP F 451 -53.00 -29.58 -34.73
CA ASP F 451 -52.60 -28.93 -35.97
C ASP F 451 -51.49 -29.70 -36.68
N ASP F 452 -50.55 -30.27 -35.94
CA ASP F 452 -49.53 -31.10 -36.56
C ASP F 452 -50.09 -32.47 -36.94
N GLY F 453 -50.95 -33.04 -36.11
CA GLY F 453 -51.48 -34.36 -36.39
C GLY F 453 -52.40 -34.39 -37.59
N LEU F 454 -53.17 -33.32 -37.79
CA LEU F 454 -54.11 -33.30 -38.91
C LEU F 454 -53.37 -33.25 -40.25
N LYS F 455 -52.16 -32.71 -40.29
CA LYS F 455 -51.36 -32.80 -41.50
C LYS F 455 -50.86 -34.22 -41.73
N ILE F 456 -50.55 -34.94 -40.65
CA ILE F 456 -50.07 -36.31 -40.79
C ILE F 456 -51.22 -37.24 -41.14
N TRP F 457 -52.39 -37.07 -40.51
CA TRP F 457 -53.54 -37.88 -40.87
C TRP F 457 -53.94 -37.64 -42.33
N ALA F 458 -53.92 -36.37 -42.77
CA ALA F 458 -54.27 -36.06 -44.14
C ALA F 458 -53.30 -36.70 -45.13
N ASN F 459 -52.01 -36.72 -44.78
CA ASN F 459 -51.02 -37.34 -45.65
C ASN F 459 -51.26 -38.83 -45.79
N ILE F 460 -51.60 -39.51 -44.69
CA ILE F 460 -51.80 -40.95 -44.73
C ILE F 460 -53.05 -41.31 -45.52
N GLU F 461 -54.13 -40.54 -45.33
CA GLU F 461 -55.37 -40.80 -46.08
C GLU F 461 -55.14 -40.70 -47.58
N ARG F 462 -54.39 -39.68 -48.02
CA ARG F 462 -54.07 -39.54 -49.43
C ARG F 462 -53.32 -40.77 -49.95
N TRP F 463 -52.49 -41.37 -49.09
CA TRP F 463 -51.69 -42.52 -49.47
C TRP F 463 -52.52 -43.80 -49.45
N VAL F 464 -53.31 -43.99 -48.39
CA VAL F 464 -54.19 -45.15 -48.33
C VAL F 464 -55.19 -45.14 -49.48
N THR F 465 -55.76 -43.96 -49.77
CA THR F 465 -56.75 -43.85 -50.83
C THR F 465 -56.15 -44.23 -52.17
N ALA F 466 -54.99 -43.68 -52.51
CA ALA F 466 -54.31 -44.06 -53.75
C ALA F 466 -53.95 -45.54 -53.75
N TYR F 467 -53.67 -46.11 -52.58
CA TYR F 467 -53.37 -47.53 -52.48
C TYR F 467 -54.64 -48.36 -52.69
N VAL F 468 -55.70 -48.04 -51.94
CA VAL F 468 -56.93 -48.80 -52.02
C VAL F 468 -57.54 -48.69 -53.42
N ASN F 469 -57.46 -47.51 -54.04
CA ASN F 469 -58.10 -47.33 -55.34
C ASN F 469 -57.31 -48.00 -56.47
N ASN F 470 -56.00 -48.17 -56.32
CA ASN F 470 -55.23 -48.81 -57.37
C ASN F 470 -55.53 -50.30 -57.44
N TYR F 471 -55.74 -50.95 -56.30
CA TYR F 471 -55.97 -52.39 -56.24
C TYR F 471 -57.45 -52.76 -56.17
N TYR F 472 -58.26 -51.97 -55.48
CA TYR F 472 -59.70 -52.18 -55.42
C TYR F 472 -60.33 -51.24 -56.44
N ILE F 473 -60.69 -51.79 -57.61
CA ILE F 473 -61.20 -50.99 -58.72
C ILE F 473 -62.72 -51.05 -58.83
N SER F 474 -63.39 -51.73 -57.91
CA SER F 474 -64.84 -51.72 -57.85
C SER F 474 -65.26 -52.05 -56.43
N GLU F 475 -66.50 -51.67 -56.09
CA GLU F 475 -67.05 -52.08 -54.81
C GLU F 475 -67.33 -53.57 -54.76
N ALA F 476 -67.39 -54.22 -55.93
CA ALA F 476 -67.45 -55.68 -55.97
C ALA F 476 -66.11 -56.29 -55.55
N ASN F 477 -65.00 -55.65 -55.95
CA ASN F 477 -63.69 -56.10 -55.48
C ASN F 477 -63.63 -56.16 -53.96
N VAL F 478 -64.37 -55.29 -53.27
CA VAL F 478 -64.44 -55.28 -51.82
C VAL F 478 -65.27 -56.47 -51.36
N THR F 479 -66.56 -56.47 -51.69
CA THR F 479 -67.48 -57.47 -51.15
C THR F 479 -67.11 -58.88 -51.58
N GLN F 480 -66.47 -59.04 -52.74
CA GLN F 480 -66.05 -60.35 -53.20
C GLN F 480 -64.73 -60.81 -52.60
N ASP F 481 -64.11 -60.01 -51.74
CA ASP F 481 -62.86 -60.40 -51.09
C ASP F 481 -63.20 -61.29 -49.90
N THR F 482 -63.12 -62.61 -50.11
CA THR F 482 -63.37 -63.54 -49.01
C THR F 482 -62.36 -63.37 -47.88
N GLU F 483 -61.14 -62.96 -48.22
CA GLU F 483 -60.12 -62.75 -47.19
C GLU F 483 -60.42 -61.50 -46.36
N LEU F 484 -60.69 -60.38 -47.03
CA LEU F 484 -60.96 -59.14 -46.29
C LEU F 484 -62.22 -59.26 -45.45
N GLN F 485 -63.22 -60.01 -45.93
CA GLN F 485 -64.43 -60.19 -45.13
C GLN F 485 -64.21 -61.19 -44.01
N ALA F 486 -63.31 -62.16 -44.19
CA ALA F 486 -62.89 -62.99 -43.07
C ALA F 486 -62.10 -62.15 -42.07
N TRP F 487 -61.19 -61.32 -42.58
CA TRP F 487 -60.50 -60.33 -41.75
C TRP F 487 -61.49 -59.47 -40.97
N ALA F 488 -62.62 -59.11 -41.60
CA ALA F 488 -63.60 -58.27 -40.93
C ALA F 488 -64.36 -59.03 -39.86
N ALA F 489 -64.66 -60.31 -40.10
CA ALA F 489 -65.50 -61.06 -39.17
C ALA F 489 -64.83 -61.23 -37.82
N VAL F 490 -63.52 -61.52 -37.81
CA VAL F 490 -62.82 -61.70 -36.54
C VAL F 490 -62.74 -60.38 -35.78
N LEU F 491 -62.56 -59.27 -36.50
CA LEU F 491 -62.46 -57.97 -35.84
C LEU F 491 -63.83 -57.38 -35.52
N SER F 492 -64.86 -57.69 -36.32
CA SER F 492 -66.21 -57.26 -35.99
C SER F 492 -66.83 -58.09 -34.88
N LYS F 493 -66.10 -59.08 -34.36
CA LYS F 493 -66.61 -59.93 -33.29
C LYS F 493 -66.80 -59.13 -32.00
N PRO F 494 -67.63 -59.64 -31.09
CA PRO F 494 -67.84 -58.93 -29.83
C PRO F 494 -66.57 -58.79 -29.03
N PHE F 495 -66.56 -57.77 -28.16
CA PHE F 495 -65.39 -57.51 -27.33
C PHE F 495 -65.09 -58.65 -26.38
N ALA F 496 -66.15 -59.35 -25.93
CA ALA F 496 -65.95 -60.50 -25.04
C ALA F 496 -65.32 -61.68 -25.75
N GLU F 497 -65.35 -61.71 -27.08
CA GLU F 497 -64.76 -62.79 -27.85
C GLU F 497 -63.38 -62.43 -28.42
N GLY F 498 -62.92 -61.20 -28.25
CA GLY F 498 -61.62 -60.79 -28.72
C GLY F 498 -61.62 -59.78 -29.86
N GLY F 499 -62.78 -59.19 -30.18
CA GLY F 499 -62.85 -58.25 -31.28
C GLY F 499 -62.45 -56.84 -30.90
N VAL F 500 -62.45 -55.98 -31.90
CA VAL F 500 -62.14 -54.56 -31.73
C VAL F 500 -63.46 -53.80 -31.73
N SER F 501 -63.75 -53.11 -30.64
CA SER F 501 -65.07 -52.53 -30.41
C SER F 501 -65.40 -51.48 -31.46
N GLY F 502 -66.51 -51.68 -32.16
CA GLY F 502 -66.97 -50.72 -33.15
C GLY F 502 -66.25 -50.78 -34.48
N PHE F 503 -65.80 -51.96 -34.89
CA PHE F 503 -64.99 -52.11 -36.09
C PHE F 503 -65.80 -52.26 -37.37
N GLY F 504 -67.08 -52.61 -37.28
CA GLY F 504 -67.88 -52.88 -38.46
C GLY F 504 -67.99 -51.70 -39.40
N PRO F 505 -68.26 -51.98 -40.70
CA PRO F 505 -68.37 -53.33 -41.24
C PRO F 505 -67.43 -53.65 -42.42
N ILE F 506 -66.71 -52.65 -42.94
CA ILE F 506 -65.82 -52.80 -44.08
C ILE F 506 -66.58 -53.36 -45.28
N ASP F 507 -67.51 -52.57 -45.82
CA ASP F 507 -68.24 -52.93 -47.03
C ASP F 507 -67.98 -52.01 -48.21
N THR F 508 -67.38 -50.85 -47.98
CA THR F 508 -67.08 -49.89 -49.04
C THR F 508 -65.57 -49.71 -49.12
N ARG F 509 -65.10 -49.27 -50.29
CA ARG F 509 -63.72 -48.86 -50.41
C ARG F 509 -63.38 -47.75 -49.42
N ALA F 510 -64.35 -46.86 -49.16
CA ALA F 510 -64.17 -45.85 -48.13
C ALA F 510 -64.10 -46.45 -46.74
N ALA F 511 -64.82 -47.56 -46.51
CA ALA F 511 -64.72 -48.24 -45.22
C ALA F 511 -63.36 -48.91 -45.05
N LEU F 512 -62.76 -49.38 -46.14
CA LEU F 512 -61.41 -49.92 -46.06
C LEU F 512 -60.38 -48.81 -45.92
N ILE F 513 -60.63 -47.65 -46.53
CA ILE F 513 -59.67 -46.55 -46.47
C ILE F 513 -59.56 -46.01 -45.05
N PHE F 514 -60.70 -45.78 -44.39
CA PHE F 514 -60.65 -45.29 -43.00
C PHE F 514 -60.01 -46.33 -42.09
N ALA F 515 -60.47 -47.58 -42.16
CA ALA F 515 -59.92 -48.62 -41.31
C ALA F 515 -58.42 -48.78 -41.52
N CYS F 516 -57.93 -48.57 -42.74
CA CYS F 516 -56.49 -48.69 -43.00
C CYS F 516 -55.76 -47.42 -42.62
N THR F 517 -56.37 -46.26 -42.84
CA THR F 517 -55.73 -45.01 -42.43
C THR F 517 -55.60 -44.95 -40.90
N LYS F 518 -56.66 -45.33 -40.19
CA LYS F 518 -56.64 -45.29 -38.73
C LYS F 518 -55.57 -46.22 -38.17
N VAL F 519 -55.51 -47.46 -38.69
CA VAL F 519 -54.52 -48.42 -38.21
C VAL F 519 -53.11 -47.88 -38.38
N ILE F 520 -52.84 -47.24 -39.51
CA ILE F 520 -51.51 -46.70 -39.76
C ILE F 520 -51.24 -45.50 -38.84
N PHE F 521 -52.26 -44.68 -38.59
CA PHE F 521 -52.09 -43.53 -37.70
C PHE F 521 -51.77 -43.98 -36.28
N THR F 522 -52.62 -44.86 -35.72
CA THR F 522 -52.43 -45.36 -34.36
C THR F 522 -51.32 -46.40 -34.26
N ALA F 523 -50.52 -46.56 -35.32
CA ALA F 523 -49.27 -47.29 -35.25
C ALA F 523 -48.05 -46.40 -35.41
N SER F 524 -48.24 -45.18 -35.91
CA SER F 524 -47.13 -44.30 -36.28
C SER F 524 -47.22 -42.96 -35.55
N ALA F 525 -48.21 -42.12 -35.88
CA ALA F 525 -48.28 -40.79 -35.30
C ALA F 525 -48.83 -40.84 -33.87
N GLU F 526 -49.94 -41.55 -33.66
CA GLU F 526 -50.54 -41.61 -32.33
C GLU F 526 -49.59 -42.27 -31.34
N HIS F 527 -48.90 -43.33 -31.75
CA HIS F 527 -47.91 -43.94 -30.86
C HIS F 527 -46.73 -43.02 -30.62
N SER F 528 -46.39 -42.19 -31.60
CA SER F 528 -45.31 -41.22 -31.40
C SER F 528 -45.70 -40.18 -30.36
N ALA F 529 -46.94 -39.70 -30.41
CA ALA F 529 -47.41 -38.66 -29.51
C ALA F 529 -47.66 -39.17 -28.09
N VAL F 530 -47.45 -40.45 -27.81
CA VAL F 530 -47.70 -40.98 -26.47
C VAL F 530 -46.48 -41.75 -25.96
N ASN F 531 -45.71 -42.36 -26.87
CA ASN F 531 -44.56 -43.14 -26.42
C ASN F 531 -43.37 -42.25 -26.10
N PHE F 532 -43.08 -41.29 -26.95
CA PHE F 532 -41.88 -40.46 -26.82
C PHE F 532 -42.04 -39.29 -25.85
N PRO F 533 -43.25 -38.80 -25.57
CA PRO F 533 -43.40 -37.91 -24.41
C PRO F 533 -43.02 -38.54 -23.08
N GLN F 534 -42.93 -39.88 -23.02
CA GLN F 534 -42.50 -40.53 -21.79
C GLN F 534 -41.10 -40.11 -21.40
N LYS F 535 -40.19 -40.05 -22.37
CA LYS F 535 -38.82 -39.65 -22.08
C LYS F 535 -38.72 -38.15 -21.83
N ASP F 536 -39.40 -37.35 -22.67
CA ASP F 536 -39.21 -35.91 -22.61
C ASP F 536 -40.00 -35.25 -21.49
N LEU F 537 -41.18 -35.77 -21.16
CA LEU F 537 -42.08 -35.09 -20.24
C LEU F 537 -42.42 -35.86 -18.97
N MET F 538 -41.96 -37.11 -18.83
CA MET F 538 -42.44 -37.94 -17.73
C MET F 538 -41.34 -38.62 -16.91
N SER F 539 -40.07 -38.49 -17.30
CA SER F 539 -39.01 -39.15 -16.54
C SER F 539 -38.78 -38.50 -15.18
N TYR F 540 -39.21 -37.25 -14.99
CA TYR F 540 -39.05 -36.55 -13.73
C TYR F 540 -40.27 -36.83 -12.86
N ALA F 541 -40.10 -37.71 -11.88
CA ALA F 541 -41.21 -38.06 -10.98
C ALA F 541 -41.87 -36.86 -10.31
N PRO F 542 -41.16 -35.82 -9.86
CA PRO F 542 -41.87 -34.66 -9.31
C PRO F 542 -42.78 -33.98 -10.32
N ALA F 543 -42.32 -33.83 -11.57
CA ALA F 543 -43.17 -33.20 -12.59
C ALA F 543 -44.43 -34.03 -12.84
N ILE F 544 -44.30 -35.35 -12.82
CA ILE F 544 -45.42 -36.27 -12.99
C ILE F 544 -44.95 -37.67 -12.66
N THR F 545 -45.80 -38.45 -12.00
CA THR F 545 -45.52 -39.86 -11.74
C THR F 545 -46.85 -40.59 -11.59
N GLY F 546 -46.78 -41.86 -11.23
CA GLY F 546 -47.97 -42.67 -11.13
C GLY F 546 -48.67 -42.65 -9.79
N ALA F 547 -48.10 -41.99 -8.79
CA ALA F 547 -48.68 -42.03 -7.46
C ALA F 547 -48.38 -40.74 -6.70
N GLY F 548 -49.40 -40.23 -6.02
CA GLY F 548 -49.21 -39.23 -4.98
C GLY F 548 -49.02 -39.95 -3.66
N TRP F 549 -47.95 -39.60 -2.95
CA TRP F 549 -47.53 -40.40 -1.81
C TRP F 549 -47.94 -39.80 -0.46
N THR F 550 -48.31 -38.53 -0.42
CA THR F 550 -49.16 -38.03 0.65
C THR F 550 -50.60 -38.04 0.15
N ALA F 551 -51.53 -37.94 1.10
CA ALA F 551 -52.90 -38.38 0.82
C ALA F 551 -53.62 -37.44 -0.13
N ALA F 552 -53.43 -36.13 0.00
CA ALA F 552 -54.44 -35.21 -0.46
C ALA F 552 -53.85 -34.01 -1.19
N PRO F 553 -54.62 -33.38 -2.08
CA PRO F 553 -54.23 -32.08 -2.64
C PRO F 553 -54.22 -30.97 -1.59
N PRO F 554 -55.13 -30.98 -0.58
CA PRO F 554 -54.91 -30.04 0.54
C PRO F 554 -53.56 -30.29 1.18
N SER F 555 -52.63 -29.37 0.94
CA SER F 555 -51.21 -29.61 1.22
C SER F 555 -50.99 -29.97 2.68
N GLN F 556 -50.26 -31.05 2.90
CA GLN F 556 -49.96 -31.53 4.24
C GLN F 556 -48.62 -31.02 4.78
N GLY F 557 -47.81 -30.40 3.93
CA GLY F 557 -46.54 -29.87 4.37
C GLY F 557 -45.50 -29.81 3.27
N PRO F 558 -44.29 -30.29 3.57
CA PRO F 558 -43.19 -30.17 2.60
C PRO F 558 -43.47 -30.97 1.35
N LEU F 559 -43.17 -30.36 0.20
CA LEU F 559 -43.47 -31.00 -1.08
C LEU F 559 -42.72 -32.30 -1.28
N LYS F 560 -41.61 -32.50 -0.55
CA LYS F 560 -40.80 -33.70 -0.76
C LYS F 560 -41.51 -34.97 -0.32
N ASP F 561 -42.49 -34.86 0.59
CA ASP F 561 -43.18 -36.05 1.06
C ASP F 561 -44.24 -36.55 0.09
N PHE F 562 -44.66 -35.72 -0.86
CA PHE F 562 -45.66 -36.12 -1.85
C PHE F 562 -45.07 -37.01 -2.94
N GLN F 563 -43.77 -36.87 -3.20
CA GLN F 563 -43.13 -37.56 -4.31
C GLN F 563 -42.86 -39.03 -3.96
N PRO F 564 -42.59 -39.86 -4.96
CA PRO F 564 -42.32 -41.29 -4.69
C PRO F 564 -40.98 -41.49 -4.00
N PRO F 565 -40.76 -42.68 -3.41
CA PRO F 565 -39.45 -43.00 -2.84
C PRO F 565 -38.33 -42.93 -3.87
N LEU F 566 -37.10 -43.03 -3.38
CA LEU F 566 -35.94 -42.87 -4.26
C LEU F 566 -35.71 -44.08 -5.15
N GLU F 567 -35.93 -45.30 -4.63
CA GLU F 567 -35.76 -46.49 -5.47
C GLU F 567 -36.75 -46.49 -6.62
N LEU F 568 -38.00 -46.11 -6.36
CA LEU F 568 -39.00 -46.08 -7.42
C LEU F 568 -38.76 -44.92 -8.37
N ALA F 569 -38.35 -43.76 -7.85
CA ALA F 569 -38.12 -42.60 -8.70
C ALA F 569 -37.03 -42.87 -9.71
N GLU F 570 -35.95 -43.54 -9.30
CA GLU F 570 -34.93 -43.95 -10.25
C GLU F 570 -35.47 -44.97 -11.25
N LEU F 571 -36.37 -45.84 -10.81
CA LEU F 571 -36.97 -46.81 -11.72
C LEU F 571 -37.88 -46.12 -12.74
N GLN F 572 -38.64 -45.12 -12.29
CA GLN F 572 -39.50 -44.37 -13.22
C GLN F 572 -38.66 -43.59 -14.21
N ALA F 573 -37.54 -43.04 -13.76
CA ALA F 573 -36.67 -42.29 -14.66
C ALA F 573 -35.99 -43.20 -15.67
N GLU F 574 -35.61 -44.41 -15.24
CA GLU F 574 -34.83 -45.29 -16.10
C GLU F 574 -35.70 -46.08 -17.08
N PHE F 575 -36.95 -46.36 -16.72
CA PHE F 575 -37.81 -47.15 -17.61
C PHE F 575 -38.66 -46.28 -18.53
N LEU F 576 -39.02 -45.08 -18.11
CA LEU F 576 -39.63 -44.14 -19.05
C LEU F 576 -38.62 -43.56 -20.02
N TYR F 577 -37.34 -43.56 -19.66
CA TYR F 577 -36.29 -43.19 -20.59
C TYR F 577 -36.20 -44.23 -21.72
N LEU F 578 -36.26 -45.51 -21.36
CA LEU F 578 -36.02 -46.57 -22.35
C LEU F 578 -37.17 -46.65 -23.34
N LEU F 579 -38.41 -46.71 -22.86
CA LEU F 579 -39.54 -46.83 -23.77
C LEU F 579 -39.71 -45.59 -24.62
N GLY F 580 -39.41 -44.42 -24.07
CA GLY F 580 -39.58 -43.17 -24.78
C GLY F 580 -38.38 -42.70 -25.56
N GLY F 581 -37.30 -43.49 -25.63
CA GLY F 581 -36.08 -43.01 -26.24
C GLY F 581 -35.56 -43.83 -27.40
N VAL F 582 -36.43 -44.60 -28.06
CA VAL F 582 -36.04 -45.44 -29.19
C VAL F 582 -36.85 -45.02 -30.40
N HIS F 583 -36.19 -44.38 -31.36
CA HIS F 583 -36.79 -44.04 -32.64
C HIS F 583 -36.18 -44.96 -33.70
N HIS F 584 -36.87 -46.06 -33.99
CA HIS F 584 -36.44 -47.03 -34.97
C HIS F 584 -37.56 -47.24 -35.98
N THR F 585 -37.19 -47.31 -37.27
CA THR F 585 -38.07 -47.35 -38.44
C THR F 585 -38.87 -46.06 -38.58
N LYS F 586 -39.21 -45.69 -39.82
CA LYS F 586 -39.72 -44.35 -40.11
C LYS F 586 -40.93 -44.41 -41.03
N LEU F 587 -41.98 -43.66 -40.69
CA LEU F 587 -43.21 -43.66 -41.46
C LEU F 587 -42.96 -43.15 -42.88
N GLY F 588 -43.33 -43.96 -43.86
CA GLY F 588 -43.16 -43.64 -45.27
C GLY F 588 -42.06 -44.42 -45.95
N PHE F 589 -41.29 -45.21 -45.21
CA PHE F 589 -40.19 -45.98 -45.76
C PHE F 589 -40.40 -47.45 -45.39
N TYR F 590 -40.86 -48.22 -46.36
CA TYR F 590 -41.31 -49.60 -46.16
C TYR F 590 -40.18 -50.56 -46.54
N ASN F 591 -39.59 -51.20 -45.54
CA ASN F 591 -38.54 -52.18 -45.78
C ASN F 591 -38.83 -53.49 -45.05
N SER F 592 -37.89 -54.43 -45.09
CA SER F 592 -38.03 -55.70 -44.40
C SER F 592 -37.31 -55.63 -43.05
N ASN F 593 -37.42 -56.73 -42.29
CA ASN F 593 -36.73 -56.86 -41.01
C ASN F 593 -35.43 -57.66 -41.14
N SER F 594 -35.00 -57.96 -42.36
CA SER F 594 -33.78 -58.71 -42.60
C SER F 594 -32.60 -57.78 -42.78
N PHE F 595 -31.40 -58.36 -42.73
CA PHE F 595 -30.16 -57.58 -42.76
C PHE F 595 -30.09 -56.58 -43.90
N PRO F 596 -30.42 -56.91 -45.14
CA PRO F 596 -30.37 -55.88 -46.20
C PRO F 596 -31.33 -54.73 -45.95
N TYR F 597 -32.44 -54.97 -45.24
CA TYR F 597 -33.50 -53.99 -45.06
C TYR F 597 -33.91 -53.37 -46.41
N ARG F 598 -34.02 -54.23 -47.42
CA ARG F 598 -34.39 -53.79 -48.75
C ARG F 598 -35.88 -53.45 -48.81
N ALA F 599 -36.25 -52.65 -49.82
CA ALA F 599 -37.60 -52.14 -49.94
C ALA F 599 -38.63 -53.27 -49.91
N TRP F 600 -39.74 -53.01 -49.23
CA TRP F 600 -40.73 -54.06 -49.00
C TRP F 600 -41.69 -54.19 -50.16
N PHE F 601 -41.97 -53.10 -50.87
CA PHE F 601 -42.89 -53.12 -51.98
C PHE F 601 -42.19 -53.63 -53.24
N LYS F 602 -42.95 -54.35 -54.07
CA LYS F 602 -42.44 -54.91 -55.31
C LYS F 602 -43.19 -54.43 -56.54
N ASP F 603 -44.49 -54.19 -56.42
CA ASP F 603 -45.29 -53.66 -57.52
C ASP F 603 -44.70 -52.34 -57.99
N PRO F 604 -44.25 -52.24 -59.25
CA PRO F 604 -43.64 -50.99 -59.72
C PRO F 604 -44.57 -49.78 -59.67
N LYS F 605 -45.89 -49.99 -59.72
CA LYS F 605 -46.83 -48.88 -59.55
C LYS F 605 -46.62 -48.16 -58.23
N ILE F 606 -46.23 -48.90 -57.19
CA ILE F 606 -45.97 -48.29 -55.89
C ILE F 606 -44.50 -47.92 -55.72
N THR F 607 -43.59 -48.70 -56.32
CA THR F 607 -42.17 -48.48 -56.10
C THR F 607 -41.70 -47.16 -56.70
N ALA F 608 -42.22 -46.80 -57.87
CA ALA F 608 -41.75 -45.62 -58.59
C ALA F 608 -42.84 -44.58 -58.80
N GLU F 609 -43.89 -44.59 -58.00
CA GLU F 609 -44.97 -43.63 -58.22
C GLU F 609 -45.76 -43.31 -56.95
N LEU F 610 -46.46 -44.31 -56.40
CA LEU F 610 -47.37 -44.06 -55.28
C LEU F 610 -46.61 -43.71 -54.00
N LEU F 611 -45.75 -44.61 -53.53
CA LEU F 611 -44.96 -44.32 -52.34
C LEU F 611 -44.11 -43.06 -52.47
N PRO F 612 -43.45 -42.77 -53.60
CA PRO F 612 -42.78 -41.47 -53.75
C PRO F 612 -43.71 -40.29 -53.51
N ALA F 613 -44.96 -40.36 -53.97
CA ALA F 613 -45.91 -39.29 -53.72
C ALA F 613 -46.22 -39.16 -52.23
N PHE F 614 -46.32 -40.30 -51.53
CA PHE F 614 -46.52 -40.27 -50.09
C PHE F 614 -45.34 -39.60 -49.39
N GLN F 615 -44.12 -39.97 -49.78
CA GLN F 615 -42.93 -39.44 -49.13
C GLN F 615 -42.77 -37.94 -49.37
N ARG F 616 -43.30 -37.44 -50.50
CA ARG F 616 -43.20 -36.01 -50.78
C ARG F 616 -44.13 -35.20 -49.88
N ASP F 617 -45.36 -35.70 -49.67
CA ASP F 617 -46.31 -34.96 -48.84
C ASP F 617 -45.92 -34.98 -47.37
N LEU F 618 -45.22 -36.02 -46.92
CA LEU F 618 -44.70 -36.02 -45.56
C LEU F 618 -43.56 -35.02 -45.40
N ALA F 619 -42.75 -34.83 -46.44
CA ALA F 619 -41.70 -33.83 -46.38
C ALA F 619 -42.26 -32.41 -46.39
N ALA F 620 -43.39 -32.22 -47.07
CA ALA F 620 -44.06 -30.91 -47.02
C ALA F 620 -44.60 -30.62 -45.64
N SER F 621 -45.19 -31.63 -44.99
CA SER F 621 -45.66 -31.45 -43.61
C SER F 621 -44.50 -31.19 -42.67
N GLU F 622 -43.31 -31.72 -42.97
CA GLU F 622 -42.14 -31.47 -42.14
C GLU F 622 -41.80 -29.99 -42.12
N GLU F 623 -41.68 -29.37 -43.30
CA GLU F 623 -41.37 -27.95 -43.37
C GLU F 623 -42.45 -27.12 -42.69
N LEU F 624 -43.72 -27.52 -42.85
CA LEU F 624 -44.81 -26.75 -42.25
C LEU F 624 -44.83 -26.90 -40.73
N ILE F 625 -44.61 -28.13 -40.24
CA ILE F 625 -44.62 -28.34 -38.80
C ILE F 625 -43.41 -27.68 -38.15
N VAL F 626 -42.22 -27.87 -38.74
CA VAL F 626 -41.00 -27.34 -38.15
C VAL F 626 -41.07 -25.81 -38.04
N ALA F 627 -41.54 -25.15 -39.10
CA ALA F 627 -41.63 -23.70 -39.08
C ALA F 627 -42.52 -23.21 -37.96
N ALA F 628 -43.77 -23.72 -37.91
CA ALA F 628 -44.68 -23.33 -36.84
C ALA F 628 -44.17 -23.78 -35.47
N ASN F 629 -43.47 -24.92 -35.42
CA ASN F 629 -42.99 -25.42 -34.14
C ASN F 629 -41.92 -24.52 -33.55
N ALA F 630 -41.09 -23.90 -34.40
CA ALA F 630 -40.01 -23.06 -33.92
C ALA F 630 -40.55 -21.86 -33.14
N THR F 631 -41.62 -21.24 -33.64
CA THR F 631 -42.19 -20.08 -32.96
C THR F 631 -42.74 -20.42 -31.58
N ARG F 632 -43.06 -21.68 -31.34
CA ARG F 632 -43.56 -22.10 -30.04
C ARG F 632 -42.41 -22.20 -29.04
N THR F 633 -42.77 -22.05 -27.75
CA THR F 633 -41.83 -22.24 -26.66
C THR F 633 -42.03 -23.55 -25.92
N PHE F 634 -43.14 -24.25 -26.18
CA PHE F 634 -43.34 -25.64 -25.77
C PHE F 634 -43.46 -26.47 -27.04
N LYS F 635 -42.55 -27.42 -27.23
CA LYS F 635 -42.27 -28.01 -28.53
C LYS F 635 -43.02 -29.31 -28.74
N TYR F 636 -43.33 -29.60 -30.02
CA TYR F 636 -44.03 -30.83 -30.40
C TYR F 636 -43.26 -31.46 -31.56
N THR F 637 -42.20 -32.19 -31.22
CA THR F 637 -41.47 -32.97 -32.20
C THR F 637 -42.16 -34.30 -32.51
N TYR F 638 -43.27 -34.59 -31.83
CA TYR F 638 -43.86 -35.93 -31.89
C TYR F 638 -44.62 -36.18 -33.19
N MET F 639 -45.07 -35.12 -33.85
CA MET F 639 -45.69 -35.25 -35.16
C MET F 639 -44.74 -34.84 -36.28
N ILE F 640 -43.48 -34.57 -35.98
CA ILE F 640 -42.48 -34.29 -37.00
C ILE F 640 -42.27 -35.57 -37.80
N PRO F 641 -42.50 -35.57 -39.11
CA PRO F 641 -42.51 -36.84 -39.86
C PRO F 641 -41.21 -37.62 -39.79
N SER F 642 -40.06 -36.94 -39.73
CA SER F 642 -38.79 -37.65 -39.75
C SER F 642 -38.54 -38.47 -38.49
N THR F 643 -39.28 -38.21 -37.41
CA THR F 643 -39.14 -38.97 -36.18
C THR F 643 -40.30 -39.91 -35.93
N ILE F 644 -41.30 -39.92 -36.79
CA ILE F 644 -42.45 -40.81 -36.62
C ILE F 644 -42.07 -42.21 -37.07
N PRO F 645 -42.29 -43.24 -36.26
CA PRO F 645 -41.99 -44.60 -36.69
C PRO F 645 -43.10 -45.19 -37.54
N MET F 646 -42.80 -46.35 -38.13
CA MET F 646 -43.82 -47.09 -38.88
C MET F 646 -44.73 -47.88 -37.97
N SER F 647 -44.25 -48.30 -36.81
CA SER F 647 -44.93 -49.30 -36.02
C SER F 647 -44.80 -48.98 -34.54
N ILE F 648 -45.62 -49.66 -33.74
CA ILE F 648 -45.41 -49.73 -32.31
C ILE F 648 -44.31 -50.76 -32.07
N ASN F 649 -43.13 -50.32 -31.68
CA ASN F 649 -41.98 -51.20 -31.56
C ASN F 649 -41.31 -51.15 -30.18
N ILE F 650 -41.63 -50.17 -29.35
CA ILE F 650 -41.19 -50.17 -27.96
C ILE F 650 -42.43 -49.96 -27.10
N ASN G 3 8.78 -58.80 33.94
CA ASN G 3 9.89 -58.58 33.01
C ASN G 3 11.21 -59.06 33.61
N ILE G 4 11.87 -59.96 32.91
CA ILE G 4 13.18 -60.48 33.31
C ILE G 4 14.22 -59.87 32.38
N PRO G 5 15.21 -59.14 32.90
CA PRO G 5 16.25 -58.56 32.04
C PRO G 5 17.00 -59.64 31.27
N THR G 6 17.66 -59.21 30.20
CA THR G 6 18.37 -60.13 29.34
C THR G 6 19.53 -59.43 28.65
N LEU G 7 20.57 -60.19 28.35
CA LEU G 7 21.70 -59.67 27.60
C LEU G 7 21.31 -59.47 26.15
N PRO G 8 22.02 -58.61 25.41
CA PRO G 8 21.61 -58.32 24.02
C PRO G 8 21.61 -59.54 23.12
N GLN G 9 22.66 -60.38 23.18
CA GLN G 9 22.72 -61.54 22.29
C GLN G 9 21.60 -62.53 22.59
N ASN G 10 21.10 -62.56 23.82
CA ASN G 10 20.04 -63.47 24.20
C ASN G 10 18.64 -62.87 24.08
N ASP G 11 18.54 -61.58 23.84
CA ASP G 11 17.25 -60.89 23.87
C ASP G 11 16.33 -61.44 22.78
N PRO G 12 15.14 -61.93 23.13
CA PRO G 12 14.22 -62.42 22.09
C PRO G 12 13.74 -61.35 21.14
N ARG G 13 13.80 -60.07 21.51
CA ARG G 13 13.38 -58.97 20.64
C ARG G 13 14.58 -58.04 20.43
N PRO G 14 15.53 -58.43 19.56
CA PRO G 14 16.71 -57.57 19.38
C PRO G 14 16.40 -56.26 18.66
N GLU G 15 15.57 -56.29 17.61
CA GLU G 15 15.32 -55.09 16.83
C GLU G 15 14.72 -53.98 17.68
N GLN G 16 13.65 -54.30 18.42
CA GLN G 16 13.04 -53.33 19.32
C GLN G 16 14.04 -52.82 20.34
N ARG G 17 14.95 -53.69 20.79
CA ARG G 17 15.97 -53.28 21.74
C ARG G 17 16.90 -52.23 21.13
N ALA G 18 17.44 -52.52 19.94
CA ALA G 18 18.35 -51.57 19.29
C ALA G 18 17.66 -50.24 19.01
N GLN G 19 16.41 -50.27 18.55
CA GLN G 19 15.68 -49.04 18.28
C GLN G 19 15.48 -48.20 19.53
N GLN G 20 15.60 -48.80 20.72
CA GLN G 20 15.47 -48.01 21.95
C GLN G 20 16.70 -47.17 22.20
N LEU G 21 17.90 -47.76 22.06
CA LEU G 21 19.13 -47.03 22.33
C LEU G 21 19.31 -45.86 21.37
N ASP G 22 18.81 -45.98 20.14
CA ASP G 22 18.81 -44.83 19.23
C ASP G 22 17.97 -43.70 19.79
N LYS G 23 16.74 -43.99 20.17
CA LYS G 23 15.90 -42.98 20.83
C LYS G 23 16.51 -42.52 22.14
N ALA G 24 17.29 -43.37 22.80
CA ALA G 24 17.95 -42.98 24.04
C ALA G 24 19.15 -42.08 23.79
N ARG G 25 19.99 -42.43 22.80
CA ARG G 25 21.11 -41.57 22.44
C ARG G 25 20.65 -40.23 21.89
N GLU G 26 19.41 -40.13 21.40
CA GLU G 26 18.83 -38.85 21.05
C GLU G 26 18.52 -38.02 22.29
N THR G 27 18.13 -38.67 23.39
CA THR G 27 17.75 -37.95 24.60
C THR G 27 18.96 -37.50 25.40
N TYR G 28 20.04 -38.27 25.39
CA TYR G 28 21.22 -38.01 26.21
C TYR G 28 22.40 -37.68 25.30
N LYS G 29 22.55 -36.40 24.97
CA LYS G 29 23.63 -35.94 24.11
C LYS G 29 24.74 -35.29 24.94
N TYR G 30 25.96 -35.36 24.42
CA TYR G 30 27.11 -34.85 25.12
C TYR G 30 27.24 -33.34 24.95
N ALA G 31 27.99 -32.73 25.86
CA ALA G 31 28.25 -31.30 25.83
C ALA G 31 29.66 -31.05 26.38
N ASP G 32 30.07 -29.79 26.38
CA ASP G 32 31.35 -29.36 26.91
C ASP G 32 31.16 -28.37 28.06
N LEU G 33 30.13 -28.63 28.89
CA LEU G 33 29.85 -27.76 30.04
C LEU G 33 31.09 -27.58 30.91
N LEU G 34 31.87 -28.64 31.08
CA LEU G 34 33.18 -28.56 31.71
C LEU G 34 34.23 -29.09 30.75
N PRO G 35 35.25 -28.31 30.42
CA PRO G 35 36.26 -28.72 29.44
C PRO G 35 36.90 -30.05 29.79
N PRO G 36 37.62 -30.69 28.82
CA PRO G 36 38.02 -32.10 28.94
C PRO G 36 37.26 -33.03 29.90
N LEU G 37 35.93 -32.98 29.89
CA LEU G 37 35.13 -33.97 30.58
C LEU G 37 33.86 -34.26 29.77
N ALA G 38 33.39 -35.50 29.87
CA ALA G 38 32.20 -35.93 29.15
C ALA G 38 30.97 -35.54 29.97
N PHE G 39 30.21 -34.58 29.47
CA PHE G 39 29.11 -33.99 30.21
C PHE G 39 27.79 -34.14 29.47
N CYS G 40 26.70 -34.01 30.22
CA CYS G 40 25.35 -34.09 29.66
C CYS G 40 24.87 -32.73 29.19
N GLU G 41 24.15 -32.71 28.08
CA GLU G 41 23.56 -31.50 27.53
C GLU G 41 22.32 -31.19 28.33
N GLY G 42 22.48 -30.35 29.37
CA GLY G 42 21.36 -30.00 30.22
C GLY G 42 20.80 -31.20 30.99
N VAL G 43 19.63 -30.96 31.57
CA VAL G 43 18.94 -31.98 32.35
C VAL G 43 17.78 -32.54 31.53
N PRO G 44 17.91 -33.74 30.98
CA PRO G 44 16.79 -34.32 30.21
C PRO G 44 15.59 -34.59 31.10
N LYS G 45 14.41 -34.58 30.48
CA LYS G 45 13.17 -34.60 31.25
C LYS G 45 13.00 -35.86 32.09
N PRO G 46 13.28 -37.08 31.62
CA PRO G 46 13.19 -38.24 32.51
C PRO G 46 14.13 -38.16 33.71
N ASP G 47 15.20 -37.38 33.62
CA ASP G 47 16.11 -37.16 34.74
C ASP G 47 15.84 -35.86 35.48
N THR G 48 14.63 -35.32 35.36
CA THR G 48 14.22 -34.21 36.19
C THR G 48 14.20 -34.66 37.66
N PRO G 49 14.68 -33.82 38.59
CA PRO G 49 14.55 -34.18 40.01
C PRO G 49 13.10 -34.45 40.39
N SER G 50 12.91 -35.48 41.22
CA SER G 50 11.57 -35.86 41.65
C SER G 50 11.02 -34.82 42.62
N ALA G 51 9.70 -34.92 42.87
CA ALA G 51 9.06 -34.01 43.81
C ALA G 51 9.48 -34.28 45.25
N ALA G 52 9.73 -35.55 45.59
CA ALA G 52 10.23 -35.87 46.93
C ALA G 52 11.56 -35.17 47.19
N TRP G 53 12.47 -35.26 46.22
CA TRP G 53 13.77 -34.60 46.37
C TRP G 53 13.60 -33.10 46.55
N LEU G 54 12.67 -32.49 45.81
CA LEU G 54 12.47 -31.04 45.89
C LEU G 54 11.89 -30.63 47.24
N VAL G 55 10.93 -31.40 47.76
CA VAL G 55 10.32 -31.07 49.05
C VAL G 55 11.35 -31.17 50.16
N THR G 56 12.16 -32.23 50.17
CA THR G 56 13.22 -32.37 51.16
C THR G 56 14.19 -31.20 51.07
N VAL G 57 14.68 -30.91 49.86
CA VAL G 57 15.61 -29.80 49.68
C VAL G 57 14.95 -28.49 50.04
N GLY G 58 13.72 -28.28 49.58
CA GLY G 58 13.05 -27.00 49.82
C GLY G 58 12.96 -26.63 51.28
N LYS G 59 12.84 -27.64 52.14
CA LYS G 59 12.83 -27.38 53.58
C LYS G 59 14.18 -26.88 54.06
N VAL G 60 15.26 -27.39 53.47
CA VAL G 60 16.60 -26.96 53.88
C VAL G 60 16.92 -25.58 53.32
N ALA G 61 16.62 -25.36 52.04
CA ALA G 61 16.88 -24.06 51.42
C ALA G 61 16.05 -22.95 52.04
N ALA G 62 14.99 -23.29 52.77
CA ALA G 62 14.21 -22.27 53.47
C ALA G 62 14.91 -21.84 54.77
N ALA G 63 15.42 -22.80 55.54
CA ALA G 63 16.10 -22.47 56.78
C ALA G 63 17.32 -21.60 56.53
N VAL G 64 18.03 -21.84 55.42
CA VAL G 64 19.21 -21.04 55.11
C VAL G 64 18.81 -19.60 54.79
N ALA G 65 17.71 -19.42 54.06
CA ALA G 65 17.25 -18.07 53.77
C ALA G 65 16.75 -17.37 55.04
N LEU G 66 16.03 -18.10 55.89
CA LEU G 66 15.57 -17.53 57.14
C LEU G 66 16.73 -17.12 58.03
N ASN G 67 17.78 -17.96 58.09
CA ASN G 67 18.98 -17.59 58.83
C ASN G 67 19.63 -16.35 58.24
N ALA G 68 19.71 -16.27 56.92
CA ALA G 68 20.24 -15.08 56.27
C ALA G 68 19.40 -13.85 56.58
N VAL G 69 18.10 -14.04 56.80
CA VAL G 69 17.24 -12.93 57.18
C VAL G 69 17.51 -12.51 58.61
N ALA G 70 17.60 -13.49 59.52
CA ALA G 70 17.85 -13.19 60.92
C ALA G 70 19.19 -12.47 61.10
N ASN G 71 20.21 -12.89 60.37
CA ASN G 71 21.49 -12.19 60.38
C ASN G 71 21.37 -10.76 59.89
N ARG G 72 20.37 -10.46 59.07
CA ARG G 72 20.10 -9.09 58.67
C ARG G 72 19.34 -8.29 59.71
N ARG G 73 18.59 -8.95 60.61
CA ARG G 73 17.97 -8.24 61.71
C ARG G 73 19.00 -7.83 62.75
N ALA G 74 20.01 -8.67 63.00
CA ALA G 74 21.05 -8.32 63.96
C ALA G 74 21.90 -7.18 63.45
N TRP G 75 22.20 -7.16 62.16
CA TRP G 75 22.89 -6.03 61.56
C TRP G 75 21.96 -4.82 61.56
N LYS G 76 22.43 -3.71 62.12
CA LYS G 76 21.61 -2.53 62.39
C LYS G 76 20.43 -2.91 63.30
N ARG G 77 20.78 -3.26 64.53
CA ARG G 77 19.78 -3.70 65.50
C ARG G 77 18.90 -2.55 65.96
N ASP G 88 10.69 -4.49 57.12
CA ASP G 88 10.96 -4.85 55.74
C ASP G 88 11.65 -6.20 55.69
N VAL G 89 12.29 -6.58 56.80
CA VAL G 89 12.77 -7.95 56.95
C VAL G 89 11.76 -8.83 57.67
N GLY G 90 10.70 -8.23 58.21
CA GLY G 90 9.61 -9.04 58.72
C GLY G 90 8.77 -9.63 57.60
N GLY G 91 8.54 -8.85 56.54
CA GLY G 91 7.85 -9.38 55.38
C GLY G 91 8.69 -10.38 54.61
N THR G 92 10.00 -10.13 54.54
CA THR G 92 10.91 -11.10 53.92
C THR G 92 10.91 -12.42 54.68
N SER G 93 10.85 -12.36 56.02
CA SER G 93 10.82 -13.58 56.82
C SER G 93 9.55 -14.38 56.57
N GLU G 94 8.42 -13.69 56.42
CA GLU G 94 7.14 -14.38 56.31
C GLU G 94 6.89 -14.95 54.91
N GLU G 95 7.53 -14.38 53.88
CA GLU G 95 7.40 -14.96 52.54
C GLU G 95 8.15 -16.29 52.44
N ASP G 96 9.33 -16.37 53.07
CA ASP G 96 10.05 -17.64 53.11
C ASP G 96 9.27 -18.69 53.88
N GLN G 97 8.77 -18.33 55.07
CA GLN G 97 7.94 -19.25 55.83
C GLN G 97 6.65 -19.59 55.10
N ASN G 98 6.17 -18.73 54.20
CA ASN G 98 5.02 -19.08 53.38
C ASN G 98 5.35 -20.23 52.45
N GLU G 99 6.56 -20.23 51.87
CA GLU G 99 6.98 -21.37 51.07
C GLU G 99 7.12 -22.63 51.90
N ALA G 100 7.47 -22.49 53.18
CA ALA G 100 7.44 -23.63 54.08
C ALA G 100 6.03 -24.17 54.22
N GLY G 101 5.03 -23.29 54.19
CA GLY G 101 3.65 -23.74 54.13
C GLY G 101 3.32 -24.38 52.79
N HIS G 102 3.86 -23.80 51.71
CA HIS G 102 3.66 -24.40 50.39
C HIS G 102 4.31 -25.78 50.31
N ASN G 103 5.49 -25.93 50.91
CA ASN G 103 6.21 -27.19 50.83
C ASN G 103 5.47 -28.33 51.53
N SER G 104 4.71 -28.00 52.58
CA SER G 104 4.07 -29.05 53.38
C SER G 104 2.94 -29.76 52.65
N PHE G 105 2.38 -29.15 51.60
CA PHE G 105 1.12 -29.67 51.08
C PHE G 105 1.08 -29.93 49.58
N LEU G 106 1.45 -28.95 48.76
CA LEU G 106 1.20 -29.02 47.32
C LEU G 106 1.83 -30.24 46.67
N ALA G 107 3.16 -30.28 46.59
CA ALA G 107 3.81 -31.46 46.02
C ALA G 107 3.57 -32.69 46.89
N ARG G 108 3.61 -32.51 48.21
CA ARG G 108 3.37 -33.63 49.13
C ARG G 108 1.98 -34.22 48.96
N LEU G 109 1.03 -33.45 48.44
CA LEU G 109 -0.27 -34.01 48.08
C LEU G 109 -0.11 -35.15 47.09
N GLU G 110 0.81 -35.02 46.14
CA GLU G 110 1.24 -36.08 45.24
C GLU G 110 0.08 -36.66 44.43
N ASN G 111 -0.98 -35.89 44.21
CA ASN G 111 -2.16 -36.39 43.53
C ASN G 111 -2.70 -35.37 42.53
N PRO G 125 4.93 -25.22 39.30
CA PRO G 125 4.23 -25.38 40.58
C PRO G 125 4.99 -24.73 41.74
N SER G 126 4.52 -24.97 42.96
CA SER G 126 5.20 -24.44 44.13
C SER G 126 6.58 -25.08 44.30
N VAL G 127 6.73 -26.32 43.86
CA VAL G 127 8.01 -27.01 43.99
C VAL G 127 8.97 -26.59 42.89
N LEU G 128 8.48 -26.58 41.64
CA LEU G 128 9.39 -26.50 40.49
C LEU G 128 10.14 -25.17 40.48
N ASP G 129 9.41 -24.06 40.64
CA ASP G 129 10.02 -22.75 40.43
C ASP G 129 11.00 -22.40 41.54
N GLU G 130 10.53 -22.39 42.79
CA GLU G 130 11.29 -21.78 43.86
C GLU G 130 12.50 -22.63 44.26
N VAL G 131 12.32 -23.94 44.38
CA VAL G 131 13.37 -24.78 44.95
C VAL G 131 14.64 -24.70 44.13
N ASN G 132 14.54 -24.92 42.81
CA ASN G 132 15.72 -24.88 41.96
C ASN G 132 16.33 -23.47 41.90
N GLU G 133 15.50 -22.44 41.99
CA GLU G 133 16.04 -21.07 42.03
C GLU G 133 16.82 -20.83 43.31
N ARG G 134 16.21 -21.12 44.46
CA ARG G 134 16.87 -20.93 45.74
C ARG G 134 18.17 -21.72 45.81
N VAL G 135 18.13 -22.99 45.39
CA VAL G 135 19.34 -23.82 45.38
C VAL G 135 20.40 -23.20 44.48
N ALA G 136 19.99 -22.64 43.34
CA ALA G 136 20.92 -22.01 42.42
C ALA G 136 21.32 -20.60 42.86
N ALA G 137 20.48 -19.93 43.66
CA ALA G 137 20.90 -18.67 44.25
C ALA G 137 21.87 -18.89 45.39
N ILE G 138 21.75 -20.00 46.11
CA ILE G 138 22.68 -20.32 47.18
C ILE G 138 23.99 -20.86 46.62
N LEU G 139 23.91 -21.70 45.58
CA LEU G 139 25.12 -22.23 44.98
C LEU G 139 25.86 -21.19 44.13
N GLY G 140 25.13 -20.26 43.52
CA GLY G 140 25.72 -19.21 42.73
C GLY G 140 26.18 -18.00 43.51
N ALA G 141 25.97 -17.98 44.83
CA ALA G 141 26.30 -16.84 45.68
C ALA G 141 25.60 -15.56 45.20
N LYS G 142 24.39 -15.72 44.67
CA LYS G 142 23.69 -14.56 44.12
C LYS G 142 23.22 -13.65 45.24
N PRO G 143 23.28 -12.33 45.05
CA PRO G 143 22.70 -11.41 46.04
C PRO G 143 21.18 -11.49 46.04
N ASN G 144 20.54 -10.58 46.77
CA ASN G 144 19.08 -10.55 46.95
C ASN G 144 18.52 -11.92 47.34
N ARG G 145 19.35 -12.78 47.95
CA ARG G 145 18.97 -14.12 48.38
C ARG G 145 17.82 -14.12 49.37
N HIS G 146 17.42 -12.95 49.86
CA HIS G 146 16.59 -12.87 51.05
C HIS G 146 15.16 -13.34 50.78
N VAL G 147 14.62 -13.05 49.61
CA VAL G 147 13.27 -13.53 49.30
C VAL G 147 13.09 -13.77 47.81
N PRO G 148 12.29 -14.77 47.42
CA PRO G 148 12.01 -15.01 46.01
C PRO G 148 10.55 -14.69 45.71
N PRO G 149 10.07 -14.87 44.43
CA PRO G 149 8.83 -14.20 43.99
C PRO G 149 8.37 -12.97 44.78
N ALA G 150 9.11 -11.87 44.64
CA ALA G 150 8.71 -10.58 45.20
C ALA G 150 9.53 -9.46 44.57
N ASN G 173 29.08 -2.99 45.93
CA ASN G 173 29.74 -3.64 47.06
C ASN G 173 28.86 -4.76 47.60
N VAL G 174 28.95 -5.01 48.91
CA VAL G 174 28.12 -5.98 49.60
C VAL G 174 27.15 -5.23 50.50
N SER G 175 25.91 -5.69 50.54
CA SER G 175 24.85 -5.02 51.28
C SER G 175 25.27 -4.77 52.73
N LYS G 176 25.29 -3.50 53.13
CA LYS G 176 25.60 -3.12 54.49
C LYS G 176 24.43 -3.34 55.45
N ASP G 177 23.30 -3.83 54.96
CA ASP G 177 22.20 -4.27 55.82
C ASP G 177 22.35 -5.73 56.22
N GLY G 178 23.30 -6.45 55.65
CA GLY G 178 23.65 -7.78 56.09
C GLY G 178 25.08 -7.84 56.58
N PRO G 179 25.40 -8.87 57.37
CA PRO G 179 26.76 -8.99 57.92
C PRO G 179 27.80 -9.02 56.81
N ASN G 180 28.76 -8.10 56.89
CA ASN G 180 29.77 -7.94 55.85
C ASN G 180 31.09 -7.49 56.48
N GLY G 181 32.13 -7.47 55.66
CA GLY G 181 33.40 -6.93 56.07
C GLY G 181 34.14 -7.79 57.08
N ARG G 182 35.07 -7.16 57.78
CA ARG G 182 35.89 -7.79 58.81
C ARG G 182 35.15 -7.81 60.14
N PRO G 183 35.58 -8.68 61.08
CA PRO G 183 34.83 -8.83 62.33
C PRO G 183 35.34 -7.97 63.48
N GLN G 184 34.49 -7.76 64.48
CA GLN G 184 34.89 -7.09 65.70
C GLN G 184 35.51 -8.07 66.69
N SER G 185 34.97 -9.28 66.78
CA SER G 185 35.51 -10.33 67.63
C SER G 185 35.16 -11.67 67.02
N MET G 186 35.84 -12.73 67.50
CA MET G 186 35.62 -14.07 66.98
C MET G 186 34.21 -14.58 67.23
N ASP G 187 33.38 -13.86 68.00
CA ASP G 187 32.00 -14.26 68.21
C ASP G 187 31.15 -14.11 66.95
N ASP G 188 31.59 -13.28 65.99
CA ASP G 188 30.76 -13.00 64.83
C ASP G 188 30.56 -14.22 63.94
N TYR G 189 31.55 -15.11 63.88
CA TYR G 189 31.41 -16.31 63.06
C TYR G 189 30.42 -17.29 63.69
N ALA G 190 30.48 -17.46 65.02
CA ALA G 190 29.56 -18.37 65.69
C ALA G 190 28.15 -17.82 65.74
N ASN G 191 28.00 -16.50 65.84
CA ASN G 191 26.68 -15.88 65.87
C ASN G 191 26.00 -15.88 64.51
N LEU G 192 26.72 -16.20 63.44
CA LEU G 192 26.08 -16.32 62.12
C LEU G 192 25.03 -17.42 62.11
N PHE G 193 25.24 -18.47 62.89
CA PHE G 193 24.31 -19.59 62.96
C PHE G 193 23.15 -19.20 63.88
N ARG G 194 22.11 -18.63 63.29
CA ARG G 194 20.95 -18.15 64.03
C ARG G 194 19.76 -19.10 63.90
N ARG G 195 19.23 -19.25 62.68
CA ARG G 195 18.14 -20.18 62.44
C ARG G 195 18.63 -21.59 62.12
N ILE G 196 19.93 -21.76 61.89
CA ILE G 196 20.53 -23.08 61.72
C ILE G 196 21.48 -23.33 62.89
N THR G 197 21.65 -24.59 63.24
CA THR G 197 22.32 -24.96 64.48
C THR G 197 23.83 -25.01 64.29
N LEU G 198 24.55 -24.29 65.15
CA LEU G 198 26.01 -24.27 65.09
C LEU G 198 26.55 -25.69 65.25
N PRO G 199 27.42 -26.15 64.34
CA PRO G 199 27.94 -27.50 64.46
C PRO G 199 28.79 -27.64 65.72
N PRO G 200 28.88 -28.86 66.28
CA PRO G 200 29.66 -29.04 67.50
C PRO G 200 31.15 -28.78 67.30
N ILE G 201 31.66 -28.97 66.08
CA ILE G 201 33.07 -28.82 65.78
C ILE G 201 33.54 -27.40 66.07
N ALA G 202 32.61 -26.44 66.15
CA ALA G 202 32.98 -25.07 66.45
C ALA G 202 33.52 -24.92 67.86
N SER G 203 33.12 -25.80 68.78
CA SER G 203 33.52 -25.73 70.18
C SER G 203 34.74 -26.60 70.50
N THR G 204 35.29 -27.31 69.51
CA THR G 204 36.38 -28.23 69.77
C THR G 204 37.44 -28.25 68.68
N TRP G 205 37.41 -27.33 67.73
CA TRP G 205 38.29 -27.45 66.57
C TRP G 205 39.76 -27.17 66.89
N LYS G 206 40.05 -26.50 68.00
CA LYS G 206 41.44 -26.18 68.33
C LYS G 206 42.19 -27.35 68.92
N ASN G 207 41.49 -28.34 69.49
CA ASN G 207 42.15 -29.48 70.11
C ASN G 207 42.91 -30.30 69.09
N ASP G 208 44.14 -30.68 69.44
CA ASP G 208 44.96 -31.48 68.53
C ASP G 208 44.29 -32.80 68.19
N SER G 209 43.45 -33.33 69.09
CA SER G 209 42.74 -34.57 68.79
C SER G 209 41.73 -34.37 67.68
N ALA G 210 41.02 -33.23 67.69
CA ALA G 210 40.01 -32.98 66.67
C ALA G 210 40.67 -32.71 65.31
N PHE G 211 41.82 -32.03 65.30
CA PHE G 211 42.55 -31.83 64.05
C PHE G 211 42.99 -33.16 63.45
N ALA G 212 43.35 -34.14 64.28
CA ALA G 212 43.76 -35.44 63.77
C ALA G 212 42.58 -36.30 63.38
N ALA G 213 41.47 -36.21 64.14
CA ALA G 213 40.28 -36.96 63.80
C ALA G 213 39.76 -36.58 62.41
N TYR G 214 40.06 -35.37 61.96
CA TYR G 214 39.66 -34.95 60.62
C TYR G 214 40.28 -35.83 59.54
N ARG G 215 41.46 -36.38 59.79
CA ARG G 215 42.16 -37.15 58.78
C ARG G 215 41.71 -38.60 58.71
N VAL G 216 41.04 -39.10 59.74
CA VAL G 216 40.49 -40.46 59.73
C VAL G 216 38.98 -40.47 59.86
N ALA G 217 38.35 -39.35 60.21
CA ALA G 217 36.90 -39.31 60.37
C ALA G 217 36.28 -38.03 59.84
N GLY G 218 37.01 -37.23 59.06
CA GLY G 218 36.49 -35.99 58.54
C GLY G 218 36.15 -36.08 57.08
N PRO G 219 36.11 -34.92 56.39
CA PRO G 219 35.74 -34.90 54.98
C PRO G 219 36.68 -35.72 54.11
N ASN G 220 37.96 -35.35 54.10
CA ASN G 220 38.97 -36.11 53.37
C ASN G 220 39.57 -37.11 54.35
N ALA G 221 38.92 -38.27 54.46
CA ALA G 221 39.37 -39.34 55.34
C ALA G 221 40.19 -40.40 54.62
N SER G 222 40.54 -40.15 53.36
CA SER G 222 41.35 -41.08 52.57
C SER G 222 42.77 -40.57 52.34
N MET G 223 43.20 -39.57 53.10
CA MET G 223 44.40 -38.83 52.78
C MET G 223 45.68 -39.45 53.31
N ILE G 224 45.68 -39.94 54.56
CA ILE G 224 46.92 -40.34 55.19
C ILE G 224 47.52 -41.57 54.51
N GLN G 225 48.84 -41.65 54.54
CA GLN G 225 49.58 -42.78 54.01
C GLN G 225 50.73 -43.09 54.96
N ARG G 226 50.92 -44.36 55.30
CA ARG G 226 52.00 -44.73 56.18
C ARG G 226 53.34 -44.55 55.49
N ILE G 227 54.33 -44.09 56.26
CA ILE G 227 55.68 -43.90 55.76
C ILE G 227 56.62 -44.75 56.60
N THR G 228 57.67 -45.25 55.95
CA THR G 228 58.75 -45.95 56.64
C THR G 228 59.98 -45.08 56.84
N GLU G 229 60.16 -44.06 56.00
CA GLU G 229 61.24 -43.10 56.12
C GLU G 229 60.71 -41.71 55.83
N LEU G 230 61.24 -40.72 56.54
CA LEU G 230 60.78 -39.35 56.37
C LEU G 230 61.19 -38.82 55.00
N PRO G 231 60.31 -38.09 54.32
CA PRO G 231 60.71 -37.45 53.07
C PRO G 231 61.77 -36.39 53.33
N ASP G 232 62.59 -36.14 52.31
CA ASP G 232 63.70 -35.20 52.47
C ASP G 232 63.20 -33.77 52.62
N ASN G 233 62.05 -33.46 52.04
CA ASN G 233 61.46 -32.12 52.16
C ASN G 233 60.73 -31.92 53.48
N PHE G 234 60.88 -32.85 54.44
CA PHE G 234 60.12 -32.84 55.68
C PHE G 234 60.94 -33.58 56.74
N ALA G 235 62.02 -32.95 57.19
CA ALA G 235 62.95 -33.58 58.14
C ALA G 235 62.56 -33.16 59.55
N VAL G 236 61.59 -33.88 60.12
CA VAL G 236 61.14 -33.59 61.47
C VAL G 236 62.13 -34.13 62.47
N THR G 237 62.22 -33.48 63.62
CA THR G 237 63.21 -33.82 64.63
C THR G 237 62.61 -34.77 65.67
N ASP G 238 63.49 -35.53 66.31
CA ASP G 238 63.07 -36.32 67.47
C ASP G 238 62.58 -35.43 68.60
N ALA G 239 62.99 -34.15 68.60
CA ALA G 239 62.46 -33.20 69.57
C ALA G 239 60.98 -32.93 69.33
N HIS G 240 60.60 -32.71 68.06
CA HIS G 240 59.19 -32.52 67.73
C HIS G 240 58.36 -33.73 68.13
N TYR G 241 58.85 -34.94 67.81
CA TYR G 241 58.09 -36.14 68.10
C TYR G 241 57.93 -36.36 69.60
N LYS G 242 59.03 -36.28 70.35
CA LYS G 242 58.93 -36.45 71.80
C LYS G 242 58.06 -35.36 72.43
N GLN G 243 57.99 -34.19 71.81
CA GLN G 243 57.08 -33.15 72.31
C GLN G 243 55.63 -33.53 72.10
N ALA G 244 55.33 -34.34 71.09
CA ALA G 244 53.96 -34.69 70.75
C ALA G 244 53.56 -36.09 71.21
N MET G 245 54.51 -37.01 71.36
CA MET G 245 54.20 -38.39 71.70
C MET G 245 54.97 -38.84 72.95
N GLY G 246 55.31 -37.91 73.82
CA GLY G 246 55.95 -38.23 75.09
C GLY G 246 57.45 -38.45 74.94
N GLU G 247 58.14 -38.28 76.07
CA GLU G 247 59.59 -38.47 76.08
C GLU G 247 59.96 -39.93 75.88
N GLY G 248 59.08 -40.86 76.28
CA GLY G 248 59.41 -42.27 76.19
C GLY G 248 59.43 -42.82 74.79
N ASP G 249 58.63 -42.24 73.90
CA ASP G 249 58.54 -42.72 72.52
C ASP G 249 59.60 -42.05 71.65
N SER G 250 60.20 -42.82 70.75
CA SER G 250 61.24 -42.35 69.87
C SER G 250 60.72 -42.22 68.44
N LEU G 251 61.32 -41.30 67.69
CA LEU G 251 60.93 -41.13 66.29
C LEU G 251 61.40 -42.32 65.46
N ASP G 252 62.57 -42.86 65.77
CA ASP G 252 63.04 -44.07 65.09
C ASP G 252 62.21 -45.29 65.45
N ALA G 253 61.48 -45.25 66.58
CA ALA G 253 60.68 -46.40 66.98
C ALA G 253 59.37 -46.48 66.21
N ALA G 254 58.77 -45.32 65.90
CA ALA G 254 57.47 -45.31 65.24
C ALA G 254 57.58 -45.76 63.79
N LYS G 255 58.62 -45.30 63.08
CA LYS G 255 58.78 -45.68 61.68
C LYS G 255 59.00 -47.18 61.52
N ALA G 256 59.65 -47.82 62.50
CA ALA G 256 59.89 -49.26 62.42
C ALA G 256 58.63 -50.06 62.74
N GLU G 257 57.87 -49.63 63.74
CA GLU G 257 56.64 -50.29 64.12
C GLU G 257 55.45 -49.85 63.28
N GLY G 258 55.69 -49.14 62.18
CA GLY G 258 54.63 -48.74 61.28
C GLY G 258 53.64 -47.77 61.89
N ARG G 259 54.10 -46.91 62.80
CA ARG G 259 53.22 -46.00 63.52
C ARG G 259 53.28 -44.57 63.00
N LEU G 260 54.04 -44.31 61.94
CA LEU G 260 54.09 -43.00 61.32
C LEU G 260 53.16 -42.95 60.13
N PHE G 261 52.40 -41.86 60.01
CA PHE G 261 51.47 -41.66 58.91
C PHE G 261 51.58 -40.23 58.43
N LEU G 262 51.69 -40.05 57.11
CA LEU G 262 51.93 -38.75 56.52
C LEU G 262 50.76 -38.32 55.64
N ALA G 263 50.53 -37.02 55.59
CA ALA G 263 49.56 -36.41 54.68
C ALA G 263 50.26 -35.32 53.88
N ASP G 264 50.12 -35.36 52.56
CA ASP G 264 50.86 -34.46 51.67
C ASP G 264 49.90 -33.87 50.65
N TRP G 265 49.64 -32.56 50.76
CA TRP G 265 48.81 -31.84 49.81
C TRP G 265 49.63 -31.27 48.66
N LYS G 266 50.62 -32.03 48.19
CA LYS G 266 51.52 -31.56 47.13
C LYS G 266 50.75 -31.13 45.90
N LEU G 267 49.59 -31.73 45.64
CA LEU G 267 48.81 -31.39 44.45
C LEU G 267 48.30 -29.95 44.49
N ILE G 268 47.96 -29.46 45.69
CA ILE G 268 47.37 -28.12 45.81
C ILE G 268 48.36 -27.08 45.30
N GLY G 269 49.65 -27.30 45.53
CA GLY G 269 50.65 -26.34 45.10
C GLY G 269 50.88 -26.35 43.60
N GLU G 270 50.70 -27.50 42.96
CA GLU G 270 50.96 -27.63 41.53
C GLU G 270 49.83 -27.06 40.67
N THR G 271 48.61 -26.98 41.20
CA THR G 271 47.45 -26.68 40.38
C THR G 271 46.79 -25.35 40.70
N LEU G 272 46.86 -24.87 41.93
CA LEU G 272 46.11 -23.68 42.33
C LEU G 272 46.90 -22.41 42.07
N VAL G 273 46.19 -21.36 41.69
CA VAL G 273 46.74 -20.02 41.54
C VAL G 273 46.01 -19.12 42.55
N ASN G 274 46.77 -18.53 43.47
CA ASN G 274 46.17 -17.72 44.53
C ASN G 274 45.44 -16.53 43.93
N ASN G 275 44.27 -16.23 44.49
CA ASN G 275 43.36 -15.22 43.95
C ASN G 275 43.03 -14.20 45.03
N THR G 276 42.33 -13.15 44.62
CA THR G 276 41.95 -12.06 45.52
C THR G 276 40.42 -11.93 45.55
N TYR G 277 39.93 -11.34 46.63
CA TYR G 277 38.51 -11.01 46.78
C TYR G 277 38.40 -9.55 47.18
N LYS G 278 38.03 -8.69 46.24
CA LYS G 278 37.91 -7.25 46.45
C LYS G 278 39.22 -6.67 46.99
N GLY G 279 40.35 -7.22 46.54
CA GLY G 279 41.66 -6.78 46.94
C GLY G 279 42.32 -7.62 48.01
N ALA G 280 41.53 -8.23 48.90
CA ALA G 280 42.08 -9.03 49.98
C ALA G 280 42.73 -10.30 49.43
N GLN G 281 44.02 -10.48 49.75
CA GLN G 281 44.77 -11.63 49.27
C GLN G 281 44.30 -12.89 49.98
N LYS G 282 43.68 -13.79 49.23
CA LYS G 282 43.41 -15.13 49.72
C LYS G 282 44.64 -16.00 49.51
N THR G 283 44.88 -16.93 50.43
CA THR G 283 46.11 -17.70 50.42
C THR G 283 45.82 -19.17 50.70
N VAL G 284 46.64 -20.03 50.09
CA VAL G 284 46.57 -21.47 50.28
C VAL G 284 47.97 -22.04 50.10
N TYR G 285 48.24 -23.13 50.81
CA TYR G 285 49.55 -23.76 50.82
C TYR G 285 49.47 -25.19 50.28
N ALA G 286 50.58 -25.90 50.37
CA ALA G 286 50.68 -27.33 50.03
C ALA G 286 51.33 -28.05 51.20
N PRO G 287 50.64 -28.16 52.33
CA PRO G 287 51.30 -28.54 53.58
C PRO G 287 51.79 -29.98 53.59
N LEU G 288 52.69 -30.24 54.55
CA LEU G 288 53.15 -31.58 54.88
C LEU G 288 52.85 -31.81 56.36
N ALA G 289 51.95 -32.76 56.64
CA ALA G 289 51.50 -33.00 58.00
C ALA G 289 51.86 -34.43 58.41
N LEU G 290 52.52 -34.57 59.55
CA LEU G 290 52.94 -35.85 60.07
C LEU G 290 52.13 -36.20 61.30
N PHE G 291 51.61 -37.43 61.34
CA PHE G 291 50.82 -37.93 62.46
C PHE G 291 51.43 -39.23 62.96
N ALA G 292 50.99 -39.68 64.12
CA ALA G 292 51.51 -40.90 64.72
C ALA G 292 50.51 -41.46 65.71
N VAL G 293 50.66 -42.74 66.01
CA VAL G 293 49.79 -43.43 66.96
C VAL G 293 50.62 -43.89 68.15
N PRO G 294 50.02 -44.06 69.33
CA PRO G 294 50.78 -44.52 70.50
C PRO G 294 51.38 -45.89 70.28
N PRO G 295 52.35 -46.29 71.10
CA PRO G 295 52.95 -47.63 70.95
C PRO G 295 51.95 -48.72 71.32
N GLY G 296 51.80 -49.69 70.44
CA GLY G 296 50.91 -50.81 70.72
C GLY G 296 49.48 -50.59 70.31
N GLY G 297 49.21 -49.57 69.52
CA GLY G 297 47.86 -49.29 69.10
C GLY G 297 47.34 -47.99 69.72
N GLY G 298 46.45 -47.33 69.00
CA GLY G 298 45.88 -46.09 69.47
C GLY G 298 45.41 -45.23 68.30
N SER G 299 44.95 -44.04 68.64
CA SER G 299 44.40 -43.12 67.65
C SER G 299 45.50 -42.28 67.01
N LEU G 300 45.13 -41.57 65.94
CA LEU G 300 46.05 -40.68 65.27
C LEU G 300 46.20 -39.39 66.07
N ALA G 301 47.44 -38.89 66.14
CA ALA G 301 47.75 -37.65 66.84
C ALA G 301 48.79 -36.88 66.05
N PRO G 302 48.67 -35.56 65.95
CA PRO G 302 49.60 -34.80 65.11
C PRO G 302 50.99 -34.73 65.73
N VAL G 303 51.98 -34.61 64.85
CA VAL G 303 53.38 -34.49 65.26
C VAL G 303 53.98 -33.17 64.80
N ALA G 304 53.89 -32.87 63.51
CA ALA G 304 54.53 -31.68 62.96
C ALA G 304 53.82 -31.28 61.67
N ILE G 305 54.05 -30.04 61.27
CA ILE G 305 53.45 -29.46 60.06
C ILE G 305 54.48 -28.54 59.41
N GLN G 306 54.68 -28.71 58.10
CA GLN G 306 55.48 -27.79 57.31
C GLN G 306 54.56 -27.13 56.27
N PRO G 307 54.36 -25.82 56.35
CA PRO G 307 53.36 -25.18 55.45
C PRO G 307 53.68 -25.33 53.96
N GLY G 308 54.96 -25.42 53.60
CA GLY G 308 55.30 -25.51 52.18
C GLY G 308 56.03 -26.77 51.78
N GLN G 309 56.05 -27.08 50.48
CA GLN G 309 56.71 -28.28 50.03
C GLN G 309 58.22 -28.17 50.16
N THR G 310 58.79 -27.00 49.82
CA THR G 310 60.24 -26.83 49.87
C THR G 310 60.65 -26.08 51.14
N PRO G 311 61.62 -26.58 51.88
CA PRO G 311 62.07 -25.88 53.09
C PRO G 311 62.95 -24.68 52.76
N SER G 312 62.82 -23.65 53.58
CA SER G 312 63.49 -22.38 53.33
C SER G 312 63.49 -21.55 54.62
N PRO G 313 64.11 -20.36 54.63
CA PRO G 313 63.96 -19.48 55.80
C PRO G 313 62.52 -19.15 56.16
N THR G 314 61.59 -19.22 55.20
CA THR G 314 60.19 -18.90 55.47
C THR G 314 59.37 -20.13 55.84
N ASN G 315 59.68 -21.29 55.26
CA ASN G 315 58.88 -22.50 55.41
C ASN G 315 59.57 -23.43 56.40
N LYS G 316 59.09 -23.46 57.64
CA LYS G 316 59.71 -24.26 58.69
C LYS G 316 58.68 -25.22 59.29
N ILE G 317 59.21 -26.18 60.02
CA ILE G 317 58.42 -27.24 60.65
C ILE G 317 57.91 -26.74 61.99
N TYR G 318 56.61 -26.83 62.20
CA TYR G 318 55.98 -26.40 63.45
C TYR G 318 55.61 -27.61 64.29
N ALA G 319 55.87 -27.52 65.60
CA ALA G 319 55.65 -28.60 66.54
C ALA G 319 54.45 -28.31 67.42
N THR G 320 54.02 -29.35 68.15
CA THR G 320 52.83 -29.24 69.00
C THR G 320 53.01 -28.22 70.11
N GLN G 321 54.24 -27.79 70.40
CA GLN G 321 54.51 -26.88 71.51
C GLN G 321 54.73 -25.44 71.06
N ASP G 322 54.67 -25.15 69.77
CA ASP G 322 54.98 -23.82 69.27
C ASP G 322 53.83 -22.82 69.44
N GLY G 323 52.87 -23.10 70.33
CA GLY G 323 51.80 -22.18 70.66
C GLY G 323 50.90 -21.68 69.56
N ASN G 324 50.93 -20.37 69.30
CA ASN G 324 50.04 -19.82 68.28
C ASN G 324 50.52 -20.17 66.88
N ASP G 325 51.83 -20.32 66.68
CA ASP G 325 52.33 -20.80 65.40
C ASP G 325 52.01 -22.26 65.15
N TRP G 326 51.56 -22.99 66.17
CA TRP G 326 51.06 -24.34 65.99
C TRP G 326 49.58 -24.37 65.63
N LEU G 327 48.79 -23.47 66.22
CA LEU G 327 47.39 -23.37 65.83
C LEU G 327 47.24 -22.81 64.42
N ALA G 328 48.23 -22.07 63.94
CA ALA G 328 48.16 -21.55 62.57
C ALA G 328 48.60 -22.59 61.56
N ALA G 329 49.60 -23.40 61.91
CA ALA G 329 50.04 -24.47 61.02
C ALA G 329 48.91 -25.46 60.77
N LYS G 330 48.10 -25.74 61.79
CA LYS G 330 46.92 -26.58 61.60
C LYS G 330 45.86 -25.86 60.76
N SER G 331 45.64 -24.57 61.03
CA SER G 331 44.64 -23.82 60.28
C SER G 331 45.02 -23.69 58.81
N ALA G 332 46.31 -23.72 58.50
CA ALA G 332 46.74 -23.71 57.10
C ALA G 332 46.55 -25.07 56.46
N VAL G 333 46.82 -26.16 57.20
CA VAL G 333 46.52 -27.49 56.71
C VAL G 333 45.03 -27.63 56.41
N GLN G 334 44.19 -27.18 57.34
CA GLN G 334 42.74 -27.25 57.15
C GLN G 334 42.30 -26.49 55.92
N VAL G 335 42.86 -25.29 55.71
CA VAL G 335 42.51 -24.51 54.53
C VAL G 335 42.80 -25.29 53.26
N ALA G 336 43.94 -26.00 53.24
CA ALA G 336 44.28 -26.82 52.08
C ALA G 336 43.26 -27.93 51.88
N GLU G 337 42.96 -28.67 52.95
CA GLU G 337 42.00 -29.78 52.83
C GLU G 337 40.63 -29.29 52.41
N GLY G 338 40.26 -28.07 52.81
CA GLY G 338 38.99 -27.51 52.35
C GLY G 338 38.92 -27.40 50.84
N ASN G 339 40.03 -27.03 50.20
CA ASN G 339 40.10 -27.08 48.75
C ASN G 339 40.18 -28.51 48.25
N TYR G 340 41.10 -29.30 48.83
CA TYR G 340 41.32 -30.66 48.37
C TYR G 340 40.05 -31.49 48.47
N HIS G 341 39.34 -31.39 49.60
CA HIS G 341 38.09 -32.12 49.75
C HIS G 341 37.09 -31.70 48.69
N GLU G 342 36.83 -30.40 48.59
CA GLU G 342 35.73 -29.91 47.76
C GLU G 342 35.98 -30.11 46.27
N LEU G 343 37.23 -30.26 45.84
CA LEU G 343 37.54 -30.31 44.42
C LEU G 343 38.24 -31.59 43.98
N VAL G 344 38.63 -32.47 44.91
CA VAL G 344 39.23 -33.75 44.55
C VAL G 344 38.45 -34.87 45.22
N SER G 345 38.49 -34.91 46.55
CA SER G 345 37.75 -35.92 47.30
C SER G 345 36.26 -35.87 46.96
N HIS G 346 35.72 -34.68 46.80
CA HIS G 346 34.28 -34.54 46.58
C HIS G 346 33.94 -34.43 45.10
N LEU G 347 33.78 -33.19 44.61
CA LEU G 347 33.26 -32.98 43.26
C LEU G 347 34.08 -33.72 42.21
N GLY G 348 35.39 -33.75 42.38
CA GLY G 348 36.25 -34.40 41.41
C GLY G 348 36.02 -35.90 41.27
N LEU G 349 36.08 -36.63 42.39
CA LEU G 349 36.13 -38.08 42.35
C LEU G 349 34.81 -38.74 42.76
N THR G 350 33.71 -37.98 42.79
CA THR G 350 32.40 -38.60 42.89
C THR G 350 31.47 -38.03 41.82
N HIS G 351 31.17 -36.73 41.91
CA HIS G 351 30.31 -36.08 40.93
C HIS G 351 30.88 -36.23 39.53
N LEU G 352 32.09 -35.72 39.30
CA LEU G 352 32.66 -35.65 37.97
C LEU G 352 33.32 -36.96 37.53
N LEU G 353 33.49 -37.92 38.43
CA LEU G 353 33.97 -39.23 38.01
C LEU G 353 32.84 -40.09 37.47
N LEU G 354 31.62 -39.91 37.97
CA LEU G 354 30.50 -40.75 37.57
C LEU G 354 29.72 -40.18 36.39
N GLU G 355 29.76 -38.86 36.19
CA GLU G 355 29.10 -38.28 35.03
C GLU G 355 29.45 -38.96 33.71
N PRO G 356 30.71 -39.31 33.42
CA PRO G 356 30.97 -40.09 32.20
C PRO G 356 30.35 -41.47 32.24
N ILE G 357 30.24 -42.08 33.42
CA ILE G 357 29.68 -43.41 33.53
C ILE G 357 28.16 -43.36 33.37
N VAL G 358 27.52 -42.33 33.93
CA VAL G 358 26.06 -42.18 33.77
C VAL G 358 25.72 -41.99 32.30
N MET G 359 26.46 -41.11 31.62
CA MET G 359 26.15 -40.79 30.23
C MET G 359 26.34 -42.00 29.33
N ALA G 360 27.38 -42.80 29.59
CA ALA G 360 27.60 -44.00 28.78
C ALA G 360 26.55 -45.07 29.06
N THR G 361 26.07 -45.15 30.31
CA THR G 361 25.09 -46.17 30.65
C THR G 361 23.79 -45.97 29.90
N TYR G 362 23.32 -44.72 29.80
CA TYR G 362 22.10 -44.43 29.04
C TYR G 362 22.27 -44.73 27.55
N ARG G 363 23.48 -44.57 27.01
CA ARG G 363 23.68 -44.63 25.57
C ARG G 363 24.17 -45.99 25.07
N GLN G 364 24.58 -46.89 25.96
CA GLN G 364 25.14 -48.16 25.53
C GLN G 364 24.56 -49.39 26.20
N LEU G 365 23.70 -49.25 27.21
CA LEU G 365 23.01 -50.37 27.82
C LEU G 365 21.51 -50.17 27.67
N ALA G 366 20.82 -51.16 27.11
CA ALA G 366 19.40 -51.05 26.89
C ALA G 366 18.65 -51.00 28.21
N GLN G 367 17.42 -50.45 28.15
CA GLN G 367 16.55 -50.49 29.32
C GLN G 367 16.14 -51.91 29.67
N HIS G 368 16.45 -52.88 28.83
CA HIS G 368 16.27 -54.30 29.14
C HIS G 368 17.57 -54.96 29.56
N HIS G 369 18.68 -54.24 29.55
CA HIS G 369 19.95 -54.80 30.02
C HIS G 369 19.91 -54.92 31.55
N PRO G 370 20.44 -56.01 32.10
CA PRO G 370 20.41 -56.16 33.57
C PRO G 370 21.36 -55.22 34.29
N ILE G 371 22.44 -54.77 33.65
CA ILE G 371 23.35 -53.83 34.29
C ILE G 371 22.74 -52.43 34.32
N TYR G 372 22.03 -52.05 33.26
CA TYR G 372 21.19 -50.85 33.33
C TYR G 372 20.27 -50.91 34.53
N MET G 373 19.72 -52.09 34.82
CA MET G 373 18.84 -52.24 35.97
C MET G 373 19.61 -52.16 37.28
N LEU G 374 20.90 -52.50 37.27
CA LEU G 374 21.66 -52.48 38.52
C LEU G 374 22.13 -51.08 38.88
N LEU G 375 22.33 -50.21 37.89
CA LEU G 375 23.05 -48.96 38.11
C LEU G 375 22.18 -47.72 38.04
N ILE G 376 21.24 -47.65 37.09
CA ILE G 376 20.43 -46.45 36.85
C ILE G 376 19.81 -45.88 38.12
N PRO G 377 19.31 -46.69 39.06
CA PRO G 377 18.81 -46.09 40.32
C PRO G 377 19.90 -45.45 41.16
N HIS G 378 21.16 -45.90 41.05
CA HIS G 378 22.27 -45.25 41.71
C HIS G 378 22.69 -43.95 41.03
N PHE G 379 22.07 -43.61 39.89
CA PHE G 379 22.34 -42.36 39.19
C PHE G 379 21.18 -41.39 39.33
N GLU G 380 20.34 -41.55 40.35
CA GLU G 380 19.17 -40.68 40.47
C GLU G 380 19.59 -39.27 40.84
N GLY G 381 19.20 -38.31 40.01
CA GLY G 381 19.50 -36.91 40.27
C GLY G 381 20.96 -36.57 40.10
N THR G 382 21.74 -37.53 39.59
CA THR G 382 23.17 -37.29 39.42
C THR G 382 23.45 -36.32 38.29
N LEU G 383 22.72 -36.45 37.17
CA LEU G 383 22.87 -35.49 36.09
C LEU G 383 22.39 -34.11 36.51
N SER G 384 21.23 -34.05 37.16
CA SER G 384 20.65 -32.76 37.54
C SER G 384 21.51 -32.03 38.56
N ILE G 385 22.13 -32.77 39.48
CA ILE G 385 22.99 -32.11 40.46
C ILE G 385 24.30 -31.68 39.82
N ASN G 386 24.79 -32.43 38.83
CA ASN G 386 26.02 -32.02 38.14
C ASN G 386 25.80 -30.83 37.24
N ASN G 387 24.58 -30.68 36.71
CA ASN G 387 24.27 -29.49 35.92
C ASN G 387 24.19 -28.25 36.80
N SER G 388 23.81 -28.41 38.06
CA SER G 388 23.73 -27.28 38.97
C SER G 388 25.11 -26.86 39.49
N ALA G 389 26.03 -27.82 39.64
CA ALA G 389 27.37 -27.48 40.11
C ALA G 389 28.17 -26.74 39.03
N ALA G 390 28.16 -27.27 37.80
CA ALA G 390 28.99 -26.73 36.73
C ALA G 390 28.48 -25.41 36.17
N THR G 391 27.25 -25.01 36.48
CA THR G 391 26.69 -23.76 35.98
C THR G 391 26.40 -22.76 37.08
N ASN G 392 26.66 -23.09 38.34
CA ASN G 392 26.49 -22.13 39.43
C ASN G 392 27.61 -22.27 40.45
N LEU G 393 27.73 -23.44 41.06
CA LEU G 393 28.66 -23.64 42.17
C LEU G 393 30.10 -23.39 41.73
N ILE G 394 30.59 -24.13 40.73
CA ILE G 394 31.98 -23.97 40.31
C ILE G 394 32.01 -23.07 39.09
N ALA G 395 30.89 -22.44 38.81
CA ALA G 395 30.84 -21.45 37.75
C ALA G 395 31.56 -20.19 38.18
N PRO G 396 32.18 -19.46 37.26
CA PRO G 396 32.82 -18.18 37.62
C PRO G 396 31.79 -17.21 38.16
N GLY G 397 32.04 -16.72 39.37
CA GLY G 397 31.13 -15.84 40.06
C GLY G 397 30.34 -16.50 41.17
N GLY G 398 30.69 -17.73 41.56
CA GLY G 398 29.92 -18.45 42.55
C GLY G 398 30.70 -18.78 43.79
N ALA G 399 30.18 -19.72 44.60
CA ALA G 399 30.69 -19.95 45.94
C ALA G 399 32.16 -20.37 45.92
N VAL G 400 32.51 -21.32 45.04
CA VAL G 400 33.88 -21.83 45.03
C VAL G 400 34.88 -20.80 44.54
N ASP G 401 34.43 -19.77 43.81
CA ASP G 401 35.33 -18.71 43.37
C ASP G 401 35.54 -17.67 44.46
N LEU G 402 34.47 -17.31 45.18
CA LEU G 402 34.58 -16.29 46.22
C LEU G 402 35.24 -16.83 47.48
N ILE G 403 34.70 -17.91 48.03
CA ILE G 403 35.11 -18.37 49.37
C ILE G 403 36.42 -19.14 49.37
N PHE G 404 36.94 -19.53 48.21
CA PHE G 404 38.15 -20.33 48.15
C PHE G 404 39.31 -19.50 47.60
N ALA G 405 40.52 -20.00 47.82
CA ALA G 405 41.72 -19.23 47.55
C ALA G 405 42.07 -19.20 46.07
N GLY G 406 42.03 -20.36 45.40
CA GLY G 406 42.47 -20.43 44.03
C GLY G 406 41.53 -19.72 43.08
N THR G 407 42.09 -19.26 41.96
CA THR G 407 41.27 -18.76 40.87
C THR G 407 40.31 -19.87 40.43
N ILE G 408 39.13 -19.46 39.95
CA ILE G 408 38.09 -20.44 39.64
C ILE G 408 38.58 -21.43 38.58
N GLU G 409 39.45 -20.98 37.68
CA GLU G 409 39.96 -21.86 36.64
C GLU G 409 41.05 -22.81 37.16
N SER G 410 41.80 -22.40 38.19
CA SER G 410 42.79 -23.28 38.81
C SER G 410 42.15 -24.33 39.71
N GLU G 411 40.98 -24.05 40.28
CA GLU G 411 40.25 -25.08 41.00
C GLU G 411 39.77 -26.18 40.06
N HIS G 412 39.39 -25.79 38.83
CA HIS G 412 39.03 -26.80 37.83
C HIS G 412 40.25 -27.63 37.44
N GLN G 413 41.41 -26.99 37.28
CA GLN G 413 42.64 -27.73 37.02
C GLN G 413 42.97 -28.68 38.17
N LEU G 414 42.67 -28.27 39.40
CA LEU G 414 42.86 -29.16 40.55
C LEU G 414 42.01 -30.41 40.43
N ALA G 415 40.74 -30.25 40.05
CA ALA G 415 39.87 -31.41 39.84
C ALA G 415 40.33 -32.23 38.65
N LEU G 416 40.62 -31.57 37.52
CA LEU G 416 41.06 -32.27 36.32
C LEU G 416 42.36 -33.02 36.55
N ALA G 417 43.20 -32.54 37.47
CA ALA G 417 44.47 -33.19 37.73
C ALA G 417 44.29 -34.50 38.49
N ALA G 418 43.28 -34.56 39.37
CA ALA G 418 43.04 -35.78 40.13
C ALA G 418 42.24 -36.80 39.33
N LEU G 419 41.35 -36.34 38.44
CA LEU G 419 40.61 -37.25 37.59
C LEU G 419 41.53 -37.94 36.59
N LYS G 420 42.65 -37.31 36.24
CA LYS G 420 43.58 -37.85 35.24
C LYS G 420 44.58 -38.84 35.82
N ARG G 421 44.97 -38.69 37.09
CA ARG G 421 45.91 -39.60 37.73
C ARG G 421 45.22 -40.80 38.36
N HIS G 422 43.90 -40.82 38.40
CA HIS G 422 43.16 -41.90 39.06
C HIS G 422 43.20 -43.17 38.24
N ASP G 423 43.45 -44.30 38.91
CA ASP G 423 43.33 -45.62 38.29
C ASP G 423 42.02 -46.21 38.76
N PHE G 424 40.99 -46.12 37.91
CA PHE G 424 39.67 -46.62 38.27
C PHE G 424 39.72 -48.08 38.69
N MET G 425 40.47 -48.90 37.94
CA MET G 425 40.51 -50.32 38.22
C MET G 425 41.27 -50.65 39.50
N ARG G 426 42.07 -49.72 40.01
CA ARG G 426 42.87 -49.93 41.21
C ARG G 426 42.46 -49.00 42.34
N SER G 427 41.18 -48.63 42.38
CA SER G 427 40.67 -47.69 43.39
C SER G 427 39.63 -48.31 44.30
N GLY G 428 39.44 -49.62 44.25
CA GLY G 428 38.56 -50.25 45.22
C GLY G 428 39.05 -50.00 46.64
N LEU G 429 38.09 -49.81 47.55
CA LEU G 429 38.45 -49.38 48.90
C LEU G 429 39.45 -50.31 49.57
N PRO G 430 39.27 -51.64 49.57
CA PRO G 430 40.34 -52.49 50.13
C PRO G 430 41.67 -52.35 49.40
N ASP G 431 41.64 -51.99 48.12
CA ASP G 431 42.89 -51.83 47.38
C ASP G 431 43.64 -50.57 47.81
N THR G 432 42.91 -49.45 47.98
CA THR G 432 43.55 -48.20 48.37
C THR G 432 44.05 -48.24 49.82
N ILE G 433 43.33 -48.95 50.69
CA ILE G 433 43.73 -49.01 52.09
C ILE G 433 45.11 -49.62 52.25
N GLU G 434 45.46 -50.60 51.42
CA GLU G 434 46.78 -51.24 51.52
C GLU G 434 47.86 -50.54 50.71
N GLN G 435 47.49 -49.76 49.68
CA GLN G 435 48.48 -48.90 49.04
C GLN G 435 49.07 -47.91 50.04
N ARG G 436 48.22 -47.36 50.89
CA ARG G 436 48.62 -46.39 51.89
C ARG G 436 49.08 -47.03 53.20
N GLY G 437 48.95 -48.34 53.33
CA GLY G 437 49.38 -49.02 54.54
C GLY G 437 48.59 -48.66 55.77
N VAL G 438 47.29 -48.42 55.63
CA VAL G 438 46.44 -48.05 56.75
C VAL G 438 45.48 -49.19 57.12
N GLY G 439 45.83 -50.42 56.79
CA GLY G 439 44.94 -51.55 57.01
C GLY G 439 45.13 -52.32 58.29
N ASP G 440 46.22 -52.07 59.02
CA ASP G 440 46.48 -52.79 60.27
C ASP G 440 45.58 -52.23 61.35
N THR G 441 44.50 -52.96 61.66
CA THR G 441 43.59 -52.58 62.74
C THR G 441 44.20 -52.76 64.13
N SER G 442 45.42 -53.28 64.23
CA SER G 442 46.10 -53.46 65.51
C SER G 442 47.12 -52.37 65.81
N VAL G 443 47.37 -51.46 64.87
CA VAL G 443 48.22 -50.31 65.07
C VAL G 443 47.41 -49.01 65.06
N LEU G 444 46.77 -48.70 63.94
CA LEU G 444 45.85 -47.57 63.86
C LEU G 444 44.46 -48.10 64.17
N THR G 445 44.08 -48.03 65.45
CA THR G 445 42.84 -48.67 65.90
C THR G 445 41.62 -47.81 65.64
N ASP G 446 41.77 -46.49 65.55
CA ASP G 446 40.66 -45.58 65.32
C ASP G 446 40.78 -45.00 63.91
N TYR G 447 39.97 -45.53 62.99
CA TYR G 447 39.92 -45.07 61.61
C TYR G 447 38.53 -45.37 61.08
N PRO G 448 37.52 -44.59 61.52
CA PRO G 448 36.13 -44.96 61.23
C PRO G 448 35.80 -45.06 59.75
N TYR G 449 36.40 -44.24 58.90
CA TYR G 449 36.17 -44.37 57.47
C TYR G 449 36.58 -45.75 56.97
N ARG G 450 37.75 -46.21 57.41
CA ARG G 450 38.24 -47.51 56.96
C ARG G 450 37.36 -48.64 57.46
N ASP G 451 37.16 -48.72 58.78
CA ASP G 451 36.48 -49.86 59.37
C ASP G 451 35.02 -49.94 58.92
N ASP G 452 34.28 -48.85 59.07
CA ASP G 452 32.89 -48.85 58.66
C ASP G 452 32.72 -48.89 57.15
N GLY G 453 33.63 -48.25 56.41
CA GLY G 453 33.52 -48.24 54.96
C GLY G 453 33.75 -49.61 54.34
N LEU G 454 34.68 -50.38 54.90
CA LEU G 454 34.97 -51.71 54.37
C LEU G 454 33.81 -52.67 54.58
N LYS G 455 33.05 -52.50 55.68
CA LYS G 455 31.86 -53.32 55.87
C LYS G 455 30.83 -53.06 54.77
N ILE G 456 30.63 -51.79 54.42
CA ILE G 456 29.68 -51.45 53.36
C ILE G 456 30.17 -51.98 52.01
N TRP G 457 31.47 -51.87 51.75
CA TRP G 457 32.02 -52.34 50.49
C TRP G 457 31.74 -53.82 50.28
N ALA G 458 32.00 -54.64 51.30
CA ALA G 458 31.74 -56.07 51.20
C ALA G 458 30.25 -56.34 50.99
N ASN G 459 29.40 -55.54 51.64
CA ASN G 459 27.95 -55.69 51.43
C ASN G 459 27.58 -55.40 49.99
N ILE G 460 28.20 -54.39 49.38
CA ILE G 460 27.91 -54.05 47.98
C ILE G 460 28.55 -55.08 47.05
N GLU G 461 29.83 -55.38 47.25
CA GLU G 461 30.52 -56.34 46.40
C GLU G 461 29.85 -57.71 46.46
N ARG G 462 29.30 -58.07 47.62
CA ARG G 462 28.58 -59.34 47.72
C ARG G 462 27.32 -59.32 46.86
N TRP G 463 26.52 -58.26 46.98
CA TRP G 463 25.27 -58.18 46.24
C TRP G 463 25.49 -58.00 44.76
N VAL G 464 26.50 -57.22 44.37
CA VAL G 464 26.84 -57.08 42.96
C VAL G 464 27.24 -58.43 42.37
N THR G 465 28.07 -59.18 43.10
CA THR G 465 28.47 -60.50 42.63
C THR G 465 27.27 -61.42 42.44
N ALA G 466 26.37 -61.45 43.41
CA ALA G 466 25.15 -62.25 43.27
C ALA G 466 24.30 -61.77 42.11
N TYR G 467 24.30 -60.46 41.85
CA TYR G 467 23.51 -59.93 40.74
C TYR G 467 24.19 -60.18 39.40
N VAL G 468 25.52 -60.00 39.35
CA VAL G 468 26.24 -60.19 38.09
C VAL G 468 26.21 -61.65 37.67
N ASN G 469 26.39 -62.58 38.61
CA ASN G 469 26.50 -63.99 38.29
C ASN G 469 25.15 -64.63 37.99
N ASN G 470 24.03 -64.02 38.38
CA ASN G 470 22.73 -64.54 37.99
C ASN G 470 22.52 -64.38 36.49
N TYR G 471 22.83 -63.19 35.95
CA TYR G 471 22.55 -62.87 34.56
C TYR G 471 23.70 -63.24 33.62
N TYR G 472 24.91 -63.32 34.13
CA TYR G 472 26.06 -63.81 33.37
C TYR G 472 26.41 -65.19 33.91
N ILE G 473 26.14 -66.23 33.15
CA ILE G 473 26.38 -67.60 33.58
C ILE G 473 27.61 -68.23 32.94
N SER G 474 28.21 -67.57 31.95
CA SER G 474 29.48 -68.00 31.41
C SER G 474 30.36 -66.76 31.21
N GLU G 475 31.66 -66.98 31.03
CA GLU G 475 32.52 -65.88 30.67
C GLU G 475 32.30 -65.44 29.22
N ALA G 476 31.57 -66.22 28.44
CA ALA G 476 31.20 -65.82 27.08
C ALA G 476 30.02 -64.88 27.06
N ASN G 477 29.26 -64.78 28.15
CA ASN G 477 28.19 -63.79 28.21
C ASN G 477 28.75 -62.38 28.32
N VAL G 478 29.92 -62.23 28.94
CA VAL G 478 30.55 -60.91 29.02
C VAL G 478 31.12 -60.52 27.67
N THR G 479 31.99 -61.36 27.10
CA THR G 479 32.72 -61.00 25.90
C THR G 479 31.85 -61.03 24.64
N GLN G 480 30.64 -61.56 24.71
CA GLN G 480 29.71 -61.50 23.60
C GLN G 480 28.62 -60.46 23.81
N ASP G 481 28.62 -59.77 24.96
CA ASP G 481 27.71 -58.67 25.21
C ASP G 481 28.16 -57.44 24.43
N THR G 482 27.61 -57.27 23.23
CA THR G 482 28.04 -56.15 22.38
C THR G 482 27.67 -54.80 22.98
N GLU G 483 26.71 -54.76 23.90
CA GLU G 483 26.39 -53.52 24.59
C GLU G 483 27.42 -53.21 25.68
N LEU G 484 27.69 -54.18 26.55
CA LEU G 484 28.66 -53.96 27.62
C LEU G 484 30.03 -53.59 27.07
N GLN G 485 30.38 -54.10 25.89
CA GLN G 485 31.71 -53.84 25.35
C GLN G 485 31.80 -52.49 24.64
N ALA G 486 30.69 -52.00 24.10
CA ALA G 486 30.67 -50.62 23.62
C ALA G 486 30.60 -49.65 24.80
N TRP G 487 29.81 -50.01 25.81
CA TRP G 487 29.81 -49.27 27.07
C TRP G 487 31.22 -49.19 27.66
N ALA G 488 31.95 -50.30 27.61
CA ALA G 488 33.34 -50.27 28.05
C ALA G 488 34.21 -49.49 27.07
N ALA G 489 33.86 -49.51 25.78
CA ALA G 489 34.68 -48.85 24.77
C ALA G 489 34.72 -47.34 25.00
N VAL G 490 33.56 -46.73 25.24
CA VAL G 490 33.52 -45.29 25.45
C VAL G 490 34.22 -44.92 26.75
N LEU G 491 34.00 -45.70 27.81
CA LEU G 491 34.64 -45.40 29.09
C LEU G 491 36.14 -45.71 29.08
N SER G 492 36.60 -46.59 28.21
CA SER G 492 38.02 -46.91 28.10
C SER G 492 38.78 -45.95 27.19
N LYS G 493 38.11 -44.90 26.70
CA LYS G 493 38.79 -43.88 25.91
C LYS G 493 39.80 -43.13 26.76
N PRO G 494 40.78 -42.47 26.14
CA PRO G 494 41.73 -41.69 26.92
C PRO G 494 41.07 -40.47 27.54
N PHE G 495 41.68 -39.99 28.63
CA PHE G 495 41.10 -38.90 29.40
C PHE G 495 40.79 -37.68 28.54
N ALA G 496 41.57 -37.45 27.49
CA ALA G 496 41.36 -36.28 26.63
C ALA G 496 40.12 -36.39 25.77
N GLU G 497 39.57 -37.61 25.60
CA GLU G 497 38.44 -37.82 24.71
C GLU G 497 37.18 -38.22 25.47
N GLY G 498 37.16 -38.06 26.78
CA GLY G 498 35.97 -38.31 27.59
C GLY G 498 36.01 -39.55 28.43
N GLY G 499 37.12 -40.27 28.46
CA GLY G 499 37.17 -41.54 29.17
C GLY G 499 37.41 -41.39 30.66
N VAL G 500 37.22 -42.50 31.37
CA VAL G 500 37.54 -42.62 32.78
C VAL G 500 38.92 -43.25 32.89
N SER G 501 39.82 -42.60 33.63
CA SER G 501 41.21 -43.01 33.65
C SER G 501 41.37 -44.38 34.30
N GLY G 502 42.05 -45.29 33.59
CA GLY G 502 42.31 -46.62 34.10
C GLY G 502 41.09 -47.50 34.22
N PHE G 503 40.20 -47.48 33.22
CA PHE G 503 38.93 -48.20 33.29
C PHE G 503 38.99 -49.57 32.63
N GLY G 504 39.97 -49.86 31.79
CA GLY G 504 40.05 -51.12 31.08
C GLY G 504 40.14 -52.32 32.00
N PRO G 505 39.77 -53.50 31.49
CA PRO G 505 39.18 -53.67 30.15
C PRO G 505 37.71 -54.13 30.15
N ILE G 506 37.23 -54.63 31.28
CA ILE G 506 35.89 -55.21 31.41
C ILE G 506 35.74 -56.38 30.42
N ASP G 507 36.56 -57.41 30.60
CA ASP G 507 36.44 -58.63 29.80
C ASP G 507 36.14 -59.86 30.63
N THR G 508 36.19 -59.76 31.96
CA THR G 508 35.97 -60.89 32.85
C THR G 508 34.79 -60.58 33.77
N ARG G 509 34.12 -61.62 34.24
CA ARG G 509 33.05 -61.43 35.21
C ARG G 509 33.56 -60.76 36.48
N ALA G 510 34.85 -60.93 36.80
CA ALA G 510 35.43 -60.21 37.92
C ALA G 510 35.53 -58.72 37.63
N ALA G 511 35.85 -58.35 36.38
CA ALA G 511 35.99 -56.94 36.03
C ALA G 511 34.65 -56.22 36.06
N LEU G 512 33.59 -56.88 35.61
CA LEU G 512 32.26 -56.28 35.67
C LEU G 512 31.81 -56.06 37.12
N ILE G 513 32.08 -57.05 37.99
CA ILE G 513 31.73 -56.91 39.39
C ILE G 513 32.43 -55.70 40.00
N PHE G 514 33.71 -55.52 39.68
CA PHE G 514 34.47 -54.42 40.26
C PHE G 514 33.90 -53.07 39.82
N ALA G 515 33.74 -52.88 38.51
CA ALA G 515 33.22 -51.61 38.01
C ALA G 515 31.85 -51.30 38.61
N CYS G 516 30.96 -52.30 38.67
CA CYS G 516 29.67 -52.10 39.31
C CYS G 516 29.82 -51.88 40.81
N THR G 517 30.80 -52.53 41.44
CA THR G 517 31.03 -52.28 42.87
C THR G 517 31.63 -50.90 43.09
N LYS G 518 32.52 -50.47 42.19
CA LYS G 518 33.13 -49.16 42.33
C LYS G 518 32.14 -48.05 42.01
N VAL G 519 31.27 -48.27 41.03
CA VAL G 519 30.25 -47.28 40.70
C VAL G 519 29.25 -47.15 41.83
N ILE G 520 28.75 -48.28 42.32
CA ILE G 520 27.73 -48.25 43.36
C ILE G 520 28.29 -47.67 44.65
N PHE G 521 29.56 -47.96 44.95
CA PHE G 521 30.16 -47.46 46.18
C PHE G 521 30.35 -45.95 46.13
N THR G 522 30.93 -45.43 45.05
CA THR G 522 31.15 -43.99 44.95
C THR G 522 29.82 -43.24 44.87
N ALA G 523 28.83 -43.82 44.19
CA ALA G 523 27.53 -43.18 44.11
C ALA G 523 26.82 -43.17 45.46
N SER G 524 27.30 -43.96 46.42
CA SER G 524 26.60 -44.09 47.70
C SER G 524 27.52 -43.78 48.87
N ALA G 525 28.21 -44.80 49.39
CA ALA G 525 28.97 -44.66 50.62
C ALA G 525 30.07 -43.62 50.49
N GLU G 526 30.93 -43.75 49.47
CA GLU G 526 32.01 -42.80 49.28
C GLU G 526 31.48 -41.38 49.13
N HIS G 527 30.35 -41.22 48.43
CA HIS G 527 29.74 -39.90 48.32
C HIS G 527 29.22 -39.41 49.66
N SER G 528 28.61 -40.31 50.44
CA SER G 528 28.11 -39.92 51.75
C SER G 528 29.26 -39.50 52.66
N ALA G 529 30.41 -40.17 52.55
CA ALA G 529 31.55 -39.87 53.40
C ALA G 529 32.16 -38.52 53.10
N VAL G 530 31.87 -37.93 51.94
CA VAL G 530 32.47 -36.65 51.55
C VAL G 530 31.45 -35.54 51.40
N ASN G 531 30.16 -35.83 51.19
CA ASN G 531 29.19 -34.76 50.99
C ASN G 531 28.56 -34.29 52.29
N PHE G 532 28.29 -35.19 53.21
CA PHE G 532 27.58 -34.85 54.44
C PHE G 532 28.47 -34.25 55.53
N PRO G 533 29.79 -34.52 55.57
CA PRO G 533 30.66 -33.79 56.50
C PRO G 533 30.78 -32.30 56.21
N GLN G 534 30.17 -31.84 55.11
CA GLN G 534 30.16 -30.40 54.82
C GLN G 534 29.35 -29.65 55.86
N LYS G 535 28.16 -30.15 56.19
CA LYS G 535 27.32 -29.51 57.18
C LYS G 535 27.86 -29.73 58.59
N ASP G 536 28.22 -30.97 58.92
CA ASP G 536 28.60 -31.29 60.29
C ASP G 536 29.95 -30.69 60.66
N LEU G 537 30.92 -30.72 59.74
CA LEU G 537 32.29 -30.37 60.06
C LEU G 537 32.84 -29.16 59.32
N MET G 538 32.15 -28.66 58.29
CA MET G 538 32.74 -27.64 57.44
C MET G 538 31.96 -26.33 57.37
N SER G 539 30.82 -26.22 58.07
CA SER G 539 30.04 -25.00 58.00
C SER G 539 30.64 -23.86 58.83
N TYR G 540 31.47 -24.18 59.82
CA TYR G 540 32.13 -23.17 60.65
C TYR G 540 33.48 -22.83 60.04
N ALA G 541 33.60 -21.60 59.52
CA ALA G 541 34.81 -21.22 58.80
C ALA G 541 36.08 -21.25 59.65
N PRO G 542 36.10 -20.81 60.92
CA PRO G 542 37.33 -20.96 61.70
C PRO G 542 37.78 -22.41 61.87
N ALA G 543 36.88 -23.38 61.76
CA ALA G 543 37.28 -24.78 61.85
C ALA G 543 37.89 -25.25 60.54
N ILE G 544 37.31 -24.86 59.41
CA ILE G 544 37.87 -25.14 58.09
C ILE G 544 37.16 -24.24 57.09
N THR G 545 37.94 -23.68 56.17
CA THR G 545 37.39 -22.84 55.12
C THR G 545 38.38 -22.86 53.95
N GLY G 546 38.00 -22.18 52.87
CA GLY G 546 38.74 -22.23 51.63
C GLY G 546 39.93 -21.30 51.52
N ALA G 547 40.22 -20.50 52.55
CA ALA G 547 41.30 -19.53 52.44
C ALA G 547 41.70 -19.02 53.81
N GLY G 548 42.97 -18.66 53.94
CA GLY G 548 43.45 -17.84 55.04
C GLY G 548 43.58 -16.42 54.55
N TRP G 549 43.01 -15.49 55.31
CA TRP G 549 42.94 -14.10 54.90
C TRP G 549 44.04 -13.23 55.50
N THR G 550 44.81 -13.78 56.43
CA THR G 550 46.16 -13.27 56.65
C THR G 550 47.07 -13.92 55.62
N ALA G 551 48.18 -14.50 56.08
CA ALA G 551 49.22 -14.89 55.15
C ALA G 551 49.82 -16.27 55.43
N ALA G 552 50.08 -16.61 56.69
CA ALA G 552 51.06 -17.65 56.93
C ALA G 552 50.79 -18.33 58.25
N PRO G 553 51.34 -19.52 58.46
CA PRO G 553 51.36 -20.12 59.81
C PRO G 553 52.23 -19.34 60.78
N PRO G 554 53.24 -18.58 60.30
CA PRO G 554 53.78 -17.52 61.18
C PRO G 554 52.69 -16.56 61.59
N SER G 555 52.16 -16.73 62.81
CA SER G 555 51.03 -15.93 63.27
C SER G 555 51.38 -14.45 63.22
N GLN G 556 50.48 -13.66 62.65
CA GLN G 556 50.72 -12.24 62.40
C GLN G 556 50.05 -11.32 63.40
N GLY G 557 48.89 -11.73 63.93
CA GLY G 557 48.17 -10.91 64.88
C GLY G 557 47.03 -11.67 65.52
N PRO G 558 45.94 -10.97 65.82
CA PRO G 558 44.77 -11.64 66.41
C PRO G 558 44.20 -12.68 65.45
N LEU G 559 43.63 -13.73 66.03
CA LEU G 559 43.11 -14.84 65.22
C LEU G 559 42.01 -14.37 64.27
N LYS G 560 41.35 -13.25 64.57
CA LYS G 560 40.23 -12.79 63.76
C LYS G 560 40.65 -12.46 62.34
N ASP G 561 41.93 -12.12 62.13
CA ASP G 561 42.37 -11.68 60.81
C ASP G 561 42.51 -12.83 59.82
N PHE G 562 42.75 -14.05 60.30
CA PHE G 562 42.97 -15.19 59.42
C PHE G 562 41.67 -15.70 58.81
N GLN G 563 40.56 -15.56 59.52
CA GLN G 563 39.29 -16.13 59.10
C GLN G 563 38.61 -15.24 58.07
N PRO G 564 37.70 -15.80 57.27
CA PRO G 564 37.18 -15.06 56.11
C PRO G 564 36.29 -13.89 56.51
N PRO G 565 36.00 -12.98 55.59
CA PRO G 565 35.04 -11.91 55.87
C PRO G 565 33.66 -12.48 56.15
N LEU G 566 32.90 -11.75 56.95
CA LEU G 566 31.61 -12.25 57.43
C LEU G 566 30.64 -12.50 56.29
N GLU G 567 30.73 -11.69 55.22
CA GLU G 567 29.87 -11.90 54.05
C GLU G 567 30.11 -13.27 53.44
N LEU G 568 31.37 -13.65 53.26
CA LEU G 568 31.70 -14.98 52.76
C LEU G 568 31.54 -16.05 53.85
N ALA G 569 31.94 -15.72 55.08
CA ALA G 569 31.82 -16.68 56.18
C ALA G 569 30.37 -17.05 56.44
N GLU G 570 29.43 -16.13 56.16
CA GLU G 570 28.01 -16.50 56.23
C GLU G 570 27.62 -17.38 55.06
N LEU G 571 28.11 -17.06 53.86
CA LEU G 571 27.77 -17.83 52.67
C LEU G 571 28.26 -19.28 52.80
N GLN G 572 29.52 -19.46 53.20
CA GLN G 572 30.08 -20.79 53.38
C GLN G 572 29.24 -21.63 54.34
N ALA G 573 28.73 -20.99 55.40
CA ALA G 573 27.91 -21.72 56.36
C ALA G 573 26.56 -22.10 55.78
N GLU G 574 26.10 -21.42 54.73
CA GLU G 574 24.75 -21.64 54.22
C GLU G 574 24.73 -22.63 53.05
N PHE G 575 25.72 -22.58 52.16
CA PHE G 575 25.70 -23.49 51.03
C PHE G 575 26.29 -24.85 51.38
N LEU G 576 27.24 -24.90 52.32
CA LEU G 576 27.69 -26.19 52.82
C LEU G 576 26.63 -26.86 53.69
N TYR G 577 25.81 -26.05 54.36
CA TYR G 577 24.67 -26.58 55.11
C TYR G 577 23.64 -27.21 54.18
N LEU G 578 23.46 -26.62 52.99
CA LEU G 578 22.45 -27.12 52.06
C LEU G 578 22.94 -28.38 51.34
N LEU G 579 24.18 -28.36 50.85
CA LEU G 579 24.70 -29.55 50.19
C LEU G 579 24.85 -30.72 51.14
N GLY G 580 25.11 -30.45 52.42
CA GLY G 580 25.29 -31.54 53.36
C GLY G 580 24.07 -31.78 54.23
N GLY G 581 22.90 -31.33 53.78
CA GLY G 581 21.71 -31.43 54.59
C GLY G 581 20.53 -32.12 53.95
N VAL G 582 20.76 -33.00 52.98
CA VAL G 582 19.69 -33.71 52.28
C VAL G 582 20.08 -35.18 52.17
N HIS G 583 19.36 -36.04 52.90
CA HIS G 583 19.48 -37.49 52.77
C HIS G 583 18.29 -37.97 51.95
N HIS G 584 18.42 -37.92 50.63
CA HIS G 584 17.40 -38.43 49.73
C HIS G 584 17.82 -39.80 49.22
N THR G 585 16.84 -40.71 49.13
CA THR G 585 16.98 -42.12 48.74
C THR G 585 17.94 -42.89 49.64
N LYS G 586 17.78 -44.22 49.69
CA LYS G 586 18.45 -45.07 50.67
C LYS G 586 19.07 -46.29 49.99
N LEU G 587 20.31 -46.59 50.35
CA LEU G 587 21.01 -47.74 49.80
C LEU G 587 20.23 -49.03 50.07
N GLY G 588 20.29 -49.94 49.11
CA GLY G 588 19.57 -51.19 49.18
C GLY G 588 18.09 -51.10 48.89
N PHE G 589 17.56 -49.91 48.68
CA PHE G 589 16.14 -49.70 48.44
C PHE G 589 15.97 -49.05 47.06
N TYR G 590 15.57 -49.86 46.10
CA TYR G 590 15.55 -49.50 44.69
C TYR G 590 14.13 -49.13 44.28
N ASN G 591 13.89 -47.84 44.04
CA ASN G 591 12.60 -47.35 43.61
C ASN G 591 12.73 -46.58 42.29
N SER G 592 11.61 -46.04 41.83
CA SER G 592 11.58 -45.15 40.68
C SER G 592 11.59 -43.69 41.16
N ASN G 593 11.77 -42.78 40.21
CA ASN G 593 11.75 -41.35 40.49
C ASN G 593 10.38 -40.72 40.27
N SER G 594 9.32 -41.52 40.24
CA SER G 594 7.97 -41.04 39.99
C SER G 594 7.17 -41.02 41.30
N PHE G 595 5.95 -40.48 41.20
CA PHE G 595 5.10 -40.38 42.38
C PHE G 595 4.83 -41.73 43.06
N PRO G 596 4.56 -42.82 42.35
CA PRO G 596 4.34 -44.08 43.08
C PRO G 596 5.55 -44.54 43.87
N TYR G 597 6.76 -44.19 43.41
CA TYR G 597 8.02 -44.70 43.97
C TYR G 597 7.94 -46.20 44.17
N ARG G 598 7.43 -46.89 43.15
CA ARG G 598 7.30 -48.34 43.20
C ARG G 598 8.67 -49.00 43.14
N ALA G 599 8.70 -50.26 43.58
CA ALA G 599 9.91 -51.06 43.49
C ALA G 599 10.44 -51.06 42.06
N TRP G 600 11.74 -50.80 41.92
CA TRP G 600 12.28 -50.62 40.58
C TRP G 600 12.41 -51.95 39.85
N PHE G 601 12.94 -52.98 40.51
CA PHE G 601 13.15 -54.27 39.87
C PHE G 601 11.82 -54.95 39.58
N LYS G 602 11.86 -55.95 38.70
CA LYS G 602 10.67 -56.69 38.31
C LYS G 602 10.89 -58.18 38.38
N ASP G 603 12.12 -58.61 38.08
CA ASP G 603 12.49 -60.01 38.13
C ASP G 603 12.19 -60.59 39.52
N PRO G 604 11.37 -61.62 39.61
CA PRO G 604 11.10 -62.23 40.93
C PRO G 604 12.35 -62.75 41.63
N LYS G 605 13.40 -63.07 40.89
CA LYS G 605 14.63 -63.56 41.51
C LYS G 605 15.29 -62.48 42.35
N ILE G 606 15.41 -61.26 41.80
CA ILE G 606 16.04 -60.18 42.56
C ILE G 606 15.12 -59.70 43.67
N THR G 607 13.83 -59.55 43.36
CA THR G 607 12.92 -58.85 44.28
C THR G 607 12.68 -59.65 45.55
N ALA G 608 12.50 -60.97 45.43
CA ALA G 608 12.16 -61.79 46.59
C ALA G 608 13.29 -62.74 46.99
N GLU G 609 14.54 -62.42 46.63
CA GLU G 609 15.67 -63.22 47.10
C GLU G 609 16.95 -62.42 47.14
N LEU G 610 17.44 -61.97 45.97
CA LEU G 610 18.77 -61.40 45.90
C LEU G 610 18.83 -60.02 46.54
N LEU G 611 17.83 -59.18 46.30
CA LEU G 611 17.82 -57.85 46.89
C LEU G 611 17.59 -57.88 48.40
N PRO G 612 16.63 -58.68 48.92
CA PRO G 612 16.47 -58.73 50.38
C PRO G 612 17.69 -59.23 51.12
N ALA G 613 18.48 -60.12 50.51
CA ALA G 613 19.72 -60.57 51.15
C ALA G 613 20.69 -59.41 51.30
N PHE G 614 20.80 -58.57 50.28
CA PHE G 614 21.63 -57.37 50.38
C PHE G 614 21.12 -56.44 51.48
N GLN G 615 19.79 -56.28 51.57
CA GLN G 615 19.22 -55.42 52.60
C GLN G 615 19.50 -55.97 54.00
N ARG G 616 19.41 -57.29 54.16
CA ARG G 616 19.71 -57.89 55.45
C ARG G 616 21.18 -57.74 55.80
N ASP G 617 22.06 -57.85 54.81
CA ASP G 617 23.48 -57.61 55.05
C ASP G 617 23.74 -56.18 55.49
N LEU G 618 23.01 -55.22 54.91
CA LEU G 618 23.18 -53.82 55.28
C LEU G 618 22.77 -53.60 56.73
N ALA G 619 21.58 -54.08 57.11
CA ALA G 619 21.10 -53.89 58.47
C ALA G 619 21.97 -54.65 59.46
N ALA G 620 22.63 -55.73 59.02
CA ALA G 620 23.61 -56.40 59.86
C ALA G 620 24.80 -55.48 60.12
N SER G 621 25.36 -54.89 59.06
CA SER G 621 26.45 -53.94 59.22
C SER G 621 26.02 -52.74 60.06
N GLU G 622 24.78 -52.28 59.85
CA GLU G 622 24.27 -51.18 60.65
C GLU G 622 24.26 -51.53 62.13
N GLU G 623 23.87 -52.76 62.46
CA GLU G 623 23.95 -53.23 63.84
C GLU G 623 25.38 -53.16 64.38
N LEU G 624 26.37 -53.37 63.50
CA LEU G 624 27.76 -53.30 63.94
C LEU G 624 28.27 -51.87 64.05
N ILE G 625 27.95 -51.02 63.06
CA ILE G 625 28.48 -49.67 63.04
C ILE G 625 27.91 -48.84 64.19
N VAL G 626 26.61 -49.04 64.49
CA VAL G 626 26.00 -48.32 65.61
C VAL G 626 26.65 -48.72 66.92
N ALA G 627 26.93 -50.02 67.09
CA ALA G 627 27.67 -50.48 68.26
C ALA G 627 29.06 -49.86 68.32
N ALA G 628 29.66 -49.57 67.17
CA ALA G 628 30.98 -48.96 67.15
C ALA G 628 30.93 -47.50 67.54
N ASN G 629 29.89 -46.77 67.11
CA ASN G 629 29.86 -45.33 67.30
C ASN G 629 29.54 -44.93 68.73
N ALA G 630 28.75 -45.72 69.45
CA ALA G 630 28.41 -45.39 70.83
C ALA G 630 29.64 -45.34 71.72
N THR G 631 30.68 -46.11 71.38
CA THR G 631 31.92 -46.15 72.13
C THR G 631 32.96 -45.19 71.58
N ARG G 632 32.54 -44.14 70.88
CA ARG G 632 33.47 -43.22 70.24
C ARG G 632 33.16 -41.79 70.64
N THR G 633 34.21 -41.01 70.89
CA THR G 633 34.04 -39.59 71.18
C THR G 633 33.81 -38.79 69.91
N PHE G 634 34.59 -39.06 68.86
CA PHE G 634 34.40 -38.43 67.56
C PHE G 634 33.48 -39.32 66.73
N LYS G 635 32.26 -38.85 66.50
CA LYS G 635 31.20 -39.68 65.93
C LYS G 635 31.24 -39.68 64.41
N TYR G 636 30.97 -40.84 63.81
CA TYR G 636 31.02 -41.04 62.36
C TYR G 636 29.71 -41.66 61.92
N THR G 637 28.81 -40.85 61.37
CA THR G 637 27.48 -41.29 61.00
C THR G 637 27.30 -41.50 59.50
N TYR G 638 28.37 -41.38 58.72
CA TYR G 638 28.26 -41.35 57.27
C TYR G 638 28.32 -42.73 56.62
N MET G 639 28.71 -43.76 57.37
CA MET G 639 28.68 -45.13 56.87
C MET G 639 27.53 -45.94 57.47
N ILE G 640 26.66 -45.31 58.25
CA ILE G 640 25.50 -45.97 58.81
C ILE G 640 24.52 -46.25 57.68
N PRO G 641 24.24 -47.52 57.36
CA PRO G 641 23.53 -47.84 56.12
C PRO G 641 22.09 -47.34 56.06
N SER G 642 21.47 -46.99 57.18
CA SER G 642 20.14 -46.40 57.13
C SER G 642 20.16 -44.95 56.66
N THR G 643 21.35 -44.36 56.49
CA THR G 643 21.46 -42.96 56.10
C THR G 643 22.33 -42.76 54.86
N ILE G 644 22.67 -43.84 54.15
CA ILE G 644 23.41 -43.71 52.90
C ILE G 644 22.39 -43.51 51.78
N PRO G 645 22.68 -42.64 50.80
CA PRO G 645 21.84 -42.57 49.61
C PRO G 645 22.29 -43.55 48.54
N MET G 646 21.35 -43.91 47.67
CA MET G 646 21.68 -44.69 46.48
C MET G 646 22.58 -43.89 45.55
N SER G 647 22.36 -42.59 45.45
CA SER G 647 22.87 -41.81 44.34
C SER G 647 23.57 -40.55 44.83
N ILE G 648 24.18 -39.86 43.89
CA ILE G 648 24.68 -38.51 44.09
C ILE G 648 23.57 -37.58 43.61
N ASN G 649 22.82 -37.00 44.55
CA ASN G 649 21.69 -36.15 44.19
C ASN G 649 21.71 -34.79 44.87
N ILE G 650 22.66 -34.55 45.77
CA ILE G 650 22.82 -33.24 46.39
C ILE G 650 24.31 -32.93 46.33
N ASN H 3 -108.26 -15.32 -30.04
CA ASN H 3 -107.29 -15.55 -31.10
C ASN H 3 -105.90 -15.88 -30.54
N ILE H 4 -105.13 -16.65 -31.29
CA ILE H 4 -103.79 -17.06 -30.90
C ILE H 4 -102.80 -16.40 -31.85
N PRO H 5 -101.74 -15.76 -31.35
CA PRO H 5 -100.78 -15.10 -32.24
C PRO H 5 -100.02 -16.12 -33.09
N THR H 6 -99.38 -15.58 -34.13
CA THR H 6 -98.82 -16.43 -35.18
C THR H 6 -97.63 -15.73 -35.82
N LEU H 7 -96.52 -16.45 -35.96
CA LEU H 7 -95.38 -15.94 -36.70
C LEU H 7 -95.78 -15.70 -38.16
N PRO H 8 -95.11 -14.77 -38.85
CA PRO H 8 -95.56 -14.40 -40.21
C PRO H 8 -95.53 -15.56 -41.20
N GLN H 9 -94.56 -16.48 -41.08
CA GLN H 9 -94.49 -17.63 -41.98
C GLN H 9 -95.40 -18.77 -41.53
N ASN H 10 -96.31 -18.54 -40.59
CA ASN H 10 -97.29 -19.53 -40.17
C ASN H 10 -98.72 -19.05 -40.31
N ASP H 11 -98.94 -17.82 -40.75
CA ASP H 11 -100.25 -17.20 -40.67
C ASP H 11 -101.20 -17.80 -41.70
N PRO H 12 -102.40 -18.23 -41.31
CA PRO H 12 -103.38 -18.69 -42.29
C PRO H 12 -103.88 -17.59 -43.23
N ARG H 13 -103.76 -16.32 -42.86
CA ARG H 13 -104.22 -15.21 -43.67
C ARG H 13 -103.08 -14.22 -43.89
N PRO H 14 -102.08 -14.59 -44.71
CA PRO H 14 -100.89 -13.73 -44.82
C PRO H 14 -101.13 -12.37 -45.46
N GLU H 15 -101.78 -12.32 -46.62
CA GLU H 15 -101.90 -11.06 -47.35
C GLU H 15 -102.67 -10.01 -46.54
N GLN H 16 -103.63 -10.43 -45.72
CA GLN H 16 -104.30 -9.50 -44.83
C GLN H 16 -103.34 -8.91 -43.81
N ARG H 17 -102.44 -9.74 -43.27
CA ARG H 17 -101.46 -9.27 -42.32
C ARG H 17 -100.57 -8.19 -42.91
N ALA H 18 -100.17 -8.35 -44.18
CA ALA H 18 -99.29 -7.37 -44.81
C ALA H 18 -100.02 -6.07 -45.09
N GLN H 19 -101.34 -6.12 -45.25
CA GLN H 19 -102.11 -4.90 -45.47
C GLN H 19 -102.42 -4.17 -44.17
N GLN H 20 -102.33 -4.86 -43.03
CA GLN H 20 -102.37 -4.17 -41.74
C GLN H 20 -101.04 -3.47 -41.48
N LEU H 21 -99.94 -4.10 -41.88
CA LEU H 21 -98.63 -3.46 -41.72
C LEU H 21 -98.44 -2.30 -42.70
N ASP H 22 -99.05 -2.37 -43.87
CA ASP H 22 -98.98 -1.24 -44.80
C ASP H 22 -99.74 -0.04 -44.27
N LYS H 23 -100.77 -0.25 -43.45
CA LYS H 23 -101.54 0.84 -42.87
C LYS H 23 -100.92 1.34 -41.57
N ALA H 24 -100.17 0.49 -40.88
CA ALA H 24 -99.51 0.93 -39.66
C ALA H 24 -98.30 1.80 -39.98
N ARG H 25 -97.59 1.48 -41.06
CA ARG H 25 -96.48 2.32 -41.50
C ARG H 25 -96.96 3.66 -42.02
N GLU H 26 -98.21 3.75 -42.48
CA GLU H 26 -98.81 5.05 -42.79
C GLU H 26 -99.17 5.82 -41.53
N THR H 27 -99.42 5.11 -40.43
CA THR H 27 -99.77 5.78 -39.17
C THR H 27 -98.52 6.20 -38.40
N TYR H 28 -97.45 5.41 -38.50
CA TYR H 28 -96.22 5.64 -37.75
C TYR H 28 -95.12 5.99 -38.75
N LYS H 29 -94.98 7.28 -39.05
CA LYS H 29 -93.98 7.80 -39.95
C LYS H 29 -92.90 8.54 -39.16
N TYR H 30 -91.71 8.60 -39.74
CA TYR H 30 -90.55 9.18 -39.07
C TYR H 30 -90.48 10.68 -39.29
N ALA H 31 -90.12 11.41 -38.24
CA ALA H 31 -89.82 12.83 -38.33
C ALA H 31 -88.59 13.11 -37.49
N ASP H 32 -87.89 14.18 -37.82
CA ASP H 32 -86.72 14.58 -37.05
C ASP H 32 -87.11 15.68 -36.06
N LEU H 33 -87.89 15.28 -35.06
CA LEU H 33 -88.24 16.21 -33.99
C LEU H 33 -87.03 16.51 -33.12
N LEU H 34 -86.19 15.50 -32.88
CA LEU H 34 -84.84 15.69 -32.34
C LEU H 34 -83.90 14.95 -33.27
N PRO H 35 -83.01 15.65 -33.98
CA PRO H 35 -82.22 15.02 -35.04
C PRO H 35 -81.19 14.04 -34.47
N PRO H 36 -80.20 13.59 -35.29
CA PRO H 36 -79.68 12.22 -35.17
C PRO H 36 -80.55 11.10 -34.59
N LEU H 37 -81.85 11.30 -34.39
CA LEU H 37 -82.66 10.28 -33.73
C LEU H 37 -83.89 9.94 -34.56
N ALA H 38 -84.33 8.68 -34.40
CA ALA H 38 -85.51 8.17 -35.10
C ALA H 38 -86.73 8.51 -34.26
N PHE H 39 -87.40 9.61 -34.60
CA PHE H 39 -88.51 10.13 -33.81
C PHE H 39 -89.81 9.96 -34.58
N CYS H 40 -90.91 9.92 -33.82
CA CYS H 40 -92.23 9.79 -34.40
C CYS H 40 -92.77 11.15 -34.84
N GLU H 41 -93.58 11.14 -35.90
CA GLU H 41 -94.18 12.35 -36.44
C GLU H 41 -95.41 12.68 -35.58
N GLY H 42 -95.21 13.55 -34.59
CA GLY H 42 -96.26 13.83 -33.64
C GLY H 42 -96.58 12.59 -32.83
N VAL H 43 -97.80 12.55 -32.33
CA VAL H 43 -98.34 11.39 -31.62
C VAL H 43 -99.46 10.81 -32.46
N PRO H 44 -99.31 9.60 -33.01
CA PRO H 44 -100.42 8.98 -33.74
C PRO H 44 -101.62 8.81 -32.82
N LYS H 45 -102.81 9.01 -33.39
CA LYS H 45 -104.04 9.01 -32.60
C LYS H 45 -104.18 7.79 -31.68
N PRO H 46 -103.84 6.56 -32.10
CA PRO H 46 -103.94 5.44 -31.15
C PRO H 46 -103.14 5.62 -29.88
N ASP H 47 -102.00 6.30 -29.94
CA ASP H 47 -101.11 6.43 -28.78
C ASP H 47 -101.34 7.73 -28.00
N THR H 48 -102.54 8.29 -28.08
CA THR H 48 -102.93 9.36 -27.18
C THR H 48 -102.93 8.84 -25.74
N PRO H 49 -102.56 9.67 -24.77
CA PRO H 49 -102.74 9.27 -23.36
C PRO H 49 -104.20 8.89 -23.08
N SER H 50 -104.38 7.88 -22.25
CA SER H 50 -105.72 7.48 -21.86
C SER H 50 -106.25 8.42 -20.77
N ALA H 51 -107.58 8.47 -20.65
CA ALA H 51 -108.20 9.34 -19.67
C ALA H 51 -107.74 9.00 -18.25
N ALA H 52 -107.51 7.71 -17.97
CA ALA H 52 -106.98 7.31 -16.68
C ALA H 52 -105.63 7.98 -16.41
N TRP H 53 -104.76 8.01 -17.42
CA TRP H 53 -103.50 8.74 -17.29
C TRP H 53 -103.75 10.23 -17.07
N LEU H 54 -104.59 10.83 -17.92
CA LEU H 54 -104.88 12.24 -17.82
C LEU H 54 -105.48 12.58 -16.45
N VAL H 55 -106.42 11.75 -15.99
CA VAL H 55 -107.04 11.99 -14.68
C VAL H 55 -105.99 11.88 -13.58
N THR H 56 -105.11 10.88 -13.67
CA THR H 56 -104.05 10.73 -12.68
C THR H 56 -103.09 11.92 -12.72
N VAL H 57 -102.72 12.36 -13.92
CA VAL H 57 -101.78 13.46 -14.06
C VAL H 57 -102.43 14.79 -13.70
N GLY H 58 -103.72 14.94 -14.01
CA GLY H 58 -104.40 16.20 -13.71
C GLY H 58 -104.39 16.54 -12.23
N LYS H 59 -104.47 15.52 -11.37
CA LYS H 59 -104.49 15.75 -9.93
C LYS H 59 -103.14 16.27 -9.44
N VAL H 60 -102.05 15.64 -9.89
CA VAL H 60 -100.73 16.09 -9.48
C VAL H 60 -100.45 17.49 -10.00
N ALA H 61 -100.83 17.75 -11.26
CA ALA H 61 -100.62 19.08 -11.83
C ALA H 61 -101.50 20.13 -11.15
N ALA H 62 -102.66 19.73 -10.63
CA ALA H 62 -103.51 20.66 -9.90
C ALA H 62 -102.87 21.06 -8.57
N ALA H 63 -102.29 20.10 -7.86
CA ALA H 63 -101.55 20.43 -6.64
C ALA H 63 -100.33 21.30 -6.95
N VAL H 64 -99.75 21.14 -8.13
CA VAL H 64 -98.59 21.95 -8.51
C VAL H 64 -98.99 23.41 -8.72
N ALA H 65 -100.14 23.64 -9.36
CA ALA H 65 -100.60 25.01 -9.57
C ALA H 65 -101.00 25.66 -8.25
N LEU H 66 -101.62 24.89 -7.35
CA LEU H 66 -101.99 25.43 -6.05
C LEU H 66 -100.76 25.83 -5.26
N ASN H 67 -99.70 25.03 -5.33
CA ASN H 67 -98.44 25.40 -4.68
C ASN H 67 -97.90 26.70 -5.24
N ALA H 68 -98.09 26.96 -6.54
CA ALA H 68 -97.68 28.22 -7.12
C ALA H 68 -98.54 29.38 -6.60
N VAL H 69 -99.85 29.16 -6.49
CA VAL H 69 -100.75 30.20 -6.00
C VAL H 69 -100.53 30.44 -4.51
N ALA H 70 -100.41 29.36 -3.73
CA ALA H 70 -100.14 29.51 -2.31
C ALA H 70 -98.78 30.17 -2.06
N ASN H 71 -97.79 29.85 -2.90
CA ASN H 71 -96.53 30.58 -2.84
C ASN H 71 -96.70 32.03 -3.27
N ARG H 72 -97.69 32.31 -4.12
CA ARG H 72 -97.97 33.69 -4.51
C ARG H 72 -98.68 34.46 -3.40
N ARG H 73 -99.41 33.76 -2.52
CA ARG H 73 -100.02 34.43 -1.38
C ARG H 73 -98.96 34.88 -0.39
N ALA H 74 -97.97 34.02 -0.10
CA ALA H 74 -96.94 34.36 0.87
C ALA H 74 -96.06 35.50 0.36
N TRP H 75 -95.60 35.41 -0.89
CA TRP H 75 -94.81 36.48 -1.49
C TRP H 75 -95.70 37.70 -1.74
N LYS H 76 -95.39 38.80 -1.06
CA LYS H 76 -96.21 40.01 -1.09
C LYS H 76 -97.61 39.73 -0.53
N PHE H 87 -107.20 38.93 -3.75
CA PHE H 87 -108.44 38.40 -4.31
C PHE H 87 -108.16 37.71 -5.64
N ASP H 88 -107.12 38.20 -6.33
CA ASP H 88 -106.72 37.56 -7.59
C ASP H 88 -106.22 36.14 -7.33
N VAL H 89 -105.28 35.98 -6.39
CA VAL H 89 -104.78 34.67 -6.03
C VAL H 89 -105.80 33.83 -5.27
N GLY H 90 -106.90 34.44 -4.81
CA GLY H 90 -108.02 33.67 -4.32
C GLY H 90 -108.94 33.21 -5.43
N GLY H 91 -108.99 33.96 -6.54
CA GLY H 91 -109.77 33.53 -7.68
C GLY H 91 -109.13 32.38 -8.43
N THR H 92 -107.82 32.49 -8.68
CA THR H 92 -107.08 31.39 -9.29
C THR H 92 -107.03 30.16 -8.38
N SER H 93 -107.29 30.33 -7.09
CA SER H 93 -107.25 29.19 -6.17
C SER H 93 -108.45 28.27 -6.38
N GLU H 94 -109.64 28.83 -6.57
CA GLU H 94 -110.84 28.02 -6.70
C GLU H 94 -111.03 27.47 -8.10
N GLU H 95 -110.49 28.16 -9.11
CA GLU H 95 -110.56 27.62 -10.47
C GLU H 95 -109.70 26.37 -10.61
N ASP H 96 -108.51 26.37 -10.01
CA ASP H 96 -107.71 25.16 -10.00
C ASP H 96 -108.38 24.07 -9.16
N GLN H 97 -109.13 24.46 -8.12
CA GLN H 97 -110.00 23.51 -7.45
C GLN H 97 -111.12 23.05 -8.34
N ASN H 98 -111.59 23.92 -9.24
CA ASN H 98 -112.69 23.56 -10.13
C ASN H 98 -112.27 22.47 -11.11
N GLU H 99 -111.05 22.56 -11.65
CA GLU H 99 -110.57 21.51 -12.55
C GLU H 99 -110.47 20.18 -11.81
N ALA H 100 -110.06 20.20 -10.55
CA ALA H 100 -110.09 18.98 -9.74
C ALA H 100 -111.52 18.50 -9.54
N GLY H 101 -112.48 19.42 -9.49
CA GLY H 101 -113.88 19.04 -9.45
C GLY H 101 -114.34 18.38 -10.74
N HIS H 102 -113.89 18.91 -11.87
CA HIS H 102 -114.17 18.27 -13.16
C HIS H 102 -113.55 16.89 -13.22
N ASN H 103 -112.29 16.76 -12.81
CA ASN H 103 -111.60 15.48 -12.90
C ASN H 103 -112.24 14.42 -12.01
N SER H 104 -112.78 14.81 -10.86
CA SER H 104 -113.32 13.83 -9.92
C SER H 104 -114.67 13.27 -10.34
N PHE H 105 -115.53 14.09 -10.96
CA PHE H 105 -116.87 13.65 -11.30
C PHE H 105 -117.18 13.74 -12.78
N LEU H 106 -116.86 14.85 -13.45
CA LEU H 106 -117.10 14.93 -14.89
C LEU H 106 -116.30 13.87 -15.63
N ALA H 107 -115.04 13.68 -15.27
CA ALA H 107 -114.24 12.60 -15.84
C ALA H 107 -114.59 11.24 -15.25
N ARG H 108 -115.40 11.20 -14.19
CA ARG H 108 -115.82 9.93 -13.62
C ARG H 108 -116.75 9.18 -14.55
N LEU H 109 -117.35 9.86 -15.53
CA LEU H 109 -118.12 9.17 -16.56
C LEU H 109 -117.29 8.09 -17.23
N GLU H 110 -116.09 8.45 -17.70
CA GLU H 110 -115.17 7.54 -18.36
C GLU H 110 -115.77 6.94 -19.62
N ASN H 111 -117.05 7.21 -19.87
CA ASN H 111 -117.81 6.53 -20.91
C ASN H 111 -118.28 7.50 -21.99
N PRO H 125 -113.29 16.25 -22.57
CA PRO H 125 -113.57 17.69 -22.48
C PRO H 125 -112.49 18.42 -21.69
N SER H 126 -112.50 18.24 -20.37
CA SER H 126 -111.46 18.80 -19.52
C SER H 126 -110.21 17.95 -19.48
N VAL H 127 -110.34 16.65 -19.80
CA VAL H 127 -109.24 15.71 -19.74
C VAL H 127 -108.15 16.11 -20.72
N LEU H 128 -108.43 16.00 -22.02
CA LEU H 128 -107.41 16.31 -23.02
C LEU H 128 -107.07 17.80 -23.04
N ASP H 129 -107.95 18.65 -22.53
CA ASP H 129 -107.69 20.09 -22.52
C ASP H 129 -106.68 20.44 -21.43
N GLU H 130 -107.18 20.66 -20.21
CA GLU H 130 -106.36 21.27 -19.17
C GLU H 130 -105.17 20.38 -18.82
N VAL H 131 -105.40 19.08 -18.66
CA VAL H 131 -104.33 18.18 -18.21
C VAL H 131 -103.13 18.27 -19.14
N ASN H 132 -103.35 18.08 -20.45
CA ASN H 132 -102.26 18.20 -21.41
C ASN H 132 -101.72 19.61 -21.46
N GLU H 133 -102.60 20.61 -21.38
CA GLU H 133 -102.17 22.01 -21.43
C GLU H 133 -101.34 22.36 -20.20
N ARG H 134 -101.74 21.86 -19.02
CA ARG H 134 -101.03 22.21 -17.79
C ARG H 134 -99.68 21.51 -17.70
N VAL H 135 -99.57 20.29 -18.22
CA VAL H 135 -98.27 19.61 -18.24
C VAL H 135 -97.27 20.40 -19.07
N ALA H 136 -97.73 20.98 -20.18
CA ALA H 136 -96.83 21.72 -21.07
C ALA H 136 -96.32 22.99 -20.40
N ALA H 137 -97.19 23.75 -19.74
CA ALA H 137 -96.77 24.98 -19.09
C ALA H 137 -95.78 24.70 -17.97
N ILE H 138 -95.98 23.61 -17.23
CA ILE H 138 -95.07 23.26 -16.15
C ILE H 138 -93.76 22.72 -16.71
N LEU H 139 -93.83 21.83 -17.70
CA LEU H 139 -92.62 21.28 -18.29
C LEU H 139 -91.92 22.30 -19.18
N GLY H 140 -92.66 23.22 -19.78
CA GLY H 140 -92.06 24.23 -20.62
C GLY H 140 -91.55 25.44 -19.88
N ALA H 141 -91.54 25.40 -18.54
CA ALA H 141 -91.14 26.52 -17.70
C ALA H 141 -91.96 27.78 -17.96
N LYS H 142 -93.06 27.65 -18.68
CA LYS H 142 -93.78 28.83 -19.15
C LYS H 142 -94.42 29.56 -17.98
N PRO H 143 -94.45 30.90 -18.01
CA PRO H 143 -95.00 31.67 -16.89
C PRO H 143 -96.51 31.51 -16.75
N ASN H 144 -97.08 32.33 -15.86
CA ASN H 144 -98.54 32.44 -15.64
C ASN H 144 -99.22 31.07 -15.56
N ARG H 145 -98.62 30.16 -14.79
CA ARG H 145 -99.26 28.89 -14.46
C ARG H 145 -100.33 29.17 -13.41
N HIS H 146 -101.43 29.75 -13.85
CA HIS H 146 -102.47 30.15 -12.92
C HIS H 146 -103.76 29.39 -13.20
N VAL H 147 -104.50 29.78 -14.24
CA VAL H 147 -105.73 29.06 -14.60
C VAL H 147 -105.86 28.92 -16.11
N PRO H 148 -106.01 27.71 -16.63
CA PRO H 148 -106.36 27.54 -18.06
C PRO H 148 -107.74 28.11 -18.34
N PRO H 149 -108.03 28.45 -19.63
CA PRO H 149 -109.12 29.39 -19.93
C PRO H 149 -109.56 30.32 -18.81
N ALA H 150 -108.67 31.26 -18.47
CA ALA H 150 -109.01 32.41 -17.63
C ALA H 150 -108.23 33.65 -18.08
N GLN H 151 -107.65 33.61 -19.27
CA GLN H 151 -106.84 34.71 -19.80
C GLN H 151 -107.71 35.73 -20.51
N ASN H 173 -88.20 40.22 -16.93
CA ASN H 173 -88.04 39.96 -15.50
C ASN H 173 -88.72 38.65 -15.12
N VAL H 174 -89.19 38.58 -13.88
CA VAL H 174 -89.96 37.45 -13.37
C VAL H 174 -91.10 38.03 -12.54
N SER H 175 -92.24 37.35 -12.60
CA SER H 175 -93.44 37.77 -11.86
C SER H 175 -93.12 38.07 -10.41
N LYS H 176 -92.92 39.35 -10.09
CA LYS H 176 -92.63 39.79 -8.72
C LYS H 176 -93.83 39.71 -7.79
N ASP H 177 -94.91 39.04 -8.20
CA ASP H 177 -95.98 38.66 -7.31
C ASP H 177 -95.87 37.20 -6.89
N GLY H 178 -94.88 36.48 -7.42
CA GLY H 178 -94.50 35.18 -6.95
C GLY H 178 -93.03 35.16 -6.62
N PRO H 179 -92.57 34.09 -5.96
CA PRO H 179 -91.16 34.05 -5.53
C PRO H 179 -90.19 34.21 -6.69
N ASN H 180 -89.16 35.03 -6.46
CA ASN H 180 -88.20 35.33 -7.50
C ASN H 180 -86.90 35.84 -6.88
N GLY H 181 -85.81 35.65 -7.60
CA GLY H 181 -84.54 36.27 -7.26
C GLY H 181 -83.72 35.50 -6.25
N ARG H 182 -82.70 36.19 -5.74
CA ARG H 182 -81.80 35.61 -4.76
C ARG H 182 -82.50 35.45 -3.41
N PRO H 183 -82.05 34.52 -2.57
CA PRO H 183 -82.78 34.21 -1.34
C PRO H 183 -82.34 35.04 -0.14
N GLN H 184 -83.31 35.27 0.75
CA GLN H 184 -83.00 35.93 2.02
C GLN H 184 -82.38 34.94 3.00
N SER H 185 -82.94 33.74 3.08
CA SER H 185 -82.42 32.72 3.97
C SER H 185 -82.64 31.35 3.32
N MET H 186 -81.98 30.34 3.90
CA MET H 186 -82.15 28.97 3.41
C MET H 186 -83.56 28.45 3.64
N ASP H 187 -84.32 29.07 4.54
CA ASP H 187 -85.69 28.64 4.77
C ASP H 187 -86.58 28.82 3.55
N ASP H 188 -86.22 29.76 2.66
CA ASP H 188 -87.06 30.06 1.51
C ASP H 188 -87.22 28.86 0.59
N TYR H 189 -86.19 28.03 0.47
CA TYR H 189 -86.30 26.82 -0.35
C TYR H 189 -87.25 25.82 0.29
N ALA H 190 -87.15 25.62 1.61
CA ALA H 190 -88.07 24.71 2.28
C ALA H 190 -89.49 25.27 2.33
N ASN H 191 -89.64 26.59 2.27
CA ASN H 191 -90.96 27.22 2.32
C ASN H 191 -91.60 27.35 0.94
N LEU H 192 -90.89 26.98 -0.14
CA LEU H 192 -91.55 26.86 -1.43
C LEU H 192 -92.50 25.67 -1.48
N PHE H 193 -92.38 24.74 -0.54
CA PHE H 193 -93.19 23.52 -0.53
C PHE H 193 -94.41 23.73 0.37
N ARG H 194 -95.36 24.50 -0.15
CA ARG H 194 -96.58 24.80 0.58
C ARG H 194 -97.59 23.66 0.47
N ARG H 195 -98.26 23.57 -0.67
CA ARG H 195 -99.31 22.58 -0.87
C ARG H 195 -98.79 21.25 -1.37
N ILE H 196 -97.55 21.18 -1.84
CA ILE H 196 -96.85 19.92 -2.02
C ILE H 196 -95.96 19.71 -0.80
N THR H 197 -95.82 18.46 -0.38
CA THR H 197 -95.11 18.16 0.87
C THR H 197 -93.61 18.19 0.63
N LEU H 198 -92.89 18.84 1.54
CA LEU H 198 -91.43 18.92 1.43
C LEU H 198 -90.83 17.52 1.45
N PRO H 199 -89.94 17.19 0.51
CA PRO H 199 -89.30 15.87 0.52
C PRO H 199 -88.42 15.70 1.74
N PRO H 200 -88.16 14.45 2.15
CA PRO H 200 -87.40 14.22 3.39
C PRO H 200 -85.91 14.49 3.27
N ILE H 201 -85.33 14.32 2.08
CA ILE H 201 -83.89 14.53 1.92
C ILE H 201 -83.45 15.93 2.35
N ALA H 202 -84.37 16.90 2.48
CA ALA H 202 -83.98 18.26 2.85
C ALA H 202 -83.32 18.31 4.22
N SER H 203 -83.75 17.46 5.16
CA SER H 203 -83.19 17.43 6.50
C SER H 203 -82.03 16.44 6.64
N THR H 204 -81.61 15.80 5.55
CA THR H 204 -80.55 14.79 5.64
C THR H 204 -79.49 14.88 4.56
N TRP H 205 -79.62 15.75 3.56
CA TRP H 205 -78.71 15.72 2.43
C TRP H 205 -77.28 16.07 2.83
N LYS H 206 -77.09 16.83 3.91
CA LYS H 206 -75.75 17.28 4.27
C LYS H 206 -74.89 16.18 4.87
N ASN H 207 -75.51 15.13 5.41
CA ASN H 207 -74.75 14.01 5.95
C ASN H 207 -73.95 13.33 4.84
N ASP H 208 -72.80 12.78 5.21
CA ASP H 208 -72.01 12.03 4.24
C ASP H 208 -72.61 10.66 3.95
N SER H 209 -73.41 10.12 4.89
CA SER H 209 -74.07 8.85 4.64
C SER H 209 -75.18 9.00 3.60
N ALA H 210 -75.83 10.15 3.56
CA ALA H 210 -76.84 10.39 2.53
C ALA H 210 -76.19 10.68 1.19
N PHE H 211 -75.04 11.34 1.19
CA PHE H 211 -74.34 11.60 -0.07
C PHE H 211 -73.91 10.31 -0.74
N ALA H 212 -73.63 9.26 0.06
CA ALA H 212 -73.31 7.96 -0.52
C ALA H 212 -74.57 7.17 -0.89
N ALA H 213 -75.67 7.41 -0.18
CA ALA H 213 -76.93 6.77 -0.52
C ALA H 213 -77.39 7.10 -1.94
N TYR H 214 -76.93 8.23 -2.50
CA TYR H 214 -77.27 8.58 -3.87
C TYR H 214 -76.54 7.73 -4.90
N ARG H 215 -75.39 7.16 -4.55
CA ARG H 215 -74.62 6.35 -5.49
C ARG H 215 -74.99 4.87 -5.42
N VAL H 216 -76.00 4.51 -4.64
CA VAL H 216 -76.47 3.12 -4.56
C VAL H 216 -77.99 3.09 -4.52
N ALA H 217 -78.60 4.19 -4.06
CA ALA H 217 -80.05 4.24 -3.93
C ALA H 217 -80.58 5.63 -4.31
N GLY H 218 -79.89 6.34 -5.19
CA GLY H 218 -80.31 7.64 -5.62
C GLY H 218 -80.71 7.67 -7.09
N PRO H 219 -80.88 8.87 -7.64
CA PRO H 219 -81.32 8.99 -9.04
C PRO H 219 -80.48 8.19 -10.01
N ASN H 220 -79.15 8.27 -9.90
CA ASN H 220 -78.23 7.55 -10.77
C ASN H 220 -77.45 6.58 -9.89
N ALA H 221 -77.97 5.36 -9.74
CA ALA H 221 -77.35 4.34 -8.91
C ALA H 221 -76.52 3.35 -9.73
N SER H 222 -76.29 3.63 -11.01
CA SER H 222 -75.49 2.78 -11.87
C SER H 222 -74.08 3.35 -12.10
N MET H 223 -73.70 4.37 -11.33
CA MET H 223 -72.53 5.19 -11.62
C MET H 223 -71.21 4.57 -11.15
N ILE H 224 -71.17 4.08 -9.91
CA ILE H 224 -69.89 3.68 -9.32
C ILE H 224 -69.34 2.45 -10.05
N GLN H 225 -68.00 2.38 -10.10
CA GLN H 225 -67.28 1.28 -10.71
C GLN H 225 -66.14 0.88 -9.79
N ARG H 226 -65.96 -0.42 -9.59
CA ARG H 226 -64.89 -0.89 -8.73
C ARG H 226 -63.54 -0.70 -9.41
N ILE H 227 -62.54 -0.30 -8.63
CA ILE H 227 -61.19 -0.07 -9.13
C ILE H 227 -60.21 -0.86 -8.28
N THR H 228 -59.16 -1.36 -8.92
CA THR H 228 -58.07 -2.02 -8.21
C THR H 228 -56.91 -1.09 -7.93
N GLU H 229 -56.85 0.06 -8.59
CA GLU H 229 -55.84 1.07 -8.37
C GLU H 229 -56.52 2.44 -8.46
N LEU H 230 -55.74 3.47 -8.30
CA LEU H 230 -56.30 4.78 -8.51
C LEU H 230 -56.04 5.23 -9.95
N PRO H 231 -56.89 6.10 -10.48
CA PRO H 231 -56.55 6.77 -11.74
C PRO H 231 -55.40 7.74 -11.51
N ASP H 232 -54.82 8.20 -12.62
CA ASP H 232 -53.71 9.14 -12.51
C ASP H 232 -54.19 10.56 -12.23
N ASN H 233 -55.40 10.90 -12.63
CA ASN H 233 -55.96 12.22 -12.40
C ASN H 233 -56.67 12.32 -11.06
N PHE H 234 -56.40 11.40 -10.13
CA PHE H 234 -57.05 11.36 -8.82
C PHE H 234 -56.10 10.67 -7.83
N ALA H 235 -54.99 11.34 -7.54
CA ALA H 235 -53.97 10.80 -6.64
C ALA H 235 -54.33 11.17 -5.21
N VAL H 236 -55.29 10.44 -4.65
CA VAL H 236 -55.64 10.61 -3.25
C VAL H 236 -54.60 9.89 -2.39
N THR H 237 -54.46 10.36 -1.16
CA THR H 237 -53.44 9.86 -0.25
C THR H 237 -54.06 8.94 0.80
N ASP H 238 -53.18 8.23 1.51
CA ASP H 238 -53.61 7.43 2.65
C ASP H 238 -54.17 8.31 3.77
N ALA H 239 -53.79 9.59 3.81
CA ALA H 239 -54.30 10.49 4.84
C ALA H 239 -55.79 10.78 4.63
N HIS H 240 -56.17 11.11 3.39
CA HIS H 240 -57.58 11.36 3.10
C HIS H 240 -58.40 10.12 3.37
N TYR H 241 -57.85 8.94 3.11
CA TYR H 241 -58.57 7.70 3.35
C TYR H 241 -58.81 7.48 4.83
N LYS H 242 -57.83 7.81 5.68
CA LYS H 242 -57.99 7.57 7.11
C LYS H 242 -58.94 8.59 7.74
N GLN H 243 -59.04 9.79 7.17
CA GLN H 243 -60.05 10.74 7.64
C GLN H 243 -61.45 10.20 7.43
N ALA H 244 -61.66 9.41 6.39
CA ALA H 244 -62.96 8.86 6.07
C ALA H 244 -63.21 7.50 6.70
N MET H 245 -62.17 6.71 6.93
CA MET H 245 -62.33 5.33 7.38
C MET H 245 -61.75 5.04 8.76
N GLY H 246 -60.80 5.82 9.23
CA GLY H 246 -60.17 5.60 10.52
C GLY H 246 -58.73 5.14 10.35
N GLU H 247 -58.03 5.12 11.49
CA GLU H 247 -56.63 4.72 11.50
C GLU H 247 -56.43 3.22 11.42
N GLY H 248 -57.52 2.45 11.49
CA GLY H 248 -57.45 1.00 11.41
C GLY H 248 -57.60 0.42 10.03
N ASP H 249 -57.71 1.25 9.00
CA ASP H 249 -57.81 0.79 7.62
C ASP H 249 -56.80 1.53 6.76
N SER H 250 -56.53 0.98 5.59
CA SER H 250 -55.51 1.50 4.69
C SER H 250 -56.06 1.60 3.27
N LEU H 251 -55.65 2.66 2.56
CA LEU H 251 -56.00 2.79 1.15
C LEU H 251 -55.49 1.60 0.34
N ASP H 252 -54.23 1.21 0.57
CA ASP H 252 -53.65 0.08 -0.14
C ASP H 252 -54.31 -1.25 0.22
N ALA H 253 -54.98 -1.33 1.37
CA ALA H 253 -55.73 -2.53 1.71
C ALA H 253 -57.12 -2.53 1.07
N ALA H 254 -57.74 -1.34 0.94
CA ALA H 254 -59.05 -1.26 0.31
C ALA H 254 -58.98 -1.61 -1.16
N LYS H 255 -57.91 -1.18 -1.85
CA LYS H 255 -57.74 -1.56 -3.24
C LYS H 255 -57.45 -3.06 -3.38
N ALA H 256 -56.88 -3.68 -2.35
CA ALA H 256 -56.57 -5.10 -2.40
C ALA H 256 -57.81 -5.95 -2.19
N GLU H 257 -58.57 -5.66 -1.14
CA GLU H 257 -59.77 -6.43 -0.80
C GLU H 257 -60.97 -6.04 -1.64
N GLY H 258 -60.79 -5.22 -2.67
CA GLY H 258 -61.87 -4.85 -3.56
C GLY H 258 -62.93 -3.97 -2.93
N ARG H 259 -62.51 -2.99 -2.13
CA ARG H 259 -63.43 -2.14 -1.39
C ARG H 259 -63.46 -0.69 -1.88
N LEU H 260 -62.73 -0.37 -2.94
CA LEU H 260 -62.77 0.96 -3.53
C LEU H 260 -63.82 1.04 -4.63
N PHE H 261 -64.45 2.20 -4.75
CA PHE H 261 -65.48 2.43 -5.76
C PHE H 261 -65.38 3.87 -6.23
N LEU H 262 -65.13 4.07 -7.52
CA LEU H 262 -64.97 5.40 -8.11
C LEU H 262 -66.20 5.76 -8.92
N ALA H 263 -66.55 7.04 -8.88
CA ALA H 263 -67.64 7.59 -9.70
C ALA H 263 -67.06 8.74 -10.52
N ASP H 264 -66.92 8.51 -11.82
CA ASP H 264 -66.25 9.45 -12.72
C ASP H 264 -67.27 10.10 -13.64
N TRP H 265 -67.38 11.42 -13.56
CA TRP H 265 -68.25 12.21 -14.43
C TRP H 265 -67.48 12.83 -15.59
N LYS H 266 -66.51 12.09 -16.15
CA LYS H 266 -65.68 12.61 -17.23
C LYS H 266 -66.51 13.05 -18.43
N LEU H 267 -67.66 12.41 -18.66
CA LEU H 267 -68.51 12.78 -19.78
C LEU H 267 -69.05 14.19 -19.64
N ILE H 268 -69.25 14.66 -18.40
CA ILE H 268 -69.83 15.98 -18.19
C ILE H 268 -68.90 17.08 -18.72
N GLY H 269 -67.58 16.87 -18.60
CA GLY H 269 -66.64 17.85 -19.11
C GLY H 269 -66.49 17.87 -20.61
N GLU H 270 -66.79 16.77 -21.29
CA GLU H 270 -66.64 16.68 -22.74
C GLU H 270 -67.80 17.27 -23.52
N THR H 271 -68.93 17.59 -22.87
CA THR H 271 -70.12 17.95 -23.64
C THR H 271 -70.79 19.22 -23.17
N LEU H 272 -70.64 19.59 -21.90
CA LEU H 272 -71.43 20.67 -21.32
C LEU H 272 -70.72 22.01 -21.43
N VAL H 273 -71.47 23.03 -21.84
CA VAL H 273 -71.02 24.41 -21.91
C VAL H 273 -71.96 25.25 -21.08
N ASN H 274 -71.40 26.01 -20.13
CA ASN H 274 -72.21 26.74 -19.17
C ASN H 274 -73.04 27.83 -19.86
N ASN H 275 -74.09 28.26 -19.18
CA ASN H 275 -74.99 29.27 -19.71
C ASN H 275 -75.34 30.26 -18.59
N THR H 276 -75.76 31.45 -18.99
CA THR H 276 -76.10 32.52 -18.06
C THR H 276 -77.61 32.67 -17.98
N TYR H 277 -78.17 32.43 -16.80
CA TYR H 277 -79.58 32.72 -16.54
C TYR H 277 -79.72 34.17 -16.10
N LYS H 278 -80.54 34.93 -16.84
CA LYS H 278 -80.72 36.36 -16.63
C LYS H 278 -79.42 37.05 -16.25
N GLY H 279 -78.36 36.76 -16.98
CA GLY H 279 -77.03 37.29 -16.72
C GLY H 279 -76.17 36.45 -15.80
N ALA H 280 -76.77 35.85 -14.78
CA ALA H 280 -75.98 35.15 -13.76
C ALA H 280 -75.44 33.84 -14.29
N GLN H 281 -74.17 33.57 -13.97
CA GLN H 281 -73.48 32.39 -14.49
C GLN H 281 -73.90 31.13 -13.72
N LYS H 282 -74.09 30.04 -14.46
CA LYS H 282 -74.31 28.73 -13.90
C LYS H 282 -73.09 27.85 -14.16
N THR H 283 -72.79 26.95 -13.24
CA THR H 283 -71.56 26.19 -13.29
C THR H 283 -71.85 24.69 -13.16
N VAL H 284 -71.00 23.88 -13.80
CA VAL H 284 -71.02 22.44 -13.66
C VAL H 284 -69.60 21.93 -13.88
N TYR H 285 -69.24 20.88 -13.16
CA TYR H 285 -67.88 20.35 -13.16
C TYR H 285 -67.87 18.92 -13.68
N ALA H 286 -66.67 18.35 -13.79
CA ALA H 286 -66.45 16.97 -14.22
C ALA H 286 -65.72 16.22 -13.11
N PRO H 287 -66.40 15.92 -12.02
CA PRO H 287 -65.71 15.48 -10.80
C PRO H 287 -65.37 13.99 -10.80
N LEU H 288 -64.41 13.66 -9.94
CA LEU H 288 -64.13 12.29 -9.53
C LEU H 288 -64.32 12.20 -8.02
N ALA H 289 -65.14 11.26 -7.57
CA ALA H 289 -65.41 11.07 -6.15
C ALA H 289 -65.17 9.62 -5.79
N LEU H 290 -64.24 9.38 -4.87
CA LEU H 290 -63.95 8.03 -4.42
C LEU H 290 -64.91 7.62 -3.32
N PHE H 291 -65.16 6.31 -3.23
CA PHE H 291 -65.94 5.74 -2.14
C PHE H 291 -65.25 4.47 -1.67
N ALA H 292 -65.68 3.99 -0.51
CA ALA H 292 -65.11 2.77 0.07
C ALA H 292 -66.12 2.16 1.03
N VAL H 293 -65.81 0.95 1.47
CA VAL H 293 -66.63 0.27 2.48
C VAL H 293 -65.71 -0.18 3.61
N PRO H 294 -66.21 -0.23 4.85
CA PRO H 294 -65.36 -0.68 5.95
C PRO H 294 -65.01 -2.16 5.79
N PRO H 295 -63.89 -2.60 6.36
CA PRO H 295 -63.51 -4.02 6.25
C PRO H 295 -64.60 -4.93 6.78
N GLY H 296 -64.66 -6.14 6.22
CA GLY H 296 -65.73 -7.05 6.53
C GLY H 296 -67.03 -6.78 5.80
N GLY H 297 -67.08 -5.73 4.98
CA GLY H 297 -68.27 -5.44 4.20
C GLY H 297 -69.30 -4.63 4.95
N GLY H 298 -69.71 -3.52 4.36
CA GLY H 298 -70.72 -2.67 4.97
C GLY H 298 -71.31 -1.71 3.95
N SER H 299 -71.79 -0.57 4.43
CA SER H 299 -72.38 0.43 3.56
C SER H 299 -71.28 1.28 2.91
N LEU H 300 -71.68 2.03 1.89
CA LEU H 300 -70.75 2.89 1.16
C LEU H 300 -70.51 4.20 1.92
N ALA H 301 -69.33 4.78 1.72
CA ALA H 301 -68.98 6.01 2.42
C ALA H 301 -67.99 6.83 1.60
N PRO H 302 -68.14 8.15 1.56
CA PRO H 302 -67.27 8.97 0.71
C PRO H 302 -65.90 9.21 1.32
N VAL H 303 -64.91 9.37 0.45
CA VAL H 303 -63.53 9.56 0.87
C VAL H 303 -62.99 10.89 0.36
N ALA H 304 -63.01 11.09 -0.95
CA ALA H 304 -62.40 12.27 -1.55
C ALA H 304 -63.22 12.71 -2.75
N ILE H 305 -63.08 13.99 -3.09
CA ILE H 305 -63.74 14.58 -4.25
C ILE H 305 -62.76 15.48 -4.97
N GLN H 306 -62.53 15.24 -6.25
CA GLN H 306 -61.78 16.16 -7.08
C GLN H 306 -62.74 16.80 -8.08
N PRO H 307 -63.03 18.09 -7.95
CA PRO H 307 -64.10 18.69 -8.77
C PRO H 307 -63.86 18.62 -10.27
N GLY H 308 -62.60 18.67 -10.71
CA GLY H 308 -62.28 18.65 -12.12
C GLY H 308 -61.58 17.36 -12.54
N GLN H 309 -61.33 17.27 -13.84
CA GLN H 309 -60.69 16.08 -14.38
C GLN H 309 -59.18 16.12 -14.22
N THR H 310 -58.58 17.29 -14.39
CA THR H 310 -57.12 17.38 -14.35
C THR H 310 -56.66 18.14 -13.12
N PRO H 311 -55.64 17.63 -12.41
CA PRO H 311 -55.14 18.35 -11.24
C PRO H 311 -54.51 19.68 -11.63
N SER H 312 -54.57 20.63 -10.69
CA SER H 312 -54.07 21.99 -10.89
C SER H 312 -54.09 22.73 -9.56
N PRO H 313 -53.55 23.96 -9.50
CA PRO H 313 -53.78 24.77 -8.31
C PRO H 313 -55.24 25.11 -8.07
N THR H 314 -56.03 25.30 -9.13
CA THR H 314 -57.44 25.63 -9.01
C THR H 314 -58.34 24.40 -8.92
N ASN H 315 -57.75 23.21 -8.73
CA ASN H 315 -58.54 21.97 -8.72
C ASN H 315 -57.79 20.97 -7.83
N LYS H 316 -58.09 21.01 -6.54
CA LYS H 316 -57.40 20.17 -5.56
C LYS H 316 -58.40 19.26 -4.86
N ILE H 317 -57.88 18.13 -4.38
CA ILE H 317 -58.72 17.12 -3.73
C ILE H 317 -59.23 17.66 -2.39
N TYR H 318 -60.52 17.51 -2.15
CA TYR H 318 -61.15 17.89 -0.89
C TYR H 318 -61.51 16.62 -0.12
N ALA H 319 -61.21 16.59 1.16
CA ALA H 319 -61.36 15.40 2.00
C ALA H 319 -62.51 15.59 2.98
N THR H 320 -62.76 14.53 3.76
CA THR H 320 -63.96 14.46 4.58
C THR H 320 -63.94 15.39 5.78
N GLN H 321 -62.78 15.92 6.15
CA GLN H 321 -62.65 16.76 7.33
C GLN H 321 -62.43 18.24 6.98
N ASP H 322 -62.76 18.64 5.76
CA ASP H 322 -62.48 19.99 5.27
C ASP H 322 -63.66 20.94 5.44
N GLY H 323 -64.62 20.60 6.32
CA GLY H 323 -65.65 21.55 6.70
C GLY H 323 -66.56 21.97 5.56
N ASN H 324 -66.63 23.29 5.32
CA ASN H 324 -67.53 23.83 4.31
C ASN H 324 -67.01 23.64 2.90
N ASP H 325 -65.70 23.42 2.72
CA ASP H 325 -65.21 23.08 1.39
C ASP H 325 -65.56 21.66 1.01
N TRP H 326 -65.60 20.75 2.00
CA TRP H 326 -66.04 19.38 1.72
C TRP H 326 -67.51 19.36 1.32
N LEU H 327 -68.36 20.03 2.10
CA LEU H 327 -69.79 20.07 1.78
C LEU H 327 -70.01 20.70 0.40
N ALA H 328 -69.22 21.71 0.05
CA ALA H 328 -69.31 22.30 -1.29
C ALA H 328 -68.95 21.28 -2.36
N ALA H 329 -67.89 20.50 -2.12
CA ALA H 329 -67.47 19.50 -3.10
C ALA H 329 -68.58 18.49 -3.37
N LYS H 330 -69.27 18.04 -2.32
CA LYS H 330 -70.41 17.14 -2.52
C LYS H 330 -71.54 17.86 -3.23
N SER H 331 -71.90 19.06 -2.74
CA SER H 331 -72.92 19.86 -3.41
C SER H 331 -72.53 20.15 -4.85
N ALA H 332 -71.23 20.24 -5.15
CA ALA H 332 -70.79 20.35 -6.53
C ALA H 332 -70.98 19.04 -7.27
N VAL H 333 -70.61 17.92 -6.65
CA VAL H 333 -70.76 16.61 -7.29
C VAL H 333 -72.24 16.35 -7.59
N GLN H 334 -73.12 16.83 -6.71
CA GLN H 334 -74.56 16.58 -6.89
C GLN H 334 -75.11 17.31 -8.11
N VAL H 335 -74.57 18.48 -8.44
CA VAL H 335 -75.01 19.18 -9.64
C VAL H 335 -74.57 18.42 -10.89
N ALA H 336 -73.38 17.81 -10.85
CA ALA H 336 -72.97 16.94 -11.94
C ALA H 336 -73.93 15.77 -12.10
N GLU H 337 -74.36 15.16 -10.98
CA GLU H 337 -75.33 14.08 -11.04
C GLU H 337 -76.65 14.57 -11.60
N GLY H 338 -77.02 15.82 -11.29
CA GLY H 338 -78.29 16.34 -11.76
C GLY H 338 -78.38 16.42 -13.27
N ASN H 339 -77.30 16.85 -13.92
CA ASN H 339 -77.26 16.84 -15.38
C ASN H 339 -77.07 15.44 -15.93
N TYR H 340 -76.20 14.64 -15.29
CA TYR H 340 -75.92 13.30 -15.80
C TYR H 340 -77.14 12.40 -15.69
N HIS H 341 -77.81 12.41 -14.55
CA HIS H 341 -79.00 11.57 -14.40
C HIS H 341 -80.10 11.99 -15.36
N GLU H 342 -80.43 13.28 -15.37
CA GLU H 342 -81.58 13.74 -16.13
C GLU H 342 -81.41 13.51 -17.63
N LEU H 343 -80.16 13.58 -18.12
CA LEU H 343 -79.91 13.52 -19.56
C LEU H 343 -79.32 12.21 -20.03
N VAL H 344 -78.55 11.52 -19.20
CA VAL H 344 -77.90 10.29 -19.61
C VAL H 344 -78.63 9.05 -19.08
N SER H 345 -79.08 9.09 -17.83
CA SER H 345 -79.67 7.91 -17.22
C SER H 345 -81.19 7.84 -17.37
N HIS H 346 -81.86 8.97 -17.53
CA HIS H 346 -83.31 9.03 -17.46
C HIS H 346 -83.96 9.49 -18.75
N LEU H 347 -83.58 10.65 -19.28
CA LEU H 347 -84.04 11.07 -20.59
C LEU H 347 -83.11 10.63 -21.71
N GLY H 348 -82.08 9.86 -21.40
CA GLY H 348 -81.16 9.38 -22.41
C GLY H 348 -81.25 7.90 -22.65
N LEU H 349 -80.98 7.10 -21.61
CA LEU H 349 -80.92 5.65 -21.73
C LEU H 349 -82.25 4.97 -21.43
N THR H 350 -83.36 5.71 -21.43
CA THR H 350 -84.68 5.09 -21.34
C THR H 350 -85.60 5.64 -22.43
N HIS H 351 -86.04 6.88 -22.26
CA HIS H 351 -86.99 7.50 -23.18
C HIS H 351 -86.55 7.37 -24.63
N LEU H 352 -85.38 7.92 -24.95
CA LEU H 352 -84.94 8.00 -26.33
C LEU H 352 -84.26 6.73 -26.82
N LEU H 353 -83.77 5.89 -25.91
CA LEU H 353 -83.28 4.58 -26.31
C LEU H 353 -84.43 3.71 -26.81
N LEU H 354 -85.57 3.76 -26.13
CA LEU H 354 -86.74 2.98 -26.52
C LEU H 354 -87.54 3.63 -27.65
N GLU H 355 -87.27 4.89 -27.98
CA GLU H 355 -88.01 5.54 -29.06
C GLU H 355 -87.88 4.82 -30.39
N PRO H 356 -86.69 4.42 -30.85
CA PRO H 356 -86.63 3.65 -32.11
C PRO H 356 -87.19 2.25 -31.97
N ILE H 357 -87.06 1.62 -30.81
CA ILE H 357 -87.59 0.28 -30.62
C ILE H 357 -89.12 0.31 -30.65
N VAL H 358 -89.71 1.38 -30.12
CA VAL H 358 -91.16 1.55 -30.23
C VAL H 358 -91.58 1.64 -31.69
N MET H 359 -90.85 2.43 -32.48
CA MET H 359 -91.24 2.67 -33.86
C MET H 359 -91.10 1.41 -34.71
N ALA H 360 -89.95 0.74 -34.61
CA ALA H 360 -89.72 -0.46 -35.42
C ALA H 360 -90.74 -1.56 -35.10
N THR H 361 -91.23 -1.60 -33.86
CA THR H 361 -92.21 -2.61 -33.51
C THR H 361 -93.54 -2.36 -34.20
N TYR H 362 -94.01 -1.11 -34.20
CA TYR H 362 -95.24 -0.77 -34.90
C TYR H 362 -95.12 -0.91 -36.41
N ARG H 363 -93.90 -0.86 -36.96
CA ARG H 363 -93.71 -0.78 -38.40
C ARG H 363 -93.26 -2.07 -39.05
N GLN H 364 -92.59 -2.96 -38.33
CA GLN H 364 -92.16 -4.23 -38.90
C GLN H 364 -92.90 -5.43 -38.34
N LEU H 365 -93.27 -5.40 -37.07
CA LEU H 365 -94.07 -6.46 -36.47
C LEU H 365 -95.55 -6.17 -36.66
N ALA H 366 -96.31 -7.23 -36.95
CA ALA H 366 -97.74 -7.09 -37.21
C ALA H 366 -98.53 -7.20 -35.91
N GLN H 367 -99.81 -6.82 -35.97
CA GLN H 367 -100.67 -6.91 -34.80
C GLN H 367 -100.85 -8.35 -34.36
N HIS H 368 -100.98 -9.28 -35.31
CA HIS H 368 -101.10 -10.70 -34.99
C HIS H 368 -99.76 -11.33 -34.66
N HIS H 369 -98.67 -10.55 -34.63
CA HIS H 369 -97.39 -11.10 -34.23
C HIS H 369 -97.31 -11.18 -32.70
N PRO H 370 -96.84 -12.30 -32.16
CA PRO H 370 -96.81 -12.44 -30.70
C PRO H 370 -95.87 -11.49 -30.00
N ILE H 371 -94.77 -11.07 -30.63
CA ILE H 371 -93.85 -10.15 -29.98
C ILE H 371 -94.46 -8.76 -29.88
N TYR H 372 -95.15 -8.31 -30.93
CA TYR H 372 -95.99 -7.12 -30.85
C TYR H 372 -96.97 -7.23 -29.70
N MET H 373 -97.45 -8.46 -29.42
CA MET H 373 -98.34 -8.66 -28.29
C MET H 373 -97.61 -8.57 -26.96
N LEU H 374 -96.28 -8.67 -26.96
CA LEU H 374 -95.50 -8.64 -25.72
C LEU H 374 -95.02 -7.24 -25.36
N LEU H 375 -94.66 -6.44 -26.36
CA LEU H 375 -93.95 -5.19 -26.12
C LEU H 375 -94.84 -3.96 -26.20
N ILE H 376 -95.83 -3.94 -27.09
CA ILE H 376 -96.69 -2.78 -27.31
C ILE H 376 -97.29 -2.24 -26.01
N PRO H 377 -97.80 -3.09 -25.10
CA PRO H 377 -98.28 -2.55 -23.82
C PRO H 377 -97.18 -2.02 -22.93
N HIS H 378 -95.94 -2.46 -23.13
CA HIS H 378 -94.81 -1.88 -22.42
C HIS H 378 -94.33 -0.58 -23.05
N PHE H 379 -94.91 -0.19 -24.19
CA PHE H 379 -94.62 1.08 -24.83
C PHE H 379 -95.78 2.06 -24.70
N GLU H 380 -96.74 1.77 -23.81
CA GLU H 380 -97.97 2.56 -23.70
C GLU H 380 -97.70 4.01 -23.33
N GLY H 381 -97.92 4.92 -24.27
CA GLY H 381 -97.73 6.33 -24.02
C GLY H 381 -96.32 6.83 -24.18
N THR H 382 -95.37 5.96 -24.51
CA THR H 382 -93.98 6.40 -24.66
C THR H 382 -93.85 7.46 -25.73
N LEU H 383 -94.57 7.30 -26.85
CA LEU H 383 -94.51 8.29 -27.91
C LEU H 383 -95.07 9.63 -27.46
N SER H 384 -96.03 9.62 -26.55
CA SER H 384 -96.66 10.88 -26.15
C SER H 384 -95.77 11.66 -25.19
N ILE H 385 -95.12 10.97 -24.25
CA ILE H 385 -94.31 11.69 -23.27
C ILE H 385 -93.01 12.16 -23.89
N ASN H 386 -92.43 11.39 -24.81
CA ASN H 386 -91.24 11.86 -25.51
C ASN H 386 -91.55 13.00 -26.46
N ASN H 387 -92.82 13.15 -26.85
CA ASN H 387 -93.24 14.29 -27.64
C ASN H 387 -93.38 15.53 -26.77
N SER H 388 -94.06 15.41 -25.62
CA SER H 388 -94.12 16.50 -24.66
C SER H 388 -92.74 16.81 -24.08
N ALA H 389 -91.82 15.85 -24.11
CA ALA H 389 -90.46 16.12 -23.69
C ALA H 389 -89.73 16.96 -24.72
N ALA H 390 -89.76 16.54 -25.99
CA ALA H 390 -88.95 17.20 -27.01
C ALA H 390 -89.46 18.61 -27.32
N THR H 391 -90.76 18.85 -27.21
CA THR H 391 -91.32 20.14 -27.60
C THR H 391 -91.44 21.12 -26.44
N ASN H 392 -91.35 20.64 -25.19
CA ASN H 392 -91.47 21.51 -24.02
C ASN H 392 -90.25 21.41 -23.11
N LEU H 393 -89.92 20.22 -22.63
CA LEU H 393 -88.93 20.07 -21.57
C LEU H 393 -87.52 20.40 -22.06
N ILE H 394 -87.02 19.62 -23.00
CA ILE H 394 -85.66 19.80 -23.53
C ILE H 394 -85.67 20.79 -24.69
N ALA H 395 -86.72 21.61 -24.76
CA ALA H 395 -86.91 22.61 -25.80
C ALA H 395 -86.39 23.97 -25.34
N PRO H 396 -86.01 24.83 -26.27
CA PRO H 396 -85.57 26.18 -25.91
C PRO H 396 -86.61 26.90 -25.07
N GLY H 397 -86.17 27.44 -23.93
CA GLY H 397 -87.08 28.06 -23.00
C GLY H 397 -87.79 27.10 -22.07
N GLY H 398 -87.37 25.84 -22.03
CA GLY H 398 -87.99 24.85 -21.16
C GLY H 398 -87.34 24.80 -19.79
N ALA H 399 -87.90 23.93 -18.95
CA ALA H 399 -87.42 23.82 -17.56
C ALA H 399 -85.98 23.33 -17.49
N VAL H 400 -85.53 22.55 -18.47
CA VAL H 400 -84.13 22.12 -18.47
C VAL H 400 -83.23 23.24 -18.95
N ASP H 401 -83.72 24.12 -19.83
CA ASP H 401 -82.91 25.23 -20.30
C ASP H 401 -82.54 26.18 -19.17
N LEU H 402 -83.50 26.48 -18.28
CA LEU H 402 -83.26 27.45 -17.23
C LEU H 402 -82.51 26.83 -16.05
N ILE H 403 -83.04 25.73 -15.51
CA ILE H 403 -82.60 25.24 -14.21
C ILE H 403 -81.22 24.57 -14.27
N PHE H 404 -80.87 23.99 -15.41
CA PHE H 404 -79.62 23.23 -15.54
C PHE H 404 -78.51 24.10 -16.12
N ALA H 405 -77.28 23.79 -15.72
CA ALA H 405 -76.15 24.72 -15.92
C ALA H 405 -75.76 24.87 -17.38
N GLY H 406 -76.01 23.87 -18.22
CA GLY H 406 -75.52 23.88 -19.58
C GLY H 406 -76.39 24.66 -20.56
N THR H 407 -75.81 24.96 -21.71
CA THR H 407 -76.60 25.42 -22.84
C THR H 407 -77.51 24.28 -23.29
N ILE H 408 -78.71 24.64 -23.75
CA ILE H 408 -79.70 23.61 -24.07
C ILE H 408 -79.17 22.68 -25.15
N GLU H 409 -78.35 23.18 -26.08
CA GLU H 409 -77.81 22.33 -27.13
C GLU H 409 -76.61 21.52 -26.67
N SER H 410 -75.93 21.95 -25.60
CA SER H 410 -74.88 21.12 -25.02
C SER H 410 -75.47 19.99 -24.20
N GLU H 411 -76.67 20.18 -23.66
CA GLU H 411 -77.36 19.11 -22.95
C GLU H 411 -77.80 18.01 -23.91
N HIS H 412 -78.22 18.38 -25.13
CA HIS H 412 -78.58 17.38 -26.12
C HIS H 412 -77.37 16.56 -26.55
N GLN H 413 -76.22 17.20 -26.69
CA GLN H 413 -75.01 16.46 -27.01
C GLN H 413 -74.65 15.47 -25.93
N LEU H 414 -74.95 15.80 -24.67
CA LEU H 414 -74.68 14.88 -23.57
C LEU H 414 -75.52 13.61 -23.70
N ALA H 415 -76.83 13.77 -23.92
CA ALA H 415 -77.69 12.61 -24.09
C ALA H 415 -77.28 11.80 -25.31
N LEU H 416 -77.10 12.46 -26.45
CA LEU H 416 -76.73 11.75 -27.68
C LEU H 416 -75.37 11.09 -27.57
N ALA H 417 -74.49 11.61 -26.70
CA ALA H 417 -73.18 11.00 -26.53
C ALA H 417 -73.27 9.64 -25.86
N ALA H 418 -74.19 9.49 -24.89
CA ALA H 418 -74.35 8.21 -24.21
C ALA H 418 -75.13 7.22 -25.06
N LEU H 419 -76.15 7.70 -25.78
CA LEU H 419 -76.85 6.83 -26.72
C LEU H 419 -75.92 6.29 -27.78
N LYS H 420 -74.87 7.05 -28.12
CA LYS H 420 -73.93 6.62 -29.14
C LYS H 420 -72.89 5.65 -28.59
N ARG H 421 -72.60 5.73 -27.29
CA ARG H 421 -71.60 4.88 -26.68
C ARG H 421 -72.18 3.60 -26.08
N HIS H 422 -73.50 3.41 -26.14
CA HIS H 422 -74.12 2.25 -25.52
C HIS H 422 -73.81 0.98 -26.30
N ASP H 423 -74.05 -0.16 -25.65
CA ASP H 423 -73.93 -1.48 -26.26
C ASP H 423 -75.18 -2.23 -25.84
N PHE H 424 -76.23 -2.16 -26.66
CA PHE H 424 -77.52 -2.69 -26.27
C PHE H 424 -77.43 -4.18 -25.93
N MET H 425 -76.58 -4.91 -26.65
CA MET H 425 -76.49 -6.34 -26.42
C MET H 425 -75.76 -6.68 -25.13
N ARG H 426 -74.89 -5.78 -24.65
CA ARG H 426 -74.15 -5.99 -23.42
C ARG H 426 -74.60 -5.04 -22.31
N SER H 427 -75.89 -4.68 -22.29
CA SER H 427 -76.39 -3.71 -21.32
C SER H 427 -77.43 -4.31 -20.38
N GLY H 428 -77.49 -5.63 -20.28
CA GLY H 428 -78.33 -6.24 -19.26
C GLY H 428 -77.85 -5.88 -17.86
N LEU H 429 -78.79 -5.87 -16.92
CA LEU H 429 -78.43 -5.51 -15.55
C LEU H 429 -77.43 -6.49 -14.95
N PRO H 430 -77.64 -7.81 -14.96
CA PRO H 430 -76.60 -8.70 -14.42
C PRO H 430 -75.28 -8.60 -15.17
N ASP H 431 -75.32 -8.17 -16.43
CA ASP H 431 -74.10 -7.98 -17.19
C ASP H 431 -73.32 -6.77 -16.68
N THR H 432 -74.00 -5.63 -16.53
CA THR H 432 -73.32 -4.42 -16.07
C THR H 432 -72.84 -4.52 -14.63
N ILE H 433 -73.54 -5.30 -13.80
CA ILE H 433 -73.17 -5.39 -12.39
C ILE H 433 -71.79 -6.02 -12.23
N GLU H 434 -71.47 -7.01 -13.06
CA GLU H 434 -70.13 -7.57 -13.06
C GLU H 434 -69.17 -6.81 -13.97
N GLN H 435 -69.68 -5.94 -14.85
CA GLN H 435 -68.81 -5.00 -15.54
C GLN H 435 -68.19 -4.03 -14.54
N ARG H 436 -68.96 -3.58 -13.56
CA ARG H 436 -68.54 -2.57 -12.60
C ARG H 436 -67.92 -3.16 -11.34
N GLY H 437 -67.83 -4.48 -11.24
CA GLY H 437 -67.25 -5.09 -10.05
C GLY H 437 -68.01 -4.85 -8.77
N VAL H 438 -69.28 -4.45 -8.87
CA VAL H 438 -70.11 -4.19 -7.71
C VAL H 438 -70.89 -5.43 -7.34
N GLY H 439 -70.41 -6.60 -7.78
CA GLY H 439 -71.21 -7.81 -7.69
C GLY H 439 -71.18 -8.52 -6.35
N ASP H 440 -70.15 -8.29 -5.53
CA ASP H 440 -70.00 -9.04 -4.29
C ASP H 440 -70.92 -8.46 -3.23
N THR H 441 -71.86 -9.28 -2.75
CA THR H 441 -72.81 -8.85 -1.72
C THR H 441 -72.24 -8.96 -0.31
N SER H 442 -71.05 -9.51 -0.14
CA SER H 442 -70.39 -9.57 1.16
C SER H 442 -69.40 -8.44 1.37
N VAL H 443 -69.13 -7.65 0.33
CA VAL H 443 -68.32 -6.45 0.45
C VAL H 443 -69.26 -5.25 0.45
N LEU H 444 -69.77 -4.89 -0.72
CA LEU H 444 -70.78 -3.84 -0.82
C LEU H 444 -72.13 -4.48 -0.50
N THR H 445 -72.47 -4.49 0.80
CA THR H 445 -73.68 -5.17 1.24
C THR H 445 -74.93 -4.32 1.05
N ASP H 446 -74.83 -3.01 1.20
CA ASP H 446 -75.97 -2.11 1.05
C ASP H 446 -75.92 -1.52 -0.36
N TYR H 447 -76.68 -2.12 -1.28
CA TYR H 447 -76.81 -1.61 -2.65
C TYR H 447 -78.21 -1.96 -3.13
N PRO H 448 -79.22 -1.21 -2.68
CA PRO H 448 -80.60 -1.60 -2.98
C PRO H 448 -80.92 -1.70 -4.46
N TYR H 449 -80.31 -0.85 -5.30
CA TYR H 449 -80.59 -0.91 -6.72
C TYR H 449 -80.16 -2.26 -7.31
N ARG H 450 -78.95 -2.69 -6.98
CA ARG H 450 -78.46 -3.98 -7.47
C ARG H 450 -79.28 -5.13 -6.91
N ASP H 451 -79.46 -5.17 -5.59
CA ASP H 451 -80.12 -6.30 -4.96
C ASP H 451 -81.59 -6.38 -5.35
N ASP H 452 -82.34 -5.29 -5.13
CA ASP H 452 -83.74 -5.30 -5.52
C ASP H 452 -83.91 -5.42 -7.03
N GLY H 453 -82.94 -4.92 -7.81
CA GLY H 453 -83.14 -4.84 -9.25
C GLY H 453 -82.87 -6.14 -9.98
N LEU H 454 -82.05 -7.00 -9.40
CA LEU H 454 -81.73 -8.26 -10.06
C LEU H 454 -82.86 -9.27 -9.95
N LYS H 455 -83.62 -9.23 -8.85
CA LYS H 455 -84.77 -10.12 -8.71
C LYS H 455 -85.87 -9.75 -9.71
N ILE H 456 -86.04 -8.45 -9.95
CA ILE H 456 -87.02 -8.02 -10.95
C ILE H 456 -86.54 -8.38 -12.35
N TRP H 457 -85.25 -8.25 -12.60
CA TRP H 457 -84.71 -8.68 -13.89
C TRP H 457 -84.90 -10.17 -14.09
N ALA H 458 -84.67 -10.97 -13.05
CA ALA H 458 -84.87 -12.41 -13.16
C ALA H 458 -86.34 -12.76 -13.35
N ASN H 459 -87.25 -11.95 -12.80
CA ASN H 459 -88.67 -12.18 -13.03
C ASN H 459 -89.04 -11.92 -14.49
N ILE H 460 -88.51 -10.85 -15.06
CA ILE H 460 -88.86 -10.48 -16.44
C ILE H 460 -88.33 -11.52 -17.42
N GLU H 461 -87.08 -11.94 -17.24
CA GLU H 461 -86.49 -12.88 -18.18
C GLU H 461 -87.12 -14.26 -18.08
N ARG H 462 -87.60 -14.65 -16.90
CA ARG H 462 -88.32 -15.91 -16.78
C ARG H 462 -89.61 -15.87 -17.59
N TRP H 463 -90.27 -14.72 -17.63
CA TRP H 463 -91.52 -14.56 -18.36
C TRP H 463 -91.27 -14.37 -19.85
N VAL H 464 -90.22 -13.63 -20.19
CA VAL H 464 -89.85 -13.47 -21.60
C VAL H 464 -89.41 -14.81 -22.19
N THR H 465 -88.78 -15.66 -21.39
CA THR H 465 -88.33 -16.95 -21.90
C THR H 465 -89.51 -17.85 -22.25
N ALA H 466 -90.44 -18.04 -21.32
CA ALA H 466 -91.58 -18.91 -21.57
C ALA H 466 -92.49 -18.33 -22.65
N TYR H 467 -92.54 -17.01 -22.78
CA TYR H 467 -93.31 -16.41 -23.87
C TYR H 467 -92.66 -16.68 -25.22
N VAL H 468 -91.34 -16.55 -25.30
CA VAL H 468 -90.63 -16.82 -26.54
C VAL H 468 -90.66 -18.32 -26.84
N ASN H 469 -90.40 -19.14 -25.83
CA ASN H 469 -90.32 -20.59 -26.05
C ASN H 469 -91.68 -21.19 -26.36
N ASN H 470 -92.76 -20.55 -25.93
CA ASN H 470 -94.09 -21.07 -26.25
C ASN H 470 -94.46 -20.76 -27.70
N TYR H 471 -93.92 -19.67 -28.26
CA TYR H 471 -94.23 -19.26 -29.61
C TYR H 471 -93.16 -19.63 -30.62
N TYR H 472 -91.89 -19.57 -30.25
CA TYR H 472 -90.80 -20.03 -31.09
C TYR H 472 -90.39 -21.41 -30.60
N ILE H 473 -90.73 -22.44 -31.39
CA ILE H 473 -90.42 -23.83 -31.01
C ILE H 473 -89.14 -24.33 -31.65
N SER H 474 -88.44 -23.49 -32.41
CA SER H 474 -87.17 -23.87 -33.02
C SER H 474 -86.41 -22.60 -33.36
N GLU H 475 -85.09 -22.75 -33.53
CA GLU H 475 -84.28 -21.64 -33.99
C GLU H 475 -84.57 -21.28 -35.43
N ALA H 476 -85.22 -22.17 -36.18
CA ALA H 476 -85.67 -21.83 -37.52
C ALA H 476 -86.87 -20.89 -37.49
N ASN H 477 -87.68 -20.96 -36.43
CA ASN H 477 -88.77 -20.01 -36.26
C ASN H 477 -88.26 -18.58 -36.15
N VAL H 478 -87.01 -18.39 -35.75
CA VAL H 478 -86.44 -17.05 -35.65
C VAL H 478 -85.97 -16.56 -37.01
N THR H 479 -85.30 -17.43 -37.77
CA THR H 479 -84.72 -17.00 -39.05
C THR H 479 -85.79 -16.82 -40.12
N GLN H 480 -86.88 -17.58 -40.03
CA GLN H 480 -87.98 -17.44 -40.99
C GLN H 480 -88.97 -16.36 -40.60
N ASP H 481 -88.81 -15.76 -39.42
CA ASP H 481 -89.65 -14.63 -39.00
C ASP H 481 -89.19 -13.40 -39.78
N THR H 482 -89.72 -13.28 -41.01
CA THR H 482 -89.34 -12.17 -41.88
C THR H 482 -89.64 -10.82 -41.23
N GLU H 483 -90.69 -10.75 -40.41
CA GLU H 483 -91.00 -9.49 -39.73
C GLU H 483 -89.96 -9.17 -38.66
N LEU H 484 -89.54 -10.19 -37.90
CA LEU H 484 -88.52 -9.96 -36.88
C LEU H 484 -87.18 -9.56 -37.48
N GLN H 485 -86.84 -10.10 -38.65
CA GLN H 485 -85.57 -9.74 -39.26
C GLN H 485 -85.60 -8.32 -39.81
N ALA H 486 -86.74 -7.88 -40.33
CA ALA H 486 -86.89 -6.46 -40.65
C ALA H 486 -86.86 -5.61 -39.39
N TRP H 487 -87.53 -6.08 -38.34
CA TRP H 487 -87.44 -5.45 -37.02
C TRP H 487 -85.99 -5.35 -36.57
N ALA H 488 -85.24 -6.45 -36.69
CA ALA H 488 -83.85 -6.45 -36.25
C ALA H 488 -82.97 -5.63 -37.20
N ALA H 489 -83.23 -5.73 -38.51
CA ALA H 489 -82.36 -5.06 -39.48
C ALA H 489 -82.45 -3.54 -39.39
N VAL H 490 -83.60 -3.00 -38.99
CA VAL H 490 -83.74 -1.55 -38.90
C VAL H 490 -83.20 -1.00 -37.58
N LEU H 491 -83.30 -1.75 -36.48
CA LEU H 491 -82.67 -1.34 -35.23
C LEU H 491 -81.17 -1.60 -35.21
N SER H 492 -80.66 -2.39 -36.16
CA SER H 492 -79.23 -2.68 -36.26
C SER H 492 -78.49 -1.67 -37.14
N LYS H 493 -79.20 -0.69 -37.69
CA LYS H 493 -78.52 0.34 -38.48
C LYS H 493 -77.58 1.13 -37.59
N PRO H 494 -76.53 1.73 -38.17
CA PRO H 494 -75.63 2.57 -37.37
C PRO H 494 -76.38 3.71 -36.69
N PHE H 495 -75.74 4.27 -35.66
CA PHE H 495 -76.40 5.28 -34.85
C PHE H 495 -76.77 6.52 -35.67
N ALA H 496 -76.00 6.81 -36.72
CA ALA H 496 -76.28 8.00 -37.52
C ALA H 496 -77.61 7.87 -38.26
N GLU H 497 -77.97 6.65 -38.69
CA GLU H 497 -79.20 6.46 -39.42
C GLU H 497 -80.43 6.51 -38.52
N GLY H 498 -80.27 6.19 -37.24
CA GLY H 498 -81.40 6.15 -36.33
C GLY H 498 -81.50 4.83 -35.58
N GLY H 499 -80.52 3.96 -35.80
CA GLY H 499 -80.53 2.67 -35.13
C GLY H 499 -80.08 2.75 -33.68
N VAL H 500 -80.39 1.69 -32.95
CA VAL H 500 -79.97 1.57 -31.55
C VAL H 500 -78.58 0.96 -31.53
N SER H 501 -77.63 1.67 -30.94
CA SER H 501 -76.23 1.28 -31.01
C SER H 501 -75.99 -0.07 -30.33
N GLY H 502 -75.40 -1.00 -31.07
CA GLY H 502 -75.06 -2.30 -30.54
C GLY H 502 -76.20 -3.29 -30.44
N PHE H 503 -77.19 -3.15 -31.32
CA PHE H 503 -78.42 -3.93 -31.15
C PHE H 503 -78.31 -5.34 -31.72
N GLY H 504 -77.44 -5.55 -32.69
CA GLY H 504 -77.37 -6.81 -33.40
C GLY H 504 -77.07 -8.00 -32.51
N PRO H 505 -77.36 -9.22 -32.99
CA PRO H 505 -77.97 -9.47 -34.31
C PRO H 505 -79.37 -10.12 -34.29
N ILE H 506 -79.80 -10.69 -33.16
CA ILE H 506 -81.13 -11.30 -33.00
C ILE H 506 -81.34 -12.37 -34.07
N ASP H 507 -80.42 -13.33 -34.15
CA ASP H 507 -80.54 -14.47 -35.03
C ASP H 507 -80.71 -15.77 -34.24
N THR H 508 -81.26 -15.66 -33.04
CA THR H 508 -81.34 -16.79 -32.12
C THR H 508 -82.48 -16.53 -31.15
N ARG H 509 -83.20 -17.60 -30.78
CA ARG H 509 -84.22 -17.49 -29.74
C ARG H 509 -83.66 -16.85 -28.49
N ALA H 510 -82.43 -17.22 -28.12
CA ALA H 510 -81.79 -16.64 -26.94
C ALA H 510 -81.66 -15.13 -27.09
N ALA H 511 -81.17 -14.67 -28.24
CA ALA H 511 -80.99 -13.24 -28.46
C ALA H 511 -82.30 -12.48 -28.38
N LEU H 512 -83.38 -13.07 -28.92
CA LEU H 512 -84.69 -12.43 -28.81
C LEU H 512 -85.14 -12.32 -27.36
N ILE H 513 -84.77 -13.29 -26.52
CA ILE H 513 -85.14 -13.23 -25.11
C ILE H 513 -84.48 -12.04 -24.44
N PHE H 514 -83.19 -11.85 -24.69
CA PHE H 514 -82.47 -10.74 -24.06
C PHE H 514 -83.02 -9.40 -24.53
N ALA H 515 -83.10 -9.20 -25.85
CA ALA H 515 -83.61 -7.95 -26.38
C ALA H 515 -85.03 -7.66 -25.90
N CYS H 516 -85.78 -8.69 -25.51
CA CYS H 516 -87.10 -8.47 -24.93
C CYS H 516 -87.05 -8.26 -23.43
N THR H 517 -86.13 -8.92 -22.72
CA THR H 517 -85.97 -8.65 -21.30
C THR H 517 -85.46 -7.23 -21.07
N LYS H 518 -84.37 -6.87 -21.76
CA LYS H 518 -83.82 -5.53 -21.66
C LYS H 518 -84.88 -4.47 -21.97
N VAL H 519 -85.67 -4.70 -23.01
CA VAL H 519 -86.68 -3.72 -23.42
C VAL H 519 -87.75 -3.60 -22.34
N ILE H 520 -88.25 -4.72 -21.82
CA ILE H 520 -89.26 -4.67 -20.78
C ILE H 520 -88.67 -4.07 -19.51
N PHE H 521 -87.43 -4.42 -19.18
CA PHE H 521 -86.82 -3.94 -17.94
C PHE H 521 -86.58 -2.43 -17.99
N THR H 522 -86.17 -1.91 -19.15
CA THR H 522 -85.89 -0.49 -19.29
C THR H 522 -87.13 0.34 -19.61
N ALA H 523 -88.28 -0.29 -19.75
CA ALA H 523 -89.55 0.43 -19.83
C ALA H 523 -90.33 0.39 -18.52
N SER H 524 -89.83 -0.36 -17.52
CA SER H 524 -90.58 -0.58 -16.30
C SER H 524 -89.70 -0.34 -15.08
N ALA H 525 -88.87 -1.33 -14.73
CA ALA H 525 -88.03 -1.22 -13.54
C ALA H 525 -87.01 -0.10 -13.67
N GLU H 526 -86.17 -0.18 -14.71
CA GLU H 526 -85.12 0.83 -14.89
C GLU H 526 -85.69 2.23 -15.02
N HIS H 527 -86.88 2.38 -15.60
CA HIS H 527 -87.49 3.70 -15.70
C HIS H 527 -87.99 4.18 -14.34
N SER H 528 -88.57 3.28 -13.54
CA SER H 528 -89.00 3.65 -12.20
C SER H 528 -87.81 4.03 -11.32
N ALA H 529 -86.70 3.32 -11.46
CA ALA H 529 -85.51 3.58 -10.65
C ALA H 529 -84.87 4.92 -10.95
N VAL H 530 -85.29 5.60 -12.02
CA VAL H 530 -84.74 6.91 -12.35
C VAL H 530 -85.80 7.99 -12.48
N ASN H 531 -87.08 7.66 -12.72
CA ASN H 531 -88.08 8.72 -12.93
C ASN H 531 -88.66 9.19 -11.59
N PHE H 532 -88.85 8.29 -10.66
CA PHE H 532 -89.51 8.63 -9.41
C PHE H 532 -88.57 9.19 -8.35
N PRO H 533 -87.26 8.84 -8.35
CA PRO H 533 -86.33 9.58 -7.48
C PRO H 533 -86.34 11.08 -7.71
N GLN H 534 -86.84 11.52 -8.87
CA GLN H 534 -86.95 12.94 -9.16
C GLN H 534 -87.79 13.64 -8.09
N LYS H 535 -88.96 13.09 -7.78
CA LYS H 535 -89.81 13.66 -6.74
C LYS H 535 -89.19 13.48 -5.35
N ASP H 536 -88.77 12.26 -5.04
CA ASP H 536 -88.38 11.93 -3.68
C ASP H 536 -87.00 12.45 -3.30
N LEU H 537 -86.11 12.63 -4.27
CA LEU H 537 -84.73 12.98 -3.96
C LEU H 537 -84.20 14.20 -4.71
N MET H 538 -84.92 14.73 -5.69
CA MET H 538 -84.39 15.78 -6.54
C MET H 538 -85.21 17.05 -6.57
N SER H 539 -86.42 17.06 -5.99
CA SER H 539 -87.27 18.23 -6.04
C SER H 539 -86.84 19.34 -5.09
N TYR H 540 -85.92 19.06 -4.17
CA TYR H 540 -85.37 20.05 -3.26
C TYR H 540 -83.97 20.43 -3.74
N ALA H 541 -83.81 21.69 -4.12
CA ALA H 541 -82.64 22.15 -4.87
C ALA H 541 -81.33 22.15 -4.07
N PRO H 542 -81.30 22.60 -2.80
CA PRO H 542 -80.04 22.51 -2.04
C PRO H 542 -79.51 21.10 -1.90
N ALA H 543 -80.38 20.10 -1.85
CA ALA H 543 -79.93 18.70 -1.85
C ALA H 543 -79.27 18.35 -3.16
N ILE H 544 -79.89 18.71 -4.28
CA ILE H 544 -79.36 18.45 -5.61
C ILE H 544 -80.13 19.31 -6.62
N THR H 545 -79.41 19.90 -7.57
CA THR H 545 -80.07 20.71 -8.60
C THR H 545 -79.19 20.71 -9.84
N GLY H 546 -79.71 21.30 -10.91
CA GLY H 546 -79.05 21.26 -12.20
C GLY H 546 -77.94 22.26 -12.41
N ALA H 547 -77.80 23.26 -11.54
CA ALA H 547 -76.79 24.29 -11.74
C ALA H 547 -76.18 24.69 -10.40
N GLY H 548 -74.88 24.95 -10.42
CA GLY H 548 -74.21 25.60 -9.32
C GLY H 548 -74.07 27.08 -9.64
N TRP H 549 -74.53 27.92 -8.71
CA TRP H 549 -74.63 29.35 -8.94
C TRP H 549 -73.49 30.13 -8.30
N THR H 550 -72.49 29.41 -7.78
CA THR H 550 -71.16 29.94 -7.51
C THR H 550 -70.16 28.89 -7.97
N ALA H 551 -69.01 29.34 -8.46
CA ALA H 551 -67.97 28.42 -8.94
C ALA H 551 -67.26 27.79 -7.74
N ALA H 552 -68.04 27.12 -6.90
CA ALA H 552 -67.63 26.83 -5.53
C ALA H 552 -67.49 25.34 -5.24
N PRO H 553 -66.40 24.72 -5.69
CA PRO H 553 -65.81 23.63 -4.91
C PRO H 553 -64.97 24.19 -3.76
N PRO H 554 -64.31 25.37 -3.95
CA PRO H 554 -63.88 26.14 -2.77
C PRO H 554 -64.96 27.09 -2.31
N SER H 555 -65.37 26.98 -1.05
CA SER H 555 -66.45 27.80 -0.53
C SER H 555 -66.05 29.27 -0.50
N GLN H 556 -66.98 30.13 -0.89
CA GLN H 556 -66.71 31.56 -1.02
C GLN H 556 -67.62 32.42 -0.18
N GLY H 557 -68.49 31.83 0.64
CA GLY H 557 -69.41 32.59 1.45
C GLY H 557 -70.65 31.79 1.82
N PRO H 558 -71.78 32.48 1.92
CA PRO H 558 -73.01 31.81 2.36
C PRO H 558 -73.42 30.69 1.42
N LEU H 559 -74.03 29.65 2.00
CA LEU H 559 -74.56 28.56 1.20
C LEU H 559 -75.82 28.95 0.45
N LYS H 560 -76.41 30.11 0.75
CA LYS H 560 -77.56 30.60 -0.01
C LYS H 560 -77.15 31.32 -1.29
N ASP H 561 -75.84 31.51 -1.52
CA ASP H 561 -75.37 32.10 -2.77
C ASP H 561 -75.06 31.05 -3.84
N PHE H 562 -74.74 29.83 -3.42
CA PHE H 562 -74.57 28.73 -4.37
C PHE H 562 -75.89 28.27 -4.97
N GLN H 563 -77.00 28.51 -4.29
CA GLN H 563 -78.27 27.92 -4.65
C GLN H 563 -78.97 28.71 -5.75
N PRO H 564 -79.89 28.08 -6.48
CA PRO H 564 -80.56 28.74 -7.60
C PRO H 564 -81.52 29.82 -7.13
N PRO H 565 -81.90 30.74 -8.01
CA PRO H 565 -82.93 31.73 -7.67
C PRO H 565 -84.26 31.07 -7.36
N LEU H 566 -85.05 31.75 -6.52
CA LEU H 566 -86.31 31.19 -6.06
C LEU H 566 -87.33 31.03 -7.17
N GLU H 567 -87.19 31.79 -8.26
CA GLU H 567 -88.05 31.59 -9.41
C GLU H 567 -87.87 30.20 -10.01
N LEU H 568 -86.62 29.75 -10.12
CA LEU H 568 -86.33 28.45 -10.69
C LEU H 568 -86.51 27.33 -9.66
N ALA H 569 -86.11 27.59 -8.41
CA ALA H 569 -86.22 26.57 -7.38
C ALA H 569 -87.67 26.12 -7.20
N GLU H 570 -88.61 27.08 -7.29
CA GLU H 570 -90.03 26.70 -7.29
C GLU H 570 -90.39 25.91 -8.53
N LEU H 571 -89.79 26.25 -9.67
CA LEU H 571 -90.07 25.54 -10.92
C LEU H 571 -89.42 24.16 -10.94
N GLN H 572 -88.17 24.05 -10.49
CA GLN H 572 -87.52 22.74 -10.40
C GLN H 572 -88.34 21.78 -9.54
N ALA H 573 -88.85 22.26 -8.41
CA ALA H 573 -89.68 21.43 -7.55
C ALA H 573 -90.97 21.04 -8.27
N GLU H 574 -91.58 21.99 -8.99
CA GLU H 574 -92.90 21.75 -9.55
C GLU H 574 -92.86 20.80 -10.75
N PHE H 575 -91.78 20.82 -11.52
CA PHE H 575 -91.70 19.93 -12.68
C PHE H 575 -91.07 18.58 -12.35
N LEU H 576 -90.32 18.49 -11.25
CA LEU H 576 -89.84 17.20 -10.79
C LEU H 576 -90.84 16.51 -9.87
N TYR H 577 -91.74 17.27 -9.24
CA TYR H 577 -92.84 16.66 -8.51
C TYR H 577 -93.87 16.07 -9.46
N LEU H 578 -94.03 16.68 -10.64
CA LEU H 578 -95.00 16.20 -11.62
C LEU H 578 -94.47 14.99 -12.39
N LEU H 579 -93.17 14.98 -12.71
CA LEU H 579 -92.61 13.86 -13.46
C LEU H 579 -92.42 12.63 -12.57
N GLY H 580 -91.98 12.82 -11.34
CA GLY H 580 -91.74 11.70 -10.45
C GLY H 580 -92.88 11.37 -9.51
N GLY H 581 -94.07 11.90 -9.73
CA GLY H 581 -95.16 11.65 -8.83
C GLY H 581 -96.40 11.08 -9.47
N VAL H 582 -96.23 10.30 -10.54
CA VAL H 582 -97.35 9.67 -11.25
C VAL H 582 -97.01 8.20 -11.45
N HIS H 583 -97.68 7.34 -10.69
CA HIS H 583 -97.54 5.87 -10.79
C HIS H 583 -98.78 5.34 -11.49
N HIS H 584 -98.75 5.31 -12.82
CA HIS H 584 -99.85 4.81 -13.62
C HIS H 584 -99.39 3.57 -14.37
N THR H 585 -100.30 2.59 -14.47
CA THR H 585 -100.07 1.26 -15.06
C THR H 585 -99.02 0.49 -14.24
N LYS H 586 -99.16 -0.85 -14.16
CA LYS H 586 -98.42 -1.66 -13.19
C LYS H 586 -97.83 -2.88 -13.88
N LEU H 587 -96.51 -3.04 -13.76
CA LEU H 587 -95.81 -4.16 -14.39
C LEU H 587 -96.37 -5.49 -13.92
N GLY H 588 -96.70 -6.36 -14.88
CA GLY H 588 -97.31 -7.64 -14.62
C GLY H 588 -98.76 -7.74 -15.04
N PHE H 589 -99.39 -6.64 -15.42
CA PHE H 589 -100.82 -6.62 -15.74
C PHE H 589 -101.00 -5.95 -17.10
N TYR H 590 -101.19 -6.78 -18.12
CA TYR H 590 -101.26 -6.32 -19.51
C TYR H 590 -102.71 -5.98 -19.84
N ASN H 591 -103.05 -4.71 -19.80
CA ASN H 591 -104.37 -4.21 -20.15
C ASN H 591 -104.28 -3.31 -21.38
N SER H 592 -105.43 -2.79 -21.80
CA SER H 592 -105.51 -1.92 -22.97
C SER H 592 -105.38 -0.46 -22.54
N ASN H 593 -105.50 0.44 -23.52
CA ASN H 593 -105.47 1.87 -23.28
C ASN H 593 -106.82 2.53 -23.59
N SER H 594 -107.86 1.74 -23.82
CA SER H 594 -109.20 2.24 -24.07
C SER H 594 -110.11 1.89 -22.91
N PHE H 595 -111.30 2.50 -22.91
CA PHE H 595 -112.14 2.57 -21.71
C PHE H 595 -112.32 1.26 -20.96
N PRO H 596 -112.60 0.12 -21.59
CA PRO H 596 -112.75 -1.11 -20.80
C PRO H 596 -111.51 -1.45 -19.98
N TYR H 597 -110.32 -1.10 -20.46
CA TYR H 597 -109.05 -1.51 -19.85
C TYR H 597 -109.05 -3.03 -19.61
N ARG H 598 -109.69 -3.75 -20.53
CA ARG H 598 -109.80 -5.20 -20.43
C ARG H 598 -108.52 -5.88 -20.89
N ALA H 599 -108.30 -7.09 -20.39
CA ALA H 599 -107.07 -7.83 -20.57
C ALA H 599 -106.60 -7.81 -22.03
N TRP H 600 -105.31 -7.53 -22.21
CA TRP H 600 -104.77 -7.39 -23.56
C TRP H 600 -104.52 -8.75 -24.21
N PHE H 601 -103.86 -9.65 -23.49
CA PHE H 601 -103.59 -10.98 -24.03
C PHE H 601 -104.89 -11.73 -24.29
N LYS H 602 -104.95 -12.39 -25.44
CA LYS H 602 -106.10 -13.19 -25.85
C LYS H 602 -105.80 -14.67 -25.95
N ASP H 603 -104.55 -15.04 -26.24
CA ASP H 603 -104.13 -16.44 -26.29
C ASP H 603 -104.35 -17.09 -24.93
N PRO H 604 -105.14 -18.16 -24.85
CA PRO H 604 -105.44 -18.76 -23.53
C PRO H 604 -104.20 -19.23 -22.77
N LYS H 605 -103.17 -19.72 -23.45
CA LYS H 605 -101.98 -20.19 -22.75
C LYS H 605 -101.35 -19.06 -21.94
N ILE H 606 -101.40 -17.83 -22.45
CA ILE H 606 -100.87 -16.69 -21.71
C ILE H 606 -101.84 -16.27 -20.61
N THR H 607 -103.13 -16.16 -20.95
CA THR H 607 -104.07 -15.48 -20.08
C THR H 607 -104.27 -16.24 -18.78
N ALA H 608 -104.23 -17.56 -18.83
CA ALA H 608 -104.54 -18.37 -17.66
C ALA H 608 -103.36 -19.21 -17.16
N GLU H 609 -102.26 -19.31 -17.90
CA GLU H 609 -101.15 -20.16 -17.48
C GLU H 609 -99.85 -19.38 -17.35
N LEU H 610 -99.36 -18.76 -18.43
CA LEU H 610 -98.02 -18.16 -18.41
C LEU H 610 -98.02 -16.83 -17.65
N LEU H 611 -98.83 -15.86 -18.09
CA LEU H 611 -98.89 -14.59 -17.39
C LEU H 611 -99.25 -14.73 -15.91
N PRO H 612 -100.23 -15.55 -15.51
CA PRO H 612 -100.46 -15.70 -14.06
C PRO H 612 -99.24 -16.17 -13.29
N ALA H 613 -98.44 -17.06 -13.88
CA ALA H 613 -97.20 -17.47 -13.23
C ALA H 613 -96.24 -16.30 -13.08
N PHE H 614 -96.14 -15.46 -14.12
CA PHE H 614 -95.28 -14.29 -14.05
C PHE H 614 -95.71 -13.34 -12.94
N GLN H 615 -97.02 -13.12 -12.81
CA GLN H 615 -97.52 -12.22 -11.78
C GLN H 615 -97.21 -12.74 -10.38
N ARG H 616 -97.31 -14.05 -10.18
CA ARG H 616 -96.93 -14.63 -8.88
C ARG H 616 -95.45 -14.47 -8.62
N ASP H 617 -94.62 -14.56 -9.66
CA ASP H 617 -93.19 -14.35 -9.49
C ASP H 617 -92.88 -12.96 -8.96
N LEU H 618 -93.66 -11.97 -9.36
CA LEU H 618 -93.47 -10.61 -8.86
C LEU H 618 -93.92 -10.50 -7.40
N ALA H 619 -95.12 -11.01 -7.09
CA ALA H 619 -95.63 -10.95 -5.73
C ALA H 619 -94.73 -11.69 -4.75
N ALA H 620 -94.04 -12.73 -5.24
CA ALA H 620 -93.04 -13.38 -4.39
C ALA H 620 -91.81 -12.51 -4.19
N SER H 621 -91.37 -11.82 -5.25
CA SER H 621 -90.26 -10.89 -5.13
C SER H 621 -90.64 -9.67 -4.31
N GLU H 622 -91.90 -9.25 -4.37
CA GLU H 622 -92.32 -8.08 -3.61
C GLU H 622 -92.21 -8.30 -2.11
N GLU H 623 -92.53 -9.51 -1.64
CA GLU H 623 -92.38 -9.82 -0.23
C GLU H 623 -90.92 -9.72 0.21
N LEU H 624 -90.02 -10.31 -0.56
CA LEU H 624 -88.61 -10.29 -0.20
C LEU H 624 -88.02 -8.89 -0.24
N ILE H 625 -88.53 -8.03 -1.14
CA ILE H 625 -88.01 -6.68 -1.25
C ILE H 625 -88.49 -5.81 -0.10
N VAL H 626 -89.75 -5.98 0.32
CA VAL H 626 -90.22 -5.29 1.51
C VAL H 626 -89.50 -5.82 2.75
N ALA H 627 -89.14 -7.10 2.75
CA ALA H 627 -88.32 -7.63 3.84
C ALA H 627 -86.99 -6.90 3.93
N ALA H 628 -86.41 -6.53 2.77
CA ALA H 628 -85.17 -5.75 2.79
C ALA H 628 -85.45 -4.30 3.17
N ASN H 629 -86.53 -3.71 2.63
CA ASN H 629 -86.82 -2.31 2.89
C ASN H 629 -87.09 -2.05 4.37
N ALA H 630 -87.69 -3.01 5.07
CA ALA H 630 -87.90 -2.85 6.51
C ALA H 630 -86.57 -2.74 7.25
N THR H 631 -85.60 -3.55 6.85
CA THR H 631 -84.28 -3.56 7.47
C THR H 631 -83.34 -2.52 6.88
N ARG H 632 -83.87 -1.55 6.13
CA ARG H 632 -83.07 -0.51 5.51
C ARG H 632 -83.49 0.85 6.06
N THR H 633 -82.51 1.70 6.37
CA THR H 633 -82.79 3.06 6.81
C THR H 633 -83.21 3.94 5.64
N PHE H 634 -82.48 3.86 4.53
CA PHE H 634 -82.82 4.58 3.31
C PHE H 634 -83.63 3.64 2.44
N LYS H 635 -84.95 3.85 2.39
CA LYS H 635 -85.85 2.92 1.73
C LYS H 635 -85.72 3.03 0.21
N TYR H 636 -85.80 1.88 -0.46
CA TYR H 636 -85.75 1.83 -1.92
C TYR H 636 -87.04 1.17 -2.40
N THR H 637 -87.98 1.98 -2.89
CA THR H 637 -89.30 1.51 -3.26
C THR H 637 -89.49 1.45 -4.77
N TYR H 638 -88.40 1.49 -5.53
CA TYR H 638 -88.49 1.59 -6.99
C TYR H 638 -88.37 0.24 -7.69
N MET H 639 -88.07 -0.82 -6.97
CA MET H 639 -88.13 -2.18 -7.51
C MET H 639 -89.28 -2.98 -6.91
N ILE H 640 -90.18 -2.32 -6.18
CA ILE H 640 -91.36 -2.97 -5.62
C ILE H 640 -92.37 -3.16 -6.75
N PRO H 641 -92.77 -4.40 -7.06
CA PRO H 641 -93.68 -4.64 -8.20
C PRO H 641 -94.96 -3.82 -8.19
N SER H 642 -95.63 -3.69 -7.04
CA SER H 642 -96.89 -2.94 -6.99
C SER H 642 -96.72 -1.47 -7.39
N THR H 643 -95.48 -0.97 -7.40
CA THR H 643 -95.20 0.40 -7.79
C THR H 643 -94.66 0.53 -9.22
N ILE H 644 -94.09 -0.52 -9.77
CA ILE H 644 -93.39 -0.43 -11.06
C ILE H 644 -94.40 -0.26 -12.18
N PRO H 645 -94.23 0.70 -13.08
CA PRO H 645 -95.14 0.84 -14.22
C PRO H 645 -94.77 -0.06 -15.38
N MET H 646 -95.79 -0.40 -16.18
CA MET H 646 -95.57 -1.22 -17.38
C MET H 646 -94.76 -0.48 -18.43
N SER H 647 -94.83 0.85 -18.44
CA SER H 647 -94.35 1.60 -19.59
C SER H 647 -93.70 2.89 -19.14
N ILE H 648 -93.06 3.56 -20.10
CA ILE H 648 -92.52 4.90 -19.92
C ILE H 648 -93.61 5.89 -20.32
N ASN H 649 -94.27 6.50 -19.34
CA ASN H 649 -95.43 7.35 -19.60
C ASN H 649 -95.37 8.69 -18.87
N ILE H 650 -94.25 9.02 -18.24
CA ILE H 650 -94.07 10.32 -17.60
C ILE H 650 -92.58 10.51 -17.37
N ASN I 3 -16.28 -108.36 43.01
CA ASN I 3 -15.65 -108.99 41.85
C ASN I 3 -14.14 -109.08 42.04
N ILE I 4 -13.58 -110.25 41.73
CA ILE I 4 -12.14 -110.47 41.81
C ILE I 4 -11.65 -111.01 40.49
N PRO I 5 -10.63 -110.40 39.88
CA PRO I 5 -10.12 -110.93 38.61
C PRO I 5 -9.60 -112.36 38.76
N THR I 6 -9.83 -113.16 37.73
CA THR I 6 -9.38 -114.55 37.69
C THR I 6 -8.63 -114.81 36.41
N LEU I 7 -7.56 -115.60 36.51
CA LEU I 7 -6.94 -116.12 35.31
C LEU I 7 -7.94 -117.03 34.59
N PRO I 8 -7.84 -117.14 33.26
CA PRO I 8 -8.87 -117.91 32.53
C PRO I 8 -9.02 -119.35 33.02
N GLN I 9 -7.92 -120.03 33.30
CA GLN I 9 -8.01 -121.43 33.74
C GLN I 9 -8.69 -121.55 35.09
N ASN I 10 -8.69 -120.50 35.90
CA ASN I 10 -9.32 -120.52 37.22
C ASN I 10 -10.66 -119.80 37.24
N ASP I 11 -11.16 -119.37 36.09
CA ASP I 11 -12.40 -118.61 36.05
C ASP I 11 -13.59 -119.56 36.20
N PRO I 12 -14.47 -119.35 37.19
CA PRO I 12 -15.61 -120.27 37.35
C PRO I 12 -16.64 -120.20 36.25
N ARG I 13 -16.54 -119.21 35.34
CA ARG I 13 -17.47 -119.07 34.22
C ARG I 13 -16.66 -118.83 32.95
N PRO I 14 -15.99 -119.86 32.44
CA PRO I 14 -15.10 -119.66 31.28
C PRO I 14 -15.84 -119.42 29.97
N GLU I 15 -17.00 -120.05 29.77
CA GLU I 15 -17.72 -119.90 28.51
C GLU I 15 -18.17 -118.46 28.30
N GLN I 16 -18.72 -117.83 29.33
CA GLN I 16 -19.09 -116.42 29.23
C GLN I 16 -17.86 -115.56 28.94
N ARG I 17 -16.75 -115.85 29.61
CA ARG I 17 -15.50 -115.16 29.36
C ARG I 17 -15.10 -115.22 27.89
N ALA I 18 -15.14 -116.42 27.31
CA ALA I 18 -14.70 -116.59 25.93
C ALA I 18 -15.60 -115.85 24.94
N GLN I 19 -16.91 -115.78 25.22
CA GLN I 19 -17.80 -115.03 24.33
C GLN I 19 -17.50 -113.55 24.37
N GLN I 20 -17.16 -113.02 25.55
CA GLN I 20 -16.75 -111.62 25.65
C GLN I 20 -15.50 -111.36 24.83
N LEU I 21 -14.59 -112.34 24.78
CA LEU I 21 -13.41 -112.19 23.94
C LEU I 21 -13.74 -112.29 22.47
N ASP I 22 -14.72 -113.13 22.09
CA ASP I 22 -15.20 -113.13 20.73
C ASP I 22 -15.90 -111.81 20.40
N LYS I 23 -16.64 -111.25 21.35
CA LYS I 23 -17.24 -109.95 21.14
C LYS I 23 -16.20 -108.84 21.18
N ALA I 24 -15.08 -109.07 21.89
CA ALA I 24 -14.00 -108.10 21.90
C ALA I 24 -13.34 -107.99 20.54
N ARG I 25 -13.05 -109.13 19.90
CA ARG I 25 -12.43 -109.15 18.59
C ARG I 25 -13.35 -108.63 17.50
N GLU I 26 -14.63 -108.40 17.78
CA GLU I 26 -15.55 -107.82 16.82
C GLU I 26 -15.60 -106.31 16.88
N THR I 27 -15.33 -105.71 18.05
CA THR I 27 -15.31 -104.26 18.19
C THR I 27 -13.95 -103.67 17.90
N TYR I 28 -12.88 -104.46 18.02
CA TYR I 28 -11.52 -103.98 17.83
C TYR I 28 -10.88 -104.77 16.69
N LYS I 29 -10.91 -104.22 15.49
CA LYS I 29 -10.33 -104.83 14.30
C LYS I 29 -9.08 -104.08 13.87
N TYR I 30 -8.27 -104.74 13.04
CA TYR I 30 -7.02 -104.17 12.57
C TYR I 30 -7.22 -103.44 11.24
N ALA I 31 -6.39 -102.43 11.03
CA ALA I 31 -6.37 -101.66 9.79
C ALA I 31 -4.92 -101.49 9.35
N ASP I 32 -4.75 -101.10 8.08
CA ASP I 32 -3.44 -100.83 7.50
C ASP I 32 -3.16 -99.34 7.38
N LEU I 33 -3.68 -98.54 8.33
CA LEU I 33 -3.48 -97.09 8.30
C LEU I 33 -2.01 -96.73 8.23
N LEU I 34 -1.15 -97.52 8.86
CA LEU I 34 0.30 -97.37 8.74
C LEU I 34 0.88 -98.74 8.39
N PRO I 35 1.55 -98.87 7.26
CA PRO I 35 2.15 -100.16 6.88
C PRO I 35 3.15 -100.64 7.93
N PRO I 36 3.59 -101.93 7.86
CA PRO I 36 4.11 -102.62 9.05
C PRO I 36 3.79 -102.03 10.41
N LEU I 37 2.50 -101.94 10.74
CA LEU I 37 2.07 -101.53 12.07
C LEU I 37 0.68 -102.08 12.34
N ALA I 38 0.48 -102.57 13.57
CA ALA I 38 -0.81 -103.09 14.00
C ALA I 38 -1.65 -101.91 14.49
N PHE I 39 -2.55 -101.42 13.63
CA PHE I 39 -3.34 -100.24 13.91
C PHE I 39 -4.80 -100.59 14.13
N CYS I 40 -5.55 -99.64 14.68
CA CYS I 40 -6.96 -99.84 15.00
C CYS I 40 -7.84 -99.22 13.93
N GLU I 41 -8.84 -99.97 13.48
CA GLU I 41 -9.81 -99.51 12.51
C GLU I 41 -10.70 -98.48 13.19
N GLY I 42 -10.39 -97.20 12.99
CA GLY I 42 -11.19 -96.15 13.62
C GLY I 42 -10.96 -96.10 15.13
N VAL I 43 -11.88 -95.41 15.81
CA VAL I 43 -11.90 -95.31 17.25
C VAL I 43 -13.18 -95.99 17.74
N PRO I 44 -13.10 -97.17 18.35
CA PRO I 44 -14.31 -97.83 18.86
C PRO I 44 -14.98 -96.97 19.92
N LYS I 45 -16.30 -96.94 19.89
CA LYS I 45 -17.09 -96.07 20.77
C LYS I 45 -16.68 -96.10 22.24
N PRO I 46 -16.39 -97.25 22.87
CA PRO I 46 -15.96 -97.20 24.27
C PRO I 46 -14.66 -96.44 24.49
N ASP I 47 -13.76 -96.44 23.51
CA ASP I 47 -12.48 -95.78 23.64
C ASP I 47 -12.50 -94.34 23.15
N THR I 48 -13.68 -93.80 22.82
CA THR I 48 -13.77 -92.41 22.44
C THR I 48 -13.33 -91.52 23.61
N PRO I 49 -12.85 -90.30 23.34
CA PRO I 49 -12.39 -89.45 24.44
C PRO I 49 -13.51 -89.14 25.42
N SER I 50 -13.17 -89.19 26.71
CA SER I 50 -14.11 -88.84 27.75
C SER I 50 -14.42 -87.34 27.70
N ALA I 51 -15.38 -86.93 28.53
CA ALA I 51 -15.81 -85.53 28.53
C ALA I 51 -14.75 -84.63 29.15
N ALA I 52 -14.08 -85.08 30.20
CA ALA I 52 -13.04 -84.28 30.82
C ALA I 52 -11.92 -83.98 29.84
N TRP I 53 -11.54 -84.97 29.02
CA TRP I 53 -10.52 -84.76 28.01
C TRP I 53 -10.94 -83.67 27.03
N LEU I 54 -12.20 -83.68 26.61
CA LEU I 54 -12.67 -82.70 25.64
C LEU I 54 -12.65 -81.29 26.21
N VAL I 55 -13.08 -81.12 27.45
CA VAL I 55 -13.11 -79.79 28.06
C VAL I 55 -11.69 -79.26 28.26
N THR I 56 -10.84 -80.07 28.87
CA THR I 56 -9.47 -79.65 29.14
C THR I 56 -8.73 -79.30 27.85
N VAL I 57 -8.86 -80.16 26.83
CA VAL I 57 -8.23 -79.89 25.54
C VAL I 57 -8.93 -78.72 24.85
N GLY I 58 -10.25 -78.61 25.02
CA GLY I 58 -10.98 -77.50 24.42
C GLY I 58 -10.49 -76.14 24.87
N LYS I 59 -10.22 -75.99 26.17
CA LYS I 59 -9.69 -74.72 26.68
C LYS I 59 -8.35 -74.39 26.01
N VAL I 60 -7.48 -75.39 25.86
CA VAL I 60 -6.17 -75.15 25.28
C VAL I 60 -6.31 -74.71 23.83
N ALA I 61 -7.01 -75.51 23.02
CA ALA I 61 -7.20 -75.17 21.61
C ALA I 61 -8.00 -73.89 21.43
N ALA I 62 -8.75 -73.47 22.45
CA ALA I 62 -9.44 -72.19 22.39
C ALA I 62 -8.45 -71.02 22.42
N ALA I 63 -7.54 -71.03 23.39
CA ALA I 63 -6.53 -69.98 23.47
C ALA I 63 -5.60 -69.99 22.27
N VAL I 64 -5.30 -71.18 21.73
CA VAL I 64 -4.50 -71.28 20.52
C VAL I 64 -5.16 -70.52 19.38
N ALA I 65 -6.50 -70.60 19.30
CA ALA I 65 -7.21 -69.86 18.27
C ALA I 65 -7.15 -68.36 18.51
N LEU I 66 -7.38 -67.94 19.77
CA LEU I 66 -7.34 -66.51 20.09
C LEU I 66 -5.96 -65.93 19.84
N ASN I 67 -4.89 -66.72 20.06
CA ASN I 67 -3.56 -66.27 19.68
C ASN I 67 -3.41 -66.18 18.18
N ALA I 68 -4.14 -67.00 17.42
CA ALA I 68 -4.13 -66.87 15.97
C ALA I 68 -4.93 -65.65 15.52
N VAL I 69 -5.90 -65.21 16.32
CA VAL I 69 -6.69 -64.03 15.95
C VAL I 69 -5.94 -62.75 16.28
N ALA I 70 -5.31 -62.69 17.46
CA ALA I 70 -4.54 -61.51 17.82
C ALA I 70 -3.35 -61.33 16.89
N ASN I 71 -2.73 -62.43 16.45
CA ASN I 71 -1.68 -62.34 15.46
C ASN I 71 -2.23 -61.86 14.11
N ARG I 72 -3.44 -62.31 13.75
CA ARG I 72 -4.06 -61.85 12.52
C ARG I 72 -4.50 -60.40 12.61
N ARG I 73 -4.94 -59.95 13.79
CA ARG I 73 -5.29 -58.55 13.95
C ARG I 73 -4.07 -57.64 13.84
N ALA I 74 -2.92 -58.10 14.34
CA ALA I 74 -1.69 -57.31 14.22
C ALA I 74 -1.27 -57.17 12.76
N TRP I 75 -1.28 -58.28 12.01
CA TRP I 75 -1.02 -58.25 10.58
C TRP I 75 -2.12 -57.46 9.89
N LYS I 76 -1.78 -56.32 9.30
CA LYS I 76 -2.75 -55.38 8.72
C LYS I 76 -3.75 -54.91 9.78
N PHE I 87 -13.57 -55.50 12.26
CA PHE I 87 -14.68 -56.10 12.99
C PHE I 87 -14.78 -57.59 12.67
N ASP I 88 -14.21 -57.98 11.53
CA ASP I 88 -14.11 -59.40 11.20
C ASP I 88 -13.23 -60.14 12.19
N VAL I 89 -12.31 -59.44 12.85
CA VAL I 89 -11.50 -60.05 13.89
C VAL I 89 -12.26 -60.13 15.20
N GLY I 90 -13.06 -59.10 15.52
CA GLY I 90 -13.94 -59.19 16.66
C GLY I 90 -15.04 -60.22 16.47
N GLY I 91 -15.44 -60.47 15.22
CA GLY I 91 -16.44 -61.49 14.96
C GLY I 91 -15.93 -62.90 15.17
N THR I 92 -14.66 -63.14 14.85
CA THR I 92 -14.06 -64.44 15.09
C THR I 92 -13.46 -64.57 16.48
N SER I 93 -13.23 -63.45 17.18
CA SER I 93 -12.68 -63.51 18.52
C SER I 93 -13.73 -63.93 19.54
N GLU I 94 -14.94 -63.35 19.45
CA GLU I 94 -15.95 -63.60 20.48
C GLU I 94 -16.53 -65.00 20.36
N GLU I 95 -16.65 -65.54 19.14
CA GLU I 95 -17.14 -66.91 18.99
C GLU I 95 -16.19 -67.90 19.63
N ASP I 96 -14.88 -67.62 19.56
CA ASP I 96 -13.92 -68.41 20.33
C ASP I 96 -14.12 -68.21 21.83
N GLN I 97 -14.38 -66.97 22.25
CA GLN I 97 -14.76 -66.72 23.63
C GLN I 97 -16.09 -67.37 23.96
N ASN I 98 -16.99 -67.45 22.98
CA ASN I 98 -18.30 -68.07 23.22
C ASN I 98 -18.14 -69.56 23.51
N GLU I 99 -17.26 -70.24 22.78
CA GLU I 99 -17.03 -71.65 23.06
C GLU I 99 -16.40 -71.86 24.43
N ALA I 100 -15.52 -70.94 24.85
CA ALA I 100 -14.99 -71.00 26.20
C ALA I 100 -16.10 -70.91 27.22
N GLY I 101 -17.15 -70.13 26.93
CA GLY I 101 -18.32 -70.13 27.78
C GLY I 101 -19.04 -71.46 27.78
N HIS I 102 -19.20 -72.06 26.59
CA HIS I 102 -19.78 -73.39 26.50
C HIS I 102 -18.98 -74.39 27.31
N ASN I 103 -17.66 -74.36 27.18
CA ASN I 103 -16.82 -75.30 27.91
C ASN I 103 -16.98 -75.15 29.42
N SER I 104 -17.21 -73.92 29.88
CA SER I 104 -17.31 -73.69 31.32
C SER I 104 -18.60 -74.25 31.90
N PHE I 105 -19.69 -74.20 31.15
CA PHE I 105 -20.97 -74.60 31.72
C PHE I 105 -21.73 -75.61 30.88
N LEU I 106 -21.72 -75.47 29.55
CA LEU I 106 -22.49 -76.38 28.70
C LEU I 106 -22.01 -77.81 28.87
N ALA I 107 -20.70 -77.99 29.05
CA ALA I 107 -20.16 -79.31 29.36
C ALA I 107 -20.13 -79.59 30.86
N ARG I 108 -20.24 -78.55 31.69
CA ARG I 108 -20.48 -78.76 33.12
C ARG I 108 -21.90 -79.20 33.40
N LEU I 109 -22.77 -79.22 32.37
CA LEU I 109 -24.07 -79.86 32.51
C LEU I 109 -23.93 -81.30 32.99
N GLU I 110 -22.91 -82.00 32.48
CA GLU I 110 -22.57 -83.35 32.90
C GLU I 110 -23.75 -84.29 32.68
N ASN I 111 -24.41 -84.70 33.77
CA ASN I 111 -25.58 -85.56 33.66
C ASN I 111 -26.77 -84.78 33.12
N PRO I 125 -22.45 -82.66 22.84
CA PRO I 125 -22.95 -81.42 22.22
C PRO I 125 -21.82 -80.59 21.62
N SER I 126 -21.59 -79.40 22.19
CA SER I 126 -20.47 -78.58 21.74
C SER I 126 -19.14 -79.25 22.02
N VAL I 127 -19.07 -80.06 23.08
CA VAL I 127 -17.82 -80.73 23.43
C VAL I 127 -17.41 -81.71 22.33
N LEU I 128 -18.32 -82.61 21.96
CA LEU I 128 -17.97 -83.66 21.01
C LEU I 128 -17.62 -83.09 19.64
N ASP I 129 -18.38 -82.11 19.16
CA ASP I 129 -18.15 -81.56 17.84
C ASP I 129 -16.90 -80.68 17.80
N GLU I 130 -16.95 -79.53 18.48
CA GLU I 130 -15.93 -78.50 18.30
C GLU I 130 -14.55 -79.02 18.69
N VAL I 131 -14.43 -79.65 19.86
CA VAL I 131 -13.11 -79.95 20.42
C VAL I 131 -12.35 -80.91 19.52
N ASN I 132 -13.00 -82.00 19.10
CA ASN I 132 -12.36 -82.93 18.17
C ASN I 132 -12.05 -82.24 16.85
N GLU I 133 -12.94 -81.35 16.40
CA GLU I 133 -12.73 -80.65 15.14
C GLU I 133 -11.57 -79.67 15.24
N ARG I 134 -11.54 -78.85 16.30
CA ARG I 134 -10.49 -77.85 16.44
C ARG I 134 -9.11 -78.49 16.52
N VAL I 135 -9.00 -79.62 17.23
CA VAL I 135 -7.71 -80.26 17.40
C VAL I 135 -7.20 -80.79 16.06
N ALA I 136 -8.10 -81.31 15.23
CA ALA I 136 -7.71 -81.85 13.93
C ALA I 136 -7.30 -80.74 12.96
N ALA I 137 -7.95 -79.58 13.04
CA ALA I 137 -7.58 -78.47 12.16
C ALA I 137 -6.16 -78.02 12.42
N ILE I 138 -5.75 -77.94 13.69
CA ILE I 138 -4.38 -77.56 14.03
C ILE I 138 -3.41 -78.62 13.54
N LEU I 139 -3.72 -79.90 13.82
CA LEU I 139 -2.78 -80.97 13.49
C LEU I 139 -2.68 -81.19 11.98
N GLY I 140 -3.73 -80.87 11.23
CA GLY I 140 -3.66 -80.97 9.79
C GLY I 140 -3.18 -79.74 9.09
N ALA I 141 -2.78 -78.71 9.84
CA ALA I 141 -2.38 -77.41 9.32
C ALA I 141 -3.47 -76.79 8.44
N LYS I 142 -4.72 -77.16 8.66
CA LYS I 142 -5.79 -76.71 7.79
C LYS I 142 -6.02 -75.21 7.96
N PRO I 143 -6.25 -74.49 6.86
CA PRO I 143 -6.48 -73.04 6.98
C PRO I 143 -7.83 -72.74 7.61
N ASN I 144 -8.03 -71.46 7.90
CA ASN I 144 -9.29 -70.95 8.47
C ASN I 144 -9.53 -71.53 9.87
N ARG I 145 -8.48 -71.54 10.69
CA ARG I 145 -8.60 -72.02 12.06
C ARG I 145 -9.28 -71.02 12.99
N HIS I 146 -9.64 -69.84 12.50
CA HIS I 146 -10.12 -68.78 13.39
C HIS I 146 -11.43 -69.17 14.07
N VAL I 147 -12.44 -69.54 13.30
CA VAL I 147 -13.76 -69.80 13.87
C VAL I 147 -14.34 -71.12 13.38
N PRO I 148 -14.53 -72.09 14.27
CA PRO I 148 -15.41 -73.22 13.96
C PRO I 148 -16.86 -72.81 14.15
N PRO I 149 -17.84 -73.61 13.63
CA PRO I 149 -19.20 -73.10 13.45
C PRO I 149 -19.41 -71.59 13.44
N ALA I 150 -18.95 -70.95 12.36
CA ALA I 150 -19.22 -69.53 12.12
C ALA I 150 -19.20 -69.26 10.62
N ASN I 173 -1.34 -68.77 -2.15
CA ASN I 173 -0.64 -68.78 -0.88
C ASN I 173 -1.63 -68.70 0.28
N VAL I 174 -1.11 -68.70 1.50
CA VAL I 174 -1.95 -68.58 2.69
C VAL I 174 -2.40 -67.14 2.81
N SER I 175 -3.27 -66.85 3.78
CA SER I 175 -3.87 -65.53 3.89
C SER I 175 -2.82 -64.48 4.20
N LYS I 176 -2.78 -63.43 3.37
CA LYS I 176 -1.95 -62.27 3.63
C LYS I 176 -2.47 -61.44 4.80
N ASP I 177 -3.58 -61.86 5.40
CA ASP I 177 -4.13 -61.23 6.60
C ASP I 177 -3.66 -61.91 7.88
N GLY I 178 -2.73 -62.86 7.76
CA GLY I 178 -2.08 -63.47 8.90
C GLY I 178 -0.59 -63.58 8.66
N PRO I 179 0.19 -63.67 9.74
CA PRO I 179 1.66 -63.71 9.60
C PRO I 179 2.15 -64.75 8.61
N ASN I 180 2.87 -64.30 7.59
CA ASN I 180 3.32 -65.17 6.51
C ASN I 180 4.63 -64.63 5.93
N GLY I 181 5.25 -65.44 5.08
CA GLY I 181 6.43 -65.01 4.37
C GLY I 181 7.69 -65.05 5.21
N ARG I 182 8.68 -64.29 4.76
CA ARG I 182 9.98 -64.16 5.41
C ARG I 182 9.95 -63.05 6.45
N PRO I 183 10.85 -63.10 7.44
CA PRO I 183 10.74 -62.17 8.57
C PRO I 183 11.55 -60.89 8.41
N GLN I 184 11.04 -59.78 8.94
CA GLN I 184 11.80 -58.54 8.94
C GLN I 184 12.87 -58.53 10.03
N SER I 185 12.57 -59.10 11.18
CA SER I 185 13.53 -59.14 12.28
C SER I 185 13.26 -60.37 13.15
N MET I 186 14.29 -60.80 13.87
CA MET I 186 14.13 -61.91 14.80
C MET I 186 13.04 -61.65 15.83
N ASP I 187 12.63 -60.38 16.00
CA ASP I 187 11.55 -60.05 16.92
C ASP I 187 10.27 -60.78 16.57
N ASP I 188 10.11 -61.17 15.30
CA ASP I 188 8.81 -61.64 14.83
C ASP I 188 8.46 -63.03 15.33
N TYR I 189 9.46 -63.89 15.58
CA TYR I 189 9.16 -65.22 16.09
C TYR I 189 8.73 -65.16 17.56
N ALA I 190 9.26 -64.20 18.32
CA ALA I 190 8.83 -64.03 19.70
C ALA I 190 7.47 -63.35 19.77
N ASN I 191 7.13 -62.53 18.78
CA ASN I 191 5.86 -61.79 18.79
C ASN I 191 4.66 -62.64 18.41
N LEU I 192 4.86 -63.88 17.97
CA LEU I 192 3.73 -64.75 17.63
C LEU I 192 2.97 -65.21 18.87
N PHE I 193 3.56 -65.07 20.06
CA PHE I 193 2.92 -65.46 21.31
C PHE I 193 2.21 -64.24 21.89
N ARG I 194 0.96 -64.05 21.48
CA ARG I 194 0.15 -62.92 21.93
C ARG I 194 -0.76 -63.32 23.08
N ARG I 195 -1.70 -64.24 22.83
CA ARG I 195 -2.57 -64.76 23.87
C ARG I 195 -1.99 -65.98 24.57
N ILE I 196 -1.00 -66.62 23.97
CA ILE I 196 -0.19 -67.63 24.63
C ILE I 196 1.11 -66.99 25.06
N THR I 197 1.75 -67.57 26.07
CA THR I 197 2.92 -66.97 26.71
C THR I 197 4.21 -67.56 26.15
N LEU I 198 5.15 -66.68 25.81
CA LEU I 198 6.41 -67.09 25.21
C LEU I 198 7.18 -68.01 26.15
N PRO I 199 7.68 -69.15 25.66
CA PRO I 199 8.41 -70.06 26.55
C PRO I 199 9.74 -69.46 26.97
N PRO I 200 10.23 -69.82 28.16
CA PRO I 200 11.47 -69.19 28.67
C PRO I 200 12.71 -69.51 27.83
N ILE I 201 12.70 -70.57 27.02
CA ILE I 201 13.89 -70.94 26.25
C ILE I 201 14.22 -69.94 25.15
N ALA I 202 13.30 -69.03 24.83
CA ALA I 202 13.57 -67.99 23.85
C ALA I 202 14.62 -66.98 24.32
N SER I 203 14.92 -66.93 25.61
CA SER I 203 15.94 -66.04 26.16
C SER I 203 17.14 -66.79 26.72
N THR I 204 17.26 -68.09 26.42
CA THR I 204 18.32 -68.92 26.97
C THR I 204 19.00 -69.80 25.94
N TRP I 205 18.44 -69.96 24.75
CA TRP I 205 18.84 -71.06 23.88
C TRP I 205 20.21 -70.86 23.24
N LYS I 206 20.67 -69.62 23.08
CA LYS I 206 21.95 -69.41 22.44
C LYS I 206 23.11 -69.82 23.33
N ASN I 207 22.89 -69.91 24.63
CA ASN I 207 23.95 -70.29 25.57
C ASN I 207 24.39 -71.73 25.35
N ASP I 208 25.67 -71.97 25.62
CA ASP I 208 26.18 -73.34 25.58
C ASP I 208 25.60 -74.19 26.70
N SER I 209 25.30 -73.57 27.84
CA SER I 209 24.76 -74.32 28.97
C SER I 209 23.36 -74.83 28.68
N ALA I 210 22.65 -74.14 27.78
CA ALA I 210 21.30 -74.57 27.43
C ALA I 210 21.34 -75.68 26.38
N PHE I 211 22.20 -75.53 25.36
CA PHE I 211 22.33 -76.56 24.34
C PHE I 211 22.74 -77.89 24.95
N ALA I 212 23.57 -77.86 25.99
CA ALA I 212 23.95 -79.09 26.67
C ALA I 212 22.85 -79.58 27.59
N ALA I 213 22.04 -78.68 28.14
CA ALA I 213 20.93 -79.08 28.99
C ALA I 213 19.79 -79.73 28.22
N TYR I 214 19.79 -79.62 26.90
CA TYR I 214 18.77 -80.27 26.08
C TYR I 214 18.97 -81.77 25.96
N ARG I 215 20.18 -82.27 26.21
CA ARG I 215 20.48 -83.68 26.03
C ARG I 215 20.33 -84.49 27.30
N VAL I 216 20.26 -83.84 28.46
CA VAL I 216 20.00 -84.51 29.73
C VAL I 216 18.68 -84.10 30.36
N ALA I 217 17.99 -83.12 29.79
CA ALA I 217 16.71 -82.69 30.35
C ALA I 217 15.79 -82.07 29.30
N GLY I 218 15.98 -82.36 28.01
CA GLY I 218 15.15 -81.80 26.98
C GLY I 218 14.26 -82.84 26.34
N PRO I 219 13.82 -82.57 25.10
CA PRO I 219 12.91 -83.50 24.40
C PRO I 219 13.44 -84.92 24.34
N ASN I 220 14.65 -85.09 23.80
CA ASN I 220 15.31 -86.39 23.68
C ASN I 220 16.46 -86.40 24.68
N ALA I 221 16.15 -86.77 25.92
CA ALA I 221 17.15 -86.87 26.98
C ALA I 221 17.70 -88.27 27.13
N SER I 222 17.62 -89.09 26.08
CA SER I 222 18.12 -90.47 26.11
C SER I 222 19.21 -90.69 25.06
N MET I 223 19.69 -89.63 24.42
CA MET I 223 20.54 -89.75 23.25
C MET I 223 21.98 -90.10 23.63
N ILE I 224 22.56 -89.34 24.57
CA ILE I 224 24.00 -89.40 24.79
C ILE I 224 24.46 -90.80 25.18
N GLN I 225 25.76 -91.04 25.02
CA GLN I 225 26.35 -92.35 25.30
C GLN I 225 27.84 -92.18 25.57
N ARG I 226 28.30 -92.66 26.72
CA ARG I 226 29.70 -92.54 27.08
C ARG I 226 30.58 -93.32 26.09
N ILE I 227 31.69 -92.71 25.71
CA ILE I 227 32.59 -93.28 24.71
C ILE I 227 33.98 -93.46 25.32
N THR I 228 34.64 -94.55 24.96
CA THR I 228 36.01 -94.79 25.37
C THR I 228 37.01 -94.15 24.43
N GLU I 229 36.71 -94.10 23.14
CA GLU I 229 37.54 -93.45 22.15
C GLU I 229 36.65 -92.77 21.13
N LEU I 230 37.17 -91.73 20.51
CA LEU I 230 36.39 -90.97 19.54
C LEU I 230 36.16 -91.81 18.28
N PRO I 231 34.97 -91.75 17.69
CA PRO I 231 34.72 -92.49 16.45
C PRO I 231 35.63 -92.01 15.33
N ASP I 232 35.82 -92.90 14.34
CA ASP I 232 36.75 -92.63 13.25
C ASP I 232 36.33 -91.41 12.45
N ASN I 233 35.03 -91.21 12.27
CA ASN I 233 34.55 -90.08 11.47
C ASN I 233 34.58 -88.78 12.24
N PHE I 234 34.48 -88.82 13.57
CA PHE I 234 34.46 -87.61 14.40
C PHE I 234 35.86 -87.44 14.99
N ALA I 235 36.63 -86.53 14.39
CA ALA I 235 38.03 -86.33 14.75
C ALA I 235 38.20 -85.00 15.48
N VAL I 236 37.62 -84.91 16.68
CA VAL I 236 37.80 -83.74 17.53
C VAL I 236 39.17 -83.82 18.19
N THR I 237 39.86 -82.69 18.24
CA THR I 237 41.24 -82.64 18.70
C THR I 237 41.33 -82.09 20.12
N ASP I 238 42.54 -82.15 20.69
CA ASP I 238 42.78 -81.59 22.01
C ASP I 238 42.65 -80.07 22.01
N ALA I 239 42.84 -79.42 20.86
CA ALA I 239 42.60 -77.98 20.77
C ALA I 239 41.12 -77.66 20.96
N HIS I 240 40.26 -78.39 20.25
CA HIS I 240 38.82 -78.19 20.40
C HIS I 240 38.37 -78.48 21.83
N TYR I 241 39.03 -79.42 22.51
CA TYR I 241 38.64 -79.76 23.87
C TYR I 241 39.04 -78.68 24.85
N LYS I 242 40.29 -78.20 24.77
CA LYS I 242 40.73 -77.14 25.67
C LYS I 242 39.99 -75.83 25.38
N GLN I 243 39.57 -75.62 24.15
CA GLN I 243 38.72 -74.47 23.85
C GLN I 243 37.40 -74.52 24.60
N ALA I 244 36.96 -75.73 24.96
CA ALA I 244 35.67 -75.92 25.62
C ALA I 244 35.78 -76.19 27.11
N MET I 245 36.81 -76.92 27.54
CA MET I 245 36.91 -77.38 28.93
C MET I 245 38.19 -76.90 29.60
N GLY I 246 38.58 -75.67 29.33
CA GLY I 246 39.71 -75.06 30.01
C GLY I 246 41.05 -75.58 29.51
N GLU I 247 42.11 -74.84 29.85
CA GLU I 247 43.45 -75.16 29.41
C GLU I 247 44.14 -76.20 30.29
N GLY I 248 43.56 -76.55 31.44
CA GLY I 248 44.19 -77.48 32.35
C GLY I 248 43.58 -78.87 32.36
N ASP I 249 42.76 -79.16 31.35
CA ASP I 249 42.20 -80.50 31.17
C ASP I 249 42.56 -81.00 29.78
N SER I 250 42.52 -82.33 29.62
CA SER I 250 42.98 -82.97 28.40
C SER I 250 41.87 -83.82 27.78
N LEU I 251 41.88 -83.89 26.45
CA LEU I 251 40.99 -84.81 25.75
C LEU I 251 41.37 -86.25 26.05
N ASP I 252 42.68 -86.56 26.01
CA ASP I 252 43.14 -87.90 26.31
C ASP I 252 42.87 -88.28 27.76
N ALA I 253 42.68 -87.30 28.65
CA ALA I 253 42.33 -87.61 30.03
C ALA I 253 40.86 -87.99 30.16
N ALA I 254 39.99 -87.35 29.37
CA ALA I 254 38.56 -87.57 29.51
C ALA I 254 38.14 -88.94 28.99
N LYS I 255 38.83 -89.48 27.99
CA LYS I 255 38.44 -90.74 27.40
C LYS I 255 38.88 -91.96 28.22
N ALA I 256 39.64 -91.75 29.29
CA ALA I 256 39.98 -92.83 30.22
C ALA I 256 39.44 -92.55 31.62
N GLU I 257 38.66 -91.48 31.79
CA GLU I 257 38.01 -91.16 33.05
C GLU I 257 36.50 -91.26 32.97
N GLY I 258 35.95 -91.65 31.82
CA GLY I 258 34.52 -91.81 31.68
C GLY I 258 33.78 -90.50 31.54
N ARG I 259 34.43 -89.47 31.01
CA ARG I 259 33.87 -88.13 30.99
C ARG I 259 33.54 -87.63 29.59
N LEU I 260 33.54 -88.51 28.58
CA LEU I 260 33.11 -88.15 27.24
C LEU I 260 31.74 -88.76 26.95
N PHE I 261 30.88 -87.99 26.28
CA PHE I 261 29.51 -88.41 26.00
C PHE I 261 29.14 -87.96 24.61
N LEU I 262 28.95 -88.91 23.70
CA LEU I 262 28.70 -88.62 22.29
C LEU I 262 27.24 -88.91 21.94
N ALA I 263 26.60 -87.93 21.32
CA ALA I 263 25.26 -88.11 20.76
C ALA I 263 25.38 -88.13 19.24
N ASP I 264 24.75 -89.12 18.61
CA ASP I 264 24.90 -89.35 17.18
C ASP I 264 23.51 -89.47 16.55
N TRP I 265 23.16 -88.51 15.71
CA TRP I 265 21.92 -88.53 14.94
C TRP I 265 22.09 -89.22 13.59
N LYS I 266 22.91 -90.27 13.55
CA LYS I 266 23.20 -90.96 12.29
C LYS I 266 21.94 -91.43 11.58
N LEU I 267 20.91 -91.80 12.34
CA LEU I 267 19.72 -92.41 11.75
C LEU I 267 18.99 -91.45 10.82
N ILE I 268 19.07 -90.14 11.09
CA ILE I 268 18.34 -89.18 10.27
C ILE I 268 18.93 -89.13 8.86
N GLY I 269 20.25 -89.13 8.74
CA GLY I 269 20.87 -89.15 7.43
C GLY I 269 20.58 -90.39 6.63
N GLU I 270 20.22 -91.49 7.31
CA GLU I 270 19.93 -92.76 6.65
C GLU I 270 18.48 -92.91 6.25
N THR I 271 17.58 -92.10 6.80
CA THR I 271 16.15 -92.24 6.53
C THR I 271 15.52 -91.03 5.85
N LEU I 272 15.99 -89.82 6.14
CA LEU I 272 15.27 -88.63 5.73
C LEU I 272 15.65 -88.18 4.32
N VAL I 273 14.72 -87.47 3.69
CA VAL I 273 14.88 -86.93 2.35
C VAL I 273 14.36 -85.50 2.37
N ASN I 274 15.22 -84.54 2.00
CA ASN I 274 14.85 -83.14 2.08
C ASN I 274 13.72 -82.81 1.12
N ASN I 275 12.64 -82.23 1.66
CA ASN I 275 11.52 -81.76 0.88
C ASN I 275 11.61 -80.24 0.72
N THR I 276 10.62 -79.66 0.06
CA THR I 276 10.56 -78.23 -0.20
C THR I 276 9.21 -77.69 0.21
N TYR I 277 9.20 -76.54 0.88
CA TYR I 277 7.97 -75.82 1.21
C TYR I 277 7.85 -74.65 0.25
N LYS I 278 6.97 -74.80 -0.74
CA LYS I 278 6.68 -73.75 -1.73
C LYS I 278 7.95 -73.28 -2.44
N GLY I 279 8.72 -74.25 -2.94
CA GLY I 279 9.93 -73.98 -3.67
C GLY I 279 11.16 -73.75 -2.82
N ALA I 280 11.00 -73.44 -1.53
CA ALA I 280 12.14 -73.22 -0.66
C ALA I 280 12.66 -74.55 -0.12
N GLN I 281 13.98 -74.68 -0.11
CA GLN I 281 14.61 -75.91 0.36
C GLN I 281 14.64 -75.94 1.89
N LYS I 282 14.20 -77.05 2.46
CA LYS I 282 14.38 -77.34 3.87
C LYS I 282 15.50 -78.34 4.04
N THR I 283 16.22 -78.24 5.16
CA THR I 283 17.43 -79.01 5.34
C THR I 283 17.50 -79.57 6.76
N VAL I 284 17.98 -80.81 6.86
CA VAL I 284 18.28 -81.45 8.13
C VAL I 284 19.49 -82.33 7.94
N TYR I 285 20.35 -82.40 8.94
CA TYR I 285 21.62 -83.11 8.86
C TYR I 285 21.59 -84.36 9.75
N ALA I 286 22.69 -85.10 9.72
CA ALA I 286 22.90 -86.25 10.60
C ALA I 286 24.11 -85.96 11.49
N PRO I 287 23.98 -85.01 12.41
CA PRO I 287 25.16 -84.49 13.11
C PRO I 287 25.67 -85.43 14.19
N LEU I 288 26.94 -85.24 14.51
CA LEU I 288 27.56 -85.82 15.69
C LEU I 288 27.95 -84.69 16.63
N ALA I 289 27.65 -84.85 17.92
CA ALA I 289 27.93 -83.83 18.92
C ALA I 289 28.61 -84.47 20.11
N LEU I 290 29.77 -83.93 20.49
CA LEU I 290 30.52 -84.41 21.63
C LEU I 290 30.30 -83.49 22.83
N PHE I 291 30.08 -84.10 23.99
CA PHE I 291 29.92 -83.38 25.24
C PHE I 291 30.89 -83.96 26.26
N ALA I 292 31.11 -83.19 27.34
CA ALA I 292 32.05 -83.62 28.37
C ALA I 292 31.58 -83.09 29.72
N VAL I 293 32.19 -83.61 30.78
CA VAL I 293 31.93 -83.14 32.13
C VAL I 293 33.26 -82.75 32.77
N PRO I 294 33.28 -81.73 33.64
CA PRO I 294 34.54 -81.28 34.22
C PRO I 294 35.11 -82.30 35.19
N PRO I 295 36.42 -82.28 35.42
CA PRO I 295 37.01 -83.23 36.37
C PRO I 295 36.40 -83.10 37.76
N GLY I 296 36.11 -84.25 38.37
CA GLY I 296 35.46 -84.29 39.67
C GLY I 296 33.95 -84.40 39.61
N GLY I 297 33.37 -84.51 38.43
CA GLY I 297 31.93 -84.51 38.27
C GLY I 297 31.40 -83.13 37.93
N GLY I 298 30.20 -83.10 37.35
CA GLY I 298 29.57 -81.85 36.98
C GLY I 298 28.59 -82.06 35.86
N SER I 299 27.99 -80.94 35.44
CA SER I 299 26.97 -80.96 34.40
C SER I 299 27.60 -81.10 33.02
N LEU I 300 26.78 -81.50 32.05
CA LEU I 300 27.25 -81.69 30.69
C LEU I 300 27.64 -80.36 30.07
N ALA I 301 28.60 -80.41 29.14
CA ALA I 301 29.13 -79.20 28.51
C ALA I 301 29.54 -79.49 27.07
N PRO I 302 29.12 -78.66 26.12
CA PRO I 302 29.39 -78.96 24.70
C PRO I 302 30.86 -78.79 24.35
N VAL I 303 31.33 -79.63 23.43
CA VAL I 303 32.73 -79.62 23.02
C VAL I 303 32.84 -79.31 21.53
N ALA I 304 32.20 -80.12 20.70
CA ALA I 304 32.32 -79.96 19.26
C ALA I 304 31.09 -80.51 18.57
N ILE I 305 30.97 -80.18 17.28
CA ILE I 305 29.86 -80.62 16.44
C ILE I 305 30.40 -80.93 15.05
N GLN I 306 29.98 -82.06 14.48
CA GLN I 306 30.24 -82.37 13.09
C GLN I 306 28.90 -82.46 12.35
N PRO I 307 28.58 -81.51 11.47
CA PRO I 307 27.22 -81.47 10.89
C PRO I 307 26.87 -82.69 10.05
N GLY I 308 27.81 -83.22 9.27
CA GLY I 308 27.52 -84.36 8.43
C GLY I 308 28.13 -85.64 8.96
N GLN I 309 27.63 -86.78 8.48
CA GLN I 309 28.11 -88.07 8.96
C GLN I 309 29.54 -88.36 8.51
N THR I 310 29.91 -87.91 7.32
CA THR I 310 31.22 -88.24 6.78
C THR I 310 32.13 -87.01 6.74
N PRO I 311 33.39 -87.15 7.16
CA PRO I 311 34.32 -86.01 7.16
C PRO I 311 34.74 -85.68 5.73
N SER I 312 34.45 -84.46 5.31
CA SER I 312 34.73 -84.02 3.95
C SER I 312 35.22 -82.58 3.97
N PRO I 313 35.75 -82.06 2.85
CA PRO I 313 36.04 -80.62 2.80
C PRO I 313 34.80 -79.76 2.99
N THR I 314 33.63 -80.29 2.65
CA THR I 314 32.37 -79.57 2.75
C THR I 314 31.73 -79.67 4.13
N ASN I 315 32.05 -80.71 4.90
CA ASN I 315 31.48 -80.92 6.22
C ASN I 315 32.63 -80.98 7.23
N LYS I 316 32.82 -79.91 7.99
CA LYS I 316 33.97 -79.76 8.88
C LYS I 316 33.51 -79.53 10.31
N ILE I 317 34.41 -79.87 11.24
CA ILE I 317 34.10 -79.81 12.66
C ILE I 317 34.10 -78.36 13.15
N TYR I 318 33.31 -78.09 14.19
CA TYR I 318 33.20 -76.77 14.77
C TYR I 318 33.46 -76.85 16.27
N ALA I 319 33.90 -75.72 16.84
CA ALA I 319 34.32 -75.65 18.23
C ALA I 319 33.58 -74.52 18.94
N THR I 320 33.82 -74.42 20.25
CA THR I 320 33.10 -73.48 21.11
C THR I 320 33.39 -72.02 20.76
N GLN I 321 34.52 -71.74 20.13
CA GLN I 321 34.93 -70.37 19.83
C GLN I 321 34.82 -70.04 18.35
N ASP I 322 34.07 -70.83 17.59
CA ASP I 322 33.95 -70.65 16.15
C ASP I 322 32.79 -69.74 15.76
N GLY I 323 32.43 -68.79 16.62
CA GLY I 323 31.47 -67.72 16.40
C GLY I 323 30.15 -68.18 15.81
N ASN I 324 29.65 -67.40 14.85
CA ASN I 324 28.34 -67.65 14.29
C ASN I 324 28.26 -69.03 13.66
N ASP I 325 29.40 -69.59 13.26
CA ASP I 325 29.43 -70.96 12.77
C ASP I 325 29.09 -71.95 13.88
N TRP I 326 29.60 -71.71 15.09
CA TRP I 326 29.28 -72.59 16.21
C TRP I 326 27.82 -72.47 16.61
N LEU I 327 27.30 -71.24 16.66
CA LEU I 327 25.88 -71.07 16.96
C LEU I 327 25.01 -71.62 15.85
N ALA I 328 25.54 -71.68 14.62
CA ALA I 328 24.83 -72.34 13.53
C ALA I 328 24.99 -73.85 13.61
N ALA I 329 26.18 -74.32 13.98
CA ALA I 329 26.40 -75.75 14.14
C ALA I 329 25.49 -76.33 15.23
N LYS I 330 25.18 -75.55 16.26
CA LYS I 330 24.26 -76.00 17.29
C LYS I 330 22.82 -75.98 16.80
N SER I 331 22.41 -74.89 16.13
CA SER I 331 21.05 -74.82 15.59
C SER I 331 20.80 -75.87 14.52
N ALA I 332 21.84 -76.46 13.96
CA ALA I 332 21.66 -77.62 13.10
C ALA I 332 21.38 -78.87 13.93
N VAL I 333 22.06 -79.02 15.06
CA VAL I 333 21.86 -80.19 15.91
C VAL I 333 20.44 -80.22 16.46
N GLN I 334 19.93 -79.06 16.89
CA GLN I 334 18.59 -79.01 17.46
C GLN I 334 17.52 -79.32 16.41
N VAL I 335 17.78 -79.01 15.15
CA VAL I 335 16.83 -79.35 14.09
C VAL I 335 16.74 -80.85 13.91
N ALA I 336 17.90 -81.52 13.83
CA ALA I 336 17.90 -82.99 13.80
C ALA I 336 17.23 -83.55 15.04
N GLU I 337 17.57 -83.01 16.21
CA GLU I 337 16.86 -83.37 17.43
C GLU I 337 15.36 -83.08 17.31
N GLY I 338 15.00 -82.09 16.50
CA GLY I 338 13.58 -81.78 16.32
C GLY I 338 12.83 -82.86 15.57
N ASN I 339 13.44 -83.39 14.50
CA ASN I 339 12.84 -84.50 13.77
C ASN I 339 12.97 -85.80 14.55
N TYR I 340 14.16 -86.08 15.08
CA TYR I 340 14.42 -87.34 15.75
C TYR I 340 13.51 -87.53 16.96
N HIS I 341 13.32 -86.46 17.74
CA HIS I 341 12.44 -86.58 18.92
C HIS I 341 11.00 -86.81 18.50
N GLU I 342 10.45 -85.91 17.68
CA GLU I 342 9.03 -85.95 17.34
C GLU I 342 8.63 -87.20 16.56
N LEU I 343 9.59 -87.96 16.02
CA LEU I 343 9.27 -89.14 15.23
C LEU I 343 9.77 -90.45 15.85
N VAL I 344 10.95 -90.45 16.46
CA VAL I 344 11.48 -91.67 17.07
C VAL I 344 11.12 -91.70 18.54
N SER I 345 11.66 -90.76 19.33
CA SER I 345 11.41 -90.77 20.77
C SER I 345 9.95 -90.57 21.10
N HIS I 346 9.27 -89.71 20.36
CA HIS I 346 7.90 -89.30 20.71
C HIS I 346 6.86 -90.23 20.09
N LEU I 347 6.69 -90.17 18.77
CA LEU I 347 5.64 -90.94 18.13
C LEU I 347 6.06 -92.39 17.89
N GLY I 348 7.32 -92.61 17.54
CA GLY I 348 7.80 -93.94 17.27
C GLY I 348 7.75 -94.86 18.47
N LEU I 349 8.44 -94.50 19.55
CA LEU I 349 8.67 -95.41 20.67
C LEU I 349 7.76 -95.13 21.87
N THR I 350 6.66 -94.40 21.67
CA THR I 350 5.64 -94.30 22.70
C THR I 350 4.26 -94.50 22.07
N HIS I 351 3.90 -93.64 21.12
CA HIS I 351 2.60 -93.76 20.48
C HIS I 351 2.49 -95.06 19.69
N LEU I 352 3.37 -95.23 18.71
CA LEU I 352 3.27 -96.39 17.83
C LEU I 352 3.79 -97.65 18.50
N LEU I 353 4.52 -97.53 19.59
CA LEU I 353 4.97 -98.71 20.31
C LEU I 353 3.88 -99.30 21.19
N LEU I 354 2.97 -98.46 21.68
CA LEU I 354 1.87 -98.95 22.50
C LEU I 354 0.70 -99.46 21.67
N GLU I 355 0.51 -98.91 20.47
CA GLU I 355 -0.64 -99.27 19.63
C GLU I 355 -0.78 -100.78 19.41
N PRO I 356 0.27 -101.55 19.12
CA PRO I 356 0.06 -103.00 19.01
C PRO I 356 -0.33 -103.65 20.33
N ILE I 357 0.23 -103.16 21.43
CA ILE I 357 -0.06 -103.74 22.74
C ILE I 357 -1.47 -103.39 23.18
N VAL I 358 -1.97 -102.20 22.83
CA VAL I 358 -3.34 -101.83 23.15
C VAL I 358 -4.31 -102.81 22.49
N MET I 359 -4.10 -103.09 21.20
CA MET I 359 -5.02 -103.95 20.46
C MET I 359 -5.00 -105.38 20.99
N ALA I 360 -3.81 -105.92 21.25
CA ALA I 360 -3.71 -107.30 21.71
C ALA I 360 -4.38 -107.51 23.06
N THR I 361 -4.34 -106.50 23.93
CA THR I 361 -4.98 -106.63 25.24
C THR I 361 -6.49 -106.78 25.10
N TYR I 362 -7.12 -105.90 24.31
CA TYR I 362 -8.56 -105.96 24.13
C TYR I 362 -8.98 -107.31 23.53
N ARG I 363 -8.22 -107.82 22.57
CA ARG I 363 -8.63 -109.00 21.84
C ARG I 363 -8.25 -110.31 22.51
N GLN I 364 -7.10 -110.36 23.19
CA GLN I 364 -6.61 -111.61 23.73
C GLN I 364 -6.75 -111.74 25.24
N LEU I 365 -7.06 -110.68 25.96
CA LEU I 365 -7.31 -110.73 27.39
C LEU I 365 -8.74 -110.32 27.65
N ALA I 366 -9.45 -111.12 28.44
CA ALA I 366 -10.85 -110.82 28.74
C ALA I 366 -10.95 -109.65 29.73
N GLN I 367 -12.17 -109.15 29.89
CA GLN I 367 -12.41 -108.08 30.86
C GLN I 367 -12.21 -108.56 32.29
N HIS I 368 -12.33 -109.86 32.54
CA HIS I 368 -12.12 -110.43 33.87
C HIS I 368 -10.67 -110.81 34.13
N HIS I 369 -9.77 -110.60 33.17
CA HIS I 369 -8.37 -110.90 33.40
C HIS I 369 -7.77 -109.87 34.35
N PRO I 370 -6.85 -110.27 35.24
CA PRO I 370 -6.22 -109.27 36.11
C PRO I 370 -5.26 -108.36 35.37
N ILE I 371 -4.53 -108.88 34.38
CA ILE I 371 -3.61 -108.04 33.61
C ILE I 371 -4.39 -107.03 32.78
N TYR I 372 -5.56 -107.43 32.26
CA TYR I 372 -6.45 -106.47 31.63
C TYR I 372 -6.84 -105.37 32.61
N MET I 373 -7.08 -105.75 33.87
CA MET I 373 -7.41 -104.75 34.89
C MET I 373 -6.23 -103.85 35.23
N LEU I 374 -5.00 -104.27 34.91
CA LEU I 374 -3.84 -103.45 35.22
C LEU I 374 -3.56 -102.44 34.10
N LEU I 375 -3.54 -102.90 32.85
CA LEU I 375 -2.99 -102.12 31.75
C LEU I 375 -4.03 -101.24 31.05
N ILE I 376 -5.29 -101.66 30.98
CA ILE I 376 -6.29 -100.90 30.22
C ILE I 376 -6.42 -99.46 30.71
N PRO I 377 -6.49 -99.18 32.02
CA PRO I 377 -6.58 -97.76 32.44
C PRO I 377 -5.39 -96.93 32.01
N HIS I 378 -4.25 -97.54 31.72
CA HIS I 378 -3.11 -96.83 31.17
C HIS I 378 -3.18 -96.65 29.66
N PHE I 379 -4.25 -97.13 29.02
CA PHE I 379 -4.42 -97.03 27.58
C PHE I 379 -5.43 -95.96 27.17
N GLU I 380 -6.17 -95.38 28.11
CA GLU I 380 -7.32 -94.55 27.80
C GLU I 380 -7.00 -93.50 26.76
N GLY I 381 -7.75 -93.52 25.66
CA GLY I 381 -7.59 -92.50 24.65
C GLY I 381 -6.37 -92.64 23.77
N THR I 382 -5.56 -93.68 23.97
CA THR I 382 -4.40 -93.87 23.11
C THR I 382 -4.83 -94.21 21.68
N LEU I 383 -5.89 -95.02 21.53
CA LEU I 383 -6.44 -95.27 20.21
C LEU I 383 -6.97 -93.98 19.58
N SER I 384 -7.67 -93.16 20.37
CA SER I 384 -8.29 -91.97 19.82
C SER I 384 -7.26 -90.90 19.45
N ILE I 385 -6.16 -90.81 20.20
CA ILE I 385 -5.14 -89.83 19.85
C ILE I 385 -4.28 -90.33 18.68
N ASN I 386 -4.00 -91.62 18.64
CA ASN I 386 -3.26 -92.18 17.53
C ASN I 386 -4.08 -92.21 16.23
N ASN I 387 -5.40 -92.02 16.33
CA ASN I 387 -6.21 -91.88 15.13
C ASN I 387 -6.17 -90.45 14.59
N SER I 388 -6.05 -89.46 15.49
CA SER I 388 -5.79 -88.09 15.06
C SER I 388 -4.33 -87.88 14.68
N ALA I 389 -3.43 -88.76 15.12
CA ALA I 389 -2.05 -88.69 14.66
C ALA I 389 -1.93 -89.12 13.20
N ALA I 390 -2.34 -90.36 12.91
CA ALA I 390 -2.14 -90.94 11.58
C ALA I 390 -3.03 -90.34 10.50
N THR I 391 -4.06 -89.56 10.86
CA THR I 391 -4.97 -88.99 9.88
C THR I 391 -4.99 -87.47 9.91
N ASN I 392 -3.99 -86.84 10.53
CA ASN I 392 -3.91 -85.39 10.58
C ASN I 392 -2.48 -84.91 10.75
N LEU I 393 -1.89 -85.18 11.93
CA LEU I 393 -0.58 -84.62 12.26
C LEU I 393 0.49 -85.12 11.31
N ILE I 394 0.55 -86.44 11.09
CA ILE I 394 1.55 -87.02 10.20
C ILE I 394 0.95 -87.39 8.85
N ALA I 395 -0.30 -87.02 8.59
CA ALA I 395 -0.89 -87.24 7.28
C ALA I 395 -0.31 -86.25 6.27
N PRO I 396 -0.23 -86.62 5.00
CA PRO I 396 0.28 -85.70 3.98
C PRO I 396 -0.53 -84.41 3.95
N GLY I 397 0.17 -83.28 4.00
CA GLY I 397 -0.46 -81.99 4.12
C GLY I 397 -0.60 -81.47 5.53
N GLY I 398 -0.12 -82.21 6.53
CA GLY I 398 -0.28 -81.84 7.92
C GLY I 398 0.88 -81.00 8.44
N ALA I 399 0.84 -80.76 9.75
CA ALA I 399 1.84 -79.90 10.38
C ALA I 399 3.24 -80.48 10.27
N VAL I 400 3.38 -81.80 10.39
CA VAL I 400 4.68 -82.42 10.23
C VAL I 400 5.15 -82.29 8.78
N ASP I 401 4.22 -82.42 7.83
CA ASP I 401 4.59 -82.34 6.42
C ASP I 401 5.18 -80.96 6.09
N LEU I 402 4.61 -79.90 6.65
CA LEU I 402 5.05 -78.55 6.34
C LEU I 402 6.25 -78.12 7.18
N ILE I 403 6.16 -78.29 8.51
CA ILE I 403 7.17 -77.72 9.40
C ILE I 403 8.46 -78.53 9.35
N PHE I 404 8.38 -79.84 9.15
CA PHE I 404 9.54 -80.69 9.28
C PHE I 404 10.24 -80.90 7.94
N ALA I 405 11.56 -81.09 8.00
CA ALA I 405 12.39 -81.03 6.81
C ALA I 405 12.22 -82.26 5.91
N GLY I 406 11.85 -83.40 6.48
CA GLY I 406 11.76 -84.62 5.69
C GLY I 406 10.52 -84.67 4.82
N THR I 407 10.61 -85.47 3.76
CA THR I 407 9.41 -85.86 3.04
C THR I 407 8.57 -86.77 3.92
N ILE I 408 7.24 -86.58 3.87
CA ILE I 408 6.38 -87.24 4.85
C ILE I 408 6.48 -88.75 4.76
N GLU I 409 6.78 -89.28 3.57
CA GLU I 409 7.01 -90.72 3.45
C GLU I 409 8.32 -91.12 4.11
N SER I 410 9.34 -90.26 4.05
CA SER I 410 10.61 -90.56 4.71
C SER I 410 10.52 -90.36 6.22
N GLU I 411 9.65 -89.47 6.68
CA GLU I 411 9.47 -89.28 8.12
C GLU I 411 8.78 -90.48 8.75
N HIS I 412 7.89 -91.14 8.01
CA HIS I 412 7.33 -92.39 8.50
C HIS I 412 8.37 -93.50 8.54
N GLN I 413 9.32 -93.50 7.59
CA GLN I 413 10.39 -94.48 7.62
C GLN I 413 11.33 -94.24 8.79
N LEU I 414 11.41 -93.00 9.28
CA LEU I 414 12.26 -92.71 10.43
C LEU I 414 11.77 -93.44 11.67
N ALA I 415 10.48 -93.30 12.00
CA ALA I 415 9.92 -94.01 13.14
C ALA I 415 9.94 -95.52 12.91
N LEU I 416 9.59 -95.96 11.70
CA LEU I 416 9.57 -97.40 11.41
C LEU I 416 10.96 -98.01 11.57
N ALA I 417 12.00 -97.26 11.21
CA ALA I 417 13.36 -97.78 11.40
C ALA I 417 13.71 -97.93 12.87
N ALA I 418 13.12 -97.09 13.73
CA ALA I 418 13.44 -97.15 15.15
C ALA I 418 12.62 -98.21 15.87
N LEU I 419 11.34 -98.33 15.52
CA LEU I 419 10.52 -99.43 16.03
C LEU I 419 11.12 -100.78 15.67
N LYS I 420 11.79 -100.86 14.52
CA LYS I 420 12.30 -102.14 14.01
C LYS I 420 13.57 -102.60 14.74
N ARG I 421 14.36 -101.66 15.29
CA ARG I 421 15.61 -101.99 15.97
C ARG I 421 15.51 -101.83 17.48
N HIS I 422 14.29 -101.91 18.03
CA HIS I 422 14.06 -101.70 19.46
C HIS I 422 13.80 -103.04 20.13
N ASP I 423 14.76 -103.49 20.95
CA ASP I 423 14.58 -104.70 21.74
C ASP I 423 13.71 -104.36 22.94
N PHE I 424 12.41 -104.69 22.83
CA PHE I 424 11.45 -104.33 23.87
C PHE I 424 11.85 -104.90 25.21
N MET I 425 12.39 -106.12 25.23
CA MET I 425 12.76 -106.76 26.48
C MET I 425 13.97 -106.11 27.14
N ARG I 426 14.83 -105.42 26.37
CA ARG I 426 16.02 -104.78 26.91
C ARG I 426 15.93 -103.27 26.89
N SER I 427 14.72 -102.72 26.88
CA SER I 427 14.51 -101.28 26.82
C SER I 427 14.09 -100.69 28.16
N GLY I 428 14.14 -101.47 29.24
CA GLY I 428 13.84 -100.92 30.54
C GLY I 428 14.82 -99.82 30.90
N LEU I 429 14.30 -98.78 31.55
CA LEU I 429 15.12 -97.61 31.86
C LEU I 429 16.39 -97.95 32.63
N PRO I 430 16.36 -98.75 33.70
CA PRO I 430 17.64 -99.14 34.33
C PRO I 430 18.55 -99.89 33.39
N ASP I 431 18.01 -100.60 32.40
CA ASP I 431 18.84 -101.33 31.46
C ASP I 431 19.52 -100.39 30.47
N THR I 432 18.74 -99.51 29.83
CA THR I 432 19.31 -98.60 28.83
C THR I 432 20.28 -97.60 29.45
N ILE I 433 20.09 -97.25 30.72
CA ILE I 433 20.97 -96.27 31.36
C ILE I 433 22.39 -96.81 31.47
N GLU I 434 22.55 -98.11 31.72
CA GLU I 434 23.88 -98.69 31.83
C GLU I 434 24.48 -99.06 30.47
N GLN I 435 23.67 -99.29 29.45
CA GLN I 435 24.21 -99.55 28.11
C GLN I 435 24.93 -98.33 27.56
N ARG I 436 24.44 -97.13 27.86
CA ARG I 436 25.05 -95.89 27.41
C ARG I 436 26.09 -95.35 28.38
N GLY I 437 26.40 -96.08 29.46
CA GLY I 437 27.43 -95.64 30.37
C GLY I 437 27.13 -94.36 31.15
N VAL I 438 25.86 -93.93 31.15
CA VAL I 438 25.47 -92.70 31.78
C VAL I 438 24.97 -92.91 33.22
N GLY I 439 25.25 -94.06 33.83
CA GLY I 439 24.65 -94.38 35.12
C GLY I 439 25.33 -93.75 36.33
N ASP I 440 26.64 -93.49 36.25
CA ASP I 440 27.38 -93.06 37.43
C ASP I 440 26.92 -91.69 37.88
N THR I 441 26.42 -91.62 39.12
CA THR I 441 25.92 -90.37 39.67
C THR I 441 27.03 -89.37 39.93
N SER I 442 28.27 -89.82 40.05
CA SER I 442 29.38 -88.94 40.41
C SER I 442 30.01 -88.27 39.19
N VAL I 443 30.10 -88.97 38.06
CA VAL I 443 30.77 -88.41 36.90
C VAL I 443 29.84 -87.50 36.11
N LEU I 444 28.57 -87.89 35.98
CA LEU I 444 27.55 -87.05 35.34
C LEU I 444 26.53 -86.71 36.43
N THR I 445 26.71 -85.55 37.06
CA THR I 445 25.91 -85.21 38.24
C THR I 445 24.53 -84.70 37.88
N ASP I 446 24.41 -83.95 36.79
CA ASP I 446 23.12 -83.38 36.37
C ASP I 446 22.60 -84.17 35.18
N TYR I 447 21.68 -85.09 35.46
CA TYR I 447 20.98 -85.85 34.43
C TYR I 447 19.55 -86.05 34.94
N PRO I 448 18.73 -85.00 34.88
CA PRO I 448 17.40 -85.09 35.52
C PRO I 448 16.50 -86.17 34.96
N TYR I 449 16.60 -86.49 33.67
CA TYR I 449 15.81 -87.59 33.12
C TYR I 449 16.17 -88.92 33.79
N ARG I 450 17.42 -89.07 34.21
CA ARG I 450 17.88 -90.31 34.82
C ARG I 450 17.45 -90.42 36.27
N ASP I 451 17.90 -89.46 37.10
CA ASP I 451 17.62 -89.53 38.54
C ASP I 451 16.12 -89.50 38.80
N ASP I 452 15.41 -88.54 38.22
CA ASP I 452 13.96 -88.48 38.40
C ASP I 452 13.27 -89.66 37.73
N GLY I 453 13.84 -90.17 36.64
CA GLY I 453 13.19 -91.28 35.94
C GLY I 453 13.34 -92.60 36.67
N LEU I 454 14.55 -92.90 37.14
CA LEU I 454 14.79 -94.16 37.82
C LEU I 454 13.99 -94.30 39.12
N LYS I 455 13.59 -93.19 39.73
CA LYS I 455 12.76 -93.27 40.93
C LYS I 455 11.34 -93.68 40.60
N ILE I 456 10.82 -93.26 39.44
CA ILE I 456 9.46 -93.61 39.07
C ILE I 456 9.40 -95.01 38.49
N TRP I 457 10.45 -95.45 37.78
CA TRP I 457 10.49 -96.82 37.27
C TRP I 457 10.40 -97.82 38.41
N ALA I 458 11.01 -97.51 39.55
CA ALA I 458 10.97 -98.42 40.69
C ALA I 458 9.58 -98.47 41.29
N ASN I 459 8.94 -97.31 41.47
CA ASN I 459 7.59 -97.27 42.03
C ASN I 459 6.61 -98.03 41.14
N ILE I 460 6.75 -97.90 39.82
CA ILE I 460 5.92 -98.68 38.91
C ILE I 460 6.27 -100.16 39.01
N GLU I 461 7.56 -100.48 39.00
CA GLU I 461 7.98 -101.88 39.09
C GLU I 461 7.56 -102.50 40.41
N ARG I 462 7.62 -101.72 41.50
CA ARG I 462 7.12 -102.21 42.79
C ARG I 462 5.61 -102.39 42.75
N TRP I 463 4.90 -101.58 41.95
CA TRP I 463 3.46 -101.69 41.81
C TRP I 463 3.05 -102.87 40.94
N VAL I 464 3.86 -103.22 39.94
CA VAL I 464 3.54 -104.36 39.10
C VAL I 464 3.81 -105.67 39.85
N THR I 465 4.91 -105.73 40.58
CA THR I 465 5.26 -106.95 41.31
C THR I 465 4.22 -107.26 42.37
N ALA I 466 3.75 -106.24 43.08
CA ALA I 466 2.65 -106.44 44.03
C ALA I 466 1.39 -106.88 43.33
N TYR I 467 1.23 -106.53 42.05
CA TYR I 467 0.06 -106.91 41.28
C TYR I 467 0.19 -108.29 40.66
N VAL I 468 1.31 -108.55 39.97
CA VAL I 468 1.50 -109.83 39.29
C VAL I 468 1.59 -110.96 40.31
N ASN I 469 2.49 -110.82 41.29
CA ASN I 469 2.69 -111.89 42.27
C ASN I 469 1.44 -112.13 43.11
N ASN I 470 0.49 -111.20 43.13
CA ASN I 470 -0.77 -111.45 43.83
C ASN I 470 -1.69 -112.35 43.01
N TYR I 471 -1.84 -112.06 41.72
CA TYR I 471 -2.73 -112.83 40.87
C TYR I 471 -2.05 -114.06 40.27
N TYR I 472 -0.74 -114.04 40.11
CA TYR I 472 0.03 -115.18 39.63
C TYR I 472 0.83 -115.71 40.83
N ILE I 473 0.24 -116.69 41.53
CA ILE I 473 0.85 -117.22 42.74
C ILE I 473 1.84 -118.35 42.46
N SER I 474 1.87 -118.87 41.24
CA SER I 474 2.87 -119.85 40.84
C SER I 474 3.28 -119.56 39.40
N GLU I 475 4.39 -120.18 38.99
CA GLU I 475 4.86 -120.05 37.61
C GLU I 475 4.06 -120.91 36.64
N ALA I 476 3.19 -121.79 37.15
CA ALA I 476 2.23 -122.48 36.31
C ALA I 476 1.07 -121.57 35.92
N ASN I 477 0.73 -120.60 36.78
CA ASN I 477 -0.29 -119.63 36.43
C ASN I 477 0.07 -118.88 35.15
N VAL I 478 1.36 -118.56 34.97
CA VAL I 478 1.79 -117.86 33.77
C VAL I 478 1.70 -118.77 32.56
N THR I 479 2.33 -119.95 32.64
CA THR I 479 2.41 -120.82 31.47
C THR I 479 1.05 -121.41 31.09
N GLN I 480 0.17 -121.64 32.07
CA GLN I 480 -1.15 -122.17 31.79
C GLN I 480 -2.16 -121.10 31.41
N ASP I 481 -1.75 -119.83 31.39
CA ASP I 481 -2.63 -118.71 31.06
C ASP I 481 -2.81 -118.71 29.54
N THR I 482 -3.89 -119.35 29.08
CA THR I 482 -4.14 -119.46 27.65
C THR I 482 -4.28 -118.09 26.99
N GLU I 483 -4.69 -117.09 27.74
CA GLU I 483 -4.85 -115.75 27.18
C GLU I 483 -3.53 -115.00 27.16
N LEU I 484 -2.74 -115.11 28.22
CA LEU I 484 -1.44 -114.46 28.26
C LEU I 484 -0.53 -114.96 27.15
N GLN I 485 -0.64 -116.24 26.80
CA GLN I 485 0.19 -116.79 25.74
C GLN I 485 -0.34 -116.43 24.36
N ALA I 486 -1.66 -116.31 24.21
CA ALA I 486 -2.21 -115.71 23.00
C ALA I 486 -1.78 -114.25 22.91
N TRP I 487 -1.97 -113.50 23.99
CA TRP I 487 -1.53 -112.11 24.09
C TRP I 487 -0.08 -111.96 23.67
N ALA I 488 0.80 -112.82 24.20
CA ALA I 488 2.21 -112.73 23.84
C ALA I 488 2.44 -113.14 22.39
N ALA I 489 1.70 -114.14 21.91
CA ALA I 489 1.94 -114.69 20.58
C ALA I 489 1.74 -113.63 19.50
N VAL I 490 0.66 -112.86 19.58
CA VAL I 490 0.44 -111.78 18.61
C VAL I 490 1.53 -110.72 18.75
N LEU I 491 1.93 -110.41 19.99
CA LEU I 491 3.00 -109.43 20.18
C LEU I 491 4.37 -109.99 19.82
N SER I 492 4.53 -111.31 19.77
CA SER I 492 5.79 -111.94 19.43
C SER I 492 5.96 -112.15 17.93
N LYS I 493 5.03 -111.67 17.11
CA LYS I 493 5.13 -111.82 15.67
C LYS I 493 6.32 -111.02 15.12
N PRO I 494 6.79 -111.36 13.93
CA PRO I 494 7.79 -110.51 13.27
C PRO I 494 7.24 -109.11 13.06
N PHE I 495 8.17 -108.15 12.99
CA PHE I 495 7.77 -106.75 12.85
C PHE I 495 7.00 -106.50 11.55
N ALA I 496 7.24 -107.34 10.53
CA ALA I 496 6.51 -107.18 9.27
C ALA I 496 5.04 -107.54 9.42
N GLU I 497 4.70 -108.38 10.39
CA GLU I 497 3.33 -108.84 10.57
C GLU I 497 2.58 -108.07 11.65
N GLY I 498 3.26 -107.24 12.42
CA GLY I 498 2.58 -106.41 13.40
C GLY I 498 3.05 -106.56 14.83
N GLY I 499 4.10 -107.35 15.04
CA GLY I 499 4.59 -107.58 16.38
C GLY I 499 5.49 -106.47 16.88
N VAL I 500 5.80 -106.57 18.17
CA VAL I 500 6.74 -105.66 18.84
C VAL I 500 8.07 -106.39 18.96
N SER I 501 9.13 -105.78 18.44
CA SER I 501 10.41 -106.45 18.34
C SER I 501 10.95 -106.83 19.72
N GLY I 502 11.28 -108.10 19.88
CA GLY I 502 11.91 -108.55 21.10
C GLY I 502 10.98 -108.70 22.28
N PHE I 503 9.68 -108.77 22.05
CA PHE I 503 8.72 -108.89 23.15
C PHE I 503 8.80 -110.25 23.83
N GLY I 504 9.44 -111.23 23.22
CA GLY I 504 9.48 -112.57 23.77
C GLY I 504 10.17 -112.66 25.11
N PRO I 505 9.79 -113.65 25.93
CA PRO I 505 8.69 -114.55 25.61
C PRO I 505 7.50 -114.50 26.58
N ILE I 506 7.65 -113.81 27.71
CA ILE I 506 6.65 -113.74 28.76
C ILE I 506 6.33 -115.15 29.27
N ASP I 507 7.37 -115.86 29.71
CA ASP I 507 7.18 -117.18 30.30
C ASP I 507 7.34 -117.19 31.81
N THR I 508 8.16 -116.30 32.36
CA THR I 508 8.35 -116.18 33.79
C THR I 508 7.36 -115.18 34.36
N ARG I 509 7.07 -115.33 35.66
CA ARG I 509 6.42 -114.25 36.39
C ARG I 509 7.26 -112.98 36.33
N ALA I 510 8.58 -113.13 36.18
CA ALA I 510 9.46 -111.98 36.04
C ALA I 510 9.25 -111.29 34.68
N ALA I 511 9.15 -112.08 33.61
CA ALA I 511 9.00 -111.50 32.28
C ALA I 511 7.68 -110.77 32.12
N LEU I 512 6.62 -111.24 32.79
CA LEU I 512 5.35 -110.52 32.76
C LEU I 512 5.44 -109.21 33.50
N ILE I 513 6.24 -109.15 34.56
CA ILE I 513 6.35 -107.92 35.35
C ILE I 513 7.07 -106.84 34.57
N PHE I 514 8.20 -107.20 33.93
CA PHE I 514 8.93 -106.22 33.13
C PHE I 514 8.06 -105.67 32.01
N ALA I 515 7.39 -106.56 31.28
CA ALA I 515 6.52 -106.14 30.19
C ALA I 515 5.48 -105.13 30.67
N CYS I 516 4.88 -105.39 31.84
CA CYS I 516 3.90 -104.45 32.38
C CYS I 516 4.57 -103.17 32.88
N THR I 517 5.75 -103.29 33.50
CA THR I 517 6.45 -102.10 33.98
C THR I 517 6.84 -101.18 32.83
N LYS I 518 7.49 -101.75 31.82
CA LYS I 518 7.88 -100.95 30.65
C LYS I 518 6.68 -100.37 29.92
N VAL I 519 5.55 -101.09 29.90
CA VAL I 519 4.36 -100.59 29.21
C VAL I 519 3.75 -99.43 29.98
N ILE I 520 3.54 -99.60 31.29
CA ILE I 520 3.00 -98.52 32.11
C ILE I 520 3.92 -97.31 32.08
N PHE I 521 5.23 -97.56 32.20
CA PHE I 521 6.21 -96.46 32.20
C PHE I 521 6.13 -95.65 30.91
N THR I 522 6.02 -96.33 29.76
CA THR I 522 5.96 -95.62 28.49
C THR I 522 4.63 -94.93 28.28
N ALA I 523 3.54 -95.49 28.82
CA ALA I 523 2.25 -94.81 28.75
C ALA I 523 2.19 -93.61 29.68
N SER I 524 3.08 -93.54 30.68
CA SER I 524 2.96 -92.54 31.74
C SER I 524 4.21 -91.67 31.84
N ALA I 525 5.31 -92.20 32.35
CA ALA I 525 6.50 -91.38 32.58
C ALA I 525 7.21 -91.07 31.27
N GLU I 526 7.52 -92.09 30.47
CA GLU I 526 8.29 -91.87 29.25
C GLU I 526 7.52 -90.99 28.27
N HIS I 527 6.20 -91.16 28.18
CA HIS I 527 5.41 -90.27 27.34
C HIS I 527 5.35 -88.86 27.89
N SER I 528 5.50 -88.70 29.21
CA SER I 528 5.53 -87.35 29.78
C SER I 528 6.85 -86.66 29.45
N ALA I 529 7.97 -87.39 29.52
CA ALA I 529 9.28 -86.82 29.24
C ALA I 529 9.47 -86.43 27.79
N VAL I 530 8.58 -86.86 26.89
CA VAL I 530 8.71 -86.53 25.48
C VAL I 530 7.61 -85.60 24.99
N ASN I 531 6.40 -85.66 25.56
CA ASN I 531 5.31 -84.85 25.05
C ASN I 531 5.26 -83.45 25.63
N PHE I 532 5.64 -83.28 26.89
CA PHE I 532 5.45 -82.00 27.56
C PHE I 532 6.61 -81.02 27.37
N PRO I 533 7.84 -81.48 27.12
CA PRO I 533 8.86 -80.53 26.62
C PRO I 533 8.44 -79.80 25.36
N GLN I 534 7.46 -80.31 24.60
CA GLN I 534 7.04 -79.65 23.37
C GLN I 534 6.53 -78.24 23.67
N LYS I 535 5.65 -78.10 24.67
CA LYS I 535 5.12 -76.79 25.00
C LYS I 535 6.17 -75.89 25.60
N ASP I 536 7.03 -76.45 26.46
CA ASP I 536 7.97 -75.63 27.22
C ASP I 536 9.24 -75.32 26.45
N LEU I 537 9.66 -76.19 25.54
CA LEU I 537 10.98 -76.07 24.94
C LEU I 537 11.00 -76.10 23.42
N MET I 538 9.86 -76.27 22.75
CA MET I 538 9.86 -76.42 21.30
C MET I 538 8.86 -75.51 20.58
N SER I 539 8.15 -74.65 21.29
CA SER I 539 7.21 -73.74 20.65
C SER I 539 7.89 -72.58 19.94
N TYR I 540 9.14 -72.29 20.30
CA TYR I 540 9.92 -71.20 19.72
C TYR I 540 10.81 -71.78 18.63
N ALA I 541 10.51 -71.47 17.37
CA ALA I 541 11.22 -72.07 16.25
C ALA I 541 12.73 -71.82 16.25
N PRO I 542 13.23 -70.62 16.58
CA PRO I 542 14.70 -70.45 16.61
C PRO I 542 15.39 -71.37 17.60
N ALA I 543 14.77 -71.64 18.76
CA ALA I 543 15.39 -72.51 19.74
C ALA I 543 15.52 -73.94 19.21
N ILE I 544 14.46 -74.45 18.58
CA ILE I 544 14.48 -75.78 17.97
C ILE I 544 13.25 -75.89 17.06
N THR I 545 13.46 -76.41 15.86
CA THR I 545 12.38 -76.55 14.89
C THR I 545 12.67 -77.77 14.01
N GLY I 546 11.76 -78.02 13.06
CA GLY I 546 11.87 -79.19 12.23
C GLY I 546 12.73 -79.05 10.99
N ALA I 547 13.09 -77.82 10.61
CA ALA I 547 13.84 -77.61 9.38
C ALA I 547 14.70 -76.37 9.49
N GLY I 548 15.94 -76.48 9.03
CA GLY I 548 16.81 -75.33 8.84
C GLY I 548 16.67 -74.76 7.44
N TRP I 549 16.31 -73.50 7.32
CA TRP I 549 15.88 -72.96 6.05
C TRP I 549 17.00 -72.31 5.24
N THR I 550 18.19 -72.18 5.79
CA THR I 550 19.38 -71.94 4.98
C THR I 550 20.16 -73.24 4.85
N ALA I 551 21.22 -73.20 4.04
CA ALA I 551 21.83 -74.43 3.55
C ALA I 551 22.45 -75.24 4.67
N ALA I 552 23.36 -74.61 5.44
CA ALA I 552 24.34 -75.38 6.18
C ALA I 552 24.69 -74.64 7.47
N PRO I 553 25.41 -75.29 8.38
CA PRO I 553 26.01 -74.58 9.52
C PRO I 553 27.04 -73.55 9.10
N PRO I 554 27.78 -73.76 7.98
CA PRO I 554 28.52 -72.63 7.42
C PRO I 554 27.62 -71.42 7.23
N SER I 555 27.64 -70.51 8.21
CA SER I 555 26.71 -69.39 8.24
C SER I 555 26.93 -68.48 7.04
N GLN I 556 25.83 -68.15 6.34
CA GLN I 556 25.90 -67.38 5.11
C GLN I 556 25.12 -66.06 5.18
N GLY I 557 24.63 -65.67 6.36
CA GLY I 557 23.93 -64.42 6.49
C GLY I 557 23.27 -64.23 7.83
N PRO I 558 22.21 -63.41 7.85
CA PRO I 558 21.52 -63.14 9.12
C PRO I 558 20.77 -64.38 9.61
N LEU I 559 20.60 -64.42 10.94
CA LEU I 559 19.96 -65.58 11.57
C LEU I 559 18.51 -65.73 11.16
N LYS I 560 17.84 -64.66 10.74
CA LYS I 560 16.41 -64.71 10.50
C LYS I 560 16.06 -65.56 9.28
N ASP I 561 16.95 -65.62 8.29
CA ASP I 561 16.67 -66.40 7.08
C ASP I 561 16.98 -67.88 7.24
N PHE I 562 17.56 -68.29 8.37
CA PHE I 562 17.63 -69.70 8.73
C PHE I 562 16.31 -70.18 9.33
N GLN I 563 15.59 -69.27 9.98
CA GLN I 563 14.38 -69.62 10.71
C GLN I 563 13.20 -69.81 9.77
N PRO I 564 12.18 -70.56 10.18
CA PRO I 564 11.09 -70.91 9.27
C PRO I 564 10.27 -69.69 8.88
N PRO I 565 9.48 -69.77 7.82
CA PRO I 565 8.55 -68.69 7.50
C PRO I 565 7.57 -68.47 8.64
N LEU I 566 7.08 -67.24 8.74
CA LEU I 566 6.19 -66.88 9.85
C LEU I 566 4.92 -67.71 9.84
N GLU I 567 4.43 -68.10 8.66
CA GLU I 567 3.26 -68.93 8.57
C GLU I 567 3.43 -70.24 9.32
N LEU I 568 4.62 -70.84 9.24
CA LEU I 568 4.89 -72.10 9.91
C LEU I 568 5.38 -71.93 11.35
N ALA I 569 6.00 -70.79 11.67
CA ALA I 569 6.42 -70.56 13.04
C ALA I 569 5.23 -70.39 13.97
N GLU I 570 4.18 -69.71 13.50
CA GLU I 570 2.94 -69.65 14.28
C GLU I 570 2.32 -71.04 14.39
N LEU I 571 2.28 -71.79 13.29
CA LEU I 571 1.75 -73.15 13.33
C LEU I 571 2.58 -74.04 14.24
N GLN I 572 3.91 -73.88 14.20
CA GLN I 572 4.76 -74.68 15.07
C GLN I 572 4.51 -74.37 16.54
N ALA I 573 4.31 -73.09 16.86
CA ALA I 573 4.04 -72.70 18.23
C ALA I 573 2.67 -73.14 18.70
N GLU I 574 1.75 -73.45 17.78
CA GLU I 574 0.37 -73.75 18.15
C GLU I 574 0.12 -75.24 18.34
N PHE I 575 0.58 -76.08 17.41
CA PHE I 575 0.37 -77.51 17.57
C PHE I 575 1.31 -78.11 18.62
N LEU I 576 2.44 -77.48 18.89
CA LEU I 576 3.28 -77.91 19.99
C LEU I 576 2.86 -77.30 21.32
N TYR I 577 2.02 -76.26 21.29
CA TYR I 577 1.38 -75.78 22.51
C TYR I 577 0.25 -76.70 22.93
N LEU I 578 -0.60 -77.08 21.97
CA LEU I 578 -1.73 -77.95 22.28
C LEU I 578 -1.27 -79.32 22.76
N LEU I 579 -0.33 -79.94 22.02
CA LEU I 579 0.12 -81.28 22.36
C LEU I 579 0.79 -81.31 23.74
N GLY I 580 1.86 -80.54 23.90
CA GLY I 580 2.53 -80.50 25.17
C GLY I 580 1.83 -79.74 26.28
N GLY I 581 0.58 -79.34 26.10
CA GLY I 581 -0.09 -78.51 27.08
C GLY I 581 -1.38 -79.06 27.67
N VAL I 582 -1.56 -80.37 27.59
CA VAL I 582 -2.73 -81.03 28.17
C VAL I 582 -2.24 -82.16 29.07
N HIS I 583 -2.60 -82.08 30.35
CA HIS I 583 -2.13 -83.01 31.38
C HIS I 583 -3.23 -83.95 31.87
N HIS I 584 -4.14 -84.37 30.99
CA HIS I 584 -5.26 -85.21 31.41
C HIS I 584 -4.75 -86.50 32.04
N THR I 585 -5.52 -86.98 33.02
CA THR I 585 -5.27 -88.16 33.88
C THR I 585 -3.94 -88.11 34.63
N LYS I 586 -3.90 -88.72 35.82
CA LYS I 586 -2.75 -88.70 36.70
C LYS I 586 -2.32 -90.13 37.03
N LEU I 587 -1.01 -90.37 37.03
CA LEU I 587 -0.50 -91.69 37.37
C LEU I 587 -0.89 -92.08 38.78
N GLY I 588 -1.20 -93.35 38.98
CA GLY I 588 -1.51 -93.87 40.29
C GLY I 588 -2.96 -93.77 40.71
N PHE I 589 -3.83 -93.25 39.86
CA PHE I 589 -5.24 -93.08 40.18
C PHE I 589 -6.07 -93.66 39.04
N TYR I 590 -6.68 -94.81 39.29
CA TYR I 590 -7.31 -95.63 38.26
C TYR I 590 -8.81 -95.41 38.29
N ASN I 591 -9.34 -94.77 37.25
CA ASN I 591 -10.75 -94.43 37.19
C ASN I 591 -11.32 -94.74 35.82
N SER I 592 -12.63 -94.89 35.77
CA SER I 592 -13.32 -95.11 34.51
C SER I 592 -13.36 -93.83 33.68
N ASN I 593 -13.53 -94.00 32.37
CA ASN I 593 -13.73 -92.87 31.47
C ASN I 593 -15.20 -92.48 31.34
N SER I 594 -16.06 -93.00 32.21
CA SER I 594 -17.47 -92.65 32.23
C SER I 594 -17.68 -91.40 33.07
N PHE I 595 -18.86 -90.79 32.90
CA PHE I 595 -19.19 -89.58 33.66
C PHE I 595 -19.08 -89.76 35.18
N PRO I 596 -19.46 -90.88 35.79
CA PRO I 596 -19.23 -91.02 37.23
C PRO I 596 -17.78 -90.84 37.64
N TYR I 597 -16.83 -91.27 36.80
CA TYR I 597 -15.40 -91.21 37.11
C TYR I 597 -15.11 -91.89 38.45
N ARG I 598 -15.72 -93.06 38.64
CA ARG I 598 -15.49 -93.82 39.86
C ARG I 598 -14.24 -94.70 39.69
N ALA I 599 -13.70 -95.13 40.82
CA ALA I 599 -12.47 -95.93 40.82
C ALA I 599 -12.67 -97.20 40.01
N TRP I 600 -11.58 -97.66 39.39
CA TRP I 600 -11.66 -98.71 38.39
C TRP I 600 -11.38 -100.10 38.95
N PHE I 601 -10.41 -100.24 39.84
CA PHE I 601 -10.14 -101.53 40.44
C PHE I 601 -11.28 -101.94 41.36
N LYS I 602 -11.38 -103.25 41.63
CA LYS I 602 -12.47 -103.78 42.43
C LYS I 602 -12.00 -104.75 43.49
N ASP I 603 -10.91 -105.47 43.23
CA ASP I 603 -10.37 -106.41 44.19
C ASP I 603 -10.20 -105.73 45.55
N PRO I 604 -10.66 -106.36 46.63
CA PRO I 604 -10.46 -105.74 47.97
C PRO I 604 -9.00 -105.51 48.31
N LYS I 605 -8.11 -106.39 47.87
CA LYS I 605 -6.69 -106.24 48.21
C LYS I 605 -6.07 -105.04 47.50
N ILE I 606 -6.48 -104.77 46.26
CA ILE I 606 -5.88 -103.66 45.53
C ILE I 606 -6.42 -102.33 46.04
N THR I 607 -7.74 -102.22 46.21
CA THR I 607 -8.36 -100.93 46.48
C THR I 607 -7.91 -100.36 47.82
N ALA I 608 -7.95 -101.17 48.88
CA ALA I 608 -7.64 -100.70 50.22
C ALA I 608 -6.18 -100.88 50.61
N GLU I 609 -5.45 -101.76 49.93
CA GLU I 609 -4.11 -102.15 50.37
C GLU I 609 -3.06 -101.94 49.29
N LEU I 610 -3.13 -102.67 48.17
CA LEU I 610 -2.02 -102.66 47.20
C LEU I 610 -1.89 -101.31 46.51
N LEU I 611 -3.01 -100.74 46.03
CA LEU I 611 -2.93 -99.48 45.30
C LEU I 611 -2.55 -98.30 46.19
N PRO I 612 -3.14 -98.11 47.38
CA PRO I 612 -2.68 -97.01 48.23
C PRO I 612 -1.19 -97.06 48.54
N ALA I 613 -0.60 -98.26 48.54
CA ALA I 613 0.84 -98.37 48.73
C ALA I 613 1.60 -97.73 47.58
N PHE I 614 1.32 -98.17 46.34
CA PHE I 614 1.96 -97.59 45.18
C PHE I 614 1.74 -96.08 45.09
N GLN I 615 0.58 -95.61 45.55
CA GLN I 615 0.33 -94.17 45.57
C GLN I 615 1.28 -93.46 46.53
N ARG I 616 1.44 -94.01 47.74
CA ARG I 616 2.37 -93.42 48.70
C ARG I 616 3.81 -93.50 48.21
N ASP I 617 4.14 -94.51 47.41
CA ASP I 617 5.49 -94.62 46.88
C ASP I 617 5.82 -93.47 45.94
N LEU I 618 4.87 -93.08 45.09
CA LEU I 618 5.07 -91.95 44.20
C LEU I 618 5.22 -90.66 44.99
N ALA I 619 4.37 -90.45 46.00
CA ALA I 619 4.46 -89.25 46.82
C ALA I 619 5.80 -89.18 47.54
N ALA I 620 6.26 -90.30 48.11
CA ALA I 620 7.60 -90.33 48.71
C ALA I 620 8.67 -90.05 47.68
N SER I 621 8.44 -90.43 46.42
CA SER I 621 9.36 -90.08 45.35
C SER I 621 9.17 -88.64 44.88
N GLU I 622 7.93 -88.14 44.94
CA GLU I 622 7.68 -86.75 44.56
C GLU I 622 8.41 -85.78 45.48
N GLU I 623 8.47 -86.12 46.78
CA GLU I 623 9.21 -85.29 47.73
C GLU I 623 10.66 -85.10 47.29
N LEU I 624 11.31 -86.18 46.86
CA LEU I 624 12.70 -86.11 46.46
C LEU I 624 12.89 -85.27 45.21
N ILE I 625 11.99 -85.42 44.23
CA ILE I 625 12.19 -84.78 42.92
C ILE I 625 11.90 -83.29 42.99
N VAL I 626 10.85 -82.89 43.72
CA VAL I 626 10.58 -81.46 43.89
C VAL I 626 11.72 -80.80 44.67
N ALA I 627 12.34 -81.54 45.60
CA ALA I 627 13.52 -81.02 46.28
C ALA I 627 14.68 -80.84 45.31
N ALA I 628 14.90 -81.83 44.43
CA ALA I 628 15.96 -81.69 43.43
C ALA I 628 15.69 -80.53 42.48
N ASN I 629 14.42 -80.24 42.21
CA ASN I 629 14.06 -79.13 41.33
C ASN I 629 14.21 -77.77 41.98
N ALA I 630 14.59 -77.71 43.26
CA ALA I 630 14.90 -76.44 43.89
C ALA I 630 16.35 -76.03 43.61
N THR I 631 17.25 -77.01 43.53
CA THR I 631 18.67 -76.75 43.30
C THR I 631 19.04 -76.71 41.82
N ARG I 632 18.07 -76.85 40.93
CA ARG I 632 18.32 -76.90 39.48
C ARG I 632 17.87 -75.60 38.84
N THR I 633 18.71 -75.05 37.97
CA THR I 633 18.32 -73.92 37.14
C THR I 633 17.49 -74.34 35.94
N PHE I 634 17.64 -75.59 35.49
CA PHE I 634 16.79 -76.19 34.47
C PHE I 634 15.87 -77.17 35.17
N LYS I 635 14.58 -76.84 35.22
CA LYS I 635 13.62 -77.51 36.10
C LYS I 635 13.00 -78.70 35.38
N TYR I 636 13.26 -79.90 35.88
CA TYR I 636 12.70 -81.11 35.29
C TYR I 636 11.39 -81.43 35.99
N THR I 637 10.28 -81.00 35.38
CA THR I 637 8.94 -81.15 35.94
C THR I 637 8.14 -82.24 35.26
N TYR I 638 8.80 -83.22 34.63
CA TYR I 638 8.10 -84.26 33.90
C TYR I 638 8.12 -85.62 34.59
N MET I 639 8.92 -85.79 35.63
CA MET I 639 8.85 -86.98 36.48
C MET I 639 8.18 -86.68 37.81
N ILE I 640 7.51 -85.54 37.90
CA ILE I 640 6.71 -85.18 39.07
C ILE I 640 5.38 -85.93 38.95
N PRO I 641 5.09 -86.86 39.87
CA PRO I 641 3.86 -87.67 39.72
C PRO I 641 2.57 -86.86 39.62
N SER I 642 2.50 -85.70 40.25
CA SER I 642 1.27 -84.90 40.19
C SER I 642 0.94 -84.44 38.78
N THR I 643 1.91 -84.44 37.87
CA THR I 643 1.68 -84.07 36.49
C THR I 643 1.62 -85.26 35.55
N ILE I 644 2.34 -86.34 35.85
CA ILE I 644 2.45 -87.51 34.98
C ILE I 644 1.07 -88.06 34.65
N PRO I 645 0.76 -88.29 33.37
CA PRO I 645 -0.50 -88.96 33.02
C PRO I 645 -0.40 -90.46 33.24
N MET I 646 -1.57 -91.11 33.22
CA MET I 646 -1.62 -92.57 33.18
C MET I 646 -1.48 -93.13 31.78
N SER I 647 -1.79 -92.35 30.76
CA SER I 647 -1.95 -92.87 29.41
C SER I 647 -1.33 -91.93 28.40
N ILE I 648 -1.26 -92.42 27.17
CA ILE I 648 -0.89 -91.59 26.02
C ILE I 648 -2.19 -91.06 25.44
N ASN I 649 -2.53 -89.82 25.78
CA ASN I 649 -3.84 -89.27 25.48
C ASN I 649 -3.82 -88.04 24.58
N ILE I 650 -2.70 -87.32 24.52
CA ILE I 650 -2.53 -86.24 23.58
C ILE I 650 -1.17 -86.46 22.97
N ASN J 3 50.56 16.60 -79.97
CA ASN J 3 51.86 17.25 -79.86
C ASN J 3 52.92 16.26 -79.39
N ILE J 4 54.16 16.45 -79.86
CA ILE J 4 55.28 15.59 -79.50
C ILE J 4 56.47 16.47 -79.17
N PRO J 5 57.03 16.39 -77.97
CA PRO J 5 58.15 17.25 -77.60
C PRO J 5 59.39 17.00 -78.44
N THR J 6 60.26 18.00 -78.48
CA THR J 6 61.48 17.97 -79.27
C THR J 6 62.60 18.64 -78.50
N LEU J 7 63.82 18.14 -78.70
CA LEU J 7 64.99 18.85 -78.23
C LEU J 7 65.11 20.19 -78.98
N PRO J 8 65.67 21.21 -78.33
CA PRO J 8 65.66 22.55 -78.95
C PRO J 8 66.32 22.59 -80.32
N GLN J 9 67.40 21.83 -80.51
CA GLN J 9 68.09 21.84 -81.79
C GLN J 9 67.26 21.18 -82.89
N ASN J 10 66.44 20.19 -82.54
CA ASN J 10 65.60 19.49 -83.50
C ASN J 10 64.23 20.12 -83.66
N ASP J 11 63.93 21.18 -82.93
CA ASP J 11 62.59 21.74 -82.94
C ASP J 11 62.29 22.39 -84.29
N PRO J 12 61.13 22.12 -84.88
CA PRO J 12 60.83 22.70 -86.19
C PRO J 12 60.70 24.21 -86.17
N ARG J 13 60.29 24.80 -85.05
CA ARG J 13 60.03 26.25 -84.96
C ARG J 13 60.83 26.80 -83.79
N PRO J 14 62.11 27.11 -84.00
CA PRO J 14 62.95 27.48 -82.84
C PRO J 14 62.69 28.88 -82.32
N GLU J 15 62.42 29.85 -83.19
CA GLU J 15 62.30 31.24 -82.73
C GLU J 15 61.13 31.41 -81.77
N GLN J 16 59.99 30.79 -82.09
CA GLN J 16 58.84 30.85 -81.18
C GLN J 16 59.14 30.14 -79.87
N ARG J 17 59.88 29.02 -79.93
CA ARG J 17 60.29 28.33 -78.71
C ARG J 17 61.19 29.20 -77.85
N ALA J 18 62.05 30.03 -78.47
CA ALA J 18 62.89 30.94 -77.70
C ALA J 18 62.10 32.08 -77.10
N GLN J 19 61.05 32.55 -77.78
CA GLN J 19 60.27 33.66 -77.26
C GLN J 19 59.42 33.24 -76.06
N GLN J 20 58.97 31.98 -76.02
CA GLN J 20 58.26 31.49 -74.85
C GLN J 20 59.18 31.46 -73.64
N LEU J 21 60.45 31.12 -73.85
CA LEU J 21 61.42 31.15 -72.75
C LEU J 21 61.64 32.56 -72.25
N ASP J 22 61.67 33.55 -73.15
CA ASP J 22 61.87 34.93 -72.73
C ASP J 22 60.66 35.48 -72.01
N LYS J 23 59.46 34.97 -72.32
CA LYS J 23 58.29 35.34 -71.53
C LYS J 23 58.24 34.58 -70.22
N ALA J 24 58.79 33.36 -70.18
CA ALA J 24 58.78 32.58 -68.96
C ALA J 24 59.69 33.21 -67.91
N ARG J 25 60.90 33.60 -68.31
CA ARG J 25 61.84 34.21 -67.37
C ARG J 25 61.31 35.49 -66.74
N GLU J 26 60.30 36.10 -67.35
CA GLU J 26 59.62 37.23 -66.70
C GLU J 26 58.56 36.74 -65.72
N THR J 27 57.87 35.65 -66.04
CA THR J 27 56.86 35.11 -65.14
C THR J 27 57.49 34.42 -63.94
N TYR J 28 58.71 33.91 -64.10
CA TYR J 28 59.42 33.17 -63.05
C TYR J 28 60.75 33.87 -62.77
N LYS J 29 60.70 34.88 -61.90
CA LYS J 29 61.88 35.65 -61.52
C LYS J 29 62.42 35.15 -60.19
N TYR J 30 63.73 35.33 -59.99
CA TYR J 30 64.38 34.88 -58.77
C TYR J 30 64.14 35.88 -57.64
N ALA J 31 64.13 35.36 -56.41
CA ALA J 31 64.07 36.18 -55.22
C ALA J 31 65.02 35.62 -54.18
N ASP J 32 65.45 36.50 -53.27
CA ASP J 32 66.30 36.06 -52.18
C ASP J 32 65.54 36.12 -50.86
N LEU J 33 64.48 35.32 -50.74
CA LEU J 33 63.71 35.23 -49.50
C LEU J 33 64.45 34.47 -48.41
N LEU J 34 65.54 33.81 -48.76
CA LEU J 34 66.38 33.05 -47.84
C LEU J 34 67.83 33.35 -48.16
N PRO J 35 68.74 33.05 -47.25
CA PRO J 35 70.17 33.15 -47.55
C PRO J 35 70.53 32.28 -48.75
N PRO J 36 71.69 32.57 -49.43
CA PRO J 36 72.03 31.97 -50.72
C PRO J 36 70.97 31.34 -51.63
N LEU J 37 69.95 30.66 -51.09
CA LEU J 37 69.10 29.82 -51.92
C LEU J 37 68.34 30.62 -52.97
N ALA J 38 68.04 29.95 -54.08
CA ALA J 38 67.33 30.53 -55.22
C ALA J 38 65.83 30.27 -55.04
N PHE J 39 65.07 31.33 -54.83
CA PHE J 39 63.65 31.23 -54.51
C PHE J 39 62.81 31.85 -55.61
N CYS J 40 61.50 31.64 -55.50
CA CYS J 40 60.54 32.22 -56.43
C CYS J 40 59.96 33.49 -55.82
N GLU J 41 60.00 34.57 -56.60
CA GLU J 41 59.47 35.86 -56.19
C GLU J 41 57.95 35.77 -56.11
N GLY J 42 57.44 35.68 -54.89
CA GLY J 42 56.02 35.45 -54.71
C GLY J 42 55.61 34.08 -55.21
N VAL J 43 54.39 34.00 -55.75
CA VAL J 43 53.89 32.77 -56.35
C VAL J 43 53.27 33.11 -57.70
N PRO J 44 53.90 32.74 -58.80
CA PRO J 44 53.35 33.10 -60.12
C PRO J 44 51.97 32.50 -60.31
N LYS J 45 51.11 33.26 -60.98
CA LYS J 45 49.72 32.85 -61.15
C LYS J 45 49.54 31.44 -61.69
N PRO J 46 50.37 30.93 -62.61
CA PRO J 46 50.27 29.51 -62.96
C PRO J 46 50.34 28.57 -61.77
N ASP J 47 51.34 28.71 -60.90
CA ASP J 47 51.58 27.77 -59.82
C ASP J 47 50.72 28.02 -58.58
N THR J 48 49.66 28.81 -58.70
CA THR J 48 48.71 28.95 -57.61
C THR J 48 48.14 27.57 -57.26
N PRO J 49 47.95 27.25 -55.98
CA PRO J 49 47.39 25.95 -55.62
C PRO J 49 46.08 25.66 -56.32
N SER J 50 45.99 24.48 -56.91
CA SER J 50 44.77 24.07 -57.59
C SER J 50 43.61 23.94 -56.59
N ALA J 51 42.39 23.96 -57.13
CA ALA J 51 41.22 23.94 -56.27
C ALA J 51 41.09 22.63 -55.51
N ALA J 52 41.53 21.51 -56.09
CA ALA J 52 41.42 20.23 -55.42
C ALA J 52 42.34 20.16 -54.20
N TRP J 53 43.55 20.70 -54.32
CA TRP J 53 44.45 20.79 -53.17
C TRP J 53 43.81 21.57 -52.04
N LEU J 54 43.12 22.66 -52.37
CA LEU J 54 42.54 23.54 -51.36
C LEU J 54 41.41 22.85 -50.60
N VAL J 55 40.50 22.18 -51.32
CA VAL J 55 39.40 21.48 -50.67
C VAL J 55 39.93 20.39 -49.75
N THR J 56 40.92 19.63 -50.23
CA THR J 56 41.56 18.63 -49.38
C THR J 56 42.16 19.27 -48.14
N VAL J 57 43.00 20.29 -48.34
CA VAL J 57 43.62 20.99 -47.22
C VAL J 57 42.56 21.63 -46.33
N GLY J 58 41.50 22.17 -46.93
CA GLY J 58 40.47 22.82 -46.16
C GLY J 58 39.79 21.89 -45.18
N LYS J 59 39.49 20.66 -45.61
CA LYS J 59 38.87 19.70 -44.70
C LYS J 59 39.77 19.38 -43.52
N VAL J 60 41.08 19.29 -43.76
CA VAL J 60 42.02 19.05 -42.67
C VAL J 60 42.13 20.26 -41.76
N ALA J 61 42.27 21.45 -42.37
CA ALA J 61 42.33 22.67 -41.58
C ALA J 61 41.07 22.90 -40.76
N ALA J 62 39.94 22.31 -41.16
CA ALA J 62 38.72 22.44 -40.39
C ALA J 62 38.78 21.60 -39.11
N ALA J 63 39.31 20.38 -39.19
CA ALA J 63 39.39 19.52 -38.02
C ALA J 63 40.38 20.07 -37.00
N VAL J 64 41.48 20.66 -37.47
CA VAL J 64 42.49 21.20 -36.57
C VAL J 64 41.93 22.36 -35.77
N ALA J 65 41.15 23.23 -36.40
CA ALA J 65 40.50 24.31 -35.67
C ALA J 65 39.37 23.78 -34.79
N LEU J 66 38.63 22.79 -35.28
CA LEU J 66 37.58 22.18 -34.46
C LEU J 66 38.16 21.51 -33.22
N ASN J 67 39.33 20.88 -33.35
CA ASN J 67 40.01 20.34 -32.19
C ASN J 67 40.46 21.45 -31.24
N ALA J 68 40.79 22.62 -31.78
CA ALA J 68 41.18 23.74 -30.93
C ALA J 68 39.98 24.30 -30.19
N VAL J 69 38.80 24.35 -30.85
CA VAL J 69 37.61 24.87 -30.20
C VAL J 69 37.17 23.93 -29.07
N ALA J 70 37.09 22.64 -29.37
CA ALA J 70 36.70 21.66 -28.35
C ALA J 70 37.67 21.65 -27.19
N ASN J 71 38.94 21.97 -27.44
CA ASN J 71 39.90 22.15 -26.35
C ASN J 71 39.59 23.38 -25.51
N ARG J 72 38.90 24.38 -26.09
CA ARG J 72 38.59 25.61 -25.37
C ARG J 72 37.23 25.57 -24.69
N ARG J 73 36.34 24.65 -25.07
CA ARG J 73 35.19 24.38 -24.22
C ARG J 73 35.62 23.59 -22.99
N ALA J 74 36.48 22.59 -23.19
CA ALA J 74 36.96 21.77 -22.08
C ALA J 74 37.80 22.60 -21.10
N TRP J 75 38.70 23.42 -21.62
CA TRP J 75 39.35 24.42 -20.79
C TRP J 75 38.32 25.44 -20.35
N LYS J 76 38.30 25.77 -19.07
CA LYS J 76 37.22 26.55 -18.46
C LYS J 76 35.86 25.88 -18.71
N ARG J 77 35.74 24.66 -18.16
CA ARG J 77 34.52 23.89 -18.31
C ARG J 77 33.51 24.22 -17.22
N PHE J 87 28.68 29.98 -25.62
CA PHE J 87 28.11 30.47 -26.87
C PHE J 87 29.21 30.95 -27.79
N ASP J 88 30.21 31.61 -27.22
CA ASP J 88 31.38 32.00 -28.00
C ASP J 88 32.08 30.78 -28.58
N VAL J 89 32.24 29.73 -27.78
CA VAL J 89 32.79 28.49 -28.30
C VAL J 89 31.76 27.74 -29.12
N GLY J 90 30.47 27.85 -28.77
CA GLY J 90 29.44 27.26 -29.59
C GLY J 90 29.31 27.96 -30.93
N GLY J 91 29.47 29.28 -30.94
CA GLY J 91 29.38 30.01 -32.19
C GLY J 91 30.60 29.80 -33.08
N THR J 92 31.80 29.92 -32.51
CA THR J 92 33.02 29.67 -33.27
C THR J 92 33.07 28.25 -33.82
N SER J 93 32.28 27.34 -33.26
CA SER J 93 32.25 25.97 -33.77
C SER J 93 31.46 25.89 -35.08
N GLU J 94 30.32 26.58 -35.15
CA GLU J 94 29.42 26.39 -36.28
C GLU J 94 29.93 27.07 -37.54
N GLU J 95 30.67 28.17 -37.40
CA GLU J 95 31.27 28.79 -38.57
C GLU J 95 32.35 27.90 -39.18
N ASP J 96 33.02 27.10 -38.35
CA ASP J 96 33.93 26.09 -38.88
C ASP J 96 33.15 24.96 -39.54
N GLN J 97 32.05 24.52 -38.91
CA GLN J 97 31.19 23.52 -39.52
C GLN J 97 30.63 24.02 -40.85
N ASN J 98 30.24 25.30 -40.90
CA ASN J 98 29.75 25.88 -42.15
C ASN J 98 30.81 25.83 -43.23
N GLU J 99 32.06 26.14 -42.88
CA GLU J 99 33.14 26.11 -43.87
C GLU J 99 33.37 24.69 -44.37
N ALA J 100 33.22 23.69 -43.49
CA ALA J 100 33.29 22.30 -43.95
C ALA J 100 32.15 21.98 -44.90
N GLY J 101 30.97 22.54 -44.65
CA GLY J 101 29.90 22.40 -45.61
C GLY J 101 30.16 23.22 -46.87
N HIS J 102 30.81 24.38 -46.71
CA HIS J 102 31.12 25.23 -47.86
C HIS J 102 32.04 24.51 -48.83
N ASN J 103 32.96 23.69 -48.31
CA ASN J 103 33.89 22.97 -49.17
C ASN J 103 33.24 21.77 -49.86
N SER J 104 32.19 21.22 -49.26
CA SER J 104 31.57 20.02 -49.80
C SER J 104 30.38 20.31 -50.70
N PHE J 105 30.04 21.58 -50.93
CA PHE J 105 28.94 21.90 -51.84
C PHE J 105 29.30 23.01 -52.80
N LEU J 106 29.62 24.19 -52.28
CA LEU J 106 30.01 25.31 -53.15
C LEU J 106 31.22 24.94 -53.98
N ALA J 107 32.26 24.40 -53.34
CA ALA J 107 33.42 23.91 -54.08
C ALA J 107 33.09 22.71 -54.93
N ARG J 108 32.03 21.97 -54.59
CA ARG J 108 31.66 20.80 -55.39
C ARG J 108 31.12 21.20 -56.76
N LEU J 109 30.78 22.47 -56.96
CA LEU J 109 30.48 22.95 -58.30
C LEU J 109 31.67 22.75 -59.23
N GLU J 110 32.88 22.97 -58.72
CA GLU J 110 34.12 22.64 -59.40
C GLU J 110 34.31 23.45 -60.69
N ASN J 111 33.33 23.42 -61.58
CA ASN J 111 33.43 24.21 -62.81
C ASN J 111 33.37 25.70 -62.51
N PHE J 112 32.29 26.14 -61.86
CA PHE J 112 32.11 27.53 -61.46
C PHE J 112 32.20 28.49 -62.65
N PRO J 125 35.95 30.82 -54.69
CA PRO J 125 35.77 32.06 -53.90
C PRO J 125 35.97 31.80 -52.41
N SER J 126 35.04 31.06 -51.81
CA SER J 126 35.21 30.63 -50.44
C SER J 126 36.44 29.73 -50.30
N VAL J 127 36.67 28.90 -51.31
CA VAL J 127 37.77 27.92 -51.25
C VAL J 127 39.11 28.64 -51.13
N LEU J 128 39.41 29.51 -52.10
CA LEU J 128 40.74 30.08 -52.20
C LEU J 128 41.08 30.95 -51.00
N ASP J 129 40.16 31.85 -50.62
CA ASP J 129 40.48 32.83 -49.58
C ASP J 129 40.64 32.16 -48.22
N GLU J 130 39.67 31.37 -47.80
CA GLU J 130 39.65 30.85 -46.44
C GLU J 130 40.80 29.87 -46.20
N VAL J 131 41.01 28.93 -47.12
CA VAL J 131 41.93 27.82 -46.87
C VAL J 131 43.37 28.33 -46.75
N ASN J 132 43.79 29.18 -47.68
CA ASN J 132 45.16 29.68 -47.65
C ASN J 132 45.44 30.52 -46.41
N GLU J 133 44.40 31.13 -45.84
CA GLU J 133 44.58 31.93 -44.63
C GLU J 133 44.59 31.07 -43.38
N ARG J 134 43.71 30.06 -43.33
CA ARG J 134 43.70 29.14 -42.19
C ARG J 134 45.01 28.38 -42.09
N VAL J 135 45.60 28.01 -43.23
CA VAL J 135 46.95 27.43 -43.24
C VAL J 135 47.94 28.43 -42.69
N ALA J 136 47.84 29.69 -43.14
CA ALA J 136 48.76 30.72 -42.68
C ALA J 136 48.62 30.97 -41.19
N ALA J 137 47.39 30.91 -40.68
CA ALA J 137 47.18 31.10 -39.24
C ALA J 137 47.82 29.95 -38.44
N ILE J 138 47.69 28.73 -38.94
CA ILE J 138 48.20 27.57 -38.21
C ILE J 138 49.73 27.55 -38.23
N LEU J 139 50.31 27.59 -39.43
CA LEU J 139 51.77 27.56 -39.54
C LEU J 139 52.42 28.84 -39.04
N GLY J 140 51.68 29.94 -38.98
CA GLY J 140 52.18 31.19 -38.45
C GLY J 140 51.98 31.40 -36.97
N ALA J 141 51.44 30.40 -36.26
CA ALA J 141 51.22 30.45 -34.81
C ALA J 141 50.37 31.66 -34.41
N LYS J 142 49.58 32.18 -35.34
CA LYS J 142 48.77 33.35 -35.07
C LYS J 142 47.68 33.03 -34.06
N PRO J 143 47.26 34.00 -33.26
CA PRO J 143 46.14 33.78 -32.34
C PRO J 143 44.81 33.85 -33.09
N ASN J 144 43.73 33.60 -32.36
CA ASN J 144 42.37 33.65 -32.88
C ASN J 144 42.17 32.66 -34.04
N ARG J 145 42.93 31.57 -34.04
CA ARG J 145 42.71 30.49 -35.01
C ARG J 145 41.34 29.84 -34.88
N HIS J 146 40.49 30.33 -33.97
CA HIS J 146 39.27 29.63 -33.61
C HIS J 146 38.13 29.90 -34.58
N VAL J 147 38.06 31.10 -35.17
CA VAL J 147 36.96 31.42 -36.08
C VAL J 147 37.42 32.29 -37.23
N PRO J 148 36.95 32.05 -38.44
CA PRO J 148 37.21 32.96 -39.56
C PRO J 148 35.97 33.77 -39.90
N PRO J 149 36.06 34.78 -40.83
CA PRO J 149 35.02 35.82 -40.92
C PRO J 149 34.10 36.01 -39.72
N ALA J 150 34.67 36.51 -38.62
CA ALA J 150 33.92 36.88 -37.42
C ALA J 150 34.71 37.88 -36.59
N VAL J 174 49.39 34.44 -25.11
CA VAL J 174 48.64 33.20 -24.94
C VAL J 174 47.37 33.44 -24.15
N SER J 175 46.24 33.03 -24.73
CA SER J 175 44.94 33.19 -24.08
C SER J 175 44.73 32.12 -23.01
N LYS J 176 44.43 32.56 -21.79
CA LYS J 176 44.13 31.64 -20.69
C LYS J 176 42.78 30.94 -20.85
N ASP J 177 42.09 31.14 -21.97
CA ASP J 177 40.86 30.43 -22.27
C ASP J 177 41.09 29.13 -23.03
N GLY J 178 42.34 28.84 -23.39
CA GLY J 178 42.69 27.58 -23.99
C GLY J 178 43.88 26.97 -23.27
N PRO J 179 44.11 25.66 -23.48
CA PRO J 179 45.20 24.97 -22.77
C PRO J 179 46.55 25.66 -22.86
N ASN J 180 47.06 26.11 -21.71
CA ASN J 180 48.30 26.86 -21.65
C ASN J 180 49.11 26.44 -20.42
N GLY J 181 50.34 26.95 -20.35
CA GLY J 181 51.17 26.76 -19.18
C GLY J 181 51.71 25.34 -19.04
N ARG J 182 52.14 25.05 -17.81
CA ARG J 182 52.70 23.74 -17.49
C ARG J 182 51.59 22.73 -17.21
N PRO J 183 51.85 21.45 -17.45
CA PRO J 183 50.81 20.44 -17.29
C PRO J 183 50.54 20.12 -15.83
N GLN J 184 49.35 19.59 -15.59
CA GLN J 184 48.97 19.07 -14.28
C GLN J 184 49.35 17.59 -14.16
N SER J 185 48.99 16.80 -15.16
CA SER J 185 49.43 15.41 -15.26
C SER J 185 49.73 15.12 -16.73
N MET J 186 50.29 13.93 -16.98
CA MET J 186 50.64 13.56 -18.35
C MET J 186 49.41 13.39 -19.23
N ASP J 187 48.22 13.20 -18.64
CA ASP J 187 47.02 13.01 -19.44
C ASP J 187 46.70 14.25 -20.27
N ASP J 188 47.14 15.42 -19.83
CA ASP J 188 46.80 16.68 -20.49
C ASP J 188 47.41 16.81 -21.88
N TYR J 189 48.30 15.89 -22.28
CA TYR J 189 48.84 15.90 -23.64
C TYR J 189 48.02 15.03 -24.59
N ALA J 190 47.62 13.83 -24.15
CA ALA J 190 46.75 12.98 -24.96
C ALA J 190 45.31 13.47 -24.97
N ASN J 191 44.91 14.29 -23.98
CA ASN J 191 43.60 14.91 -24.03
C ASN J 191 43.51 16.03 -25.04
N LEU J 192 44.65 16.61 -25.43
CA LEU J 192 44.66 17.61 -26.50
C LEU J 192 44.08 17.08 -27.80
N PHE J 193 44.08 15.76 -28.00
CA PHE J 193 43.54 15.15 -29.20
C PHE J 193 42.06 14.84 -28.97
N ARG J 194 41.23 15.88 -29.10
CA ARG J 194 39.79 15.77 -28.87
C ARG J 194 39.01 15.56 -30.15
N ARG J 195 39.17 16.44 -31.13
CA ARG J 195 38.53 16.27 -32.42
C ARG J 195 39.47 15.73 -33.48
N ILE J 196 40.78 15.69 -33.21
CA ILE J 196 41.74 14.96 -34.03
C ILE J 196 42.17 13.74 -33.24
N THR J 197 42.39 12.63 -33.94
CA THR J 197 42.60 11.35 -33.28
C THR J 197 44.03 11.22 -32.76
N LEU J 198 44.15 10.71 -31.54
CA LEU J 198 45.46 10.46 -30.94
C LEU J 198 46.23 9.43 -31.78
N PRO J 199 47.48 9.71 -32.15
CA PRO J 199 48.25 8.77 -32.96
C PRO J 199 48.60 7.52 -32.16
N PRO J 200 48.90 6.41 -32.85
CA PRO J 200 49.15 5.16 -32.12
C PRO J 200 50.44 5.17 -31.33
N ILE J 201 51.43 5.97 -31.74
CA ILE J 201 52.72 6.00 -31.05
C ILE J 201 52.58 6.54 -29.64
N ALA J 202 51.47 7.20 -29.32
CA ALA J 202 51.28 7.77 -27.99
C ALA J 202 51.26 6.71 -26.91
N SER J 203 50.94 5.47 -27.24
CA SER J 203 50.85 4.39 -26.27
C SER J 203 52.06 3.45 -26.32
N THR J 204 53.02 3.68 -27.22
CA THR J 204 54.13 2.76 -27.40
C THR J 204 55.50 3.43 -27.40
N TRP J 205 55.57 4.75 -27.30
CA TRP J 205 56.84 5.44 -27.56
C TRP J 205 57.90 5.12 -26.52
N LYS J 206 57.50 4.76 -25.30
CA LYS J 206 58.49 4.44 -24.28
C LYS J 206 59.19 3.11 -24.54
N ASN J 207 58.51 2.18 -25.21
CA ASN J 207 59.11 0.89 -25.51
C ASN J 207 60.39 1.07 -26.33
N ASP J 208 61.41 0.29 -25.99
CA ASP J 208 62.71 0.43 -26.63
C ASP J 208 62.64 0.08 -28.11
N SER J 209 61.85 -0.93 -28.46
CA SER J 209 61.72 -1.30 -29.87
C SER J 209 61.07 -0.20 -30.68
N ALA J 210 60.17 0.57 -30.06
CA ALA J 210 59.56 1.70 -30.77
C ALA J 210 60.57 2.81 -30.99
N PHE J 211 61.43 3.08 -29.99
CA PHE J 211 62.47 4.08 -30.16
C PHE J 211 63.42 3.69 -31.29
N ALA J 212 63.84 2.42 -31.33
CA ALA J 212 64.72 1.98 -32.41
C ALA J 212 63.97 1.92 -33.73
N ALA J 213 62.66 1.65 -33.70
CA ALA J 213 61.88 1.65 -34.94
C ALA J 213 61.88 3.02 -35.59
N TYR J 214 62.00 4.08 -34.79
CA TYR J 214 62.08 5.44 -35.33
C TYR J 214 63.26 5.59 -36.29
N ARG J 215 64.34 4.84 -36.05
CA ARG J 215 65.55 5.00 -36.86
C ARG J 215 65.47 4.27 -38.19
N VAL J 216 64.53 3.36 -38.36
CA VAL J 216 64.42 2.60 -39.60
C VAL J 216 63.07 2.74 -40.27
N ALA J 217 62.03 3.17 -39.55
CA ALA J 217 60.70 3.32 -40.13
C ALA J 217 60.00 4.57 -39.63
N GLY J 218 60.77 5.60 -39.28
CA GLY J 218 60.20 6.83 -38.75
C GLY J 218 60.42 8.03 -39.66
N PRO J 219 60.31 9.23 -39.08
CA PRO J 219 60.46 10.46 -39.88
C PRO J 219 61.80 10.54 -40.58
N ASN J 220 62.89 10.52 -39.80
CA ASN J 220 64.23 10.47 -40.34
C ASN J 220 64.67 9.01 -40.30
N ALA J 221 64.44 8.30 -41.40
CA ALA J 221 64.68 6.86 -41.46
C ALA J 221 65.97 6.52 -42.20
N SER J 222 66.93 7.45 -42.24
CA SER J 222 68.15 7.25 -43.02
C SER J 222 69.39 7.70 -42.26
N MET J 223 69.32 7.67 -40.93
CA MET J 223 70.38 8.27 -40.11
C MET J 223 71.48 7.29 -39.72
N ILE J 224 71.14 6.03 -39.44
CA ILE J 224 72.11 5.09 -38.90
C ILE J 224 73.15 4.73 -39.96
N GLN J 225 74.41 4.68 -39.55
CA GLN J 225 75.51 4.20 -40.39
C GLN J 225 76.21 3.05 -39.68
N ARG J 226 76.33 1.92 -40.37
CA ARG J 226 77.06 0.78 -39.82
C ARG J 226 78.51 1.16 -39.56
N ILE J 227 79.05 0.70 -38.43
CA ILE J 227 80.39 1.05 -38.02
C ILE J 227 81.20 -0.23 -37.77
N THR J 228 82.51 -0.13 -37.98
CA THR J 228 83.41 -1.25 -37.74
C THR J 228 84.04 -1.17 -36.35
N GLU J 229 84.30 0.04 -35.87
CA GLU J 229 84.81 0.25 -34.52
C GLU J 229 84.17 1.51 -33.96
N LEU J 230 84.25 1.65 -32.65
CA LEU J 230 83.56 2.75 -31.99
C LEU J 230 84.32 4.06 -32.18
N PRO J 231 83.60 5.17 -32.37
CA PRO J 231 84.28 6.47 -32.41
C PRO J 231 84.93 6.78 -31.06
N ASP J 232 85.93 7.64 -31.10
CA ASP J 232 86.71 7.94 -29.89
C ASP J 232 85.83 8.55 -28.80
N ASN J 233 84.87 9.39 -29.20
CA ASN J 233 84.04 10.12 -28.25
C ASN J 233 82.83 9.33 -27.77
N PHE J 234 82.65 8.09 -28.24
CA PHE J 234 81.52 7.24 -27.83
C PHE J 234 82.07 5.86 -27.51
N ALA J 235 82.76 5.75 -26.37
CA ALA J 235 83.42 4.51 -25.97
C ALA J 235 82.47 3.67 -25.12
N VAL J 236 81.47 3.11 -25.79
CA VAL J 236 80.52 2.26 -25.09
C VAL J 236 81.18 0.94 -24.74
N THR J 237 80.82 0.39 -23.58
CA THR J 237 81.48 -0.78 -23.03
C THR J 237 80.71 -2.05 -23.37
N ASP J 238 81.40 -3.19 -23.25
CA ASP J 238 80.73 -4.47 -23.42
C ASP J 238 79.66 -4.67 -22.35
N ALA J 239 79.82 -4.03 -21.19
CA ALA J 239 78.79 -4.09 -20.17
C ALA J 239 77.48 -3.52 -20.68
N HIS J 240 77.54 -2.34 -21.32
CA HIS J 240 76.33 -1.74 -21.88
C HIS J 240 75.73 -2.63 -22.98
N TYR J 241 76.59 -3.25 -23.78
CA TYR J 241 76.11 -4.11 -24.86
C TYR J 241 75.42 -5.34 -24.30
N LYS J 242 76.07 -6.04 -23.36
CA LYS J 242 75.46 -7.24 -22.79
C LYS J 242 74.22 -6.91 -21.97
N GLN J 243 74.12 -5.68 -21.45
CA GLN J 243 72.87 -5.24 -20.83
C GLN J 243 71.74 -5.24 -21.86
N ALA J 244 72.04 -4.89 -23.10
CA ALA J 244 71.04 -4.73 -24.14
C ALA J 244 70.82 -5.99 -24.97
N MET J 245 71.87 -6.75 -25.25
CA MET J 245 71.80 -7.90 -26.14
C MET J 245 71.99 -9.24 -25.43
N GLY J 246 71.90 -9.25 -24.10
CA GLY J 246 72.05 -10.49 -23.36
C GLY J 246 73.50 -10.92 -23.23
N GLU J 247 73.67 -12.11 -22.68
CA GLU J 247 74.99 -12.69 -22.46
C GLU J 247 75.45 -13.59 -23.59
N GLY J 248 74.65 -13.71 -24.66
CA GLY J 248 75.00 -14.52 -25.80
C GLY J 248 75.69 -13.79 -26.94
N ASP J 249 76.06 -12.53 -26.75
CA ASP J 249 76.76 -11.78 -27.79
C ASP J 249 77.75 -10.83 -27.13
N SER J 250 78.71 -10.38 -27.93
CA SER J 250 79.78 -9.50 -27.47
C SER J 250 79.90 -8.30 -28.39
N LEU J 251 80.39 -7.18 -27.82
CA LEU J 251 80.58 -5.98 -28.62
C LEU J 251 81.64 -6.19 -29.69
N ASP J 252 82.76 -6.84 -29.32
CA ASP J 252 83.81 -7.11 -30.30
C ASP J 252 83.37 -8.10 -31.37
N ALA J 253 82.38 -8.95 -31.09
CA ALA J 253 81.87 -9.85 -32.11
C ALA J 253 80.83 -9.18 -32.99
N ALA J 254 80.06 -8.23 -32.44
CA ALA J 254 79.07 -7.52 -33.26
C ALA J 254 79.74 -6.55 -34.23
N LYS J 255 80.86 -5.94 -33.83
CA LYS J 255 81.59 -5.07 -34.73
C LYS J 255 82.31 -5.85 -35.82
N ALA J 256 82.46 -7.17 -35.64
CA ALA J 256 83.10 -8.00 -36.66
C ALA J 256 82.10 -8.44 -37.73
N GLU J 257 80.86 -8.73 -37.33
CA GLU J 257 79.84 -9.25 -38.23
C GLU J 257 78.96 -8.15 -38.81
N GLY J 258 79.41 -6.90 -38.77
CA GLY J 258 78.66 -5.78 -39.33
C GLY J 258 77.28 -5.62 -38.72
N ARG J 259 77.21 -5.64 -37.39
CA ARG J 259 75.94 -5.58 -36.68
C ARG J 259 75.84 -4.39 -35.74
N LEU J 260 76.76 -3.43 -35.83
CA LEU J 260 76.70 -2.19 -35.07
C LEU J 260 76.37 -1.05 -36.00
N PHE J 261 75.40 -0.22 -35.61
CA PHE J 261 74.89 0.86 -36.45
C PHE J 261 74.79 2.13 -35.61
N LEU J 262 75.71 3.06 -35.83
CA LEU J 262 75.73 4.30 -35.09
C LEU J 262 74.96 5.39 -35.85
N ALA J 263 74.33 6.28 -35.08
CA ALA J 263 73.66 7.44 -35.63
C ALA J 263 74.12 8.66 -34.84
N ASP J 264 74.69 9.64 -35.52
CA ASP J 264 75.24 10.83 -34.89
C ASP J 264 74.39 12.04 -35.24
N TRP J 265 74.04 12.83 -34.23
CA TRP J 265 73.41 14.13 -34.41
C TRP J 265 74.40 15.26 -34.18
N LYS J 266 75.65 15.06 -34.62
CA LYS J 266 76.70 16.05 -34.40
C LYS J 266 76.37 17.38 -35.06
N LEU J 267 75.78 17.35 -36.26
CA LEU J 267 75.49 18.56 -37.00
C LEU J 267 74.64 19.53 -36.20
N ILE J 268 73.75 19.01 -35.34
CA ILE J 268 72.95 19.87 -34.48
C ILE J 268 73.86 20.65 -33.52
N GLY J 269 74.90 19.99 -33.01
CA GLY J 269 75.82 20.68 -32.12
C GLY J 269 76.65 21.74 -32.81
N GLU J 270 76.87 21.58 -34.11
CA GLU J 270 77.65 22.55 -34.88
C GLU J 270 76.84 23.79 -35.27
N THR J 271 75.52 23.78 -35.10
CA THR J 271 74.70 24.81 -35.73
C THR J 271 73.70 25.47 -34.79
N LEU J 272 72.95 24.68 -34.02
CA LEU J 272 71.82 25.23 -33.28
C LEU J 272 72.29 26.02 -32.06
N VAL J 273 71.42 26.93 -31.61
CA VAL J 273 71.66 27.80 -30.47
C VAL J 273 70.40 27.86 -29.63
N ASN J 274 70.50 27.47 -28.35
CA ASN J 274 69.33 27.32 -27.50
C ASN J 274 68.62 28.66 -27.29
N ASN J 275 67.29 28.62 -27.41
CA ASN J 275 66.43 29.79 -27.24
C ASN J 275 65.55 29.60 -26.01
N THR J 276 64.95 30.69 -25.55
CA THR J 276 63.98 30.66 -24.46
C THR J 276 62.60 31.03 -24.99
N TYR J 277 61.58 30.32 -24.54
CA TYR J 277 60.19 30.63 -24.85
C TYR J 277 59.52 31.16 -23.58
N LYS J 278 59.08 32.41 -23.63
CA LYS J 278 58.43 33.08 -22.50
C LYS J 278 59.23 32.89 -21.23
N GLY J 279 60.55 32.99 -21.33
CA GLY J 279 61.44 32.85 -20.21
C GLY J 279 61.82 31.42 -19.86
N ALA J 280 61.29 30.42 -20.54
CA ALA J 280 61.55 29.03 -20.23
C ALA J 280 62.65 28.49 -21.12
N GLN J 281 63.64 27.85 -20.51
CA GLN J 281 64.82 27.40 -21.23
C GLN J 281 64.50 26.19 -22.11
N LYS J 282 64.73 26.33 -23.41
CA LYS J 282 64.63 25.21 -24.34
C LYS J 282 66.02 24.64 -24.59
N THR J 283 66.15 23.33 -24.46
CA THR J 283 67.44 22.66 -24.51
C THR J 283 67.43 21.58 -25.59
N VAL J 284 68.47 21.55 -26.42
CA VAL J 284 68.65 20.53 -27.44
C VAL J 284 70.11 20.07 -27.39
N TYR J 285 70.32 18.78 -27.61
CA TYR J 285 71.65 18.18 -27.53
C TYR J 285 72.09 17.68 -28.90
N ALA J 286 73.30 17.12 -28.93
CA ALA J 286 73.86 16.49 -30.12
C ALA J 286 74.30 15.08 -29.76
N PRO J 287 73.35 14.16 -29.55
CA PRO J 287 73.69 12.85 -29.00
C PRO J 287 74.36 11.96 -30.03
N LEU J 288 74.84 10.82 -29.52
CA LEU J 288 75.22 9.68 -30.34
C LEU J 288 74.53 8.46 -29.76
N ALA J 289 73.81 7.72 -30.61
CA ALA J 289 73.03 6.57 -30.18
C ALA J 289 73.47 5.34 -30.97
N LEU J 290 74.00 4.35 -30.26
CA LEU J 290 74.44 3.12 -30.88
C LEU J 290 73.31 2.09 -30.85
N PHE J 291 73.13 1.39 -31.97
CA PHE J 291 72.15 0.34 -32.09
C PHE J 291 72.82 -0.92 -32.62
N ALA J 292 72.26 -2.08 -32.28
CA ALA J 292 72.79 -3.36 -32.72
C ALA J 292 71.63 -4.26 -33.13
N VAL J 293 71.91 -5.18 -34.03
CA VAL J 293 70.93 -6.18 -34.45
C VAL J 293 71.30 -7.52 -33.84
N PRO J 294 70.32 -8.32 -33.42
CA PRO J 294 70.65 -9.62 -32.83
C PRO J 294 71.38 -10.49 -33.81
N PRO J 295 72.26 -11.37 -33.33
CA PRO J 295 73.06 -12.20 -34.25
C PRO J 295 72.17 -13.14 -35.05
N GLY J 296 72.62 -13.46 -36.26
CA GLY J 296 71.85 -14.28 -37.17
C GLY J 296 70.80 -13.53 -37.96
N GLY J 297 70.54 -12.27 -37.65
CA GLY J 297 69.60 -11.48 -38.42
C GLY J 297 68.33 -11.14 -37.66
N GLY J 298 68.16 -9.87 -37.32
CA GLY J 298 66.97 -9.41 -36.65
C GLY J 298 66.76 -7.93 -36.84
N SER J 299 65.79 -7.40 -36.09
CA SER J 299 65.47 -5.98 -36.17
C SER J 299 66.41 -5.17 -35.30
N LEU J 300 66.48 -3.86 -35.59
CA LEU J 300 67.35 -2.97 -34.84
C LEU J 300 66.90 -2.88 -33.38
N ALA J 301 67.87 -2.64 -32.49
CA ALA J 301 67.59 -2.54 -31.06
C ALA J 301 68.62 -1.64 -30.40
N PRO J 302 68.22 -0.82 -29.43
CA PRO J 302 69.13 0.19 -28.89
C PRO J 302 70.13 -0.39 -27.91
N VAL J 303 71.21 0.36 -27.70
CA VAL J 303 72.29 -0.04 -26.81
C VAL J 303 72.67 1.09 -25.87
N ALA J 304 73.12 2.21 -26.43
CA ALA J 304 73.70 3.28 -25.62
C ALA J 304 73.32 4.64 -26.18
N ILE J 305 73.44 5.66 -25.32
CA ILE J 305 73.19 7.05 -25.68
C ILE J 305 74.18 7.92 -24.90
N GLN J 306 74.92 8.75 -25.62
CA GLN J 306 75.71 9.80 -24.98
C GLN J 306 75.14 11.15 -25.40
N PRO J 307 74.56 11.92 -24.49
CA PRO J 307 73.80 13.12 -24.91
C PRO J 307 74.60 14.15 -25.67
N GLY J 308 75.91 14.26 -25.44
CA GLY J 308 76.70 15.29 -26.07
C GLY J 308 77.89 14.71 -26.82
N GLN J 309 78.36 15.48 -27.81
CA GLN J 309 79.54 15.09 -28.55
C GLN J 309 80.77 15.02 -27.65
N THR J 310 80.85 15.90 -26.66
CA THR J 310 82.05 16.02 -25.84
C THR J 310 81.90 15.16 -24.59
N PRO J 311 82.83 14.23 -24.33
CA PRO J 311 82.77 13.47 -23.08
C PRO J 311 83.09 14.37 -21.89
N SER J 312 82.30 14.26 -20.84
CA SER J 312 82.34 15.23 -19.75
C SER J 312 81.98 14.55 -18.45
N PRO J 313 82.32 15.15 -17.31
CA PRO J 313 81.65 14.76 -16.06
C PRO J 313 80.16 15.08 -16.09
N THR J 314 79.75 16.07 -16.90
CA THR J 314 78.35 16.44 -17.06
C THR J 314 77.74 15.83 -18.32
N ASN J 315 78.29 14.69 -18.77
CA ASN J 315 77.84 14.05 -20.00
C ASN J 315 78.44 12.64 -20.10
N LYS J 316 77.64 11.61 -19.86
CA LYS J 316 78.15 10.25 -19.88
C LYS J 316 77.15 9.32 -20.53
N ILE J 317 77.60 8.09 -20.77
CA ILE J 317 76.83 7.11 -21.53
C ILE J 317 75.76 6.50 -20.65
N TYR J 318 74.53 6.48 -21.14
CA TYR J 318 73.42 5.78 -20.49
C TYR J 318 73.09 4.54 -21.29
N ALA J 319 72.73 3.46 -20.60
CA ALA J 319 72.44 2.19 -21.23
C ALA J 319 71.03 1.73 -20.93
N THR J 320 70.66 0.56 -21.44
CA THR J 320 69.27 0.11 -21.45
C THR J 320 68.70 -0.17 -20.06
N GLN J 321 69.56 -0.42 -19.06
CA GLN J 321 69.10 -0.78 -17.73
C GLN J 321 69.25 0.35 -16.72
N ASP J 322 69.32 1.59 -17.18
CA ASP J 322 69.53 2.73 -16.29
C ASP J 322 68.22 3.39 -15.86
N GLY J 323 67.08 2.77 -16.17
CA GLY J 323 65.83 3.22 -15.57
C GLY J 323 65.34 4.55 -16.11
N ASN J 324 65.02 5.47 -15.19
CA ASN J 324 64.40 6.73 -15.56
C ASN J 324 65.37 7.66 -16.31
N ASP J 325 66.68 7.47 -16.15
CA ASP J 325 67.62 8.24 -16.93
C ASP J 325 67.62 7.80 -18.39
N TRP J 326 67.52 6.48 -18.63
CA TRP J 326 67.54 5.95 -19.98
C TRP J 326 66.41 6.53 -20.82
N LEU J 327 65.19 6.59 -20.26
CA LEU J 327 64.08 7.18 -20.99
C LEU J 327 64.33 8.65 -21.27
N ALA J 328 64.85 9.39 -20.29
CA ALA J 328 65.19 10.79 -20.51
C ALA J 328 66.33 10.96 -21.50
N ALA J 329 67.13 9.90 -21.71
CA ALA J 329 68.17 9.95 -22.74
C ALA J 329 67.60 9.65 -24.12
N LYS J 330 66.65 8.71 -24.20
CA LYS J 330 65.94 8.51 -25.46
C LYS J 330 65.09 9.72 -25.81
N SER J 331 64.49 10.37 -24.81
CA SER J 331 63.76 11.60 -25.07
C SER J 331 64.67 12.72 -25.54
N ALA J 332 65.92 12.74 -25.06
CA ALA J 332 66.87 13.74 -25.55
C ALA J 332 67.26 13.47 -27.01
N VAL J 333 67.45 12.20 -27.35
CA VAL J 333 67.75 11.85 -28.74
C VAL J 333 66.58 12.23 -29.65
N GLN J 334 65.35 11.93 -29.19
CA GLN J 334 64.18 12.22 -29.99
C GLN J 334 64.01 13.72 -30.22
N VAL J 335 64.39 14.54 -29.25
CA VAL J 335 64.33 15.99 -29.43
C VAL J 335 65.30 16.42 -30.53
N ALA J 336 66.46 15.77 -30.61
CA ALA J 336 67.43 16.11 -31.63
C ALA J 336 66.93 15.70 -33.02
N GLU J 337 66.42 14.47 -33.14
CA GLU J 337 65.84 14.03 -34.39
C GLU J 337 64.72 14.96 -34.85
N GLY J 338 63.96 15.54 -33.92
CA GLY J 338 62.90 16.45 -34.30
C GLY J 338 63.41 17.71 -34.97
N ASN J 339 64.40 18.36 -34.34
CA ASN J 339 65.03 19.52 -34.96
C ASN J 339 65.74 19.13 -36.25
N TYR J 340 66.37 17.96 -36.26
CA TYR J 340 67.11 17.51 -37.44
C TYR J 340 66.16 17.21 -38.60
N HIS J 341 65.21 16.30 -38.38
CA HIS J 341 64.32 15.88 -39.45
C HIS J 341 63.63 17.07 -40.09
N GLU J 342 63.03 17.95 -39.27
CA GLU J 342 62.18 18.99 -39.82
C GLU J 342 62.97 20.04 -40.59
N LEU J 343 64.25 20.23 -40.27
CA LEU J 343 65.06 21.23 -40.94
C LEU J 343 66.10 20.66 -41.88
N VAL J 344 66.63 19.47 -41.60
CA VAL J 344 67.57 18.83 -42.52
C VAL J 344 66.81 17.88 -43.43
N SER J 345 66.36 16.76 -42.89
CA SER J 345 65.78 15.70 -43.71
C SER J 345 64.51 16.15 -44.42
N HIS J 346 63.75 17.06 -43.82
CA HIS J 346 62.46 17.42 -44.38
C HIS J 346 62.51 18.73 -45.16
N LEU J 347 62.61 19.85 -44.45
CA LEU J 347 62.56 21.14 -45.13
C LEU J 347 63.87 21.50 -45.80
N GLY J 348 64.97 20.83 -45.46
CA GLY J 348 66.21 21.07 -46.13
C GLY J 348 66.38 20.25 -47.40
N LEU J 349 66.37 18.93 -47.26
CA LEU J 349 66.75 18.04 -48.34
C LEU J 349 65.57 17.54 -49.16
N THR J 350 64.42 18.22 -49.09
CA THR J 350 63.35 17.98 -50.06
C THR J 350 62.81 19.32 -50.55
N HIS J 351 62.20 20.09 -49.66
CA HIS J 351 61.59 21.37 -50.03
C HIS J 351 62.61 22.30 -50.66
N LEU J 352 63.68 22.61 -49.92
CA LEU J 352 64.65 23.60 -50.38
C LEU J 352 65.59 23.06 -51.45
N LEU J 353 65.86 21.75 -51.44
CA LEU J 353 66.70 21.18 -52.49
C LEU J 353 66.01 21.22 -53.84
N LEU J 354 64.68 21.15 -53.86
CA LEU J 354 63.94 21.13 -55.11
C LEU J 354 63.56 22.51 -55.61
N GLU J 355 63.53 23.53 -54.75
CA GLU J 355 63.19 24.88 -55.17
C GLU J 355 64.06 25.39 -56.32
N PRO J 356 65.39 25.24 -56.30
CA PRO J 356 66.17 25.75 -57.44
C PRO J 356 65.93 24.96 -58.73
N ILE J 357 65.75 23.64 -58.62
CA ILE J 357 65.49 22.84 -59.81
C ILE J 357 64.15 23.21 -60.42
N VAL J 358 63.18 23.63 -59.59
CA VAL J 358 61.93 24.16 -60.13
C VAL J 358 62.18 25.44 -60.90
N MET J 359 63.09 26.29 -60.39
CA MET J 359 63.35 27.57 -61.03
C MET J 359 64.12 27.40 -62.33
N ALA J 360 65.15 26.55 -62.34
CA ALA J 360 65.92 26.35 -63.55
C ALA J 360 65.10 25.65 -64.64
N THR J 361 64.20 24.75 -64.25
CA THR J 361 63.38 24.06 -65.24
C THR J 361 62.45 25.02 -65.96
N TYR J 362 61.86 25.98 -65.24
CA TYR J 362 61.02 26.98 -65.88
C TYR J 362 61.84 27.91 -66.76
N ARG J 363 63.03 28.31 -66.30
CA ARG J 363 63.77 29.40 -66.93
C ARG J 363 64.75 28.94 -68.00
N GLN J 364 64.97 27.65 -68.18
CA GLN J 364 65.88 27.17 -69.22
C GLN J 364 65.29 26.09 -70.12
N LEU J 365 64.25 25.37 -69.70
CA LEU J 365 63.62 24.36 -70.53
C LEU J 365 62.27 24.88 -71.03
N ALA J 366 62.06 24.78 -72.34
CA ALA J 366 60.84 25.24 -72.96
C ALA J 366 59.69 24.29 -72.68
N GLN J 367 58.46 24.77 -72.91
CA GLN J 367 57.29 23.92 -72.77
C GLN J 367 57.30 22.80 -73.81
N HIS J 368 57.89 23.04 -74.97
CA HIS J 368 58.04 22.01 -75.99
C HIS J 368 59.25 21.11 -75.75
N HIS J 369 59.99 21.32 -74.65
CA HIS J 369 61.10 20.43 -74.31
C HIS J 369 60.57 19.17 -73.64
N PRO J 370 61.14 18.00 -73.94
CA PRO J 370 60.59 16.76 -73.38
C PRO J 370 60.80 16.62 -71.88
N ILE J 371 61.95 17.04 -71.36
CA ILE J 371 62.20 16.88 -69.93
C ILE J 371 61.32 17.83 -69.12
N TYR J 372 60.98 19.00 -69.68
CA TYR J 372 59.98 19.85 -69.06
C TYR J 372 58.68 19.09 -68.84
N MET J 373 58.31 18.23 -69.79
CA MET J 373 57.10 17.43 -69.65
C MET J 373 57.24 16.39 -68.56
N LEU J 374 58.46 15.90 -68.32
CA LEU J 374 58.66 14.89 -67.29
C LEU J 374 58.58 15.49 -65.89
N LEU J 375 59.29 16.60 -65.66
CA LEU J 375 59.52 17.13 -64.32
C LEU J 375 58.45 18.08 -63.81
N ILE J 376 57.95 18.97 -64.67
CA ILE J 376 57.04 20.03 -64.22
C ILE J 376 55.87 19.52 -63.39
N PRO J 377 55.14 18.47 -63.80
CA PRO J 377 54.02 18.00 -62.97
C PRO J 377 54.45 17.50 -61.60
N HIS J 378 55.71 17.10 -61.44
CA HIS J 378 56.24 16.77 -60.12
C HIS J 378 56.62 18.02 -59.32
N PHE J 379 56.52 19.20 -59.92
CA PHE J 379 56.83 20.45 -59.25
C PHE J 379 55.57 21.22 -58.88
N GLU J 380 54.40 20.61 -59.04
CA GLU J 380 53.15 21.28 -58.74
C GLU J 380 53.04 21.59 -57.25
N GLY J 381 52.59 22.80 -56.93
CA GLY J 381 52.50 23.25 -55.56
C GLY J 381 53.79 23.41 -54.83
N THR J 382 54.92 22.93 -55.39
CA THR J 382 56.20 23.04 -54.71
C THR J 382 56.58 24.50 -54.50
N LEU J 383 56.36 25.36 -55.50
CA LEU J 383 56.64 26.77 -55.32
C LEU J 383 55.71 27.41 -54.29
N SER J 384 54.43 27.04 -54.32
CA SER J 384 53.47 27.68 -53.42
C SER J 384 53.69 27.24 -51.98
N ILE J 385 53.94 25.96 -51.75
CA ILE J 385 54.17 25.50 -50.37
C ILE J 385 55.51 26.03 -49.85
N ASN J 386 56.50 26.18 -50.72
CA ASN J 386 57.79 26.70 -50.29
C ASN J 386 57.74 28.20 -50.00
N ASN J 387 56.73 28.90 -50.51
CA ASN J 387 56.54 30.30 -50.15
C ASN J 387 55.76 30.46 -48.85
N SER J 388 54.76 29.60 -48.62
CA SER J 388 54.06 29.59 -47.34
C SER J 388 54.97 29.16 -46.20
N ALA J 389 56.04 28.43 -46.48
CA ALA J 389 57.01 28.08 -45.45
C ALA J 389 57.93 29.24 -45.12
N ALA J 390 58.55 29.84 -46.16
CA ALA J 390 59.54 30.89 -45.93
C ALA J 390 58.94 32.10 -45.24
N THR J 391 57.66 32.38 -45.47
CA THR J 391 57.03 33.57 -44.93
C THR J 391 56.17 33.31 -43.71
N ASN J 392 56.13 32.07 -43.20
CA ASN J 392 55.26 31.80 -42.06
C ASN J 392 55.78 30.69 -41.15
N LEU J 393 55.98 29.48 -41.68
CA LEU J 393 56.35 28.35 -40.84
C LEU J 393 57.73 28.54 -40.22
N ILE J 394 58.74 28.77 -41.06
CA ILE J 394 60.11 28.90 -40.56
C ILE J 394 60.44 30.37 -40.42
N ALA J 395 59.42 31.20 -40.44
CA ALA J 395 59.59 32.62 -40.20
C ALA J 395 59.56 32.90 -38.70
N PRO J 396 60.09 34.03 -38.26
CA PRO J 396 59.95 34.40 -36.85
C PRO J 396 58.48 34.53 -36.48
N GLY J 397 58.18 34.15 -35.24
CA GLY J 397 56.81 34.15 -34.81
C GLY J 397 55.99 32.97 -35.30
N GLY J 398 56.63 32.04 -36.01
CA GLY J 398 55.95 30.87 -36.53
C GLY J 398 56.10 29.66 -35.64
N ALA J 399 55.62 28.53 -36.15
CA ALA J 399 55.58 27.31 -35.36
C ALA J 399 56.98 26.82 -35.01
N VAL J 400 57.90 26.84 -35.97
CA VAL J 400 59.24 26.32 -35.73
C VAL J 400 59.95 27.13 -34.66
N ASP J 401 59.79 28.46 -34.69
CA ASP J 401 60.51 29.31 -33.74
C ASP J 401 60.06 29.05 -32.31
N LEU J 402 58.77 28.81 -32.11
CA LEU J 402 58.25 28.59 -30.77
C LEU J 402 58.49 27.17 -30.29
N ILE J 403 58.04 26.18 -31.07
CA ILE J 403 58.02 24.81 -30.59
C ILE J 403 59.41 24.20 -30.52
N PHE J 404 60.30 24.60 -31.41
CA PHE J 404 61.61 23.99 -31.48
C PHE J 404 62.62 24.73 -30.60
N ALA J 405 63.75 24.09 -30.35
CA ALA J 405 64.68 24.53 -29.32
C ALA J 405 65.48 25.76 -29.71
N GLY J 406 65.97 25.81 -30.95
CA GLY J 406 66.87 26.87 -31.34
C GLY J 406 66.18 28.18 -31.65
N THR J 407 66.99 29.23 -31.76
CA THR J 407 66.53 30.47 -32.37
C THR J 407 66.27 30.24 -33.85
N ILE J 408 65.35 31.03 -34.42
CA ILE J 408 65.00 30.83 -35.82
C ILE J 408 66.20 31.08 -36.72
N GLU J 409 67.16 31.89 -36.26
CA GLU J 409 68.36 32.12 -37.06
C GLU J 409 69.31 30.94 -36.99
N SER J 410 69.24 30.17 -35.89
CA SER J 410 70.06 28.98 -35.79
C SER J 410 69.45 27.79 -36.54
N GLU J 411 68.11 27.78 -36.66
CA GLU J 411 67.45 26.68 -37.36
C GLU J 411 67.67 26.77 -38.86
N HIS J 412 67.70 27.99 -39.41
CA HIS J 412 67.98 28.15 -40.83
C HIS J 412 69.41 27.72 -41.16
N GLN J 413 70.37 28.05 -40.30
CA GLN J 413 71.75 27.65 -40.54
C GLN J 413 71.91 26.13 -40.49
N LEU J 414 71.06 25.44 -39.73
CA LEU J 414 71.09 23.98 -39.72
C LEU J 414 70.75 23.43 -41.10
N ALA J 415 69.65 23.90 -41.69
CA ALA J 415 69.26 23.45 -43.01
C ALA J 415 70.31 23.80 -44.06
N LEU J 416 70.80 25.05 -44.03
CA LEU J 416 71.70 25.50 -45.08
C LEU J 416 73.01 24.73 -45.07
N ALA J 417 73.49 24.34 -43.88
CA ALA J 417 74.72 23.57 -43.82
C ALA J 417 74.53 22.17 -44.40
N ALA J 418 73.38 21.56 -44.16
CA ALA J 418 73.10 20.26 -44.74
C ALA J 418 72.88 20.35 -46.25
N LEU J 419 72.37 21.48 -46.73
CA LEU J 419 72.26 21.70 -48.16
C LEU J 419 73.63 21.90 -48.80
N LYS J 420 74.57 22.50 -48.07
CA LYS J 420 75.87 22.83 -48.64
C LYS J 420 76.77 21.61 -48.75
N ARG J 421 76.63 20.64 -47.85
CA ARG J 421 77.46 19.44 -47.89
C ARG J 421 76.83 18.30 -48.70
N HIS J 422 75.60 18.48 -49.18
CA HIS J 422 74.94 17.45 -49.95
C HIS J 422 75.60 17.29 -51.32
N ASP J 423 75.75 16.05 -51.76
CA ASP J 423 76.28 15.74 -53.09
C ASP J 423 75.13 15.21 -53.91
N PHE J 424 74.55 16.08 -54.77
CA PHE J 424 73.35 15.71 -55.50
C PHE J 424 73.57 14.51 -56.40
N MET J 425 74.75 14.43 -57.02
CA MET J 425 74.98 13.39 -58.01
C MET J 425 75.27 12.02 -57.39
N ARG J 426 75.63 11.98 -56.10
CA ARG J 426 75.90 10.71 -55.43
C ARG J 426 74.89 10.43 -54.31
N SER J 427 73.75 11.11 -54.32
CA SER J 427 72.73 10.94 -53.30
C SER J 427 71.62 10.00 -53.73
N GLY J 428 71.82 9.23 -54.80
CA GLY J 428 70.83 8.22 -55.18
C GLY J 428 70.64 7.22 -54.05
N LEU J 429 69.38 6.84 -53.82
CA LEU J 429 69.06 5.94 -52.72
C LEU J 429 69.85 4.66 -52.73
N PRO J 430 70.00 3.94 -53.85
CA PRO J 430 70.90 2.76 -53.84
C PRO J 430 72.35 3.13 -53.57
N ASP J 431 72.75 4.38 -53.84
CA ASP J 431 74.12 4.81 -53.59
C ASP J 431 74.33 5.16 -52.12
N THR J 432 73.35 5.83 -51.50
CA THR J 432 73.47 6.15 -50.08
C THR J 432 73.37 4.91 -49.20
N ILE J 433 72.60 3.90 -49.64
CA ILE J 433 72.42 2.69 -48.85
C ILE J 433 73.76 2.00 -48.62
N GLU J 434 74.60 1.92 -49.65
CA GLU J 434 75.91 1.30 -49.50
C GLU J 434 76.93 2.23 -48.86
N GLN J 435 76.69 3.54 -48.85
CA GLN J 435 77.58 4.46 -48.16
C GLN J 435 77.44 4.34 -46.65
N ARG J 436 76.28 3.93 -46.17
CA ARG J 436 75.99 3.81 -44.75
C ARG J 436 76.07 2.38 -44.24
N GLY J 437 76.38 1.43 -45.11
CA GLY J 437 76.54 0.04 -44.70
C GLY J 437 75.27 -0.67 -44.31
N VAL J 438 74.11 -0.16 -44.69
CA VAL J 438 72.82 -0.75 -44.34
C VAL J 438 72.27 -1.60 -45.49
N GLY J 439 73.12 -2.07 -46.39
CA GLY J 439 72.69 -2.74 -47.60
C GLY J 439 72.10 -4.12 -47.44
N ASP J 440 72.78 -4.97 -46.66
CA ASP J 440 72.46 -6.40 -46.65
C ASP J 440 71.11 -6.64 -45.99
N THR J 441 70.18 -7.25 -46.76
CA THR J 441 68.89 -7.64 -46.21
C THR J 441 68.99 -8.85 -45.28
N SER J 442 70.15 -9.53 -45.26
CA SER J 442 70.30 -10.74 -44.46
C SER J 442 70.63 -10.44 -43.01
N VAL J 443 71.33 -9.34 -42.73
CA VAL J 443 71.70 -8.98 -41.37
C VAL J 443 70.64 -8.05 -40.78
N LEU J 444 70.69 -6.78 -41.16
CA LEU J 444 69.63 -5.85 -40.78
C LEU J 444 68.37 -6.16 -41.56
N THR J 445 67.54 -7.06 -41.01
CA THR J 445 66.39 -7.56 -41.77
C THR J 445 65.25 -6.56 -41.83
N ASP J 446 65.09 -5.72 -40.82
CA ASP J 446 63.98 -4.78 -40.75
C ASP J 446 64.51 -3.37 -41.07
N TYR J 447 64.28 -2.93 -42.30
CA TYR J 447 64.56 -1.56 -42.71
C TYR J 447 63.54 -1.19 -43.79
N PRO J 448 62.31 -0.89 -43.38
CA PRO J 448 61.23 -0.73 -44.38
C PRO J 448 61.48 0.38 -45.37
N TYR J 449 62.04 1.51 -44.92
CA TYR J 449 62.39 2.60 -45.82
C TYR J 449 63.27 2.12 -46.96
N ARG J 450 64.29 1.33 -46.63
CA ARG J 450 65.19 0.80 -47.65
C ARG J 450 64.45 -0.15 -48.59
N ASP J 451 63.86 -1.21 -48.03
CA ASP J 451 63.28 -2.27 -48.87
C ASP J 451 62.11 -1.76 -49.69
N ASP J 452 61.21 -0.99 -49.08
CA ASP J 452 60.10 -0.43 -49.83
C ASP J 452 60.56 0.71 -50.74
N GLY J 453 61.52 1.50 -50.29
CA GLY J 453 62.01 2.60 -51.11
C GLY J 453 62.83 2.16 -52.29
N LEU J 454 63.56 1.05 -52.16
CA LEU J 454 64.33 0.56 -53.30
C LEU J 454 63.42 0.05 -54.42
N LYS J 455 62.23 -0.44 -54.07
CA LYS J 455 61.30 -0.86 -55.11
C LYS J 455 60.73 0.34 -55.86
N ILE J 456 60.53 1.45 -55.15
CA ILE J 456 59.99 2.65 -55.79
C ILE J 456 61.07 3.36 -56.60
N TRP J 457 62.31 3.37 -56.08
CA TRP J 457 63.42 3.91 -56.87
C TRP J 457 63.64 3.09 -58.13
N ALA J 458 63.54 1.77 -58.01
CA ALA J 458 63.73 0.90 -59.17
C ALA J 458 62.67 1.16 -60.23
N ASN J 459 61.43 1.42 -59.80
CA ASN J 459 60.36 1.67 -60.76
C ASN J 459 60.56 2.98 -61.49
N ILE J 460 60.91 4.05 -60.76
CA ILE J 460 61.07 5.36 -61.37
C ILE J 460 62.22 5.33 -62.39
N GLU J 461 63.26 4.56 -62.10
CA GLU J 461 64.43 4.55 -62.99
C GLU J 461 64.10 3.91 -64.33
N ARG J 462 63.37 2.78 -64.33
CA ARG J 462 62.91 2.21 -65.59
C ARG J 462 62.03 3.20 -66.35
N TRP J 463 61.29 4.02 -65.62
CA TRP J 463 60.42 5.03 -66.25
C TRP J 463 61.23 6.18 -66.83
N VAL J 464 62.20 6.69 -66.06
CA VAL J 464 63.05 7.76 -66.55
C VAL J 464 63.95 7.25 -67.66
N THR J 465 64.48 6.03 -67.53
CA THR J 465 65.38 5.50 -68.54
C THR J 465 64.67 5.32 -69.87
N ALA J 466 63.43 4.82 -69.85
CA ALA J 466 62.67 4.66 -71.07
C ALA J 466 62.25 6.01 -71.65
N TYR J 467 61.96 6.99 -70.78
CA TYR J 467 61.60 8.32 -71.25
C TYR J 467 62.80 9.04 -71.85
N VAL J 468 63.93 9.02 -71.14
CA VAL J 468 65.14 9.67 -71.63
C VAL J 468 65.59 9.04 -72.94
N ASN J 469 65.46 7.71 -73.06
CA ASN J 469 65.92 7.04 -74.27
C ASN J 469 64.93 7.15 -75.42
N ASN J 470 63.67 7.46 -75.16
CA ASN J 470 62.72 7.66 -76.25
C ASN J 470 62.98 8.97 -76.97
N TYR J 471 63.32 10.03 -76.22
CA TYR J 471 63.52 11.35 -76.81
C TYR J 471 64.98 11.64 -77.11
N TYR J 472 65.89 11.28 -76.22
CA TYR J 472 67.32 11.43 -76.46
C TYR J 472 67.82 10.13 -77.09
N ILE J 473 68.01 10.15 -78.41
CA ILE J 473 68.37 8.94 -79.15
C ILE J 473 69.86 8.89 -79.48
N SER J 474 70.65 9.80 -78.91
CA SER J 474 72.10 9.77 -79.09
C SER J 474 72.73 10.58 -77.96
N GLU J 475 73.98 10.23 -77.64
CA GLU J 475 74.73 11.08 -76.74
C GLU J 475 75.06 12.42 -77.37
N ALA J 476 74.92 12.55 -78.69
CA ALA J 476 74.96 13.85 -79.33
C ALA J 476 73.69 14.65 -79.01
N ASN J 477 72.53 14.01 -79.08
CA ASN J 477 71.27 14.65 -78.71
C ASN J 477 71.36 15.34 -77.34
N VAL J 478 72.22 14.84 -76.45
CA VAL J 478 72.37 15.44 -75.14
C VAL J 478 73.21 16.71 -75.21
N THR J 479 74.45 16.59 -75.69
CA THR J 479 75.40 17.69 -75.61
C THR J 479 75.02 18.86 -76.53
N GLN J 480 74.15 18.66 -77.50
CA GLN J 480 73.71 19.74 -78.37
C GLN J 480 72.40 20.38 -77.92
N ASP J 481 71.84 19.93 -76.81
CA ASP J 481 70.64 20.53 -76.21
C ASP J 481 71.11 21.78 -75.48
N THR J 482 71.03 22.93 -76.17
CA THR J 482 71.49 24.18 -75.57
C THR J 482 70.68 24.52 -74.31
N GLU J 483 69.38 24.20 -74.32
CA GLU J 483 68.54 24.49 -73.16
C GLU J 483 68.95 23.63 -71.96
N LEU J 484 69.02 22.31 -72.15
CA LEU J 484 69.38 21.42 -71.04
C LEU J 484 70.78 21.74 -70.51
N GLN J 485 71.69 22.18 -71.37
CA GLN J 485 73.02 22.56 -70.90
C GLN J 485 72.96 23.83 -70.05
N ALA J 486 72.17 24.82 -70.49
CA ALA J 486 71.95 26.00 -69.66
C ALA J 486 71.23 25.63 -68.38
N TRP J 487 70.24 24.72 -68.48
CA TRP J 487 69.60 24.17 -67.30
C TRP J 487 70.60 23.60 -66.31
N ALA J 488 71.62 22.89 -66.82
CA ALA J 488 72.66 22.37 -65.95
C ALA J 488 73.58 23.47 -65.42
N ALA J 489 73.74 24.56 -66.19
CA ALA J 489 74.65 25.62 -65.78
C ALA J 489 74.16 26.30 -64.51
N VAL J 490 72.89 26.69 -64.48
CA VAL J 490 72.35 27.36 -63.28
C VAL J 490 72.39 26.41 -62.09
N LEU J 491 72.13 25.13 -62.32
CA LEU J 491 72.13 24.16 -61.23
C LEU J 491 73.52 23.66 -60.86
N SER J 492 74.53 23.89 -61.70
CA SER J 492 75.91 23.55 -61.36
C SER J 492 76.66 24.72 -60.74
N LYS J 493 76.01 25.87 -60.57
CA LYS J 493 76.68 27.04 -60.01
C LYS J 493 77.08 26.81 -58.56
N PRO J 494 78.04 27.57 -58.06
CA PRO J 494 78.45 27.43 -56.66
C PRO J 494 77.29 27.67 -55.71
N PHE J 495 77.41 27.09 -54.51
CA PHE J 495 76.33 27.18 -53.53
C PHE J 495 76.07 28.62 -53.10
N ALA J 496 77.11 29.46 -53.11
CA ALA J 496 76.93 30.86 -52.72
C ALA J 496 76.11 31.62 -53.75
N GLU J 497 76.17 31.22 -55.00
CA GLU J 497 75.48 31.93 -56.08
C GLU J 497 74.08 31.39 -56.35
N GLY J 498 73.71 30.26 -55.76
CA GLY J 498 72.36 29.75 -55.89
C GLY J 498 72.25 28.35 -56.47
N GLY J 499 73.39 27.69 -56.67
CA GLY J 499 73.38 26.39 -57.28
C GLY J 499 73.03 25.27 -56.32
N VAL J 500 72.85 24.08 -56.90
CA VAL J 500 72.63 22.86 -56.14
C VAL J 500 73.96 22.13 -56.03
N SER J 501 74.36 21.83 -54.80
CA SER J 501 75.69 21.31 -54.55
C SER J 501 75.90 19.95 -55.22
N GLY J 502 76.99 19.82 -55.97
CA GLY J 502 77.35 18.58 -56.60
C GLY J 502 76.38 18.12 -57.67
N PHE J 503 76.02 19.02 -58.58
CA PHE J 503 75.04 18.74 -59.62
C PHE J 503 75.66 18.30 -60.93
N GLY J 504 76.96 18.52 -61.14
CA GLY J 504 77.61 18.24 -62.39
C GLY J 504 77.54 16.78 -62.79
N PRO J 505 77.61 16.50 -64.10
CA PRO J 505 77.65 17.55 -65.12
C PRO J 505 76.50 17.52 -66.14
N ILE J 506 75.70 16.44 -66.13
CA ILE J 506 74.63 16.23 -67.11
C ILE J 506 75.21 16.28 -68.52
N ASP J 507 76.15 15.38 -68.82
CA ASP J 507 76.74 15.29 -70.15
C ASP J 507 76.39 13.99 -70.88
N THR J 508 75.82 13.01 -70.19
CA THR J 508 75.44 11.75 -70.80
C THR J 508 73.97 11.47 -70.53
N ARG J 509 73.40 10.58 -71.36
CA ARG J 509 72.03 10.15 -71.13
C ARG J 509 71.86 9.52 -69.74
N ALA J 510 72.92 8.87 -69.24
CA ALA J 510 72.87 8.33 -67.90
C ALA J 510 72.81 9.44 -66.84
N ALA J 511 73.57 10.53 -67.06
CA ALA J 511 73.54 11.64 -66.12
C ALA J 511 72.18 12.32 -66.08
N LEU J 512 71.49 12.37 -67.22
CA LEU J 512 70.13 12.91 -67.21
C LEU J 512 69.14 11.95 -66.58
N ILE J 513 69.36 10.63 -66.73
CA ILE J 513 68.48 9.65 -66.12
C ILE J 513 68.53 9.78 -64.60
N PHE J 514 69.74 9.90 -64.04
CA PHE J 514 69.87 9.98 -62.59
C PHE J 514 69.21 11.24 -62.06
N ALA J 515 69.57 12.41 -62.61
CA ALA J 515 69.02 13.66 -62.12
C ALA J 515 67.51 13.69 -62.22
N CYS J 516 66.94 13.00 -63.21
CA CYS J 516 65.48 12.95 -63.30
C CYS J 516 64.89 11.93 -62.34
N THR J 517 65.59 10.82 -62.10
CA THR J 517 65.12 9.86 -61.10
C THR J 517 65.26 10.42 -59.69
N LYS J 518 66.38 11.08 -59.40
CA LYS J 518 66.59 11.68 -58.10
C LYS J 518 65.58 12.78 -57.82
N VAL J 519 65.23 13.57 -58.84
CA VAL J 519 64.25 14.63 -58.65
C VAL J 519 62.87 14.05 -58.40
N ILE J 520 62.49 13.03 -59.19
CA ILE J 520 61.15 12.45 -59.04
C ILE J 520 61.03 11.70 -57.72
N PHE J 521 62.13 11.09 -57.24
CA PHE J 521 62.06 10.39 -55.96
C PHE J 521 61.86 11.37 -54.81
N THR J 522 62.67 12.43 -54.77
CA THR J 522 62.55 13.40 -53.68
C THR J 522 61.29 14.25 -53.77
N ALA J 523 60.72 14.39 -54.96
CA ALA J 523 59.42 15.07 -55.07
C ALA J 523 58.30 14.19 -54.54
N SER J 524 58.51 12.87 -54.54
CA SER J 524 57.45 11.89 -54.30
C SER J 524 57.82 10.96 -53.15
N ALA J 525 58.67 9.95 -53.38
CA ALA J 525 58.88 8.90 -52.39
C ALA J 525 59.65 9.39 -51.17
N GLU J 526 60.75 10.13 -51.39
CA GLU J 526 61.49 10.66 -50.26
C GLU J 526 60.67 11.69 -49.49
N HIS J 527 59.83 12.47 -50.19
CA HIS J 527 58.98 13.42 -49.49
C HIS J 527 57.88 12.71 -48.72
N SER J 528 57.39 11.57 -49.22
CA SER J 528 56.39 10.82 -48.48
C SER J 528 56.97 10.24 -47.20
N ALA J 529 58.20 9.74 -47.26
CA ALA J 529 58.85 9.16 -46.09
C ALA J 529 59.23 10.19 -45.04
N VAL J 530 59.10 11.48 -45.34
CA VAL J 530 59.45 12.52 -44.38
C VAL J 530 58.30 13.48 -44.07
N ASN J 531 57.30 13.62 -44.95
CA ASN J 531 56.22 14.56 -44.69
C ASN J 531 55.09 13.97 -43.86
N PHE J 532 54.72 12.73 -44.14
CA PHE J 532 53.55 12.11 -43.51
C PHE J 532 53.82 11.45 -42.16
N PRO J 533 55.06 10.99 -41.86
CA PRO J 533 55.36 10.58 -40.49
C PRO J 533 55.04 11.63 -39.45
N GLN J 534 54.91 12.89 -39.87
CA GLN J 534 54.56 13.97 -38.95
C GLN J 534 53.19 13.75 -38.32
N LYS J 535 52.19 13.39 -39.13
CA LYS J 535 50.86 13.17 -38.58
C LYS J 535 50.81 11.91 -37.73
N ASP J 536 51.50 10.85 -38.15
CA ASP J 536 51.39 9.56 -37.50
C ASP J 536 52.36 9.35 -36.35
N LEU J 537 53.54 9.98 -36.39
CA LEU J 537 54.59 9.71 -35.42
C LEU J 537 55.10 10.91 -34.65
N MET J 538 54.62 12.13 -34.94
CA MET J 538 55.20 13.32 -34.33
C MET J 538 54.19 14.28 -33.72
N SER J 539 52.89 14.02 -33.88
CA SER J 539 51.90 14.89 -33.26
C SER J 539 51.95 14.84 -31.74
N TYR J 540 52.52 13.79 -31.17
CA TYR J 540 52.57 13.60 -29.73
C TYR J 540 53.90 14.15 -29.21
N ALA J 541 53.85 15.29 -28.53
CA ALA J 541 55.06 15.88 -27.98
C ALA J 541 55.79 14.97 -27.00
N PRO J 542 55.13 14.23 -26.10
CA PRO J 542 55.87 13.29 -25.25
C PRO J 542 56.67 12.27 -26.04
N ALA J 543 56.14 11.82 -27.17
CA ALA J 543 56.89 10.90 -28.02
C ALA J 543 58.06 11.60 -28.69
N ILE J 544 57.82 12.80 -29.23
CA ILE J 544 58.86 13.59 -29.88
C ILE J 544 58.35 15.02 -30.04
N THR J 545 59.21 16.01 -29.77
CA THR J 545 58.84 17.40 -29.91
C THR J 545 60.08 18.20 -30.24
N GLY J 546 59.91 19.52 -30.33
CA GLY J 546 61.00 20.37 -30.81
C GLY J 546 62.07 20.62 -29.77
N ALA J 547 61.72 20.51 -28.50
CA ALA J 547 62.67 20.86 -27.46
C ALA J 547 62.38 20.08 -26.19
N GLY J 548 63.43 19.88 -25.39
CA GLY J 548 63.25 19.50 -24.01
C GLY J 548 63.03 20.76 -23.17
N TRP J 549 62.16 20.63 -22.18
CA TRP J 549 61.76 21.79 -21.40
C TRP J 549 62.22 21.72 -19.94
N THR J 550 62.86 20.64 -19.55
CA THR J 550 63.86 20.72 -18.49
C THR J 550 65.18 20.69 -19.19
N ALA J 551 66.08 19.84 -18.73
CA ALA J 551 67.31 19.63 -19.47
C ALA J 551 67.84 18.21 -19.22
N ALA J 552 68.56 17.69 -20.22
CA ALA J 552 69.51 16.62 -20.06
C ALA J 552 68.88 15.25 -19.79
N PRO J 553 69.60 14.18 -20.06
CA PRO J 553 69.13 12.83 -19.69
C PRO J 553 69.12 12.60 -18.19
N PRO J 554 70.03 13.22 -17.38
CA PRO J 554 69.89 13.07 -15.92
C PRO J 554 68.51 13.52 -15.44
N SER J 555 67.65 12.55 -15.18
CA SER J 555 66.25 12.82 -14.84
C SER J 555 66.16 13.49 -13.48
N GLN J 556 65.84 14.79 -13.48
CA GLN J 556 65.77 15.54 -12.22
C GLN J 556 64.47 15.26 -11.48
N GLY J 557 63.37 15.07 -12.19
CA GLY J 557 62.09 14.85 -11.55
C GLY J 557 61.07 14.17 -12.44
N PRO J 558 59.80 14.50 -12.23
CA PRO J 558 58.72 13.85 -12.99
C PRO J 558 58.83 14.12 -14.48
N LEU J 559 58.30 13.18 -15.26
CA LEU J 559 58.40 13.27 -16.72
C LEU J 559 57.56 14.41 -17.28
N LYS J 560 56.51 14.83 -16.56
CA LYS J 560 55.64 15.88 -17.08
C LYS J 560 56.34 17.24 -17.15
N ASP J 561 57.46 17.41 -16.46
CA ASP J 561 58.17 18.68 -16.50
C ASP J 561 59.07 18.81 -17.72
N PHE J 562 59.47 17.70 -18.33
CA PHE J 562 60.31 17.74 -19.52
C PHE J 562 59.53 18.10 -20.78
N GLN J 563 58.22 17.87 -20.80
CA GLN J 563 57.42 18.07 -21.99
C GLN J 563 57.14 19.56 -22.20
N PRO J 564 56.73 19.95 -23.41
CA PRO J 564 56.49 21.37 -23.69
C PRO J 564 55.24 21.87 -23.01
N PRO J 565 55.06 23.19 -22.93
CA PRO J 565 53.80 23.75 -22.42
C PRO J 565 52.62 23.32 -23.27
N LEU J 566 51.42 23.58 -22.75
CA LEU J 566 50.21 23.07 -23.41
C LEU J 566 49.88 23.84 -24.67
N GLU J 567 50.15 25.15 -24.71
CA GLU J 567 49.87 25.92 -25.91
C GLU J 567 50.76 25.46 -27.06
N LEU J 568 52.06 25.27 -26.80
CA LEU J 568 52.94 24.78 -27.84
C LEU J 568 52.66 23.32 -28.18
N ALA J 569 52.25 22.52 -27.18
CA ALA J 569 51.94 21.12 -27.44
C ALA J 569 50.72 20.99 -28.35
N GLU J 570 49.68 21.79 -28.09
CA GLU J 570 48.52 21.78 -28.98
C GLU J 570 48.89 22.29 -30.37
N LEU J 571 49.73 23.32 -30.44
CA LEU J 571 50.16 23.85 -31.73
C LEU J 571 51.00 22.82 -32.48
N GLN J 572 51.84 22.07 -31.77
CA GLN J 572 52.58 20.99 -32.41
C GLN J 572 51.65 19.93 -32.98
N ALA J 573 50.66 19.52 -32.19
CA ALA J 573 49.68 18.56 -32.67
C ALA J 573 48.95 19.08 -33.91
N GLU J 574 48.54 20.35 -33.89
CA GLU J 574 47.65 20.86 -34.92
C GLU J 574 48.38 21.19 -36.21
N PHE J 575 49.61 21.72 -36.13
CA PHE J 575 50.31 22.06 -37.37
C PHE J 575 51.00 20.85 -37.99
N LEU J 576 51.43 19.89 -37.17
CA LEU J 576 51.98 18.66 -37.73
C LEU J 576 50.88 17.74 -38.26
N TYR J 577 49.71 17.75 -37.61
CA TYR J 577 48.54 17.09 -38.19
C TYR J 577 48.20 17.68 -39.55
N LEU J 578 48.44 18.99 -39.72
CA LEU J 578 48.13 19.64 -40.99
C LEU J 578 49.12 19.23 -42.07
N LEU J 579 50.42 19.43 -41.81
CA LEU J 579 51.42 19.14 -42.82
C LEU J 579 51.50 17.64 -43.13
N GLY J 580 51.17 16.79 -42.17
CA GLY J 580 51.32 15.35 -42.38
C GLY J 580 50.10 14.63 -42.90
N GLY J 581 48.96 15.32 -43.04
CA GLY J 581 47.74 14.64 -43.38
C GLY J 581 47.04 15.11 -44.64
N VAL J 582 47.79 15.35 -45.71
CA VAL J 582 47.21 15.71 -47.00
C VAL J 582 47.93 14.92 -48.09
N HIS J 583 47.23 14.00 -48.72
CA HIS J 583 47.70 13.29 -49.90
C HIS J 583 46.93 13.83 -51.10
N HIS J 584 47.60 14.67 -51.90
CA HIS J 584 47.04 15.20 -53.12
C HIS J 584 47.89 14.73 -54.29
N THR J 585 47.22 14.30 -55.37
CA THR J 585 47.81 13.68 -56.56
C THR J 585 48.59 12.41 -56.24
N LYS J 586 48.75 11.52 -57.22
CA LYS J 586 49.34 10.20 -57.02
C LYS J 586 50.48 9.98 -57.98
N LEU J 587 51.56 9.37 -57.47
CA LEU J 587 52.71 9.06 -58.32
C LEU J 587 52.30 8.07 -59.41
N GLY J 588 52.65 8.41 -60.65
CA GLY J 588 52.34 7.58 -61.80
C GLY J 588 51.20 8.09 -62.66
N PHE J 589 50.51 9.14 -62.25
CA PHE J 589 49.36 9.67 -62.97
C PHE J 589 49.57 11.17 -63.17
N TYR J 590 49.92 11.55 -64.39
CA TYR J 590 50.35 12.90 -64.73
C TYR J 590 49.16 13.65 -65.32
N ASN J 591 48.58 14.55 -64.53
CA ASN J 591 47.51 15.43 -64.98
C ASN J 591 47.97 16.88 -64.81
N SER J 592 47.03 17.81 -64.99
CA SER J 592 47.32 19.23 -64.85
C SER J 592 46.82 19.72 -63.50
N ASN J 593 46.86 21.04 -63.31
CA ASN J 593 46.32 21.68 -62.11
C ASN J 593 45.05 22.48 -62.41
N SER J 594 44.50 22.34 -63.62
CA SER J 594 43.29 23.04 -64.01
C SER J 594 42.06 22.18 -63.72
N PHE J 595 40.89 22.82 -63.75
CA PHE J 595 39.65 22.16 -63.35
C PHE J 595 39.39 20.82 -64.05
N PRO J 596 39.55 20.69 -65.37
CA PRO J 596 39.32 19.37 -65.98
C PRO J 596 40.26 18.30 -65.43
N TYR J 597 41.44 18.68 -64.95
CA TYR J 597 42.48 17.74 -64.54
C TYR J 597 42.72 16.71 -65.63
N ARG J 598 42.72 17.18 -66.88
CA ARG J 598 42.96 16.33 -68.03
C ARG J 598 44.41 15.85 -68.02
N ALA J 599 44.62 14.64 -68.55
CA ALA J 599 45.94 14.04 -68.54
C ALA J 599 46.96 14.93 -69.21
N TRP J 600 48.18 14.92 -68.69
CA TRP J 600 49.17 15.92 -69.10
C TRP J 600 49.85 15.55 -70.41
N PHE J 601 50.34 14.32 -70.51
CA PHE J 601 51.07 13.91 -71.71
C PHE J 601 50.14 13.89 -72.92
N LYS J 602 50.69 14.21 -74.08
CA LYS J 602 49.92 14.27 -75.31
C LYS J 602 50.56 13.40 -76.39
N ASP J 603 51.88 13.21 -76.31
CA ASP J 603 52.59 12.30 -77.19
C ASP J 603 51.99 10.90 -77.06
N PRO J 604 51.45 10.31 -78.13
CA PRO J 604 50.78 9.02 -77.99
C PRO J 604 51.69 7.92 -77.47
N LYS J 605 52.99 8.00 -77.76
CA LYS J 605 53.95 7.00 -77.29
C LYS J 605 53.87 6.85 -75.77
N ILE J 606 53.95 7.97 -75.05
CA ILE J 606 53.91 7.92 -73.60
C ILE J 606 52.50 7.60 -73.11
N THR J 607 51.49 8.20 -73.73
CA THR J 607 50.12 8.04 -73.26
C THR J 607 49.67 6.59 -73.36
N ALA J 608 49.92 5.95 -74.49
CA ALA J 608 49.35 4.64 -74.79
C ALA J 608 50.37 3.50 -74.71
N GLU J 609 51.56 3.74 -74.17
CA GLU J 609 52.56 2.67 -74.13
C GLU J 609 53.57 2.82 -72.98
N LEU J 610 54.18 3.99 -72.85
CA LEU J 610 55.27 4.15 -71.89
C LEU J 610 54.77 4.35 -70.47
N LEU J 611 53.89 5.32 -70.27
CA LEU J 611 53.34 5.63 -68.94
C LEU J 611 52.50 4.49 -68.38
N PRO J 612 51.69 3.79 -69.18
CA PRO J 612 50.99 2.61 -68.63
C PRO J 612 51.92 1.57 -68.04
N ALA J 613 53.08 1.33 -68.66
CA ALA J 613 54.02 0.37 -68.10
C ALA J 613 54.52 0.83 -66.74
N PHE J 614 54.75 2.13 -66.58
CA PHE J 614 55.17 2.68 -65.31
C PHE J 614 54.11 2.44 -64.24
N GLN J 615 52.84 2.65 -64.59
CA GLN J 615 51.76 2.46 -63.63
C GLN J 615 51.64 1.02 -63.19
N ARG J 616 51.98 0.07 -64.07
CA ARG J 616 51.90 -1.35 -63.69
C ARG J 616 53.01 -1.72 -62.72
N ASP J 617 54.20 -1.16 -62.89
CA ASP J 617 55.31 -1.46 -61.97
C ASP J 617 54.98 -1.02 -60.55
N LEU J 618 54.38 0.16 -60.40
CA LEU J 618 53.96 0.60 -59.07
C LEU J 618 52.85 -0.29 -58.53
N ALA J 619 51.92 -0.71 -59.39
CA ALA J 619 50.87 -1.63 -58.95
C ALA J 619 51.44 -2.99 -58.58
N ALA J 620 52.56 -3.38 -59.19
CA ALA J 620 53.23 -4.62 -58.78
C ALA J 620 53.96 -4.43 -57.45
N SER J 621 54.61 -3.27 -57.27
CA SER J 621 55.24 -2.97 -56.00
C SER J 621 54.21 -2.79 -54.89
N GLU J 622 52.99 -2.39 -55.24
CA GLU J 622 51.93 -2.25 -54.26
C GLU J 622 51.65 -3.59 -53.58
N GLU J 623 51.39 -4.63 -54.36
CA GLU J 623 51.15 -5.96 -53.80
C GLU J 623 52.39 -6.56 -53.15
N LEU J 624 53.58 -6.01 -53.43
CA LEU J 624 54.79 -6.48 -52.79
C LEU J 624 55.11 -5.73 -51.49
N ILE J 625 54.69 -4.47 -51.38
CA ILE J 625 54.91 -3.70 -50.17
C ILE J 625 53.80 -3.95 -49.15
N VAL J 626 52.56 -4.05 -49.62
CA VAL J 626 51.44 -4.34 -48.72
C VAL J 626 51.65 -5.65 -47.99
N ALA J 627 52.08 -6.69 -48.72
CA ALA J 627 52.31 -7.99 -48.10
C ALA J 627 53.34 -7.89 -46.97
N ALA J 628 54.44 -7.18 -47.21
CA ALA J 628 55.45 -7.00 -46.18
C ALA J 628 54.90 -6.15 -45.04
N ASN J 629 54.13 -5.10 -45.36
CA ASN J 629 53.63 -4.20 -44.34
C ASN J 629 52.64 -4.87 -43.39
N ALA J 630 51.85 -5.83 -43.90
CA ALA J 630 50.83 -6.46 -43.07
C ALA J 630 51.44 -7.27 -41.94
N THR J 631 52.61 -7.87 -42.16
CA THR J 631 53.22 -8.73 -41.15
C THR J 631 53.96 -7.93 -40.09
N ARG J 632 54.47 -6.76 -40.43
CA ARG J 632 55.25 -5.97 -39.49
C ARG J 632 54.36 -5.45 -38.35
N THR J 633 54.96 -5.34 -37.17
CA THR J 633 54.25 -4.74 -36.03
C THR J 633 54.32 -3.23 -36.05
N PHE J 634 55.36 -2.66 -36.66
CA PHE J 634 55.46 -1.23 -36.91
C PHE J 634 55.41 -1.03 -38.42
N LYS J 635 54.26 -0.61 -38.92
CA LYS J 635 53.96 -0.62 -40.35
C LYS J 635 54.47 0.63 -41.04
N TYR J 636 54.85 0.47 -42.31
CA TYR J 636 55.44 1.54 -43.10
C TYR J 636 54.60 1.73 -44.35
N THR J 637 53.67 2.69 -44.30
CA THR J 637 52.77 2.98 -45.40
C THR J 637 53.22 4.16 -46.24
N TYR J 638 54.45 4.63 -46.03
CA TYR J 638 54.93 5.85 -46.68
C TYR J 638 55.62 5.59 -48.00
N MET J 639 55.86 4.33 -48.35
CA MET J 639 56.35 3.95 -49.67
C MET J 639 55.31 3.17 -50.46
N ILE J 640 54.05 3.22 -50.03
CA ILE J 640 52.96 2.56 -50.75
C ILE J 640 52.63 3.42 -51.95
N PRO J 641 52.84 2.91 -53.18
CA PRO J 641 52.70 3.78 -54.37
C PRO J 641 51.34 4.47 -54.50
N SER J 642 50.26 3.81 -54.07
CA SER J 642 48.94 4.43 -54.16
C SER J 642 48.82 5.66 -53.27
N THR J 643 49.64 5.77 -52.22
CA THR J 643 49.60 6.93 -51.33
C THR J 643 50.66 7.96 -51.67
N ILE J 644 51.70 7.59 -52.41
CA ILE J 644 52.79 8.51 -52.72
C ILE J 644 52.29 9.59 -53.67
N PRO J 645 52.47 10.87 -53.36
CA PRO J 645 52.07 11.94 -54.27
C PRO J 645 53.16 12.25 -55.29
N MET J 646 52.77 12.98 -56.33
CA MET J 646 53.72 13.31 -57.40
C MET J 646 54.71 14.39 -56.97
N SER J 647 54.29 15.33 -56.14
CA SER J 647 55.05 16.54 -55.89
C SER J 647 55.20 16.78 -54.39
N ILE J 648 56.00 17.78 -54.07
CA ILE J 648 56.00 18.39 -52.75
C ILE J 648 54.89 19.42 -52.76
N ASN J 649 53.74 19.09 -52.15
CA ASN J 649 52.59 19.98 -52.15
C ASN J 649 52.27 20.57 -50.80
N ILE J 650 52.52 19.82 -49.73
CA ILE J 650 52.45 20.36 -48.38
C ILE J 650 53.83 20.20 -47.79
N ASN K 3 -1.33 23.40 -32.32
CA ASN K 3 -1.73 24.52 -31.47
C ASN K 3 -2.92 25.28 -32.07
N ILE K 4 -3.74 25.84 -31.19
CA ILE K 4 -4.95 26.55 -31.59
C ILE K 4 -4.83 27.98 -31.10
N PRO K 5 -5.01 28.99 -31.95
CA PRO K 5 -4.93 30.38 -31.50
C PRO K 5 -6.04 30.73 -30.52
N THR K 6 -5.77 31.73 -29.70
CA THR K 6 -6.72 32.17 -28.69
C THR K 6 -6.91 33.67 -28.78
N LEU K 7 -8.13 34.12 -28.49
CA LEU K 7 -8.34 35.51 -28.17
C LEU K 7 -7.61 35.83 -26.86
N PRO K 8 -7.15 37.07 -26.68
CA PRO K 8 -6.30 37.36 -25.51
C PRO K 8 -7.03 37.22 -24.19
N GLN K 9 -8.33 37.47 -24.14
CA GLN K 9 -9.08 37.31 -22.89
C GLN K 9 -9.44 35.86 -22.61
N ASN K 10 -9.07 34.94 -23.48
CA ASN K 10 -9.30 33.52 -23.26
C ASN K 10 -8.00 32.72 -23.16
N ASP K 11 -6.86 33.37 -23.35
CA ASP K 11 -5.59 32.66 -23.41
C ASP K 11 -5.25 32.11 -22.04
N PRO K 12 -4.96 30.81 -21.92
CA PRO K 12 -4.68 30.23 -20.60
C PRO K 12 -3.33 30.65 -20.03
N ARG K 13 -2.48 31.34 -20.79
CA ARG K 13 -1.19 31.80 -20.30
C ARG K 13 -1.00 33.26 -20.72
N PRO K 14 -1.72 34.19 -20.09
CA PRO K 14 -1.67 35.59 -20.56
C PRO K 14 -0.32 36.26 -20.35
N GLU K 15 0.33 36.04 -19.21
CA GLU K 15 1.58 36.75 -18.92
C GLU K 15 2.65 36.45 -19.96
N GLN K 16 2.71 35.21 -20.44
CA GLN K 16 3.67 34.86 -21.48
C GLN K 16 3.33 35.54 -22.80
N ARG K 17 2.04 35.64 -23.10
CA ARG K 17 1.60 36.33 -24.32
C ARG K 17 2.01 37.80 -24.28
N ALA K 18 1.90 38.44 -23.12
CA ALA K 18 2.29 39.84 -23.01
C ALA K 18 3.79 40.03 -23.13
N GLN K 19 4.57 39.04 -22.70
CA GLN K 19 6.03 39.16 -22.81
C GLN K 19 6.49 39.02 -24.25
N GLN K 20 5.79 38.23 -25.05
CA GLN K 20 6.11 38.14 -26.47
C GLN K 20 5.74 39.43 -27.18
N LEU K 21 4.61 40.03 -26.82
CA LEU K 21 4.19 41.28 -27.44
C LEU K 21 5.14 42.42 -27.09
N ASP K 22 5.68 42.42 -25.87
CA ASP K 22 6.66 43.43 -25.50
C ASP K 22 7.96 43.24 -26.28
N LYS K 23 8.23 42.02 -26.70
CA LYS K 23 9.43 41.76 -27.50
C LYS K 23 9.20 42.08 -28.98
N ALA K 24 7.98 41.87 -29.46
CA ALA K 24 7.66 42.26 -30.83
C ALA K 24 7.77 43.77 -31.02
N ARG K 25 7.42 44.54 -29.97
CA ARG K 25 7.57 45.98 -30.03
C ARG K 25 9.02 46.43 -29.96
N GLU K 26 9.90 45.60 -29.38
CA GLU K 26 11.33 45.88 -29.45
C GLU K 26 11.89 45.60 -30.84
N THR K 27 11.29 44.64 -31.56
CA THR K 27 11.81 44.23 -32.86
C THR K 27 11.32 45.14 -33.98
N TYR K 28 10.06 45.56 -33.92
CA TYR K 28 9.44 46.39 -34.95
C TYR K 28 9.24 47.79 -34.35
N LYS K 29 10.18 48.68 -34.61
CA LYS K 29 10.14 50.03 -34.07
C LYS K 29 9.90 51.03 -35.20
N TYR K 30 9.24 52.13 -34.84
CA TYR K 30 8.81 53.11 -35.84
C TYR K 30 9.94 54.07 -36.17
N ALA K 31 10.23 54.20 -37.46
CA ALA K 31 11.12 55.22 -37.99
C ALA K 31 10.33 56.13 -38.92
N ASP K 32 10.98 57.21 -39.35
CA ASP K 32 10.36 58.11 -40.31
C ASP K 32 11.15 58.11 -41.61
N LEU K 33 11.33 56.93 -42.21
CA LEU K 33 12.06 56.86 -43.47
C LEU K 33 11.35 57.65 -44.57
N LEU K 34 10.03 57.59 -44.61
CA LEU K 34 9.23 58.52 -45.37
C LEU K 34 8.28 59.21 -44.39
N PRO K 35 8.40 60.52 -44.21
CA PRO K 35 7.68 61.21 -43.12
C PRO K 35 6.19 61.26 -43.38
N PRO K 36 5.41 62.09 -42.62
CA PRO K 36 4.02 61.75 -42.27
C PRO K 36 3.56 60.28 -42.23
N LEU K 37 4.45 59.29 -42.37
CA LEU K 37 3.98 57.92 -42.44
C LEU K 37 4.65 57.04 -41.39
N ALA K 38 3.96 55.95 -41.06
CA ALA K 38 4.39 55.00 -40.03
C ALA K 38 5.21 53.91 -40.71
N PHE K 39 6.53 53.98 -40.57
CA PHE K 39 7.47 53.13 -41.30
C PHE K 39 8.10 52.12 -40.35
N CYS K 40 9.35 51.75 -40.62
CA CYS K 40 10.05 50.71 -39.88
C CYS K 40 11.54 51.02 -39.89
N GLU K 41 12.21 50.71 -38.78
CA GLU K 41 13.66 50.92 -38.68
C GLU K 41 14.35 49.79 -39.42
N GLY K 42 14.74 50.04 -40.66
CA GLY K 42 15.32 49.03 -41.51
C GLY K 42 14.29 47.95 -41.81
N VAL K 43 14.81 46.77 -42.13
CA VAL K 43 14.00 45.57 -42.29
C VAL K 43 14.32 44.65 -41.12
N PRO K 44 13.36 44.37 -40.23
CA PRO K 44 13.63 43.45 -39.12
C PRO K 44 14.05 42.09 -39.65
N LYS K 45 15.07 41.52 -39.03
CA LYS K 45 15.66 40.27 -39.50
C LYS K 45 14.64 39.16 -39.76
N PRO K 46 13.58 38.98 -38.96
CA PRO K 46 12.55 38.00 -39.34
C PRO K 46 11.95 38.24 -40.72
N ASP K 47 11.59 39.49 -41.04
CA ASP K 47 10.99 39.81 -42.33
C ASP K 47 12.01 39.98 -43.45
N THR K 48 13.25 39.52 -43.26
CA THR K 48 14.18 39.45 -44.36
C THR K 48 13.64 38.49 -45.42
N PRO K 49 13.81 38.82 -46.71
CA PRO K 49 13.17 38.01 -47.76
C PRO K 49 13.70 36.58 -47.75
N SER K 50 12.80 35.65 -48.08
CA SER K 50 13.17 34.25 -48.16
C SER K 50 14.18 34.01 -49.30
N ALA K 51 14.92 32.92 -49.19
CA ALA K 51 15.82 32.53 -50.27
C ALA K 51 15.03 32.24 -51.54
N ALA K 52 13.84 31.66 -51.40
CA ALA K 52 12.98 31.41 -52.55
C ALA K 52 12.71 32.70 -53.31
N TRP K 53 12.37 33.77 -52.58
CA TRP K 53 12.18 35.07 -53.21
C TRP K 53 13.48 35.56 -53.85
N LEU K 54 14.58 35.45 -53.11
CA LEU K 54 15.87 35.93 -53.62
C LEU K 54 16.24 35.25 -54.94
N VAL K 55 16.07 33.93 -55.01
CA VAL K 55 16.40 33.21 -56.24
C VAL K 55 15.49 33.68 -57.38
N THR K 56 14.18 33.72 -57.12
CA THR K 56 13.24 34.15 -58.15
C THR K 56 13.56 35.56 -58.64
N VAL K 57 14.00 36.44 -57.74
CA VAL K 57 14.32 37.80 -58.14
C VAL K 57 15.70 37.88 -58.79
N GLY K 58 16.64 37.05 -58.35
CA GLY K 58 17.96 37.05 -58.96
C GLY K 58 17.93 36.65 -60.42
N LYS K 59 17.07 35.69 -60.77
CA LYS K 59 16.99 35.24 -62.16
C LYS K 59 16.48 36.36 -63.07
N VAL K 60 15.50 37.13 -62.60
CA VAL K 60 14.96 38.20 -63.43
C VAL K 60 15.94 39.38 -63.47
N ALA K 61 16.59 39.67 -62.35
CA ALA K 61 17.56 40.77 -62.32
C ALA K 61 18.77 40.48 -63.20
N ALA K 62 19.15 39.21 -63.33
CA ALA K 62 20.27 38.86 -64.19
C ALA K 62 19.94 39.09 -65.65
N ALA K 63 18.75 38.71 -66.08
CA ALA K 63 18.34 38.96 -67.47
C ALA K 63 18.32 40.44 -67.79
N VAL K 64 17.98 41.27 -66.81
CA VAL K 64 18.01 42.72 -67.00
C VAL K 64 19.45 43.19 -67.24
N ALA K 65 20.39 42.66 -66.46
CA ALA K 65 21.80 42.99 -66.69
C ALA K 65 22.27 42.46 -68.04
N LEU K 66 21.84 41.25 -68.40
CA LEU K 66 22.21 40.69 -69.70
C LEU K 66 21.69 41.56 -70.84
N ASN K 67 20.44 42.03 -70.73
CA ASN K 67 19.90 42.92 -71.75
C ASN K 67 20.62 44.25 -71.78
N ALA K 68 21.14 44.70 -70.63
CA ALA K 68 21.93 45.93 -70.62
C ALA K 68 23.26 45.74 -71.33
N VAL K 69 23.86 44.55 -71.22
CA VAL K 69 25.13 44.29 -71.89
C VAL K 69 24.92 44.16 -73.39
N ALA K 70 23.89 43.42 -73.81
CA ALA K 70 23.62 43.28 -75.24
C ALA K 70 23.37 44.63 -75.90
N ASN K 71 22.65 45.52 -75.21
CA ASN K 71 22.49 46.88 -75.72
C ASN K 71 23.81 47.63 -75.76
N ARG K 72 24.81 47.22 -74.97
CA ARG K 72 26.11 47.87 -75.01
C ARG K 72 26.96 47.34 -76.16
N ARG K 73 26.79 46.07 -76.55
CA ARG K 73 27.43 45.58 -77.77
C ARG K 73 26.97 46.39 -78.97
N ALA K 74 25.69 46.73 -79.03
CA ALA K 74 25.13 47.35 -80.22
C ALA K 74 25.63 48.78 -80.39
N TRP K 75 25.77 49.53 -79.30
CA TRP K 75 26.14 50.93 -79.37
C TRP K 75 27.55 51.11 -79.95
N PHE K 87 35.69 43.67 -75.56
CA PHE K 87 35.93 42.49 -74.74
C PHE K 87 35.49 42.78 -73.31
N ASP K 88 35.35 44.07 -72.99
CA ASP K 88 34.71 44.44 -71.73
C ASP K 88 33.28 43.95 -71.69
N VAL K 89 32.51 44.24 -72.75
CA VAL K 89 31.17 43.70 -72.88
C VAL K 89 31.17 42.18 -73.02
N GLY K 90 32.29 41.60 -73.45
CA GLY K 90 32.43 40.16 -73.51
C GLY K 90 32.69 39.57 -72.14
N GLY K 91 33.46 40.28 -71.33
CA GLY K 91 33.78 39.78 -69.99
C GLY K 91 32.62 39.93 -69.03
N THR K 92 32.02 41.12 -68.99
CA THR K 92 30.88 41.36 -68.10
C THR K 92 29.69 40.48 -68.43
N SER K 93 29.68 39.82 -69.58
CA SER K 93 28.55 38.98 -69.95
C SER K 93 28.58 37.64 -69.24
N GLU K 94 29.78 37.10 -69.01
CA GLU K 94 29.89 35.76 -68.43
C GLU K 94 29.74 35.76 -66.92
N GLU K 95 30.10 36.86 -66.25
CA GLU K 95 29.95 36.91 -64.81
C GLU K 95 28.49 36.97 -64.41
N ASP K 96 27.67 37.69 -65.18
CA ASP K 96 26.23 37.62 -64.99
C ASP K 96 25.70 36.22 -65.25
N GLN K 97 26.27 35.54 -66.25
CA GLN K 97 25.92 34.15 -66.48
C GLN K 97 26.41 33.27 -65.34
N ASN K 98 27.56 33.62 -64.75
CA ASN K 98 28.06 32.88 -63.60
C ASN K 98 27.10 32.97 -62.42
N GLU K 99 26.52 34.14 -62.20
CA GLU K 99 25.61 34.32 -61.07
C GLU K 99 24.34 33.49 -61.24
N ALA K 100 23.84 33.37 -62.48
CA ALA K 100 22.69 32.51 -62.72
C ALA K 100 23.03 31.06 -62.42
N GLY K 101 24.26 30.64 -62.69
CA GLY K 101 24.69 29.30 -62.33
C GLY K 101 24.76 29.10 -60.83
N HIS K 102 25.21 30.15 -60.11
CA HIS K 102 25.21 30.09 -58.66
C HIS K 102 23.80 29.97 -58.11
N ASN K 103 22.86 30.70 -58.68
CA ASN K 103 21.48 30.65 -58.21
C ASN K 103 20.86 29.27 -58.43
N SER K 104 21.21 28.60 -59.53
CA SER K 104 20.57 27.33 -59.86
C SER K 104 20.95 26.24 -58.86
N PHE K 105 22.25 26.03 -58.64
CA PHE K 105 22.70 24.90 -57.84
C PHE K 105 23.11 25.29 -56.43
N LEU K 106 23.96 26.31 -56.28
CA LEU K 106 24.46 26.69 -54.96
C LEU K 106 23.31 27.00 -54.00
N ALA K 107 22.33 27.78 -54.47
CA ALA K 107 21.20 28.13 -53.61
C ALA K 107 20.25 26.98 -53.39
N ARG K 108 20.32 25.93 -54.23
CA ARG K 108 19.42 24.79 -54.10
C ARG K 108 19.66 24.00 -52.82
N LEU K 109 20.73 24.31 -52.08
CA LEU K 109 20.97 23.63 -50.81
C LEU K 109 19.83 23.84 -49.83
N GLU K 110 19.34 25.07 -49.72
CA GLU K 110 18.24 25.37 -48.82
C GLU K 110 17.15 26.17 -49.55
N PRO K 125 25.20 34.06 -49.14
CA PRO K 125 26.38 34.39 -49.95
C PRO K 125 25.99 35.09 -51.24
N SER K 126 25.80 34.32 -52.32
CA SER K 126 25.31 34.89 -53.56
C SER K 126 23.87 35.37 -53.42
N VAL K 127 23.08 34.70 -52.59
CA VAL K 127 21.69 35.08 -52.39
C VAL K 127 21.60 36.41 -51.66
N LEU K 128 22.23 36.50 -50.49
CA LEU K 128 22.09 37.68 -49.64
C LEU K 128 22.53 38.95 -50.36
N ASP K 129 23.76 38.95 -50.88
CA ASP K 129 24.31 40.17 -51.44
C ASP K 129 23.82 40.42 -52.86
N GLU K 130 24.37 39.68 -53.83
CA GLU K 130 24.21 39.99 -55.25
C GLU K 130 22.76 40.32 -55.63
N VAL K 131 21.82 39.46 -55.23
CA VAL K 131 20.42 39.68 -55.60
C VAL K 131 19.95 41.04 -55.09
N ASN K 132 20.03 41.25 -53.76
CA ASN K 132 19.61 42.52 -53.20
C ASN K 132 20.41 43.68 -53.75
N GLU K 133 21.72 43.49 -53.98
CA GLU K 133 22.53 44.54 -54.54
C GLU K 133 22.09 44.90 -55.95
N ARG K 134 21.80 43.88 -56.77
CA ARG K 134 21.34 44.13 -58.14
C ARG K 134 19.97 44.80 -58.14
N VAL K 135 19.08 44.39 -57.23
CA VAL K 135 17.77 45.03 -57.13
C VAL K 135 17.92 46.51 -56.79
N ALA K 136 18.91 46.83 -55.95
CA ALA K 136 19.11 48.22 -55.53
C ALA K 136 19.59 49.09 -56.68
N ALA K 137 20.53 48.58 -57.49
CA ALA K 137 21.07 49.38 -58.58
C ALA K 137 20.01 49.64 -59.65
N ILE K 138 19.17 48.65 -59.94
CA ILE K 138 18.16 48.82 -60.98
C ILE K 138 17.05 49.75 -60.49
N LEU K 139 16.59 49.57 -59.26
CA LEU K 139 15.58 50.48 -58.71
C LEU K 139 16.17 51.85 -58.40
N GLY K 140 17.45 51.92 -58.03
CA GLY K 140 18.08 53.18 -57.72
C GLY K 140 18.64 53.94 -58.89
N ALA K 141 18.47 53.42 -60.11
CA ALA K 141 18.94 54.09 -61.32
C ALA K 141 20.44 54.30 -61.30
N LYS K 142 21.16 53.48 -60.55
CA LYS K 142 22.59 53.61 -60.40
C LYS K 142 23.31 53.17 -61.67
N PRO K 143 24.51 53.72 -61.93
CA PRO K 143 25.25 53.34 -63.15
C PRO K 143 25.89 51.96 -63.05
N ASN K 144 26.77 51.66 -64.01
CA ASN K 144 27.58 50.45 -64.06
C ASN K 144 26.85 49.19 -63.65
N ARG K 145 25.56 49.10 -63.98
CA ARG K 145 24.79 47.87 -63.74
C ARG K 145 25.28 46.76 -64.64
N HIS K 146 26.53 46.33 -64.45
CA HIS K 146 27.16 45.36 -65.33
C HIS K 146 27.42 44.06 -64.58
N VAL K 147 28.34 44.04 -63.62
CA VAL K 147 28.56 42.87 -62.78
C VAL K 147 28.91 43.32 -61.36
N PRO K 148 28.31 42.71 -60.33
CA PRO K 148 28.71 43.04 -58.96
C PRO K 148 30.12 42.57 -58.68
N PRO K 149 30.84 43.21 -57.71
CA PRO K 149 32.29 43.08 -57.61
C PRO K 149 33.03 42.52 -58.82
N ALA K 150 33.34 43.39 -59.78
CA ALA K 150 34.15 43.01 -60.94
C ALA K 150 34.99 44.20 -61.41
N VAL K 174 25.77 60.40 -68.80
CA VAL K 174 25.43 59.02 -69.12
C VAL K 174 26.54 58.39 -69.96
N SER K 175 26.69 57.07 -69.85
CA SER K 175 27.73 56.36 -70.59
C SER K 175 27.55 56.54 -72.10
N LYS K 176 28.67 56.77 -72.79
CA LYS K 176 28.67 56.74 -74.24
C LYS K 176 28.80 55.34 -74.81
N ASP K 177 28.79 54.32 -73.94
CA ASP K 177 28.83 52.93 -74.37
C ASP K 177 27.49 52.23 -74.23
N GLY K 178 26.50 52.87 -73.62
CA GLY K 178 25.14 52.38 -73.61
C GLY K 178 24.23 53.34 -74.35
N PRO K 179 23.06 52.84 -74.79
CA PRO K 179 22.12 53.71 -75.50
C PRO K 179 21.78 54.99 -74.74
N ASN K 180 22.14 56.14 -75.30
CA ASN K 180 21.96 57.41 -74.63
C ASN K 180 21.51 58.48 -75.61
N GLY K 181 20.90 59.53 -75.06
CA GLY K 181 20.54 60.68 -75.85
C GLY K 181 19.31 60.47 -76.70
N ARG K 182 18.98 61.51 -77.48
CA ARG K 182 17.79 61.47 -78.32
C ARG K 182 17.95 60.44 -79.44
N PRO K 183 16.84 59.86 -79.90
CA PRO K 183 16.92 58.66 -80.74
C PRO K 183 17.11 58.94 -82.23
N GLN K 184 17.54 57.90 -82.93
CA GLN K 184 17.64 57.94 -84.39
C GLN K 184 16.27 57.77 -85.02
N SER K 185 15.54 56.74 -84.61
CA SER K 185 14.19 56.48 -85.09
C SER K 185 13.40 55.82 -83.97
N MET K 186 12.15 55.50 -84.26
CA MET K 186 11.32 54.77 -83.32
C MET K 186 11.75 53.31 -83.15
N ASP K 187 12.59 52.81 -84.06
CA ASP K 187 13.09 51.43 -83.94
C ASP K 187 13.90 51.24 -82.67
N ASP K 188 14.59 52.28 -82.22
CA ASP K 188 15.51 52.15 -81.10
C ASP K 188 14.80 51.70 -79.83
N TYR K 189 13.55 52.12 -79.64
CA TYR K 189 12.83 51.76 -78.42
C TYR K 189 12.48 50.27 -78.40
N ALA K 190 11.98 49.75 -79.52
CA ALA K 190 11.76 48.31 -79.61
C ALA K 190 13.07 47.54 -79.54
N ASN K 191 14.16 48.11 -80.08
CA ASN K 191 15.44 47.43 -80.12
C ASN K 191 16.13 47.38 -78.78
N LEU K 192 15.65 48.11 -77.77
CA LEU K 192 16.18 47.99 -76.42
C LEU K 192 15.85 46.65 -75.77
N PHE K 193 14.99 45.84 -76.39
CA PHE K 193 14.56 44.57 -75.82
C PHE K 193 15.28 43.43 -76.53
N ARG K 194 16.59 43.33 -76.25
CA ARG K 194 17.40 42.29 -76.87
C ARG K 194 17.28 40.97 -76.12
N ARG K 195 17.60 40.98 -74.83
CA ARG K 195 17.54 39.79 -74.01
C ARG K 195 16.28 39.71 -73.15
N ILE K 196 15.51 40.79 -73.09
CA ILE K 196 14.15 40.76 -72.55
C ILE K 196 13.19 40.89 -73.72
N THR K 197 12.02 40.28 -73.59
CA THR K 197 11.07 40.22 -74.69
C THR K 197 10.25 41.50 -74.77
N LEU K 198 10.12 42.03 -75.99
CA LEU K 198 9.32 43.23 -76.20
C LEU K 198 7.86 42.95 -75.81
N PRO K 199 7.21 43.83 -75.05
CA PRO K 199 5.84 43.58 -74.65
C PRO K 199 4.90 43.64 -75.84
N PRO K 200 3.77 42.93 -75.79
CA PRO K 200 2.86 42.91 -76.95
C PRO K 200 2.15 44.23 -77.20
N ILE K 201 2.14 45.15 -76.24
CA ILE K 201 1.49 46.43 -76.45
C ILE K 201 2.24 47.32 -77.43
N ALA K 202 3.48 46.97 -77.75
CA ALA K 202 4.30 47.82 -78.62
C ALA K 202 3.69 47.95 -80.01
N SER K 203 2.92 46.97 -80.44
CA SER K 203 2.32 46.96 -81.78
C SER K 203 0.81 47.17 -81.75
N THR K 204 0.31 47.89 -80.75
CA THR K 204 -1.14 48.05 -80.61
C THR K 204 -1.53 49.34 -79.91
N TRP K 205 -0.59 49.98 -79.19
CA TRP K 205 -0.94 51.11 -78.33
C TRP K 205 -1.55 52.28 -79.09
N LYS K 206 -1.26 52.43 -80.38
CA LYS K 206 -1.80 53.56 -81.13
C LYS K 206 -3.28 53.37 -81.46
N ASN K 207 -3.78 52.15 -81.40
CA ASN K 207 -5.21 51.91 -81.63
C ASN K 207 -6.05 52.52 -80.53
N ASP K 208 -7.18 53.12 -80.92
CA ASP K 208 -8.07 53.71 -79.93
C ASP K 208 -8.71 52.65 -79.04
N SER K 209 -8.96 51.45 -79.57
CA SER K 209 -9.53 50.38 -78.77
C SER K 209 -8.56 49.83 -77.74
N ALA K 210 -7.25 50.00 -77.95
CA ALA K 210 -6.27 49.61 -76.95
C ALA K 210 -6.10 50.71 -75.90
N PHE K 211 -6.18 51.98 -76.33
CA PHE K 211 -6.10 53.09 -75.39
C PHE K 211 -7.24 53.04 -74.38
N ALA K 212 -8.40 52.51 -74.77
CA ALA K 212 -9.51 52.34 -73.84
C ALA K 212 -9.36 51.09 -72.99
N ALA K 213 -8.57 50.12 -73.43
CA ALA K 213 -8.35 48.91 -72.63
C ALA K 213 -7.57 49.23 -71.36
N TYR K 214 -6.78 50.30 -71.37
CA TYR K 214 -5.98 50.66 -70.21
C TYR K 214 -6.83 51.14 -69.03
N ARG K 215 -8.07 51.57 -69.30
CA ARG K 215 -8.97 52.05 -68.26
C ARG K 215 -9.79 50.95 -67.62
N VAL K 216 -9.83 49.76 -68.24
CA VAL K 216 -10.58 48.63 -67.69
C VAL K 216 -9.76 47.36 -67.59
N ALA K 217 -8.63 47.25 -68.30
CA ALA K 217 -7.77 46.08 -68.17
C ALA K 217 -6.30 46.47 -68.10
N GLY K 218 -5.98 47.72 -67.77
CA GLY K 218 -4.62 48.16 -67.70
C GLY K 218 -4.17 48.42 -66.27
N PRO K 219 -3.09 49.19 -66.11
CA PRO K 219 -2.55 49.43 -64.76
C PRO K 219 -3.57 50.05 -63.81
N ASN K 220 -4.21 51.15 -64.21
CA ASN K 220 -5.19 51.83 -63.38
C ASN K 220 -6.57 51.59 -63.98
N ALA K 221 -7.21 50.51 -63.56
CA ALA K 221 -8.57 50.21 -63.99
C ALA K 221 -9.62 50.69 -63.00
N SER K 222 -9.24 51.54 -62.05
CA SER K 222 -10.13 52.04 -61.02
C SER K 222 -10.50 53.50 -61.23
N MET K 223 -10.36 54.00 -62.45
CA MET K 223 -10.39 55.44 -62.71
C MET K 223 -11.72 55.95 -63.24
N ILE K 224 -12.36 55.23 -64.16
CA ILE K 224 -13.48 55.80 -64.89
C ILE K 224 -14.71 55.93 -63.97
N GLN K 225 -15.39 57.07 -64.09
CA GLN K 225 -16.55 57.38 -63.27
C GLN K 225 -17.71 57.73 -64.19
N ARG K 226 -18.83 57.02 -64.03
CA ARG K 226 -20.00 57.25 -64.87
C ARG K 226 -20.56 58.65 -64.63
N ILE K 227 -21.00 59.30 -65.70
CA ILE K 227 -21.48 60.67 -65.64
C ILE K 227 -22.84 60.75 -66.32
N THR K 228 -23.78 61.45 -65.69
CA THR K 228 -25.05 61.81 -66.31
C THR K 228 -25.01 63.18 -66.95
N GLU K 229 -23.98 63.96 -66.69
CA GLU K 229 -23.76 65.25 -67.35
C GLU K 229 -22.27 65.46 -67.54
N LEU K 230 -21.94 66.45 -68.29
CA LEU K 230 -20.53 66.75 -68.47
C LEU K 230 -20.09 67.81 -67.47
N PRO K 231 -18.83 67.79 -67.05
CA PRO K 231 -18.31 68.88 -66.23
C PRO K 231 -18.28 70.18 -67.03
N ASP K 232 -18.22 71.29 -66.29
CA ASP K 232 -18.20 72.59 -66.94
C ASP K 232 -16.90 72.83 -67.68
N ASN K 233 -15.82 72.22 -67.23
CA ASN K 233 -14.51 72.35 -67.84
C ASN K 233 -14.27 71.37 -68.98
N PHE K 234 -15.26 70.52 -69.31
CA PHE K 234 -15.13 69.51 -70.36
C PHE K 234 -16.46 69.48 -71.15
N ALA K 235 -16.73 70.56 -71.86
CA ALA K 235 -17.96 70.70 -72.64
C ALA K 235 -17.69 70.17 -74.06
N VAL K 236 -17.83 68.87 -74.23
CA VAL K 236 -17.70 68.26 -75.55
C VAL K 236 -19.00 68.44 -76.30
N THR K 237 -18.91 68.45 -77.62
CA THR K 237 -20.09 68.59 -78.47
C THR K 237 -20.61 67.22 -78.90
N ASP K 238 -21.85 67.21 -79.37
CA ASP K 238 -22.35 66.01 -80.05
C ASP K 238 -21.59 65.75 -81.35
N ALA K 239 -20.89 66.76 -81.87
CA ALA K 239 -20.07 66.55 -83.06
C ALA K 239 -18.87 65.66 -82.75
N HIS K 240 -18.12 65.98 -81.69
CA HIS K 240 -17.00 65.14 -81.30
C HIS K 240 -17.48 63.74 -80.92
N TYR K 241 -18.69 63.63 -80.37
CA TYR K 241 -19.22 62.33 -79.98
C TYR K 241 -19.47 61.45 -81.19
N LYS K 242 -20.20 61.97 -82.19
CA LYS K 242 -20.51 61.21 -83.39
C LYS K 242 -19.26 60.83 -84.17
N GLN K 243 -18.15 61.55 -83.98
CA GLN K 243 -16.91 61.19 -84.66
C GLN K 243 -16.39 59.83 -84.20
N ALA K 244 -16.74 59.41 -82.97
CA ALA K 244 -16.24 58.16 -82.42
C ALA K 244 -17.30 57.06 -82.32
N MET K 245 -18.58 57.41 -82.24
CA MET K 245 -19.64 56.45 -81.99
C MET K 245 -20.54 56.24 -83.19
N GLY K 246 -20.21 56.81 -84.35
CA GLY K 246 -21.07 56.73 -85.51
C GLY K 246 -22.15 57.80 -85.51
N GLU K 247 -22.83 57.92 -86.65
CA GLU K 247 -23.86 58.92 -86.84
C GLU K 247 -25.23 58.47 -86.33
N GLY K 248 -25.32 57.28 -85.77
CA GLY K 248 -26.56 56.75 -85.24
C GLY K 248 -26.71 56.84 -83.74
N ASP K 249 -25.81 57.55 -83.06
CA ASP K 249 -25.89 57.74 -81.61
C ASP K 249 -25.83 59.22 -81.30
N SER K 250 -26.00 59.56 -80.02
CA SER K 250 -26.00 60.94 -79.59
C SER K 250 -25.34 61.07 -78.23
N LEU K 251 -24.71 62.23 -77.99
CA LEU K 251 -24.16 62.51 -76.68
C LEU K 251 -25.26 62.54 -75.62
N ASP K 252 -26.40 63.14 -75.95
CA ASP K 252 -27.49 63.26 -74.99
C ASP K 252 -28.12 61.90 -74.67
N ALA K 253 -28.16 61.00 -75.64
CA ALA K 253 -28.66 59.66 -75.37
C ALA K 253 -27.67 58.84 -74.56
N ALA K 254 -26.38 59.13 -74.71
CA ALA K 254 -25.35 58.38 -74.00
C ALA K 254 -25.42 58.63 -72.50
N LYS K 255 -25.54 59.91 -72.10
CA LYS K 255 -25.63 60.24 -70.69
C LYS K 255 -26.93 59.71 -70.10
N ALA K 256 -28.02 59.74 -70.87
CA ALA K 256 -29.32 59.31 -70.36
C ALA K 256 -29.35 57.81 -70.11
N GLU K 257 -28.82 57.03 -71.06
CA GLU K 257 -28.82 55.58 -70.93
C GLU K 257 -27.64 55.05 -70.11
N GLY K 258 -26.81 55.93 -69.57
CA GLY K 258 -25.71 55.50 -68.73
C GLY K 258 -24.55 54.89 -69.48
N ARG K 259 -24.15 55.48 -70.60
CA ARG K 259 -23.06 54.95 -71.41
C ARG K 259 -21.84 55.88 -71.48
N LEU K 260 -21.85 56.99 -70.75
CA LEU K 260 -20.69 57.86 -70.66
C LEU K 260 -19.85 57.51 -69.44
N PHE K 261 -18.54 57.62 -69.59
CA PHE K 261 -17.60 57.31 -68.51
C PHE K 261 -16.44 58.28 -68.60
N LEU K 262 -16.36 59.21 -67.64
CA LEU K 262 -15.29 60.20 -67.60
C LEU K 262 -14.14 59.70 -66.75
N ALA K 263 -12.94 60.16 -67.07
CA ALA K 263 -11.75 59.87 -66.29
C ALA K 263 -10.97 61.16 -66.12
N ASP K 264 -10.93 61.70 -64.91
CA ASP K 264 -10.27 62.95 -64.62
C ASP K 264 -8.95 62.69 -63.88
N TRP K 265 -7.90 63.40 -64.29
CA TRP K 265 -6.59 63.32 -63.66
C TRP K 265 -6.26 64.61 -62.92
N LYS K 266 -7.25 65.16 -62.23
CA LYS K 266 -7.12 66.48 -61.61
C LYS K 266 -6.07 66.50 -60.50
N LEU K 267 -5.85 65.36 -59.84
CA LEU K 267 -4.90 65.31 -58.74
C LEU K 267 -3.47 65.56 -59.23
N ILE K 268 -3.19 65.29 -60.51
CA ILE K 268 -1.86 65.54 -61.05
C ILE K 268 -1.57 67.04 -61.08
N GLY K 269 -2.56 67.84 -61.45
CA GLY K 269 -2.39 69.27 -61.50
C GLY K 269 -2.33 69.95 -60.15
N GLU K 270 -2.84 69.29 -59.10
CA GLU K 270 -2.84 69.86 -57.77
C GLU K 270 -1.52 69.66 -57.01
N THR K 271 -0.72 68.67 -57.39
CA THR K 271 0.48 68.33 -56.63
C THR K 271 1.76 68.36 -57.46
N LEU K 272 1.74 67.81 -58.68
CA LEU K 272 2.97 67.55 -59.41
C LEU K 272 3.60 68.84 -59.94
N VAL K 273 4.93 68.84 -60.01
CA VAL K 273 5.72 69.94 -60.52
C VAL K 273 6.70 69.39 -61.55
N ASN K 274 6.79 70.03 -62.71
CA ASN K 274 7.67 69.55 -63.76
C ASN K 274 9.14 69.65 -63.33
N ASN K 275 10.00 68.93 -64.04
CA ASN K 275 11.42 68.89 -63.74
C ASN K 275 12.20 68.86 -65.05
N THR K 276 13.52 68.86 -64.94
CA THR K 276 14.42 68.91 -66.09
C THR K 276 15.48 67.83 -65.95
N TYR K 277 15.48 66.86 -66.86
CA TYR K 277 16.49 65.81 -66.87
C TYR K 277 17.63 66.24 -67.77
N LYS K 278 18.81 66.46 -67.18
CA LYS K 278 19.99 66.95 -67.90
C LYS K 278 19.65 68.19 -68.72
N GLY K 279 18.87 69.10 -68.11
CA GLY K 279 18.43 70.30 -68.78
C GLY K 279 17.19 70.14 -69.64
N ALA K 280 16.87 68.93 -70.07
CA ALA K 280 15.73 68.72 -70.95
C ALA K 280 14.43 68.74 -70.15
N GLN K 281 13.47 69.54 -70.62
CA GLN K 281 12.23 69.74 -69.89
C GLN K 281 11.34 68.51 -69.95
N LYS K 282 10.83 68.09 -68.80
CA LYS K 282 9.87 67.00 -68.68
C LYS K 282 8.49 67.58 -68.40
N THR K 283 7.49 67.14 -69.17
CA THR K 283 6.16 67.75 -69.13
C THR K 283 5.13 66.70 -68.77
N VAL K 284 4.30 67.02 -67.78
CA VAL K 284 3.14 66.20 -67.41
C VAL K 284 1.92 67.11 -67.39
N TYR K 285 0.77 66.53 -67.72
CA TYR K 285 -0.50 67.26 -67.78
C TYR K 285 -1.47 66.68 -66.74
N ALA K 286 -2.68 67.26 -66.73
CA ALA K 286 -3.77 66.81 -65.85
C ALA K 286 -5.04 66.71 -66.68
N PRO K 287 -5.13 65.73 -67.58
CA PRO K 287 -6.16 65.75 -68.61
C PRO K 287 -7.52 65.27 -68.11
N LEU K 288 -8.52 65.45 -68.98
CA LEU K 288 -9.84 64.86 -68.83
C LEU K 288 -10.14 64.06 -70.08
N ALA K 289 -10.57 62.81 -69.90
CA ALA K 289 -10.82 61.91 -71.02
C ALA K 289 -12.21 61.32 -70.89
N LEU K 290 -13.04 61.54 -71.90
CA LEU K 290 -14.38 60.96 -71.95
C LEU K 290 -14.34 59.66 -72.73
N PHE K 291 -15.15 58.70 -72.29
CA PHE K 291 -15.31 57.42 -72.98
C PHE K 291 -16.79 57.11 -73.10
N ALA K 292 -17.10 56.13 -73.95
CA ALA K 292 -18.48 55.72 -74.15
C ALA K 292 -18.51 54.27 -74.59
N VAL K 293 -19.71 53.70 -74.55
CA VAL K 293 -19.95 52.35 -75.07
C VAL K 293 -21.10 52.42 -76.07
N PRO K 294 -21.09 51.62 -77.13
CA PRO K 294 -22.18 51.67 -78.13
C PRO K 294 -23.50 51.26 -77.51
N PRO K 295 -24.62 51.70 -78.08
CA PRO K 295 -25.93 51.34 -77.53
C PRO K 295 -26.14 49.83 -77.49
N GLY K 296 -26.76 49.36 -76.40
CA GLY K 296 -26.99 47.94 -76.21
C GLY K 296 -25.85 47.18 -75.58
N GLY K 297 -24.96 47.87 -74.85
CA GLY K 297 -23.78 47.24 -74.29
C GLY K 297 -22.59 47.30 -75.23
N GLY K 298 -21.51 46.70 -74.76
CA GLY K 298 -20.28 46.57 -75.51
C GLY K 298 -19.09 47.10 -74.74
N SER K 299 -18.03 47.34 -75.49
CA SER K 299 -16.74 47.71 -74.91
C SER K 299 -16.55 49.23 -74.87
N LEU K 300 -15.61 49.66 -74.03
CA LEU K 300 -15.32 51.08 -73.88
C LEU K 300 -14.53 51.58 -75.08
N ALA K 301 -14.79 52.83 -75.48
CA ALA K 301 -14.12 53.44 -76.62
C ALA K 301 -13.96 54.93 -76.39
N PRO K 302 -12.83 55.52 -76.78
CA PRO K 302 -12.58 56.92 -76.44
C PRO K 302 -13.37 57.88 -77.31
N VAL K 303 -13.64 59.07 -76.75
CA VAL K 303 -14.37 60.11 -77.44
C VAL K 303 -13.55 61.38 -77.51
N ALA K 304 -13.28 62.00 -76.36
CA ALA K 304 -12.63 63.30 -76.34
C ALA K 304 -11.60 63.37 -75.21
N ILE K 305 -10.55 64.13 -75.46
CA ILE K 305 -9.49 64.39 -74.49
C ILE K 305 -9.31 65.89 -74.36
N GLN K 306 -9.25 66.38 -73.14
CA GLN K 306 -8.86 67.76 -72.85
C GLN K 306 -7.63 67.74 -71.95
N PRO K 307 -6.47 68.16 -72.44
CA PRO K 307 -5.23 67.94 -71.66
C PRO K 307 -5.15 68.70 -70.35
N GLY K 308 -5.91 69.80 -70.18
CA GLY K 308 -5.82 70.62 -69.00
C GLY K 308 -7.18 70.78 -68.33
N GLN K 309 -7.13 71.28 -67.08
CA GLN K 309 -8.36 71.43 -66.30
C GLN K 309 -9.16 72.66 -66.73
N THR K 310 -8.50 73.67 -67.28
CA THR K 310 -9.16 74.94 -67.60
C THR K 310 -9.14 75.19 -69.09
N PRO K 311 -10.30 75.29 -69.75
CA PRO K 311 -10.32 75.51 -71.20
C PRO K 311 -9.77 76.89 -71.56
N SER K 312 -8.89 76.92 -72.56
CA SER K 312 -8.22 78.14 -72.96
C SER K 312 -7.79 77.99 -74.42
N PRO K 313 -7.30 79.06 -75.05
CA PRO K 313 -6.72 78.91 -76.38
C PRO K 313 -5.56 77.91 -76.43
N THR K 314 -4.85 77.72 -75.33
CA THR K 314 -3.72 76.81 -75.25
C THR K 314 -4.10 75.44 -74.71
N ASN K 315 -5.40 75.12 -74.68
CA ASN K 315 -5.85 73.84 -74.12
C ASN K 315 -7.25 73.58 -74.67
N LYS K 316 -7.31 72.82 -75.76
CA LYS K 316 -8.56 72.56 -76.47
C LYS K 316 -8.92 71.08 -76.41
N ILE K 317 -10.11 70.77 -76.91
CA ILE K 317 -10.62 69.41 -76.94
C ILE K 317 -10.18 68.75 -78.24
N TYR K 318 -9.52 67.60 -78.13
CA TYR K 318 -9.05 66.84 -79.28
C TYR K 318 -9.93 65.60 -79.41
N ALA K 319 -10.47 65.40 -80.62
CA ALA K 319 -11.42 64.34 -80.89
C ALA K 319 -10.74 63.20 -81.65
N THR K 320 -11.53 62.15 -81.92
CA THR K 320 -10.97 60.90 -82.44
C THR K 320 -10.40 61.04 -83.85
N GLN K 321 -10.89 62.01 -84.63
CA GLN K 321 -10.50 62.13 -86.04
C GLN K 321 -9.43 63.18 -86.28
N ASP K 322 -8.92 63.85 -85.24
CA ASP K 322 -7.98 64.94 -85.41
C ASP K 322 -6.56 64.47 -85.68
N GLY K 323 -6.38 63.25 -86.20
CA GLY K 323 -5.11 62.81 -86.73
C GLY K 323 -3.98 62.68 -85.74
N ASN K 324 -2.89 63.42 -85.99
CA ASN K 324 -1.71 63.32 -85.15
C ASN K 324 -1.87 64.07 -83.83
N ASP K 325 -2.68 65.13 -83.81
CA ASP K 325 -2.98 65.80 -82.54
C ASP K 325 -3.69 64.85 -81.59
N TRP K 326 -4.63 64.05 -82.10
CA TRP K 326 -5.37 63.12 -81.27
C TRP K 326 -4.46 62.07 -80.65
N LEU K 327 -3.56 61.50 -81.46
CA LEU K 327 -2.66 60.48 -80.94
C LEU K 327 -1.74 61.07 -79.88
N ALA K 328 -1.25 62.29 -80.09
CA ALA K 328 -0.44 62.94 -79.06
C ALA K 328 -1.25 63.21 -77.80
N ALA K 329 -2.55 63.46 -77.94
CA ALA K 329 -3.40 63.66 -76.79
C ALA K 329 -3.49 62.39 -75.94
N LYS K 330 -3.71 61.25 -76.60
CA LYS K 330 -3.71 59.98 -75.88
C LYS K 330 -2.34 59.71 -75.24
N SER K 331 -1.27 60.08 -75.95
CA SER K 331 0.06 59.96 -75.36
C SER K 331 0.22 60.85 -74.13
N ALA K 332 -0.44 62.01 -74.13
CA ALA K 332 -0.43 62.85 -72.94
C ALA K 332 -1.20 62.20 -71.80
N VAL K 333 -2.40 61.68 -72.09
CA VAL K 333 -3.21 61.02 -71.08
C VAL K 333 -2.44 59.85 -70.47
N GLN K 334 -1.66 59.14 -71.28
CA GLN K 334 -0.93 57.98 -70.78
C GLN K 334 0.14 58.39 -69.77
N VAL K 335 0.84 59.50 -70.03
CA VAL K 335 1.85 59.96 -69.08
C VAL K 335 1.21 60.34 -67.75
N ALA K 336 0.00 60.91 -67.81
CA ALA K 336 -0.75 61.16 -66.59
C ALA K 336 -1.08 59.85 -65.89
N GLU K 337 -1.57 58.86 -66.65
CA GLU K 337 -1.86 57.55 -66.10
C GLU K 337 -0.60 56.86 -65.58
N GLY K 338 0.56 57.19 -66.17
CA GLY K 338 1.79 56.59 -65.71
C GLY K 338 2.22 57.11 -64.34
N ASN K 339 2.13 58.44 -64.16
CA ASN K 339 2.44 59.01 -62.85
C ASN K 339 1.36 58.68 -61.83
N TYR K 340 0.10 58.59 -62.25
CA TYR K 340 -0.98 58.31 -61.31
C TYR K 340 -0.92 56.86 -60.85
N HIS K 341 -0.77 55.92 -61.78
CA HIS K 341 -0.70 54.52 -61.39
C HIS K 341 0.42 54.26 -60.40
N GLU K 342 1.63 54.72 -60.72
CA GLU K 342 2.81 54.33 -59.96
C GLU K 342 2.79 54.87 -58.54
N LEU K 343 2.27 56.08 -58.35
CA LEU K 343 2.33 56.72 -57.04
C LEU K 343 0.98 56.82 -56.34
N VAL K 344 -0.13 56.58 -57.03
CA VAL K 344 -1.42 56.58 -56.37
C VAL K 344 -1.95 55.15 -56.30
N SER K 345 -2.30 54.60 -57.47
CA SER K 345 -2.84 53.25 -57.50
C SER K 345 -1.87 52.22 -56.94
N HIS K 346 -0.58 52.41 -57.22
CA HIS K 346 0.42 51.39 -56.91
C HIS K 346 1.07 51.61 -55.56
N LEU K 347 2.15 52.39 -55.53
CA LEU K 347 2.86 52.65 -54.28
C LEU K 347 2.03 53.43 -53.29
N GLY K 348 1.05 54.21 -53.75
CA GLY K 348 0.19 54.92 -52.84
C GLY K 348 -0.76 54.03 -52.07
N LEU K 349 -1.59 53.26 -52.77
CA LEU K 349 -2.70 52.56 -52.16
C LEU K 349 -2.47 51.05 -52.03
N THR K 350 -1.21 50.61 -52.06
CA THR K 350 -0.91 49.21 -51.77
C THR K 350 0.28 49.12 -50.82
N HIS K 351 1.47 49.45 -51.31
CA HIS K 351 2.68 49.40 -50.49
C HIS K 351 2.53 50.24 -49.24
N LEU K 352 2.24 51.52 -49.41
CA LEU K 352 2.29 52.45 -48.28
C LEU K 352 1.02 52.42 -47.44
N LEU K 353 -0.12 52.03 -48.01
CA LEU K 353 -1.33 51.94 -47.20
C LEU K 353 -1.23 50.78 -46.22
N LEU K 354 -0.65 49.66 -46.63
CA LEU K 354 -0.51 48.52 -45.75
C LEU K 354 0.66 48.66 -44.78
N GLU K 355 1.59 49.57 -45.04
CA GLU K 355 2.73 49.75 -44.15
C GLU K 355 2.32 50.03 -42.70
N PRO K 356 1.33 50.88 -42.41
CA PRO K 356 0.85 50.98 -41.03
C PRO K 356 0.20 49.70 -40.52
N ILE K 357 -0.49 48.96 -41.38
CA ILE K 357 -1.24 47.79 -40.93
C ILE K 357 -0.29 46.64 -40.64
N VAL K 358 0.77 46.50 -41.42
CA VAL K 358 1.78 45.48 -41.11
C VAL K 358 2.40 45.76 -39.74
N MET K 359 2.63 47.03 -39.42
CA MET K 359 3.25 47.38 -38.16
C MET K 359 2.27 47.20 -37.00
N ALA K 360 1.04 47.69 -37.16
CA ALA K 360 0.05 47.60 -36.08
C ALA K 360 -0.26 46.14 -35.74
N THR K 361 -0.19 45.24 -36.72
CA THR K 361 -0.45 43.84 -36.45
C THR K 361 0.70 43.21 -35.67
N TYR K 362 1.94 43.50 -36.07
CA TYR K 362 3.09 42.97 -35.35
C TYR K 362 3.16 43.51 -33.92
N ARG K 363 2.80 44.78 -33.72
CA ARG K 363 3.04 45.44 -32.45
C ARG K 363 1.85 45.37 -31.49
N GLN K 364 0.66 45.01 -31.96
CA GLN K 364 -0.49 44.94 -31.09
C GLN K 364 -1.07 43.54 -30.96
N LEU K 365 -1.09 42.76 -32.03
CA LEU K 365 -1.62 41.40 -31.97
C LEU K 365 -0.49 40.41 -31.71
N ALA K 366 -0.73 39.49 -30.78
CA ALA K 366 0.30 38.54 -30.38
C ALA K 366 0.45 37.44 -31.42
N GLN K 367 1.53 36.67 -31.29
CA GLN K 367 1.74 35.54 -32.20
C GLN K 367 0.65 34.49 -32.03
N HIS K 368 0.11 34.34 -30.82
CA HIS K 368 -0.99 33.42 -30.57
C HIS K 368 -2.33 33.98 -30.98
N HIS K 369 -2.40 35.24 -31.43
CA HIS K 369 -3.67 35.82 -31.82
C HIS K 369 -4.08 35.30 -33.19
N PRO K 370 -5.35 34.90 -33.38
CA PRO K 370 -5.74 34.33 -34.68
C PRO K 370 -5.69 35.32 -35.83
N ILE K 371 -6.02 36.60 -35.58
CA ILE K 371 -5.96 37.58 -36.66
C ILE K 371 -4.53 37.81 -37.11
N TYR K 372 -3.58 37.79 -36.18
CA TYR K 372 -2.17 37.71 -36.55
C TYR K 372 -1.94 36.51 -37.47
N MET K 373 -2.44 35.34 -37.08
CA MET K 373 -2.28 34.13 -37.89
C MET K 373 -2.94 34.25 -39.24
N LEU K 374 -3.88 35.17 -39.43
CA LEU K 374 -4.52 35.36 -40.72
C LEU K 374 -3.74 36.30 -41.63
N LEU K 375 -3.19 37.38 -41.09
CA LEU K 375 -2.66 38.47 -41.89
C LEU K 375 -1.15 38.48 -42.03
N ILE K 376 -0.41 37.92 -41.07
CA ILE K 376 1.05 37.93 -41.14
C ILE K 376 1.57 37.31 -42.43
N PRO K 377 1.11 36.13 -42.88
CA PRO K 377 1.62 35.59 -44.14
C PRO K 377 1.19 36.39 -45.36
N HIS K 378 0.14 37.20 -45.25
CA HIS K 378 -0.22 38.14 -46.30
C HIS K 378 0.64 39.39 -46.27
N PHE K 379 1.60 39.48 -45.35
CA PHE K 379 2.49 40.62 -45.24
C PHE K 379 3.94 40.26 -45.55
N GLU K 380 4.22 39.01 -45.92
CA GLU K 380 5.58 38.52 -46.09
C GLU K 380 6.34 39.34 -47.12
N GLY K 381 7.37 40.05 -46.67
CA GLY K 381 8.21 40.84 -47.55
C GLY K 381 7.76 42.28 -47.74
N THR K 382 6.55 42.63 -47.28
CA THR K 382 6.06 44.00 -47.45
C THR K 382 7.02 45.01 -46.80
N LEU K 383 7.51 44.69 -45.60
CA LEU K 383 8.46 45.59 -44.96
C LEU K 383 9.77 45.66 -45.73
N SER K 384 10.16 44.58 -46.41
CA SER K 384 11.45 44.56 -47.08
C SER K 384 11.41 45.31 -48.41
N ILE K 385 10.31 45.17 -49.15
CA ILE K 385 10.26 45.83 -50.45
C ILE K 385 9.98 47.32 -50.29
N ASN K 386 9.27 47.72 -49.23
CA ASN K 386 9.01 49.13 -49.01
C ASN K 386 10.25 49.84 -48.46
N ASN K 387 11.20 49.10 -47.90
CA ASN K 387 12.47 49.70 -47.52
C ASN K 387 13.32 49.98 -48.77
N SER K 388 13.32 49.05 -49.72
CA SER K 388 13.95 49.31 -51.01
C SER K 388 13.25 50.43 -51.76
N ALA K 389 11.93 50.58 -51.55
CA ALA K 389 11.19 51.63 -52.24
C ALA K 389 11.59 53.01 -51.75
N ALA K 390 11.61 53.20 -50.42
CA ALA K 390 11.86 54.53 -49.87
C ALA K 390 13.29 54.99 -50.07
N THR K 391 14.24 54.04 -50.11
CA THR K 391 15.66 54.39 -50.14
C THR K 391 16.28 54.21 -51.52
N ASN K 392 15.52 53.79 -52.52
CA ASN K 392 16.08 53.61 -53.86
C ASN K 392 15.13 54.09 -54.95
N LEU K 393 13.94 53.50 -55.02
CA LEU K 393 13.05 53.76 -56.14
C LEU K 393 12.57 55.20 -56.15
N ILE K 394 11.88 55.63 -55.10
CA ILE K 394 11.32 56.97 -55.06
C ILE K 394 12.26 57.88 -54.27
N ALA K 395 13.52 57.50 -54.21
CA ALA K 395 14.54 58.29 -53.55
C ALA K 395 15.19 59.26 -54.53
N PRO K 396 15.76 60.36 -54.06
CA PRO K 396 16.43 61.30 -54.96
C PRO K 396 17.54 60.62 -55.75
N GLY K 397 17.48 60.79 -57.07
CA GLY K 397 18.40 60.13 -57.97
C GLY K 397 17.95 58.77 -58.45
N GLY K 398 16.80 58.28 -57.98
CA GLY K 398 16.31 56.98 -58.37
C GLY K 398 15.57 57.00 -59.71
N ALA K 399 15.05 55.83 -60.07
CA ALA K 399 14.44 55.65 -61.38
C ALA K 399 13.19 56.53 -61.55
N VAL K 400 12.43 56.71 -60.48
CA VAL K 400 11.23 57.55 -60.57
C VAL K 400 11.62 59.01 -60.73
N ASP K 401 12.71 59.42 -60.08
CA ASP K 401 13.18 60.80 -60.21
C ASP K 401 13.50 61.13 -61.67
N LEU K 402 14.22 60.24 -62.35
CA LEU K 402 14.64 60.50 -63.72
C LEU K 402 13.47 60.33 -64.68
N ILE K 403 12.88 59.13 -64.72
CA ILE K 403 11.94 58.80 -65.79
C ILE K 403 10.65 59.60 -65.67
N PHE K 404 10.18 59.82 -64.45
CA PHE K 404 8.87 60.45 -64.24
C PHE K 404 9.00 61.96 -64.23
N ALA K 405 7.93 62.63 -64.66
CA ALA K 405 8.00 64.04 -65.01
C ALA K 405 8.13 64.94 -63.79
N GLY K 406 7.71 64.48 -62.62
CA GLY K 406 7.69 65.35 -61.46
C GLY K 406 9.01 65.42 -60.75
N THR K 407 9.20 66.52 -60.00
CA THR K 407 10.24 66.55 -59.00
C THR K 407 9.94 65.49 -57.95
N ILE K 408 10.97 64.84 -57.45
CA ILE K 408 10.75 63.72 -56.54
C ILE K 408 9.97 64.17 -55.31
N GLU K 409 10.15 65.43 -54.90
CA GLU K 409 9.44 65.95 -53.75
C GLU K 409 7.95 66.14 -54.04
N SER K 410 7.61 66.54 -55.27
CA SER K 410 6.21 66.70 -55.64
C SER K 410 5.54 65.39 -56.00
N GLU K 411 6.31 64.31 -56.22
CA GLU K 411 5.71 63.01 -56.42
C GLU K 411 5.22 62.41 -55.10
N HIS K 412 5.97 62.62 -54.03
CA HIS K 412 5.55 62.13 -52.72
C HIS K 412 4.27 62.80 -52.25
N GLN K 413 4.08 64.07 -52.58
CA GLN K 413 2.83 64.74 -52.24
C GLN K 413 1.65 64.13 -53.00
N LEU K 414 1.89 63.61 -54.20
CA LEU K 414 0.84 62.95 -54.96
C LEU K 414 0.32 61.72 -54.21
N ALA K 415 1.22 60.83 -53.81
CA ALA K 415 0.83 59.64 -53.07
C ALA K 415 0.09 60.01 -51.80
N LEU K 416 0.66 60.95 -51.03
CA LEU K 416 0.07 61.30 -49.74
C LEU K 416 -1.28 61.98 -49.90
N ALA K 417 -1.50 62.66 -51.03
CA ALA K 417 -2.80 63.29 -51.27
C ALA K 417 -3.91 62.25 -51.38
N ALA K 418 -3.60 61.12 -52.02
CA ALA K 418 -4.60 60.06 -52.19
C ALA K 418 -4.76 59.25 -50.91
N LEU K 419 -3.67 59.01 -50.18
CA LEU K 419 -3.78 58.31 -48.90
C LEU K 419 -4.63 59.09 -47.91
N LYS K 420 -4.53 60.42 -47.94
CA LYS K 420 -5.23 61.26 -46.98
C LYS K 420 -6.73 61.36 -47.28
N ARG K 421 -7.10 61.30 -48.56
CA ARG K 421 -8.51 61.33 -48.95
C ARG K 421 -9.13 59.94 -49.04
N HIS K 422 -8.33 58.89 -48.91
CA HIS K 422 -8.84 57.52 -48.96
C HIS K 422 -9.70 57.24 -47.72
N ASP K 423 -10.79 56.50 -47.92
CA ASP K 423 -11.70 56.14 -46.83
C ASP K 423 -11.66 54.61 -46.71
N PHE K 424 -10.84 54.13 -45.77
CA PHE K 424 -10.55 52.70 -45.70
C PHE K 424 -11.81 51.87 -45.50
N MET K 425 -12.76 52.40 -44.74
CA MET K 425 -13.96 51.63 -44.41
C MET K 425 -14.96 51.58 -45.55
N ARG K 426 -14.84 52.44 -46.55
CA ARG K 426 -15.71 52.42 -47.71
C ARG K 426 -14.93 52.18 -49.00
N SER K 427 -13.84 51.41 -48.91
CA SER K 427 -12.98 51.16 -50.06
C SER K 427 -13.03 49.70 -50.50
N GLY K 428 -14.03 48.94 -50.04
CA GLY K 428 -14.23 47.61 -50.57
C GLY K 428 -14.54 47.66 -52.06
N LEU K 429 -14.06 46.65 -52.78
CA LEU K 429 -14.22 46.65 -54.24
C LEU K 429 -15.68 46.72 -54.66
N PRO K 430 -16.60 45.89 -54.16
CA PRO K 430 -18.00 46.05 -54.58
C PRO K 430 -18.58 47.40 -54.20
N ASP K 431 -18.07 48.02 -53.14
CA ASP K 431 -18.53 49.36 -52.77
C ASP K 431 -18.03 50.41 -53.76
N THR K 432 -16.76 50.34 -54.13
CA THR K 432 -16.20 51.30 -55.08
C THR K 432 -16.79 51.13 -56.48
N ILE K 433 -17.15 49.91 -56.86
CA ILE K 433 -17.75 49.69 -58.18
C ILE K 433 -19.07 50.43 -58.29
N GLU K 434 -19.94 50.28 -57.29
CA GLU K 434 -21.22 50.98 -57.32
C GLU K 434 -21.06 52.46 -56.97
N GLN K 435 -19.92 52.84 -56.41
CA GLN K 435 -19.63 54.26 -56.22
C GLN K 435 -19.35 54.94 -57.56
N ARG K 436 -18.64 54.24 -58.45
CA ARG K 436 -18.26 54.77 -59.75
C ARG K 436 -19.27 54.47 -60.85
N GLY K 437 -20.37 53.76 -60.52
CA GLY K 437 -21.41 53.51 -61.50
C GLY K 437 -21.01 52.58 -62.61
N VAL K 438 -20.12 51.63 -62.34
CA VAL K 438 -19.65 50.71 -63.37
C VAL K 438 -20.14 49.30 -63.08
N GLY K 439 -21.27 49.19 -62.36
CA GLY K 439 -21.73 47.91 -61.88
C GLY K 439 -22.59 47.11 -62.84
N ASP K 440 -23.27 47.78 -63.76
CA ASP K 440 -24.20 47.09 -64.65
C ASP K 440 -23.41 46.28 -65.68
N THR K 441 -23.51 44.96 -65.58
CA THR K 441 -22.83 44.07 -66.52
C THR K 441 -23.47 44.05 -67.90
N SER K 442 -24.55 44.81 -68.11
CA SER K 442 -25.24 44.83 -69.38
C SER K 442 -24.98 46.08 -70.21
N VAL K 443 -24.38 47.12 -69.63
CA VAL K 443 -23.98 48.30 -70.38
C VAL K 443 -22.49 48.19 -70.66
N LEU K 444 -21.67 48.55 -69.68
CA LEU K 444 -20.24 48.30 -69.80
C LEU K 444 -19.99 46.81 -69.59
N THR K 445 -19.98 46.06 -70.68
CA THR K 445 -19.84 44.60 -70.61
C THR K 445 -18.39 44.15 -70.55
N ASP K 446 -17.47 44.92 -71.11
CA ASP K 446 -16.04 44.60 -71.09
C ASP K 446 -15.40 45.39 -69.96
N TYR K 447 -15.21 44.74 -68.81
CA TYR K 447 -14.53 45.34 -67.67
C TYR K 447 -13.86 44.21 -66.91
N PRO K 448 -12.71 43.73 -67.40
CA PRO K 448 -12.11 42.53 -66.79
C PRO K 448 -11.73 42.71 -65.34
N TYR K 449 -11.19 43.88 -64.96
CA TYR K 449 -10.81 44.11 -63.58
C TYR K 449 -12.00 43.97 -62.64
N ARG K 450 -13.14 44.54 -63.03
CA ARG K 450 -14.34 44.43 -62.21
C ARG K 450 -14.84 42.99 -62.16
N ASP K 451 -15.12 42.40 -63.33
CA ASP K 451 -15.74 41.09 -63.38
C ASP K 451 -14.86 40.03 -62.73
N ASP K 452 -13.63 39.87 -63.23
CA ASP K 452 -12.73 38.89 -62.64
C ASP K 452 -12.29 39.26 -61.23
N GLY K 453 -12.41 40.53 -60.86
CA GLY K 453 -12.00 40.99 -59.55
C GLY K 453 -13.09 40.82 -58.50
N LEU K 454 -14.35 40.92 -58.92
CA LEU K 454 -15.46 40.74 -58.00
C LEU K 454 -15.71 39.28 -57.63
N LYS K 455 -15.10 38.33 -58.35
CA LYS K 455 -15.17 36.94 -57.95
C LYS K 455 -14.19 36.62 -56.84
N ILE K 456 -12.97 37.16 -56.94
CA ILE K 456 -11.96 36.92 -55.92
C ILE K 456 -12.33 37.61 -54.61
N TRP K 457 -12.91 38.81 -54.70
CA TRP K 457 -13.39 39.48 -53.51
C TRP K 457 -14.42 38.64 -52.77
N ALA K 458 -15.32 37.99 -53.52
CA ALA K 458 -16.32 37.12 -52.90
C ALA K 458 -15.65 35.90 -52.27
N ASN K 459 -14.59 35.39 -52.89
CA ASN K 459 -13.91 34.23 -52.34
C ASN K 459 -13.20 34.57 -51.03
N ILE K 460 -12.58 35.74 -50.95
CA ILE K 460 -11.86 36.13 -49.75
C ILE K 460 -12.83 36.42 -48.61
N GLU K 461 -13.89 37.19 -48.90
CA GLU K 461 -14.86 37.51 -47.87
C GLU K 461 -15.53 36.26 -47.32
N ARG K 462 -15.77 35.27 -48.18
CA ARG K 462 -16.28 33.98 -47.71
C ARG K 462 -15.30 33.32 -46.75
N TRP K 463 -14.00 33.41 -47.05
CA TRP K 463 -12.99 32.79 -46.22
C TRP K 463 -12.76 33.59 -44.94
N VAL K 464 -12.72 34.91 -45.04
CA VAL K 464 -12.52 35.75 -43.86
C VAL K 464 -13.68 35.57 -42.87
N THR K 465 -14.91 35.49 -43.39
CA THR K 465 -16.06 35.36 -42.51
C THR K 465 -16.02 34.06 -41.72
N ALA K 466 -15.70 32.95 -42.40
CA ALA K 466 -15.56 31.68 -41.70
C ALA K 466 -14.45 31.73 -40.67
N TYR K 467 -13.32 32.34 -41.03
CA TYR K 467 -12.21 32.47 -40.08
C TYR K 467 -12.61 33.32 -38.88
N VAL K 468 -13.23 34.47 -39.14
CA VAL K 468 -13.62 35.37 -38.06
C VAL K 468 -14.71 34.74 -37.20
N ASN K 469 -15.69 34.09 -37.84
CA ASN K 469 -16.79 33.49 -37.08
C ASN K 469 -16.32 32.30 -36.26
N ASN K 470 -15.28 31.59 -36.72
CA ASN K 470 -14.81 30.41 -35.98
C ASN K 470 -14.08 30.82 -34.71
N TYR K 471 -13.47 32.00 -34.68
CA TYR K 471 -12.72 32.47 -33.53
C TYR K 471 -13.42 33.54 -32.74
N TYR K 472 -14.25 34.35 -33.37
CA TYR K 472 -15.11 35.31 -32.68
C TYR K 472 -16.52 34.73 -32.73
N ILE K 473 -16.97 34.20 -31.58
CA ILE K 473 -18.27 33.53 -31.50
C ILE K 473 -19.35 34.43 -30.89
N SER K 474 -19.03 35.71 -30.68
CA SER K 474 -19.99 36.69 -30.18
C SER K 474 -19.43 38.08 -30.39
N GLU K 475 -20.33 39.06 -30.47
CA GLU K 475 -19.88 40.44 -30.56
C GLU K 475 -19.28 40.94 -29.25
N ALA K 476 -19.41 40.18 -28.17
CA ALA K 476 -18.69 40.50 -26.94
C ALA K 476 -17.20 40.20 -27.08
N ASN K 477 -16.84 39.20 -27.90
CA ASN K 477 -15.43 38.89 -28.12
C ASN K 477 -14.70 40.07 -28.72
N VAL K 478 -15.34 40.79 -29.65
CA VAL K 478 -14.70 41.93 -30.30
C VAL K 478 -14.41 43.03 -29.29
N THR K 479 -15.37 43.32 -28.42
CA THR K 479 -15.21 44.46 -27.50
C THR K 479 -14.25 44.13 -26.37
N GLN K 480 -14.14 42.86 -25.98
CA GLN K 480 -13.24 42.45 -24.92
C GLN K 480 -11.84 42.13 -25.39
N ASP K 481 -11.60 42.11 -26.70
CA ASP K 481 -10.28 41.84 -27.24
C ASP K 481 -9.41 43.07 -27.04
N THR K 482 -8.58 43.04 -25.99
CA THR K 482 -7.70 44.18 -25.70
C THR K 482 -6.71 44.42 -26.83
N GLU K 483 -6.21 43.34 -27.45
CA GLU K 483 -5.21 43.49 -28.50
C GLU K 483 -5.83 44.06 -29.77
N LEU K 484 -6.99 43.56 -30.17
CA LEU K 484 -7.65 44.06 -31.37
C LEU K 484 -8.02 45.53 -31.23
N GLN K 485 -8.49 45.92 -30.04
CA GLN K 485 -8.89 47.32 -29.85
C GLN K 485 -7.68 48.24 -29.81
N ALA K 486 -6.54 47.77 -29.32
CA ALA K 486 -5.31 48.56 -29.45
C ALA K 486 -4.84 48.56 -30.89
N TRP K 487 -4.92 47.41 -31.56
CA TRP K 487 -4.68 47.34 -33.00
C TRP K 487 -5.58 48.31 -33.76
N ALA K 488 -6.85 48.41 -33.34
CA ALA K 488 -7.75 49.38 -33.96
C ALA K 488 -7.40 50.80 -33.54
N ALA K 489 -6.95 50.97 -32.29
CA ALA K 489 -6.71 52.32 -31.78
C ALA K 489 -5.59 53.02 -32.52
N VAL K 490 -4.60 52.28 -33.01
CA VAL K 490 -3.46 52.89 -33.68
C VAL K 490 -3.73 53.13 -35.16
N LEU K 491 -4.55 52.29 -35.79
CA LEU K 491 -4.92 52.52 -37.18
C LEU K 491 -6.07 53.52 -37.31
N SER K 492 -6.84 53.74 -36.25
CA SER K 492 -7.89 54.76 -36.24
C SER K 492 -7.36 56.16 -35.98
N LYS K 493 -6.05 56.31 -35.77
CA LYS K 493 -5.48 57.62 -35.50
C LYS K 493 -5.59 58.52 -36.72
N PRO K 494 -5.54 59.84 -36.53
CA PRO K 494 -5.53 60.75 -37.68
C PRO K 494 -4.32 60.50 -38.58
N PHE K 495 -4.47 60.91 -39.83
CA PHE K 495 -3.42 60.67 -40.83
C PHE K 495 -2.13 61.40 -40.48
N ALA K 496 -2.20 62.50 -39.73
CA ALA K 496 -0.99 63.22 -39.34
C ALA K 496 -0.13 62.37 -38.41
N GLU K 497 -0.75 61.68 -37.47
CA GLU K 497 -0.03 60.90 -36.46
C GLU K 497 0.31 59.50 -36.94
N GLY K 498 0.03 59.16 -38.19
CA GLY K 498 0.41 57.87 -38.73
C GLY K 498 -0.71 56.86 -38.86
N GLY K 499 -1.97 57.30 -38.87
CA GLY K 499 -3.07 56.39 -38.99
C GLY K 499 -3.47 56.12 -40.43
N VAL K 500 -4.37 55.16 -40.59
CA VAL K 500 -5.00 54.88 -41.87
C VAL K 500 -6.32 55.64 -41.92
N SER K 501 -6.51 56.43 -42.98
CA SER K 501 -7.68 57.29 -43.04
C SER K 501 -8.96 56.47 -43.17
N GLY K 502 -9.90 56.71 -42.27
CA GLY K 502 -11.19 56.05 -42.33
C GLY K 502 -11.22 54.65 -41.78
N PHE K 503 -10.32 54.32 -40.85
CA PHE K 503 -10.18 52.93 -40.43
C PHE K 503 -11.24 52.50 -39.41
N GLY K 504 -11.77 53.43 -38.63
CA GLY K 504 -12.71 53.09 -37.57
C GLY K 504 -13.91 52.33 -38.09
N PRO K 505 -14.56 51.54 -37.22
CA PRO K 505 -14.28 51.36 -35.79
C PRO K 505 -13.77 49.98 -35.34
N ILE K 506 -14.09 48.92 -36.10
CA ILE K 506 -13.75 47.54 -35.75
C ILE K 506 -14.34 47.21 -34.37
N ASP K 507 -15.62 47.53 -34.19
CA ASP K 507 -16.34 47.17 -32.98
C ASP K 507 -17.34 46.05 -33.21
N THR K 508 -17.42 45.52 -34.43
CA THR K 508 -18.33 44.44 -34.77
C THR K 508 -17.56 43.38 -35.54
N ARG K 509 -17.98 42.11 -35.37
CA ARG K 509 -17.43 41.05 -36.20
C ARG K 509 -17.56 41.39 -37.68
N ALA K 510 -18.66 42.05 -38.06
CA ALA K 510 -18.83 42.48 -39.44
C ALA K 510 -17.73 43.45 -39.85
N ALA K 511 -17.45 44.44 -39.00
CA ALA K 511 -16.41 45.42 -39.32
C ALA K 511 -15.04 44.76 -39.36
N LEU K 512 -14.80 43.78 -38.48
CA LEU K 512 -13.54 43.04 -38.52
C LEU K 512 -13.41 42.25 -39.81
N ILE K 513 -14.52 41.68 -40.30
CA ILE K 513 -14.48 40.91 -41.53
C ILE K 513 -14.11 41.81 -42.71
N PHE K 514 -14.66 43.03 -42.74
CA PHE K 514 -14.31 43.94 -43.82
C PHE K 514 -12.84 44.35 -43.74
N ALA K 515 -12.35 44.62 -42.53
CA ALA K 515 -10.96 45.00 -42.37
C ALA K 515 -10.02 43.91 -42.88
N CYS K 516 -10.39 42.65 -42.67
CA CYS K 516 -9.55 41.53 -43.10
C CYS K 516 -9.76 41.16 -44.56
N THR K 517 -10.93 41.48 -45.14
CA THR K 517 -11.08 41.31 -46.59
C THR K 517 -10.33 42.39 -47.35
N LYS K 518 -10.51 43.65 -46.94
CA LYS K 518 -9.84 44.76 -47.61
C LYS K 518 -8.33 44.63 -47.55
N VAL K 519 -7.79 44.18 -46.43
CA VAL K 519 -6.34 44.04 -46.29
C VAL K 519 -5.83 42.89 -47.13
N ILE K 520 -6.51 41.74 -47.07
CA ILE K 520 -6.10 40.59 -47.86
C ILE K 520 -6.22 40.89 -49.36
N PHE K 521 -7.26 41.62 -49.74
CA PHE K 521 -7.48 41.90 -51.16
C PHE K 521 -6.39 42.79 -51.73
N THR K 522 -6.07 43.89 -51.04
CA THR K 522 -5.05 44.81 -51.52
C THR K 522 -3.63 44.31 -51.27
N ALA K 523 -3.46 43.19 -50.59
CA ALA K 523 -2.16 42.55 -50.49
C ALA K 523 -1.97 41.44 -51.51
N SER K 524 -3.05 40.95 -52.10
CA SER K 524 -2.98 39.86 -53.06
C SER K 524 -3.48 40.31 -54.42
N ALA K 525 -4.80 40.41 -54.58
CA ALA K 525 -5.41 40.72 -55.85
C ALA K 525 -5.05 42.12 -56.32
N GLU K 526 -5.49 43.15 -55.58
CA GLU K 526 -5.29 44.53 -56.01
C GLU K 526 -3.83 44.84 -56.31
N HIS K 527 -2.91 44.25 -55.56
CA HIS K 527 -1.49 44.43 -55.88
C HIS K 527 -1.15 43.80 -57.22
N SER K 528 -1.70 42.61 -57.50
CA SER K 528 -1.46 41.99 -58.80
C SER K 528 -2.04 42.83 -59.92
N ALA K 529 -3.23 43.41 -59.71
CA ALA K 529 -3.90 44.20 -60.72
C ALA K 529 -3.17 45.50 -61.06
N VAL K 530 -2.16 45.88 -60.27
CA VAL K 530 -1.39 47.09 -60.55
C VAL K 530 0.11 46.85 -60.68
N ASN K 531 0.65 45.74 -60.17
CA ASN K 531 2.09 45.51 -60.22
C ASN K 531 2.52 44.80 -61.49
N PHE K 532 1.88 43.68 -61.80
CA PHE K 532 2.28 42.88 -62.95
C PHE K 532 1.90 43.52 -64.30
N PRO K 533 0.92 44.43 -64.36
CA PRO K 533 0.81 45.27 -65.56
C PRO K 533 2.04 46.11 -65.86
N GLN K 534 2.96 46.29 -64.90
CA GLN K 534 4.16 47.08 -65.16
C GLN K 534 4.99 46.47 -66.28
N LYS K 535 5.25 45.16 -66.20
CA LYS K 535 5.97 44.49 -67.27
C LYS K 535 5.15 44.43 -68.55
N ASP K 536 3.88 44.05 -68.44
CA ASP K 536 3.09 43.70 -69.61
C ASP K 536 2.57 44.90 -70.38
N LEU K 537 2.46 46.07 -69.75
CA LEU K 537 1.86 47.23 -70.42
C LEU K 537 2.65 48.52 -70.27
N MET K 538 3.69 48.56 -69.43
CA MET K 538 4.34 49.82 -69.11
C MET K 538 5.84 49.85 -69.38
N SER K 539 6.44 48.75 -69.82
CA SER K 539 7.87 48.73 -70.07
C SER K 539 8.27 49.32 -71.41
N TYR K 540 7.30 49.61 -72.28
CA TYR K 540 7.56 50.20 -73.60
C TYR K 540 7.14 51.67 -73.52
N ALA K 541 8.11 52.57 -73.65
CA ALA K 541 7.92 54.00 -73.38
C ALA K 541 6.96 54.69 -74.34
N PRO K 542 7.00 54.42 -75.66
CA PRO K 542 5.98 55.03 -76.54
C PRO K 542 4.56 54.64 -76.17
N ALA K 543 4.35 53.44 -75.64
CA ALA K 543 3.01 53.04 -75.20
C ALA K 543 2.56 53.89 -74.00
N ILE K 544 3.43 54.01 -73.00
CA ILE K 544 3.15 54.79 -71.79
C ILE K 544 4.46 54.99 -71.04
N THR K 545 4.66 56.17 -70.47
CA THR K 545 5.91 56.45 -69.78
C THR K 545 5.68 57.57 -68.77
N GLY K 546 6.71 57.81 -67.96
CA GLY K 546 6.59 58.76 -66.87
C GLY K 546 6.74 60.21 -67.24
N ALA K 547 7.26 60.51 -68.44
CA ALA K 547 7.48 61.88 -68.85
C ALA K 547 7.13 62.06 -70.32
N GLY K 548 6.48 63.19 -70.61
CA GLY K 548 6.34 63.64 -71.99
C GLY K 548 7.45 64.60 -72.32
N TRP K 549 8.16 64.33 -73.40
CA TRP K 549 9.41 65.02 -73.70
C TRP K 549 9.29 66.07 -74.79
N THR K 550 8.09 66.29 -75.32
CA THR K 550 7.75 67.50 -76.03
C THR K 550 6.61 68.19 -75.30
N ALA K 551 6.19 69.33 -75.83
CA ALA K 551 5.41 70.27 -75.04
C ALA K 551 4.01 69.74 -74.75
N ALA K 552 3.33 69.18 -75.75
CA ALA K 552 1.88 69.16 -75.58
C ALA K 552 1.16 68.17 -76.50
N PRO K 553 -0.15 68.01 -76.35
CA PRO K 553 -0.93 67.27 -77.35
C PRO K 553 -0.93 67.93 -78.72
N PRO K 554 -0.96 69.26 -78.82
CA PRO K 554 -0.74 69.85 -80.16
C PRO K 554 0.63 69.47 -80.69
N SER K 555 0.62 68.79 -81.83
CA SER K 555 1.82 68.10 -82.31
C SER K 555 2.92 69.08 -82.67
N GLN K 556 4.14 68.77 -82.23
CA GLN K 556 5.32 69.58 -82.51
C GLN K 556 6.11 69.10 -83.71
N GLY K 557 5.96 67.83 -84.08
CA GLY K 557 6.71 67.27 -85.18
C GLY K 557 6.81 65.76 -85.09
N PRO K 558 8.01 65.22 -85.23
CA PRO K 558 8.18 63.77 -85.19
C PRO K 558 7.80 63.19 -83.84
N LEU K 559 7.17 62.01 -83.86
CA LEU K 559 6.77 61.34 -82.63
C LEU K 559 7.99 60.90 -81.81
N LYS K 560 9.15 60.74 -82.44
CA LYS K 560 10.35 60.35 -81.72
C LYS K 560 10.87 61.44 -80.80
N ASP K 561 10.40 62.68 -80.97
CA ASP K 561 10.81 63.76 -80.08
C ASP K 561 10.06 63.72 -78.75
N PHE K 562 8.83 63.19 -78.74
CA PHE K 562 8.04 63.11 -77.52
C PHE K 562 8.56 62.05 -76.55
N GLN K 563 9.33 61.09 -77.03
CA GLN K 563 9.73 59.93 -76.25
C GLN K 563 10.97 60.23 -75.42
N PRO K 564 11.20 59.47 -74.35
CA PRO K 564 12.32 59.76 -73.45
C PRO K 564 13.67 59.51 -74.12
N PRO K 565 14.75 60.09 -73.57
CA PRO K 565 16.09 59.73 -74.05
C PRO K 565 16.34 58.23 -73.88
N LEU K 566 17.17 57.69 -74.76
CA LEU K 566 17.38 56.25 -74.81
C LEU K 566 17.96 55.70 -73.51
N GLU K 567 18.59 56.55 -72.69
CA GLU K 567 19.11 56.08 -71.41
C GLU K 567 17.99 55.76 -70.45
N LEU K 568 17.02 56.67 -70.33
CA LEU K 568 15.88 56.43 -69.44
C LEU K 568 14.98 55.33 -69.98
N ALA K 569 14.76 55.31 -71.29
CA ALA K 569 13.90 54.28 -71.89
C ALA K 569 14.43 52.89 -71.60
N GLU K 570 15.75 52.70 -71.69
CA GLU K 570 16.32 51.40 -71.31
C GLU K 570 16.12 51.14 -69.83
N LEU K 571 16.32 52.15 -68.99
CA LEU K 571 16.11 51.98 -67.56
C LEU K 571 14.63 51.73 -67.25
N GLN K 572 13.73 52.45 -67.91
CA GLN K 572 12.30 52.29 -67.65
C GLN K 572 11.86 50.85 -67.87
N ALA K 573 12.25 50.27 -69.01
CA ALA K 573 11.91 48.87 -69.25
C ALA K 573 12.54 47.96 -68.21
N GLU K 574 13.80 48.22 -67.85
CA GLU K 574 14.53 47.31 -67.00
C GLU K 574 14.01 47.31 -65.56
N PHE K 575 13.54 48.45 -65.06
CA PHE K 575 13.06 48.50 -63.69
C PHE K 575 11.59 48.13 -63.56
N LEU K 576 10.81 48.23 -64.64
CA LEU K 576 9.45 47.72 -64.63
C LEU K 576 9.37 46.25 -65.00
N TYR K 577 10.36 45.74 -65.76
CA TYR K 577 10.43 44.31 -66.03
C TYR K 577 10.71 43.52 -64.76
N LEU K 578 11.52 44.09 -63.86
CA LEU K 578 11.87 43.42 -62.62
C LEU K 578 10.73 43.48 -61.61
N LEU K 579 10.21 44.69 -61.34
CA LEU K 579 9.15 44.82 -60.35
C LEU K 579 7.89 44.10 -60.79
N GLY K 580 7.60 44.09 -62.09
CA GLY K 580 6.43 43.43 -62.59
C GLY K 580 6.60 41.99 -63.01
N GLY K 581 7.76 41.40 -62.79
CA GLY K 581 7.99 40.04 -63.26
C GLY K 581 8.47 39.07 -62.20
N VAL K 582 7.95 39.19 -60.98
CA VAL K 582 8.25 38.28 -59.88
C VAL K 582 6.94 37.90 -59.21
N HIS K 583 6.54 36.64 -59.35
CA HIS K 583 5.27 36.14 -58.85
C HIS K 583 5.44 35.22 -57.65
N HIS K 584 6.52 35.39 -56.89
CA HIS K 584 6.78 34.55 -55.72
C HIS K 584 5.58 34.55 -54.79
N THR K 585 5.23 33.35 -54.28
CA THR K 585 4.12 33.06 -53.37
C THR K 585 2.77 33.22 -54.06
N LYS K 586 1.77 32.44 -53.64
CA LYS K 586 0.49 32.33 -54.33
C LYS K 586 -0.66 32.35 -53.34
N LEU K 587 -1.70 33.14 -53.64
CA LEU K 587 -2.83 33.31 -52.73
C LEU K 587 -3.53 31.99 -52.43
N GLY K 588 -4.04 31.88 -51.20
CA GLY K 588 -4.73 30.70 -50.75
C GLY K 588 -3.84 29.65 -50.11
N PHE K 589 -2.52 29.81 -50.18
CA PHE K 589 -1.57 28.84 -49.65
C PHE K 589 -0.70 29.53 -48.62
N TYR K 590 -0.93 29.20 -47.35
CA TYR K 590 -0.28 29.86 -46.23
C TYR K 590 0.92 29.03 -45.80
N ASN K 591 2.12 29.57 -46.00
CA ASN K 591 3.36 28.90 -45.63
C ASN K 591 4.25 29.88 -44.87
N SER K 592 5.35 29.36 -44.35
CA SER K 592 6.32 30.17 -43.62
C SER K 592 7.29 30.82 -44.59
N ASN K 593 8.20 31.63 -44.04
CA ASN K 593 9.24 32.30 -44.80
C ASN K 593 10.59 31.61 -44.67
N SER K 594 10.62 30.36 -44.20
CA SER K 594 11.85 29.66 -43.89
C SER K 594 12.00 28.44 -44.80
N PHE K 595 13.10 27.71 -44.59
CA PHE K 595 13.51 26.66 -45.53
C PHE K 595 12.47 25.58 -45.78
N PRO K 596 11.77 25.03 -44.78
CA PRO K 596 10.75 24.03 -45.10
C PRO K 596 9.62 24.59 -45.95
N TYR K 597 9.29 25.87 -45.80
CA TYR K 597 8.08 26.45 -46.39
C TYR K 597 6.86 25.58 -46.11
N ARG K 598 6.86 24.94 -44.94
CA ARG K 598 5.82 24.02 -44.53
C ARG K 598 4.59 24.79 -44.06
N ALA K 599 3.48 24.06 -43.93
CA ALA K 599 2.18 24.66 -43.64
C ALA K 599 2.26 25.58 -42.43
N TRP K 600 1.52 26.69 -42.49
CA TRP K 600 1.56 27.72 -41.48
C TRP K 600 0.44 27.60 -40.45
N PHE K 601 -0.81 27.53 -40.91
CA PHE K 601 -1.93 27.30 -40.00
C PHE K 601 -1.72 26.01 -39.22
N LYS K 602 -1.91 26.07 -37.92
CA LYS K 602 -1.77 24.91 -37.05
C LYS K 602 -3.08 24.37 -36.53
N ASP K 603 -4.08 25.22 -36.32
CA ASP K 603 -5.41 24.80 -35.93
C ASP K 603 -5.96 23.84 -36.97
N PRO K 604 -6.24 22.58 -36.63
CA PRO K 604 -6.75 21.64 -37.64
C PRO K 604 -8.08 22.04 -38.26
N LYS K 605 -8.89 22.84 -37.56
CA LYS K 605 -10.12 23.35 -38.15
C LYS K 605 -9.83 24.17 -39.41
N ILE K 606 -8.72 24.91 -39.40
CA ILE K 606 -8.31 25.65 -40.58
C ILE K 606 -7.57 24.74 -41.55
N THR K 607 -6.70 23.88 -41.04
CA THR K 607 -5.81 23.11 -41.89
C THR K 607 -6.56 22.06 -42.68
N ALA K 608 -7.60 21.46 -42.09
CA ALA K 608 -8.32 20.37 -42.72
C ALA K 608 -9.63 20.77 -43.38
N GLU K 609 -10.24 21.87 -42.96
CA GLU K 609 -11.61 22.15 -43.37
C GLU K 609 -11.79 23.51 -44.02
N LEU K 610 -11.33 24.56 -43.34
CA LEU K 610 -11.64 25.93 -43.75
C LEU K 610 -10.73 26.39 -44.90
N LEU K 611 -9.42 26.37 -44.68
CA LEU K 611 -8.50 26.72 -45.76
C LEU K 611 -8.69 25.86 -47.01
N PRO K 612 -8.89 24.54 -46.91
CA PRO K 612 -9.25 23.79 -48.13
C PRO K 612 -10.52 24.28 -48.78
N ALA K 613 -11.47 24.81 -48.00
CA ALA K 613 -12.67 25.38 -48.59
C ALA K 613 -12.38 26.69 -49.29
N PHE K 614 -11.43 27.47 -48.78
CA PHE K 614 -10.98 28.67 -49.48
C PHE K 614 -10.31 28.29 -50.79
N GLN K 615 -9.40 27.32 -50.75
CA GLN K 615 -8.66 26.94 -51.94
C GLN K 615 -9.56 26.34 -53.02
N ARG K 616 -10.66 25.71 -52.63
CA ARG K 616 -11.59 25.17 -53.63
C ARG K 616 -12.37 26.28 -54.33
N ASP K 617 -12.65 27.39 -53.63
CA ASP K 617 -13.37 28.48 -54.26
C ASP K 617 -12.49 29.22 -55.26
N LEU K 618 -11.21 29.42 -54.92
CA LEU K 618 -10.29 30.04 -55.87
C LEU K 618 -10.13 29.17 -57.12
N ALA K 619 -10.09 27.85 -56.94
CA ALA K 619 -9.96 26.95 -58.08
C ALA K 619 -11.18 27.02 -58.98
N ALA K 620 -12.37 27.15 -58.38
CA ALA K 620 -13.58 27.27 -59.20
C ALA K 620 -13.62 28.60 -59.94
N SER K 621 -13.22 29.69 -59.27
CA SER K 621 -13.16 30.98 -59.93
C SER K 621 -12.05 31.03 -60.97
N GLU K 622 -11.01 30.21 -60.80
CA GLU K 622 -9.95 30.15 -61.80
C GLU K 622 -10.49 29.64 -63.14
N GLU K 623 -11.21 28.52 -63.11
CA GLU K 623 -11.83 28.02 -64.34
C GLU K 623 -12.79 29.03 -64.95
N LEU K 624 -13.54 29.74 -64.10
CA LEU K 624 -14.53 30.70 -64.60
C LEU K 624 -13.85 31.91 -65.24
N ILE K 625 -12.78 32.41 -64.60
CA ILE K 625 -12.08 33.56 -65.15
C ILE K 625 -11.28 33.15 -66.40
N VAL K 626 -10.73 31.95 -66.40
CA VAL K 626 -10.00 31.46 -67.57
C VAL K 626 -10.94 31.37 -68.76
N ALA K 627 -12.15 30.86 -68.55
CA ALA K 627 -13.12 30.74 -69.64
C ALA K 627 -13.44 32.10 -70.24
N ALA K 628 -13.60 33.13 -69.41
CA ALA K 628 -13.81 34.48 -69.93
C ALA K 628 -12.56 34.99 -70.64
N ASN K 629 -11.38 34.73 -70.09
CA ASN K 629 -10.14 35.20 -70.68
C ASN K 629 -9.87 34.54 -72.02
N ALA K 630 -10.49 33.40 -72.31
CA ALA K 630 -10.39 32.82 -73.65
C ALA K 630 -11.17 33.66 -74.65
N THR K 631 -12.39 34.06 -74.30
CA THR K 631 -13.22 34.90 -75.15
C THR K 631 -12.93 36.38 -74.93
N ARG K 632 -11.65 36.75 -74.95
CA ARG K 632 -11.24 38.13 -74.76
C ARG K 632 -10.08 38.45 -75.69
N THR K 633 -10.16 39.62 -76.32
CA THR K 633 -9.06 40.09 -77.16
C THR K 633 -7.95 40.71 -76.32
N PHE K 634 -8.31 41.57 -75.37
CA PHE K 634 -7.36 42.13 -74.42
C PHE K 634 -7.35 41.24 -73.18
N LYS K 635 -6.27 40.49 -72.99
CA LYS K 635 -6.22 39.45 -71.98
C LYS K 635 -5.89 40.04 -70.61
N TYR K 636 -6.72 39.70 -69.62
CA TYR K 636 -6.51 40.15 -68.24
C TYR K 636 -6.15 38.91 -67.42
N THR K 637 -4.88 38.79 -67.08
CA THR K 637 -4.35 37.62 -66.39
C THR K 637 -3.89 37.95 -64.97
N TYR K 638 -4.50 38.96 -64.36
CA TYR K 638 -4.07 39.41 -63.04
C TYR K 638 -5.06 39.05 -61.94
N MET K 639 -6.23 38.51 -62.27
CA MET K 639 -7.17 38.03 -61.27
C MET K 639 -7.26 36.51 -61.25
N ILE K 640 -6.28 35.83 -61.84
CA ILE K 640 -6.26 34.37 -61.89
C ILE K 640 -5.58 33.87 -60.62
N PRO K 641 -6.26 33.05 -59.80
CA PRO K 641 -5.71 32.70 -58.49
C PRO K 641 -4.40 31.93 -58.53
N SER K 642 -4.08 31.26 -59.64
CA SER K 642 -2.80 30.57 -59.72
C SER K 642 -1.62 31.52 -59.87
N THR K 643 -1.89 32.79 -60.19
CA THR K 643 -0.85 33.79 -60.36
C THR K 643 -0.82 34.85 -59.27
N ILE K 644 -1.94 35.08 -58.59
CA ILE K 644 -2.05 36.11 -57.55
C ILE K 644 -1.11 35.78 -56.41
N PRO K 645 -0.20 36.67 -56.02
CA PRO K 645 0.64 36.42 -54.85
C PRO K 645 -0.14 36.61 -53.55
N MET K 646 0.45 36.11 -52.46
CA MET K 646 -0.14 36.26 -51.14
C MET K 646 0.09 37.63 -50.53
N SER K 647 1.12 38.35 -50.98
CA SER K 647 1.55 39.54 -50.27
C SER K 647 2.11 40.56 -51.25
N ILE K 648 2.43 41.73 -50.71
CA ILE K 648 3.20 42.74 -51.43
C ILE K 648 4.68 42.44 -51.15
N ASN K 649 5.40 42.02 -52.18
CA ASN K 649 6.76 41.52 -51.99
C ASN K 649 7.72 41.95 -53.10
N ILE K 650 7.26 42.67 -54.10
CA ILE K 650 8.11 43.14 -55.19
C ILE K 650 7.49 44.46 -55.62
N ASN L 3 45.41 20.43 60.57
CA ASN L 3 45.70 19.05 60.90
C ASN L 3 47.15 18.69 60.56
N ILE L 4 47.72 17.75 61.30
CA ILE L 4 49.08 17.28 61.08
C ILE L 4 49.01 15.80 60.71
N PRO L 5 49.61 15.39 59.59
CA PRO L 5 49.58 13.97 59.22
C PRO L 5 50.33 13.12 60.23
N THR L 6 49.89 11.87 60.37
CA THR L 6 50.45 10.96 61.34
C THR L 6 50.66 9.59 60.71
N LEU L 7 51.79 8.95 61.06
CA LEU L 7 51.96 7.55 60.71
C LEU L 7 50.88 6.72 61.42
N PRO L 8 50.42 5.64 60.80
CA PRO L 8 49.24 4.94 61.36
C PRO L 8 49.49 4.32 62.73
N GLN L 9 50.71 3.89 63.04
CA GLN L 9 50.97 3.39 64.39
C GLN L 9 50.89 4.52 65.41
N ASN L 10 51.33 5.72 65.03
CA ASN L 10 51.28 6.89 65.90
C ASN L 10 49.89 7.52 65.98
N ASP L 11 48.98 7.13 65.09
CA ASP L 11 47.69 7.79 65.00
C ASP L 11 46.91 7.59 66.30
N PRO L 12 46.41 8.65 66.93
CA PRO L 12 45.69 8.50 68.20
C PRO L 12 44.23 8.08 68.04
N ARG L 13 43.67 8.18 66.83
CA ARG L 13 42.35 7.65 66.52
C ARG L 13 42.47 6.60 65.41
N PRO L 14 42.96 5.41 65.74
CA PRO L 14 43.22 4.41 64.68
C PRO L 14 41.95 3.89 64.02
N GLU L 15 40.89 3.64 64.78
CA GLU L 15 39.69 3.03 64.20
C GLU L 15 39.03 3.95 63.19
N GLN L 16 38.90 5.25 63.53
CA GLN L 16 38.40 6.22 62.57
C GLN L 16 39.25 6.31 61.31
N ARG L 17 40.54 5.97 61.41
CA ARG L 17 41.41 5.92 60.25
C ARG L 17 41.18 4.68 59.39
N ALA L 18 40.84 3.55 60.02
CA ALA L 18 40.66 2.31 59.26
C ALA L 18 39.36 2.32 58.48
N GLN L 19 38.29 2.86 59.06
CA GLN L 19 37.01 2.91 58.36
C GLN L 19 37.13 3.75 57.09
N GLN L 20 37.95 4.80 57.12
CA GLN L 20 38.17 5.60 55.93
C GLN L 20 38.88 4.79 54.85
N LEU L 21 39.96 4.08 55.23
CA LEU L 21 40.65 3.23 54.27
C LEU L 21 39.73 2.15 53.71
N ASP L 22 38.78 1.66 54.51
CA ASP L 22 37.83 0.68 54.01
C ASP L 22 36.89 1.30 52.98
N LYS L 23 36.26 2.42 53.34
CA LYS L 23 35.38 3.10 52.39
C LYS L 23 36.15 3.57 51.16
N ALA L 24 37.42 3.95 51.34
CA ALA L 24 38.23 4.36 50.19
C ALA L 24 38.50 3.18 49.26
N ARG L 25 38.71 1.99 49.83
CA ARG L 25 38.91 0.80 49.00
C ARG L 25 37.68 0.47 48.18
N GLU L 26 36.49 0.87 48.65
CA GLU L 26 35.27 0.66 47.87
C GLU L 26 35.26 1.53 46.62
N THR L 27 35.55 2.83 46.78
CA THR L 27 35.48 3.75 45.66
C THR L 27 36.53 3.42 44.60
N TYR L 28 37.68 2.91 45.01
CA TYR L 28 38.81 2.63 44.12
C TYR L 28 39.00 1.12 44.05
N LYS L 29 38.24 0.48 43.17
CA LYS L 29 38.35 -0.95 42.91
C LYS L 29 39.07 -1.19 41.58
N TYR L 30 39.47 -2.44 41.37
CA TYR L 30 40.32 -2.81 40.26
C TYR L 30 39.52 -3.27 39.05
N ALA L 31 40.19 -3.31 37.91
CA ALA L 31 39.57 -3.67 36.64
C ALA L 31 40.59 -4.35 35.73
N ASP L 32 40.11 -4.86 34.61
CA ASP L 32 40.93 -5.49 33.59
C ASP L 32 40.93 -4.72 32.28
N LEU L 33 40.66 -3.41 32.32
CA LEU L 33 40.55 -2.60 31.12
C LEU L 33 41.78 -2.69 30.24
N LEU L 34 42.94 -2.97 30.84
CA LEU L 34 44.07 -3.49 30.08
C LEU L 34 44.71 -4.63 30.86
N PRO L 35 44.84 -5.81 30.26
CA PRO L 35 45.26 -7.01 31.02
C PRO L 35 46.73 -6.94 31.39
N PRO L 36 47.31 -8.01 32.04
CA PRO L 36 48.43 -7.83 32.96
C PRO L 36 48.68 -6.44 33.53
N LEU L 37 47.64 -5.72 33.97
CA LEU L 37 47.86 -4.40 34.55
C LEU L 37 46.82 -4.13 35.63
N ALA L 38 47.25 -3.40 36.64
CA ALA L 38 46.35 -2.92 37.69
C ALA L 38 45.66 -1.66 37.18
N PHE L 39 44.35 -1.74 36.95
CA PHE L 39 43.59 -0.68 36.30
C PHE L 39 42.37 -0.33 37.15
N CYS L 40 41.98 0.93 37.11
CA CYS L 40 40.81 1.37 37.87
C CYS L 40 39.54 1.13 37.05
N GLU L 41 38.47 0.75 37.75
CA GLU L 41 37.18 0.51 37.11
C GLU L 41 36.46 1.83 36.95
N GLY L 42 36.34 2.31 35.71
CA GLY L 42 35.71 3.57 35.45
C GLY L 42 36.55 4.73 35.97
N VAL L 43 35.87 5.83 36.24
CA VAL L 43 36.50 7.02 36.81
C VAL L 43 35.84 7.32 38.15
N PRO L 44 36.53 7.08 39.28
CA PRO L 44 35.97 7.47 40.58
C PRO L 44 35.65 8.96 40.62
N LYS L 45 34.49 9.29 41.16
CA LYS L 45 34.00 10.66 41.10
C LYS L 45 34.95 11.68 41.72
N PRO L 46 35.62 11.42 42.86
CA PRO L 46 36.63 12.38 43.33
C PRO L 46 37.75 12.63 42.34
N ASP L 47 38.01 11.73 41.39
CA ASP L 47 39.10 11.86 40.46
C ASP L 47 38.65 12.26 39.06
N THR L 48 37.40 12.70 38.90
CA THR L 48 36.97 13.22 37.60
C THR L 48 37.72 14.51 37.29
N PRO L 49 37.86 14.85 36.01
CA PRO L 49 38.53 16.11 35.64
C PRO L 49 37.84 17.31 36.28
N SER L 50 38.66 18.28 36.72
CA SER L 50 38.15 19.50 37.30
C SER L 50 37.75 20.47 36.19
N ALA L 51 37.00 21.50 36.60
CA ALA L 51 36.50 22.47 35.63
C ALA L 51 37.63 23.30 35.02
N ALA L 52 38.73 23.47 35.76
CA ALA L 52 39.88 24.18 35.19
C ALA L 52 40.59 23.33 34.15
N TRP L 53 40.63 22.01 34.34
CA TRP L 53 41.17 21.13 33.30
C TRP L 53 40.23 21.07 32.10
N LEU L 54 38.93 20.92 32.36
CA LEU L 54 37.96 20.85 31.27
C LEU L 54 37.93 22.12 30.44
N VAL L 55 38.17 23.27 31.08
CA VAL L 55 38.15 24.53 30.35
C VAL L 55 39.37 24.65 29.46
N THR L 56 40.55 24.36 29.99
CA THR L 56 41.78 24.52 29.22
C THR L 56 41.79 23.59 28.01
N VAL L 57 41.36 22.34 28.19
CA VAL L 57 41.29 21.41 27.07
C VAL L 57 40.22 21.86 26.08
N GLY L 58 39.12 22.40 26.59
CA GLY L 58 38.04 22.83 25.71
C GLY L 58 38.48 23.91 24.74
N LYS L 59 39.32 24.84 25.19
CA LYS L 59 39.85 25.84 24.29
C LYS L 59 40.76 25.23 23.23
N VAL L 60 41.44 24.13 23.55
CA VAL L 60 42.26 23.44 22.57
C VAL L 60 41.40 22.56 21.67
N ALA L 61 40.49 21.80 22.28
CA ALA L 61 39.65 20.89 21.50
C ALA L 61 38.82 21.64 20.47
N ALA L 62 38.38 22.85 20.80
CA ALA L 62 37.66 23.67 19.82
C ALA L 62 38.58 24.09 18.68
N ALA L 63 39.83 24.43 19.00
CA ALA L 63 40.77 24.83 17.95
C ALA L 63 41.03 23.69 16.97
N VAL L 64 41.08 22.45 17.48
CA VAL L 64 41.23 21.30 16.60
C VAL L 64 39.99 21.11 15.75
N ALA L 65 38.81 21.34 16.34
CA ALA L 65 37.57 21.21 15.58
C ALA L 65 37.51 22.25 14.46
N LEU L 66 37.96 23.47 14.73
CA LEU L 66 37.95 24.50 13.68
C LEU L 66 38.96 24.19 12.59
N ASN L 67 40.11 23.61 12.96
CA ASN L 67 41.09 23.24 11.96
C ASN L 67 40.54 22.16 11.02
N ALA L 68 39.77 21.21 11.57
CA ALA L 68 39.13 20.21 10.74
C ALA L 68 38.12 20.84 9.79
N VAL L 69 37.32 21.78 10.29
CA VAL L 69 36.33 22.44 9.44
C VAL L 69 37.01 23.24 8.34
N ALA L 70 38.07 23.98 8.68
CA ALA L 70 38.76 24.79 7.69
C ALA L 70 39.33 23.92 6.57
N ASN L 71 39.91 22.77 6.92
CA ASN L 71 40.46 21.88 5.89
C ASN L 71 39.37 21.36 4.96
N ARG L 72 38.15 21.22 5.46
CA ARG L 72 37.05 20.78 4.61
C ARG L 72 36.61 21.89 3.66
N ARG L 73 36.68 23.14 4.11
CA ARG L 73 36.42 24.27 3.23
C ARG L 73 37.39 24.26 2.04
N ALA L 74 38.68 24.11 2.32
CA ALA L 74 39.68 24.13 1.26
C ALA L 74 39.59 22.88 0.39
N TRP L 75 39.20 21.75 0.95
CA TRP L 75 38.99 20.51 0.20
C TRP L 75 37.59 20.52 -0.44
N LYS L 76 37.35 21.54 -1.24
CA LYS L 76 36.03 21.79 -1.81
C LYS L 76 36.12 22.71 -3.02
N PHE L 87 27.71 26.39 3.39
CA PHE L 87 26.88 26.69 4.56
C PHE L 87 26.92 25.53 5.53
N ASP L 88 27.12 24.31 5.00
CA ASP L 88 27.40 23.18 5.85
C ASP L 88 28.67 23.40 6.65
N VAL L 89 29.72 23.90 5.99
CA VAL L 89 30.94 24.25 6.71
C VAL L 89 30.77 25.50 7.57
N GLY L 90 29.80 26.35 7.24
CA GLY L 90 29.51 27.48 8.09
C GLY L 90 28.68 27.09 9.30
N GLY L 91 27.64 26.28 9.07
CA GLY L 91 26.80 25.83 10.17
C GLY L 91 27.55 25.03 11.20
N THR L 92 28.58 24.30 10.79
CA THR L 92 29.41 23.55 11.73
C THR L 92 30.59 24.37 12.27
N SER L 93 30.89 25.52 11.67
CA SER L 93 31.99 26.35 12.16
C SER L 93 31.54 27.22 13.32
N GLU L 94 30.32 27.74 13.26
CA GLU L 94 29.90 28.75 14.23
C GLU L 94 29.38 28.14 15.52
N GLU L 95 28.82 26.93 15.46
CA GLU L 95 28.46 26.24 16.70
C GLU L 95 29.69 25.88 17.51
N ASP L 96 30.81 25.57 16.84
CA ASP L 96 32.07 25.36 17.55
C ASP L 96 32.59 26.69 18.11
N GLN L 97 32.49 27.77 17.32
CA GLN L 97 32.83 29.08 17.85
C GLN L 97 31.94 29.45 19.04
N ASN L 98 30.68 29.03 18.99
CA ASN L 98 29.77 29.29 20.10
C ASN L 98 30.24 28.58 21.37
N GLU L 99 30.73 27.35 21.23
CA GLU L 99 31.18 26.60 22.40
C GLU L 99 32.40 27.26 23.04
N ALA L 100 33.27 27.87 22.22
CA ALA L 100 34.35 28.66 22.78
C ALA L 100 33.81 29.85 23.57
N GLY L 101 32.70 30.44 23.10
CA GLY L 101 32.03 31.46 23.89
C GLY L 101 31.33 30.89 25.11
N HIS L 102 30.72 29.71 24.96
CA HIS L 102 30.19 29.00 26.13
C HIS L 102 31.27 28.82 27.17
N ASN L 103 32.44 28.33 26.76
CA ASN L 103 33.53 28.07 27.70
C ASN L 103 34.01 29.36 28.36
N SER L 104 34.20 30.41 27.57
CA SER L 104 34.84 31.61 28.08
C SER L 104 34.01 32.33 29.14
N PHE L 105 32.69 32.20 29.09
CA PHE L 105 31.81 32.95 29.98
C PHE L 105 31.03 32.09 30.96
N LEU L 106 30.53 30.93 30.55
CA LEU L 106 29.78 30.08 31.47
C LEU L 106 30.65 29.67 32.65
N ALA L 107 31.83 29.14 32.38
CA ALA L 107 32.79 28.82 33.43
C ALA L 107 34.03 29.69 33.29
N PRO L 125 27.80 21.07 33.03
CA PRO L 125 26.93 21.47 31.92
C PRO L 125 27.61 21.34 30.56
N SER L 126 27.96 22.46 29.94
CA SER L 126 28.71 22.41 28.70
C SER L 126 30.08 21.75 28.90
N VAL L 127 30.67 21.93 30.08
CA VAL L 127 31.96 21.32 30.36
C VAL L 127 31.82 19.81 30.51
N LEU L 128 30.76 19.34 31.17
CA LEU L 128 30.66 17.93 31.56
C LEU L 128 30.73 17.01 30.34
N ASP L 129 29.90 17.25 29.34
CA ASP L 129 29.85 16.36 28.19
C ASP L 129 30.81 16.80 27.09
N GLU L 130 30.63 18.03 26.59
CA GLU L 130 31.27 18.44 25.34
C GLU L 130 32.78 18.24 25.37
N VAL L 131 33.44 18.78 26.38
CA VAL L 131 34.90 18.66 26.45
C VAL L 131 35.31 17.20 26.48
N ASN L 132 34.73 16.42 27.39
CA ASN L 132 35.01 14.99 27.43
C ASN L 132 34.64 14.31 26.12
N GLU L 133 33.50 14.70 25.54
CA GLU L 133 33.06 14.09 24.29
C GLU L 133 34.01 14.44 23.15
N ARG L 134 34.38 15.72 23.04
CA ARG L 134 35.27 16.14 21.97
C ARG L 134 36.65 15.51 22.11
N VAL L 135 37.10 15.26 23.34
CA VAL L 135 38.36 14.56 23.53
C VAL L 135 38.26 13.13 23.04
N ALA L 136 37.12 12.48 23.27
CA ALA L 136 36.95 11.09 22.86
C ALA L 136 36.93 10.96 21.35
N ALA L 137 36.32 11.92 20.65
CA ALA L 137 36.23 11.84 19.20
C ALA L 137 37.60 12.03 18.54
N ILE L 138 38.38 12.99 19.04
CA ILE L 138 39.69 13.26 18.45
C ILE L 138 40.68 12.15 18.83
N LEU L 139 40.55 11.57 20.02
CA LEU L 139 41.45 10.50 20.44
C LEU L 139 41.08 9.17 19.79
N GLY L 140 39.82 8.75 19.94
CA GLY L 140 39.39 7.50 19.37
C GLY L 140 39.25 7.53 17.86
N ALA L 141 39.64 8.64 17.23
CA ALA L 141 39.55 8.80 15.78
C ALA L 141 38.12 8.60 15.28
N LYS L 142 37.16 9.04 16.09
CA LYS L 142 35.76 8.93 15.70
C LYS L 142 35.47 9.85 14.50
N PRO L 143 34.48 9.50 13.70
CA PRO L 143 34.05 10.38 12.61
C PRO L 143 33.24 11.54 13.18
N ASN L 144 32.74 12.37 12.26
CA ASN L 144 31.86 13.51 12.55
C ASN L 144 32.36 14.34 13.73
N ARG L 145 33.65 14.70 13.70
CA ARG L 145 34.17 15.69 14.63
C ARG L 145 33.82 17.09 14.10
N HIS L 146 32.54 17.43 14.23
CA HIS L 146 32.08 18.72 13.75
C HIS L 146 31.50 19.53 14.91
N VAL L 147 30.22 19.36 15.20
CA VAL L 147 29.68 19.96 16.41
C VAL L 147 28.91 18.93 17.22
N PRO L 148 29.37 18.61 18.44
CA PRO L 148 28.58 17.72 19.30
C PRO L 148 27.25 18.33 19.61
N PRO L 149 26.20 17.51 19.89
CA PRO L 149 24.81 17.96 19.77
C PRO L 149 24.57 19.22 18.96
N ALA L 150 24.62 19.10 17.64
CA ALA L 150 24.34 20.21 16.74
C ALA L 150 22.92 20.11 16.19
N GLY L 172 33.12 1.55 4.82
CA GLY L 172 33.26 2.74 5.64
C GLY L 172 34.44 3.60 5.21
N ASN L 173 34.31 4.22 4.04
CA ASN L 173 35.39 4.99 3.46
C ASN L 173 35.40 6.41 4.01
N VAL L 174 36.57 7.06 3.92
CA VAL L 174 36.72 8.41 4.45
C VAL L 174 35.99 9.39 3.56
N SER L 175 35.39 10.41 4.19
CA SER L 175 34.60 11.39 3.45
C SER L 175 35.47 12.17 2.48
N LYS L 176 34.99 12.31 1.24
CA LYS L 176 35.66 13.16 0.27
C LYS L 176 35.42 14.64 0.51
N ASP L 177 34.54 14.99 1.46
CA ASP L 177 34.36 16.39 1.81
C ASP L 177 35.55 16.93 2.59
N GLY L 178 36.18 16.08 3.39
CA GLY L 178 37.40 16.44 4.08
C GLY L 178 38.60 15.85 3.37
N PRO L 179 39.80 16.38 3.66
CA PRO L 179 41.00 15.86 3.01
C PRO L 179 41.18 14.37 3.23
N ASN L 180 41.55 13.67 2.16
CA ASN L 180 41.65 12.22 2.19
C ASN L 180 42.52 11.74 1.04
N GLY L 181 43.12 10.57 1.22
CA GLY L 181 43.81 9.89 0.14
C GLY L 181 45.25 10.30 -0.04
N ARG L 182 45.76 10.01 -1.23
CA ARG L 182 47.15 10.28 -1.58
C ARG L 182 47.34 11.76 -1.92
N PRO L 183 48.54 12.29 -1.72
CA PRO L 183 48.79 13.71 -2.00
C PRO L 183 49.31 13.96 -3.40
N GLN L 184 49.15 15.22 -3.83
CA GLN L 184 49.79 15.69 -5.06
C GLN L 184 51.18 16.23 -4.82
N SER L 185 51.49 16.65 -3.60
CA SER L 185 52.77 17.29 -3.29
C SER L 185 52.93 17.28 -1.78
N MET L 186 54.17 17.51 -1.34
CA MET L 186 54.44 17.64 0.09
C MET L 186 53.71 18.84 0.70
N ASP L 187 53.28 19.78 -0.13
CA ASP L 187 52.55 20.96 0.36
C ASP L 187 51.29 20.56 1.12
N ASP L 188 50.71 19.41 0.80
CA ASP L 188 49.44 19.02 1.41
C ASP L 188 49.58 18.77 2.91
N TYR L 189 50.75 18.32 3.36
CA TYR L 189 50.92 18.03 4.78
C TYR L 189 51.12 19.30 5.58
N ALA L 190 51.90 20.24 5.06
CA ALA L 190 52.08 21.52 5.74
C ALA L 190 50.79 22.33 5.75
N ASN L 191 49.94 22.15 4.74
CA ASN L 191 48.69 22.92 4.64
C ASN L 191 47.58 22.39 5.54
N LEU L 192 47.75 21.18 6.09
CA LEU L 192 46.74 20.66 7.02
C LEU L 192 46.60 21.55 8.24
N PHE L 193 47.72 22.11 8.71
CA PHE L 193 47.71 23.07 9.81
C PHE L 193 47.17 24.39 9.29
N ARG L 194 45.89 24.65 9.53
CA ARG L 194 45.24 25.87 9.04
C ARG L 194 44.80 26.78 10.18
N ARG L 195 43.96 26.29 11.07
CA ARG L 195 43.60 27.03 12.28
C ARG L 195 44.56 26.76 13.42
N ILE L 196 45.52 25.85 13.24
CA ILE L 196 46.59 25.60 14.18
C ILE L 196 47.90 25.91 13.46
N THR L 197 48.93 26.23 14.25
CA THR L 197 50.19 26.70 13.71
C THR L 197 51.09 25.52 13.34
N LEU L 198 51.65 25.58 12.14
CA LEU L 198 52.61 24.56 11.71
C LEU L 198 53.85 24.61 12.61
N PRO L 199 54.37 23.46 13.04
CA PRO L 199 55.53 23.46 13.94
C PRO L 199 56.80 23.88 13.21
N PRO L 200 57.81 24.36 13.96
CA PRO L 200 59.07 24.76 13.30
C PRO L 200 59.85 23.60 12.72
N ILE L 201 59.70 22.39 13.26
CA ILE L 201 60.42 21.24 12.76
C ILE L 201 60.04 20.93 11.31
N ALA L 202 58.87 21.40 10.87
CA ALA L 202 58.45 21.17 9.49
C ALA L 202 59.39 21.80 8.48
N SER L 203 60.21 22.78 8.89
CA SER L 203 61.09 23.49 7.99
C SER L 203 62.57 23.27 8.34
N THR L 204 62.87 22.28 9.19
CA THR L 204 64.24 21.97 9.55
C THR L 204 64.53 20.48 9.65
N TRP L 205 63.53 19.61 9.46
CA TRP L 205 63.67 18.22 9.88
C TRP L 205 64.60 17.42 8.97
N LYS L 206 64.74 17.82 7.71
CA LYS L 206 65.66 17.10 6.83
C LYS L 206 67.12 17.30 7.24
N ASN L 207 67.41 18.30 8.04
CA ASN L 207 68.79 18.56 8.46
C ASN L 207 69.28 17.48 9.41
N ASP L 208 70.52 17.04 9.18
CA ASP L 208 71.15 16.09 10.09
C ASP L 208 71.22 16.63 11.50
N SER L 209 71.59 17.91 11.65
CA SER L 209 71.70 18.52 12.96
C SER L 209 70.39 18.44 13.74
N ALA L 210 69.25 18.43 13.03
CA ALA L 210 67.96 18.27 13.67
C ALA L 210 67.60 16.81 13.91
N PHE L 211 68.00 15.91 13.00
CA PHE L 211 67.80 14.49 13.22
C PHE L 211 68.54 14.02 14.47
N ALA L 212 69.70 14.61 14.75
CA ALA L 212 70.47 14.24 15.94
C ALA L 212 69.93 14.93 17.19
N ALA L 213 69.49 16.18 17.06
CA ALA L 213 68.92 16.89 18.20
C ALA L 213 67.66 16.20 18.74
N TYR L 214 67.07 15.30 17.96
CA TYR L 214 65.95 14.51 18.44
C TYR L 214 66.37 13.53 19.54
N ARG L 215 67.61 13.04 19.48
CA ARG L 215 68.05 12.02 20.44
C ARG L 215 68.48 12.62 21.77
N VAL L 216 68.82 13.90 21.80
CA VAL L 216 69.14 14.59 23.04
C VAL L 216 68.05 15.55 23.47
N ALA L 217 67.13 15.94 22.59
CA ALA L 217 66.12 16.93 22.93
C ALA L 217 64.77 16.64 22.30
N GLY L 218 64.53 15.42 21.81
CA GLY L 218 63.29 15.09 21.18
C GLY L 218 62.34 14.32 22.08
N PRO L 219 61.37 13.63 21.49
CA PRO L 219 60.35 12.96 22.31
C PRO L 219 60.90 11.80 23.12
N ASN L 220 62.01 11.20 22.71
CA ASN L 220 62.68 10.14 23.46
C ASN L 220 64.16 10.53 23.53
N ALA L 221 64.53 11.26 24.57
CA ALA L 221 65.91 11.66 24.81
C ALA L 221 66.60 10.75 25.81
N SER L 222 66.08 9.54 26.02
CA SER L 222 66.64 8.58 26.97
C SER L 222 67.20 7.35 26.27
N MET L 223 67.44 7.43 24.96
CA MET L 223 67.74 6.28 24.13
C MET L 223 69.22 6.00 23.93
N ILE L 224 70.01 7.04 23.64
CA ILE L 224 71.39 6.83 23.23
C ILE L 224 72.21 6.18 24.34
N GLN L 225 73.12 5.31 23.94
CA GLN L 225 73.93 4.53 24.87
C GLN L 225 75.35 4.46 24.33
N ARG L 226 76.31 4.90 25.14
CA ARG L 226 77.70 4.96 24.68
C ARG L 226 78.23 3.56 24.36
N ILE L 227 79.13 3.50 23.38
CA ILE L 227 79.79 2.26 22.99
C ILE L 227 81.27 2.56 22.73
N THR L 228 82.13 1.64 23.17
CA THR L 228 83.54 1.67 22.81
C THR L 228 83.90 0.60 21.79
N GLU L 229 82.96 -0.29 21.46
CA GLU L 229 83.16 -1.31 20.44
C GLU L 229 81.84 -1.46 19.70
N LEU L 230 81.89 -1.39 18.37
CA LEU L 230 80.68 -1.54 17.58
C LEU L 230 80.06 -2.91 17.82
N PRO L 231 78.73 -3.01 17.86
CA PRO L 231 78.11 -4.33 17.96
C PRO L 231 78.36 -5.13 16.70
N ASP L 232 78.20 -6.46 16.82
CA ASP L 232 78.57 -7.34 15.72
C ASP L 232 77.62 -7.22 14.54
N ASN L 233 76.35 -6.90 14.77
CA ASN L 233 75.36 -6.81 13.72
C ASN L 233 75.24 -5.40 13.12
N PHE L 234 76.15 -4.49 13.48
CA PHE L 234 76.12 -3.10 12.99
C PHE L 234 77.58 -2.68 12.80
N ALA L 235 78.16 -3.04 11.66
CA ALA L 235 79.59 -2.82 11.40
C ALA L 235 79.77 -1.61 10.50
N VAL L 236 79.65 -0.42 11.09
CA VAL L 236 79.98 0.79 10.36
C VAL L 236 81.49 0.85 10.15
N THR L 237 81.89 1.34 8.99
CA THR L 237 83.30 1.35 8.61
C THR L 237 83.93 2.70 8.94
N ASP L 238 85.26 2.73 8.86
CA ASP L 238 85.97 3.99 8.99
C ASP L 238 85.61 4.95 7.85
N ALA L 239 85.19 4.40 6.71
CA ALA L 239 84.76 5.23 5.59
C ALA L 239 83.49 6.00 5.93
N HIS L 240 82.45 5.28 6.38
CA HIS L 240 81.20 5.95 6.76
C HIS L 240 81.45 7.00 7.82
N TYR L 241 82.39 6.75 8.73
CA TYR L 241 82.68 7.70 9.80
C TYR L 241 83.28 8.98 9.25
N LYS L 242 84.26 8.86 8.34
CA LYS L 242 84.89 10.05 7.78
C LYS L 242 83.93 10.85 6.92
N GLN L 243 83.02 10.16 6.21
CA GLN L 243 81.98 10.86 5.45
C GLN L 243 81.15 11.80 6.32
N ALA L 244 81.09 11.54 7.63
CA ALA L 244 80.24 12.31 8.52
C ALA L 244 81.01 13.17 9.52
N MET L 245 82.20 12.74 9.92
CA MET L 245 82.99 13.45 10.93
C MET L 245 84.22 14.13 10.35
N GLY L 246 84.40 14.08 9.03
CA GLY L 246 85.53 14.71 8.39
C GLY L 246 86.77 13.86 8.42
N GLU L 247 87.77 14.29 7.65
CA GLU L 247 89.04 13.56 7.55
C GLU L 247 89.94 13.78 8.75
N GLY L 248 89.65 14.77 9.59
CA GLY L 248 90.39 14.98 10.82
C GLY L 248 89.94 14.12 11.97
N ASP L 249 89.16 13.08 11.71
CA ASP L 249 88.64 12.20 12.75
C ASP L 249 88.70 10.77 12.27
N SER L 250 88.85 9.84 13.22
CA SER L 250 88.93 8.42 12.94
C SER L 250 87.85 7.67 13.71
N LEU L 251 87.38 6.57 13.15
CA LEU L 251 86.44 5.71 13.87
C LEU L 251 87.10 5.11 15.10
N ASP L 252 88.37 4.70 14.98
CA ASP L 252 89.09 4.21 16.14
C ASP L 252 89.36 5.32 17.15
N ALA L 253 89.39 6.57 16.69
CA ALA L 253 89.61 7.69 17.60
C ALA L 253 88.38 8.03 18.42
N ALA L 254 87.18 7.80 17.87
CA ALA L 254 85.96 8.13 18.58
C ALA L 254 85.56 7.05 19.58
N LYS L 255 85.90 5.79 19.30
CA LYS L 255 85.54 4.71 20.21
C LYS L 255 86.41 4.70 21.46
N ALA L 256 87.68 5.10 21.35
CA ALA L 256 88.60 5.08 22.48
C ALA L 256 88.53 6.35 23.33
N GLU L 257 87.83 7.38 22.88
CA GLU L 257 87.65 8.60 23.65
C GLU L 257 86.21 8.81 24.09
N GLY L 258 85.36 7.79 23.94
CA GLY L 258 83.98 7.89 24.38
C GLY L 258 83.15 8.90 23.63
N ARG L 259 83.35 9.02 22.31
CA ARG L 259 82.61 9.95 21.48
C ARG L 259 81.59 9.26 20.59
N LEU L 260 81.35 7.97 20.77
CA LEU L 260 80.41 7.21 19.97
C LEU L 260 79.19 6.87 20.82
N PHE L 261 78.01 7.19 20.31
CA PHE L 261 76.74 6.91 20.99
C PHE L 261 75.84 6.17 20.01
N LEU L 262 75.22 5.09 20.48
CA LEU L 262 74.41 4.22 19.64
C LEU L 262 72.96 4.22 20.13
N ALA L 263 72.02 4.32 19.19
CA ALA L 263 70.60 4.25 19.48
C ALA L 263 70.05 3.00 18.79
N ASP L 264 69.73 1.98 19.58
CA ASP L 264 69.21 0.71 19.09
C ASP L 264 67.72 0.62 19.41
N TRP L 265 66.91 0.39 18.38
CA TRP L 265 65.47 0.18 18.54
C TRP L 265 65.10 -1.29 18.46
N LYS L 266 65.86 -2.15 19.16
CA LYS L 266 65.68 -3.60 19.06
C LYS L 266 64.27 -4.03 19.47
N LEU L 267 63.72 -3.41 20.51
CA LEU L 267 62.42 -3.82 21.05
C LEU L 267 61.29 -3.72 20.03
N ILE L 268 61.44 -2.88 19.00
CA ILE L 268 60.42 -2.80 17.96
C ILE L 268 60.29 -4.13 17.24
N GLY L 269 61.44 -4.76 16.91
CA GLY L 269 61.41 -5.97 16.11
C GLY L 269 60.81 -7.17 16.81
N GLU L 270 60.92 -7.23 18.13
CA GLU L 270 60.48 -8.39 18.90
C GLU L 270 59.01 -8.34 19.29
N THR L 271 58.29 -7.29 18.93
CA THR L 271 56.92 -7.13 19.43
C THR L 271 55.92 -6.74 18.35
N LEU L 272 56.31 -5.91 17.39
CA LEU L 272 55.36 -5.27 16.50
C LEU L 272 55.09 -6.11 15.25
N VAL L 273 53.81 -6.21 14.90
CA VAL L 273 53.36 -6.89 13.69
C VAL L 273 52.81 -5.82 12.75
N ASN L 274 53.36 -5.76 11.54
CA ASN L 274 52.92 -4.77 10.57
C ASN L 274 51.48 -5.05 10.15
N ASN L 275 50.64 -4.03 10.21
CA ASN L 275 49.25 -4.10 9.77
C ASN L 275 49.06 -3.24 8.54
N THR L 276 47.82 -3.20 8.05
CA THR L 276 47.47 -2.42 6.86
C THR L 276 46.39 -1.41 7.21
N TYR L 277 46.37 -0.32 6.46
CA TYR L 277 45.29 0.66 6.52
C TYR L 277 44.61 0.70 5.16
N LYS L 278 43.36 0.22 5.11
CA LYS L 278 42.57 0.18 3.88
C LYS L 278 43.34 -0.50 2.76
N GLY L 279 44.13 -1.51 3.12
CA GLY L 279 44.87 -2.27 2.14
C GLY L 279 46.34 -1.92 2.08
N ALA L 280 46.66 -0.63 2.19
CA ALA L 280 48.04 -0.18 2.03
C ALA L 280 48.92 -0.70 3.16
N GLN L 281 50.07 -1.24 2.79
CA GLN L 281 51.00 -1.79 3.77
C GLN L 281 51.65 -0.67 4.57
N LYS L 282 51.57 -0.77 5.89
CA LYS L 282 52.25 0.14 6.81
C LYS L 282 53.48 -0.58 7.36
N THR L 283 54.63 0.09 7.30
CA THR L 283 55.91 -0.53 7.63
C THR L 283 56.60 0.24 8.73
N VAL L 284 57.11 -0.48 9.73
CA VAL L 284 57.97 0.06 10.77
C VAL L 284 59.18 -0.87 10.90
N TYR L 285 60.36 -0.27 11.07
CA TYR L 285 61.60 -1.03 11.18
C TYR L 285 62.06 -1.05 12.64
N ALA L 286 63.14 -1.79 12.89
CA ALA L 286 63.84 -1.83 14.17
C ALA L 286 65.27 -1.38 13.91
N PRO L 287 65.49 -0.08 13.73
CA PRO L 287 66.78 0.38 13.19
C PRO L 287 67.95 0.28 14.16
N LEU L 288 69.12 0.70 13.68
CA LEU L 288 70.31 0.87 14.48
C LEU L 288 70.97 2.15 14.02
N ALA L 289 70.92 3.20 14.83
CA ALA L 289 71.40 4.51 14.45
C ALA L 289 72.68 4.83 15.22
N LEU L 290 73.77 5.07 14.50
CA LEU L 290 75.02 5.47 15.12
C LEU L 290 75.13 6.99 15.14
N PHE L 291 75.58 7.53 16.26
CA PHE L 291 75.81 8.96 16.40
C PHE L 291 77.21 9.19 16.96
N ALA L 292 77.75 10.37 16.69
CA ALA L 292 79.09 10.73 17.15
C ALA L 292 79.12 12.19 17.53
N VAL L 293 80.14 12.56 18.29
CA VAL L 293 80.42 13.96 18.61
C VAL L 293 81.85 14.26 18.16
N PRO L 294 82.13 15.45 17.65
CA PRO L 294 83.45 15.74 17.08
C PRO L 294 84.52 15.74 18.15
N PRO L 295 85.80 15.64 17.77
CA PRO L 295 86.87 15.76 18.77
C PRO L 295 86.78 17.07 19.53
N GLY L 296 87.25 17.04 20.77
CA GLY L 296 87.11 18.17 21.68
C GLY L 296 85.74 18.32 22.30
N GLY L 297 84.73 17.65 21.77
CA GLY L 297 83.41 17.68 22.37
C GLY L 297 82.45 18.68 21.78
N GLY L 298 81.21 18.27 21.56
CA GLY L 298 80.19 19.15 21.01
C GLY L 298 78.83 18.49 20.90
N SER L 299 78.03 18.94 19.94
CA SER L 299 76.70 18.38 19.76
C SER L 299 76.78 17.03 19.07
N LEU L 300 75.72 16.24 19.26
CA LEU L 300 75.60 14.95 18.60
C LEU L 300 75.37 15.14 17.11
N ALA L 301 75.80 14.15 16.32
CA ALA L 301 75.67 14.21 14.87
C ALA L 301 75.60 12.80 14.33
N PRO L 302 74.82 12.57 13.26
CA PRO L 302 74.62 11.20 12.78
C PRO L 302 75.75 10.73 11.87
N VAL L 303 76.09 9.46 12.01
CA VAL L 303 77.13 8.82 11.20
C VAL L 303 76.53 7.78 10.26
N ALA L 304 75.81 6.80 10.80
CA ALA L 304 75.27 5.70 10.00
C ALA L 304 73.92 5.26 10.55
N ILE L 305 73.19 4.53 9.71
CA ILE L 305 71.93 3.91 10.09
C ILE L 305 71.87 2.54 9.43
N GLN L 306 71.38 1.55 10.18
CA GLN L 306 71.06 0.24 9.61
C GLN L 306 69.60 -0.06 9.89
N PRO L 307 68.73 -0.06 8.88
CA PRO L 307 67.28 -0.19 9.15
C PRO L 307 66.88 -1.47 9.87
N GLY L 308 67.63 -2.56 9.72
CA GLY L 308 67.25 -3.81 10.35
C GLY L 308 68.28 -4.35 11.33
N GLN L 309 67.83 -5.20 12.25
CA GLN L 309 68.75 -5.77 13.23
C GLN L 309 69.78 -6.67 12.58
N THR L 310 69.33 -7.61 11.74
CA THR L 310 70.22 -8.57 11.11
C THR L 310 70.71 -8.03 9.78
N PRO L 311 72.03 -7.91 9.58
CA PRO L 311 72.53 -7.54 8.25
C PRO L 311 72.11 -8.57 7.21
N SER L 312 71.82 -8.08 6.02
CA SER L 312 71.29 -8.94 4.95
C SER L 312 71.55 -8.25 3.62
N PRO L 313 71.30 -8.94 2.50
CA PRO L 313 71.33 -8.23 1.21
C PRO L 313 70.28 -7.13 1.10
N THR L 314 69.13 -7.28 1.77
CA THR L 314 68.09 -6.27 1.71
C THR L 314 68.25 -5.18 2.76
N ASN L 315 68.91 -5.49 3.87
CA ASN L 315 69.15 -4.55 4.97
C ASN L 315 70.63 -4.19 4.98
N LYS L 316 70.94 -2.97 4.55
CA LYS L 316 72.32 -2.51 4.43
C LYS L 316 72.58 -1.35 5.37
N ILE L 317 73.81 -0.85 5.33
CA ILE L 317 74.26 0.28 6.14
C ILE L 317 74.22 1.53 5.28
N TYR L 318 73.56 2.58 5.78
CA TYR L 318 73.42 3.83 5.06
C TYR L 318 74.24 4.91 5.75
N ALA L 319 74.82 5.80 4.94
CA ALA L 319 75.75 6.81 5.41
C ALA L 319 75.29 8.20 4.95
N THR L 320 76.04 9.21 5.37
CA THR L 320 75.59 10.60 5.25
C THR L 320 75.68 11.15 3.84
N GLN L 321 76.51 10.56 2.97
CA GLN L 321 76.68 11.07 1.62
C GLN L 321 75.81 10.33 0.61
N ASP L 322 74.90 9.47 1.05
CA ASP L 322 74.07 8.68 0.16
C ASP L 322 72.77 9.39 -0.21
N GLY L 323 72.62 10.66 0.15
CA GLY L 323 71.53 11.49 -0.30
C GLY L 323 70.12 10.99 -0.04
N ASN L 324 69.41 10.60 -1.10
CA ASN L 324 68.02 10.22 -0.96
C ASN L 324 67.86 8.97 -0.11
N ASP L 325 68.73 7.98 -0.30
CA ASP L 325 68.68 6.78 0.54
C ASP L 325 69.05 7.10 1.98
N TRP L 326 69.82 8.16 2.20
CA TRP L 326 70.15 8.57 3.56
C TRP L 326 68.95 9.20 4.26
N LEU L 327 68.30 10.17 3.60
CA LEU L 327 67.13 10.81 4.19
C LEU L 327 66.02 9.82 4.44
N ALA L 328 65.87 8.81 3.58
CA ALA L 328 64.84 7.80 3.78
C ALA L 328 65.16 6.93 4.98
N ALA L 329 66.44 6.61 5.20
CA ALA L 329 66.82 5.85 6.38
C ALA L 329 66.57 6.65 7.65
N LYS L 330 66.79 7.96 7.61
CA LYS L 330 66.47 8.81 8.75
C LYS L 330 64.97 8.82 9.02
N SER L 331 64.17 9.04 7.97
CA SER L 331 62.73 9.05 8.13
C SER L 331 62.19 7.72 8.65
N ALA L 332 62.89 6.62 8.35
CA ALA L 332 62.50 5.33 8.90
C ALA L 332 62.78 5.26 10.40
N VAL L 333 63.97 5.72 10.82
CA VAL L 333 64.30 5.76 12.24
C VAL L 333 63.24 6.55 13.01
N GLN L 334 62.72 7.62 12.40
CA GLN L 334 61.71 8.44 13.08
C GLN L 334 60.38 7.71 13.17
N VAL L 335 60.03 6.90 12.17
CA VAL L 335 58.81 6.11 12.25
C VAL L 335 58.90 5.10 13.39
N ALA L 336 60.06 4.46 13.54
CA ALA L 336 60.25 3.52 14.65
C ALA L 336 60.31 4.25 15.98
N GLU L 337 60.94 5.42 16.02
CA GLU L 337 60.99 6.19 17.25
C GLU L 337 59.60 6.66 17.66
N GLY L 338 58.79 7.10 16.69
CA GLY L 338 57.43 7.51 16.99
C GLY L 338 56.60 6.40 17.59
N ASN L 339 56.83 5.16 17.15
CA ASN L 339 56.21 4.01 17.79
C ASN L 339 56.81 3.77 19.18
N TYR L 340 58.13 3.81 19.28
CA TYR L 340 58.80 3.55 20.56
C TYR L 340 58.39 4.60 21.59
N HIS L 341 58.42 5.88 21.21
CA HIS L 341 58.07 6.94 22.16
C HIS L 341 56.64 6.76 22.67
N GLU L 342 55.67 6.74 21.74
CA GLU L 342 54.27 6.83 22.13
C GLU L 342 53.81 5.64 22.96
N LEU L 343 54.50 4.51 22.89
CA LEU L 343 54.08 3.32 23.62
C LEU L 343 55.05 2.88 24.71
N VAL L 344 56.36 3.10 24.52
CA VAL L 344 57.34 2.78 25.56
C VAL L 344 57.64 4.02 26.38
N SER L 345 58.37 4.97 25.79
CA SER L 345 58.83 6.14 26.54
C SER L 345 57.67 6.95 27.11
N HIS L 346 56.57 7.03 26.38
CA HIS L 346 55.45 7.88 26.79
C HIS L 346 54.42 7.10 27.57
N LEU L 347 53.42 6.55 26.88
CA LEU L 347 52.27 5.94 27.56
C LEU L 347 52.71 4.81 28.48
N GLY L 348 53.65 3.98 28.03
CA GLY L 348 54.02 2.81 28.82
C GLY L 348 54.71 3.16 30.12
N LEU L 349 55.74 4.01 30.05
CA LEU L 349 56.61 4.26 31.19
C LEU L 349 56.29 5.57 31.90
N THR L 350 55.11 6.14 31.69
CA THR L 350 54.64 7.25 32.50
C THR L 350 53.19 7.05 32.88
N HIS L 351 52.32 6.90 31.87
CA HIS L 351 50.89 6.74 32.14
C HIS L 351 50.59 5.42 32.81
N LEU L 352 51.17 4.33 32.31
CA LEU L 352 50.84 3.01 32.81
C LEU L 352 51.77 2.55 33.93
N LEU L 353 52.99 3.07 33.99
CA LEU L 353 53.86 2.77 35.12
C LEU L 353 53.31 3.35 36.42
N LEU L 354 52.60 4.48 36.34
CA LEU L 354 52.05 5.11 37.53
C LEU L 354 50.65 4.65 37.87
N GLU L 355 49.93 4.04 36.92
CA GLU L 355 48.57 3.60 37.18
C GLU L 355 48.46 2.63 38.36
N PRO L 356 49.32 1.61 38.51
CA PRO L 356 49.20 0.75 39.71
C PRO L 356 49.61 1.45 40.98
N ILE L 357 50.58 2.37 40.92
CA ILE L 357 51.00 3.12 42.09
C ILE L 357 49.87 4.03 42.56
N VAL L 358 49.15 4.64 41.62
CA VAL L 358 48.00 5.48 41.99
C VAL L 358 46.98 4.65 42.76
N MET L 359 46.63 3.47 42.25
CA MET L 359 45.61 2.64 42.89
C MET L 359 46.04 2.23 44.28
N ALA L 360 47.28 1.76 44.42
CA ALA L 360 47.74 1.27 45.72
C ALA L 360 47.71 2.37 46.77
N THR L 361 47.83 3.65 46.37
CA THR L 361 47.87 4.74 47.34
C THR L 361 46.51 4.96 47.98
N TYR L 362 45.47 5.19 47.16
CA TYR L 362 44.13 5.37 47.70
C TYR L 362 43.69 4.18 48.54
N ARG L 363 44.14 2.98 48.19
CA ARG L 363 43.66 1.77 48.87
C ARG L 363 44.44 1.47 50.14
N GLN L 364 45.70 1.91 50.24
CA GLN L 364 46.56 1.52 51.34
C GLN L 364 46.97 2.66 52.26
N LEU L 365 47.16 3.87 51.74
CA LEU L 365 47.53 5.00 52.57
C LEU L 365 46.28 5.77 52.95
N ALA L 366 46.08 5.97 54.25
CA ALA L 366 44.90 6.67 54.73
C ALA L 366 44.97 8.14 54.37
N GLN L 367 43.81 8.81 54.41
CA GLN L 367 43.77 10.24 54.13
C GLN L 367 44.62 11.05 55.11
N HIS L 368 44.97 10.48 56.25
CA HIS L 368 45.82 11.14 57.24
C HIS L 368 47.29 10.79 57.09
N HIS L 369 47.64 9.90 56.16
CA HIS L 369 49.04 9.50 56.00
C HIS L 369 49.83 10.63 55.36
N PRO L 370 51.04 10.92 55.86
CA PRO L 370 51.86 11.96 55.21
C PRO L 370 52.27 11.59 53.79
N ILE L 371 52.48 10.32 53.51
CA ILE L 371 52.82 9.91 52.14
C ILE L 371 51.60 10.03 51.23
N TYR L 372 50.41 9.73 51.75
CA TYR L 372 49.20 10.02 51.00
C TYR L 372 49.08 11.51 50.73
N MET L 373 49.46 12.35 51.70
CA MET L 373 49.43 13.78 51.49
C MET L 373 50.49 14.23 50.49
N LEU L 374 51.55 13.44 50.32
CA LEU L 374 52.61 13.83 49.40
C LEU L 374 52.25 13.49 47.96
N LEU L 375 51.81 12.25 47.71
CA LEU L 375 51.71 11.75 46.34
C LEU L 375 50.39 12.13 45.67
N ILE L 376 49.28 12.09 46.41
CA ILE L 376 47.96 12.20 45.79
C ILE L 376 47.82 13.39 44.84
N PRO L 377 48.25 14.61 45.20
CA PRO L 377 48.10 15.73 44.25
C PRO L 377 48.91 15.56 42.98
N HIS L 378 49.94 14.72 42.99
CA HIS L 378 50.63 14.37 41.77
C HIS L 378 49.85 13.39 40.91
N PHE L 379 48.76 12.83 41.44
CA PHE L 379 47.96 11.85 40.73
C PHE L 379 46.62 12.43 40.27
N GLU L 380 46.54 13.76 40.15
CA GLU L 380 45.32 14.40 39.66
C GLU L 380 45.24 14.25 38.15
N GLY L 381 44.11 13.71 37.67
CA GLY L 381 43.89 13.50 36.26
C GLY L 381 44.43 12.18 35.72
N THR L 382 45.31 11.52 36.46
CA THR L 382 45.96 10.31 35.95
C THR L 382 44.94 9.20 35.75
N LEU L 383 44.08 8.97 36.74
CA LEU L 383 43.07 7.92 36.62
C LEU L 383 42.10 8.21 35.48
N SER L 384 41.77 9.48 35.26
CA SER L 384 40.81 9.81 34.21
C SER L 384 41.45 9.72 32.84
N ILE L 385 42.64 10.34 32.66
CA ILE L 385 43.26 10.36 31.34
C ILE L 385 43.76 8.98 30.95
N ASN L 386 44.08 8.13 31.93
CA ASN L 386 44.43 6.75 31.59
C ASN L 386 43.21 5.96 31.15
N ASN L 387 42.04 6.27 31.73
CA ASN L 387 40.80 5.65 31.26
C ASN L 387 40.52 6.04 29.82
N SER L 388 40.71 7.32 29.49
CA SER L 388 40.48 7.77 28.11
C SER L 388 41.42 7.07 27.13
N ALA L 389 42.69 6.90 27.52
CA ALA L 389 43.61 6.16 26.68
C ALA L 389 43.12 4.75 26.44
N ALA L 390 42.63 4.08 27.49
CA ALA L 390 42.23 2.68 27.36
C ALA L 390 41.00 2.51 26.49
N THR L 391 40.06 3.46 26.56
CA THR L 391 38.78 3.30 25.86
C THR L 391 38.81 3.86 24.44
N ASN L 392 39.61 4.89 24.17
CA ASN L 392 39.63 5.53 22.86
C ASN L 392 40.98 5.48 22.18
N LEU L 393 42.05 5.93 22.86
CA LEU L 393 43.33 6.15 22.20
C LEU L 393 43.94 4.84 21.71
N ILE L 394 44.17 3.89 22.63
CA ILE L 394 44.81 2.63 22.28
C ILE L 394 43.78 1.52 22.04
N ALA L 395 42.51 1.88 21.85
CA ALA L 395 41.46 0.91 21.54
C ALA L 395 41.44 0.62 20.05
N PRO L 396 40.82 -0.50 19.64
CA PRO L 396 40.68 -0.77 18.20
C PRO L 396 39.97 0.36 17.49
N GLY L 397 40.50 0.75 16.33
CA GLY L 397 39.99 1.93 15.66
C GLY L 397 40.46 3.24 16.22
N GLY L 398 41.30 3.22 17.24
CA GLY L 398 41.81 4.44 17.84
C GLY L 398 42.85 5.10 16.95
N ALA L 399 43.29 6.28 17.42
CA ALA L 399 44.30 7.04 16.67
C ALA L 399 45.59 6.25 16.51
N VAL L 400 45.90 5.38 17.46
CA VAL L 400 47.12 4.59 17.37
C VAL L 400 46.93 3.39 16.45
N ASP L 401 45.71 2.86 16.35
CA ASP L 401 45.49 1.73 15.45
C ASP L 401 45.48 2.17 13.99
N LEU L 402 45.03 3.38 13.70
CA LEU L 402 44.99 3.86 12.32
C LEU L 402 46.35 4.37 11.86
N ILE L 403 47.02 5.15 12.69
CA ILE L 403 48.20 5.91 12.25
C ILE L 403 49.47 5.09 12.39
N PHE L 404 49.60 4.29 13.43
CA PHE L 404 50.85 3.58 13.69
C PHE L 404 50.89 2.25 12.96
N ALA L 405 52.12 1.80 12.65
CA ALA L 405 52.31 0.72 11.68
C ALA L 405 51.91 -0.64 12.24
N GLY L 406 52.01 -0.85 13.55
CA GLY L 406 51.71 -2.15 14.10
C GLY L 406 50.21 -2.39 14.28
N THR L 407 49.83 -3.67 14.30
CA THR L 407 48.50 -4.02 14.76
C THR L 407 48.34 -3.56 16.20
N ILE L 408 47.12 -3.17 16.57
CA ILE L 408 46.91 -2.53 17.86
C ILE L 408 47.36 -3.47 18.98
N GLU L 409 47.14 -4.77 18.82
CA GLU L 409 47.55 -5.72 19.85
C GLU L 409 49.06 -5.73 20.02
N SER L 410 49.80 -5.71 18.90
CA SER L 410 51.25 -5.66 18.98
C SER L 410 51.75 -4.39 19.64
N GLU L 411 50.98 -3.30 19.52
CA GLU L 411 51.35 -2.06 20.19
C GLU L 411 51.19 -2.20 21.70
N HIS L 412 50.06 -2.75 22.15
CA HIS L 412 49.93 -3.13 23.54
C HIS L 412 51.05 -4.06 23.97
N GLN L 413 51.41 -5.03 23.12
CA GLN L 413 52.51 -5.93 23.42
C GLN L 413 53.83 -5.19 23.52
N LEU L 414 53.96 -4.05 22.84
CA LEU L 414 55.20 -3.28 22.93
C LEU L 414 55.28 -2.53 24.25
N ALA L 415 54.20 -1.87 24.65
CA ALA L 415 54.20 -1.11 25.90
C ALA L 415 54.39 -2.03 27.09
N LEU L 416 53.70 -3.17 27.09
CA LEU L 416 53.81 -4.10 28.21
C LEU L 416 55.20 -4.71 28.32
N ALA L 417 55.83 -5.00 27.16
CA ALA L 417 57.16 -5.59 27.18
C ALA L 417 58.17 -4.68 27.86
N ALA L 418 57.95 -3.36 27.77
CA ALA L 418 58.86 -2.42 28.42
C ALA L 418 58.55 -2.28 29.91
N LEU L 419 57.27 -2.34 30.27
CA LEU L 419 56.89 -2.31 31.68
C LEU L 419 57.38 -3.55 32.41
N LYS L 420 57.46 -4.69 31.71
CA LYS L 420 57.90 -5.93 32.33
C LYS L 420 59.38 -5.93 32.67
N ARG L 421 60.20 -5.26 31.87
CA ARG L 421 61.65 -5.25 32.06
C ARG L 421 62.15 -4.06 32.87
N HIS L 422 61.28 -3.08 33.17
CA HIS L 422 61.70 -1.91 33.91
C HIS L 422 62.14 -2.28 35.32
N ASP L 423 63.25 -1.70 35.76
CA ASP L 423 63.70 -1.86 37.15
C ASP L 423 63.41 -0.54 37.86
N PHE L 424 62.28 -0.50 38.57
CA PHE L 424 61.84 0.73 39.22
C PHE L 424 62.89 1.26 40.18
N MET L 425 63.55 0.35 40.92
CA MET L 425 64.53 0.79 41.91
C MET L 425 65.81 1.31 41.28
N ARG L 426 66.14 0.91 40.06
CA ARG L 426 67.34 1.37 39.39
C ARG L 426 67.02 2.20 38.16
N SER L 427 65.85 2.85 38.13
CA SER L 427 65.46 3.74 37.05
C SER L 427 65.49 5.20 37.49
N GLY L 428 66.32 5.53 38.48
CA GLY L 428 66.51 6.93 38.85
C GLY L 428 67.36 7.64 37.82
N LEU L 429 66.93 8.86 37.48
CA LEU L 429 67.57 9.60 36.40
C LEU L 429 69.08 9.74 36.54
N PRO L 430 69.64 10.12 37.71
CA PRO L 430 71.10 10.10 37.84
C PRO L 430 71.70 8.70 37.72
N ASP L 431 70.91 7.65 37.95
CA ASP L 431 71.41 6.30 37.79
C ASP L 431 71.38 5.87 36.33
N THR L 432 70.34 6.25 35.59
CA THR L 432 70.26 5.87 34.18
C THR L 432 71.34 6.56 33.36
N ILE L 433 71.69 7.80 33.72
CA ILE L 433 72.66 8.57 32.94
C ILE L 433 74.04 7.93 33.01
N GLU L 434 74.38 7.28 34.12
CA GLU L 434 75.68 6.63 34.21
C GLU L 434 75.67 5.21 33.64
N GLN L 435 74.50 4.59 33.47
CA GLN L 435 74.43 3.29 32.82
C GLN L 435 74.61 3.39 31.31
N ARG L 436 74.38 4.57 30.73
CA ARG L 436 74.43 4.77 29.30
C ARG L 436 75.63 5.60 28.85
N GLY L 437 76.47 6.06 29.78
CA GLY L 437 77.69 6.77 29.42
C GLY L 437 77.50 8.19 28.96
N VAL L 438 76.32 8.77 29.11
CA VAL L 438 76.08 10.14 28.66
C VAL L 438 76.34 11.12 29.79
N GLY L 439 77.12 10.70 30.79
CA GLY L 439 77.25 11.50 32.01
C GLY L 439 78.24 12.64 31.94
N ASP L 440 79.21 12.59 31.03
CA ASP L 440 80.27 13.58 30.96
C ASP L 440 79.79 14.79 30.16
N THR L 441 79.67 15.93 30.83
CA THR L 441 79.31 17.18 30.15
C THR L 441 80.47 17.77 29.36
N SER L 442 81.64 17.14 29.38
CA SER L 442 82.78 17.63 28.62
C SER L 442 82.74 17.12 27.18
N VAL L 443 82.38 15.86 26.98
CA VAL L 443 82.33 15.27 25.65
C VAL L 443 81.02 15.61 24.98
N LEU L 444 79.94 14.97 25.40
CA LEU L 444 78.60 15.28 24.87
C LEU L 444 78.08 16.51 25.60
N THR L 445 78.33 17.68 25.02
CA THR L 445 78.02 18.95 25.67
C THR L 445 76.58 19.38 25.51
N ASP L 446 75.94 19.10 24.38
CA ASP L 446 74.54 19.45 24.16
C ASP L 446 73.68 18.22 24.39
N TYR L 447 73.11 18.12 25.59
CA TYR L 447 72.15 17.07 25.95
C TYR L 447 71.16 17.73 26.89
N PRO L 448 70.20 18.48 26.34
CA PRO L 448 69.34 19.31 27.22
C PRO L 448 68.53 18.49 28.22
N TYR L 449 67.93 17.38 27.77
CA TYR L 449 67.13 16.56 28.67
C TYR L 449 67.94 16.10 29.88
N ARG L 450 69.24 15.86 29.68
CA ARG L 450 70.10 15.46 30.79
C ARG L 450 70.31 16.61 31.76
N ASP L 451 70.84 17.73 31.26
CA ASP L 451 71.34 18.76 32.15
C ASP L 451 70.21 19.55 32.78
N ASP L 452 69.14 19.82 32.04
CA ASP L 452 67.94 20.37 32.65
C ASP L 452 67.26 19.35 33.54
N GLY L 453 67.32 18.07 33.16
CA GLY L 453 66.59 17.05 33.88
C GLY L 453 67.22 16.69 35.21
N LEU L 454 68.56 16.61 35.27
CA LEU L 454 69.21 16.31 36.52
C LEU L 454 68.94 17.38 37.57
N LYS L 455 68.68 18.62 37.14
CA LYS L 455 68.40 19.70 38.08
C LYS L 455 67.00 19.54 38.68
N ILE L 456 65.99 19.32 37.85
CA ILE L 456 64.64 19.16 38.36
C ILE L 456 64.51 17.86 39.14
N TRP L 457 65.28 16.83 38.77
CA TRP L 457 65.34 15.62 39.60
C TRP L 457 65.87 15.94 40.99
N ALA L 458 66.94 16.75 41.06
CA ALA L 458 67.56 17.02 42.35
C ALA L 458 66.69 17.93 43.20
N ASN L 459 66.00 18.90 42.59
CA ASN L 459 65.07 19.73 43.34
C ASN L 459 63.99 18.88 43.99
N ILE L 460 63.49 17.88 43.26
CA ILE L 460 62.47 16.99 43.79
C ILE L 460 63.05 16.11 44.89
N GLU L 461 64.30 15.66 44.72
CA GLU L 461 64.88 14.76 45.72
C GLU L 461 65.09 15.45 47.06
N ARG L 462 65.59 16.68 47.05
CA ARG L 462 65.77 17.40 48.30
C ARG L 462 64.43 17.66 48.99
N TRP L 463 63.39 17.94 48.20
CA TRP L 463 62.07 18.17 48.77
C TRP L 463 61.46 16.90 49.31
N VAL L 464 61.72 15.75 48.67
CA VAL L 464 61.30 14.48 49.24
C VAL L 464 62.07 14.18 50.51
N THR L 465 63.39 14.33 50.46
CA THR L 465 64.22 14.02 51.62
C THR L 465 63.85 14.89 52.82
N ALA L 466 63.57 16.17 52.58
CA ALA L 466 63.10 17.04 53.66
C ALA L 466 61.74 16.59 54.18
N TYR L 467 60.83 16.24 53.26
CA TYR L 467 59.50 15.79 53.66
C TYR L 467 59.57 14.47 54.42
N VAL L 468 60.29 13.49 53.89
CA VAL L 468 60.29 12.15 54.46
C VAL L 468 60.92 12.15 55.85
N ASN L 469 62.10 12.78 55.98
CA ASN L 469 62.76 12.87 57.28
C ASN L 469 61.94 13.64 58.30
N ASN L 470 61.02 14.50 57.84
CA ASN L 470 60.19 15.25 58.77
C ASN L 470 59.21 14.34 59.50
N TYR L 471 58.61 13.38 58.79
CA TYR L 471 57.59 12.50 59.37
C TYR L 471 58.14 11.16 59.81
N TYR L 472 59.09 10.59 59.06
CA TYR L 472 59.76 9.36 59.47
C TYR L 472 61.03 9.76 60.23
N ILE L 473 60.91 9.83 61.54
CA ILE L 473 61.97 10.30 62.42
C ILE L 473 62.89 9.18 62.91
N SER L 474 62.68 7.95 62.45
CA SER L 474 63.53 6.83 62.79
C SER L 474 63.39 5.79 61.70
N GLU L 475 64.36 4.86 61.65
CA GLU L 475 64.23 3.78 60.69
C GLU L 475 63.23 2.72 61.12
N ALA L 476 62.97 2.63 62.43
CA ALA L 476 61.89 1.78 62.91
C ALA L 476 60.53 2.30 62.45
N ASN L 477 60.43 3.60 62.17
CA ASN L 477 59.15 4.17 61.76
C ASN L 477 58.68 3.60 60.42
N VAL L 478 59.61 3.27 59.53
CA VAL L 478 59.21 2.71 58.23
C VAL L 478 58.75 1.27 58.37
N THR L 479 59.52 0.47 59.11
CA THR L 479 59.17 -0.95 59.26
C THR L 479 57.83 -1.13 59.95
N GLN L 480 57.57 -0.33 60.99
CA GLN L 480 56.34 -0.43 61.76
C GLN L 480 55.17 0.32 61.12
N ASP L 481 55.28 0.68 59.84
CA ASP L 481 54.22 1.37 59.12
C ASP L 481 53.46 0.33 58.31
N THR L 482 52.35 -0.16 58.86
CA THR L 482 51.57 -1.18 58.19
C THR L 482 51.02 -0.68 56.86
N GLU L 483 50.47 0.54 56.85
CA GLU L 483 49.88 1.09 55.63
C GLU L 483 50.92 1.17 54.51
N LEU L 484 52.09 1.72 54.82
CA LEU L 484 53.14 1.84 53.79
C LEU L 484 53.62 0.46 53.35
N GLN L 485 53.68 -0.49 54.29
CA GLN L 485 54.16 -1.82 53.95
C GLN L 485 53.12 -2.67 53.25
N ALA L 486 51.83 -2.37 53.42
CA ALA L 486 50.82 -2.95 52.55
C ALA L 486 50.80 -2.24 51.22
N TRP L 487 51.01 -0.92 51.24
CA TRP L 487 51.28 -0.16 50.02
C TRP L 487 52.46 -0.74 49.27
N ALA L 488 53.56 -1.04 49.98
CA ALA L 488 54.72 -1.65 49.33
C ALA L 488 54.45 -3.10 48.96
N ALA L 489 53.52 -3.77 49.65
CA ALA L 489 53.26 -5.18 49.37
C ALA L 489 52.57 -5.35 48.03
N VAL L 490 51.42 -4.69 47.85
CA VAL L 490 50.67 -4.79 46.61
C VAL L 490 51.48 -4.28 45.42
N LEU L 491 52.47 -3.42 45.66
CA LEU L 491 53.33 -2.93 44.59
C LEU L 491 54.54 -3.82 44.34
N SER L 492 54.94 -4.64 45.30
CA SER L 492 56.06 -5.55 45.10
C SER L 492 55.65 -6.86 44.44
N LYS L 493 54.35 -7.04 44.18
CA LYS L 493 53.88 -8.30 43.59
C LYS L 493 54.50 -8.51 42.21
N PRO L 494 54.59 -9.76 41.76
CA PRO L 494 55.10 -10.03 40.41
C PRO L 494 54.31 -9.28 39.35
N PHE L 495 54.93 -9.15 38.18
CA PHE L 495 54.34 -8.36 37.10
C PHE L 495 53.01 -8.95 36.64
N ALA L 496 52.87 -10.28 36.68
CA ALA L 496 51.62 -10.90 36.25
C ALA L 496 50.48 -10.62 37.21
N GLU L 497 50.77 -10.49 38.50
CA GLU L 497 49.74 -10.21 39.50
C GLU L 497 49.30 -8.75 39.50
N GLY L 498 49.89 -7.92 38.67
CA GLY L 498 49.57 -6.51 38.63
C GLY L 498 50.53 -5.60 39.35
N GLY L 499 51.75 -6.04 39.60
CA GLY L 499 52.71 -5.26 40.34
C GLY L 499 53.66 -4.47 39.44
N VAL L 500 54.45 -3.63 40.07
CA VAL L 500 55.51 -2.87 39.41
C VAL L 500 56.79 -3.67 39.51
N SER L 501 57.52 -3.75 38.40
CA SER L 501 58.72 -4.58 38.36
C SER L 501 59.83 -3.96 39.18
N GLY L 502 60.49 -4.79 39.99
CA GLY L 502 61.67 -4.33 40.72
C GLY L 502 61.40 -3.21 41.71
N PHE L 503 60.24 -3.26 42.39
CA PHE L 503 59.85 -2.18 43.29
C PHE L 503 60.35 -2.39 44.72
N GLY L 504 60.70 -3.61 45.11
CA GLY L 504 61.13 -3.88 46.45
C GLY L 504 62.34 -3.07 46.86
N PRO L 505 62.58 -2.94 48.18
CA PRO L 505 61.76 -3.50 49.26
C PRO L 505 61.02 -2.49 50.15
N ILE L 506 61.37 -1.20 50.09
CA ILE L 506 60.75 -0.16 50.91
C ILE L 506 60.87 -0.53 52.38
N ASP L 507 62.10 -0.74 52.86
CA ASP L 507 62.35 -0.98 54.26
C ASP L 507 63.14 0.14 54.92
N THR L 508 63.64 1.10 54.15
CA THR L 508 64.47 2.17 54.66
C THR L 508 63.90 3.50 54.20
N ARG L 509 64.15 4.54 55.00
CA ARG L 509 63.81 5.91 54.58
C ARG L 509 64.52 6.27 53.28
N ALA L 510 65.67 5.65 53.02
CA ALA L 510 66.31 5.81 51.71
C ALA L 510 65.40 5.29 50.60
N ALA L 511 64.84 4.10 50.79
CA ALA L 511 63.96 3.52 49.78
C ALA L 511 62.69 4.35 49.62
N LEU L 512 62.11 4.80 50.72
CA LEU L 512 60.89 5.61 50.64
C LEU L 512 61.16 6.94 49.94
N ILE L 513 62.37 7.49 50.11
CA ILE L 513 62.70 8.75 49.45
C ILE L 513 62.84 8.54 47.95
N PHE L 514 63.53 7.48 47.53
CA PHE L 514 63.66 7.21 46.10
C PHE L 514 62.31 6.90 45.50
N ALA L 515 61.53 6.02 46.14
CA ALA L 515 60.22 5.67 45.61
C ALA L 515 59.34 6.89 45.41
N CYS L 516 59.50 7.91 46.24
CA CYS L 516 58.72 9.13 46.10
C CYS L 516 59.35 10.14 45.14
N THR L 517 60.66 10.08 44.92
CA THR L 517 61.26 10.92 43.89
C THR L 517 60.97 10.37 42.50
N LYS L 518 61.18 9.07 42.31
CA LYS L 518 60.92 8.45 41.02
C LYS L 518 59.44 8.58 40.63
N VAL L 519 58.54 8.50 41.61
CA VAL L 519 57.12 8.66 41.32
C VAL L 519 56.81 10.10 40.93
N ILE L 520 57.26 11.06 41.74
CA ILE L 520 56.98 12.47 41.47
C ILE L 520 57.61 12.89 40.15
N PHE L 521 58.88 12.53 39.95
CA PHE L 521 59.59 12.96 38.74
C PHE L 521 58.97 12.39 37.47
N THR L 522 58.31 11.22 37.56
CA THR L 522 57.62 10.67 36.40
C THR L 522 56.26 11.34 36.18
N ALA L 523 55.54 11.69 37.25
CA ALA L 523 54.29 12.41 37.12
C ALA L 523 54.49 13.84 36.64
N SER L 524 55.66 14.43 36.90
CA SER L 524 55.88 15.84 36.62
C SER L 524 56.80 16.04 35.41
N ALA L 525 58.11 15.91 35.63
CA ALA L 525 59.07 16.27 34.60
C ALA L 525 59.11 15.24 33.47
N GLU L 526 59.28 13.96 33.81
CA GLU L 526 59.44 12.94 32.78
C GLU L 526 58.23 12.88 31.85
N HIS L 527 57.02 13.03 32.40
CA HIS L 527 55.85 13.11 31.55
C HIS L 527 55.86 14.37 30.70
N SER L 528 56.37 15.48 31.24
CA SER L 528 56.44 16.72 30.48
C SER L 528 57.41 16.63 29.31
N ALA L 529 58.51 15.88 29.46
CA ALA L 529 59.52 15.75 28.41
C ALA L 529 59.12 14.76 27.33
N VAL L 530 58.04 14.00 27.53
CA VAL L 530 57.57 13.05 26.53
C VAL L 530 56.20 13.41 25.97
N ASN L 531 55.41 14.22 26.68
CA ASN L 531 54.04 14.47 26.26
C ASN L 531 53.90 15.76 25.44
N PHE L 532 54.60 16.81 25.83
CA PHE L 532 54.51 18.08 25.13
C PHE L 532 55.37 18.15 23.86
N PRO L 533 56.41 17.33 23.69
CA PRO L 533 57.06 17.27 22.37
C PRO L 533 56.18 16.69 21.27
N GLN L 534 55.04 16.09 21.61
CA GLN L 534 54.13 15.59 20.58
C GLN L 534 53.57 16.74 19.76
N LYS L 535 53.25 17.85 20.41
CA LYS L 535 52.73 19.02 19.70
C LYS L 535 53.84 19.76 18.96
N ASP L 536 55.04 19.84 19.54
CA ASP L 536 56.07 20.71 19.01
C ASP L 536 57.05 20.01 18.07
N LEU L 537 57.04 18.68 18.03
CA LEU L 537 57.96 17.94 17.19
C LEU L 537 57.32 16.82 16.39
N MET L 538 56.09 16.41 16.73
CA MET L 538 55.53 15.21 16.15
C MET L 538 54.23 15.42 15.39
N SER L 539 53.60 16.60 15.47
CA SER L 539 52.35 16.80 14.76
C SER L 539 52.56 16.85 13.24
N TYR L 540 53.73 17.29 12.79
CA TYR L 540 54.05 17.29 11.38
C TYR L 540 54.57 15.90 10.99
N ALA L 541 53.86 15.21 10.12
CA ALA L 541 54.08 13.80 9.81
C ALA L 541 55.39 13.51 9.09
N PRO L 542 55.81 14.28 8.08
CA PRO L 542 57.08 13.96 7.42
C PRO L 542 58.29 14.00 8.35
N ALA L 543 58.25 14.85 9.37
CA ALA L 543 59.33 14.87 10.35
C ALA L 543 59.34 13.58 11.18
N ILE L 544 58.16 13.13 11.60
CA ILE L 544 58.02 11.89 12.34
C ILE L 544 56.55 11.48 12.30
N THR L 545 56.31 10.20 12.09
CA THR L 545 54.95 9.66 12.04
C THR L 545 54.98 8.19 12.44
N GLY L 546 53.79 7.62 12.61
CA GLY L 546 53.69 6.27 13.12
C GLY L 546 53.83 5.16 12.09
N ALA L 547 53.92 5.49 10.81
CA ALA L 547 53.97 4.47 9.78
C ALA L 547 54.70 4.98 8.56
N GLY L 548 55.56 4.12 8.00
CA GLY L 548 56.14 4.37 6.68
C GLY L 548 55.26 3.71 5.64
N TRP L 549 54.95 4.45 4.59
CA TRP L 549 53.93 4.03 3.64
C TRP L 549 54.49 3.59 2.31
N THR L 550 55.78 3.74 2.06
CA THR L 550 56.44 2.92 1.06
C THR L 550 56.82 1.61 1.72
N ALA L 551 58.03 1.12 1.47
CA ALA L 551 58.38 -0.18 2.01
C ALA L 551 59.72 -0.20 2.72
N ALA L 552 60.69 0.59 2.25
CA ALA L 552 62.05 0.36 2.69
C ALA L 552 62.86 1.63 2.56
N PRO L 553 63.88 1.82 3.42
CA PRO L 553 64.77 2.98 3.29
C PRO L 553 65.47 3.05 1.94
N PRO L 554 65.70 1.92 1.24
CA PRO L 554 66.10 2.06 -0.18
C PRO L 554 65.02 2.78 -0.97
N SER L 555 65.29 4.04 -1.30
CA SER L 555 64.28 4.91 -1.88
C SER L 555 63.86 4.41 -3.26
N GLN L 556 62.55 4.23 -3.45
CA GLN L 556 62.02 3.75 -4.72
C GLN L 556 61.08 4.75 -5.37
N GLY L 557 61.04 5.99 -4.90
CA GLY L 557 60.19 7.00 -5.50
C GLY L 557 60.30 8.36 -4.86
N PRO L 558 59.33 9.23 -5.13
CA PRO L 558 59.34 10.57 -4.55
C PRO L 558 59.04 10.53 -3.07
N LEU L 559 59.46 11.60 -2.37
CA LEU L 559 59.31 11.65 -0.92
C LEU L 559 57.86 11.57 -0.49
N LYS L 560 56.93 12.00 -1.34
CA LYS L 560 55.52 12.03 -0.98
C LYS L 560 54.85 10.67 -0.96
N ASP L 561 55.56 9.61 -1.36
CA ASP L 561 54.99 8.27 -1.31
C ASP L 561 55.28 7.54 0.01
N PHE L 562 56.27 8.01 0.77
CA PHE L 562 56.52 7.50 2.11
C PHE L 562 55.50 7.98 3.13
N GLN L 563 54.84 9.13 2.84
CA GLN L 563 54.03 9.84 3.82
C GLN L 563 52.60 9.30 3.87
N PRO L 564 51.95 9.37 5.03
CA PRO L 564 50.65 8.73 5.21
C PRO L 564 49.56 9.37 4.38
N PRO L 565 48.41 8.72 4.23
CA PRO L 565 47.26 9.37 3.59
C PRO L 565 46.82 10.60 4.38
N LEU L 566 46.11 11.50 3.68
CA LEU L 566 45.81 12.81 4.25
C LEU L 566 44.73 12.75 5.34
N GLU L 567 43.92 11.71 5.39
CA GLU L 567 42.99 11.58 6.50
C GLU L 567 43.67 11.13 7.79
N LEU L 568 44.80 10.42 7.67
CA LEU L 568 45.59 10.05 8.84
C LEU L 568 46.64 11.08 9.18
N ALA L 569 47.07 11.90 8.22
CA ALA L 569 48.01 12.98 8.52
C ALA L 569 47.31 14.16 9.20
N GLU L 570 46.04 14.39 8.88
CA GLU L 570 45.26 15.36 9.65
C GLU L 570 44.95 14.80 11.03
N LEU L 571 44.65 13.50 11.11
CA LEU L 571 44.36 12.88 12.40
C LEU L 571 45.57 12.91 13.32
N GLN L 572 46.77 12.73 12.76
CA GLN L 572 47.98 12.77 13.58
C GLN L 572 48.21 14.15 14.17
N ALA L 573 48.20 15.17 13.33
CA ALA L 573 48.41 16.54 13.81
C ALA L 573 47.35 16.94 14.81
N GLU L 574 46.11 16.49 14.60
CA GLU L 574 44.99 16.98 15.41
C GLU L 574 44.96 16.41 16.82
N PHE L 575 45.46 15.19 17.04
CA PHE L 575 45.45 14.63 18.39
C PHE L 575 46.80 14.77 19.09
N LEU L 576 47.90 14.88 18.36
CA LEU L 576 49.17 15.27 18.98
C LEU L 576 49.22 16.75 19.30
N TYR L 577 48.32 17.55 18.72
CA TYR L 577 48.20 18.96 19.09
C TYR L 577 47.37 19.11 20.37
N LEU L 578 46.36 18.25 20.55
CA LEU L 578 45.57 18.28 21.77
C LEU L 578 46.35 17.70 22.94
N LEU L 579 46.79 16.45 22.81
CA LEU L 579 47.54 15.78 23.87
C LEU L 579 48.74 16.61 24.32
N GLY L 580 49.41 17.27 23.38
CA GLY L 580 50.63 17.99 23.73
C GLY L 580 50.42 19.47 23.91
N GLY L 581 49.18 19.90 24.12
CA GLY L 581 48.89 21.31 24.21
C GLY L 581 48.07 21.76 25.41
N VAL L 582 48.22 21.09 26.54
CA VAL L 582 47.52 21.46 27.76
C VAL L 582 48.51 21.47 28.91
N HIS L 583 48.87 22.66 29.38
CA HIS L 583 49.69 22.83 30.58
C HIS L 583 48.75 23.27 31.70
N HIS L 584 48.38 22.32 32.55
CA HIS L 584 47.49 22.59 33.68
C HIS L 584 48.11 21.97 34.92
N THR L 585 48.02 22.71 36.05
CA THR L 585 48.62 22.34 37.32
C THR L 585 50.15 22.43 37.21
N LYS L 586 50.81 22.94 38.23
CA LYS L 586 52.23 23.31 38.13
C LYS L 586 53.04 22.69 39.25
N LEU L 587 54.16 22.06 38.89
CA LEU L 587 55.01 21.38 39.86
C LEU L 587 55.46 22.35 40.95
N GLY L 588 55.31 21.91 42.20
CA GLY L 588 55.69 22.69 43.35
C GLY L 588 54.54 23.38 44.05
N PHE L 589 53.41 23.55 43.38
CA PHE L 589 52.26 24.25 43.95
C PHE L 589 51.13 23.24 44.13
N TYR L 590 51.02 22.72 45.35
CA TYR L 590 50.06 21.67 45.67
C TYR L 590 48.72 22.32 46.02
N ASN L 591 47.72 22.12 45.15
CA ASN L 591 46.39 22.65 45.37
C ASN L 591 45.38 21.50 45.24
N SER L 592 44.11 21.80 45.41
CA SER L 592 43.07 20.79 45.34
C SER L 592 42.47 20.72 43.95
N ASN L 593 41.62 19.72 43.74
CA ASN L 593 40.87 19.57 42.50
C ASN L 593 39.45 20.12 42.61
N SER L 594 39.13 20.80 43.71
CA SER L 594 37.82 21.40 43.93
C SER L 594 37.83 22.87 43.50
N PHE L 595 36.64 23.48 43.55
CA PHE L 595 36.45 24.78 42.90
C PHE L 595 37.36 25.88 43.44
N PRO L 596 37.50 26.09 44.75
CA PRO L 596 38.43 27.13 45.22
C PRO L 596 39.87 26.85 44.84
N TYR L 597 40.23 25.60 44.54
CA TYR L 597 41.62 25.20 44.30
C TYR L 597 42.52 25.68 45.41
N ARG L 598 42.04 25.55 46.65
CA ARG L 598 42.80 25.97 47.81
C ARG L 598 44.04 25.08 47.98
N ALA L 599 45.02 25.61 48.73
CA ALA L 599 46.24 24.86 48.98
C ALA L 599 45.92 23.54 49.67
N TRP L 600 46.75 22.53 49.37
CA TRP L 600 46.40 21.16 49.79
C TRP L 600 46.93 20.83 51.18
N PHE L 601 48.18 21.17 51.47
CA PHE L 601 48.75 20.82 52.76
C PHE L 601 48.11 21.63 53.88
N LYS L 602 48.24 21.13 55.10
CA LYS L 602 47.69 21.77 56.30
C LYS L 602 48.73 21.97 57.39
N ASP L 603 49.62 21.00 57.59
CA ASP L 603 50.71 21.13 58.55
C ASP L 603 51.55 22.35 58.20
N PRO L 604 51.53 23.39 59.05
CA PRO L 604 52.28 24.61 58.72
C PRO L 604 53.77 24.37 58.54
N LYS L 605 54.31 23.34 59.18
CA LYS L 605 55.72 22.97 58.97
C LYS L 605 56.02 22.78 57.49
N ILE L 606 55.08 22.23 56.74
CA ILE L 606 55.28 22.07 55.30
C ILE L 606 54.86 23.34 54.56
N THR L 607 53.70 23.91 54.93
CA THR L 607 53.14 25.01 54.14
C THR L 607 53.99 26.27 54.23
N ALA L 608 54.62 26.51 55.38
CA ALA L 608 55.39 27.72 55.56
C ALA L 608 56.89 27.52 55.39
N GLU L 609 57.39 26.30 55.58
CA GLU L 609 58.82 26.07 55.68
C GLU L 609 59.34 25.08 54.63
N LEU L 610 58.76 23.89 54.54
CA LEU L 610 59.32 22.85 53.68
C LEU L 610 58.94 23.05 52.22
N LEU L 611 57.64 23.20 51.94
CA LEU L 611 57.21 23.44 50.56
C LEU L 611 57.76 24.74 49.98
N PRO L 612 57.72 25.89 50.68
CA PRO L 612 58.40 27.08 50.14
C PRO L 612 59.88 26.85 49.84
N ALA L 613 60.56 26.01 50.62
CA ALA L 613 61.95 25.68 50.30
C ALA L 613 62.05 25.03 48.93
N PHE L 614 61.18 24.05 48.65
CA PHE L 614 61.17 23.40 47.34
C PHE L 614 60.79 24.38 46.25
N GLN L 615 59.79 25.23 46.51
CA GLN L 615 59.33 26.18 45.50
C GLN L 615 60.44 27.13 45.09
N ARG L 616 61.24 27.61 46.04
CA ARG L 616 62.35 28.49 45.72
C ARG L 616 63.49 27.76 45.02
N ASP L 617 63.59 26.44 45.21
CA ASP L 617 64.60 25.66 44.50
C ASP L 617 64.24 25.47 43.04
N LEU L 618 62.95 25.47 42.72
CA LEU L 618 62.52 25.39 41.32
C LEU L 618 62.73 26.70 40.58
N ALA L 619 62.52 27.82 41.27
CA ALA L 619 62.80 29.11 40.65
C ALA L 619 64.29 29.29 40.39
N ALA L 620 65.13 28.76 41.29
CA ALA L 620 66.57 28.82 41.07
C ALA L 620 66.98 28.01 39.85
N SER L 621 66.34 26.84 39.66
CA SER L 621 66.65 26.03 38.49
C SER L 621 66.13 26.67 37.22
N GLU L 622 64.98 27.35 37.30
CA GLU L 622 64.40 27.96 36.10
C GLU L 622 65.32 29.02 35.53
N GLU L 623 65.93 29.84 36.37
CA GLU L 623 66.85 30.85 35.89
C GLU L 623 68.09 30.22 35.25
N LEU L 624 68.58 29.12 35.82
CA LEU L 624 69.72 28.42 35.23
C LEU L 624 69.35 27.80 33.89
N ILE L 625 68.10 27.37 33.73
CA ILE L 625 67.71 26.64 32.52
C ILE L 625 67.40 27.60 31.39
N VAL L 626 66.62 28.66 31.67
CA VAL L 626 66.34 29.64 30.64
C VAL L 626 67.62 30.38 30.24
N ALA L 627 68.59 30.48 31.16
CA ALA L 627 69.89 31.05 30.81
C ALA L 627 70.60 30.19 29.77
N ALA L 628 70.47 28.86 29.89
CA ALA L 628 71.07 27.97 28.91
C ALA L 628 70.29 27.95 27.60
N ASN L 629 68.95 27.99 27.69
CA ASN L 629 68.13 27.86 26.48
C ASN L 629 68.28 29.05 25.55
N ALA L 630 68.49 30.25 26.09
CA ALA L 630 68.72 31.41 25.24
C ALA L 630 69.99 31.25 24.42
N THR L 631 70.99 30.56 24.97
CA THR L 631 72.22 30.25 24.25
C THR L 631 72.13 28.98 23.42
N ARG L 632 70.94 28.38 23.33
CA ARG L 632 70.73 27.18 22.54
C ARG L 632 70.04 27.53 21.23
N THR L 633 70.49 26.88 20.15
CA THR L 633 69.81 27.05 18.87
C THR L 633 68.55 26.20 18.81
N PHE L 634 68.63 24.95 19.26
CA PHE L 634 67.47 24.07 19.36
C PHE L 634 66.92 24.17 20.79
N LYS L 635 65.67 24.60 20.91
CA LYS L 635 65.10 24.94 22.20
C LYS L 635 64.53 23.71 22.91
N TYR L 636 64.70 23.68 24.23
CA TYR L 636 64.17 22.61 25.08
C TYR L 636 63.47 23.27 26.26
N THR L 637 62.14 23.23 26.26
CA THR L 637 61.33 23.92 27.26
C THR L 637 60.70 22.99 28.27
N TYR L 638 60.85 21.68 28.12
CA TYR L 638 60.05 20.71 28.87
C TYR L 638 60.57 20.46 30.28
N MET L 639 61.61 21.17 30.72
CA MET L 639 62.09 21.08 32.08
C MET L 639 62.04 22.40 32.82
N ILE L 640 61.61 23.47 32.15
CA ILE L 640 61.45 24.77 32.79
C ILE L 640 60.33 24.65 33.82
N PRO L 641 60.62 24.81 35.10
CA PRO L 641 59.63 24.47 36.15
C PRO L 641 58.28 25.15 36.01
N SER L 642 58.21 26.32 35.39
CA SER L 642 56.94 27.01 35.27
C SER L 642 56.00 26.36 34.26
N THR L 643 56.53 25.50 33.38
CA THR L 643 55.69 24.78 32.44
C THR L 643 55.32 23.37 32.90
N ILE L 644 56.07 22.81 33.85
CA ILE L 644 55.92 21.40 34.21
C ILE L 644 54.59 21.21 34.94
N PRO L 645 53.84 20.14 34.66
CA PRO L 645 52.68 19.82 35.49
C PRO L 645 53.11 19.02 36.73
N MET L 646 52.28 19.10 37.77
CA MET L 646 52.46 18.22 38.92
C MET L 646 52.17 16.77 38.57
N SER L 647 51.36 16.53 37.55
CA SER L 647 50.67 15.27 37.41
C SER L 647 50.65 14.85 35.95
N ILE L 648 50.02 13.70 35.71
CA ILE L 648 49.77 13.21 34.37
C ILE L 648 48.29 13.41 34.08
N ASN L 649 47.93 14.61 33.61
CA ASN L 649 46.55 15.00 33.43
C ASN L 649 46.08 14.96 31.99
N ILE L 650 46.99 14.85 31.03
CA ILE L 650 46.60 14.71 29.64
C ILE L 650 47.66 13.88 28.92
CD CD M . -6.42 36.25 34.90
CD CD N . 4.46 49.43 4.31
CD CD O . -0.31 41.72 44.23
CD CD P . -17.49 22.17 27.21
CD CD Q . 14.73 75.42 -10.91
CD CD R . 33.42 105.14 -12.09
CD CD S . 15.28 70.34 0.38
CD CD T . 10.34 74.24 -29.98
CD CD U . -29.70 -12.72 38.36
CD CD V . -19.44 2.02 68.44
CD CD W . -32.82 -24.88 40.16
CD CD X . -25.99 2.16 27.15
CD CD Y . -16.39 7.70 -10.47
CD CD Z . -30.03 -24.63 -9.82
CD CD AA . -11.72 10.28 -21.77
CD CD BA . -19.02 11.26 8.00
CD CD CA . 31.20 -25.18 -6.87
CD CD DA . 44.15 4.45 -20.49
CD CD EA . 25.57 -31.81 -15.71
CD CD FA . 36.28 -21.57 11.27
CD CD GA . -44.65 -47.92 -26.33
CD CD HA . -50.56 -65.38 -56.17
CD CD IA . -36.70 -38.39 -28.55
CD CD JA . -54.76 -59.40 -14.83
CD CD KA . 27.45 -33.47 46.94
CD CD LA . 13.53 -57.49 25.15
CD CD MA . 23.22 -35.09 58.26
CD CD NA . 37.13 -24.13 32.93
CD CD OA . -89.29 9.55 -17.07
CD CD PA . -103.69 -13.71 -38.89
CD CD QA . -93.75 8.00 -5.42
CD CD RA . -80.07 19.90 -30.39
CD CD SA . 1.86 -86.90 22.39
CD CD TA . -15.64 -114.50 35.49
CD CD UA . 2.61 -78.08 31.23
CD CD VA . 4.30 -93.49 4.23
CD CD WA . 56.06 18.81 -46.26
CD CD XA . 57.85 23.40 -81.01
CD CD YA . 48.08 9.76 -43.77
CD CD ZA . 67.32 33.75 -41.48
CD CD AB . 5.04 46.28 -56.61
CD CD BB . -1.06 31.04 -25.50
CD CD CB . 4.01 38.18 -65.50
CD CD DB . 9.53 63.59 -49.33
CD CD EB . 50.09 12.14 27.80
CD CD FB . 43.98 10.63 62.60
CD CD GB . 53.13 23.75 24.76
CD CD HB . 45.52 -5.93 24.32
#